data_8WU4
#
_entry.id   8WU4
#
_cell.length_a   1.00
_cell.length_b   1.00
_cell.length_c   1.00
_cell.angle_alpha   90.00
_cell.angle_beta   90.00
_cell.angle_gamma   90.00
#
_symmetry.space_group_name_H-M   'P 1'
#
_entity_poly.entity_id   1
_entity_poly.type   'polypeptide(L)'
_entity_poly.pdbx_seq_one_letter_code
;AAKEVKFHDSARERLVAGVNLLANAVKTTLGPKGRNVVIERSFGAPIVTKDGVTVAKEIELKDKFENMGAQMVKEVASKT
ADVAGDGTTTATVLAQAIVREGMKYVAAGMNPMDLKRGIDKAVTAIVEELKAISKPCSTTKEIAQVGTISANADSSIGEI
IAQAMDKVGKEGVITVEDGKSLENELEVVEGMQFDRGYLSPYFINNPDKQVAVLDNPYILLHDKKISNIRDLLPVLEQVA
KAGRPLLIIAEDVEGEALATLVVNNLRGILKTCAVKAPGFGDRRKAMLQDIAILTGGTVISEEVGLSLEKATLEDLGQAK
RVEVAKEHTTIIDGAGDPAKIQARVKEIRVQIEEATSDYDREKLQERVAKLAGGVAVIKVGAATEVEMKEKKARVEDALH
ATRAAVEEGIVPGGGVALLRAREAAVAKGLKGDNPDQEAGIKIVLRAVEQPLREIVANAGEEPSVIVAKVLEGKGNYGYN
AATGEFGDMIEMGVLDPTKVTRSALQNAASVAGLMLTTECMIAEAP
;
_entity_poly.pdbx_strand_id   A,B,C,D,E,F,G,H,I,J,K,L,M,N
#
# COMPACT_ATOMS: atom_id res chain seq x y z
N ALA A 1 33.70 14.00 2.50
CA ALA A 1 32.32 13.57 2.31
C ALA A 1 31.36 14.44 3.11
N ALA A 2 30.06 14.26 2.85
CA ALA A 2 29.06 15.06 3.55
C ALA A 2 29.06 14.74 5.04
N LYS A 3 28.93 15.79 5.85
CA LYS A 3 28.87 15.64 7.30
C LYS A 3 27.44 15.81 7.80
N GLU A 4 27.17 15.22 8.97
CA GLU A 4 25.92 15.40 9.67
C GLU A 4 26.22 16.00 11.04
N VAL A 5 25.50 17.06 11.39
CA VAL A 5 25.78 17.83 12.59
C VAL A 5 24.58 17.77 13.52
N LYS A 6 24.84 17.51 14.80
CA LYS A 6 23.81 17.48 15.82
C LYS A 6 24.19 18.45 16.93
N PHE A 7 23.19 19.16 17.46
CA PHE A 7 23.43 20.22 18.42
C PHE A 7 22.72 19.93 19.73
N HIS A 8 23.31 20.48 20.81
CA HIS A 8 22.68 20.50 22.13
C HIS A 8 22.25 19.12 22.60
N ASP A 9 21.04 19.03 23.15
CA ASP A 9 20.54 17.77 23.68
C ASP A 9 20.46 16.68 22.62
N SER A 10 20.16 17.03 21.37
CA SER A 10 20.06 16.04 20.32
C SER A 10 21.38 15.32 20.05
N ALA A 11 22.49 15.87 20.54
CA ALA A 11 23.80 15.23 20.40
C ALA A 11 24.29 14.69 21.75
N ARG A 12 24.00 15.43 22.82
CA ARG A 12 24.37 14.94 24.15
C ARG A 12 23.68 13.63 24.46
N GLU A 13 22.42 13.47 24.03
CA GLU A 13 21.72 12.22 24.28
C GLU A 13 22.32 11.06 23.46
N ARG A 14 22.85 11.33 22.27
CA ARG A 14 23.54 10.27 21.55
C ARG A 14 24.84 9.88 22.24
N LEU A 15 25.59 10.87 22.74
CA LEU A 15 26.77 10.57 23.54
C LEU A 15 26.39 9.71 24.75
N VAL A 16 25.28 10.06 25.42
CA VAL A 16 24.85 9.33 26.60
C VAL A 16 24.45 7.92 26.23
N ALA A 17 23.74 7.74 25.12
CA ALA A 17 23.38 6.40 24.68
C ALA A 17 24.62 5.56 24.41
N GLY A 18 25.61 6.12 23.74
CA GLY A 18 26.84 5.40 23.48
C GLY A 18 27.58 4.99 24.73
N VAL A 19 27.78 5.94 25.66
CA VAL A 19 28.51 5.61 26.88
C VAL A 19 27.72 4.63 27.74
N ASN A 20 26.40 4.77 27.78
CA ASN A 20 25.57 3.85 28.55
C ASN A 20 25.64 2.45 27.98
N LEU A 21 25.60 2.33 26.65
CA LEU A 21 25.69 1.00 26.06
C LEU A 21 27.06 0.37 26.26
N LEU A 22 28.13 1.15 26.20
CA LEU A 22 29.45 0.62 26.49
C LEU A 22 29.56 0.18 27.95
N ALA A 23 29.10 1.03 28.87
CA ALA A 23 29.26 0.76 30.29
C ALA A 23 28.37 -0.37 30.76
N ASN A 24 27.17 -0.53 30.18
CA ASN A 24 26.32 -1.63 30.57
C ASN A 24 26.95 -2.97 30.24
N ALA A 25 27.70 -3.06 29.14
CA ALA A 25 28.43 -4.28 28.82
C ALA A 25 29.65 -4.43 29.72
N VAL A 26 30.37 -3.34 29.97
CA VAL A 26 31.62 -3.44 30.71
C VAL A 26 31.37 -3.79 32.18
N LYS A 27 30.38 -3.15 32.80
CA LYS A 27 30.17 -3.25 34.24
C LYS A 27 29.73 -4.63 34.68
N THR A 28 29.22 -5.47 33.78
CA THR A 28 28.84 -6.82 34.17
C THR A 28 30.06 -7.66 34.55
N THR A 29 31.26 -7.25 34.12
CA THR A 29 32.49 -7.95 34.45
C THR A 29 33.25 -7.28 35.58
N LEU A 30 32.57 -6.60 36.49
CA LEU A 30 33.22 -5.88 37.59
C LEU A 30 32.94 -6.60 38.90
N GLY A 31 33.98 -6.76 39.71
CA GLY A 31 33.86 -7.40 41.00
C GLY A 31 34.31 -8.85 40.98
N PRO A 32 34.56 -9.41 42.16
CA PRO A 32 34.96 -10.82 42.23
C PRO A 32 33.93 -11.78 41.65
N LYS A 33 32.65 -11.43 41.72
CA LYS A 33 31.58 -12.24 41.16
C LYS A 33 31.05 -11.67 39.85
N GLY A 34 31.94 -11.08 39.05
CA GLY A 34 31.51 -10.50 37.78
C GLY A 34 30.96 -11.56 36.85
N ARG A 35 29.91 -11.20 36.12
CA ARG A 35 29.26 -12.12 35.20
C ARG A 35 30.11 -12.35 33.97
N ASN A 36 29.68 -13.29 33.15
CA ASN A 36 30.37 -13.58 31.89
C ASN A 36 29.80 -12.75 30.76
N VAL A 37 30.65 -12.43 29.79
CA VAL A 37 30.25 -11.74 28.57
C VAL A 37 30.75 -12.56 27.39
N VAL A 38 29.85 -12.93 26.49
CA VAL A 38 30.15 -13.78 25.36
C VAL A 38 30.36 -12.91 24.14
N ILE A 39 31.51 -13.06 23.49
CA ILE A 39 31.91 -12.23 22.36
C ILE A 39 32.09 -13.13 21.14
N GLU A 40 31.53 -12.71 20.01
CA GLU A 40 31.65 -13.48 18.79
C GLU A 40 33.08 -13.46 18.30
N ARG A 41 33.54 -14.61 17.80
CA ARG A 41 34.80 -14.70 17.08
C ARG A 41 34.47 -14.95 15.62
N SER A 42 35.35 -14.49 14.72
CA SER A 42 35.10 -14.61 13.29
C SER A 42 34.87 -16.07 12.89
N PHE A 43 35.67 -16.98 13.43
CA PHE A 43 35.50 -18.41 13.20
C PHE A 43 35.71 -19.15 14.51
N GLY A 44 35.11 -20.33 14.61
CA GLY A 44 35.22 -21.12 15.82
C GLY A 44 34.21 -20.72 16.88
N ALA A 45 34.40 -21.27 18.07
CA ALA A 45 33.49 -21.06 19.17
C ALA A 45 33.61 -19.64 19.73
N PRO A 46 32.51 -19.07 20.20
CA PRO A 46 32.57 -17.74 20.81
C PRO A 46 33.46 -17.72 22.04
N ILE A 47 34.13 -16.60 22.25
CA ILE A 47 34.99 -16.43 23.42
C ILE A 47 34.17 -15.81 24.54
N VAL A 48 34.26 -16.39 25.73
CA VAL A 48 33.60 -15.87 26.92
C VAL A 48 34.66 -15.26 27.83
N THR A 49 34.39 -14.05 28.31
CA THR A 49 35.32 -13.31 29.15
C THR A 49 34.56 -12.67 30.31
N LYS A 50 35.29 -12.42 31.39
CA LYS A 50 34.75 -11.73 32.55
C LYS A 50 35.71 -10.64 33.01
N ASP A 51 36.37 -10.00 32.04
CA ASP A 51 37.25 -8.87 32.30
C ASP A 51 36.82 -7.71 31.42
N GLY A 52 36.89 -6.49 31.98
CA GLY A 52 36.43 -5.32 31.27
C GLY A 52 37.30 -4.92 30.10
N VAL A 53 38.59 -5.26 30.13
CA VAL A 53 39.50 -4.83 29.07
C VAL A 53 39.09 -5.42 27.73
N THR A 54 38.82 -6.74 27.71
CA THR A 54 38.46 -7.39 26.47
C THR A 54 37.06 -7.00 26.00
N VAL A 55 36.11 -6.88 26.92
CA VAL A 55 34.75 -6.52 26.54
C VAL A 55 34.71 -5.12 25.96
N ALA A 56 35.40 -4.17 26.59
CA ALA A 56 35.42 -2.81 26.10
C ALA A 56 36.07 -2.72 24.73
N LYS A 57 37.17 -3.46 24.53
CA LYS A 57 37.90 -3.38 23.26
C LYS A 57 37.04 -3.83 22.09
N GLU A 58 36.12 -4.78 22.32
CA GLU A 58 35.27 -5.28 21.26
C GLU A 58 34.05 -4.40 21.02
N ILE A 59 33.75 -3.47 21.92
CA ILE A 59 32.53 -2.69 21.83
C ILE A 59 32.78 -1.48 20.93
N GLU A 60 31.96 -1.37 19.87
CA GLU A 60 31.91 -0.16 19.04
C GLU A 60 30.58 -0.26 18.29
N LEU A 61 29.80 0.82 18.32
CA LEU A 61 28.39 0.73 17.98
C LEU A 61 28.13 1.03 16.50
N LYS A 62 26.88 0.78 16.09
CA LYS A 62 26.49 1.00 14.70
C LYS A 62 26.31 2.48 14.41
N ASP A 63 25.46 3.16 15.17
CA ASP A 63 25.23 4.59 14.97
C ASP A 63 26.51 5.35 15.28
N LYS A 64 26.90 6.25 14.37
CA LYS A 64 28.17 6.96 14.53
C LYS A 64 28.17 7.87 15.75
N PHE A 65 27.06 8.57 15.98
CA PHE A 65 27.00 9.54 17.07
C PHE A 65 27.08 8.90 18.45
N GLU A 66 26.56 7.67 18.61
CA GLU A 66 26.74 6.95 19.85
C GLU A 66 28.16 6.39 19.95
N ASN A 67 28.69 5.94 18.81
CA ASN A 67 30.06 5.43 18.78
C ASN A 67 31.05 6.51 19.18
N MET A 68 30.71 7.79 18.96
CA MET A 68 31.58 8.86 19.43
C MET A 68 31.82 8.76 20.93
N GLY A 69 30.75 8.81 21.72
CA GLY A 69 30.92 8.69 23.17
C GLY A 69 31.51 7.37 23.57
N ALA A 70 31.11 6.28 22.90
CA ALA A 70 31.67 4.98 23.21
C ALA A 70 33.18 4.99 23.08
N GLN A 71 33.70 5.52 21.98
CA GLN A 71 35.14 5.51 21.75
C GLN A 71 35.88 6.49 22.64
N MET A 72 35.29 7.65 22.95
CA MET A 72 35.98 8.57 23.86
C MET A 72 36.10 7.98 25.27
N VAL A 73 35.01 7.37 25.76
CA VAL A 73 35.08 6.73 27.07
C VAL A 73 36.04 5.55 27.04
N LYS A 74 36.05 4.79 25.94
CA LYS A 74 37.02 3.70 25.81
C LYS A 74 38.45 4.21 25.81
N GLU A 75 38.71 5.33 25.15
CA GLU A 75 40.06 5.89 25.11
C GLU A 75 40.51 6.33 26.49
N VAL A 76 39.64 7.02 27.22
CA VAL A 76 40.05 7.45 28.56
C VAL A 76 40.21 6.25 29.49
N ALA A 77 39.38 5.21 29.32
CA ALA A 77 39.56 4.00 30.10
C ALA A 77 40.89 3.32 29.80
N SER A 78 41.27 3.26 28.53
CA SER A 78 42.55 2.67 28.16
C SER A 78 43.71 3.50 28.67
N LYS A 79 43.56 4.83 28.68
CA LYS A 79 44.58 5.68 29.28
C LYS A 79 44.72 5.44 30.77
N THR A 80 43.60 5.20 31.46
CA THR A 80 43.68 4.78 32.86
C THR A 80 44.39 3.44 33.01
N ALA A 81 44.07 2.49 32.13
CA ALA A 81 44.57 1.12 32.28
C ALA A 81 46.06 1.03 32.03
N ASP A 82 46.54 1.65 30.94
CA ASP A 82 47.94 1.47 30.54
C ASP A 82 48.92 2.08 31.52
N VAL A 83 48.49 3.02 32.36
CA VAL A 83 49.37 3.66 33.32
C VAL A 83 49.25 3.05 34.72
N ALA A 84 48.27 2.18 34.95
CA ALA A 84 48.07 1.61 36.28
C ALA A 84 47.94 0.09 36.23
N GLY A 85 47.67 -0.45 35.04
CA GLY A 85 47.51 -1.88 34.87
C GLY A 85 46.15 -2.43 35.22
N ASP A 86 45.23 -1.59 35.69
CA ASP A 86 43.89 -2.02 36.05
C ASP A 86 43.03 -0.78 36.23
N GLY A 87 41.73 -1.00 36.42
CA GLY A 87 40.79 0.08 36.66
C GLY A 87 40.03 0.57 35.46
N THR A 88 40.34 0.07 34.26
CA THR A 88 39.57 0.49 33.09
C THR A 88 38.11 0.12 33.21
N THR A 89 37.80 -0.96 33.93
CA THR A 89 36.41 -1.26 34.25
C THR A 89 35.83 -0.24 35.21
N THR A 90 36.61 0.13 36.23
CA THR A 90 36.16 1.14 37.19
C THR A 90 36.00 2.50 36.53
N ALA A 91 36.94 2.87 35.65
CA ALA A 91 36.89 4.19 35.03
C ALA A 91 35.65 4.34 34.16
N THR A 92 35.29 3.30 33.39
CA THR A 92 34.10 3.36 32.56
C THR A 92 32.84 3.48 33.42
N VAL A 93 32.78 2.73 34.50
CA VAL A 93 31.61 2.78 35.38
C VAL A 93 31.48 4.16 36.02
N LEU A 94 32.58 4.72 36.49
CA LEU A 94 32.54 6.05 37.09
C LEU A 94 32.15 7.11 36.06
N ALA A 95 32.67 7.00 34.83
CA ALA A 95 32.28 7.93 33.79
C ALA A 95 30.79 7.82 33.47
N GLN A 96 30.27 6.61 33.39
CA GLN A 96 28.84 6.44 33.15
C GLN A 96 28.02 7.08 34.26
N ALA A 97 28.42 6.84 35.52
CA ALA A 97 27.67 7.42 36.64
C ALA A 97 27.70 8.94 36.59
N ILE A 98 28.89 9.52 36.39
CA ILE A 98 29.01 10.97 36.40
C ILE A 98 28.20 11.58 35.25
N VAL A 99 28.28 10.98 34.07
CA VAL A 99 27.55 11.53 32.92
C VAL A 99 26.05 11.37 33.11
N ARG A 100 25.61 10.21 33.61
CA ARG A 100 24.18 9.98 33.78
C ARG A 100 23.59 10.93 34.82
N GLU A 101 24.36 11.27 35.85
CA GLU A 101 23.87 12.26 36.81
C GLU A 101 23.97 13.67 36.23
N GLY A 102 25.01 13.94 35.43
CA GLY A 102 25.20 15.27 34.91
C GLY A 102 24.15 15.69 33.91
N MET A 103 23.68 14.76 33.08
CA MET A 103 22.64 15.10 32.12
C MET A 103 21.34 15.45 32.81
N LYS A 104 21.09 14.90 34.01
CA LYS A 104 19.90 15.29 34.76
C LYS A 104 19.93 16.78 35.09
N TYR A 105 21.09 17.29 35.52
CA TYR A 105 21.21 18.71 35.85
C TYR A 105 21.31 19.58 34.60
N VAL A 106 21.92 19.05 33.53
CA VAL A 106 22.00 19.82 32.28
C VAL A 106 20.61 20.02 31.70
N ALA A 107 19.79 18.96 31.68
CA ALA A 107 18.41 19.10 31.25
C ALA A 107 17.63 20.03 32.18
N ALA A 108 18.07 20.17 33.43
CA ALA A 108 17.44 21.09 34.36
C ALA A 108 17.83 22.54 34.12
N GLY A 109 18.47 22.85 32.99
CA GLY A 109 18.83 24.21 32.68
C GLY A 109 20.03 24.74 33.43
N MET A 110 20.75 23.89 34.15
CA MET A 110 21.87 24.33 34.95
C MET A 110 23.13 24.44 34.10
N ASN A 111 24.01 25.34 34.47
CA ASN A 111 25.13 25.74 33.61
C ASN A 111 26.15 24.61 33.48
N PRO A 112 26.40 24.10 32.27
CA PRO A 112 27.37 23.00 32.12
C PRO A 112 28.79 23.33 32.55
N MET A 113 29.25 24.56 32.31
CA MET A 113 30.62 24.93 32.68
C MET A 113 30.79 24.92 34.19
N ASP A 114 29.82 25.44 34.93
CA ASP A 114 29.86 25.37 36.38
C ASP A 114 29.74 23.94 36.89
N LEU A 115 28.97 23.10 36.21
CA LEU A 115 28.93 21.68 36.57
C LEU A 115 30.30 21.04 36.41
N LYS A 116 30.99 21.36 35.31
CA LYS A 116 32.32 20.82 35.09
C LYS A 116 33.29 21.31 36.15
N ARG A 117 33.22 22.59 36.50
CA ARG A 117 34.09 23.11 37.55
C ARG A 117 33.81 22.49 38.91
N GLY A 118 32.53 22.28 39.25
CA GLY A 118 32.21 21.60 40.50
C GLY A 118 32.70 20.16 40.52
N ILE A 119 32.55 19.48 39.38
CA ILE A 119 33.05 18.10 39.28
C ILE A 119 34.56 18.07 39.48
N ASP A 120 35.26 19.02 38.86
CA ASP A 120 36.71 19.09 39.04
C ASP A 120 37.09 19.37 40.49
N LYS A 121 36.37 20.28 41.15
CA LYS A 121 36.65 20.58 42.54
C LYS A 121 36.45 19.36 43.43
N ALA A 122 35.33 18.65 43.22
CA ALA A 122 35.04 17.46 44.03
C ALA A 122 36.08 16.37 43.79
N VAL A 123 36.47 16.19 42.53
CA VAL A 123 37.46 15.17 42.20
C VAL A 123 38.81 15.52 42.81
N THR A 124 39.19 16.80 42.78
CA THR A 124 40.43 17.21 43.40
C THR A 124 40.40 16.96 44.91
N ALA A 125 39.28 17.28 45.56
CA ALA A 125 39.18 17.04 47.00
C ALA A 125 39.25 15.55 47.32
N ILE A 126 38.54 14.73 46.55
CA ILE A 126 38.53 13.29 46.81
C ILE A 126 39.92 12.69 46.58
N VAL A 127 40.60 13.12 45.51
CA VAL A 127 41.95 12.65 45.26
C VAL A 127 42.89 13.07 46.37
N GLU A 128 42.79 14.32 46.83
CA GLU A 128 43.61 14.77 47.94
C GLU A 128 43.35 13.95 49.20
N GLU A 129 42.10 13.53 49.42
CA GLU A 129 41.81 12.65 50.54
C GLU A 129 42.36 11.25 50.34
N LEU A 130 42.41 10.77 49.10
CA LEU A 130 42.96 9.44 48.84
C LEU A 130 44.43 9.36 49.22
N LYS A 131 45.14 10.48 49.12
CA LYS A 131 46.54 10.51 49.53
C LYS A 131 46.71 10.32 51.03
N ALA A 132 45.64 10.49 51.81
CA ALA A 132 45.68 10.25 53.24
C ALA A 132 45.14 8.89 53.65
N ILE A 133 44.12 8.39 52.96
CA ILE A 133 43.58 7.07 53.25
C ILE A 133 44.57 5.98 52.85
N SER A 134 45.37 6.23 51.82
CA SER A 134 46.22 5.19 51.25
C SER A 134 47.29 4.76 52.24
N LYS A 135 47.42 3.46 52.43
CA LYS A 135 48.50 2.92 53.24
C LYS A 135 49.75 2.75 52.38
N PRO A 136 50.87 3.38 52.74
CA PRO A 136 52.09 3.21 51.94
C PRO A 136 52.64 1.80 52.07
N CYS A 137 53.32 1.36 51.00
CA CYS A 137 53.96 0.05 50.97
C CYS A 137 55.35 0.20 50.39
N SER A 138 56.36 0.20 51.25
CA SER A 138 57.75 0.33 50.81
C SER A 138 58.67 -0.76 51.36
N THR A 139 58.35 -1.40 52.48
CA THR A 139 59.18 -2.48 52.99
C THR A 139 59.11 -3.69 52.07
N THR A 140 60.19 -4.48 52.07
CA THR A 140 60.22 -5.68 51.25
C THR A 140 59.09 -6.63 51.63
N LYS A 141 58.79 -6.73 52.92
CA LYS A 141 57.65 -7.54 53.36
C LYS A 141 56.34 -7.01 52.79
N GLU A 142 56.16 -5.69 52.82
CA GLU A 142 54.96 -5.09 52.25
C GLU A 142 54.87 -5.34 50.74
N ILE A 143 56.00 -5.20 50.04
CA ILE A 143 56.02 -5.44 48.60
C ILE A 143 55.64 -6.89 48.30
N ALA A 144 56.21 -7.84 49.05
CA ALA A 144 55.89 -9.23 48.85
C ALA A 144 54.42 -9.51 49.14
N GLN A 145 53.88 -8.90 50.19
CA GLN A 145 52.47 -9.10 50.53
C GLN A 145 51.56 -8.58 49.42
N VAL A 146 51.87 -7.39 48.89
CA VAL A 146 51.07 -6.82 47.82
C VAL A 146 51.16 -7.69 46.56
N GLY A 147 52.37 -8.16 46.23
CA GLY A 147 52.52 -9.02 45.08
C GLY A 147 51.75 -10.33 45.22
N THR A 148 51.80 -10.93 46.41
CA THR A 148 51.08 -12.16 46.66
C THR A 148 49.58 -11.95 46.55
N ILE A 149 49.08 -10.83 47.11
CA ILE A 149 47.66 -10.53 47.04
C ILE A 149 47.23 -10.32 45.59
N SER A 150 48.03 -9.59 44.81
CA SER A 150 47.69 -9.36 43.42
C SER A 150 47.78 -10.63 42.59
N ALA A 151 48.62 -11.58 42.99
CA ALA A 151 48.80 -12.83 42.26
C ALA A 151 47.93 -13.97 42.79
N ASN A 152 46.83 -13.65 43.47
CA ASN A 152 45.89 -14.64 43.99
C ASN A 152 46.58 -15.60 44.96
N ALA A 153 47.13 -15.03 46.03
CA ALA A 153 47.71 -15.77 47.15
C ALA A 153 48.88 -16.67 46.74
N ASP A 154 49.60 -16.30 45.69
CA ASP A 154 50.79 -17.06 45.28
C ASP A 154 52.01 -16.40 45.91
N SER A 155 52.47 -16.95 47.03
CA SER A 155 53.57 -16.34 47.77
C SER A 155 54.88 -16.33 46.98
N SER A 156 55.11 -17.32 46.12
CA SER A 156 56.34 -17.35 45.34
C SER A 156 56.43 -16.14 44.40
N ILE A 157 55.31 -15.79 43.77
CA ILE A 157 55.31 -14.64 42.87
C ILE A 157 55.63 -13.36 43.64
N GLY A 158 55.02 -13.19 44.82
CA GLY A 158 55.30 -12.00 45.61
C GLY A 158 56.74 -11.95 46.08
N GLU A 159 57.29 -13.09 46.49
CA GLU A 159 58.69 -13.14 46.92
C GLU A 159 59.62 -12.79 45.77
N ILE A 160 59.35 -13.32 44.58
CA ILE A 160 60.17 -13.01 43.42
C ILE A 160 60.07 -11.53 43.06
N ILE A 161 58.87 -10.96 43.12
CA ILE A 161 58.69 -9.55 42.82
C ILE A 161 59.47 -8.69 43.81
N ALA A 162 59.39 -9.05 45.09
CA ALA A 162 60.13 -8.30 46.11
C ALA A 162 61.63 -8.39 45.89
N GLN A 163 62.13 -9.60 45.60
CA GLN A 163 63.56 -9.76 45.37
C GLN A 163 64.03 -9.06 44.11
N ALA A 164 63.16 -8.90 43.11
CA ALA A 164 63.54 -8.15 41.92
C ALA A 164 63.53 -6.65 42.21
N MET A 165 62.54 -6.18 42.98
CA MET A 165 62.39 -4.74 43.20
C MET A 165 63.41 -4.20 44.19
N ASP A 166 63.76 -4.96 45.23
CA ASP A 166 64.58 -4.44 46.31
C ASP A 166 66.06 -4.32 45.95
N LYS A 167 66.51 -4.98 44.90
CA LYS A 167 67.91 -4.91 44.49
C LYS A 167 68.12 -4.16 43.18
N VAL A 168 67.09 -4.01 42.35
CA VAL A 168 67.20 -3.22 41.13
C VAL A 168 66.60 -1.83 41.32
N GLY A 169 65.78 -1.63 42.34
CA GLY A 169 65.19 -0.33 42.60
C GLY A 169 63.70 -0.32 42.32
N LYS A 170 62.97 0.40 43.17
CA LYS A 170 61.53 0.54 42.99
C LYS A 170 61.18 1.23 41.68
N GLU A 171 62.12 2.02 41.14
CA GLU A 171 61.96 2.62 39.83
C GLU A 171 62.68 1.84 38.74
N GLY A 172 63.24 0.68 39.06
CA GLY A 172 63.98 -0.10 38.10
C GLY A 172 63.10 -0.83 37.10
N VAL A 173 63.75 -1.43 36.11
CA VAL A 173 63.05 -2.14 35.05
C VAL A 173 63.00 -3.62 35.39
N ILE A 174 61.81 -4.20 35.35
CA ILE A 174 61.60 -5.62 35.61
C ILE A 174 60.80 -6.22 34.46
N THR A 175 61.29 -7.33 33.91
CA THR A 175 60.62 -8.03 32.82
C THR A 175 60.46 -9.48 33.20
N VAL A 176 59.59 -10.18 32.47
CA VAL A 176 59.25 -11.57 32.74
C VAL A 176 59.63 -12.42 31.54
N GLU A 177 60.37 -13.49 31.79
CA GLU A 177 60.76 -14.44 30.76
C GLU A 177 60.48 -15.85 31.27
N ASP A 178 60.18 -16.75 30.35
CA ASP A 178 59.88 -18.13 30.73
C ASP A 178 61.10 -18.80 31.32
N GLY A 179 60.92 -19.43 32.48
CA GLY A 179 62.03 -20.08 33.17
C GLY A 179 62.32 -21.47 32.64
N LYS A 180 63.42 -22.03 33.15
CA LYS A 180 63.87 -23.36 32.76
C LYS A 180 63.69 -24.40 33.86
N SER A 181 62.85 -24.11 34.85
CA SER A 181 62.67 -25.02 35.98
C SER A 181 61.28 -24.82 36.57
N LEU A 182 61.00 -25.60 37.62
CA LEU A 182 59.73 -25.47 38.33
C LEU A 182 59.69 -24.25 39.22
N GLU A 183 60.84 -23.83 39.74
CA GLU A 183 60.90 -22.73 40.68
C GLU A 183 61.26 -21.44 39.95
N ASN A 184 60.59 -20.35 40.32
CA ASN A 184 60.86 -19.06 39.69
C ASN A 184 62.26 -18.58 40.04
N GLU A 185 62.87 -17.89 39.08
CA GLU A 185 64.23 -17.38 39.24
C GLU A 185 64.29 -15.96 38.70
N LEU A 186 65.33 -15.24 39.14
CA LEU A 186 65.50 -13.86 38.72
C LEU A 186 66.98 -13.58 38.52
N GLU A 187 67.28 -12.60 37.66
CA GLU A 187 68.65 -12.24 37.35
C GLU A 187 68.67 -10.81 36.86
N VAL A 188 69.87 -10.21 36.88
CA VAL A 188 70.11 -8.85 36.41
C VAL A 188 71.02 -8.93 35.20
N VAL A 189 70.57 -8.36 34.09
CA VAL A 189 71.34 -8.34 32.85
C VAL A 189 71.48 -6.90 32.39
N GLU A 190 72.49 -6.65 31.56
CA GLU A 190 72.71 -5.32 31.05
C GLU A 190 71.61 -4.93 30.08
N GLY A 191 70.97 -3.79 30.33
CA GLY A 191 69.87 -3.36 29.50
C GLY A 191 69.32 -2.04 29.99
N MET A 192 68.36 -1.52 29.23
CA MET A 192 67.77 -0.23 29.53
C MET A 192 66.39 -0.16 28.91
N GLN A 193 65.57 0.75 29.43
CA GLN A 193 64.24 1.00 28.90
C GLN A 193 64.08 2.50 28.66
N PHE A 194 63.53 2.84 27.49
CA PHE A 194 63.32 4.23 27.11
C PHE A 194 61.89 4.40 26.62
N ASP A 195 61.36 5.61 26.79
CA ASP A 195 59.96 5.88 26.53
C ASP A 195 59.68 6.09 25.04
N ARG A 196 59.92 5.07 24.23
CA ARG A 196 59.60 5.10 22.81
C ARG A 196 58.91 3.82 22.43
N GLY A 197 57.78 3.94 21.71
CA GLY A 197 57.01 2.80 21.28
C GLY A 197 57.14 2.52 19.80
N TYR A 198 56.51 1.43 19.37
CA TYR A 198 56.51 1.09 17.95
C TYR A 198 55.69 2.12 17.17
N LEU A 199 56.15 2.42 15.96
CA LEU A 199 55.55 3.48 15.16
C LEU A 199 54.31 3.02 14.39
N SER A 200 53.96 1.75 14.45
CA SER A 200 52.75 1.25 13.81
C SER A 200 52.27 0.02 14.56
N PRO A 201 50.96 -0.12 14.79
CA PRO A 201 50.47 -1.31 15.49
C PRO A 201 50.71 -2.60 14.74
N TYR A 202 51.01 -2.54 13.44
CA TYR A 202 51.31 -3.74 12.68
C TYR A 202 52.62 -4.40 13.12
N PHE A 203 53.49 -3.66 13.81
CA PHE A 203 54.74 -4.22 14.30
C PHE A 203 54.55 -5.25 15.41
N ILE A 204 53.41 -5.23 16.08
CA ILE A 204 53.21 -6.16 17.20
C ILE A 204 53.14 -7.58 16.70
N ASN A 205 53.56 -8.52 17.56
CA ASN A 205 53.47 -9.93 17.25
C ASN A 205 52.88 -10.76 18.38
N ASN A 206 52.49 -10.13 19.49
CA ASN A 206 51.90 -10.81 20.64
C ASN A 206 50.60 -10.09 20.98
N PRO A 207 49.50 -10.41 20.29
CA PRO A 207 48.22 -9.74 20.58
C PRO A 207 47.75 -9.92 22.01
N ASP A 208 48.14 -11.02 22.66
CA ASP A 208 47.77 -11.21 24.06
C ASP A 208 48.39 -10.14 24.95
N LYS A 209 49.65 -9.78 24.72
CA LYS A 209 50.32 -8.76 25.51
C LYS A 209 50.30 -7.38 24.86
N GLN A 210 49.85 -7.28 23.60
CA GLN A 210 49.80 -6.01 22.87
C GLN A 210 51.18 -5.36 22.83
N VAL A 211 52.21 -6.19 22.64
CA VAL A 211 53.59 -5.74 22.54
C VAL A 211 54.27 -6.45 21.38
N ALA A 212 55.42 -5.91 20.98
CA ALA A 212 56.25 -6.53 19.96
C ALA A 212 57.50 -7.12 20.62
N VAL A 213 57.71 -8.41 20.41
CA VAL A 213 58.82 -9.13 21.01
C VAL A 213 59.68 -9.73 19.90
N LEU A 214 60.98 -9.47 19.96
CA LEU A 214 61.94 -10.02 19.01
C LEU A 214 63.04 -10.75 19.78
N ASP A 215 63.44 -11.91 19.26
CA ASP A 215 64.39 -12.77 19.94
C ASP A 215 65.75 -12.70 19.27
N ASN A 216 66.78 -12.36 20.05
CA ASN A 216 68.17 -12.23 19.61
C ASN A 216 68.27 -11.41 18.33
N PRO A 217 67.83 -10.15 18.33
CA PRO A 217 67.80 -9.38 17.09
C PRO A 217 69.07 -8.57 16.88
N TYR A 218 69.16 -7.98 15.69
CA TYR A 218 70.15 -6.95 15.43
C TYR A 218 69.59 -5.57 15.76
N ILE A 219 70.45 -4.68 16.24
CA ILE A 219 70.08 -3.33 16.61
C ILE A 219 70.69 -2.37 15.60
N LEU A 220 69.84 -1.56 14.97
CA LEU A 220 70.27 -0.57 14.00
C LEU A 220 70.16 0.80 14.65
N LEU A 221 71.24 1.58 14.61
CA LEU A 221 71.29 2.90 15.21
C LEU A 221 71.53 3.94 14.13
N HIS A 222 70.65 4.93 14.07
CA HIS A 222 70.78 6.03 13.13
C HIS A 222 70.31 7.31 13.79
N ASP A 223 70.98 8.42 13.50
CA ASP A 223 70.65 9.71 14.10
C ASP A 223 69.90 10.64 13.16
N LYS A 224 69.57 10.19 11.95
CA LYS A 224 68.89 11.01 10.97
C LYS A 224 67.57 10.37 10.57
N LYS A 225 66.78 11.12 9.81
CA LYS A 225 65.51 10.61 9.31
C LYS A 225 65.74 9.55 8.23
N ILE A 226 64.78 8.64 8.11
CA ILE A 226 64.80 7.62 7.07
C ILE A 226 63.43 7.62 6.38
N SER A 227 63.43 7.87 5.08
CA SER A 227 62.21 7.82 4.30
C SER A 227 62.40 6.92 3.08
N ASN A 228 63.59 6.96 2.49
CA ASN A 228 63.87 6.18 1.29
C ASN A 228 64.17 4.73 1.68
N ILE A 229 63.50 3.79 1.01
CA ILE A 229 63.75 2.37 1.28
C ILE A 229 65.15 1.97 0.83
N ARG A 230 65.69 2.66 -0.18
CA ARG A 230 67.02 2.35 -0.68
C ARG A 230 68.10 2.62 0.36
N ASP A 231 67.85 3.54 1.29
CA ASP A 231 68.87 3.92 2.27
C ASP A 231 69.25 2.78 3.19
N LEU A 232 68.39 1.76 3.35
CA LEU A 232 68.69 0.64 4.23
C LEU A 232 68.52 -0.73 3.59
N LEU A 233 68.24 -0.81 2.29
CA LEU A 233 68.11 -2.10 1.61
C LEU A 233 69.35 -2.98 1.72
N PRO A 234 70.57 -2.48 1.46
CA PRO A 234 71.74 -3.36 1.61
C PRO A 234 71.95 -3.88 3.03
N VAL A 235 71.46 -3.17 4.04
CA VAL A 235 71.61 -3.64 5.41
C VAL A 235 70.53 -4.67 5.74
N LEU A 236 69.29 -4.40 5.32
CA LEU A 236 68.22 -5.36 5.60
C LEU A 236 68.43 -6.66 4.82
N GLU A 237 69.05 -6.59 3.64
CA GLU A 237 69.37 -7.83 2.92
C GLU A 237 70.38 -8.67 3.69
N GLN A 238 71.42 -8.03 4.22
CA GLN A 238 72.38 -8.76 5.05
C GLN A 238 71.71 -9.34 6.28
N VAL A 239 70.80 -8.58 6.88
CA VAL A 239 70.07 -9.07 8.05
C VAL A 239 69.23 -10.29 7.69
N ALA A 240 68.54 -10.23 6.55
CA ALA A 240 67.70 -11.35 6.13
C ALA A 240 68.53 -12.59 5.85
N LYS A 241 69.68 -12.43 5.17
CA LYS A 241 70.55 -13.58 4.96
C LYS A 241 71.10 -14.11 6.28
N ALA A 242 71.32 -13.24 7.26
CA ALA A 242 71.69 -13.68 8.60
C ALA A 242 70.55 -14.41 9.29
N GLY A 243 69.31 -14.01 9.06
CA GLY A 243 68.14 -14.69 9.58
C GLY A 243 67.65 -14.22 10.93
N ARG A 244 68.38 -13.34 11.61
CA ARG A 244 67.96 -12.87 12.91
C ARG A 244 67.10 -11.62 12.77
N PRO A 245 66.21 -11.36 13.72
CA PRO A 245 65.31 -10.20 13.62
C PRO A 245 66.08 -8.88 13.65
N LEU A 246 65.37 -7.82 13.29
CA LEU A 246 65.94 -6.49 13.19
C LEU A 246 65.16 -5.50 14.05
N LEU A 247 65.88 -4.72 14.84
CA LEU A 247 65.32 -3.57 15.53
C LEU A 247 66.05 -2.32 15.06
N ILE A 248 65.29 -1.36 14.55
CA ILE A 248 65.86 -0.15 13.94
C ILE A 248 65.56 1.03 14.86
N ILE A 249 66.62 1.70 15.31
CA ILE A 249 66.51 2.91 16.11
C ILE A 249 66.99 4.07 15.26
N ALA A 250 66.09 5.01 14.98
CA ALA A 250 66.40 6.15 14.14
C ALA A 250 65.64 7.37 14.67
N GLU A 251 65.98 8.54 14.13
CA GLU A 251 65.24 9.75 14.48
C GLU A 251 63.77 9.62 14.10
N ASP A 252 63.50 9.09 12.91
CA ASP A 252 62.15 8.79 12.47
C ASP A 252 62.23 7.98 11.18
N VAL A 253 61.22 7.13 10.99
CA VAL A 253 61.06 6.40 9.74
C VAL A 253 59.64 6.62 9.24
N GLU A 254 59.50 6.88 7.94
CA GLU A 254 58.22 7.26 7.37
C GLU A 254 58.23 6.98 5.88
N GLY A 255 57.03 7.00 5.28
CA GLY A 255 56.94 6.88 3.84
C GLY A 255 57.14 5.46 3.37
N GLU A 256 57.83 5.33 2.22
CA GLU A 256 57.99 4.02 1.59
C GLU A 256 58.80 3.07 2.45
N ALA A 257 59.77 3.57 3.22
CA ALA A 257 60.54 2.70 4.10
C ALA A 257 59.65 2.06 5.15
N LEU A 258 58.82 2.87 5.82
CA LEU A 258 57.92 2.35 6.84
C LEU A 258 56.89 1.40 6.21
N ALA A 259 56.37 1.76 5.04
CA ALA A 259 55.41 0.89 4.37
C ALA A 259 56.03 -0.45 4.01
N THR A 260 57.26 -0.44 3.50
CA THR A 260 57.94 -1.68 3.15
C THR A 260 58.23 -2.53 4.39
N LEU A 261 58.63 -1.90 5.49
CA LEU A 261 58.85 -2.64 6.72
C LEU A 261 57.55 -3.27 7.22
N VAL A 262 56.44 -2.53 7.14
CA VAL A 262 55.15 -3.07 7.56
C VAL A 262 54.75 -4.24 6.69
N VAL A 263 54.94 -4.11 5.37
CA VAL A 263 54.59 -5.20 4.46
C VAL A 263 55.46 -6.42 4.72
N ASN A 264 56.75 -6.21 4.98
CA ASN A 264 57.64 -7.33 5.28
C ASN A 264 57.23 -8.03 6.57
N ASN A 265 56.87 -7.27 7.60
CA ASN A 265 56.43 -7.88 8.85
C ASN A 265 55.14 -8.66 8.66
N LEU A 266 54.19 -8.11 7.91
CA LEU A 266 52.94 -8.81 7.66
C LEU A 266 53.15 -10.07 6.83
N ARG A 267 54.02 -10.00 5.82
CA ARG A 267 54.25 -11.15 4.94
C ARG A 267 55.20 -12.17 5.56
N GLY A 268 55.83 -11.83 6.68
CA GLY A 268 56.83 -12.72 7.26
C GLY A 268 58.15 -12.72 6.54
N ILE A 269 58.39 -11.75 5.66
CA ILE A 269 59.66 -11.70 4.93
C ILE A 269 60.83 -11.49 5.88
N LEU A 270 60.68 -10.55 6.82
CA LEU A 270 61.71 -10.25 7.80
C LEU A 270 61.07 -9.72 9.06
N LYS A 271 61.59 -10.15 10.21
CA LYS A 271 61.08 -9.70 11.51
C LYS A 271 61.74 -8.36 11.83
N THR A 272 60.98 -7.28 11.69
CA THR A 272 61.51 -5.93 11.85
C THR A 272 60.64 -5.13 12.81
N CYS A 273 61.28 -4.16 13.47
CA CYS A 273 60.59 -3.23 14.34
C CYS A 273 61.37 -1.92 14.37
N ALA A 274 60.65 -0.81 14.23
CA ALA A 274 61.27 0.50 14.16
C ALA A 274 60.66 1.41 15.21
N VAL A 275 61.52 2.07 15.99
CA VAL A 275 61.09 3.01 17.02
C VAL A 275 61.91 4.28 16.90
N LYS A 276 61.35 5.38 17.36
CA LYS A 276 62.08 6.64 17.39
C LYS A 276 63.18 6.58 18.44
N ALA A 277 64.30 7.24 18.15
CA ALA A 277 65.38 7.29 19.13
C ALA A 277 64.96 8.14 20.33
N PRO A 278 65.34 7.73 21.54
CA PRO A 278 64.91 8.46 22.73
C PRO A 278 65.58 9.82 22.85
N GLY A 279 64.88 10.75 23.48
CA GLY A 279 65.40 12.08 23.71
C GLY A 279 65.30 12.98 22.50
N PHE A 280 65.79 14.21 22.68
CA PHE A 280 65.81 15.20 21.61
C PHE A 280 66.93 16.18 21.88
N GLY A 281 67.27 16.96 20.84
CA GLY A 281 68.38 17.88 20.97
C GLY A 281 69.71 17.14 21.09
N ASP A 282 70.60 17.71 21.89
CA ASP A 282 71.88 17.06 22.16
C ASP A 282 71.74 15.77 22.93
N ARG A 283 70.62 15.56 23.64
CA ARG A 283 70.41 14.32 24.37
C ARG A 283 70.26 13.14 23.41
N ARG A 284 69.86 13.43 22.16
CA ARG A 284 69.64 12.37 21.18
C ARG A 284 70.91 11.58 20.91
N LYS A 285 72.03 12.30 20.68
CA LYS A 285 73.29 11.64 20.39
C LYS A 285 73.78 10.85 21.60
N ALA A 286 73.62 11.40 22.80
CA ALA A 286 74.02 10.68 24.01
C ALA A 286 73.21 9.39 24.17
N MET A 287 71.89 9.47 23.95
CA MET A 287 71.06 8.28 24.04
C MET A 287 71.49 7.24 23.02
N LEU A 288 71.72 7.65 21.77
CA LEU A 288 72.12 6.70 20.75
C LEU A 288 73.47 6.06 21.06
N GLN A 289 74.42 6.86 21.54
CA GLN A 289 75.74 6.33 21.88
C GLN A 289 75.65 5.35 23.03
N ASP A 290 74.88 5.67 24.07
CA ASP A 290 74.72 4.75 25.19
C ASP A 290 74.06 3.45 24.75
N ILE A 291 73.04 3.54 23.91
CA ILE A 291 72.36 2.34 23.44
C ILE A 291 73.32 1.50 22.60
N ALA A 292 74.12 2.14 21.74
CA ALA A 292 75.07 1.40 20.91
C ALA A 292 76.11 0.70 21.75
N ILE A 293 76.67 1.39 22.74
CA ILE A 293 77.70 0.77 23.58
C ILE A 293 77.10 -0.33 24.45
N LEU A 294 75.81 -0.20 24.79
CA LEU A 294 75.15 -1.26 25.55
C LEU A 294 74.89 -2.49 24.70
N THR A 295 74.53 -2.29 23.43
CA THR A 295 74.27 -3.39 22.51
C THR A 295 75.50 -3.79 21.72
N GLY A 296 76.63 -3.13 21.94
CA GLY A 296 77.85 -3.46 21.23
C GLY A 296 77.93 -2.93 19.82
N GLY A 297 76.96 -2.12 19.38
CA GLY A 297 76.94 -1.56 18.05
C GLY A 297 77.59 -0.19 17.98
N THR A 298 77.49 0.40 16.79
CA THR A 298 78.02 1.73 16.54
C THR A 298 76.93 2.57 15.86
N VAL A 299 76.85 3.84 16.25
CA VAL A 299 75.83 4.73 15.69
C VAL A 299 76.24 5.11 14.27
N ILE A 300 75.31 4.95 13.33
CA ILE A 300 75.56 5.35 11.94
C ILE A 300 75.25 6.85 11.82
N SER A 301 76.27 7.65 11.55
CA SER A 301 76.10 9.08 11.45
C SER A 301 77.17 9.67 10.56
N GLU A 302 76.83 10.79 9.91
CA GLU A 302 77.81 11.48 9.08
C GLU A 302 78.92 12.10 9.91
N GLU A 303 78.59 12.64 11.09
CA GLU A 303 79.59 13.25 11.96
C GLU A 303 80.64 12.26 12.44
N VAL A 304 80.31 10.96 12.49
CA VAL A 304 81.26 9.92 12.84
C VAL A 304 81.79 9.20 11.61
N GLY A 305 81.34 9.60 10.42
CA GLY A 305 81.92 9.09 9.19
C GLY A 305 81.41 7.74 8.73
N LEU A 306 80.15 7.41 9.02
CA LEU A 306 79.54 6.18 8.53
C LEU A 306 78.22 6.50 7.83
N SER A 307 77.88 5.67 6.84
CA SER A 307 76.66 5.83 6.08
C SER A 307 75.88 4.53 6.10
N LEU A 308 74.55 4.65 6.11
CA LEU A 308 73.70 3.47 6.17
C LEU A 308 73.76 2.64 4.89
N GLU A 309 74.15 3.24 3.77
CA GLU A 309 74.25 2.48 2.53
C GLU A 309 75.37 1.45 2.58
N LYS A 310 76.40 1.70 3.37
CA LYS A 310 77.54 0.80 3.47
C LYS A 310 77.60 0.06 4.80
N ALA A 311 76.62 0.24 5.67
CA ALA A 311 76.67 -0.38 7.00
C ALA A 311 76.59 -1.90 6.88
N THR A 312 77.34 -2.58 7.76
CA THR A 312 77.40 -4.04 7.78
C THR A 312 76.86 -4.54 9.10
N LEU A 313 76.76 -5.86 9.22
CA LEU A 313 76.25 -6.48 10.44
C LEU A 313 77.16 -6.24 11.63
N GLU A 314 78.46 -6.02 11.40
CA GLU A 314 79.38 -5.73 12.50
C GLU A 314 79.06 -4.42 13.19
N ASP A 315 78.66 -3.39 12.45
CA ASP A 315 78.29 -2.12 13.06
C ASP A 315 77.02 -2.23 13.88
N LEU A 316 76.12 -3.15 13.53
CA LEU A 316 74.86 -3.26 14.24
C LEU A 316 75.04 -3.87 15.61
N GLY A 317 74.26 -3.38 16.58
CA GLY A 317 74.24 -3.97 17.90
C GLY A 317 73.32 -5.18 17.96
N GLN A 318 73.39 -5.89 19.08
CA GLN A 318 72.58 -7.08 19.27
C GLN A 318 72.35 -7.31 20.75
N ALA A 319 71.27 -8.03 21.06
CA ALA A 319 70.89 -8.33 22.42
C ALA A 319 70.04 -9.60 22.43
N LYS A 320 69.87 -10.17 23.63
CA LYS A 320 69.11 -11.40 23.75
C LYS A 320 67.64 -11.21 23.39
N ARG A 321 67.03 -10.12 23.84
CA ARG A 321 65.62 -9.88 23.58
C ARG A 321 65.33 -8.38 23.69
N VAL A 322 64.42 -7.91 22.84
CA VAL A 322 63.90 -6.56 22.93
C VAL A 322 62.38 -6.64 22.95
N GLU A 323 61.77 -5.87 23.86
CA GLU A 323 60.32 -5.79 23.96
C GLU A 323 59.88 -4.37 23.64
N VAL A 324 58.98 -4.24 22.67
CA VAL A 324 58.51 -2.94 22.21
C VAL A 324 57.03 -2.83 22.57
N ALA A 325 56.72 -1.88 23.47
CA ALA A 325 55.34 -1.63 23.89
C ALA A 325 54.83 -0.35 23.25
N LYS A 326 53.58 0.00 23.59
CA LYS A 326 52.99 1.21 23.05
C LYS A 326 53.75 2.47 23.45
N GLU A 327 54.19 2.55 24.70
CA GLU A 327 54.83 3.76 25.21
C GLU A 327 56.32 3.63 25.45
N HIS A 328 56.84 2.41 25.63
CA HIS A 328 58.25 2.25 25.97
C HIS A 328 58.80 1.00 25.30
N THR A 329 60.13 1.00 25.13
CA THR A 329 60.86 -0.12 24.57
C THR A 329 62.03 -0.46 25.48
N THR A 330 62.23 -1.74 25.73
CA THR A 330 63.29 -2.20 26.62
C THR A 330 64.21 -3.16 25.88
N ILE A 331 65.47 -3.18 26.29
CA ILE A 331 66.50 -4.04 25.69
C ILE A 331 67.03 -4.95 26.78
N ILE A 332 67.09 -6.25 26.49
CA ILE A 332 67.47 -7.26 27.46
C ILE A 332 68.79 -7.88 27.03
N ASP A 333 69.78 -7.87 27.92
CA ASP A 333 71.06 -8.55 27.73
C ASP A 333 71.76 -8.08 26.46
N GLY A 334 72.14 -6.80 26.49
CA GLY A 334 72.89 -6.24 25.39
C GLY A 334 74.28 -6.85 25.27
N ALA A 335 74.83 -6.79 24.06
CA ALA A 335 76.11 -7.43 23.77
C ALA A 335 77.31 -6.66 24.30
N GLY A 336 77.12 -5.42 24.76
CA GLY A 336 78.22 -4.63 25.28
C GLY A 336 78.92 -5.27 26.46
N ASP A 337 80.25 -5.22 26.45
CA ASP A 337 81.01 -5.79 27.55
C ASP A 337 80.80 -4.97 28.82
N PRO A 338 80.74 -5.62 29.99
CA PRO A 338 80.53 -4.87 31.24
C PRO A 338 81.62 -3.85 31.55
N ALA A 339 82.85 -4.07 31.08
CA ALA A 339 83.93 -3.14 31.37
C ALA A 339 83.69 -1.78 30.72
N LYS A 340 83.37 -1.78 29.43
CA LYS A 340 83.09 -0.52 28.74
C LYS A 340 81.82 0.14 29.29
N ILE A 341 80.83 -0.66 29.66
CA ILE A 341 79.61 -0.12 30.24
C ILE A 341 79.91 0.59 31.56
N GLN A 342 80.71 -0.04 32.42
CA GLN A 342 81.10 0.59 33.68
C GLN A 342 81.95 1.83 33.46
N ALA A 343 82.84 1.79 32.46
CA ALA A 343 83.64 2.97 32.14
C ALA A 343 82.76 4.13 31.69
N ARG A 344 81.77 3.85 30.84
CA ARG A 344 80.84 4.91 30.43
C ARG A 344 79.99 5.38 31.60
N VAL A 345 79.65 4.48 32.51
CA VAL A 345 78.91 4.89 33.71
C VAL A 345 79.73 5.88 34.52
N LYS A 346 81.02 5.59 34.71
CA LYS A 346 81.89 6.53 35.41
C LYS A 346 82.03 7.83 34.65
N GLU A 347 82.11 7.76 33.32
CA GLU A 347 82.20 8.96 32.50
C GLU A 347 80.98 9.84 32.70
N ILE A 348 79.78 9.25 32.68
CA ILE A 348 78.56 10.02 32.86
C ILE A 348 78.47 10.56 34.29
N ARG A 349 78.91 9.76 35.27
CA ARG A 349 78.90 10.21 36.66
C ARG A 349 79.84 11.39 36.90
N VAL A 350 80.98 11.43 36.22
CA VAL A 350 81.86 12.58 36.37
C VAL A 350 81.41 13.76 35.50
N GLN A 351 80.71 13.49 34.40
CA GLN A 351 80.06 14.56 33.65
C GLN A 351 78.90 15.17 34.41
N ILE A 352 78.35 14.44 35.39
CA ILE A 352 77.28 14.99 36.22
C ILE A 352 77.73 16.29 36.89
N GLU A 353 78.96 16.30 37.41
CA GLU A 353 79.51 17.52 37.99
C GLU A 353 79.75 18.62 36.97
N GLU A 354 79.76 18.30 35.68
CA GLU A 354 79.94 19.28 34.62
C GLU A 354 78.62 19.92 34.19
N ALA A 355 77.51 19.54 34.81
CA ALA A 355 76.21 20.05 34.39
C ALA A 355 76.11 21.55 34.64
N THR A 356 75.59 22.27 33.64
CA THR A 356 75.41 23.71 33.75
C THR A 356 74.12 24.11 34.45
N SER A 357 73.21 23.16 34.68
CA SER A 357 71.92 23.46 35.31
C SER A 357 71.41 22.20 35.99
N ASP A 358 70.42 22.39 36.86
CA ASP A 358 69.80 21.25 37.52
C ASP A 358 69.09 20.34 36.53
N TYR A 359 68.55 20.92 35.44
CA TYR A 359 67.96 20.09 34.40
C TYR A 359 69.00 19.19 33.74
N ASP A 360 70.19 19.73 33.48
CA ASP A 360 71.26 18.92 32.90
C ASP A 360 71.68 17.82 33.87
N ARG A 361 71.80 18.17 35.15
CA ARG A 361 72.24 17.21 36.15
C ARG A 361 71.23 16.09 36.32
N GLU A 362 69.93 16.41 36.31
CA GLU A 362 68.92 15.38 36.47
C GLU A 362 68.85 14.47 35.25
N LYS A 363 69.03 15.00 34.04
CA LYS A 363 69.11 14.13 32.87
C LYS A 363 70.35 13.24 32.89
N LEU A 364 71.48 13.78 33.35
CA LEU A 364 72.68 12.94 33.48
C LEU A 364 72.47 11.85 34.52
N GLN A 365 71.78 12.17 35.61
CA GLN A 365 71.45 11.16 36.62
C GLN A 365 70.51 10.10 36.06
N GLU A 366 69.54 10.52 35.24
CA GLU A 366 68.66 9.56 34.57
C GLU A 366 69.46 8.65 33.65
N ARG A 367 70.45 9.21 32.93
CA ARG A 367 71.33 8.39 32.11
C ARG A 367 72.07 7.37 32.96
N VAL A 368 72.63 7.80 34.09
CA VAL A 368 73.36 6.89 34.98
C VAL A 368 72.45 5.77 35.45
N ALA A 369 71.24 6.13 35.89
CA ALA A 369 70.31 5.12 36.38
C ALA A 369 69.93 4.13 35.29
N LYS A 370 69.51 4.63 34.13
CA LYS A 370 69.06 3.75 33.06
C LYS A 370 70.18 2.87 32.53
N LEU A 371 71.43 3.32 32.65
CA LEU A 371 72.52 2.51 32.13
C LEU A 371 73.02 1.51 33.18
N ALA A 372 73.36 1.97 34.38
CA ALA A 372 73.95 1.09 35.38
C ALA A 372 72.93 0.17 36.03
N GLY A 373 71.65 0.57 36.08
CA GLY A 373 70.66 -0.25 36.77
C GLY A 373 70.38 -1.58 36.10
N GLY A 374 70.64 -1.69 34.80
CA GLY A 374 70.37 -2.94 34.12
C GLY A 374 68.88 -3.22 34.02
N VAL A 375 68.58 -4.49 33.77
CA VAL A 375 67.19 -4.95 33.66
C VAL A 375 67.05 -6.21 34.51
N ALA A 376 66.04 -6.23 35.38
CA ALA A 376 65.72 -7.43 36.13
C ALA A 376 64.84 -8.34 35.28
N VAL A 377 65.25 -9.60 35.14
CA VAL A 377 64.51 -10.58 34.36
C VAL A 377 64.02 -11.66 35.30
N ILE A 378 62.70 -11.85 35.33
CA ILE A 378 62.08 -12.86 36.18
C ILE A 378 61.87 -14.12 35.35
N LYS A 379 62.53 -15.21 35.74
CA LYS A 379 62.40 -16.49 35.05
C LYS A 379 61.24 -17.23 35.70
N VAL A 380 60.03 -17.02 35.15
CA VAL A 380 58.84 -17.65 35.72
C VAL A 380 58.91 -19.15 35.50
N GLY A 381 58.84 -19.91 36.59
CA GLY A 381 58.98 -21.35 36.54
C GLY A 381 57.70 -22.09 36.90
N ALA A 382 57.41 -23.13 36.13
CA ALA A 382 56.24 -23.95 36.37
C ALA A 382 56.38 -25.25 35.58
N ALA A 383 55.42 -26.15 35.78
CA ALA A 383 55.54 -27.51 35.27
C ALA A 383 55.33 -27.61 33.76
N THR A 384 54.33 -26.93 33.21
CA THR A 384 53.93 -27.16 31.83
C THR A 384 53.83 -25.84 31.08
N GLU A 385 53.79 -25.95 29.74
CA GLU A 385 53.61 -24.77 28.90
C GLU A 385 52.25 -24.13 29.12
N VAL A 386 51.20 -24.94 29.31
CA VAL A 386 49.89 -24.39 29.63
C VAL A 386 49.96 -23.62 30.94
N GLU A 387 50.64 -24.19 31.94
CA GLU A 387 50.83 -23.48 33.20
C GLU A 387 51.81 -22.32 33.02
N MET A 388 52.78 -22.46 32.12
CA MET A 388 53.65 -21.33 31.76
C MET A 388 52.84 -20.12 31.34
N LYS A 389 51.88 -20.32 30.42
CA LYS A 389 51.13 -19.19 29.87
C LYS A 389 50.34 -18.47 30.95
N GLU A 390 49.71 -19.22 31.85
CA GLU A 390 48.91 -18.60 32.91
C GLU A 390 49.81 -17.92 33.95
N LYS A 391 50.88 -18.59 34.35
CA LYS A 391 51.74 -18.05 35.40
C LYS A 391 52.47 -16.80 34.93
N LYS A 392 52.85 -16.75 33.65
CA LYS A 392 53.51 -15.55 33.14
C LYS A 392 52.57 -14.35 33.18
N ALA A 393 51.30 -14.54 32.78
CA ALA A 393 50.34 -13.46 32.84
C ALA A 393 50.07 -13.03 34.29
N ARG A 394 49.96 -14.01 35.20
CA ARG A 394 49.75 -13.68 36.59
C ARG A 394 50.92 -12.90 37.16
N VAL A 395 52.14 -13.29 36.83
CA VAL A 395 53.32 -12.58 37.31
C VAL A 395 53.38 -11.18 36.74
N GLU A 396 53.02 -11.02 35.46
CA GLU A 396 53.02 -9.70 34.86
C GLU A 396 52.00 -8.79 35.53
N ASP A 397 50.80 -9.32 35.79
CA ASP A 397 49.77 -8.52 36.46
C ASP A 397 50.21 -8.16 37.88
N ALA A 398 50.80 -9.10 38.61
CA ALA A 398 51.29 -8.81 39.95
C ALA A 398 52.40 -7.76 39.92
N LEU A 399 53.29 -7.84 38.92
CA LEU A 399 54.35 -6.86 38.79
C LEU A 399 53.78 -5.47 38.53
N HIS A 400 52.79 -5.38 37.64
CA HIS A 400 52.17 -4.08 37.37
C HIS A 400 51.48 -3.53 38.61
N ALA A 401 50.76 -4.39 39.35
CA ALA A 401 50.10 -3.94 40.56
C ALA A 401 51.10 -3.46 41.60
N THR A 402 52.19 -4.21 41.78
CA THR A 402 53.21 -3.81 42.75
C THR A 402 53.89 -2.50 42.34
N ARG A 403 54.17 -2.34 41.05
CA ARG A 403 54.74 -1.08 40.57
C ARG A 403 53.80 0.08 40.84
N ALA A 404 52.51 -0.10 40.59
CA ALA A 404 51.54 0.92 40.93
C ALA A 404 51.42 1.10 42.44
N ALA A 405 51.42 0.00 43.20
CA ALA A 405 51.25 0.07 44.64
C ALA A 405 52.44 0.75 45.33
N VAL A 406 53.67 0.44 44.91
CA VAL A 406 54.83 0.98 45.60
C VAL A 406 54.95 2.48 45.37
N GLU A 407 54.38 3.00 44.29
CA GLU A 407 54.48 4.43 44.00
C GLU A 407 53.57 5.25 44.89
N GLU A 408 52.33 4.80 45.10
CA GLU A 408 51.34 5.60 45.80
C GLU A 408 50.67 4.87 46.96
N GLY A 409 51.16 3.69 47.34
CA GLY A 409 50.56 2.96 48.43
C GLY A 409 49.34 2.16 48.01
N ILE A 410 48.81 1.42 48.98
CA ILE A 410 47.63 0.59 48.75
C ILE A 410 46.44 1.21 49.46
N VAL A 411 45.24 0.84 49.01
CA VAL A 411 44.02 1.38 49.59
C VAL A 411 42.95 0.31 49.55
N PRO A 412 42.05 0.30 50.56
CA PRO A 412 40.96 -0.70 50.57
C PRO A 412 40.21 -0.79 49.26
N GLY A 413 40.28 -1.95 48.60
CA GLY A 413 39.67 -2.13 47.30
C GLY A 413 38.19 -2.46 47.36
N GLY A 414 37.63 -2.83 46.21
CA GLY A 414 36.21 -3.13 46.14
C GLY A 414 35.32 -1.90 46.18
N GLY A 415 35.87 -0.73 45.89
CA GLY A 415 35.11 0.50 45.88
C GLY A 415 34.96 1.18 47.22
N VAL A 416 35.42 0.57 48.30
CA VAL A 416 35.32 1.19 49.62
C VAL A 416 36.23 2.41 49.70
N ALA A 417 37.33 2.41 48.96
CA ALA A 417 38.29 3.51 49.02
C ALA A 417 37.65 4.82 48.63
N LEU A 418 36.86 4.82 47.55
CA LEU A 418 36.21 6.05 47.11
C LEU A 418 35.18 6.53 48.13
N LEU A 419 34.47 5.60 48.78
CA LEU A 419 33.52 6.01 49.82
C LEU A 419 34.25 6.65 51.00
N ARG A 420 35.35 6.04 51.44
CA ARG A 420 36.10 6.63 52.56
C ARG A 420 36.65 8.00 52.19
N ALA A 421 37.18 8.13 50.98
CA ALA A 421 37.70 9.42 50.53
C ALA A 421 36.58 10.46 50.46
N ARG A 422 35.41 10.07 49.96
CA ARG A 422 34.29 10.99 49.85
C ARG A 422 33.84 11.45 51.23
N GLU A 423 33.72 10.51 52.18
CA GLU A 423 33.30 10.90 53.52
C GLU A 423 34.32 11.82 54.18
N ALA A 424 35.61 11.51 54.03
CA ALA A 424 36.64 12.35 54.61
C ALA A 424 36.65 13.74 53.99
N ALA A 425 36.47 13.83 52.67
CA ALA A 425 36.44 15.13 52.00
C ALA A 425 35.22 15.94 52.42
N VAL A 426 34.06 15.30 52.53
CA VAL A 426 32.86 16.00 52.98
C VAL A 426 33.03 16.50 54.40
N ALA A 427 33.59 15.66 55.27
CA ALA A 427 33.86 16.10 56.65
C ALA A 427 34.86 17.23 56.69
N LYS A 428 35.83 17.24 55.77
CA LYS A 428 36.78 18.34 55.71
C LYS A 428 36.09 19.66 55.37
N GLY A 429 34.99 19.59 54.63
CA GLY A 429 34.29 20.78 54.18
C GLY A 429 34.50 21.04 52.71
N LEU A 430 33.52 20.66 51.90
CA LEU A 430 33.57 20.84 50.45
C LEU A 430 32.33 21.60 50.00
N LYS A 431 32.55 22.70 49.28
CA LYS A 431 31.45 23.56 48.88
C LYS A 431 31.75 24.17 47.51
N GLY A 432 30.69 24.59 46.84
CA GLY A 432 30.81 25.26 45.56
C GLY A 432 30.42 26.72 45.64
N ASP A 433 31.03 27.53 44.79
CA ASP A 433 30.74 28.96 44.77
C ASP A 433 29.38 29.30 44.17
N ASN A 434 28.74 28.34 43.51
CA ASN A 434 27.45 28.53 42.87
C ASN A 434 26.57 27.34 43.19
N PRO A 435 25.25 27.49 43.11
CA PRO A 435 24.38 26.31 43.18
C PRO A 435 24.68 25.30 42.09
N ASP A 436 25.08 25.77 40.91
CA ASP A 436 25.51 24.85 39.86
C ASP A 436 26.77 24.10 40.27
N GLN A 437 27.73 24.79 40.88
CA GLN A 437 28.90 24.10 41.40
C GLN A 437 28.52 23.14 42.53
N GLU A 438 27.51 23.49 43.33
CA GLU A 438 27.04 22.57 44.36
C GLU A 438 26.47 21.30 43.74
N ALA A 439 25.70 21.43 42.66
CA ALA A 439 25.19 20.26 41.97
C ALA A 439 26.32 19.46 41.33
N GLY A 440 27.34 20.15 40.84
CA GLY A 440 28.51 19.44 40.33
C GLY A 440 29.21 18.64 41.41
N ILE A 441 29.31 19.20 42.61
CA ILE A 441 29.85 18.46 43.75
C ILE A 441 28.99 17.25 44.05
N LYS A 442 27.68 17.44 44.09
CA LYS A 442 26.75 16.34 44.37
C LYS A 442 26.86 15.23 43.34
N ILE A 443 27.12 15.60 42.08
CA ILE A 443 27.25 14.60 41.01
C ILE A 443 28.37 13.63 41.33
N VAL A 444 29.55 14.17 41.67
CA VAL A 444 30.69 13.31 41.98
C VAL A 444 30.44 12.54 43.28
N LEU A 445 29.84 13.21 44.28
CA LEU A 445 29.60 12.53 45.55
C LEU A 445 28.68 11.33 45.37
N ARG A 446 27.70 11.44 44.47
CA ARG A 446 26.83 10.30 44.19
C ARG A 446 27.52 9.28 43.28
N ALA A 447 28.37 9.73 42.36
CA ALA A 447 28.92 8.81 41.37
C ALA A 447 30.05 7.96 41.94
N VAL A 448 30.81 8.46 42.92
CA VAL A 448 31.96 7.73 43.41
C VAL A 448 31.56 6.45 44.15
N GLU A 449 30.27 6.30 44.44
CA GLU A 449 29.79 5.08 45.07
C GLU A 449 29.33 4.04 44.05
N GLN A 450 29.33 4.37 42.76
CA GLN A 450 28.87 3.47 41.72
C GLN A 450 29.69 2.19 41.62
N PRO A 451 31.04 2.24 41.71
CA PRO A 451 31.79 0.97 41.66
C PRO A 451 31.37 -0.04 42.71
N LEU A 452 31.21 0.40 43.96
CA LEU A 452 30.77 -0.53 44.99
C LEU A 452 29.35 -1.02 44.73
N ARG A 453 28.47 -0.11 44.29
CA ARG A 453 27.10 -0.51 43.99
C ARG A 453 27.05 -1.58 42.91
N GLU A 454 27.84 -1.43 41.85
CA GLU A 454 27.86 -2.42 40.79
C GLU A 454 28.57 -3.71 41.19
N ILE A 455 29.62 -3.64 42.00
CA ILE A 455 30.23 -4.86 42.52
C ILE A 455 29.22 -5.65 43.33
N VAL A 456 28.46 -4.96 44.18
CA VAL A 456 27.45 -5.63 44.98
C VAL A 456 26.34 -6.19 44.10
N ALA A 457 25.89 -5.41 43.11
CA ALA A 457 24.82 -5.88 42.22
C ALA A 457 25.23 -7.12 41.44
N ASN A 458 26.46 -7.14 40.92
CA ASN A 458 26.95 -8.34 40.26
C ASN A 458 27.09 -9.49 41.26
N ALA A 459 27.46 -9.18 42.50
CA ALA A 459 27.48 -10.21 43.54
C ALA A 459 26.09 -10.72 43.88
N GLY A 460 25.05 -10.00 43.50
CA GLY A 460 23.68 -10.43 43.72
C GLY A 460 22.96 -9.79 44.88
N GLU A 461 23.69 -9.14 45.80
CA GLU A 461 23.05 -8.51 46.93
C GLU A 461 22.39 -7.20 46.51
N GLU A 462 21.67 -6.59 47.46
CA GLU A 462 21.02 -5.31 47.21
C GLU A 462 22.02 -4.19 47.40
N PRO A 463 22.26 -3.34 46.39
CA PRO A 463 23.32 -2.33 46.51
C PRO A 463 23.13 -1.33 47.63
N SER A 464 21.92 -0.81 47.82
CA SER A 464 21.72 0.32 48.72
C SER A 464 22.02 -0.05 50.18
N VAL A 465 21.54 -1.21 50.64
CA VAL A 465 21.76 -1.60 52.02
C VAL A 465 23.24 -1.84 52.28
N ILE A 466 23.93 -2.48 51.33
CA ILE A 466 25.35 -2.74 51.50
C ILE A 466 26.14 -1.44 51.54
N VAL A 467 25.79 -0.49 50.65
CA VAL A 467 26.48 0.79 50.65
C VAL A 467 26.24 1.53 51.96
N ALA A 468 25.01 1.50 52.47
CA ALA A 468 24.71 2.16 53.74
C ALA A 468 25.50 1.52 54.88
N LYS A 469 25.57 0.19 54.89
CA LYS A 469 26.31 -0.48 55.96
C LYS A 469 27.80 -0.18 55.87
N VAL A 470 28.34 -0.10 54.65
CA VAL A 470 29.74 0.27 54.48
C VAL A 470 29.99 1.69 54.98
N LEU A 471 29.08 2.60 54.65
CA LEU A 471 29.19 3.98 55.11
C LEU A 471 29.08 4.09 56.64
N GLU A 472 28.29 3.23 57.27
CA GLU A 472 28.21 3.22 58.73
C GLU A 472 29.52 2.79 59.38
N GLY A 473 30.34 2.01 58.68
CA GLY A 473 31.65 1.64 59.18
C GLY A 473 32.68 2.72 58.93
N LYS A 474 33.84 2.55 59.55
CA LYS A 474 34.93 3.51 59.45
C LYS A 474 36.23 2.79 59.15
N GLY A 475 37.16 3.53 58.56
CA GLY A 475 38.47 2.96 58.26
C GLY A 475 38.40 1.97 57.11
N ASN A 476 39.13 0.87 57.26
CA ASN A 476 39.21 -0.15 56.21
C ASN A 476 37.97 -1.04 56.16
N TYR A 477 37.03 -0.86 57.08
CA TYR A 477 35.81 -1.66 57.08
C TYR A 477 35.07 -1.52 55.76
N GLY A 478 34.62 -2.64 55.21
CA GLY A 478 33.94 -2.63 53.93
C GLY A 478 33.30 -3.98 53.64
N TYR A 479 32.80 -4.11 52.42
CA TYR A 479 32.11 -5.31 51.99
C TYR A 479 32.99 -6.10 51.03
N ASN A 480 33.05 -7.42 51.23
CA ASN A 480 33.84 -8.32 50.40
C ASN A 480 32.85 -9.15 49.58
N ALA A 481 32.76 -8.85 48.28
CA ALA A 481 31.84 -9.56 47.41
C ALA A 481 32.24 -11.01 47.20
N ALA A 482 33.51 -11.35 47.42
CA ALA A 482 33.94 -12.73 47.21
C ALA A 482 33.27 -13.68 48.19
N THR A 483 33.14 -13.26 49.46
CA THR A 483 32.52 -14.09 50.48
C THR A 483 31.23 -13.52 51.06
N GLY A 484 30.92 -12.26 50.78
CA GLY A 484 29.72 -11.64 51.32
C GLY A 484 29.84 -11.14 52.75
N GLU A 485 31.03 -11.15 53.33
CA GLU A 485 31.22 -10.75 54.71
C GLU A 485 31.63 -9.28 54.81
N PHE A 486 31.50 -8.73 56.01
CA PHE A 486 31.90 -7.37 56.31
C PHE A 486 33.08 -7.37 57.27
N GLY A 487 34.07 -6.55 56.97
CA GLY A 487 35.24 -6.45 57.84
C GLY A 487 36.32 -5.62 57.20
N ASP A 488 37.50 -5.68 57.80
CA ASP A 488 38.66 -4.96 57.29
C ASP A 488 39.00 -5.48 55.90
N MET A 489 38.86 -4.63 54.89
CA MET A 489 39.13 -5.05 53.52
C MET A 489 40.59 -5.41 53.31
N ILE A 490 41.50 -4.70 53.98
CA ILE A 490 42.92 -4.98 53.84
C ILE A 490 43.26 -6.35 54.44
N GLU A 491 42.62 -6.70 55.56
CA GLU A 491 42.96 -7.95 56.24
C GLU A 491 42.57 -9.17 55.41
N MET A 492 41.53 -9.07 54.58
CA MET A 492 41.19 -10.17 53.70
C MET A 492 41.94 -10.13 52.38
N GLY A 493 42.87 -9.19 52.21
CA GLY A 493 43.63 -9.11 50.97
C GLY A 493 42.83 -8.72 49.76
N VAL A 494 41.93 -7.76 49.90
CA VAL A 494 41.21 -7.17 48.77
C VAL A 494 41.70 -5.73 48.64
N LEU A 495 42.61 -5.49 47.71
CA LEU A 495 43.31 -4.22 47.62
C LEU A 495 43.31 -3.69 46.19
N ASP A 496 43.39 -2.37 46.08
CA ASP A 496 43.64 -1.68 44.84
C ASP A 496 44.74 -0.64 45.06
N PRO A 497 45.71 -0.54 44.16
CA PRO A 497 46.71 0.53 44.28
C PRO A 497 46.04 1.89 44.20
N THR A 498 46.55 2.83 45.00
CA THR A 498 45.99 4.17 45.00
C THR A 498 46.06 4.81 43.62
N LYS A 499 47.10 4.49 42.85
CA LYS A 499 47.21 4.99 41.49
C LYS A 499 46.04 4.56 40.63
N VAL A 500 45.61 3.30 40.76
CA VAL A 500 44.52 2.79 39.94
C VAL A 500 43.24 3.58 40.18
N THR A 501 42.84 3.70 41.45
CA THR A 501 41.60 4.41 41.77
C THR A 501 41.70 5.88 41.42
N ARG A 502 42.83 6.52 41.74
CA ARG A 502 42.98 7.94 41.44
C ARG A 502 42.91 8.19 39.94
N SER A 503 43.62 7.40 39.14
CA SER A 503 43.60 7.59 37.70
C SER A 503 42.22 7.31 37.11
N ALA A 504 41.56 6.26 37.60
CA ALA A 504 40.21 5.97 37.11
C ALA A 504 39.28 7.13 37.38
N LEU A 505 39.29 7.65 38.61
CA LEU A 505 38.42 8.76 38.96
C LEU A 505 38.72 9.99 38.12
N GLN A 506 40.00 10.34 37.99
CA GLN A 506 40.36 11.55 37.27
C GLN A 506 40.02 11.44 35.78
N ASN A 507 40.30 10.31 35.15
CA ASN A 507 39.98 10.15 33.73
C ASN A 507 38.47 10.10 33.50
N ALA A 508 37.73 9.45 34.39
CA ALA A 508 36.28 9.47 34.28
C ALA A 508 35.74 10.89 34.41
N ALA A 509 36.29 11.67 35.34
CA ALA A 509 35.87 13.06 35.49
C ALA A 509 36.19 13.86 34.24
N SER A 510 37.36 13.65 33.66
CA SER A 510 37.74 14.39 32.46
C SER A 510 36.80 14.08 31.31
N VAL A 511 36.55 12.80 31.04
CA VAL A 511 35.68 12.45 29.92
C VAL A 511 34.25 12.90 30.19
N ALA A 512 33.81 12.83 31.45
CA ALA A 512 32.47 13.30 31.78
C ALA A 512 32.34 14.81 31.57
N GLY A 513 33.36 15.57 31.94
CA GLY A 513 33.34 17.00 31.65
C GLY A 513 33.31 17.27 30.16
N LEU A 514 34.11 16.53 29.38
CA LEU A 514 34.12 16.75 27.94
C LEU A 514 32.77 16.46 27.31
N MET A 515 32.09 15.39 27.74
CA MET A 515 30.79 15.08 27.14
C MET A 515 29.63 15.75 27.86
N LEU A 516 29.89 16.52 28.92
CA LEU A 516 28.84 17.38 29.47
C LEU A 516 28.89 18.76 28.85
N THR A 517 30.09 19.29 28.60
CA THR A 517 30.23 20.58 27.96
C THR A 517 30.29 20.49 26.44
N THR A 518 29.71 19.44 25.86
CA THR A 518 29.69 19.28 24.41
C THR A 518 28.37 19.81 23.86
N GLU A 519 28.46 20.72 22.89
CA GLU A 519 27.28 21.32 22.28
C GLU A 519 27.11 20.98 20.81
N CYS A 520 28.17 20.54 20.14
CA CYS A 520 28.10 20.22 18.73
C CYS A 520 28.78 18.87 18.48
N MET A 521 28.30 18.18 17.45
CA MET A 521 28.76 16.84 17.13
C MET A 521 28.74 16.65 15.62
N ILE A 522 29.90 16.33 15.05
CA ILE A 522 30.06 16.22 13.61
C ILE A 522 30.47 14.79 13.27
N ALA A 523 29.73 14.17 12.36
CA ALA A 523 30.01 12.81 11.94
C ALA A 523 29.69 12.67 10.46
N GLU A 524 30.23 11.61 9.86
CA GLU A 524 29.99 11.34 8.45
C GLU A 524 28.52 11.06 8.20
N ALA A 525 28.00 11.61 7.11
CA ALA A 525 26.61 11.37 6.75
C ALA A 525 26.43 9.92 6.28
N PRO A 526 25.24 9.33 6.50
CA PRO A 526 24.95 7.96 6.08
C PRO A 526 25.13 7.75 4.57
N ALA B 1 34.01 -4.27 12.37
CA ALA B 1 32.67 -4.00 11.85
C ALA B 1 31.70 -3.67 12.97
N ALA B 2 30.48 -3.29 12.60
CA ALA B 2 29.49 -2.89 13.59
C ALA B 2 29.13 -4.05 14.51
N LYS B 3 29.03 -3.77 15.80
CA LYS B 3 28.66 -4.77 16.79
C LYS B 3 27.23 -4.54 17.28
N GLU B 4 26.56 -5.63 17.62
CA GLU B 4 25.24 -5.60 18.22
C GLU B 4 25.29 -6.27 19.59
N VAL B 5 24.75 -5.60 20.60
CA VAL B 5 24.88 -6.03 21.97
C VAL B 5 23.50 -6.31 22.55
N LYS B 6 23.37 -7.45 23.22
CA LYS B 6 22.13 -7.85 23.88
C LYS B 6 22.42 -8.11 25.35
N PHE B 7 21.51 -7.66 26.21
CA PHE B 7 21.72 -7.71 27.65
C PHE B 7 20.67 -8.59 28.31
N HIS B 8 21.07 -9.20 29.43
CA HIS B 8 20.15 -9.91 30.31
C HIS B 8 19.35 -10.99 29.60
N ASP B 9 18.04 -11.04 29.88
CA ASP B 9 17.17 -12.04 29.30
C ASP B 9 17.13 -11.97 27.78
N SER B 10 17.25 -10.77 27.20
CA SER B 10 17.22 -10.64 25.75
C SER B 10 18.37 -11.36 25.08
N ALA B 11 19.41 -11.72 25.83
CA ALA B 11 20.54 -12.47 25.31
C ALA B 11 20.52 -13.93 25.81
N ARG B 12 20.10 -14.11 27.06
CA ARG B 12 20.00 -15.47 27.59
C ARG B 12 18.98 -16.29 26.80
N GLU B 13 17.88 -15.67 26.37
CA GLU B 13 16.89 -16.39 25.59
C GLU B 13 17.42 -16.76 24.21
N ARG B 14 18.29 -15.94 23.61
CA ARG B 14 18.90 -16.34 22.34
C ARG B 14 19.88 -17.49 22.53
N LEU B 15 20.66 -17.44 23.62
CA LEU B 15 21.52 -18.58 23.95
C LEU B 15 20.69 -19.85 24.10
N VAL B 16 19.56 -19.74 24.79
CA VAL B 16 18.71 -20.90 25.05
C VAL B 16 18.08 -21.40 23.76
N ALA B 17 17.66 -20.50 22.89
CA ALA B 17 17.14 -20.92 21.59
C ALA B 17 18.19 -21.68 20.80
N GLY B 18 19.42 -21.18 20.77
CA GLY B 18 20.48 -21.87 20.07
C GLY B 18 20.77 -23.25 20.61
N VAL B 19 20.94 -23.35 21.94
CA VAL B 19 21.26 -24.66 22.52
C VAL B 19 20.09 -25.61 22.39
N ASN B 20 18.86 -25.11 22.52
CA ASN B 20 17.69 -25.97 22.37
C ASN B 20 17.58 -26.50 20.96
N LEU B 21 17.84 -25.65 19.96
CA LEU B 21 17.72 -26.11 18.58
C LEU B 21 18.86 -27.05 18.21
N LEU B 22 20.04 -26.87 18.79
CA LEU B 22 21.12 -27.84 18.58
C LEU B 22 20.77 -29.19 19.22
N ALA B 23 20.30 -29.15 20.48
CA ALA B 23 20.04 -30.39 21.21
C ALA B 23 18.83 -31.13 20.66
N ASN B 24 17.82 -30.42 20.17
CA ASN B 24 16.67 -31.09 19.59
C ASN B 24 17.05 -31.90 18.35
N ALA B 25 18.08 -31.47 17.62
CA ALA B 25 18.57 -32.26 16.50
C ALA B 25 19.48 -33.38 16.98
N VAL B 26 20.34 -33.10 17.96
CA VAL B 26 21.32 -34.09 18.39
C VAL B 26 20.64 -35.26 19.11
N LYS B 27 19.68 -34.96 19.99
CA LYS B 27 19.09 -35.96 20.87
C LYS B 27 18.27 -37.01 20.13
N THR B 28 17.85 -36.73 18.89
CA THR B 28 17.10 -37.75 18.15
C THR B 28 17.97 -38.94 17.79
N THR B 29 19.29 -38.79 17.85
CA THR B 29 20.21 -39.89 17.57
C THR B 29 20.77 -40.53 18.82
N LEU B 30 20.07 -40.45 19.94
CA LEU B 30 20.54 -40.97 21.21
C LEU B 30 19.78 -42.24 21.56
N GLY B 31 20.52 -43.26 22.01
CA GLY B 31 19.93 -44.52 22.39
C GLY B 31 20.07 -45.57 21.31
N PRO B 32 19.88 -46.84 21.69
CA PRO B 32 19.95 -47.92 20.69
C PRO B 32 18.94 -47.77 19.58
N LYS B 33 17.78 -47.18 19.85
CA LYS B 33 16.75 -46.96 18.85
C LYS B 33 16.70 -45.50 18.40
N GLY B 34 17.86 -44.87 18.32
CA GLY B 34 17.90 -43.47 17.90
C GLY B 34 17.40 -43.30 16.47
N ARG B 35 16.66 -42.22 16.25
CA ARG B 35 16.08 -41.97 14.94
C ARG B 35 17.15 -41.52 13.96
N ASN B 36 16.76 -41.41 12.69
CA ASN B 36 17.67 -40.94 11.65
C ASN B 36 17.61 -39.43 11.52
N VAL B 37 18.73 -38.85 11.11
CA VAL B 37 18.82 -37.43 10.79
C VAL B 37 19.38 -37.30 9.38
N VAL B 38 18.65 -36.62 8.51
CA VAL B 38 19.03 -36.46 7.11
C VAL B 38 19.73 -35.12 6.96
N ILE B 39 20.94 -35.15 6.42
CA ILE B 39 21.77 -33.97 6.29
C ILE B 39 22.06 -33.74 4.82
N GLU B 40 21.87 -32.50 4.36
CA GLU B 40 22.13 -32.17 2.97
C GLU B 40 23.62 -32.27 2.66
N ARG B 41 23.94 -32.79 1.49
CA ARG B 41 25.29 -32.77 0.95
C ARG B 41 25.33 -31.80 -0.21
N SER B 42 26.47 -31.15 -0.42
CA SER B 42 26.58 -30.14 -1.47
C SER B 42 26.20 -30.70 -2.83
N PHE B 43 26.67 -31.90 -3.15
CA PHE B 43 26.28 -32.59 -4.38
C PHE B 43 26.02 -34.06 -4.06
N GLY B 44 25.14 -34.67 -4.85
CA GLY B 44 24.79 -36.06 -4.64
C GLY B 44 23.64 -36.22 -3.65
N ALA B 45 23.42 -37.47 -3.26
CA ALA B 45 22.31 -37.80 -2.39
C ALA B 45 22.58 -37.34 -0.96
N PRO B 46 21.55 -36.95 -0.22
CA PRO B 46 21.72 -36.55 1.18
C PRO B 46 22.24 -37.71 2.02
N ILE B 47 23.06 -37.38 3.02
CA ILE B 47 23.59 -38.36 3.93
C ILE B 47 22.66 -38.49 5.13
N VAL B 48 22.31 -39.72 5.48
CA VAL B 48 21.49 -40.01 6.66
C VAL B 48 22.38 -40.61 7.74
N THR B 49 22.27 -40.07 8.95
CA THR B 49 23.10 -40.50 10.06
C THR B 49 22.24 -40.63 11.31
N LYS B 50 22.67 -41.50 12.22
CA LYS B 50 22.02 -41.69 13.51
C LYS B 50 23.05 -41.63 14.63
N ASP B 51 24.05 -40.77 14.47
CA ASP B 51 25.06 -40.51 15.48
C ASP B 51 25.11 -39.02 15.76
N GLY B 52 25.31 -38.68 17.04
CA GLY B 52 25.29 -37.28 17.44
C GLY B 52 26.48 -36.48 16.95
N VAL B 53 27.63 -37.13 16.74
CA VAL B 53 28.84 -36.41 16.38
C VAL B 53 28.67 -35.71 15.03
N THR B 54 28.14 -36.43 14.04
CA THR B 54 27.98 -35.85 12.71
C THR B 54 26.85 -34.82 12.68
N VAL B 55 25.75 -35.09 13.38
CA VAL B 55 24.63 -34.15 13.38
C VAL B 55 25.04 -32.83 14.05
N ALA B 56 25.75 -32.91 15.17
CA ALA B 56 26.18 -31.70 15.85
C ALA B 56 27.15 -30.90 14.99
N LYS B 57 28.08 -31.59 14.32
CA LYS B 57 29.11 -30.90 13.54
C LYS B 57 28.52 -30.06 12.42
N GLU B 58 27.35 -30.46 11.91
CA GLU B 58 26.74 -29.77 10.79
C GLU B 58 25.87 -28.60 11.20
N ILE B 59 25.62 -28.42 12.50
CA ILE B 59 24.67 -27.42 12.95
C ILE B 59 25.36 -26.07 13.03
N GLU B 60 24.91 -25.12 12.20
CA GLU B 60 25.36 -23.73 12.24
C GLU B 60 24.15 -22.85 11.96
N LEU B 61 23.62 -22.22 13.01
CA LEU B 61 22.39 -21.46 12.88
C LEU B 61 22.60 -20.16 12.11
N LYS B 62 21.49 -19.56 11.69
CA LYS B 62 21.53 -18.32 10.93
C LYS B 62 21.75 -17.12 11.85
N ASP B 63 20.88 -16.96 12.85
CA ASP B 63 21.02 -15.86 13.80
C ASP B 63 22.31 -16.04 14.59
N LYS B 64 23.10 -14.97 14.67
CA LYS B 64 24.40 -15.06 15.33
C LYS B 64 24.25 -15.33 16.82
N PHE B 65 23.27 -14.71 17.47
CA PHE B 65 23.11 -14.85 18.91
C PHE B 65 22.67 -16.25 19.33
N GLU B 66 22.01 -16.99 18.44
CA GLU B 66 21.67 -18.39 18.73
C GLU B 66 22.85 -19.30 18.41
N ASN B 67 23.52 -19.03 17.30
CA ASN B 67 24.73 -19.76 16.96
C ASN B 67 25.77 -19.62 18.05
N MET B 68 25.68 -18.54 18.84
CA MET B 68 26.56 -18.38 19.99
C MET B 68 26.51 -19.60 20.91
N GLY B 69 25.34 -19.85 21.50
CA GLY B 69 25.19 -21.00 22.38
C GLY B 69 25.34 -22.31 21.63
N ALA B 70 24.90 -22.37 20.38
CA ALA B 70 25.06 -23.58 19.59
C ALA B 70 26.52 -23.99 19.51
N GLN B 71 27.40 -23.06 19.14
CA GLN B 71 28.82 -23.37 19.00
C GLN B 71 29.49 -23.61 20.34
N MET B 72 29.09 -22.88 21.39
CA MET B 72 29.72 -23.12 22.69
C MET B 72 29.38 -24.50 23.23
N VAL B 73 28.11 -24.90 23.15
CA VAL B 73 27.71 -26.23 23.58
C VAL B 73 28.35 -27.29 22.69
N LYS B 74 28.47 -27.02 21.39
CA LYS B 74 29.17 -27.94 20.50
C LYS B 74 30.63 -28.10 20.89
N GLU B 75 31.28 -27.00 21.28
CA GLU B 75 32.68 -27.06 21.68
C GLU B 75 32.85 -27.89 22.94
N VAL B 76 31.98 -27.68 23.93
CA VAL B 76 32.11 -28.48 25.16
C VAL B 76 31.78 -29.94 24.89
N ALA B 77 30.82 -30.21 24.00
CA ALA B 77 30.53 -31.59 23.64
C ALA B 77 31.71 -32.25 22.94
N SER B 78 32.38 -31.52 22.05
CA SER B 78 33.56 -32.06 21.39
C SER B 78 34.70 -32.28 22.37
N LYS B 79 34.85 -31.40 23.36
CA LYS B 79 35.83 -31.61 24.41
C LYS B 79 35.52 -32.85 25.23
N THR B 80 34.24 -33.13 25.48
CA THR B 80 33.87 -34.39 26.11
C THR B 80 34.23 -35.58 25.22
N ALA B 81 33.95 -35.47 23.91
CA ALA B 81 34.09 -36.60 23.02
C ALA B 81 35.55 -36.97 22.79
N ASP B 82 36.41 -35.98 22.54
CA ASP B 82 37.79 -36.27 22.16
C ASP B 82 38.60 -36.90 23.28
N VAL B 83 38.16 -36.74 24.53
CA VAL B 83 38.87 -37.31 25.67
C VAL B 83 38.28 -38.62 26.16
N ALA B 84 37.12 -39.02 25.65
CA ALA B 84 36.46 -40.23 26.11
C ALA B 84 36.03 -41.12 24.95
N GLY B 85 35.96 -40.55 23.75
CA GLY B 85 35.56 -41.28 22.57
C GLY B 85 34.06 -41.41 22.37
N ASP B 86 33.26 -40.91 23.30
CA ASP B 86 31.80 -40.98 23.20
C ASP B 86 31.21 -40.04 24.23
N GLY B 87 29.89 -39.86 24.17
CA GLY B 87 29.17 -39.05 25.13
C GLY B 87 28.87 -37.64 24.68
N THR B 88 29.36 -37.22 23.51
CA THR B 88 29.03 -35.88 23.02
C THR B 88 27.53 -35.72 22.80
N THR B 89 26.83 -36.81 22.49
CA THR B 89 25.37 -36.76 22.46
C THR B 89 24.80 -36.59 23.86
N THR B 90 25.35 -37.32 24.83
CA THR B 90 24.90 -37.20 26.21
C THR B 90 25.21 -35.82 26.78
N ALA B 91 26.39 -35.30 26.48
CA ALA B 91 26.79 -34.00 27.03
C ALA B 91 25.86 -32.89 26.55
N THR B 92 25.51 -32.90 25.26
CA THR B 92 24.61 -31.89 24.73
C THR B 92 23.23 -31.98 25.37
N VAL B 93 22.73 -33.21 25.54
CA VAL B 93 21.42 -33.39 26.15
C VAL B 93 21.42 -32.91 27.59
N LEU B 94 22.47 -33.26 28.35
CA LEU B 94 22.56 -32.81 29.73
C LEU B 94 22.67 -31.29 29.82
N ALA B 95 23.46 -30.68 28.93
CA ALA B 95 23.56 -29.23 28.91
C ALA B 95 22.22 -28.57 28.61
N GLN B 96 21.48 -29.12 27.63
CA GLN B 96 20.15 -28.58 27.33
C GLN B 96 19.23 -28.69 28.54
N ALA B 97 19.24 -29.85 29.21
CA ALA B 97 18.38 -30.02 30.38
C ALA B 97 18.73 -29.02 31.48
N ILE B 98 20.03 -28.91 31.80
CA ILE B 98 20.44 -28.02 32.88
C ILE B 98 20.09 -26.57 32.54
N VAL B 99 20.35 -26.15 31.31
CA VAL B 99 20.09 -24.76 30.94
C VAL B 99 18.60 -24.47 30.90
N ARG B 100 17.81 -25.41 30.38
CA ARG B 100 16.36 -25.21 30.31
C ARG B 100 15.76 -25.12 31.70
N GLU B 101 16.26 -25.91 32.65
CA GLU B 101 15.77 -25.80 34.02
C GLU B 101 16.29 -24.53 34.69
N GLY B 102 17.55 -24.17 34.42
CA GLY B 102 18.12 -23.00 35.05
C GLY B 102 17.47 -21.70 34.62
N MET B 103 17.01 -21.63 33.36
CA MET B 103 16.33 -20.43 32.91
C MET B 103 15.02 -20.20 33.66
N LYS B 104 14.34 -21.28 34.04
CA LYS B 104 13.12 -21.14 34.81
C LYS B 104 13.39 -20.43 36.14
N TYR B 105 14.48 -20.80 36.80
CA TYR B 105 14.82 -20.14 38.07
C TYR B 105 15.39 -18.75 37.86
N VAL B 106 16.19 -18.55 36.82
CA VAL B 106 16.76 -17.22 36.56
C VAL B 106 15.65 -16.22 36.26
N ALA B 107 14.64 -16.63 35.49
CA ALA B 107 13.49 -15.77 35.26
C ALA B 107 12.70 -15.53 36.54
N ALA B 108 12.83 -16.43 37.52
CA ALA B 108 12.15 -16.24 38.80
C ALA B 108 12.89 -15.28 39.73
N GLY B 109 13.83 -14.50 39.20
CA GLY B 109 14.59 -13.58 40.04
C GLY B 109 15.62 -14.26 40.90
N MET B 110 15.88 -15.53 40.67
CA MET B 110 16.76 -16.32 41.53
C MET B 110 18.21 -16.08 41.12
N ASN B 111 19.09 -16.13 42.12
CA ASN B 111 20.45 -15.61 41.94
C ASN B 111 21.29 -16.51 41.03
N PRO B 112 21.78 -16.01 39.89
CA PRO B 112 22.53 -16.89 38.97
C PRO B 112 23.83 -17.43 39.55
N MET B 113 24.59 -16.62 40.29
CA MET B 113 25.86 -17.11 40.82
C MET B 113 25.66 -18.24 41.81
N ASP B 114 24.68 -18.11 42.69
CA ASP B 114 24.36 -19.20 43.61
C ASP B 114 23.79 -20.41 42.90
N LEU B 115 23.05 -20.20 41.80
CA LEU B 115 22.61 -21.34 40.99
C LEU B 115 23.80 -22.09 40.42
N LYS B 116 24.79 -21.35 39.91
CA LYS B 116 25.99 -21.99 39.38
C LYS B 116 26.74 -22.74 40.47
N ARG B 117 26.86 -22.14 41.65
CA ARG B 117 27.53 -22.82 42.76
C ARG B 117 26.79 -24.08 43.19
N GLY B 118 25.45 -24.04 43.26
CA GLY B 118 24.70 -25.23 43.59
C GLY B 118 24.83 -26.32 42.54
N ILE B 119 24.83 -25.92 41.26
CA ILE B 119 25.04 -26.87 40.18
C ILE B 119 26.39 -27.54 40.31
N ASP B 120 27.42 -26.74 40.60
CA ASP B 120 28.77 -27.30 40.79
C ASP B 120 28.81 -28.24 41.97
N LYS B 121 28.15 -27.90 43.08
CA LYS B 121 28.13 -28.77 44.25
C LYS B 121 27.45 -30.10 43.92
N ALA B 122 26.31 -30.04 43.24
CA ALA B 122 25.58 -31.25 42.89
C ALA B 122 26.38 -32.12 41.93
N VAL B 123 27.03 -31.49 40.96
CA VAL B 123 27.83 -32.24 40.00
C VAL B 123 29.02 -32.89 40.68
N THR B 124 29.66 -32.17 41.61
CA THR B 124 30.77 -32.75 42.35
C THR B 124 30.30 -33.95 43.17
N ALA B 125 29.15 -33.84 43.84
CA ALA B 125 28.64 -34.96 44.61
C ALA B 125 28.30 -36.16 43.73
N ILE B 126 27.66 -35.91 42.58
CA ILE B 126 27.27 -37.00 41.69
C ILE B 126 28.51 -37.67 41.11
N VAL B 127 29.51 -36.88 40.72
CA VAL B 127 30.76 -37.44 40.20
C VAL B 127 31.46 -38.26 41.26
N GLU B 128 31.49 -37.77 42.51
CA GLU B 128 32.08 -38.54 43.59
C GLU B 128 31.35 -39.85 43.81
N GLU B 129 30.02 -39.85 43.67
CA GLU B 129 29.28 -41.10 43.76
C GLU B 129 29.54 -42.04 42.60
N LEU B 130 29.80 -41.49 41.41
CA LEU B 130 30.09 -42.33 40.25
C LEU B 130 31.37 -43.14 40.47
N LYS B 131 32.31 -42.60 41.24
CA LYS B 131 33.52 -43.33 41.54
C LYS B 131 33.26 -44.57 42.40
N ALA B 132 32.10 -44.64 43.05
CA ALA B 132 31.73 -45.81 43.85
C ALA B 132 30.83 -46.77 43.09
N ILE B 133 29.94 -46.27 42.25
CA ILE B 133 29.08 -47.15 41.46
C ILE B 133 29.88 -47.88 40.40
N SER B 134 30.95 -47.26 39.90
CA SER B 134 31.68 -47.80 38.76
C SER B 134 32.36 -49.12 39.11
N LYS B 135 32.13 -50.12 38.27
CA LYS B 135 32.82 -51.40 38.42
C LYS B 135 34.19 -51.31 37.73
N PRO B 136 35.28 -51.55 38.45
CA PRO B 136 36.60 -51.50 37.82
C PRO B 136 36.80 -52.65 36.85
N CYS B 137 37.64 -52.41 35.84
CA CYS B 137 37.97 -53.42 34.85
C CYS B 137 39.47 -53.37 34.59
N SER B 138 40.20 -54.31 35.19
CA SER B 138 41.64 -54.39 35.00
C SER B 138 42.15 -55.77 34.57
N THR B 139 41.42 -56.85 34.84
CA THR B 139 41.84 -58.16 34.40
C THR B 139 41.75 -58.26 32.88
N THR B 140 42.60 -59.12 32.31
CA THR B 140 42.58 -59.33 30.86
C THR B 140 41.21 -59.82 30.40
N LYS B 141 40.59 -60.69 31.18
CA LYS B 141 39.23 -61.14 30.85
C LYS B 141 38.26 -59.96 30.85
N GLU B 142 38.35 -59.08 31.85
CA GLU B 142 37.48 -57.91 31.89
C GLU B 142 37.73 -56.99 30.70
N ILE B 143 39.01 -56.78 30.36
CA ILE B 143 39.34 -55.94 29.21
C ILE B 143 38.76 -56.52 27.93
N ALA B 144 38.90 -57.83 27.74
CA ALA B 144 38.34 -58.48 26.55
C ALA B 144 36.82 -58.37 26.52
N GLN B 145 36.18 -58.54 27.68
CA GLN B 145 34.72 -58.42 27.74
C GLN B 145 34.27 -57.02 27.37
N VAL B 146 34.94 -56.00 27.90
CA VAL B 146 34.58 -54.62 27.58
C VAL B 146 34.80 -54.33 26.11
N GLY B 147 35.92 -54.81 25.56
CA GLY B 147 36.17 -54.60 24.14
C GLY B 147 35.13 -55.28 23.27
N THR B 148 34.76 -56.51 23.61
CA THR B 148 33.74 -57.22 22.84
C THR B 148 32.40 -56.51 22.92
N ILE B 149 32.03 -56.03 24.11
CA ILE B 149 30.78 -55.30 24.27
C ILE B 149 30.78 -54.02 23.46
N SER B 150 31.89 -53.28 23.49
CA SER B 150 31.98 -52.04 22.73
C SER B 150 32.01 -52.31 21.22
N ALA B 151 32.48 -53.47 20.81
CA ALA B 151 32.58 -53.81 19.39
C ALA B 151 31.37 -54.61 18.88
N ASN B 152 30.23 -54.51 19.56
CA ASN B 152 29.00 -55.19 19.15
C ASN B 152 29.20 -56.70 19.09
N ALA B 153 29.57 -57.27 20.24
CA ALA B 153 29.67 -58.72 20.44
C ALA B 153 30.68 -59.38 19.51
N ASP B 154 31.72 -58.66 19.09
CA ASP B 154 32.77 -59.25 18.27
C ASP B 154 33.91 -59.67 19.21
N SER B 155 33.95 -60.96 19.54
CA SER B 155 34.93 -61.46 20.51
C SER B 155 36.36 -61.34 20.02
N SER B 156 36.58 -61.44 18.70
CA SER B 156 37.95 -61.32 18.18
C SER B 156 38.52 -59.93 18.45
N ILE B 157 37.71 -58.89 18.26
CA ILE B 157 38.17 -57.53 18.53
C ILE B 157 38.54 -57.37 19.99
N GLY B 158 37.71 -57.88 20.90
CA GLY B 158 38.02 -57.77 22.32
C GLY B 158 39.28 -58.54 22.70
N GLU B 159 39.45 -59.74 22.13
CA GLU B 159 40.64 -60.52 22.40
C GLU B 159 41.90 -59.80 21.92
N ILE B 160 41.82 -59.21 20.71
CA ILE B 160 42.97 -58.47 20.18
C ILE B 160 43.27 -57.26 21.04
N ILE B 161 42.24 -56.55 21.48
CA ILE B 161 42.44 -55.37 22.33
C ILE B 161 43.10 -55.79 23.64
N ALA B 162 42.63 -56.88 24.24
CA ALA B 162 43.22 -57.35 25.48
C ALA B 162 44.67 -57.76 25.30
N GLN B 163 44.98 -58.47 24.21
CA GLN B 163 46.35 -58.89 23.95
C GLN B 163 47.25 -57.70 23.65
N ALA B 164 46.72 -56.62 23.08
CA ALA B 164 47.52 -55.42 22.86
C ALA B 164 47.74 -54.67 24.17
N MET B 165 46.73 -54.63 25.03
CA MET B 165 46.83 -53.85 26.26
C MET B 165 47.70 -54.54 27.30
N ASP B 166 47.60 -55.86 27.43
CA ASP B 166 48.23 -56.56 28.55
C ASP B 166 49.74 -56.72 28.41
N LYS B 167 50.29 -56.55 27.20
CA LYS B 167 51.73 -56.68 27.00
C LYS B 167 52.41 -55.37 26.67
N VAL B 168 51.68 -54.34 26.22
CA VAL B 168 52.24 -53.03 25.99
C VAL B 168 51.94 -52.08 27.14
N GLY B 169 50.96 -52.40 27.97
CA GLY B 169 50.61 -51.54 29.09
C GLY B 169 49.27 -50.85 28.89
N LYS B 170 48.53 -50.75 30.00
CA LYS B 170 47.24 -50.07 29.95
C LYS B 170 47.38 -48.60 29.59
N GLU B 171 48.56 -48.02 29.84
CA GLU B 171 48.88 -46.68 29.41
C GLU B 171 49.66 -46.63 28.11
N GLY B 172 49.87 -47.78 27.46
CA GLY B 172 50.66 -47.83 26.26
C GLY B 172 49.94 -47.29 25.04
N VAL B 173 50.68 -47.18 23.94
CA VAL B 173 50.15 -46.64 22.69
C VAL B 173 49.73 -47.81 21.80
N ILE B 174 48.48 -47.76 21.32
CA ILE B 174 47.94 -48.78 20.43
C ILE B 174 47.32 -48.10 19.22
N THR B 175 47.68 -48.58 18.03
CA THR B 175 47.15 -48.05 16.78
C THR B 175 46.60 -49.20 15.96
N VAL B 176 45.81 -48.85 14.95
CA VAL B 176 45.12 -49.82 14.10
C VAL B 176 45.60 -49.64 12.67
N GLU B 177 46.01 -50.74 12.04
CA GLU B 177 46.43 -50.75 10.65
C GLU B 177 45.74 -51.91 9.94
N ASP B 178 45.52 -51.74 8.64
CA ASP B 178 44.84 -52.78 7.87
C ASP B 178 45.71 -54.03 7.78
N GLY B 179 45.11 -55.18 8.08
CA GLY B 179 45.82 -56.43 8.10
C GLY B 179 45.98 -57.04 6.72
N LYS B 180 46.76 -58.13 6.68
CA LYS B 180 47.04 -58.85 5.44
C LYS B 180 46.35 -60.20 5.39
N SER B 181 45.36 -60.43 6.25
CA SER B 181 44.71 -61.73 6.31
C SER B 181 43.29 -61.56 6.84
N LEU B 182 42.60 -62.70 6.98
CA LEU B 182 41.25 -62.68 7.53
C LEU B 182 41.25 -62.51 9.05
N GLU B 183 42.25 -63.04 9.73
CA GLU B 183 42.32 -63.01 11.19
C GLU B 183 43.11 -61.80 11.64
N ASN B 184 42.61 -61.13 12.68
CA ASN B 184 43.29 -59.96 13.22
C ASN B 184 44.62 -60.35 13.82
N GLU B 185 45.60 -59.46 13.69
CA GLU B 185 46.94 -59.70 14.18
C GLU B 185 47.45 -58.45 14.89
N LEU B 186 48.44 -58.63 15.75
CA LEU B 186 49.01 -57.52 16.49
C LEU B 186 50.51 -57.69 16.57
N GLU B 187 51.21 -56.57 16.72
CA GLU B 187 52.66 -56.57 16.81
C GLU B 187 53.12 -55.32 17.53
N VAL B 188 54.36 -55.36 18.01
CA VAL B 188 54.99 -54.24 18.70
C VAL B 188 56.15 -53.75 17.84
N VAL B 189 56.13 -52.46 17.52
CA VAL B 189 57.18 -51.84 16.72
C VAL B 189 57.74 -50.65 17.49
N GLU B 190 58.96 -50.25 17.12
CA GLU B 190 59.59 -49.12 17.78
C GLU B 190 58.86 -47.83 17.41
N GLY B 191 58.43 -47.07 18.41
CA GLY B 191 57.70 -45.85 18.17
C GLY B 191 57.34 -45.18 19.47
N MET B 192 56.74 -44.00 19.34
CA MET B 192 56.37 -43.21 20.50
C MET B 192 55.25 -42.25 20.11
N GLN B 193 54.53 -41.79 21.12
CA GLN B 193 53.46 -40.81 20.93
C GLN B 193 53.69 -39.64 21.87
N PHE B 194 53.56 -38.43 21.33
CA PHE B 194 53.75 -37.21 22.10
C PHE B 194 52.55 -36.29 21.89
N ASP B 195 52.27 -35.46 22.89
CA ASP B 195 51.07 -34.65 22.90
C ASP B 195 51.22 -33.38 22.06
N ARG B 196 51.44 -33.55 20.75
CA ARG B 196 51.52 -32.42 19.83
C ARG B 196 50.67 -32.75 18.60
N GLY B 197 49.78 -31.82 18.24
CA GLY B 197 48.91 -32.00 17.10
C GLY B 197 49.35 -31.20 15.89
N TYR B 198 48.59 -31.35 14.80
CA TYR B 198 48.87 -30.58 13.59
C TYR B 198 48.59 -29.10 13.85
N LEU B 199 49.40 -28.25 13.23
CA LEU B 199 49.31 -26.81 13.46
C LEU B 199 48.28 -26.13 12.58
N SER B 200 47.61 -26.86 11.69
CA SER B 200 46.53 -26.31 10.88
C SER B 200 45.62 -27.45 10.47
N PRO B 201 44.30 -27.23 10.46
CA PRO B 201 43.38 -28.30 10.04
C PRO B 201 43.57 -28.71 8.58
N TYR B 202 44.21 -27.88 7.76
CA TYR B 202 44.44 -28.23 6.37
C TYR B 202 45.42 -29.39 6.23
N PHE B 203 46.23 -29.66 7.26
CA PHE B 203 47.17 -30.77 7.20
C PHE B 203 46.48 -32.13 7.19
N ILE B 204 45.25 -32.21 7.69
CA ILE B 204 44.57 -33.51 7.76
C ILE B 204 44.27 -34.02 6.36
N ASN B 205 44.22 -35.34 6.21
CA ASN B 205 43.91 -35.96 4.95
C ASN B 205 42.89 -37.10 5.07
N ASN B 206 42.38 -37.37 6.27
CA ASN B 206 41.39 -38.41 6.51
C ASN B 206 40.21 -37.78 7.25
N PRO B 207 39.29 -37.13 6.53
CA PRO B 207 38.15 -36.50 7.20
C PRO B 207 37.30 -37.47 8.00
N ASP B 208 37.28 -38.75 7.63
CA ASP B 208 36.55 -39.74 8.40
C ASP B 208 37.12 -39.87 9.81
N LYS B 209 38.45 -39.87 9.94
CA LYS B 209 39.09 -39.98 11.24
C LYS B 209 39.55 -38.64 11.81
N GLN B 210 39.50 -37.57 11.02
CA GLN B 210 39.91 -36.24 11.45
C GLN B 210 41.37 -36.28 11.95
N VAL B 211 42.20 -37.01 11.20
CA VAL B 211 43.62 -37.13 11.51
C VAL B 211 44.42 -36.98 10.22
N ALA B 212 45.72 -36.77 10.38
CA ALA B 212 46.65 -36.70 9.25
C ALA B 212 47.52 -37.94 9.27
N VAL B 213 47.51 -38.69 8.18
CA VAL B 213 48.25 -39.94 8.05
C VAL B 213 49.20 -39.83 6.88
N LEU B 214 50.47 -40.14 7.12
CA LEU B 214 51.49 -40.14 6.08
C LEU B 214 52.19 -41.50 6.06
N ASP B 215 52.45 -42.01 4.87
CA ASP B 215 52.99 -43.35 4.70
C ASP B 215 54.46 -43.28 4.31
N ASN B 216 55.31 -43.95 5.11
CA ASN B 216 56.75 -43.99 4.93
C ASN B 216 57.34 -42.60 4.69
N PRO B 217 57.19 -41.67 5.63
CA PRO B 217 57.63 -40.30 5.37
C PRO B 217 59.05 -40.05 5.84
N TYR B 218 59.55 -38.87 5.50
CA TYR B 218 60.78 -38.36 6.10
C TYR B 218 60.46 -37.55 7.35
N ILE B 219 61.34 -37.61 8.33
CA ILE B 219 61.18 -36.90 9.60
C ILE B 219 62.22 -35.79 9.64
N LEU B 220 61.75 -34.56 9.79
CA LEU B 220 62.62 -33.39 9.89
C LEU B 220 62.64 -32.93 11.34
N LEU B 221 63.83 -32.78 11.90
CA LEU B 221 64.01 -32.38 13.29
C LEU B 221 64.73 -31.04 13.33
N HIS B 222 64.13 -30.07 14.02
CA HIS B 222 64.72 -28.76 14.21
C HIS B 222 64.37 -28.25 15.60
N ASP B 223 65.32 -27.58 16.24
CA ASP B 223 65.13 -27.06 17.59
C ASP B 223 64.84 -25.57 17.64
N LYS B 224 64.79 -24.90 16.49
CA LYS B 224 64.57 -23.47 16.43
C LYS B 224 63.28 -23.15 15.66
N LYS B 225 62.88 -21.90 15.72
CA LYS B 225 61.70 -21.45 15.00
C LYS B 225 61.97 -21.44 13.49
N ILE B 226 60.90 -21.61 12.72
CA ILE B 226 60.96 -21.54 11.27
C ILE B 226 59.85 -20.61 10.78
N SER B 227 60.24 -19.53 10.11
CA SER B 227 59.25 -18.63 9.52
C SER B 227 59.56 -18.41 8.04
N ASN B 228 60.84 -18.36 7.69
CA ASN B 228 61.24 -18.12 6.31
C ASN B 228 61.12 -19.40 5.50
N ILE B 229 60.47 -19.31 4.35
CA ILE B 229 60.32 -20.47 3.48
C ILE B 229 61.68 -20.88 2.90
N ARG B 230 62.59 -19.91 2.74
CA ARG B 230 63.91 -20.21 2.18
C ARG B 230 64.72 -21.13 3.08
N ASP B 231 64.44 -21.11 4.39
CA ASP B 231 65.23 -21.89 5.34
C ASP B 231 65.11 -23.39 5.11
N LEU B 232 64.04 -23.86 4.47
CA LEU B 232 63.86 -25.28 4.23
C LEU B 232 63.55 -25.64 2.78
N LEU B 233 63.62 -24.70 1.85
CA LEU B 233 63.39 -25.01 0.44
C LEU B 233 64.35 -26.05 -0.13
N PRO B 234 65.67 -25.97 0.08
CA PRO B 234 66.55 -27.02 -0.45
C PRO B 234 66.28 -28.41 0.12
N VAL B 235 65.68 -28.50 1.30
CA VAL B 235 65.37 -29.80 1.88
C VAL B 235 64.05 -30.33 1.31
N LEU B 236 63.04 -29.46 1.22
CA LEU B 236 61.76 -29.88 0.66
C LEU B 236 61.91 -30.26 -0.82
N GLU B 237 62.81 -29.59 -1.55
CA GLU B 237 63.04 -29.98 -2.94
C GLU B 237 63.62 -31.38 -3.03
N GLN B 238 64.60 -31.70 -2.18
CA GLN B 238 65.15 -33.05 -2.15
C GLN B 238 64.09 -34.07 -1.79
N VAL B 239 63.24 -33.74 -0.82
CA VAL B 239 62.16 -34.65 -0.44
C VAL B 239 61.19 -34.86 -1.60
N ALA B 240 60.84 -33.78 -2.30
CA ALA B 240 59.92 -33.89 -3.43
C ALA B 240 60.49 -34.74 -4.54
N LYS B 241 61.78 -34.56 -4.87
CA LYS B 241 62.40 -35.43 -5.86
C LYS B 241 62.47 -36.86 -5.37
N ALA B 242 62.61 -37.07 -4.06
CA ALA B 242 62.52 -38.41 -3.50
C ALA B 242 61.11 -38.98 -3.60
N GLY B 243 60.09 -38.13 -3.46
CA GLY B 243 58.72 -38.55 -3.63
C GLY B 243 58.02 -39.02 -2.37
N ARG B 244 58.74 -39.20 -1.27
CA ARG B 244 58.12 -39.67 -0.04
C ARG B 244 57.58 -38.48 0.76
N PRO B 245 56.57 -38.71 1.61
CA PRO B 245 55.99 -37.61 2.39
C PRO B 245 57.00 -37.05 3.40
N LEU B 246 56.64 -35.89 3.95
CA LEU B 246 57.51 -35.17 4.87
C LEU B 246 56.76 -34.86 6.16
N LEU B 247 57.39 -35.16 7.28
CA LEU B 247 56.92 -34.72 8.59
C LEU B 247 57.99 -33.84 9.22
N ILE B 248 57.62 -32.61 9.58
CA ILE B 248 58.57 -31.62 10.08
C ILE B 248 58.30 -31.41 11.56
N ILE B 249 59.32 -31.65 12.38
CA ILE B 249 59.27 -31.41 13.81
C ILE B 249 60.18 -30.23 14.11
N ALA B 250 59.60 -29.15 14.62
CA ALA B 250 60.34 -27.93 14.91
C ALA B 250 59.75 -27.29 16.16
N GLU B 251 60.46 -26.28 16.67
CA GLU B 251 59.94 -25.52 17.80
C GLU B 251 58.63 -24.85 17.44
N ASP B 252 58.56 -24.25 16.24
CA ASP B 252 57.32 -23.70 15.71
C ASP B 252 57.56 -23.32 14.24
N VAL B 253 56.49 -23.40 13.46
CA VAL B 253 56.49 -22.94 12.09
C VAL B 253 55.32 -21.97 11.91
N GLU B 254 55.58 -20.86 11.23
CA GLU B 254 54.59 -19.79 11.12
C GLU B 254 54.92 -18.93 9.90
N GLY B 255 53.94 -18.12 9.51
CA GLY B 255 54.18 -17.15 8.45
C GLY B 255 54.20 -17.80 7.08
N GLU B 256 55.12 -17.31 6.24
CA GLU B 256 55.16 -17.75 4.84
C GLU B 256 55.49 -19.22 4.71
N ALA B 257 56.31 -19.77 5.61
CA ALA B 257 56.63 -21.18 5.55
C ALA B 257 55.39 -22.04 5.79
N LEU B 258 54.62 -21.71 6.83
CA LEU B 258 53.39 -22.45 7.10
C LEU B 258 52.38 -22.28 5.97
N ALA B 259 52.27 -21.05 5.44
CA ALA B 259 51.34 -20.81 4.34
C ALA B 259 51.74 -21.62 3.10
N THR B 260 53.03 -21.67 2.79
CA THR B 260 53.50 -22.44 1.65
C THR B 260 53.26 -23.93 1.85
N LEU B 261 53.50 -24.44 3.06
CA LEU B 261 53.23 -25.84 3.33
C LEU B 261 51.75 -26.16 3.17
N VAL B 262 50.88 -25.27 3.66
CA VAL B 262 49.44 -25.47 3.53
C VAL B 262 49.03 -25.48 2.06
N VAL B 263 49.58 -24.54 1.28
CA VAL B 263 49.24 -24.46 -0.14
C VAL B 263 49.73 -25.70 -0.87
N ASN B 264 50.93 -26.19 -0.51
CA ASN B 264 51.45 -27.39 -1.14
C ASN B 264 50.60 -28.61 -0.82
N ASN B 265 50.16 -28.73 0.44
CA ASN B 265 49.30 -29.85 0.82
C ASN B 265 47.96 -29.78 0.09
N LEU B 266 47.38 -28.59 -0.01
CA LEU B 266 46.11 -28.44 -0.72
C LEU B 266 46.25 -28.74 -2.20
N ARG B 267 47.34 -28.28 -2.81
CA ARG B 267 47.56 -28.47 -4.24
C ARG B 267 48.06 -29.86 -4.58
N GLY B 268 48.46 -30.65 -3.57
CA GLY B 268 49.07 -31.94 -3.83
C GLY B 268 50.50 -31.89 -4.29
N ILE B 269 51.15 -30.73 -4.16
CA ILE B 269 52.54 -30.61 -4.59
C ILE B 269 53.45 -31.52 -3.78
N LEU B 270 53.27 -31.53 -2.46
CA LEU B 270 54.06 -32.38 -1.58
C LEU B 270 53.25 -32.70 -0.34
N LYS B 271 53.36 -33.95 0.11
CA LYS B 271 52.65 -34.40 1.30
C LYS B 271 53.46 -34.00 2.53
N THR B 272 53.02 -32.96 3.23
CA THR B 272 53.77 -32.39 4.34
C THR B 272 52.88 -32.28 5.57
N CYS B 273 53.52 -32.33 6.73
CA CYS B 273 52.85 -32.12 8.00
C CYS B 273 53.85 -31.56 9.00
N ALA B 274 53.43 -30.53 9.73
CA ALA B 274 54.32 -29.85 10.67
C ALA B 274 53.66 -29.80 12.04
N VAL B 275 54.41 -30.22 13.05
CA VAL B 275 53.94 -30.22 14.43
C VAL B 275 55.03 -29.60 15.31
N LYS B 276 54.60 -29.03 16.44
CA LYS B 276 55.56 -28.50 17.40
C LYS B 276 56.32 -29.64 18.06
N ALA B 277 57.59 -29.39 18.38
CA ALA B 277 58.38 -30.37 19.09
C ALA B 277 57.87 -30.52 20.52
N PRO B 278 57.80 -31.75 21.04
CA PRO B 278 57.25 -31.95 22.38
C PRO B 278 58.16 -31.41 23.47
N GLY B 279 57.55 -31.01 24.58
CA GLY B 279 58.28 -30.50 25.72
C GLY B 279 58.68 -29.06 25.57
N PHE B 280 59.33 -28.54 26.61
CA PHE B 280 59.84 -27.18 26.62
C PHE B 280 61.04 -27.11 27.56
N GLY B 281 61.81 -26.03 27.42
CA GLY B 281 63.01 -25.90 28.21
C GLY B 281 64.07 -26.89 27.75
N ASP B 282 64.84 -27.39 28.72
CA ASP B 282 65.86 -28.39 28.42
C ASP B 282 65.25 -29.73 27.98
N ARG B 283 63.98 -29.97 28.31
CA ARG B 283 63.34 -31.21 27.87
C ARG B 283 63.15 -31.23 26.36
N ARG B 284 63.16 -30.06 25.73
CA ARG B 284 62.97 -29.97 24.29
C ARG B 284 64.06 -30.71 23.54
N LYS B 285 65.32 -30.45 23.92
CA LYS B 285 66.45 -31.10 23.26
C LYS B 285 66.43 -32.60 23.49
N ALA B 286 66.09 -33.04 24.70
CA ALA B 286 66.00 -34.46 24.97
C ALA B 286 64.92 -35.13 24.12
N MET B 287 63.75 -34.49 24.02
CA MET B 287 62.68 -35.02 23.18
C MET B 287 63.13 -35.13 21.73
N LEU B 288 63.75 -34.09 21.21
CA LEU B 288 64.19 -34.10 19.81
C LEU B 288 65.25 -35.17 19.58
N GLN B 289 66.19 -35.32 20.52
CA GLN B 289 67.24 -36.32 20.36
C GLN B 289 66.65 -37.74 20.39
N ASP B 290 65.73 -37.99 21.32
CA ASP B 290 65.10 -39.30 21.39
C ASP B 290 64.32 -39.61 20.12
N ILE B 291 63.57 -38.62 19.61
CA ILE B 291 62.81 -38.83 18.39
C ILE B 291 63.74 -39.09 17.21
N ALA B 292 64.84 -38.35 17.13
CA ALA B 292 65.80 -38.54 16.04
C ALA B 292 66.42 -39.93 16.09
N ILE B 293 66.84 -40.37 17.28
CA ILE B 293 67.47 -41.68 17.39
C ILE B 293 66.45 -42.79 17.13
N LEU B 294 65.17 -42.52 17.44
CA LEU B 294 64.14 -43.51 17.16
C LEU B 294 63.84 -43.60 15.67
N THR B 295 63.87 -42.47 14.96
CA THR B 295 63.62 -42.44 13.53
C THR B 295 64.89 -42.55 12.71
N GLY B 296 66.05 -42.65 13.36
CA GLY B 296 67.31 -42.78 12.66
C GLY B 296 67.87 -41.49 12.10
N GLY B 297 67.23 -40.34 12.39
CA GLY B 297 67.68 -39.06 11.91
C GLY B 297 68.59 -38.36 12.90
N THR B 298 68.94 -37.12 12.55
CA THR B 298 69.78 -36.28 13.40
C THR B 298 69.11 -34.92 13.54
N VAL B 299 69.19 -34.34 14.75
CA VAL B 299 68.57 -33.06 15.01
C VAL B 299 69.39 -31.96 14.35
N ILE B 300 68.72 -31.10 13.59
CA ILE B 300 69.38 -29.96 12.97
C ILE B 300 69.44 -28.83 13.98
N SER B 301 70.64 -28.46 14.41
CA SER B 301 70.81 -27.43 15.42
C SER B 301 72.17 -26.78 15.27
N GLU B 302 72.25 -25.51 15.67
CA GLU B 302 73.53 -24.80 15.64
C GLU B 302 74.50 -25.37 16.68
N GLU B 303 74.01 -25.74 17.85
CA GLU B 303 74.85 -26.30 18.90
C GLU B 303 75.49 -27.62 18.49
N VAL B 304 74.91 -28.34 17.54
CA VAL B 304 75.49 -29.57 17.02
C VAL B 304 76.17 -29.36 15.68
N GLY B 305 76.15 -28.13 15.17
CA GLY B 305 76.92 -27.80 13.98
C GLY B 305 76.25 -28.12 12.66
N LEU B 306 74.92 -28.13 12.61
CA LEU B 306 74.19 -28.36 11.37
C LEU B 306 73.20 -27.22 11.12
N SER B 307 72.95 -26.96 9.84
CA SER B 307 72.02 -25.92 9.42
C SER B 307 71.00 -26.51 8.47
N LEU B 308 69.77 -26.00 8.54
CA LEU B 308 68.70 -26.50 7.69
C LEU B 308 68.90 -26.16 6.22
N GLU B 309 69.69 -25.11 5.92
CA GLU B 309 69.93 -24.76 4.53
C GLU B 309 70.76 -25.82 3.81
N LYS B 310 71.59 -26.56 4.55
CA LYS B 310 72.43 -27.58 3.95
C LYS B 310 71.99 -29.00 4.29
N ALA B 311 70.87 -29.17 4.98
CA ALA B 311 70.43 -30.49 5.39
C ALA B 311 70.07 -31.35 4.18
N THR B 312 70.40 -32.64 4.26
CA THR B 312 70.13 -33.58 3.20
C THR B 312 69.18 -34.66 3.72
N LEU B 313 68.79 -35.56 2.81
CA LEU B 313 67.89 -36.65 3.19
C LEU B 313 68.52 -37.61 4.18
N GLU B 314 69.85 -37.67 4.23
CA GLU B 314 70.53 -38.53 5.20
C GLU B 314 70.27 -38.09 6.64
N ASP B 315 70.29 -36.79 6.92
CA ASP B 315 70.06 -36.31 8.27
C ASP B 315 68.61 -36.52 8.72
N LEU B 316 67.68 -36.59 7.77
CA LEU B 316 66.27 -36.74 8.12
C LEU B 316 65.98 -38.16 8.60
N GLY B 317 65.10 -38.26 9.59
CA GLY B 317 64.62 -39.56 10.03
C GLY B 317 63.50 -40.08 9.15
N GLN B 318 63.13 -41.33 9.39
CA GLN B 318 62.07 -41.96 8.60
C GLN B 318 61.42 -43.07 9.42
N ALA B 319 60.18 -43.38 9.06
CA ALA B 319 59.41 -44.40 9.75
C ALA B 319 58.34 -44.93 8.81
N LYS B 320 57.76 -46.08 9.18
CA LYS B 320 56.75 -46.69 8.32
C LYS B 320 55.49 -45.83 8.20
N ARG B 321 55.03 -45.25 9.31
CA ARG B 321 53.81 -44.45 9.29
C ARG B 321 53.84 -43.49 10.48
N VAL B 322 53.30 -42.30 10.24
CA VAL B 322 53.06 -41.32 11.30
C VAL B 322 51.61 -40.88 11.24
N GLU B 323 50.97 -40.82 12.40
CA GLU B 323 49.58 -40.37 12.52
C GLU B 323 49.56 -39.10 13.35
N VAL B 324 48.99 -38.04 12.80
CA VAL B 324 48.92 -36.74 13.45
C VAL B 324 47.46 -36.44 13.77
N ALA B 325 47.12 -36.46 15.05
CA ALA B 325 45.79 -36.12 15.51
C ALA B 325 45.76 -34.66 15.94
N LYS B 326 44.61 -34.21 16.42
CA LYS B 326 44.47 -32.81 16.84
C LYS B 326 45.32 -32.53 18.08
N GLU B 327 45.43 -33.51 18.99
CA GLU B 327 46.13 -33.29 20.24
C GLU B 327 47.46 -34.05 20.36
N HIS B 328 47.63 -35.16 19.64
CA HIS B 328 48.83 -35.95 19.79
C HIS B 328 49.27 -36.49 18.44
N THR B 329 50.56 -36.79 18.34
CA THR B 329 51.16 -37.37 17.14
C THR B 329 51.97 -38.60 17.53
N THR B 330 51.81 -39.67 16.74
CA THR B 330 52.49 -40.92 17.02
C THR B 330 53.34 -41.32 15.82
N ILE B 331 54.42 -42.04 16.09
CA ILE B 331 55.35 -42.51 15.07
C ILE B 331 55.38 -44.03 15.12
N ILE B 332 55.24 -44.68 13.97
CA ILE B 332 55.13 -46.13 13.87
C ILE B 332 56.35 -46.64 13.13
N ASP B 333 57.06 -47.59 13.75
CA ASP B 333 58.17 -48.31 13.13
C ASP B 333 59.27 -47.35 12.64
N GLY B 334 59.88 -46.69 13.63
CA GLY B 334 61.00 -45.82 13.33
C GLY B 334 62.20 -46.58 12.81
N ALA B 335 63.02 -45.89 12.02
CA ALA B 335 64.17 -46.51 11.38
C ALA B 335 65.32 -46.79 12.34
N GLY B 336 65.29 -46.27 13.55
CA GLY B 336 66.37 -46.48 14.50
C GLY B 336 66.60 -47.95 14.83
N ASP B 337 67.86 -48.35 14.87
CA ASP B 337 68.19 -49.73 15.20
C ASP B 337 67.83 -50.02 16.65
N PRO B 338 67.35 -51.24 16.96
CA PRO B 338 67.00 -51.56 18.35
C PRO B 338 68.16 -51.49 19.32
N ALA B 339 69.40 -51.71 18.86
CA ALA B 339 70.55 -51.68 19.76
C ALA B 339 70.76 -50.29 20.33
N LYS B 340 70.79 -49.27 19.47
CA LYS B 340 70.97 -47.90 19.94
C LYS B 340 69.79 -47.45 20.78
N ILE B 341 68.58 -47.88 20.42
CA ILE B 341 67.40 -47.53 21.21
C ILE B 341 67.50 -48.11 22.60
N GLN B 342 67.91 -49.37 22.72
CA GLN B 342 68.07 -49.99 24.03
C GLN B 342 69.19 -49.34 24.82
N ALA B 343 70.28 -48.96 24.14
CA ALA B 343 71.36 -48.26 24.82
C ALA B 343 70.90 -46.92 25.37
N ARG B 344 70.12 -46.17 24.59
CA ARG B 344 69.58 -44.91 25.07
C ARG B 344 68.58 -45.14 26.20
N VAL B 345 67.82 -46.24 26.14
CA VAL B 345 66.92 -46.58 27.23
C VAL B 345 67.71 -46.78 28.52
N LYS B 346 68.82 -47.53 28.44
CA LYS B 346 69.67 -47.71 29.61
C LYS B 346 70.26 -46.38 30.09
N GLU B 347 70.66 -45.52 29.14
CA GLU B 347 71.20 -44.21 29.49
C GLU B 347 70.18 -43.38 30.27
N ILE B 348 68.93 -43.38 29.80
CA ILE B 348 67.89 -42.60 30.48
C ILE B 348 67.55 -43.23 31.83
N ARG B 349 67.56 -44.56 31.90
CA ARG B 349 67.28 -45.24 33.16
C ARG B 349 68.36 -44.98 34.20
N VAL B 350 69.62 -44.85 33.80
CA VAL B 350 70.66 -44.52 34.76
C VAL B 350 70.70 -43.02 35.05
N GLN B 351 70.25 -42.18 34.10
CA GLN B 351 70.07 -40.77 34.40
C GLN B 351 68.90 -40.53 35.34
N ILE B 352 67.98 -41.49 35.45
CA ILE B 352 66.87 -41.38 36.39
C ILE B 352 67.40 -41.17 37.81
N GLU B 353 68.43 -41.92 38.19
CA GLU B 353 69.06 -41.75 39.49
C GLU B 353 69.79 -40.42 39.64
N GLU B 354 70.06 -39.72 38.52
CA GLU B 354 70.70 -38.42 38.57
C GLU B 354 69.71 -37.28 38.72
N ALA B 355 68.42 -37.58 38.83
CA ALA B 355 67.40 -36.53 38.91
C ALA B 355 67.56 -35.72 40.19
N THR B 356 67.47 -34.39 40.06
CA THR B 356 67.58 -33.50 41.20
C THR B 356 66.27 -33.31 41.94
N SER B 357 65.16 -33.78 41.38
CA SER B 357 63.86 -33.60 42.01
C SER B 357 62.93 -34.70 41.52
N ASP B 358 61.81 -34.86 42.25
CA ASP B 358 60.82 -35.85 41.84
C ASP B 358 60.21 -35.51 40.49
N TYR B 359 60.08 -34.23 40.17
CA TYR B 359 59.58 -33.84 38.86
C TYR B 359 60.55 -34.26 37.76
N ASP B 360 61.85 -34.09 38.00
CA ASP B 360 62.84 -34.54 37.04
C ASP B 360 62.78 -36.06 36.87
N ARG B 361 62.65 -36.78 37.99
CA ARG B 361 62.61 -38.24 37.93
C ARG B 361 61.37 -38.73 37.20
N GLU B 362 60.23 -38.09 37.41
CA GLU B 362 59.01 -38.53 36.74
C GLU B 362 59.05 -38.23 35.24
N LYS B 363 59.66 -37.11 34.83
CA LYS B 363 59.84 -36.86 33.41
C LYS B 363 60.81 -37.85 32.78
N LEU B 364 61.88 -38.20 33.50
CA LEU B 364 62.80 -39.23 32.98
C LEU B 364 62.10 -40.58 32.86
N GLN B 365 61.24 -40.91 33.83
CA GLN B 365 60.46 -42.14 33.74
C GLN B 365 59.49 -42.11 32.56
N GLU B 366 58.87 -40.95 32.31
CA GLU B 366 58.01 -40.80 31.14
C GLU B 366 58.82 -41.00 29.86
N ARG B 367 60.04 -40.48 29.81
CA ARG B 367 60.91 -40.71 28.67
C ARG B 367 61.18 -42.20 28.48
N VAL B 368 61.51 -42.90 29.58
CA VAL B 368 61.78 -44.34 29.51
C VAL B 368 60.56 -45.07 28.97
N ALA B 369 59.38 -44.74 29.50
CA ALA B 369 58.16 -45.42 29.08
C ALA B 369 57.88 -45.17 27.60
N LYS B 370 57.89 -43.89 27.18
CA LYS B 370 57.55 -43.55 25.81
C LYS B 370 58.56 -44.12 24.82
N LEU B 371 59.81 -44.34 25.26
CA LEU B 371 60.80 -44.87 24.33
C LEU B 371 60.77 -46.39 24.29
N ALA B 372 60.88 -47.05 25.45
CA ALA B 372 60.99 -48.50 25.48
C ALA B 372 59.67 -49.20 25.21
N GLY B 373 58.54 -48.56 25.51
CA GLY B 373 57.25 -49.21 25.34
C GLY B 373 56.90 -49.50 23.90
N GLY B 374 57.43 -48.74 22.95
CA GLY B 374 57.09 -48.98 21.57
C GLY B 374 55.66 -48.59 21.28
N VAL B 375 55.16 -49.12 20.16
CA VAL B 375 53.79 -48.89 19.72
C VAL B 375 53.17 -50.23 19.35
N ALA B 376 51.99 -50.51 19.89
CA ALA B 376 51.24 -51.70 19.50
C ALA B 376 50.43 -51.39 18.24
N VAL B 377 50.59 -52.24 17.22
CA VAL B 377 49.89 -52.07 15.95
C VAL B 377 48.94 -53.25 15.79
N ILE B 378 47.66 -52.94 15.63
CA ILE B 378 46.64 -53.97 15.45
C ILE B 378 46.36 -54.12 13.96
N LYS B 379 46.65 -55.31 13.42
CA LYS B 379 46.42 -55.60 12.01
C LYS B 379 45.00 -56.13 11.87
N VAL B 380 44.05 -55.21 11.63
CA VAL B 380 42.65 -55.61 11.52
C VAL B 380 42.46 -56.42 10.25
N GLY B 381 41.96 -57.64 10.40
CA GLY B 381 41.81 -58.57 9.30
C GLY B 381 40.36 -58.88 8.99
N ALA B 382 40.05 -58.92 7.70
CA ALA B 382 38.70 -59.23 7.24
C ALA B 382 38.76 -59.58 5.75
N ALA B 383 37.60 -59.94 5.21
CA ALA B 383 37.55 -60.47 3.85
C ALA B 383 37.75 -59.40 2.78
N THR B 384 37.10 -58.26 2.91
CA THR B 384 37.03 -57.30 1.81
C THR B 384 37.40 -55.90 2.30
N GLU B 385 37.68 -55.01 1.33
CA GLU B 385 37.97 -53.62 1.65
C GLU B 385 36.77 -52.92 2.25
N VAL B 386 35.57 -53.21 1.74
CA VAL B 386 34.36 -52.65 2.35
C VAL B 386 34.25 -53.10 3.80
N GLU B 387 34.53 -54.38 4.06
CA GLU B 387 34.54 -54.88 5.43
C GLU B 387 35.76 -54.37 6.19
N MET B 388 36.88 -54.15 5.48
CA MET B 388 38.03 -53.48 6.09
C MET B 388 37.64 -52.16 6.71
N LYS B 389 36.92 -51.32 5.96
CA LYS B 389 36.60 -49.97 6.41
C LYS B 389 35.74 -49.99 7.66
N GLU B 390 34.74 -50.87 7.69
CA GLU B 390 33.85 -50.97 8.85
C GLU B 390 34.57 -51.56 10.05
N LYS B 391 35.34 -52.64 9.84
CA LYS B 391 35.98 -53.30 10.95
C LYS B 391 37.06 -52.42 11.59
N LYS B 392 37.76 -51.64 10.77
CA LYS B 392 38.77 -50.73 11.32
C LYS B 392 38.12 -49.69 12.24
N ALA B 393 37.00 -49.11 11.81
CA ALA B 393 36.30 -48.14 12.65
C ALA B 393 35.77 -48.80 13.91
N ARG B 394 35.22 -50.01 13.80
CA ARG B 394 34.73 -50.70 14.98
C ARG B 394 35.85 -51.00 15.96
N VAL B 395 37.01 -51.43 15.45
CA VAL B 395 38.16 -51.71 16.33
C VAL B 395 38.64 -50.42 16.98
N GLU B 396 38.68 -49.32 16.24
CA GLU B 396 39.11 -48.05 16.83
C GLU B 396 38.16 -47.60 17.93
N ASP B 397 36.85 -47.72 17.70
CA ASP B 397 35.89 -47.35 18.72
C ASP B 397 36.01 -48.25 19.95
N ALA B 398 36.18 -49.55 19.74
CA ALA B 398 36.37 -50.46 20.86
C ALA B 398 37.65 -50.15 21.63
N LEU B 399 38.72 -49.79 20.92
CA LEU B 399 39.97 -49.43 21.57
C LEU B 399 39.79 -48.18 22.42
N HIS B 400 39.10 -47.17 21.89
CA HIS B 400 38.85 -45.96 22.66
C HIS B 400 38.01 -46.25 23.89
N ALA B 401 36.96 -47.06 23.74
CA ALA B 401 36.12 -47.40 24.87
C ALA B 401 36.90 -48.16 25.94
N THR B 402 37.73 -49.12 25.52
CA THR B 402 38.53 -49.88 26.48
C THR B 402 39.54 -48.99 27.19
N ARG B 403 40.18 -48.08 26.44
CA ARG B 403 41.11 -47.14 27.07
C ARG B 403 40.40 -46.28 28.11
N ALA B 404 39.20 -45.80 27.77
CA ALA B 404 38.41 -45.06 28.76
C ALA B 404 37.95 -45.97 29.89
N ALA B 405 37.53 -47.19 29.58
CA ALA B 405 37.03 -48.09 30.60
C ALA B 405 38.11 -48.54 31.57
N VAL B 406 39.31 -48.84 31.09
CA VAL B 406 40.35 -49.36 31.96
C VAL B 406 40.84 -48.29 32.93
N GLU B 407 40.69 -47.01 32.57
CA GLU B 407 41.16 -45.95 33.45
C GLU B 407 40.24 -45.74 34.65
N GLU B 408 38.93 -45.78 34.45
CA GLU B 408 37.99 -45.42 35.50
C GLU B 408 36.90 -46.47 35.72
N GLY B 409 37.01 -47.65 35.10
CA GLY B 409 36.02 -48.68 35.28
C GLY B 409 34.81 -48.49 34.39
N ILE B 410 33.91 -49.46 34.46
CA ILE B 410 32.68 -49.45 33.67
C ILE B 410 31.51 -49.15 34.60
N VAL B 411 30.42 -48.67 34.02
CA VAL B 411 29.22 -48.32 34.80
C VAL B 411 28.00 -48.63 33.96
N PRO B 412 26.90 -49.04 34.61
CA PRO B 412 25.65 -49.33 33.88
C PRO B 412 25.25 -48.23 32.92
N GLY B 413 25.23 -48.54 31.62
CA GLY B 413 24.95 -47.54 30.61
C GLY B 413 23.48 -47.29 30.39
N GLY B 414 23.16 -46.55 29.33
CA GLY B 414 21.78 -46.22 29.04
C GLY B 414 21.18 -45.18 29.97
N GLY B 415 22.02 -44.39 30.63
CA GLY B 415 21.56 -43.35 31.53
C GLY B 415 21.23 -43.80 32.93
N VAL B 416 21.25 -45.10 33.21
CA VAL B 416 20.95 -45.59 34.56
C VAL B 416 22.05 -45.19 35.53
N ALA B 417 23.29 -45.03 35.04
CA ALA B 417 24.41 -44.69 35.91
C ALA B 417 24.18 -43.37 36.62
N LEU B 418 23.72 -42.36 35.88
CA LEU B 418 23.48 -41.06 36.49
C LEU B 418 22.34 -41.12 37.51
N LEU B 419 21.31 -41.93 37.25
CA LEU B 419 20.24 -42.08 38.23
C LEU B 419 20.75 -42.74 39.51
N ARG B 420 21.55 -43.80 39.38
CA ARG B 420 22.09 -44.45 40.57
C ARG B 420 22.99 -43.50 41.34
N ALA B 421 23.84 -42.75 40.63
CA ALA B 421 24.71 -41.79 41.31
C ALA B 421 23.89 -40.70 42.00
N ARG B 422 22.84 -40.22 41.36
CA ARG B 422 21.99 -39.19 41.96
C ARG B 422 21.32 -39.72 43.22
N GLU B 423 20.76 -40.93 43.16
CA GLU B 423 20.12 -41.49 44.34
C GLU B 423 21.10 -41.69 45.47
N ALA B 424 22.30 -42.21 45.16
CA ALA B 424 23.30 -42.43 46.19
C ALA B 424 23.76 -41.11 46.81
N ALA B 425 23.95 -40.07 45.98
CA ALA B 425 24.35 -38.77 46.51
C ALA B 425 23.28 -38.14 47.37
N VAL B 426 22.01 -38.24 46.95
CA VAL B 426 20.92 -37.71 47.76
C VAL B 426 20.82 -38.44 49.09
N ALA B 427 20.95 -39.78 49.05
CA ALA B 427 20.94 -40.54 50.30
C ALA B 427 22.12 -40.19 51.19
N LYS B 428 23.28 -39.87 50.59
CA LYS B 428 24.42 -39.44 51.39
C LYS B 428 24.12 -38.14 52.13
N GLY B 429 23.27 -37.30 51.56
CA GLY B 429 22.98 -36.00 52.14
C GLY B 429 23.61 -34.88 51.35
N LEU B 430 22.81 -34.22 50.51
CA LEU B 430 23.26 -33.12 49.67
C LEU B 430 22.37 -31.92 49.92
N LYS B 431 22.98 -30.79 50.26
CA LYS B 431 22.25 -29.60 50.62
C LYS B 431 23.01 -28.37 50.17
N GLY B 432 22.29 -27.26 50.04
CA GLY B 432 22.88 -25.98 49.68
C GLY B 432 22.80 -25.01 50.84
N ASP B 433 23.78 -24.10 50.89
CA ASP B 433 23.83 -23.09 51.94
C ASP B 433 22.78 -22.01 51.77
N ASN B 434 22.12 -21.94 50.62
CA ASN B 434 21.10 -20.95 50.33
C ASN B 434 19.94 -21.65 49.67
N PRO B 435 18.74 -21.05 49.70
CA PRO B 435 17.66 -21.56 48.84
C PRO B 435 18.03 -21.53 47.37
N ASP B 436 18.86 -20.56 46.97
CA ASP B 436 19.34 -20.52 45.59
C ASP B 436 20.25 -21.70 45.29
N GLN B 437 21.14 -22.04 46.21
CA GLN B 437 21.94 -23.25 46.04
C GLN B 437 21.07 -24.49 46.06
N GLU B 438 19.98 -24.49 46.83
CA GLU B 438 19.06 -25.62 46.81
C GLU B 438 18.41 -25.77 45.44
N ALA B 439 18.00 -24.66 44.83
CA ALA B 439 17.45 -24.71 43.48
C ALA B 439 18.51 -25.18 42.48
N GLY B 440 19.75 -24.75 42.67
CA GLY B 440 20.83 -25.25 41.83
C GLY B 440 21.02 -26.75 41.95
N ILE B 441 20.91 -27.28 43.18
CA ILE B 441 20.97 -28.72 43.39
C ILE B 441 19.81 -29.41 42.67
N LYS B 442 18.60 -28.86 42.83
CA LYS B 442 17.43 -29.45 42.18
C LYS B 442 17.56 -29.46 40.67
N ILE B 443 18.19 -28.43 40.11
CA ILE B 443 18.38 -28.35 38.66
C ILE B 443 19.15 -29.57 38.16
N VAL B 444 20.28 -29.87 38.81
CA VAL B 444 21.09 -31.01 38.39
C VAL B 444 20.37 -32.32 38.68
N LEU B 445 19.69 -32.40 39.83
CA LEU B 445 19.00 -33.63 40.18
C LEU B 445 17.92 -33.97 39.16
N ARG B 446 17.24 -32.95 38.63
CA ARG B 446 16.26 -33.19 37.58
C ARG B 446 16.92 -33.43 36.23
N ALA B 447 18.06 -32.78 35.96
CA ALA B 447 18.65 -32.85 34.63
C ALA B 447 19.37 -34.17 34.38
N VAL B 448 19.95 -34.78 35.42
CA VAL B 448 20.76 -35.97 35.23
C VAL B 448 19.92 -37.17 34.77
N GLU B 449 18.60 -37.05 34.83
CA GLU B 449 17.73 -38.11 34.32
C GLU B 449 17.32 -37.89 32.87
N GLN B 450 17.73 -36.78 32.26
CA GLN B 450 17.38 -36.47 30.88
C GLN B 450 17.91 -37.49 29.87
N PRO B 451 19.15 -37.97 29.98
CA PRO B 451 19.60 -38.98 29.01
C PRO B 451 18.73 -40.23 28.96
N LEU B 452 18.34 -40.76 30.11
CA LEU B 452 17.46 -41.94 30.11
C LEU B 452 16.10 -41.59 29.54
N ARG B 453 15.57 -40.42 29.90
CA ARG B 453 14.27 -40.01 29.37
C ARG B 453 14.29 -39.91 27.85
N GLU B 454 15.35 -39.33 27.29
CA GLU B 454 15.45 -39.22 25.84
C GLU B 454 15.70 -40.57 25.17
N ILE B 455 16.50 -41.44 25.77
CA ILE B 455 16.68 -42.78 25.22
C ILE B 455 15.34 -43.50 25.16
N VAL B 456 14.57 -43.42 26.23
CA VAL B 456 13.25 -44.07 26.25
C VAL B 456 12.31 -43.43 25.23
N ALA B 457 12.31 -42.10 25.14
CA ALA B 457 11.43 -41.43 24.20
C ALA B 457 11.76 -41.79 22.76
N ASN B 458 13.04 -41.86 22.41
CA ASN B 458 13.43 -42.33 21.09
C ASN B 458 13.04 -43.80 20.90
N ALA B 459 13.13 -44.60 21.96
CA ALA B 459 12.68 -45.98 21.89
C ALA B 459 11.17 -46.08 21.72
N GLY B 460 10.43 -45.00 21.99
CA GLY B 460 9.00 -44.97 21.80
C GLY B 460 8.17 -45.14 23.05
N GLU B 461 8.76 -45.62 24.15
CA GLU B 461 8.00 -45.80 25.38
C GLU B 461 7.75 -44.46 26.07
N GLU B 462 6.96 -44.50 27.13
CA GLU B 462 6.69 -43.30 27.91
C GLU B 462 7.83 -43.05 28.89
N PRO B 463 8.49 -41.90 28.84
CA PRO B 463 9.69 -41.69 29.67
C PRO B 463 9.43 -41.77 31.17
N SER B 464 8.34 -41.19 31.66
CA SER B 464 8.15 -41.04 33.10
C SER B 464 7.99 -42.38 33.81
N VAL B 465 7.17 -43.27 33.25
CA VAL B 465 6.96 -44.56 33.89
C VAL B 465 8.24 -45.39 33.90
N ILE B 466 8.99 -45.35 32.79
CA ILE B 466 10.24 -46.10 32.74
C ILE B 466 11.25 -45.56 33.73
N VAL B 467 11.35 -44.24 33.84
CA VAL B 467 12.27 -43.64 34.81
C VAL B 467 11.86 -44.02 36.23
N ALA B 468 10.56 -43.98 36.52
CA ALA B 468 10.10 -44.34 37.86
C ALA B 468 10.42 -45.81 38.17
N LYS B 469 10.20 -46.68 37.20
CA LYS B 469 10.49 -48.10 37.41
C LYS B 469 11.98 -48.34 37.60
N VAL B 470 12.82 -47.62 36.85
CA VAL B 470 14.26 -47.73 37.03
C VAL B 470 14.67 -47.26 38.41
N LEU B 471 14.08 -46.14 38.87
CA LEU B 471 14.36 -45.63 40.20
C LEU B 471 13.90 -46.59 41.29
N GLU B 472 12.81 -47.32 41.06
CA GLU B 472 12.37 -48.31 42.04
C GLU B 472 13.34 -49.47 42.17
N GLY B 473 14.13 -49.76 41.12
CA GLY B 473 15.16 -50.77 41.22
C GLY B 473 16.42 -50.24 41.86
N LYS B 474 17.32 -51.17 42.18
CA LYS B 474 18.57 -50.84 42.84
C LYS B 474 19.73 -51.52 42.12
N GLY B 475 20.92 -50.93 42.27
CA GLY B 475 22.11 -51.51 41.66
C GLY B 475 22.11 -51.32 40.16
N ASN B 476 22.55 -52.36 39.45
CA ASN B 476 22.66 -52.31 38.00
C ASN B 476 21.32 -52.42 37.28
N TYR B 477 20.23 -52.65 38.02
CA TYR B 477 18.92 -52.77 37.41
C TYR B 477 18.57 -51.51 36.62
N GLY B 478 18.06 -51.69 35.41
CA GLY B 478 17.73 -50.57 34.55
C GLY B 478 16.93 -51.03 33.35
N TYR B 479 16.73 -50.10 32.42
CA TYR B 479 15.94 -50.32 31.23
C TYR B 479 16.84 -50.46 30.02
N ASN B 480 16.62 -51.51 29.22
CA ASN B 480 17.38 -51.77 28.01
C ASN B 480 16.50 -51.39 26.83
N ALA B 481 16.80 -50.24 26.21
CA ALA B 481 15.98 -49.76 25.11
C ALA B 481 16.09 -50.64 23.88
N ALA B 482 17.16 -51.43 23.76
CA ALA B 482 17.32 -52.29 22.59
C ALA B 482 16.22 -53.35 22.52
N THR B 483 15.88 -53.94 23.67
CA THR B 483 14.85 -54.97 23.73
C THR B 483 13.63 -54.59 24.55
N GLY B 484 13.67 -53.48 25.28
CA GLY B 484 12.54 -53.06 26.08
C GLY B 484 12.40 -53.77 27.41
N GLU B 485 13.40 -54.54 27.83
CA GLU B 485 13.31 -55.32 29.05
C GLU B 485 13.99 -54.61 30.21
N PHE B 486 13.67 -55.05 31.43
CA PHE B 486 14.26 -54.53 32.64
C PHE B 486 15.14 -55.60 33.30
N GLY B 487 16.33 -55.20 33.72
CA GLY B 487 17.20 -56.13 34.41
C GLY B 487 18.57 -55.52 34.64
N ASP B 488 19.50 -56.38 35.05
CA ASP B 488 20.88 -55.95 35.26
C ASP B 488 21.47 -55.46 33.94
N MET B 489 21.70 -54.15 33.83
CA MET B 489 22.17 -53.57 32.58
C MET B 489 23.54 -54.10 32.19
N ILE B 490 24.39 -54.41 33.17
CA ILE B 490 25.71 -54.95 32.88
C ILE B 490 25.58 -56.34 32.25
N GLU B 491 24.60 -57.14 32.69
CA GLU B 491 24.47 -58.51 32.22
C GLU B 491 24.07 -58.57 30.74
N MET B 492 23.29 -57.60 30.26
CA MET B 492 23.02 -57.54 28.83
C MET B 492 24.13 -56.87 28.04
N GLY B 493 25.21 -56.46 28.69
CA GLY B 493 26.29 -55.79 28.00
C GLY B 493 25.93 -54.43 27.44
N VAL B 494 25.22 -53.62 28.21
CA VAL B 494 24.96 -52.22 27.87
C VAL B 494 25.75 -51.38 28.85
N LEU B 495 26.92 -50.91 28.42
CA LEU B 495 27.87 -50.27 29.31
C LEU B 495 28.35 -48.95 28.74
N ASP B 496 28.71 -48.05 29.65
CA ASP B 496 29.42 -46.82 29.33
C ASP B 496 30.62 -46.68 30.26
N PRO B 497 31.78 -46.31 29.75
CA PRO B 497 32.92 -46.06 30.62
C PRO B 497 32.61 -44.91 31.57
N THR B 498 33.09 -45.04 32.81
CA THR B 498 32.84 -44.01 33.81
C THR B 498 33.39 -42.66 33.36
N LYS B 499 34.50 -42.67 32.63
CA LYS B 499 35.05 -41.43 32.10
C LYS B 499 34.07 -40.72 31.19
N VAL B 500 33.36 -41.47 30.34
CA VAL B 500 32.44 -40.86 29.39
C VAL B 500 31.33 -40.11 30.12
N THR B 501 30.66 -40.78 31.05
CA THR B 501 29.57 -40.14 31.79
C THR B 501 30.07 -38.99 32.65
N ARG B 502 31.19 -39.19 33.35
CA ARG B 502 31.72 -38.13 34.21
C ARG B 502 32.08 -36.89 33.40
N SER B 503 32.78 -37.08 32.28
CA SER B 503 33.17 -35.95 31.45
C SER B 503 31.96 -35.26 30.83
N ALA B 504 30.98 -36.04 30.37
CA ALA B 504 29.78 -35.44 29.80
C ALA B 504 29.07 -34.59 30.83
N LEU B 505 28.88 -35.11 32.05
CA LEU B 505 28.19 -34.36 33.09
C LEU B 505 28.95 -33.10 33.46
N GLN B 506 30.28 -33.22 33.64
CA GLN B 506 31.05 -32.06 34.05
C GLN B 506 31.09 -30.97 32.98
N ASN B 507 31.27 -31.35 31.72
CA ASN B 507 31.30 -30.35 30.65
C ASN B 507 29.93 -29.72 30.45
N ALA B 508 28.86 -30.51 30.55
CA ALA B 508 27.52 -29.93 30.48
C ALA B 508 27.30 -28.95 31.62
N ALA B 509 27.74 -29.29 32.83
CA ALA B 509 27.61 -28.38 33.96
C ALA B 509 28.39 -27.09 33.71
N SER B 510 29.61 -27.20 33.18
CA SER B 510 30.42 -26.01 32.93
C SER B 510 29.75 -25.09 31.92
N VAL B 511 29.32 -25.65 30.78
CA VAL B 511 28.70 -24.81 29.76
C VAL B 511 27.37 -24.25 30.24
N ALA B 512 26.63 -25.02 31.05
CA ALA B 512 25.38 -24.51 31.61
C ALA B 512 25.64 -23.35 32.57
N GLY B 513 26.67 -23.46 33.40
CA GLY B 513 27.04 -22.35 34.25
C GLY B 513 27.43 -21.11 33.46
N LEU B 514 28.20 -21.31 32.38
CA LEU B 514 28.60 -20.17 31.55
C LEU B 514 27.39 -19.50 30.92
N MET B 515 26.41 -20.27 30.44
CA MET B 515 25.25 -19.66 29.81
C MET B 515 24.15 -19.30 30.79
N LEU B 516 24.33 -19.61 32.08
CA LEU B 516 23.42 -19.09 33.10
C LEU B 516 23.93 -17.78 33.69
N THR B 517 25.24 -17.68 33.91
CA THR B 517 25.84 -16.46 34.44
C THR B 517 26.22 -15.47 33.33
N THR B 518 25.60 -15.58 32.16
CA THR B 518 25.90 -14.67 31.06
C THR B 518 24.90 -13.52 31.07
N GLU B 519 25.41 -12.29 31.07
CA GLU B 519 24.56 -11.11 31.10
C GLU B 519 24.69 -10.24 29.85
N CYS B 520 25.77 -10.38 29.10
CA CYS B 520 25.99 -9.55 27.92
C CYS B 520 26.50 -10.40 26.78
N MET B 521 26.11 -10.02 25.57
CA MET B 521 26.50 -10.74 24.36
C MET B 521 26.84 -9.74 23.27
N ILE B 522 27.95 -9.96 22.59
CA ILE B 522 28.45 -9.06 21.56
C ILE B 522 28.63 -9.85 20.28
N ALA B 523 27.93 -9.44 19.22
CA ALA B 523 28.01 -10.12 17.94
C ALA B 523 28.00 -9.09 16.81
N GLU B 524 28.47 -9.51 15.65
CA GLU B 524 28.52 -8.63 14.50
C GLU B 524 27.12 -8.20 14.09
N ALA B 525 26.94 -6.91 13.85
CA ALA B 525 25.66 -6.39 13.41
C ALA B 525 25.36 -6.83 11.97
N PRO B 526 24.08 -7.02 11.63
CA PRO B 526 23.68 -7.41 10.27
C PRO B 526 24.20 -6.47 9.19
N ALA C 1 28.18 -22.52 5.95
CA ALA C 1 27.07 -21.58 5.79
C ALA C 1 25.96 -21.88 6.78
N ALA C 2 24.99 -20.97 6.87
CA ALA C 2 23.87 -21.14 7.79
C ALA C 2 23.02 -22.34 7.38
N LYS C 3 22.63 -23.13 8.38
CA LYS C 3 21.76 -24.27 8.15
C LYS C 3 20.34 -23.98 8.61
N GLU C 4 19.39 -24.67 7.98
CA GLU C 4 17.99 -24.63 8.39
C GLU C 4 17.57 -26.04 8.80
N VAL C 5 16.96 -26.14 9.99
CA VAL C 5 16.64 -27.43 10.58
C VAL C 5 15.13 -27.55 10.74
N LYS C 6 14.58 -28.68 10.30
CA LYS C 6 13.16 -28.97 10.42
C LYS C 6 12.99 -30.26 11.21
N PHE C 7 12.03 -30.27 12.13
CA PHE C 7 11.85 -31.38 13.05
C PHE C 7 10.50 -32.05 12.84
N HIS C 8 10.46 -33.35 13.12
CA HIS C 8 9.22 -34.12 13.19
C HIS C 8 8.42 -34.03 11.90
N ASP C 9 7.11 -33.83 12.04
CA ASP C 9 6.21 -33.77 10.89
C ASP C 9 6.58 -32.67 9.92
N SER C 10 7.08 -31.54 10.42
CA SER C 10 7.44 -30.42 9.53
C SER C 10 8.56 -30.78 8.57
N ALA C 11 9.29 -31.86 8.83
CA ALA C 11 10.33 -32.35 7.93
C ALA C 11 9.88 -33.60 7.19
N ARG C 12 9.16 -34.48 7.89
CA ARG C 12 8.65 -35.68 7.24
C ARG C 12 7.72 -35.33 6.09
N GLU C 13 6.90 -34.29 6.25
CA GLU C 13 6.00 -33.89 5.18
C GLU C 13 6.76 -33.31 3.98
N ARG C 14 7.89 -32.65 4.19
CA ARG C 14 8.69 -32.20 3.07
C ARG C 14 9.33 -33.39 2.35
N LEU C 15 9.82 -34.36 3.10
CA LEU C 15 10.32 -35.60 2.49
C LEU C 15 9.24 -36.25 1.66
N VAL C 16 8.02 -36.31 2.20
CA VAL C 16 6.92 -36.96 1.51
C VAL C 16 6.54 -36.18 0.26
N ALA C 17 6.53 -34.86 0.33
CA ALA C 17 6.26 -34.06 -0.87
C ALA C 17 7.28 -34.33 -1.95
N GLY C 18 8.56 -34.39 -1.57
CA GLY C 18 9.60 -34.68 -2.55
C GLY C 18 9.44 -36.04 -3.20
N VAL C 19 9.24 -37.08 -2.39
CA VAL C 19 9.13 -38.42 -2.96
C VAL C 19 7.85 -38.55 -3.78
N ASN C 20 6.76 -37.92 -3.32
CA ASN C 20 5.51 -37.97 -4.06
C ASN C 20 5.63 -37.29 -5.42
N LEU C 21 6.30 -36.14 -5.45
CA LEU C 21 6.43 -35.43 -6.72
C LEU C 21 7.40 -36.13 -7.66
N LEU C 22 8.43 -36.80 -7.12
CA LEU C 22 9.29 -37.63 -7.98
C LEU C 22 8.52 -38.81 -8.55
N ALA C 23 7.76 -39.50 -7.70
CA ALA C 23 7.07 -40.71 -8.13
C ALA C 23 5.92 -40.40 -9.07
N ASN C 24 5.23 -39.27 -8.87
CA ASN C 24 4.15 -38.91 -9.78
C ASN C 24 4.64 -38.68 -11.20
N ALA C 25 5.90 -38.27 -11.36
CA ALA C 25 6.49 -38.14 -12.69
C ALA C 25 6.99 -39.50 -13.18
N VAL C 26 7.63 -40.27 -12.31
CA VAL C 26 8.22 -41.54 -12.74
C VAL C 26 7.15 -42.56 -13.12
N LYS C 27 6.08 -42.67 -12.33
CA LYS C 27 5.09 -43.74 -12.49
C LYS C 27 4.29 -43.61 -13.78
N THR C 28 4.25 -42.43 -14.41
CA THR C 28 3.52 -42.30 -15.66
C THR C 28 4.17 -43.10 -16.78
N THR C 29 5.45 -43.46 -16.62
CA THR C 29 6.16 -44.26 -17.61
C THR C 29 6.25 -45.74 -17.23
N LEU C 30 5.29 -46.24 -16.47
CA LEU C 30 5.30 -47.62 -15.99
C LEU C 30 4.24 -48.43 -16.73
N GLY C 31 4.60 -49.62 -17.17
CA GLY C 31 3.69 -50.50 -17.87
C GLY C 31 3.86 -50.45 -19.37
N PRO C 32 3.32 -51.46 -20.07
CA PRO C 32 3.41 -51.47 -21.53
C PRO C 32 2.76 -50.26 -22.19
N LYS C 33 1.72 -49.71 -21.57
CA LYS C 33 1.04 -48.52 -22.10
C LYS C 33 1.42 -47.28 -21.31
N GLY C 34 2.67 -47.19 -20.88
CA GLY C 34 3.11 -46.02 -20.12
C GLY C 34 3.03 -44.75 -20.96
N ARG C 35 2.65 -43.66 -20.31
CA ARG C 35 2.50 -42.39 -20.99
C ARG C 35 3.86 -41.78 -21.32
N ASN C 36 3.83 -40.68 -22.06
CA ASN C 36 5.05 -39.97 -22.40
C ASN C 36 5.33 -38.86 -21.39
N VAL C 37 6.61 -38.53 -21.26
CA VAL C 37 7.07 -37.44 -20.40
C VAL C 37 7.98 -36.54 -21.23
N VAL C 38 7.68 -35.25 -21.24
CA VAL C 38 8.43 -34.28 -22.03
C VAL C 38 9.44 -33.60 -21.10
N ILE C 39 10.71 -33.63 -21.49
CA ILE C 39 11.80 -33.10 -20.68
C ILE C 39 12.51 -32.02 -21.49
N GLU C 40 12.76 -30.88 -20.86
CA GLU C 40 13.44 -29.79 -21.53
C GLU C 40 14.88 -30.18 -21.85
N ARG C 41 15.33 -29.78 -23.03
CA ARG C 41 16.74 -29.86 -23.40
C ARG C 41 17.28 -28.43 -23.51
N SER C 42 18.55 -28.26 -23.15
CA SER C 42 19.13 -26.91 -23.10
C SER C 42 18.97 -26.18 -24.42
N PHE C 43 19.18 -26.87 -25.53
CA PHE C 43 18.96 -26.31 -26.87
C PHE C 43 18.31 -27.36 -27.74
N GLY C 44 17.55 -26.90 -28.74
CA GLY C 44 16.85 -27.81 -29.62
C GLY C 44 15.49 -28.23 -29.07
N ALA C 45 14.92 -29.22 -29.75
CA ALA C 45 13.58 -29.69 -29.40
C ALA C 45 13.60 -30.49 -28.10
N PRO C 46 12.52 -30.41 -27.32
CA PRO C 46 12.43 -31.19 -26.09
C PRO C 46 12.47 -32.69 -26.37
N ILE C 47 13.06 -33.44 -25.44
CA ILE C 47 13.13 -34.89 -25.56
C ILE C 47 11.92 -35.49 -24.86
N VAL C 48 11.25 -36.41 -25.55
CA VAL C 48 10.12 -37.14 -24.99
C VAL C 48 10.55 -38.57 -24.71
N THR C 49 10.27 -39.04 -23.50
CA THR C 49 10.67 -40.37 -23.06
C THR C 49 9.51 -41.04 -22.34
N LYS C 50 9.50 -42.37 -22.35
CA LYS C 50 8.52 -43.17 -21.64
C LYS C 50 9.21 -44.26 -20.83
N ASP C 51 10.38 -43.93 -20.29
CA ASP C 51 11.12 -44.82 -19.40
C ASP C 51 11.41 -44.08 -18.10
N GLY C 52 11.35 -44.82 -16.98
CA GLY C 52 11.54 -44.21 -15.68
C GLY C 52 12.95 -43.76 -15.41
N VAL C 53 13.95 -44.42 -16.01
CA VAL C 53 15.34 -44.09 -15.72
C VAL C 53 15.66 -42.67 -16.11
N THR C 54 15.27 -42.28 -17.33
CA THR C 54 15.58 -40.93 -17.80
C THR C 54 14.75 -39.88 -17.08
N VAL C 55 13.47 -40.15 -16.83
CA VAL C 55 12.62 -39.17 -16.15
C VAL C 55 13.13 -38.91 -14.73
N ALA C 56 13.48 -39.99 -14.02
CA ALA C 56 13.97 -39.83 -12.65
C ALA C 56 15.28 -39.05 -12.63
N LYS C 57 16.18 -39.34 -13.56
CA LYS C 57 17.50 -38.71 -13.57
C LYS C 57 17.40 -37.19 -13.72
N GLU C 58 16.39 -36.72 -14.45
CA GLU C 58 16.21 -35.29 -14.66
C GLU C 58 15.48 -34.60 -13.51
N ILE C 59 14.93 -35.36 -12.57
CA ILE C 59 14.09 -34.78 -11.53
C ILE C 59 14.95 -34.38 -10.34
N GLU C 60 14.92 -33.09 -10.00
CA GLU C 60 15.44 -32.60 -8.72
C GLU C 60 14.75 -31.26 -8.46
N LEU C 61 14.24 -31.06 -7.26
CA LEU C 61 13.29 -30.00 -7.01
C LEU C 61 13.98 -28.71 -6.56
N LYS C 62 13.17 -27.65 -6.45
CA LYS C 62 13.68 -26.34 -6.04
C LYS C 62 13.87 -26.27 -4.53
N ASP C 63 12.82 -26.58 -3.77
CA ASP C 63 12.92 -26.59 -2.31
C ASP C 63 13.90 -27.67 -1.89
N LYS C 64 14.85 -27.30 -1.02
CA LYS C 64 15.90 -28.25 -0.64
C LYS C 64 15.34 -29.44 0.12
N PHE C 65 14.43 -29.20 1.06
CA PHE C 65 13.92 -30.25 1.93
C PHE C 65 13.13 -31.31 1.17
N GLU C 66 12.42 -30.93 0.10
CA GLU C 66 11.77 -31.93 -0.74
C GLU C 66 12.80 -32.65 -1.60
N ASN C 67 13.80 -31.91 -2.08
CA ASN C 67 14.85 -32.49 -2.90
C ASN C 67 15.63 -33.55 -2.13
N MET C 68 15.70 -33.42 -0.80
CA MET C 68 16.42 -34.44 -0.02
C MET C 68 15.76 -35.81 -0.19
N GLY C 69 14.45 -35.90 0.06
CA GLY C 69 13.76 -37.16 -0.14
C GLY C 69 13.77 -37.59 -1.59
N ALA C 70 13.61 -36.64 -2.50
CA ALA C 70 13.64 -36.97 -3.93
C ALA C 70 14.96 -37.66 -4.30
N GLN C 71 16.08 -37.09 -3.86
CA GLN C 71 17.38 -37.66 -4.20
C GLN C 71 17.65 -38.97 -3.48
N MET C 72 17.19 -39.12 -2.23
CA MET C 72 17.38 -40.41 -1.56
C MET C 72 16.59 -41.52 -2.26
N VAL C 73 15.34 -41.24 -2.63
CA VAL C 73 14.56 -42.25 -3.35
C VAL C 73 15.19 -42.53 -4.72
N LYS C 74 15.69 -41.48 -5.38
CA LYS C 74 16.37 -41.69 -6.65
C LYS C 74 17.62 -42.55 -6.49
N GLU C 75 18.37 -42.34 -5.41
CA GLU C 75 19.58 -43.12 -5.17
C GLU C 75 19.24 -44.58 -4.94
N VAL C 76 18.22 -44.86 -4.12
CA VAL C 76 17.87 -46.26 -3.89
C VAL C 76 17.31 -46.89 -5.17
N ALA C 77 16.57 -46.12 -5.98
CA ALA C 77 16.09 -46.64 -7.26
C ALA C 77 17.25 -46.97 -8.19
N SER C 78 18.26 -46.10 -8.24
CA SER C 78 19.44 -46.37 -9.07
C SER C 78 20.22 -47.57 -8.57
N LYS C 79 20.29 -47.75 -7.24
CA LYS C 79 20.91 -48.95 -6.68
C LYS C 79 20.14 -50.20 -7.05
N THR C 80 18.81 -50.13 -7.11
CA THR C 80 18.03 -51.24 -7.64
C THR C 80 18.35 -51.49 -9.11
N ALA C 81 18.44 -50.41 -9.90
CA ALA C 81 18.56 -50.56 -11.35
C ALA C 81 19.92 -51.12 -11.76
N ASP C 82 21.00 -50.60 -11.17
CA ASP C 82 22.34 -50.98 -11.62
C ASP C 82 22.68 -52.43 -11.33
N VAL C 83 21.98 -53.07 -10.39
CA VAL C 83 22.25 -54.45 -10.03
C VAL C 83 21.29 -55.43 -10.70
N ALA C 84 20.23 -54.94 -11.35
CA ALA C 84 19.25 -55.82 -11.95
C ALA C 84 18.95 -55.42 -13.40
N GLY C 85 19.30 -54.20 -13.78
CA GLY C 85 19.08 -53.71 -15.12
C GLY C 85 17.68 -53.16 -15.37
N ASP C 86 16.80 -53.22 -14.39
CA ASP C 86 15.43 -52.73 -14.53
C ASP C 86 14.81 -52.65 -13.14
N GLY C 87 13.62 -52.06 -13.08
CA GLY C 87 12.87 -51.99 -11.83
C GLY C 87 12.99 -50.67 -11.10
N THR C 88 13.83 -49.75 -11.55
CA THR C 88 13.93 -48.45 -10.89
C THR C 88 12.60 -47.70 -10.93
N THR C 89 11.80 -47.94 -11.95
CA THR C 89 10.44 -47.41 -11.96
C THR C 89 9.58 -48.09 -10.91
N THR C 90 9.70 -49.42 -10.80
CA THR C 90 8.94 -50.16 -9.79
C THR C 90 9.39 -49.79 -8.38
N ALA C 91 10.70 -49.64 -8.17
CA ALA C 91 11.20 -49.32 -6.84
C ALA C 91 10.68 -47.99 -6.35
N THR C 92 10.68 -46.98 -7.23
CA THR C 92 10.17 -45.66 -6.83
C THR C 92 8.70 -45.72 -6.50
N VAL C 93 7.91 -46.45 -7.30
CA VAL C 93 6.48 -46.56 -7.04
C VAL C 93 6.22 -47.26 -5.71
N LEU C 94 6.94 -48.35 -5.46
CA LEU C 94 6.77 -49.06 -4.19
C LEU C 94 7.19 -48.19 -3.01
N ALA C 95 8.28 -47.45 -3.14
CA ALA C 95 8.69 -46.55 -2.07
C ALA C 95 7.64 -45.47 -1.82
N GLN C 96 7.08 -44.89 -2.88
CA GLN C 96 6.03 -43.91 -2.70
C GLN C 96 4.83 -44.51 -1.98
N ALA C 97 4.43 -45.71 -2.37
CA ALA C 97 3.26 -46.35 -1.74
C ALA C 97 3.53 -46.61 -0.27
N ILE C 98 4.70 -47.17 0.06
CA ILE C 98 5.00 -47.51 1.45
C ILE C 98 5.07 -46.24 2.28
N VAL C 99 5.72 -45.19 1.78
CA VAL C 99 5.86 -43.96 2.54
C VAL C 99 4.51 -43.28 2.72
N ARG C 100 3.69 -43.24 1.66
CA ARG C 100 2.39 -42.59 1.75
C ARG C 100 1.49 -43.31 2.74
N GLU C 101 1.55 -44.64 2.78
CA GLU C 101 0.75 -45.36 3.77
C GLU C 101 1.34 -45.21 5.17
N GLY C 102 2.66 -45.17 5.29
CA GLY C 102 3.28 -45.05 6.59
C GLY C 102 3.06 -43.70 7.23
N MET C 103 2.90 -42.65 6.43
CA MET C 103 2.60 -41.34 6.98
C MET C 103 1.25 -41.33 7.69
N LYS C 104 0.28 -42.08 7.17
CA LYS C 104 -1.03 -42.14 7.81
C LYS C 104 -0.92 -42.72 9.21
N TYR C 105 -0.11 -43.75 9.38
CA TYR C 105 0.05 -44.36 10.71
C TYR C 105 0.94 -43.54 11.62
N VAL C 106 1.98 -42.91 11.07
CA VAL C 106 2.86 -42.07 11.89
C VAL C 106 2.09 -40.86 12.42
N ALA C 107 1.27 -40.24 11.57
CA ALA C 107 0.41 -39.16 12.04
C ALA C 107 -0.62 -39.66 13.05
N ALA C 108 -0.94 -40.96 13.02
CA ALA C 108 -1.85 -41.54 13.99
C ALA C 108 -1.19 -41.82 15.34
N GLY C 109 0.02 -41.31 15.57
CA GLY C 109 0.69 -41.54 16.82
C GLY C 109 1.30 -42.91 16.97
N MET C 110 1.34 -43.68 15.88
CA MET C 110 1.83 -45.05 15.94
C MET C 110 3.35 -45.05 15.88
N ASN C 111 3.96 -46.02 16.54
CA ASN C 111 5.40 -46.00 16.79
C ASN C 111 6.20 -46.20 15.51
N PRO C 112 7.02 -45.23 15.08
CA PRO C 112 7.75 -45.38 13.81
C PRO C 112 8.72 -46.56 13.79
N MET C 113 9.43 -46.82 14.90
CA MET C 113 10.39 -47.93 14.90
C MET C 113 9.70 -49.27 14.73
N ASP C 114 8.58 -49.48 15.42
CA ASP C 114 7.81 -50.69 15.22
C ASP C 114 7.20 -50.78 13.84
N LEU C 115 6.82 -49.65 13.24
CA LEU C 115 6.38 -49.66 11.85
C LEU C 115 7.49 -50.13 10.92
N LYS C 116 8.72 -49.63 11.16
CA LYS C 116 9.85 -50.06 10.34
C LYS C 116 10.12 -51.54 10.52
N ARG C 117 10.05 -52.04 11.75
CA ARG C 117 10.26 -53.46 11.99
C ARG C 117 9.18 -54.32 11.34
N GLY C 118 7.92 -53.89 11.40
CA GLY C 118 6.86 -54.64 10.72
C GLY C 118 7.04 -54.63 9.22
N ILE C 119 7.45 -53.48 8.67
CA ILE C 119 7.71 -53.41 7.23
C ILE C 119 8.83 -54.36 6.84
N ASP C 120 9.89 -54.41 7.65
CA ASP C 120 10.98 -55.33 7.38
C ASP C 120 10.52 -56.77 7.46
N LYS C 121 9.69 -57.11 8.45
CA LYS C 121 9.19 -58.48 8.57
C LYS C 121 8.35 -58.87 7.36
N ALA C 122 7.45 -57.98 6.93
CA ALA C 122 6.60 -58.26 5.79
C ALA C 122 7.42 -58.40 4.52
N VAL C 123 8.42 -57.53 4.35
CA VAL C 123 9.27 -57.60 3.15
C VAL C 123 10.07 -58.89 3.15
N THR C 124 10.58 -59.29 4.31
CA THR C 124 11.31 -60.56 4.40
C THR C 124 10.41 -61.74 4.04
N ALA C 125 9.19 -61.75 4.55
CA ALA C 125 8.27 -62.83 4.23
C ALA C 125 7.92 -62.86 2.75
N ILE C 126 7.65 -61.69 2.16
CA ILE C 126 7.29 -61.65 0.74
C ILE C 126 8.47 -62.08 -0.13
N VAL C 127 9.68 -61.63 0.21
CA VAL C 127 10.86 -62.04 -0.53
C VAL C 127 11.08 -63.54 -0.42
N GLU C 128 10.90 -64.10 0.79
CA GLU C 128 11.02 -65.54 0.95
C GLU C 128 9.99 -66.29 0.12
N GLU C 129 8.78 -65.74 -0.01
CA GLU C 129 7.78 -66.36 -0.87
C GLU C 129 8.13 -66.22 -2.35
N LEU C 130 8.80 -65.13 -2.74
CA LEU C 130 9.18 -64.96 -4.14
C LEU C 130 10.16 -66.04 -4.57
N LYS C 131 10.97 -66.54 -3.64
CA LYS C 131 11.90 -67.62 -3.96
C LYS C 131 11.17 -68.91 -4.31
N ALA C 132 9.90 -69.04 -3.93
CA ALA C 132 9.09 -70.21 -4.28
C ALA C 132 8.22 -70.00 -5.52
N ILE C 133 7.70 -68.78 -5.71
CA ILE C 133 6.90 -68.51 -6.91
C ILE C 133 7.77 -68.51 -8.15
N SER C 134 9.02 -68.08 -8.03
CA SER C 134 9.88 -67.88 -9.18
C SER C 134 10.15 -69.19 -9.91
N LYS C 135 9.96 -69.17 -11.22
CA LYS C 135 10.33 -70.31 -12.05
C LYS C 135 11.79 -70.23 -12.43
N PRO C 136 12.61 -71.22 -12.09
CA PRO C 136 14.02 -71.17 -12.47
C PRO C 136 14.20 -71.32 -13.98
N CYS C 137 15.29 -70.73 -14.48
CA CYS C 137 15.63 -70.80 -15.90
C CYS C 137 17.12 -71.08 -16.02
N SER C 138 17.46 -72.33 -16.31
CA SER C 138 18.86 -72.72 -16.47
C SER C 138 19.15 -73.47 -17.77
N THR C 139 18.17 -74.10 -18.40
CA THR C 139 18.41 -74.77 -19.67
C THR C 139 18.67 -73.75 -20.77
N THR C 140 19.44 -74.17 -21.77
CA THR C 140 19.75 -73.29 -22.89
C THR C 140 18.48 -72.82 -23.59
N LYS C 141 17.50 -73.72 -23.71
CA LYS C 141 16.20 -73.32 -24.28
C LYS C 141 15.54 -72.25 -23.42
N GLU C 142 15.57 -72.42 -22.10
CA GLU C 142 14.98 -71.42 -21.21
C GLU C 142 15.72 -70.09 -21.32
N ILE C 143 17.05 -70.13 -21.38
CA ILE C 143 17.84 -68.91 -21.52
C ILE C 143 17.49 -68.19 -22.81
N ALA C 144 17.39 -68.94 -23.91
CA ALA C 144 17.03 -68.34 -25.19
C ALA C 144 15.63 -67.75 -25.15
N GLN C 145 14.69 -68.44 -24.52
CA GLN C 145 13.32 -67.93 -24.42
C GLN C 145 13.29 -66.63 -23.62
N VAL C 146 14.00 -66.59 -22.49
CA VAL C 146 14.03 -65.37 -21.68
C VAL C 146 14.67 -64.23 -22.45
N GLY C 147 15.77 -64.51 -23.15
CA GLY C 147 16.41 -63.47 -23.94
C GLY C 147 15.52 -62.93 -25.03
N THR C 148 14.82 -63.84 -25.73
CA THR C 148 13.91 -63.42 -26.79
C THR C 148 12.77 -62.57 -26.23
N ILE C 149 12.21 -62.98 -25.09
CA ILE C 149 11.13 -62.22 -24.48
C ILE C 149 11.62 -60.84 -24.05
N SER C 150 12.81 -60.77 -23.46
CA SER C 150 13.36 -59.48 -23.05
C SER C 150 13.70 -58.60 -24.25
N ALA C 151 14.03 -59.20 -25.38
CA ALA C 151 14.40 -58.45 -26.58
C ALA C 151 13.23 -58.22 -27.53
N ASN C 152 12.00 -58.25 -27.02
CA ASN C 152 10.80 -57.99 -27.82
C ASN C 152 10.69 -58.97 -28.98
N ALA C 153 10.61 -60.26 -28.64
CA ALA C 153 10.36 -61.35 -29.58
C ALA C 153 11.40 -61.45 -30.68
N ASP C 154 12.65 -61.07 -30.41
CA ASP C 154 13.73 -61.21 -31.38
C ASP C 154 14.47 -62.50 -31.05
N SER C 155 14.15 -63.57 -31.79
CA SER C 155 14.72 -64.89 -31.49
C SER C 155 16.22 -64.93 -31.71
N SER C 156 16.74 -64.16 -32.67
CA SER C 156 18.18 -64.16 -32.91
C SER C 156 18.95 -63.66 -31.70
N ILE C 157 18.45 -62.60 -31.05
CA ILE C 157 19.11 -62.08 -29.85
C ILE C 157 19.14 -63.13 -28.75
N GLY C 158 18.01 -63.80 -28.54
CA GLY C 158 17.96 -64.84 -27.50
C GLY C 158 18.89 -65.99 -27.81
N GLU C 159 18.95 -66.41 -29.07
CA GLU C 159 19.84 -67.50 -29.46
C GLU C 159 21.29 -67.11 -29.24
N ILE C 160 21.65 -65.88 -29.61
CA ILE C 160 23.03 -65.41 -29.41
C ILE C 160 23.36 -65.35 -27.93
N ILE C 161 22.43 -64.86 -27.11
CA ILE C 161 22.66 -64.78 -25.67
C ILE C 161 22.86 -66.17 -25.09
N ALA C 162 22.03 -67.12 -25.52
CA ALA C 162 22.17 -68.50 -25.02
C ALA C 162 23.50 -69.10 -25.44
N GLN C 163 23.90 -68.90 -26.69
CA GLN C 163 25.17 -69.44 -27.17
C GLN C 163 26.37 -68.79 -26.48
N ALA C 164 26.24 -67.53 -26.07
CA ALA C 164 27.32 -66.89 -25.34
C ALA C 164 27.37 -67.39 -23.90
N MET C 165 26.20 -67.59 -23.28
CA MET C 165 26.17 -67.95 -21.87
C MET C 165 26.52 -69.41 -21.63
N ASP C 166 26.11 -70.31 -22.53
CA ASP C 166 26.25 -71.75 -22.29
C ASP C 166 27.68 -72.26 -22.48
N LYS C 167 28.54 -71.50 -23.15
CA LYS C 167 29.92 -71.93 -23.36
C LYS C 167 30.94 -71.10 -22.60
N VAL C 168 30.58 -69.89 -22.16
CA VAL C 168 31.47 -69.09 -21.32
C VAL C 168 31.08 -69.18 -19.85
N GLY C 169 29.88 -69.63 -19.54
CA GLY C 169 29.44 -69.76 -18.16
C GLY C 169 28.37 -68.76 -17.80
N LYS C 170 27.41 -69.21 -17.00
CA LYS C 170 26.34 -68.32 -16.55
C LYS C 170 26.89 -67.19 -15.69
N GLU C 171 28.05 -67.38 -15.09
CA GLU C 171 28.75 -66.33 -14.37
C GLU C 171 29.83 -65.65 -15.20
N GLY C 172 29.94 -66.00 -16.49
CA GLY C 172 30.98 -65.46 -17.33
C GLY C 172 30.71 -64.03 -17.75
N VAL C 173 31.71 -63.44 -18.42
CA VAL C 173 31.62 -62.06 -18.86
C VAL C 173 31.19 -62.04 -20.32
N ILE C 174 30.15 -61.26 -20.62
CA ILE C 174 29.63 -61.11 -21.97
C ILE C 174 29.53 -59.62 -22.29
N THR C 175 30.07 -59.23 -23.44
CA THR C 175 30.03 -57.84 -23.88
C THR C 175 29.47 -57.80 -25.30
N VAL C 176 29.06 -56.61 -25.72
CA VAL C 176 28.42 -56.40 -27.02
C VAL C 176 29.28 -55.44 -27.83
N GLU C 177 29.60 -55.83 -29.07
CA GLU C 177 30.35 -55.00 -29.98
C GLU C 177 29.65 -54.99 -31.33
N ASP C 178 29.80 -53.90 -32.07
CA ASP C 178 29.18 -53.78 -33.37
C ASP C 178 29.76 -54.82 -34.34
N GLY C 179 28.88 -55.50 -35.07
CA GLY C 179 29.29 -56.56 -35.95
C GLY C 179 29.72 -56.08 -37.32
N LYS C 180 30.07 -57.05 -38.17
CA LYS C 180 30.54 -56.80 -39.52
C LYS C 180 29.60 -57.35 -40.58
N SER C 181 28.39 -57.72 -40.20
CA SER C 181 27.45 -58.33 -41.14
C SER C 181 26.02 -58.12 -40.65
N LEU C 182 25.07 -58.67 -41.41
CA LEU C 182 23.67 -58.59 -41.00
C LEU C 182 23.35 -59.55 -39.85
N GLU C 183 24.00 -60.71 -39.83
CA GLU C 183 23.73 -61.73 -38.83
C GLU C 183 24.62 -61.53 -37.61
N ASN C 184 24.04 -61.71 -36.42
CA ASN C 184 24.80 -61.58 -35.19
C ASN C 184 25.83 -62.68 -35.08
N GLU C 185 26.96 -62.36 -34.45
CA GLU C 185 28.05 -63.31 -34.27
C GLU C 185 28.60 -63.17 -32.86
N LEU C 186 29.29 -64.21 -32.41
CA LEU C 186 29.87 -64.23 -31.07
C LEU C 186 31.23 -64.90 -31.13
N GLU C 187 32.09 -64.52 -30.18
CA GLU C 187 33.44 -65.07 -30.11
C GLU C 187 33.95 -64.93 -28.68
N VAL C 188 34.99 -65.70 -28.38
CA VAL C 188 35.65 -65.68 -27.08
C VAL C 188 37.06 -65.15 -27.26
N VAL C 189 37.40 -64.10 -26.52
CA VAL C 189 38.72 -63.49 -26.58
C VAL C 189 39.30 -63.47 -25.17
N GLU C 190 40.63 -63.36 -25.10
CA GLU C 190 41.30 -63.30 -23.81
C GLU C 190 40.98 -61.97 -23.11
N GLY C 191 40.50 -62.06 -21.89
CA GLY C 191 40.11 -60.86 -21.16
C GLY C 191 39.59 -61.23 -19.79
N MET C 192 39.31 -60.19 -19.01
CA MET C 192 38.84 -60.36 -17.64
C MET C 192 38.08 -59.12 -17.23
N GLN C 193 37.25 -59.28 -16.19
CA GLN C 193 36.50 -58.18 -15.61
C GLN C 193 36.73 -58.16 -14.11
N PHE C 194 36.99 -56.97 -13.56
CA PHE C 194 37.23 -56.80 -12.14
C PHE C 194 36.33 -55.68 -11.63
N ASP C 195 36.02 -55.76 -10.33
CA ASP C 195 35.03 -54.87 -9.74
C ASP C 195 35.63 -53.53 -9.34
N ARG C 196 36.16 -52.79 -10.31
CA ARG C 196 36.65 -51.43 -10.08
C ARG C 196 36.15 -50.54 -11.20
N GLY C 197 35.57 -49.39 -10.82
CA GLY C 197 35.03 -48.45 -11.77
C GLY C 197 35.91 -47.23 -11.95
N TYR C 198 35.44 -46.32 -12.80
CA TYR C 198 36.15 -45.07 -13.02
C TYR C 198 36.14 -44.22 -11.75
N LEU C 199 37.24 -43.52 -11.51
CA LEU C 199 37.40 -42.75 -10.29
C LEU C 199 36.79 -41.35 -10.37
N SER C 200 36.26 -40.96 -11.52
CA SER C 200 35.56 -39.68 -11.65
C SER C 200 34.58 -39.79 -12.81
N PRO C 201 33.38 -39.23 -12.67
CA PRO C 201 32.40 -39.30 -13.76
C PRO C 201 32.86 -38.59 -15.03
N TYR C 202 33.84 -37.69 -14.94
CA TYR C 202 34.36 -37.03 -16.13
C TYR C 202 35.07 -37.99 -17.07
N PHE C 203 35.49 -39.16 -16.59
CA PHE C 203 36.15 -40.15 -17.43
C PHE C 203 35.22 -40.77 -18.46
N ILE C 204 33.90 -40.72 -18.23
CA ILE C 204 32.97 -41.36 -19.16
C ILE C 204 32.98 -40.63 -20.49
N ASN C 205 32.68 -41.38 -21.56
CA ASN C 205 32.58 -40.80 -22.89
C ASN C 205 31.35 -41.28 -23.64
N ASN C 206 30.50 -42.11 -23.04
CA ASN C 206 29.28 -42.61 -23.66
C ASN C 206 28.12 -42.34 -22.70
N PRO C 207 27.57 -41.12 -22.73
CA PRO C 207 26.45 -40.81 -21.81
C PRO C 207 25.25 -41.70 -22.00
N ASP C 208 25.06 -42.25 -23.21
CA ASP C 208 23.96 -43.19 -23.43
C ASP C 208 24.11 -44.45 -22.58
N LYS C 209 25.34 -44.97 -22.49
CA LYS C 209 25.59 -46.17 -21.70
C LYS C 209 26.14 -45.89 -20.31
N GLN C 210 26.49 -44.64 -20.02
CA GLN C 210 27.04 -44.24 -18.71
C GLN C 210 28.29 -45.07 -18.39
N VAL C 211 29.12 -45.29 -19.42
CA VAL C 211 30.36 -46.04 -19.28
C VAL C 211 31.45 -45.31 -20.04
N ALA C 212 32.69 -45.68 -19.75
CA ALA C 212 33.86 -45.16 -20.45
C ALA C 212 34.43 -46.26 -21.34
N VAL C 213 34.51 -45.96 -22.64
CA VAL C 213 34.98 -46.91 -23.64
C VAL C 213 36.21 -46.34 -24.33
N LEU C 214 37.27 -47.13 -24.38
CA LEU C 214 38.51 -46.75 -25.05
C LEU C 214 38.87 -47.83 -26.07
N ASP C 215 39.31 -47.40 -27.24
CA ASP C 215 39.58 -48.30 -28.35
C ASP C 215 41.09 -48.48 -28.54
N ASN C 216 41.53 -49.74 -28.49
CA ASN C 216 42.93 -50.14 -28.67
C ASN C 216 43.88 -49.30 -27.81
N PRO C 217 43.72 -49.29 -26.48
CA PRO C 217 44.56 -48.44 -25.65
C PRO C 217 45.79 -49.16 -25.15
N TYR C 218 46.68 -48.38 -24.52
CA TYR C 218 47.75 -48.97 -23.72
C TYR C 218 47.29 -49.11 -22.27
N ILE C 219 47.84 -50.11 -21.59
CA ILE C 219 47.49 -50.41 -20.20
C ILE C 219 48.69 -50.08 -19.33
N LEU C 220 48.48 -49.23 -18.33
CA LEU C 220 49.51 -48.85 -17.37
C LEU C 220 49.24 -49.57 -16.06
N LEU C 221 50.24 -50.29 -15.56
CA LEU C 221 50.11 -51.06 -14.32
C LEU C 221 51.08 -50.51 -13.29
N HIS C 222 50.55 -50.10 -12.14
CA HIS C 222 51.35 -49.60 -11.03
C HIS C 222 50.77 -50.13 -9.73
N ASP C 223 51.65 -50.45 -8.78
CA ASP C 223 51.24 -51.00 -7.50
C ASP C 223 51.28 -49.99 -6.36
N LYS C 224 51.66 -48.75 -6.64
CA LYS C 224 51.77 -47.71 -5.62
C LYS C 224 50.82 -46.55 -5.94
N LYS C 225 50.71 -45.63 -4.98
CA LYS C 225 49.89 -44.45 -5.16
C LYS C 225 50.53 -43.50 -6.18
N ILE C 226 49.67 -42.76 -6.87
CA ILE C 226 50.10 -41.72 -7.80
C ILE C 226 49.37 -40.43 -7.46
N SER C 227 50.14 -39.40 -7.07
CA SER C 227 49.55 -38.10 -6.78
C SER C 227 50.26 -37.01 -7.57
N ASN C 228 51.58 -37.15 -7.72
CA ASN C 228 52.36 -36.17 -8.45
C ASN C 228 52.20 -36.37 -9.95
N ILE C 229 51.88 -35.29 -10.67
CA ILE C 229 51.72 -35.38 -12.13
C ILE C 229 53.06 -35.67 -12.79
N ARG C 230 54.16 -35.25 -12.16
CA ARG C 230 55.49 -35.49 -12.73
C ARG C 230 55.81 -36.98 -12.78
N ASP C 231 55.22 -37.78 -11.90
CA ASP C 231 55.52 -39.20 -11.82
C ASP C 231 55.14 -39.95 -13.10
N LEU C 232 54.21 -39.42 -13.90
CA LEU C 232 53.76 -40.09 -15.10
C LEU C 232 53.87 -39.25 -16.36
N LEU C 233 54.32 -38.00 -16.27
CA LEU C 233 54.44 -37.15 -17.45
C LEU C 233 55.34 -37.72 -18.55
N PRO C 234 56.51 -38.29 -18.26
CA PRO C 234 57.30 -38.89 -19.34
C PRO C 234 56.60 -40.02 -20.06
N VAL C 235 55.72 -40.76 -19.39
CA VAL C 235 54.96 -41.82 -20.04
C VAL C 235 53.75 -41.24 -20.77
N LEU C 236 53.12 -40.21 -20.17
CA LEU C 236 51.97 -39.58 -20.80
C LEU C 236 52.36 -38.89 -22.10
N GLU C 237 53.55 -38.27 -22.16
CA GLU C 237 54.00 -37.68 -23.42
C GLU C 237 54.21 -38.75 -24.48
N GLN C 238 54.78 -39.90 -24.10
CA GLN C 238 54.97 -40.99 -25.06
C GLN C 238 53.63 -41.49 -25.57
N VAL C 239 52.65 -41.64 -24.68
CA VAL C 239 51.32 -42.11 -25.11
C VAL C 239 50.64 -41.06 -25.98
N ALA C 240 50.92 -39.77 -25.73
CA ALA C 240 50.34 -38.72 -26.56
C ALA C 240 50.92 -38.73 -27.96
N LYS C 241 52.24 -38.88 -28.07
CA LYS C 241 52.85 -38.98 -29.39
C LYS C 241 52.45 -40.25 -30.11
N ALA C 242 52.24 -41.35 -29.37
CA ALA C 242 51.73 -42.57 -29.95
C ALA C 242 50.31 -42.42 -30.49
N GLY C 243 49.46 -41.66 -29.80
CA GLY C 243 48.12 -41.36 -30.27
C GLY C 243 47.04 -42.32 -29.81
N ARG C 244 47.40 -43.45 -29.22
CA ARG C 244 46.40 -44.39 -28.75
C ARG C 244 45.98 -44.04 -27.31
N PRO C 245 44.76 -44.40 -26.93
CA PRO C 245 44.28 -44.04 -25.58
C PRO C 245 45.08 -44.75 -24.49
N LEU C 246 44.90 -44.27 -23.26
CA LEU C 246 45.62 -44.79 -22.10
C LEU C 246 44.63 -45.22 -21.03
N LEU C 247 44.83 -46.42 -20.50
CA LEU C 247 44.16 -46.89 -19.30
C LEU C 247 45.20 -47.11 -18.22
N ILE C 248 45.02 -46.47 -17.07
CA ILE C 248 46.00 -46.49 -15.99
C ILE C 248 45.41 -47.31 -14.84
N ILE C 249 46.13 -48.37 -14.46
CA ILE C 249 45.76 -49.20 -13.31
C ILE C 249 46.80 -48.96 -12.23
N ALA C 250 46.35 -48.43 -11.09
CA ALA C 250 47.24 -48.11 -9.99
C ALA C 250 46.50 -48.37 -8.68
N GLU C 251 47.25 -48.32 -7.58
CA GLU C 251 46.64 -48.45 -6.26
C GLU C 251 45.62 -47.34 -6.02
N ASP C 252 45.98 -46.11 -6.38
CA ASP C 252 45.07 -44.97 -6.35
C ASP C 252 45.74 -43.80 -7.06
N VAL C 253 44.90 -42.95 -7.65
CA VAL C 253 45.35 -41.68 -8.23
C VAL C 253 44.50 -40.57 -7.63
N GLU C 254 45.16 -39.47 -7.26
CA GLU C 254 44.49 -38.39 -6.56
C GLU C 254 45.29 -37.11 -6.72
N GLY C 255 44.65 -35.99 -6.39
CA GLY C 255 45.35 -34.72 -6.39
C GLY C 255 45.58 -34.17 -7.78
N GLU C 256 46.77 -33.57 -7.98
CA GLU C 256 47.06 -32.88 -9.22
C GLU C 256 47.09 -33.85 -10.41
N ALA C 257 47.53 -35.08 -10.19
CA ALA C 257 47.54 -36.06 -11.29
C ALA C 257 46.13 -36.35 -11.78
N LEU C 258 45.21 -36.61 -10.86
CA LEU C 258 43.82 -36.87 -11.24
C LEU C 258 43.19 -35.63 -11.88
N ALA C 259 43.48 -34.45 -11.32
CA ALA C 259 42.93 -33.22 -11.89
C ALA C 259 43.43 -33.01 -13.31
N THR C 260 44.74 -33.23 -13.54
CA THR C 260 45.30 -33.06 -14.87
C THR C 260 44.72 -34.08 -15.85
N LEU C 261 44.52 -35.33 -15.41
CA LEU C 261 43.91 -36.32 -16.29
C LEU C 261 42.48 -35.93 -16.65
N VAL C 262 41.72 -35.41 -15.66
CA VAL C 262 40.36 -34.98 -15.93
C VAL C 262 40.35 -33.82 -16.93
N VAL C 263 41.25 -32.85 -16.73
CA VAL C 263 41.32 -31.71 -17.63
C VAL C 263 41.71 -32.15 -19.03
N ASN C 264 42.64 -33.10 -19.14
CA ASN C 264 43.04 -33.60 -20.45
C ASN C 264 41.89 -34.32 -21.14
N ASN C 265 41.14 -35.12 -20.39
CA ASN C 265 39.99 -35.81 -20.99
C ASN C 265 38.93 -34.82 -21.44
N LEU C 266 38.65 -33.81 -20.64
CA LEU C 266 37.66 -32.80 -21.01
C LEU C 266 38.11 -31.99 -22.22
N ARG C 267 39.38 -31.62 -22.29
CA ARG C 267 39.90 -30.80 -23.37
C ARG C 267 40.15 -31.58 -24.65
N GLY C 268 40.07 -32.92 -24.59
CA GLY C 268 40.42 -33.73 -25.73
C GLY C 268 41.91 -33.84 -25.98
N ILE C 269 42.73 -33.41 -25.02
CA ILE C 269 44.17 -33.51 -25.19
C ILE C 269 44.61 -34.97 -25.29
N LEU C 270 44.06 -35.83 -24.43
CA LEU C 270 44.45 -37.22 -24.38
C LEU C 270 43.30 -38.05 -23.84
N LYS C 271 43.10 -39.23 -24.42
CA LYS C 271 42.05 -40.15 -23.98
C LYS C 271 42.60 -41.00 -22.85
N THR C 272 42.19 -40.70 -21.62
CA THR C 272 42.71 -41.36 -20.44
C THR C 272 41.58 -41.89 -19.57
N CYS C 273 41.90 -42.94 -18.81
CA CYS C 273 40.99 -43.47 -17.80
C CYS C 273 41.82 -44.14 -16.72
N ALA C 274 41.46 -43.87 -15.47
CA ALA C 274 42.21 -44.39 -14.33
C ALA C 274 41.26 -45.10 -13.38
N VAL C 275 41.63 -46.32 -13.01
CA VAL C 275 40.84 -47.13 -12.08
C VAL C 275 41.78 -47.72 -11.04
N LYS C 276 41.21 -48.01 -9.86
CA LYS C 276 41.98 -48.66 -8.82
C LYS C 276 42.30 -50.09 -9.20
N ALA C 277 43.46 -50.58 -8.79
CA ALA C 277 43.82 -51.95 -9.06
C ALA C 277 42.93 -52.91 -8.26
N PRO C 278 42.54 -54.03 -8.85
CA PRO C 278 41.64 -54.95 -8.15
C PRO C 278 42.32 -55.64 -6.97
N GLY C 279 41.52 -55.95 -5.96
CA GLY C 279 42.00 -56.66 -4.80
C GLY C 279 42.72 -55.75 -3.81
N PHE C 280 43.16 -56.37 -2.71
CA PHE C 280 43.91 -55.67 -1.68
C PHE C 280 44.80 -56.66 -0.96
N GLY C 281 45.78 -56.12 -0.23
CA GLY C 281 46.72 -57.00 0.43
C GLY C 281 47.65 -57.66 -0.57
N ASP C 282 48.03 -58.90 -0.27
CA ASP C 282 48.85 -59.68 -1.19
C ASP C 282 48.12 -60.01 -2.49
N ARG C 283 46.79 -59.96 -2.49
CA ARG C 283 46.04 -60.23 -3.72
C ARG C 283 46.27 -59.13 -4.74
N ARG C 284 46.69 -57.95 -4.29
CA ARG C 284 46.89 -56.82 -5.20
C ARG C 284 47.97 -57.14 -6.23
N LYS C 285 49.11 -57.66 -5.76
CA LYS C 285 50.21 -57.98 -6.67
C LYS C 285 49.82 -59.09 -7.63
N ALA C 286 49.09 -60.10 -7.16
CA ALA C 286 48.64 -61.18 -8.03
C ALA C 286 47.70 -60.66 -9.11
N MET C 287 46.76 -59.79 -8.73
CA MET C 287 45.86 -59.19 -9.70
C MET C 287 46.61 -58.39 -10.74
N LEU C 288 47.56 -57.56 -10.29
CA LEU C 288 48.32 -56.74 -11.22
C LEU C 288 49.15 -57.59 -12.17
N GLN C 289 49.78 -58.65 -11.65
CA GLN C 289 50.59 -59.51 -12.50
C GLN C 289 49.73 -60.25 -13.52
N ASP C 290 48.56 -60.74 -13.10
CA ASP C 290 47.67 -61.42 -14.05
C ASP C 290 47.19 -60.45 -15.12
N ILE C 291 46.84 -59.22 -14.73
CA ILE C 291 46.39 -58.25 -15.72
C ILE C 291 47.51 -57.90 -16.69
N ALA C 292 48.74 -57.74 -16.19
CA ALA C 292 49.86 -57.42 -17.04
C ALA C 292 50.15 -58.55 -18.04
N ILE C 293 50.14 -59.79 -17.55
CA ILE C 293 50.43 -60.91 -18.45
C ILE C 293 49.29 -61.10 -19.45
N LEU C 294 48.06 -60.72 -19.07
CA LEU C 294 46.95 -60.81 -20.00
C LEU C 294 47.02 -59.74 -21.07
N THR C 295 47.46 -58.53 -20.70
CA THR C 295 47.60 -57.43 -21.65
C THR C 295 48.99 -57.36 -22.27
N GLY C 296 49.89 -58.28 -21.91
CA GLY C 296 51.22 -58.27 -22.45
C GLY C 296 52.16 -57.24 -21.85
N GLY C 297 51.74 -56.55 -20.79
CA GLY C 297 52.56 -55.54 -20.16
C GLY C 297 53.33 -56.07 -18.96
N THR C 298 53.99 -55.14 -18.28
CA THR C 298 54.76 -55.45 -17.07
C THR C 298 54.37 -54.48 -15.98
N VAL C 299 54.29 -54.98 -14.75
CA VAL C 299 53.89 -54.14 -13.62
C VAL C 299 55.07 -53.26 -13.22
N ILE C 300 54.81 -51.95 -13.11
CA ILE C 300 55.83 -51.01 -12.67
C ILE C 300 55.86 -51.02 -11.14
N SER C 301 56.96 -51.50 -10.58
CA SER C 301 57.08 -51.61 -9.13
C SER C 301 58.55 -51.54 -8.74
N GLU C 302 58.79 -51.03 -7.52
CA GLU C 302 60.16 -50.99 -7.01
C GLU C 302 60.69 -52.38 -6.71
N GLU C 303 59.85 -53.28 -6.21
CA GLU C 303 60.26 -54.65 -5.92
C GLU C 303 60.69 -55.42 -7.15
N VAL C 304 60.23 -55.02 -8.34
CA VAL C 304 60.64 -55.63 -9.59
C VAL C 304 61.68 -54.77 -10.33
N GLY C 305 62.05 -53.64 -9.75
CA GLY C 305 63.14 -52.84 -10.29
C GLY C 305 62.78 -51.91 -11.42
N LEU C 306 61.54 -51.43 -11.48
CA LEU C 306 61.12 -50.48 -12.49
C LEU C 306 60.48 -49.26 -11.82
N SER C 307 60.61 -48.11 -12.49
CA SER C 307 60.06 -46.86 -12.01
C SER C 307 59.21 -46.23 -13.10
N LEU C 308 58.15 -45.53 -12.70
CA LEU C 308 57.25 -44.91 -13.66
C LEU C 308 57.91 -43.75 -14.38
N GLU C 309 58.94 -43.13 -13.80
CA GLU C 309 59.61 -42.02 -14.47
C GLU C 309 60.35 -42.46 -15.71
N LYS C 310 60.79 -43.73 -15.76
CA LYS C 310 61.53 -44.25 -16.90
C LYS C 310 60.74 -45.24 -17.73
N ALA C 311 59.47 -45.47 -17.42
CA ALA C 311 58.69 -46.47 -18.14
C ALA C 311 58.48 -46.05 -19.60
N THR C 312 58.48 -47.04 -20.48
CA THR C 312 58.31 -46.83 -21.91
C THR C 312 57.05 -47.55 -22.37
N LEU C 313 56.70 -47.33 -23.64
CA LEU C 313 55.51 -47.95 -24.20
C LEU C 313 55.62 -49.47 -24.27
N GLU C 314 56.85 -50.00 -24.33
CA GLU C 314 57.03 -51.45 -24.35
C GLU C 314 56.58 -52.10 -23.05
N ASP C 315 56.82 -51.46 -21.91
CA ASP C 315 56.37 -52.00 -20.63
C ASP C 315 54.85 -52.02 -20.51
N LEU C 316 54.18 -51.09 -21.17
CA LEU C 316 52.72 -50.98 -21.05
C LEU C 316 52.03 -52.11 -21.79
N GLY C 317 50.94 -52.62 -21.20
CA GLY C 317 50.10 -53.57 -21.88
C GLY C 317 49.14 -52.91 -22.83
N GLN C 318 48.45 -53.73 -23.62
CA GLN C 318 47.50 -53.20 -24.60
C GLN C 318 46.44 -54.25 -24.89
N ALA C 319 45.29 -53.78 -25.38
CA ALA C 319 44.17 -54.65 -25.69
C ALA C 319 43.29 -53.96 -26.72
N LYS C 320 42.40 -54.75 -27.34
CA LYS C 320 41.54 -54.20 -28.38
C LYS C 320 40.57 -53.17 -27.84
N ARG C 321 39.97 -53.41 -26.67
CA ARG C 321 38.99 -52.50 -26.10
C ARG C 321 38.92 -52.72 -24.59
N VAL C 322 38.73 -51.63 -23.86
CA VAL C 322 38.44 -51.68 -22.44
C VAL C 322 37.18 -50.87 -22.17
N GLU C 323 36.28 -51.44 -21.37
CA GLU C 323 35.04 -50.77 -20.97
C GLU C 323 35.08 -50.52 -19.48
N VAL C 324 34.90 -49.27 -19.08
CA VAL C 324 34.95 -48.87 -17.69
C VAL C 324 33.56 -48.40 -17.28
N ALA C 325 32.91 -49.17 -16.41
CA ALA C 325 31.61 -48.80 -15.88
C ALA C 325 31.78 -48.19 -14.49
N LYS C 326 30.64 -47.89 -13.84
CA LYS C 326 30.71 -47.29 -12.52
C LYS C 326 31.26 -48.26 -11.48
N GLU C 327 30.94 -49.54 -11.61
CA GLU C 327 31.32 -50.53 -10.61
C GLU C 327 32.38 -51.52 -11.07
N HIS C 328 32.49 -51.78 -12.37
CA HIS C 328 33.43 -52.79 -12.85
C HIS C 328 34.07 -52.31 -14.15
N THR C 329 35.24 -52.86 -14.43
CA THR C 329 35.99 -52.59 -15.64
C THR C 329 36.39 -53.91 -16.29
N THR C 330 36.23 -53.99 -17.61
CA THR C 330 36.53 -55.22 -18.34
C THR C 330 37.54 -54.91 -19.43
N ILE C 331 38.34 -55.92 -19.77
CA ILE C 331 39.38 -55.81 -20.79
C ILE C 331 39.07 -56.82 -21.88
N ILE C 332 39.10 -56.37 -23.13
CA ILE C 332 38.72 -57.19 -24.27
C ILE C 332 39.96 -57.41 -25.14
N ASP C 333 40.27 -58.68 -25.42
CA ASP C 333 41.32 -59.07 -26.35
C ASP C 333 42.68 -58.49 -25.95
N GLY C 334 43.14 -58.96 -24.79
CA GLY C 334 44.46 -58.55 -24.33
C GLY C 334 45.56 -59.08 -25.23
N ALA C 335 46.69 -58.36 -25.22
CA ALA C 335 47.81 -58.69 -26.11
C ALA C 335 48.59 -59.92 -25.66
N GLY C 336 48.36 -60.42 -24.45
CA GLY C 336 49.08 -61.58 -23.97
C GLY C 336 48.91 -62.82 -24.83
N ASP C 337 50.00 -63.52 -25.09
CA ASP C 337 49.93 -64.73 -25.90
C ASP C 337 49.17 -65.82 -25.14
N PRO C 338 48.38 -66.64 -25.85
CA PRO C 338 47.62 -67.70 -25.16
C PRO C 338 48.49 -68.72 -24.44
N ALA C 339 49.73 -68.95 -24.90
CA ALA C 339 50.58 -69.94 -24.26
C ALA C 339 50.94 -69.53 -22.84
N LYS C 340 51.40 -68.28 -22.67
CA LYS C 340 51.74 -67.80 -21.33
C LYS C 340 50.50 -67.70 -20.45
N ILE C 341 49.36 -67.33 -21.03
CA ILE C 341 48.12 -67.27 -20.26
C ILE C 341 47.74 -68.65 -19.74
N GLN C 342 47.83 -69.66 -20.60
CA GLN C 342 47.52 -71.03 -20.17
C GLN C 342 48.53 -71.53 -19.15
N ALA C 343 49.81 -71.17 -19.30
CA ALA C 343 50.81 -71.55 -18.32
C ALA C 343 50.51 -70.93 -16.96
N ARG C 344 50.13 -69.65 -16.94
CA ARG C 344 49.76 -69.02 -15.68
C ARG C 344 48.49 -69.62 -15.11
N VAL C 345 47.55 -70.02 -15.98
CA VAL C 345 46.35 -70.69 -15.50
C VAL C 345 46.71 -72.00 -14.79
N LYS C 346 47.62 -72.77 -15.38
CA LYS C 346 48.07 -74.00 -14.72
C LYS C 346 48.80 -73.69 -13.42
N GLU C 347 49.60 -72.61 -13.42
CA GLU C 347 50.30 -72.22 -12.20
C GLU C 347 49.33 -71.90 -11.08
N ILE C 348 48.28 -71.14 -11.39
CA ILE C 348 47.29 -70.77 -10.38
C ILE C 348 46.50 -72.01 -9.94
N ARG C 349 46.19 -72.90 -10.88
CA ARG C 349 45.46 -74.12 -10.55
C ARG C 349 46.27 -75.04 -9.64
N VAL C 350 47.59 -75.10 -9.80
CA VAL C 350 48.40 -75.90 -8.90
C VAL C 350 48.69 -75.17 -7.59
N GLN C 351 48.68 -73.83 -7.61
CA GLN C 351 48.74 -73.08 -6.37
C GLN C 351 47.45 -73.20 -5.57
N ILE C 352 46.35 -73.58 -6.23
CA ILE C 352 45.08 -73.80 -5.52
C ILE C 352 45.27 -74.83 -4.41
N GLU C 353 46.00 -75.91 -4.71
CA GLU C 353 46.29 -76.92 -3.70
C GLU C 353 47.21 -76.41 -2.61
N GLU C 354 47.90 -75.30 -2.83
CA GLU C 354 48.78 -74.70 -1.83
C GLU C 354 48.04 -73.76 -0.88
N ALA C 355 46.73 -73.60 -1.04
CA ALA C 355 45.98 -72.66 -0.23
C ALA C 355 45.97 -73.09 1.23
N THR C 356 46.21 -72.13 2.12
CA THR C 356 46.22 -72.37 3.56
C THR C 356 44.82 -72.32 4.18
N SER C 357 43.81 -71.88 3.44
CA SER C 357 42.47 -71.76 3.98
C SER C 357 41.48 -71.83 2.82
N ASP C 358 40.21 -72.06 3.18
CA ASP C 358 39.16 -72.09 2.16
C ASP C 358 39.00 -70.73 1.49
N TYR C 359 39.22 -69.65 2.23
CA TYR C 359 39.17 -68.32 1.63
C TYR C 359 40.28 -68.15 0.58
N ASP C 360 41.48 -68.64 0.89
CA ASP C 360 42.57 -68.58 -0.09
C ASP C 360 42.23 -69.41 -1.32
N ARG C 361 41.67 -70.59 -1.10
CA ARG C 361 41.33 -71.47 -2.23
C ARG C 361 40.26 -70.87 -3.11
N GLU C 362 39.25 -70.22 -2.50
CA GLU C 362 38.18 -69.63 -3.29
C GLU C 362 38.67 -68.41 -4.07
N LYS C 363 39.57 -67.62 -3.49
CA LYS C 363 40.16 -66.52 -4.27
C LYS C 363 41.03 -67.03 -5.40
N LEU C 364 41.78 -68.11 -5.18
CA LEU C 364 42.56 -68.70 -6.26
C LEU C 364 41.65 -69.23 -7.35
N GLN C 365 40.52 -69.84 -6.98
CA GLN C 365 39.54 -70.30 -7.96
C GLN C 365 38.95 -69.13 -8.73
N GLU C 366 38.68 -68.01 -8.04
CA GLU C 366 38.20 -66.82 -8.73
C GLU C 366 39.23 -66.32 -9.73
N ARG C 367 40.51 -66.35 -9.35
CA ARG C 367 41.58 -65.98 -10.28
C ARG C 367 41.55 -66.90 -11.50
N VAL C 368 41.45 -68.21 -11.28
CA VAL C 368 41.41 -69.15 -12.40
C VAL C 368 40.25 -68.85 -13.33
N ALA C 369 39.06 -68.63 -12.74
CA ALA C 369 37.88 -68.36 -13.56
C ALA C 369 38.04 -67.07 -14.35
N LYS C 370 38.44 -65.99 -13.68
CA LYS C 370 38.53 -64.70 -14.35
C LYS C 370 39.62 -64.69 -15.42
N LEU C 371 40.63 -65.55 -15.28
CA LEU C 371 41.70 -65.57 -16.27
C LEU C 371 41.36 -66.50 -17.44
N ALA C 372 41.03 -67.76 -17.14
CA ALA C 372 40.81 -68.74 -18.20
C ALA C 372 39.48 -68.56 -18.92
N GLY C 373 38.48 -67.99 -18.25
CA GLY C 373 37.16 -67.87 -18.87
C GLY C 373 37.11 -66.92 -20.05
N GLY C 374 38.03 -65.96 -20.11
CA GLY C 374 38.00 -65.03 -21.22
C GLY C 374 36.80 -64.11 -21.15
N VAL C 375 36.51 -63.50 -22.30
CA VAL C 375 35.37 -62.60 -22.44
C VAL C 375 34.60 -62.98 -23.69
N ALA C 376 33.28 -63.13 -23.55
CA ALA C 376 32.43 -63.37 -24.70
C ALA C 376 32.04 -62.03 -25.33
N VAL C 377 32.26 -61.91 -26.63
CA VAL C 377 31.97 -60.68 -27.36
C VAL C 377 30.87 -61.00 -28.36
N ILE C 378 29.76 -60.27 -28.27
CA ILE C 378 28.63 -60.46 -29.17
C ILE C 378 28.73 -59.42 -30.29
N LYS C 379 28.89 -59.90 -31.52
CA LYS C 379 28.97 -59.02 -32.68
C LYS C 379 27.55 -58.79 -33.20
N VAL C 380 26.91 -57.74 -32.68
CA VAL C 380 25.53 -57.45 -33.08
C VAL C 380 25.52 -57.01 -34.54
N GLY C 381 24.70 -57.70 -35.33
CA GLY C 381 24.63 -57.46 -36.77
C GLY C 381 23.31 -56.88 -37.19
N ALA C 382 23.37 -55.90 -38.09
CA ALA C 382 22.18 -55.25 -38.61
C ALA C 382 22.53 -54.52 -39.90
N ALA C 383 21.50 -54.03 -40.59
CA ALA C 383 21.68 -53.45 -41.91
C ALA C 383 22.32 -52.07 -41.87
N THR C 384 21.90 -51.22 -40.94
CA THR C 384 22.32 -49.81 -40.95
C THR C 384 22.84 -49.41 -39.57
N GLU C 385 23.54 -48.28 -39.55
CA GLU C 385 24.03 -47.73 -38.29
C GLU C 385 22.89 -47.33 -37.37
N VAL C 386 21.81 -46.79 -37.92
CA VAL C 386 20.64 -46.46 -37.11
C VAL C 386 20.07 -47.73 -36.48
N GLU C 387 19.97 -48.80 -37.26
CA GLU C 387 19.52 -50.08 -36.71
C GLU C 387 20.58 -50.69 -35.80
N MET C 388 21.86 -50.45 -36.11
CA MET C 388 22.94 -50.84 -35.19
C MET C 388 22.71 -50.27 -33.80
N LYS C 389 22.43 -48.97 -33.71
CA LYS C 389 22.32 -48.32 -32.42
C LYS C 389 21.18 -48.91 -31.59
N GLU C 390 20.03 -49.15 -32.23
CA GLU C 390 18.90 -49.71 -31.51
C GLU C 390 19.13 -51.18 -31.13
N LYS C 391 19.68 -51.96 -32.06
CA LYS C 391 19.86 -53.38 -31.80
C LYS C 391 20.91 -53.62 -30.72
N LYS C 392 21.95 -52.79 -30.67
CA LYS C 392 22.95 -52.93 -29.61
C LYS C 392 22.34 -52.69 -28.24
N ALA C 393 21.51 -51.65 -28.11
CA ALA C 393 20.84 -51.40 -26.84
C ALA C 393 19.88 -52.52 -26.48
N ARG C 394 19.14 -53.02 -27.47
CA ARG C 394 18.22 -54.13 -27.20
C ARG C 394 18.98 -55.38 -26.75
N VAL C 395 20.10 -55.68 -27.38
CA VAL C 395 20.90 -56.83 -27.00
C VAL C 395 21.47 -56.65 -25.60
N GLU C 396 21.93 -55.43 -25.28
CA GLU C 396 22.45 -55.19 -23.95
C GLU C 396 21.37 -55.36 -22.88
N ASP C 397 20.16 -54.83 -23.14
CA ASP C 397 19.07 -55.00 -22.19
C ASP C 397 18.68 -56.47 -22.03
N ALA C 398 18.63 -57.21 -23.14
CA ALA C 398 18.33 -58.64 -23.06
C ALA C 398 19.40 -59.38 -22.30
N LEU C 399 20.67 -59.03 -22.50
CA LEU C 399 21.76 -59.66 -21.76
C LEU C 399 21.64 -59.40 -20.28
N HIS C 400 21.33 -58.15 -19.89
CA HIS C 400 21.17 -57.83 -18.48
C HIS C 400 19.99 -58.60 -17.89
N ALA C 401 18.87 -58.68 -18.60
CA ALA C 401 17.72 -59.40 -18.11
C ALA C 401 18.02 -60.89 -17.95
N THR C 402 18.71 -61.48 -18.93
CA THR C 402 19.07 -62.89 -18.84
C THR C 402 20.03 -63.15 -17.70
N ARG C 403 21.00 -62.27 -17.50
CA ARG C 403 21.92 -62.40 -16.37
C ARG C 403 21.17 -62.36 -15.05
N ALA C 404 20.23 -61.42 -14.93
CA ALA C 404 19.38 -61.38 -13.75
C ALA C 404 18.47 -62.59 -13.66
N ALA C 405 17.90 -63.01 -14.80
CA ALA C 405 16.97 -64.14 -14.79
C ALA C 405 17.64 -65.46 -14.45
N VAL C 406 18.85 -65.71 -14.99
CA VAL C 406 19.49 -67.00 -14.76
C VAL C 406 19.93 -67.16 -13.31
N GLU C 407 20.15 -66.05 -12.60
CA GLU C 407 20.59 -66.13 -11.21
C GLU C 407 19.47 -66.54 -10.28
N GLU C 408 18.27 -65.98 -10.46
CA GLU C 408 17.18 -66.18 -9.52
C GLU C 408 15.88 -66.64 -10.17
N GLY C 409 15.91 -66.99 -11.45
CA GLY C 409 14.70 -67.45 -12.12
C GLY C 409 13.82 -66.30 -12.58
N ILE C 410 12.74 -66.67 -13.27
CA ILE C 410 11.79 -65.70 -13.80
C ILE C 410 10.51 -65.78 -12.98
N VAL C 411 9.75 -64.70 -13.01
CA VAL C 411 8.50 -64.62 -12.25
C VAL C 411 7.48 -63.83 -13.06
N PRO C 412 6.19 -64.19 -12.93
CA PRO C 412 5.15 -63.45 -13.66
C PRO C 412 5.24 -61.94 -13.48
N GLY C 413 5.48 -61.23 -14.58
CA GLY C 413 5.69 -59.80 -14.53
C GLY C 413 4.41 -58.99 -14.51
N GLY C 414 4.53 -57.67 -14.66
CA GLY C 414 3.38 -56.80 -14.64
C GLY C 414 2.80 -56.58 -13.25
N GLY C 415 3.58 -56.84 -12.21
CA GLY C 415 3.13 -56.65 -10.85
C GLY C 415 2.37 -57.80 -10.25
N VAL C 416 2.06 -58.84 -11.03
CA VAL C 416 1.33 -59.99 -10.49
C VAL C 416 2.20 -60.77 -9.53
N ALA C 417 3.53 -60.74 -9.71
CA ALA C 417 4.43 -61.49 -8.86
C ALA C 417 4.32 -61.07 -7.41
N LEU C 418 4.29 -59.77 -7.16
CA LEU C 418 4.17 -59.28 -5.78
C LEU C 418 2.83 -59.67 -5.17
N LEU C 419 1.75 -59.66 -5.95
CA LEU C 419 0.46 -60.10 -5.43
C LEU C 419 0.48 -61.57 -5.05
N ARG C 420 1.05 -62.41 -5.93
CA ARG C 420 1.13 -63.84 -5.62
C ARG C 420 1.97 -64.09 -4.38
N ALA C 421 3.12 -63.39 -4.28
CA ALA C 421 3.97 -63.54 -3.10
C ALA C 421 3.25 -63.08 -1.83
N ARG C 422 2.53 -61.96 -1.92
CA ARG C 422 1.79 -61.46 -0.76
C ARG C 422 0.73 -62.45 -0.32
N GLU C 423 -0.04 -62.99 -1.27
CA GLU C 423 -1.08 -63.95 -0.92
C GLU C 423 -0.48 -65.20 -0.30
N ALA C 424 0.62 -65.70 -0.87
CA ALA C 424 1.26 -66.89 -0.32
C ALA C 424 1.81 -66.64 1.07
N ALA C 425 2.41 -65.47 1.30
CA ALA C 425 2.94 -65.14 2.62
C ALA C 425 1.82 -64.99 3.65
N VAL C 426 0.71 -64.35 3.27
CA VAL C 426 -0.41 -64.22 4.19
C VAL C 426 -0.99 -65.59 4.53
N ALA C 427 -1.13 -66.45 3.51
CA ALA C 427 -1.62 -67.80 3.78
C ALA C 427 -0.65 -68.59 4.66
N LYS C 428 0.65 -68.34 4.51
CA LYS C 428 1.63 -68.99 5.38
C LYS C 428 1.43 -68.59 6.83
N GLY C 429 0.94 -67.37 7.08
CA GLY C 429 0.80 -66.86 8.41
C GLY C 429 1.83 -65.80 8.73
N LEU C 430 1.43 -64.54 8.65
CA LEU C 430 2.29 -63.40 8.91
C LEU C 430 1.65 -62.52 9.97
N LYS C 431 2.39 -62.24 11.05
CA LYS C 431 1.84 -61.49 12.17
C LYS C 431 2.94 -60.65 12.79
N GLY C 432 2.52 -59.61 13.50
CA GLY C 432 3.44 -58.74 14.21
C GLY C 432 3.28 -58.90 15.72
N ASP C 433 4.38 -58.67 16.43
CA ASP C 433 4.37 -58.77 17.89
C ASP C 433 3.65 -57.62 18.56
N ASN C 434 3.36 -56.55 17.84
CA ASN C 434 2.68 -55.38 18.37
C ASN C 434 1.61 -54.95 17.39
N PRO C 435 0.61 -54.20 17.83
CA PRO C 435 -0.31 -53.57 16.87
C PRO C 435 0.40 -52.64 15.91
N ASP C 436 1.47 -51.98 16.36
CA ASP C 436 2.28 -51.17 15.44
C ASP C 436 2.96 -52.03 14.40
N GLN C 437 3.49 -53.19 14.80
CA GLN C 437 4.05 -54.11 13.81
C GLN C 437 2.96 -54.64 12.88
N GLU C 438 1.74 -54.81 13.39
CA GLU C 438 0.64 -55.23 12.52
C GLU C 438 0.34 -54.15 11.48
N ALA C 439 0.35 -52.89 11.89
CA ALA C 439 0.17 -51.80 10.93
C ALA C 439 1.31 -51.75 9.93
N GLY C 440 2.53 -52.02 10.37
CA GLY C 440 3.65 -52.10 9.45
C GLY C 440 3.48 -53.21 8.44
N ILE C 441 2.96 -54.36 8.88
CA ILE C 441 2.66 -55.44 7.96
C ILE C 441 1.61 -55.01 6.94
N LYS C 442 0.53 -54.38 7.43
CA LYS C 442 -0.54 -53.92 6.54
C LYS C 442 -0.02 -52.91 5.52
N ILE C 443 0.93 -52.08 5.92
CA ILE C 443 1.49 -51.08 5.02
C ILE C 443 2.09 -51.76 3.78
N VAL C 444 2.93 -52.78 4.01
CA VAL C 444 3.56 -53.48 2.90
C VAL C 444 2.53 -54.28 2.11
N LEU C 445 1.58 -54.91 2.81
CA LEU C 445 0.57 -55.71 2.12
C LEU C 445 -0.25 -54.84 1.17
N ARG C 446 -0.53 -53.61 1.56
CA ARG C 446 -1.24 -52.69 0.67
C ARG C 446 -0.33 -52.12 -0.40
N ALA C 447 0.95 -51.90 -0.09
CA ALA C 447 1.83 -51.21 -1.03
C ALA C 447 2.30 -52.12 -2.16
N VAL C 448 2.43 -53.42 -1.91
CA VAL C 448 3.00 -54.32 -2.92
C VAL C 448 2.07 -54.47 -4.12
N GLU C 449 0.83 -53.99 -3.99
CA GLU C 449 -0.08 -54.02 -5.12
C GLU C 449 -0.06 -52.74 -5.94
N GLN C 450 0.72 -51.74 -5.52
CA GLN C 450 0.80 -50.46 -6.21
C GLN C 450 1.34 -50.57 -7.63
N PRO C 451 2.39 -51.36 -7.90
CA PRO C 451 2.87 -51.46 -9.30
C PRO C 451 1.80 -51.92 -10.27
N LEU C 452 1.02 -52.95 -9.90
CA LEU C 452 -0.05 -53.40 -10.79
C LEU C 452 -1.13 -52.34 -10.93
N ARG C 453 -1.48 -51.67 -9.82
CA ARG C 453 -2.49 -50.61 -9.89
C ARG C 453 -2.07 -49.50 -10.83
N GLU C 454 -0.81 -49.08 -10.76
CA GLU C 454 -0.32 -48.04 -11.65
C GLU C 454 -0.18 -48.51 -13.09
N ILE C 455 0.23 -49.74 -13.32
CA ILE C 455 0.27 -50.27 -14.69
C ILE C 455 -1.14 -50.24 -15.30
N VAL C 456 -2.13 -50.68 -14.52
CA VAL C 456 -3.51 -50.67 -15.01
C VAL C 456 -4.00 -49.24 -15.23
N ALA C 457 -3.70 -48.34 -14.30
CA ALA C 457 -4.15 -46.96 -14.45
C ALA C 457 -3.55 -46.30 -15.68
N ASN C 458 -2.26 -46.51 -15.94
CA ASN C 458 -1.66 -46.01 -17.16
C ASN C 458 -2.28 -46.68 -18.38
N ALA C 459 -2.62 -47.97 -18.26
CA ALA C 459 -3.33 -48.64 -19.35
C ALA C 459 -4.73 -48.09 -19.57
N GLY C 460 -5.27 -47.35 -18.59
CA GLY C 460 -6.57 -46.74 -18.73
C GLY C 460 -7.71 -47.45 -18.04
N GLU C 461 -7.54 -48.70 -17.65
CA GLU C 461 -8.61 -49.43 -16.98
C GLU C 461 -8.73 -48.98 -15.52
N GLU C 462 -9.76 -49.49 -14.86
CA GLU C 462 -9.97 -49.19 -13.45
C GLU C 462 -9.08 -50.09 -12.59
N PRO C 463 -8.23 -49.55 -11.74
CA PRO C 463 -7.27 -50.39 -11.01
C PRO C 463 -7.90 -51.41 -10.08
N SER C 464 -8.91 -51.01 -9.32
CA SER C 464 -9.40 -51.87 -8.23
C SER C 464 -10.02 -53.15 -8.77
N VAL C 465 -10.84 -53.06 -9.82
CA VAL C 465 -11.49 -54.25 -10.36
C VAL C 465 -10.46 -55.20 -10.94
N ILE C 466 -9.46 -54.68 -11.65
CA ILE C 466 -8.43 -55.52 -12.24
C ILE C 466 -7.63 -56.20 -11.15
N VAL C 467 -7.27 -55.48 -10.09
CA VAL C 467 -6.54 -56.08 -8.98
C VAL C 467 -7.35 -57.18 -8.32
N ALA C 468 -8.64 -56.93 -8.11
CA ALA C 468 -9.50 -57.94 -7.49
C ALA C 468 -9.59 -59.18 -8.38
N LYS C 469 -9.73 -59.00 -9.69
CA LYS C 469 -9.81 -60.14 -10.59
C LYS C 469 -8.51 -60.91 -10.62
N VAL C 470 -7.37 -60.21 -10.58
CA VAL C 470 -6.08 -60.88 -10.52
C VAL C 470 -5.96 -61.69 -9.23
N LEU C 471 -6.38 -61.10 -8.12
CA LEU C 471 -6.35 -61.80 -6.84
C LEU C 471 -7.26 -63.02 -6.82
N GLU C 472 -8.39 -62.96 -7.53
CA GLU C 472 -9.27 -64.12 -7.63
C GLU C 472 -8.63 -65.27 -8.39
N GLY C 473 -7.69 -64.99 -9.31
CA GLY C 473 -6.96 -66.03 -9.99
C GLY C 473 -5.81 -66.56 -9.15
N LYS C 474 -5.24 -67.66 -9.61
CA LYS C 474 -4.15 -68.33 -8.90
C LYS C 474 -3.02 -68.64 -9.87
N GLY C 475 -1.82 -68.77 -9.31
CA GLY C 475 -0.67 -69.11 -10.13
C GLY C 475 -0.23 -67.96 -11.01
N ASN C 476 0.11 -68.27 -12.25
CA ASN C 476 0.60 -67.28 -13.20
C ASN C 476 -0.50 -66.42 -13.78
N TYR C 477 -1.76 -66.69 -13.46
CA TYR C 477 -2.87 -65.89 -13.96
C TYR C 477 -2.71 -64.42 -13.56
N GLY C 478 -2.92 -63.53 -14.51
CA GLY C 478 -2.74 -62.11 -14.27
C GLY C 478 -3.30 -61.28 -15.39
N TYR C 479 -3.03 -59.98 -15.32
CA TYR C 479 -3.54 -59.02 -16.28
C TYR C 479 -2.41 -58.49 -17.16
N ASN C 480 -2.70 -58.28 -18.44
CA ASN C 480 -1.74 -57.75 -19.40
C ASN C 480 -2.24 -56.38 -19.86
N ALA C 481 -1.45 -55.34 -19.57
CA ALA C 481 -1.80 -54.00 -20.02
C ALA C 481 -1.64 -53.82 -21.53
N ALA C 482 -0.78 -54.61 -22.16
CA ALA C 482 -0.54 -54.44 -23.59
C ALA C 482 -1.78 -54.78 -24.41
N THR C 483 -2.49 -55.85 -24.04
CA THR C 483 -3.66 -56.30 -24.78
C THR C 483 -4.96 -56.19 -24.00
N GLY C 484 -4.92 -56.00 -22.69
CA GLY C 484 -6.12 -55.93 -21.90
C GLY C 484 -6.74 -57.26 -21.53
N GLU C 485 -6.08 -58.37 -21.86
CA GLU C 485 -6.63 -59.70 -21.62
C GLU C 485 -6.10 -60.27 -20.30
N PHE C 486 -6.79 -61.29 -19.81
CA PHE C 486 -6.39 -62.04 -18.63
C PHE C 486 -5.92 -63.43 -19.05
N GLY C 487 -4.74 -63.82 -18.57
CA GLY C 487 -4.21 -65.12 -18.92
C GLY C 487 -2.91 -65.39 -18.23
N ASP C 488 -2.33 -66.54 -18.53
CA ASP C 488 -1.04 -66.92 -17.96
C ASP C 488 0.02 -65.93 -18.42
N MET C 489 0.57 -65.17 -17.47
CA MET C 489 1.54 -64.14 -17.81
C MET C 489 2.81 -64.74 -18.39
N ILE C 490 3.24 -65.90 -17.90
CA ILE C 490 4.43 -66.55 -18.41
C ILE C 490 4.21 -67.06 -19.83
N GLU C 491 3.07 -67.71 -20.07
CA GLU C 491 2.78 -68.22 -21.41
C GLU C 491 2.64 -67.10 -22.42
N MET C 492 2.20 -65.92 -21.98
CA MET C 492 1.94 -64.80 -22.88
C MET C 492 3.16 -63.89 -23.02
N GLY C 493 4.29 -64.25 -22.41
CA GLY C 493 5.52 -63.52 -22.61
C GLY C 493 5.61 -62.17 -21.93
N VAL C 494 5.14 -62.06 -20.70
CA VAL C 494 5.35 -60.88 -19.87
C VAL C 494 6.05 -61.35 -18.60
N LEU C 495 7.35 -61.07 -18.50
CA LEU C 495 8.17 -61.61 -17.42
C LEU C 495 9.02 -60.51 -16.81
N ASP C 496 9.35 -60.71 -15.54
CA ASP C 496 10.35 -59.95 -14.81
C ASP C 496 11.28 -60.89 -14.07
N PRO C 497 12.59 -60.67 -14.12
CA PRO C 497 13.50 -61.50 -13.33
C PRO C 497 13.21 -61.33 -11.84
N THR C 498 13.32 -62.44 -11.10
CA THR C 498 13.05 -62.40 -9.66
C THR C 498 13.97 -61.41 -8.96
N LYS C 499 15.20 -61.27 -9.44
CA LYS C 499 16.13 -60.31 -8.86
C LYS C 499 15.58 -58.89 -8.96
N VAL C 500 14.97 -58.54 -10.09
CA VAL C 500 14.47 -57.17 -10.28
C VAL C 500 13.41 -56.84 -9.24
N THR C 501 12.38 -57.70 -9.12
CA THR C 501 11.31 -57.44 -8.18
C THR C 501 11.80 -57.49 -6.74
N ARG C 502 12.64 -58.47 -6.41
CA ARG C 502 13.14 -58.58 -5.04
C ARG C 502 13.94 -57.35 -4.65
N SER C 503 14.86 -56.92 -5.53
CA SER C 503 15.68 -55.75 -5.23
C SER C 503 14.84 -54.49 -5.14
N ALA C 504 13.87 -54.33 -6.05
CA ALA C 504 13.00 -53.16 -5.99
C ALA C 504 12.25 -53.10 -4.67
N LEU C 505 11.66 -54.23 -4.26
CA LEU C 505 10.91 -54.25 -3.02
C LEU C 505 11.80 -53.96 -1.82
N GLN C 506 12.98 -54.59 -1.77
CA GLN C 506 13.86 -54.40 -0.62
C GLN C 506 14.40 -52.98 -0.54
N ASN C 507 14.80 -52.39 -1.66
CA ASN C 507 15.31 -51.02 -1.63
C ASN C 507 14.21 -50.02 -1.32
N ALA C 508 13.00 -50.25 -1.84
CA ALA C 508 11.88 -49.39 -1.48
C ALA C 508 11.59 -49.49 0.01
N ALA C 509 11.63 -50.69 0.57
CA ALA C 509 11.41 -50.84 2.01
C ALA C 509 12.49 -50.12 2.81
N SER C 510 13.74 -50.23 2.37
CA SER C 510 14.83 -49.56 3.09
C SER C 510 14.65 -48.05 3.09
N VAL C 511 14.41 -47.47 1.90
CA VAL C 511 14.26 -46.02 1.84
C VAL C 511 13.01 -45.56 2.57
N ALA C 512 11.94 -46.36 2.54
CA ALA C 512 10.72 -46.00 3.26
C ALA C 512 10.97 -46.03 4.77
N GLY C 513 11.70 -47.03 5.26
CA GLY C 513 12.05 -47.04 6.66
C GLY C 513 12.89 -45.85 7.05
N LEU C 514 13.86 -45.48 6.20
CA LEU C 514 14.68 -44.32 6.50
C LEU C 514 13.86 -43.04 6.57
N MET C 515 12.91 -42.87 5.65
CA MET C 515 12.11 -41.64 5.67
C MET C 515 10.92 -41.72 6.63
N LEU C 516 10.66 -42.88 7.23
CA LEU C 516 9.65 -42.96 8.27
C LEU C 516 10.25 -42.71 9.64
N THR C 517 11.45 -43.25 9.89
CA THR C 517 12.14 -43.03 11.15
C THR C 517 12.99 -41.78 11.16
N THR C 518 12.68 -40.81 10.29
CA THR C 518 13.44 -39.56 10.23
C THR C 518 12.73 -38.51 11.09
N GLU C 519 13.47 -37.90 12.02
CA GLU C 519 12.92 -36.90 12.91
C GLU C 519 13.54 -35.52 12.73
N CYS C 520 14.73 -35.44 12.13
CA CYS C 520 15.41 -34.17 11.94
C CYS C 520 15.88 -34.07 10.50
N MET C 521 15.95 -32.84 10.00
CA MET C 521 16.35 -32.56 8.63
C MET C 521 17.16 -31.28 8.59
N ILE C 522 18.38 -31.37 8.05
CA ILE C 522 19.31 -30.25 8.02
C ILE C 522 19.64 -29.93 6.57
N ALA C 523 19.46 -28.67 6.19
CA ALA C 523 19.72 -28.22 4.83
C ALA C 523 20.25 -26.80 4.87
N GLU C 524 20.88 -26.40 3.78
CA GLU C 524 21.43 -25.05 3.68
C GLU C 524 20.32 -24.01 3.76
N ALA C 525 20.58 -22.92 4.47
CA ALA C 525 19.61 -21.84 4.56
C ALA C 525 19.52 -21.11 3.23
N PRO C 526 18.33 -20.55 2.91
CA PRO C 526 18.12 -19.79 1.67
C PRO C 526 19.09 -18.62 1.52
N ALA D 1 20.26 -27.64 -12.72
CA ALA D 1 19.55 -26.54 -12.07
C ALA D 1 18.15 -26.99 -11.65
N ALA D 2 17.43 -26.10 -10.97
CA ALA D 2 16.13 -26.44 -10.42
C ALA D 2 15.14 -26.76 -11.53
N LYS D 3 14.36 -27.82 -11.34
CA LYS D 3 13.36 -28.24 -12.29
C LYS D 3 11.96 -27.90 -11.78
N GLU D 4 11.05 -27.67 -12.74
CA GLU D 4 9.64 -27.46 -12.44
C GLU D 4 8.82 -28.48 -13.22
N VAL D 5 7.91 -29.14 -12.52
CA VAL D 5 7.18 -30.28 -13.08
C VAL D 5 5.69 -29.95 -13.10
N LYS D 6 5.05 -30.22 -14.23
CA LYS D 6 3.62 -30.02 -14.39
C LYS D 6 2.99 -31.34 -14.82
N PHE D 7 1.83 -31.66 -14.25
CA PHE D 7 1.19 -32.95 -14.46
C PHE D 7 -0.17 -32.77 -15.12
N HIS D 8 -0.55 -33.79 -15.89
CA HIS D 8 -1.90 -33.91 -16.44
C HIS D 8 -2.32 -32.69 -17.26
N ASP D 9 -3.55 -32.23 -17.03
CA ASP D 9 -4.10 -31.09 -17.76
C ASP D 9 -3.27 -29.84 -17.57
N SER D 10 -2.67 -29.64 -16.39
CA SER D 10 -1.87 -28.44 -16.15
C SER D 10 -0.65 -28.37 -17.06
N ALA D 11 -0.28 -29.48 -17.69
CA ALA D 11 0.84 -29.50 -18.63
C ALA D 11 0.33 -29.62 -20.08
N ARG D 12 -0.74 -30.41 -20.26
CA ARG D 12 -1.31 -30.53 -21.60
C ARG D 12 -1.82 -29.18 -22.10
N GLU D 13 -2.39 -28.37 -21.22
CA GLU D 13 -2.86 -27.05 -21.63
C GLU D 13 -1.71 -26.12 -22.00
N ARG D 14 -0.56 -26.24 -21.35
CA ARG D 14 0.59 -25.45 -21.77
C ARG D 14 1.13 -25.91 -23.13
N LEU D 15 1.15 -27.22 -23.35
CA LEU D 15 1.52 -27.74 -24.67
C LEU D 15 0.58 -27.19 -25.73
N VAL D 16 -0.72 -27.17 -25.43
CA VAL D 16 -1.71 -26.71 -26.39
C VAL D 16 -1.56 -25.22 -26.63
N ALA D 17 -1.29 -24.45 -25.59
CA ALA D 17 -1.04 -23.03 -25.77
C ALA D 17 0.16 -22.79 -26.68
N GLY D 18 1.24 -23.54 -26.48
CA GLY D 18 2.40 -23.40 -27.34
C GLY D 18 2.14 -23.76 -28.78
N VAL D 19 1.49 -24.90 -29.03
CA VAL D 19 1.23 -25.30 -30.40
C VAL D 19 0.24 -24.35 -31.07
N ASN D 20 -0.74 -23.86 -30.30
CA ASN D 20 -1.70 -22.91 -30.85
C ASN D 20 -1.03 -21.60 -31.21
N LEU D 21 -0.11 -21.12 -30.36
CA LEU D 21 0.58 -19.88 -30.66
C LEU D 21 1.53 -20.02 -31.84
N LEU D 22 2.11 -21.21 -32.04
CA LEU D 22 2.93 -21.44 -33.22
C LEU D 22 2.06 -21.50 -34.48
N ALA D 23 0.96 -22.26 -34.41
CA ALA D 23 0.14 -22.50 -35.60
C ALA D 23 -0.65 -21.27 -36.01
N ASN D 24 -1.11 -20.46 -35.06
CA ASN D 24 -1.83 -19.24 -35.42
C ASN D 24 -0.95 -18.28 -36.19
N ALA D 25 0.36 -18.29 -35.95
CA ALA D 25 1.28 -17.48 -36.74
C ALA D 25 1.59 -18.15 -38.08
N VAL D 26 1.78 -19.47 -38.07
CA VAL D 26 2.19 -20.16 -39.29
C VAL D 26 1.07 -20.18 -40.32
N LYS D 27 -0.16 -20.46 -39.88
CA LYS D 27 -1.27 -20.70 -40.79
C LYS D 27 -1.70 -19.45 -41.56
N THR D 28 -1.32 -18.26 -41.11
CA THR D 28 -1.66 -17.06 -41.86
C THR D 28 -0.93 -17.01 -43.19
N THR D 29 0.15 -17.77 -43.35
CA THR D 29 0.91 -17.82 -44.59
C THR D 29 0.57 -19.05 -45.43
N LEU D 30 -0.63 -19.58 -45.31
CA LEU D 30 -1.02 -20.80 -46.01
C LEU D 30 -2.01 -20.45 -47.11
N GLY D 31 -1.78 -21.02 -48.30
CA GLY D 31 -2.65 -20.80 -49.43
C GLY D 31 -2.11 -19.78 -50.39
N PRO D 32 -2.66 -19.75 -51.62
CA PRO D 32 -2.22 -18.75 -52.60
C PRO D 32 -2.40 -17.31 -52.14
N LYS D 33 -3.42 -17.04 -51.33
CA LYS D 33 -3.68 -15.71 -50.80
C LYS D 33 -3.25 -15.58 -49.34
N GLY D 34 -2.15 -16.24 -48.98
CA GLY D 34 -1.69 -16.18 -47.60
C GLY D 34 -1.28 -14.76 -47.22
N ARG D 35 -1.58 -14.40 -45.98
CA ARG D 35 -1.29 -13.06 -45.50
C ARG D 35 0.21 -12.90 -45.23
N ASN D 36 0.61 -11.66 -44.95
CA ASN D 36 1.99 -11.35 -44.63
C ASN D 36 2.24 -11.49 -43.13
N VAL D 37 3.48 -11.79 -42.78
CA VAL D 37 3.93 -11.85 -41.39
C VAL D 37 5.19 -11.01 -41.26
N VAL D 38 5.18 -10.06 -40.32
CA VAL D 38 6.30 -9.15 -40.10
C VAL D 38 7.16 -9.71 -38.98
N ILE D 39 8.43 -9.91 -39.26
CA ILE D 39 9.38 -10.50 -38.32
C ILE D 39 10.48 -9.50 -38.05
N GLU D 40 10.85 -9.35 -36.78
CA GLU D 40 11.89 -8.41 -36.40
C GLU D 40 13.25 -8.88 -36.92
N ARG D 41 14.06 -7.93 -37.36
CA ARG D 41 15.47 -8.15 -37.62
C ARG D 41 16.27 -7.36 -36.60
N SER D 42 17.43 -7.90 -36.21
CA SER D 42 18.23 -7.26 -35.17
C SER D 42 18.58 -5.82 -35.54
N PHE D 43 18.90 -5.57 -36.80
CA PHE D 43 19.13 -4.22 -37.29
C PHE D 43 18.51 -4.08 -38.67
N GLY D 44 18.17 -2.84 -39.02
CA GLY D 44 17.54 -2.59 -40.30
C GLY D 44 16.03 -2.76 -40.25
N ALA D 45 15.42 -2.71 -41.43
CA ALA D 45 13.98 -2.80 -41.55
C ALA D 45 13.48 -4.21 -41.27
N PRO D 46 12.30 -4.35 -40.70
CA PRO D 46 11.74 -5.69 -40.46
C PRO D 46 11.52 -6.44 -41.76
N ILE D 47 11.69 -7.75 -41.69
CA ILE D 47 11.48 -8.61 -42.85
C ILE D 47 10.03 -9.08 -42.87
N VAL D 48 9.38 -8.96 -44.02
CA VAL D 48 8.01 -9.44 -44.21
C VAL D 48 8.07 -10.70 -45.06
N THR D 49 7.37 -11.74 -44.62
CA THR D 49 7.35 -13.02 -45.30
C THR D 49 5.94 -13.58 -45.33
N LYS D 50 5.67 -14.41 -46.32
CA LYS D 50 4.38 -15.08 -46.46
C LYS D 50 4.60 -16.57 -46.71
N ASP D 51 5.63 -17.13 -46.10
CA ASP D 51 5.93 -18.55 -46.16
C ASP D 51 6.03 -19.10 -44.75
N GLY D 52 5.53 -20.32 -44.55
CA GLY D 52 5.50 -20.92 -43.23
C GLY D 52 6.86 -21.30 -42.69
N VAL D 53 7.82 -21.60 -43.57
CA VAL D 53 9.12 -22.08 -43.12
C VAL D 53 9.83 -21.00 -42.31
N THR D 54 9.85 -19.77 -42.83
CA THR D 54 10.55 -18.69 -42.13
C THR D 54 9.80 -18.26 -40.87
N VAL D 55 8.47 -18.20 -40.93
CA VAL D 55 7.71 -17.78 -39.76
C VAL D 55 7.87 -18.78 -38.63
N ALA D 56 7.79 -20.08 -38.94
CA ALA D 56 7.94 -21.09 -37.91
C ALA D 56 9.34 -21.07 -37.30
N LYS D 57 10.37 -20.88 -38.14
CA LYS D 57 11.74 -20.91 -37.65
C LYS D 57 12.00 -19.80 -36.64
N GLU D 58 11.37 -18.64 -36.82
CA GLU D 58 11.56 -17.53 -35.90
C GLU D 58 10.71 -17.65 -34.64
N ILE D 59 9.70 -18.52 -34.63
CA ILE D 59 8.80 -18.62 -33.50
C ILE D 59 9.42 -19.48 -32.41
N GLU D 60 9.63 -18.88 -31.25
CA GLU D 60 9.95 -19.63 -30.03
C GLU D 60 9.45 -18.78 -28.86
N LEU D 61 8.79 -19.41 -27.90
CA LEU D 61 7.97 -18.66 -26.96
C LEU D 61 8.76 -18.29 -25.70
N LYS D 62 8.09 -17.55 -24.82
CA LYS D 62 8.70 -17.12 -23.56
C LYS D 62 8.58 -18.19 -22.49
N ASP D 63 7.35 -18.60 -22.19
CA ASP D 63 7.14 -19.64 -21.19
C ASP D 63 7.73 -20.96 -21.70
N LYS D 64 8.51 -21.62 -20.84
CA LYS D 64 9.20 -22.84 -21.26
C LYS D 64 8.20 -23.95 -21.57
N PHE D 65 7.15 -24.09 -20.76
CA PHE D 65 6.19 -25.17 -20.94
C PHE D 65 5.40 -25.06 -22.23
N GLU D 66 5.19 -23.85 -22.75
CA GLU D 66 4.56 -23.68 -24.05
C GLU D 66 5.57 -23.86 -25.18
N ASN D 67 6.79 -23.36 -24.96
CA ASN D 67 7.85 -23.55 -25.92
C ASN D 67 8.12 -25.03 -26.16
N MET D 68 7.80 -25.87 -25.17
CA MET D 68 7.88 -27.32 -25.38
C MET D 68 7.11 -27.72 -26.63
N GLY D 69 5.78 -27.57 -26.60
CA GLY D 69 4.96 -27.97 -27.73
C GLY D 69 5.32 -27.19 -28.98
N ALA D 70 5.66 -25.91 -28.82
CA ALA D 70 6.07 -25.13 -29.98
C ALA D 70 7.24 -25.79 -30.70
N GLN D 71 8.29 -26.18 -29.96
CA GLN D 71 9.46 -26.77 -30.58
C GLN D 71 9.21 -28.18 -31.08
N MET D 72 8.40 -28.97 -30.38
CA MET D 72 8.11 -30.31 -30.90
C MET D 72 7.35 -30.25 -32.22
N VAL D 73 6.33 -29.38 -32.30
CA VAL D 73 5.59 -29.24 -33.55
C VAL D 73 6.50 -28.67 -34.64
N LYS D 74 7.37 -27.72 -34.28
CA LYS D 74 8.32 -27.20 -35.25
C LYS D 74 9.26 -28.27 -35.77
N GLU D 75 9.73 -29.15 -34.88
CA GLU D 75 10.64 -30.21 -35.29
C GLU D 75 9.95 -31.19 -36.23
N VAL D 76 8.72 -31.59 -35.91
CA VAL D 76 8.04 -32.52 -36.80
C VAL D 76 7.70 -31.84 -38.13
N ALA D 77 7.37 -30.55 -38.12
CA ALA D 77 7.14 -29.84 -39.36
C ALA D 77 8.40 -29.78 -40.20
N SER D 78 9.55 -29.53 -39.57
CA SER D 78 10.81 -29.50 -40.31
C SER D 78 11.17 -30.88 -40.86
N LYS D 79 10.86 -31.93 -40.10
CA LYS D 79 11.05 -33.29 -40.60
C LYS D 79 10.17 -33.58 -41.80
N THR D 80 8.94 -33.06 -41.80
CA THR D 80 8.10 -33.15 -43.00
C THR D 80 8.72 -32.38 -44.16
N ALA D 81 9.23 -31.17 -43.89
CA ALA D 81 9.68 -30.29 -44.96
C ALA D 81 10.95 -30.82 -45.63
N ASP D 82 11.93 -31.24 -44.84
CA ASP D 82 13.24 -31.60 -45.39
C ASP D 82 13.17 -32.85 -46.27
N VAL D 83 12.13 -33.68 -46.11
CA VAL D 83 12.01 -34.90 -46.90
C VAL D 83 11.06 -34.74 -48.09
N ALA D 84 10.34 -33.63 -48.19
CA ALA D 84 9.37 -33.46 -49.26
C ALA D 84 9.51 -32.08 -49.92
N GLY D 85 10.23 -31.17 -49.27
CA GLY D 85 10.45 -29.85 -49.80
C GLY D 85 9.32 -28.86 -49.57
N ASP D 86 8.22 -29.29 -48.96
CA ASP D 86 7.08 -28.43 -48.70
C ASP D 86 6.15 -29.15 -47.73
N GLY D 87 5.13 -28.43 -47.27
CA GLY D 87 4.13 -28.99 -46.39
C GLY D 87 4.34 -28.72 -44.92
N THR D 88 5.44 -28.09 -44.52
CA THR D 88 5.64 -27.75 -43.12
C THR D 88 4.56 -26.82 -42.60
N THR D 89 4.02 -25.97 -43.48
CA THR D 89 2.84 -25.18 -43.09
C THR D 89 1.63 -26.07 -42.91
N THR D 90 1.42 -27.02 -43.83
CA THR D 90 0.30 -27.94 -43.71
C THR D 90 0.44 -28.84 -42.50
N ALA D 91 1.64 -29.33 -42.22
CA ALA D 91 1.85 -30.23 -41.09
C ALA D 91 1.53 -29.55 -39.77
N THR D 92 1.96 -28.30 -39.60
CA THR D 92 1.67 -27.57 -38.37
C THR D 92 0.17 -27.34 -38.22
N VAL D 93 -0.52 -26.99 -39.30
CA VAL D 93 -1.96 -26.77 -39.23
C VAL D 93 -2.69 -28.05 -38.86
N LEU D 94 -2.31 -29.17 -39.49
CA LEU D 94 -2.94 -30.45 -39.17
C LEU D 94 -2.67 -30.85 -37.73
N ALA D 95 -1.45 -30.64 -37.25
CA ALA D 95 -1.13 -30.95 -35.86
C ALA D 95 -1.96 -30.10 -34.90
N GLN D 96 -2.10 -28.81 -35.19
CA GLN D 96 -2.93 -27.95 -34.35
C GLN D 96 -4.37 -28.44 -34.34
N ALA D 97 -4.91 -28.79 -35.50
CA ALA D 97 -6.29 -29.27 -35.56
C ALA D 97 -6.47 -30.54 -34.76
N ILE D 98 -5.57 -31.52 -34.94
CA ILE D 98 -5.70 -32.79 -34.25
C ILE D 98 -5.58 -32.60 -32.75
N VAL D 99 -4.62 -31.79 -32.31
CA VAL D 99 -4.42 -31.59 -30.88
C VAL D 99 -5.59 -30.84 -30.26
N ARG D 100 -6.08 -29.81 -30.96
CA ARG D 100 -7.21 -29.04 -30.44
C ARG D 100 -8.46 -29.88 -30.32
N GLU D 101 -8.69 -30.78 -31.28
CA GLU D 101 -9.84 -31.66 -31.16
C GLU D 101 -9.61 -32.74 -30.11
N GLY D 102 -8.39 -33.25 -30.00
CA GLY D 102 -8.11 -34.30 -29.05
C GLY D 102 -8.20 -33.85 -27.60
N MET D 103 -7.86 -32.58 -27.34
CA MET D 103 -7.98 -32.07 -25.99
C MET D 103 -9.43 -32.04 -25.53
N LYS D 104 -10.36 -31.81 -26.45
CA LYS D 104 -11.78 -31.84 -26.09
C LYS D 104 -12.18 -33.22 -25.58
N TYR D 105 -11.72 -34.27 -26.25
CA TYR D 105 -12.07 -35.62 -25.81
C TYR D 105 -11.28 -36.04 -24.58
N VAL D 106 -10.02 -35.61 -24.45
CA VAL D 106 -9.25 -35.94 -23.26
C VAL D 106 -9.86 -35.29 -22.03
N ALA D 107 -10.27 -34.02 -22.14
CA ALA D 107 -10.98 -33.38 -21.04
C ALA D 107 -12.30 -34.07 -20.75
N ALA D 108 -12.87 -34.77 -21.74
CA ALA D 108 -14.10 -35.52 -21.53
C ALA D 108 -13.87 -36.84 -20.81
N GLY D 109 -12.69 -37.06 -20.24
CA GLY D 109 -12.42 -38.30 -19.54
C GLY D 109 -12.18 -39.48 -20.45
N MET D 110 -12.01 -39.24 -21.75
CA MET D 110 -11.89 -40.33 -22.70
C MET D 110 -10.44 -40.77 -22.81
N ASN D 111 -10.23 -42.05 -23.06
CA ASN D 111 -8.93 -42.69 -22.87
C ASN D 111 -7.90 -42.17 -23.87
N PRO D 112 -6.81 -41.53 -23.42
CA PRO D 112 -5.84 -41.00 -24.38
C PRO D 112 -5.15 -42.04 -25.26
N MET D 113 -4.82 -43.20 -24.71
CA MET D 113 -4.13 -44.21 -25.52
C MET D 113 -5.02 -44.74 -26.63
N ASP D 114 -6.30 -44.97 -26.34
CA ASP D 114 -7.24 -45.37 -27.38
C ASP D 114 -7.48 -44.25 -28.38
N LEU D 115 -7.45 -42.99 -27.95
CA LEU D 115 -7.51 -41.88 -28.90
C LEU D 115 -6.33 -41.91 -29.85
N LYS D 116 -5.13 -42.15 -29.31
CA LYS D 116 -3.94 -42.24 -30.15
C LYS D 116 -4.05 -43.39 -31.14
N ARG D 117 -4.53 -44.55 -30.67
CA ARG D 117 -4.70 -45.68 -31.57
C ARG D 117 -5.74 -45.42 -32.65
N GLY D 118 -6.85 -44.77 -32.31
CA GLY D 118 -7.82 -44.41 -33.33
C GLY D 118 -7.29 -43.42 -34.34
N ILE D 119 -6.51 -42.45 -33.85
CA ILE D 119 -5.88 -41.47 -34.75
C ILE D 119 -4.94 -42.19 -35.71
N ASP D 120 -4.15 -43.13 -35.19
CA ASP D 120 -3.24 -43.89 -36.04
C ASP D 120 -4.00 -44.72 -37.07
N LYS D 121 -5.10 -45.34 -36.66
CA LYS D 121 -5.90 -46.13 -37.61
C LYS D 121 -6.47 -45.25 -38.71
N ALA D 122 -7.02 -44.09 -38.34
CA ALA D 122 -7.59 -43.20 -39.34
C ALA D 122 -6.53 -42.67 -40.29
N VAL D 123 -5.36 -42.33 -39.74
CA VAL D 123 -4.28 -41.82 -40.58
C VAL D 123 -3.78 -42.90 -41.53
N THR D 124 -3.68 -44.14 -41.05
CA THR D 124 -3.28 -45.23 -41.91
C THR D 124 -4.28 -45.44 -43.04
N ALA D 125 -5.57 -45.39 -42.72
CA ALA D 125 -6.60 -45.56 -43.76
C ALA D 125 -6.54 -44.43 -44.77
N ILE D 126 -6.40 -43.19 -44.30
CA ILE D 126 -6.38 -42.05 -45.22
C ILE D 126 -5.14 -42.10 -46.10
N VAL D 127 -3.99 -42.45 -45.53
CA VAL D 127 -2.76 -42.59 -46.32
C VAL D 127 -2.91 -43.68 -47.34
N GLU D 128 -3.50 -44.82 -46.96
CA GLU D 128 -3.74 -45.89 -47.92
C GLU D 128 -4.65 -45.43 -49.06
N GLU D 129 -5.64 -44.61 -48.74
CA GLU D 129 -6.50 -44.07 -49.79
C GLU D 129 -5.76 -43.07 -50.68
N LEU D 130 -4.81 -42.33 -50.12
CA LEU D 130 -4.05 -41.37 -50.92
C LEU D 130 -3.25 -42.07 -52.01
N LYS D 131 -2.84 -43.33 -51.75
CA LYS D 131 -2.11 -44.09 -52.76
C LYS D 131 -2.98 -44.42 -53.97
N ALA D 132 -4.30 -44.31 -53.84
CA ALA D 132 -5.21 -44.54 -54.95
C ALA D 132 -5.68 -43.27 -55.63
N ILE D 133 -5.87 -42.18 -54.87
CA ILE D 133 -6.26 -40.91 -55.47
C ILE D 133 -5.12 -40.32 -56.27
N SER D 134 -3.88 -40.57 -55.87
CA SER D 134 -2.74 -39.91 -56.47
C SER D 134 -2.56 -40.32 -57.93
N LYS D 135 -2.43 -39.33 -58.79
CA LYS D 135 -2.11 -39.60 -60.20
C LYS D 135 -0.60 -39.75 -60.36
N PRO D 136 -0.12 -40.89 -60.86
CA PRO D 136 1.32 -41.06 -61.04
C PRO D 136 1.84 -40.16 -62.16
N CYS D 137 3.11 -39.80 -62.05
CA CYS D 137 3.79 -38.98 -63.05
C CYS D 137 5.16 -39.58 -63.31
N SER D 138 5.30 -40.26 -64.45
CA SER D 138 6.57 -40.86 -64.84
C SER D 138 7.02 -40.54 -66.25
N THR D 139 6.12 -40.16 -67.15
CA THR D 139 6.52 -39.78 -68.50
C THR D 139 7.28 -38.45 -68.46
N THR D 140 8.17 -38.28 -69.44
CA THR D 140 8.93 -37.03 -69.53
C THR D 140 8.01 -35.83 -69.67
N LYS D 141 6.92 -35.99 -70.43
CA LYS D 141 5.92 -34.92 -70.53
C LYS D 141 5.31 -34.62 -69.16
N GLU D 142 4.96 -35.66 -68.41
CA GLU D 142 4.40 -35.46 -67.08
C GLU D 142 5.40 -34.78 -66.16
N ILE D 143 6.67 -35.21 -66.21
CA ILE D 143 7.70 -34.59 -65.37
C ILE D 143 7.85 -33.11 -65.71
N ALA D 144 7.88 -32.79 -67.00
CA ALA D 144 8.00 -31.40 -67.42
C ALA D 144 6.79 -30.59 -66.97
N GLN D 145 5.59 -31.17 -67.08
CA GLN D 145 4.39 -30.46 -66.64
C GLN D 145 4.43 -30.18 -65.15
N VAL D 146 4.83 -31.17 -64.35
CA VAL D 146 4.91 -30.98 -62.90
C VAL D 146 5.96 -29.92 -62.56
N GLY D 147 7.11 -29.98 -63.22
CA GLY D 147 8.14 -28.98 -62.97
C GLY D 147 7.68 -27.58 -63.33
N THR D 148 7.00 -27.44 -64.46
CA THR D 148 6.49 -26.13 -64.88
C THR D 148 5.46 -25.61 -63.89
N ILE D 149 4.56 -26.48 -63.43
CA ILE D 149 3.55 -26.07 -62.47
C ILE D 149 4.20 -25.65 -61.15
N SER D 150 5.19 -26.41 -60.69
CA SER D 150 5.87 -26.06 -59.45
C SER D 150 6.67 -24.78 -59.59
N ALA D 151 7.16 -24.47 -60.80
CA ALA D 151 7.96 -23.28 -61.02
C ALA D 151 7.15 -22.09 -61.51
N ASN D 152 5.86 -22.06 -61.20
CA ASN D 152 4.97 -20.95 -61.57
C ASN D 152 4.95 -20.72 -63.07
N ALA D 153 4.52 -21.75 -63.80
CA ALA D 153 4.28 -21.70 -65.25
C ALA D 153 5.53 -21.35 -66.04
N ASP D 154 6.73 -21.69 -65.55
CA ASP D 154 7.95 -21.47 -66.30
C ASP D 154 8.31 -22.75 -67.03
N SER D 155 7.96 -22.81 -68.32
CA SER D 155 8.15 -24.04 -69.10
C SER D 155 9.61 -24.42 -69.26
N SER D 156 10.51 -23.43 -69.31
CA SER D 156 11.94 -23.74 -69.46
C SER D 156 12.45 -24.52 -68.26
N ILE D 157 12.05 -24.14 -67.05
CA ILE D 157 12.47 -24.85 -65.86
C ILE D 157 11.99 -26.30 -65.89
N GLY D 158 10.73 -26.51 -66.27
CA GLY D 158 10.21 -27.86 -66.34
C GLY D 158 10.92 -28.70 -67.39
N GLU D 159 11.20 -28.09 -68.55
CA GLU D 159 11.91 -28.80 -69.60
C GLU D 159 13.30 -29.20 -69.16
N ILE D 160 14.01 -28.28 -68.48
CA ILE D 160 15.34 -28.58 -67.99
C ILE D 160 15.30 -29.68 -66.94
N ILE D 161 14.31 -29.63 -66.05
CA ILE D 161 14.18 -30.66 -65.02
C ILE D 161 13.93 -32.02 -65.66
N ALA D 162 13.04 -32.06 -66.65
CA ALA D 162 12.76 -33.31 -67.34
C ALA D 162 14.00 -33.85 -68.05
N GLN D 163 14.74 -32.97 -68.74
CA GLN D 163 15.94 -33.40 -69.44
C GLN D 163 17.03 -33.87 -68.48
N ALA D 164 17.09 -33.31 -67.27
CA ALA D 164 18.05 -33.78 -66.29
C ALA D 164 17.63 -35.11 -65.70
N MET D 165 16.33 -35.29 -65.46
CA MET D 165 15.86 -36.48 -64.77
C MET D 165 15.81 -37.69 -65.69
N ASP D 166 15.47 -37.50 -66.97
CA ASP D 166 15.24 -38.62 -67.87
C ASP D 166 16.51 -39.30 -68.36
N LYS D 167 17.66 -38.64 -68.24
CA LYS D 167 18.92 -39.22 -68.68
C LYS D 167 19.87 -39.56 -67.54
N VAL D 168 19.68 -38.99 -66.35
CA VAL D 168 20.47 -39.36 -65.19
C VAL D 168 19.71 -40.32 -64.29
N GLY D 169 18.40 -40.42 -64.44
CA GLY D 169 17.61 -41.32 -63.61
C GLY D 169 16.73 -40.58 -62.63
N LYS D 170 15.52 -41.11 -62.44
CA LYS D 170 14.58 -40.51 -61.49
C LYS D 170 15.12 -40.58 -60.07
N GLU D 171 16.03 -41.52 -59.80
CA GLU D 171 16.73 -41.59 -58.53
C GLU D 171 18.09 -40.92 -58.57
N GLY D 172 18.46 -40.28 -59.68
CA GLY D 172 19.77 -39.69 -59.82
C GLY D 172 19.92 -38.39 -59.06
N VAL D 173 21.15 -37.88 -59.06
CA VAL D 173 21.48 -36.66 -58.34
C VAL D 173 21.44 -35.49 -59.30
N ILE D 174 20.69 -34.44 -58.93
CA ILE D 174 20.58 -33.23 -59.73
C ILE D 174 20.89 -32.03 -58.84
N THR D 175 21.78 -31.16 -59.30
CA THR D 175 22.16 -29.96 -58.58
C THR D 175 21.99 -28.75 -59.49
N VAL D 176 21.98 -27.57 -58.88
CA VAL D 176 21.75 -26.32 -59.60
C VAL D 176 22.97 -25.43 -59.43
N GLU D 177 23.49 -24.92 -60.54
CA GLU D 177 24.61 -23.99 -60.54
C GLU D 177 24.28 -22.82 -61.45
N ASP D 178 24.84 -21.66 -61.15
CA ASP D 178 24.58 -20.47 -61.95
C ASP D 178 25.15 -20.62 -63.35
N GLY D 179 24.33 -20.33 -64.35
CA GLY D 179 24.74 -20.48 -65.73
C GLY D 179 25.51 -19.27 -66.26
N LYS D 180 25.94 -19.39 -67.51
CA LYS D 180 26.72 -18.37 -68.18
C LYS D 180 25.98 -17.71 -69.32
N SER D 181 24.66 -17.83 -69.37
CA SER D 181 23.88 -17.29 -70.47
C SER D 181 22.45 -17.03 -70.01
N LEU D 182 21.62 -16.58 -70.95
CA LEU D 182 20.21 -16.37 -70.65
C LEU D 182 19.44 -17.68 -70.62
N GLU D 183 19.86 -18.67 -71.40
CA GLU D 183 19.16 -19.94 -71.52
C GLU D 183 19.74 -20.95 -70.55
N ASN D 184 18.86 -21.69 -69.89
CA ASN D 184 19.31 -22.71 -68.94
C ASN D 184 20.01 -23.85 -69.69
N GLU D 185 21.00 -24.44 -69.03
CA GLU D 185 21.79 -25.52 -69.60
C GLU D 185 21.98 -26.60 -68.55
N LEU D 186 22.25 -27.81 -69.03
CA LEU D 186 22.45 -28.95 -68.14
C LEU D 186 23.63 -29.78 -68.64
N GLU D 187 24.29 -30.46 -67.71
CA GLU D 187 25.42 -31.30 -68.05
C GLU D 187 25.58 -32.39 -66.99
N VAL D 188 26.29 -33.44 -67.36
CA VAL D 188 26.60 -34.55 -66.46
C VAL D 188 28.09 -34.55 -66.19
N VAL D 189 28.45 -34.51 -64.91
CA VAL D 189 29.84 -34.53 -64.48
C VAL D 189 30.04 -35.68 -63.52
N GLU D 190 31.29 -36.11 -63.37
CA GLU D 190 31.60 -37.18 -62.44
C GLU D 190 31.40 -36.69 -61.02
N GLY D 191 30.62 -37.43 -60.24
CA GLY D 191 30.34 -37.02 -58.88
C GLY D 191 29.52 -38.07 -58.17
N MET D 192 29.30 -37.80 -56.89
CA MET D 192 28.63 -38.75 -56.01
C MET D 192 27.94 -37.99 -54.89
N GLN D 193 26.89 -38.61 -54.35
CA GLN D 193 26.19 -38.10 -53.19
C GLN D 193 25.99 -39.23 -52.18
N PHE D 194 26.28 -38.93 -50.92
CA PHE D 194 26.16 -39.90 -49.84
C PHE D 194 25.42 -39.27 -48.68
N ASP D 195 24.75 -40.10 -47.89
CA ASP D 195 23.88 -39.61 -46.83
C ASP D 195 24.67 -39.25 -45.58
N ARG D 196 25.56 -38.26 -45.68
CA ARG D 196 26.31 -37.74 -44.55
C ARG D 196 26.26 -36.23 -44.58
N GLY D 197 25.96 -35.62 -43.43
CA GLY D 197 25.88 -34.18 -43.32
C GLY D 197 27.03 -33.59 -42.53
N TYR D 198 27.05 -32.26 -42.46
CA TYR D 198 28.05 -31.57 -41.66
C TYR D 198 27.83 -31.86 -40.18
N LEU D 199 28.94 -31.95 -39.44
CA LEU D 199 28.86 -32.34 -38.03
C LEU D 199 28.60 -31.18 -37.09
N SER D 200 28.49 -29.96 -37.61
CA SER D 200 28.14 -28.81 -36.78
C SER D 200 27.47 -27.77 -37.66
N PRO D 201 26.41 -27.13 -37.18
CA PRO D 201 25.74 -26.10 -38.00
C PRO D 201 26.61 -24.90 -38.31
N TYR D 202 27.71 -24.71 -37.57
CA TYR D 202 28.61 -23.60 -37.86
C TYR D 202 29.34 -23.76 -39.19
N PHE D 203 29.37 -24.99 -39.73
CA PHE D 203 30.02 -25.21 -41.02
C PHE D 203 29.27 -24.58 -42.18
N ILE D 204 27.99 -24.28 -42.03
CA ILE D 204 27.21 -23.75 -43.14
C ILE D 204 27.71 -22.35 -43.50
N ASN D 205 27.56 -22.00 -44.77
CA ASN D 205 27.92 -20.67 -45.24
C ASN D 205 26.86 -20.03 -46.11
N ASN D 206 25.73 -20.71 -46.34
CA ASN D 206 24.62 -20.19 -47.15
C ASN D 206 23.35 -20.31 -46.31
N PRO D 207 23.08 -19.35 -45.43
CA PRO D 207 21.87 -19.43 -44.60
C PRO D 207 20.59 -19.47 -45.41
N ASP D 208 20.58 -18.89 -46.61
CA ASP D 208 19.39 -18.95 -47.46
C ASP D 208 19.05 -20.38 -47.84
N LYS D 209 20.05 -21.18 -48.20
CA LYS D 209 19.83 -22.58 -48.55
C LYS D 209 20.06 -23.54 -47.37
N GLN D 210 20.62 -23.05 -46.26
CA GLN D 210 20.93 -23.85 -45.08
C GLN D 210 21.79 -25.04 -45.52
N VAL D 211 22.85 -24.72 -46.26
CA VAL D 211 23.81 -25.71 -46.75
C VAL D 211 25.21 -25.15 -46.64
N ALA D 212 26.19 -26.03 -46.80
CA ALA D 212 27.59 -25.64 -46.84
C ALA D 212 28.13 -25.87 -48.24
N VAL D 213 28.62 -24.80 -48.87
CA VAL D 213 29.12 -24.84 -50.23
C VAL D 213 30.58 -24.40 -50.23
N LEU D 214 31.44 -25.20 -50.85
CA LEU D 214 32.85 -24.90 -51.00
C LEU D 214 33.23 -25.01 -52.47
N ASP D 215 34.03 -24.06 -52.94
CA ASP D 215 34.37 -23.95 -54.35
C ASP D 215 35.80 -24.43 -54.58
N ASN D 216 35.96 -25.41 -55.47
CA ASN D 216 37.23 -26.02 -55.83
C ASN D 216 38.05 -26.40 -54.61
N PRO D 217 37.55 -27.26 -53.73
CA PRO D 217 38.27 -27.55 -52.49
C PRO D 217 39.20 -28.75 -52.63
N TYR D 218 39.97 -28.98 -51.57
CA TYR D 218 40.70 -30.23 -51.42
C TYR D 218 39.87 -31.23 -50.60
N ILE D 219 39.99 -32.50 -50.96
CA ILE D 219 39.25 -33.57 -50.31
C ILE D 219 40.23 -34.37 -49.46
N LEU D 220 39.95 -34.47 -48.17
CA LEU D 220 40.78 -35.22 -47.24
C LEU D 220 40.05 -36.52 -46.89
N LEU D 221 40.74 -37.64 -47.07
CA LEU D 221 40.18 -38.97 -46.82
C LEU D 221 40.93 -39.64 -45.69
N HIS D 222 40.21 -40.04 -44.65
CA HIS D 222 40.78 -40.76 -43.52
C HIS D 222 39.80 -41.81 -43.06
N ASP D 223 40.30 -42.98 -42.67
CA ASP D 223 39.47 -44.09 -42.24
C ASP D 223 39.42 -44.25 -40.73
N LYS D 224 40.09 -43.38 -39.98
CA LYS D 224 40.15 -43.47 -38.53
C LYS D 224 39.59 -42.21 -37.89
N LYS D 225 39.44 -42.24 -36.57
CA LYS D 225 38.96 -41.10 -35.82
C LYS D 225 40.02 -39.99 -35.79
N ILE D 226 39.54 -38.75 -35.71
CA ILE D 226 40.41 -37.59 -35.56
C ILE D 226 39.91 -36.77 -34.38
N SER D 227 40.76 -36.64 -33.36
CA SER D 227 40.41 -35.83 -32.20
C SER D 227 41.51 -34.83 -31.90
N ASN D 228 42.76 -35.24 -32.10
CA ASN D 228 43.90 -34.37 -31.83
C ASN D 228 44.07 -33.37 -32.97
N ILE D 229 44.20 -32.09 -32.63
CA ILE D 229 44.40 -31.06 -33.63
C ILE D 229 45.76 -31.23 -34.32
N ARG D 230 46.73 -31.78 -33.59
CA ARG D 230 48.07 -31.97 -34.15
C ARG D 230 48.07 -32.97 -35.30
N ASP D 231 47.10 -33.90 -35.30
CA ASP D 231 47.10 -34.96 -36.29
C ASP D 231 46.92 -34.45 -37.72
N LEU D 232 46.34 -33.26 -37.90
CA LEU D 232 46.10 -32.72 -39.23
C LEU D 232 46.67 -31.32 -39.45
N LEU D 233 47.31 -30.72 -38.46
CA LEU D 233 47.89 -29.38 -38.62
C LEU D 233 48.89 -29.27 -39.76
N PRO D 234 49.83 -30.21 -39.97
CA PRO D 234 50.71 -30.09 -41.14
C PRO D 234 49.99 -30.08 -42.47
N VAL D 235 48.85 -30.76 -42.58
CA VAL D 235 48.09 -30.75 -43.82
C VAL D 235 47.24 -29.49 -43.93
N LEU D 236 46.66 -29.07 -42.80
CA LEU D 236 45.85 -27.86 -42.79
C LEU D 236 46.68 -26.64 -43.14
N GLU D 237 47.92 -26.56 -42.65
CA GLU D 237 48.79 -25.44 -43.01
C GLU D 237 49.10 -25.43 -44.51
N GLN D 238 49.39 -26.61 -45.08
CA GLN D 238 49.62 -26.68 -46.52
C GLN D 238 48.41 -26.22 -47.30
N VAL D 239 47.21 -26.64 -46.87
CA VAL D 239 45.99 -26.19 -47.54
C VAL D 239 45.82 -24.69 -47.41
N ALA D 240 46.08 -24.14 -46.22
CA ALA D 240 45.92 -22.71 -46.00
C ALA D 240 46.87 -21.90 -46.88
N LYS D 241 48.13 -22.33 -46.98
CA LYS D 241 49.05 -21.67 -47.90
C LYS D 241 48.62 -21.83 -49.35
N ALA D 242 48.01 -22.98 -49.68
CA ALA D 242 47.45 -23.16 -51.01
C ALA D 242 46.26 -22.24 -51.27
N GLY D 243 45.45 -21.96 -50.25
CA GLY D 243 44.36 -21.01 -50.35
C GLY D 243 43.02 -21.59 -50.74
N ARG D 244 42.97 -22.84 -51.17
CA ARG D 244 41.70 -23.43 -51.58
C ARG D 244 40.99 -24.04 -50.37
N PRO D 245 39.67 -24.15 -50.41
CA PRO D 245 38.93 -24.69 -49.27
C PRO D 245 39.25 -26.15 -49.00
N LEU D 246 38.82 -26.62 -47.84
CA LEU D 246 39.10 -27.98 -47.38
C LEU D 246 37.81 -28.71 -47.05
N LEU D 247 37.68 -29.92 -47.56
CA LEU D 247 36.65 -30.86 -47.15
C LEU D 247 37.31 -32.10 -46.59
N ILE D 248 36.98 -32.44 -45.35
CA ILE D 248 37.61 -33.54 -44.63
C ILE D 248 36.60 -34.67 -44.49
N ILE D 249 36.94 -35.84 -45.00
CA ILE D 249 36.14 -37.05 -44.87
C ILE D 249 36.89 -37.99 -43.95
N ALA D 250 36.29 -38.30 -42.80
CA ALA D 250 36.90 -39.17 -41.81
C ALA D 250 35.82 -40.02 -41.15
N GLU D 251 36.26 -40.99 -40.37
CA GLU D 251 35.31 -41.80 -39.59
C GLU D 251 34.54 -40.92 -38.62
N ASP D 252 35.24 -40.00 -37.94
CA ASP D 252 34.61 -39.01 -37.08
C ASP D 252 35.66 -38.00 -36.68
N VAL D 253 35.21 -36.76 -36.43
CA VAL D 253 36.05 -35.71 -35.89
C VAL D 253 35.34 -35.12 -34.67
N GLU D 254 36.09 -34.90 -33.60
CA GLU D 254 35.51 -34.49 -32.33
C GLU D 254 36.58 -33.83 -31.48
N GLY D 255 36.14 -33.13 -30.44
CA GLY D 255 37.07 -32.58 -29.47
C GLY D 255 37.76 -31.33 -30.00
N GLU D 256 39.05 -31.20 -29.66
CA GLU D 256 39.79 -29.99 -29.99
C GLU D 256 39.91 -29.78 -31.48
N ALA D 257 40.01 -30.86 -32.26
CA ALA D 257 40.09 -30.71 -33.72
C ALA D 257 38.83 -30.08 -34.28
N LEU D 258 37.67 -30.60 -33.87
CA LEU D 258 36.40 -30.04 -34.33
C LEU D 258 36.22 -28.61 -33.86
N ALA D 259 36.61 -28.34 -32.60
CA ALA D 259 36.48 -26.98 -32.07
C ALA D 259 37.37 -26.01 -32.85
N THR D 260 38.60 -26.43 -33.16
CA THR D 260 39.51 -25.57 -33.91
C THR D 260 39.00 -25.34 -35.33
N LEU D 261 38.45 -26.38 -35.96
CA LEU D 261 37.88 -26.20 -37.30
C LEU D 261 36.71 -25.22 -37.26
N VAL D 262 35.85 -25.34 -36.25
CA VAL D 262 34.72 -24.42 -36.12
C VAL D 262 35.21 -22.99 -35.92
N VAL D 263 36.22 -22.81 -35.06
CA VAL D 263 36.75 -21.48 -34.81
C VAL D 263 37.38 -20.91 -36.08
N ASN D 264 38.09 -21.74 -36.83
CA ASN D 264 38.70 -21.28 -38.08
C ASN D 264 37.64 -20.87 -39.10
N ASN D 265 36.56 -21.66 -39.20
CA ASN D 265 35.49 -21.30 -40.13
C ASN D 265 34.81 -20.00 -39.72
N LEU D 266 34.55 -19.83 -38.41
CA LEU D 266 33.94 -18.60 -37.95
C LEU D 266 34.85 -17.39 -38.15
N ARG D 267 36.15 -17.55 -37.90
CA ARG D 267 37.09 -16.44 -38.02
C ARG D 267 37.50 -16.17 -39.46
N GLY D 268 37.14 -17.06 -40.39
CA GLY D 268 37.59 -16.91 -41.75
C GLY D 268 39.03 -17.32 -41.99
N ILE D 269 39.65 -18.01 -41.03
CA ILE D 269 41.04 -18.42 -41.18
C ILE D 269 41.19 -19.39 -42.34
N LEU D 270 40.30 -20.38 -42.42
CA LEU D 270 40.33 -21.37 -43.49
C LEU D 270 38.93 -21.91 -43.71
N LYS D 271 38.57 -22.08 -44.98
CA LYS D 271 37.26 -22.62 -45.35
C LYS D 271 37.32 -24.14 -45.22
N THR D 272 36.71 -24.67 -44.16
CA THR D 272 36.79 -26.09 -43.86
C THR D 272 35.40 -26.66 -43.64
N CYS D 273 35.26 -27.95 -43.91
CA CYS D 273 34.04 -28.69 -43.66
C CYS D 273 34.39 -30.14 -43.43
N ALA D 274 33.80 -30.73 -42.39
CA ALA D 274 34.09 -32.10 -42.01
C ALA D 274 32.80 -32.90 -41.91
N VAL D 275 32.78 -34.06 -42.55
CA VAL D 275 31.63 -34.95 -42.53
C VAL D 275 32.11 -36.36 -42.25
N LYS D 276 31.22 -37.18 -41.69
CA LYS D 276 31.53 -38.58 -41.44
C LYS D 276 31.62 -39.32 -42.78
N ALA D 277 32.53 -40.29 -42.84
CA ALA D 277 32.63 -41.12 -44.03
C ALA D 277 31.38 -41.99 -44.18
N PRO D 278 30.87 -42.15 -45.40
CA PRO D 278 29.64 -42.91 -45.58
C PRO D 278 29.84 -44.40 -45.33
N GLY D 279 28.76 -45.04 -44.88
CA GLY D 279 28.77 -46.47 -44.65
C GLY D 279 29.40 -46.85 -43.32
N PHE D 280 29.41 -48.16 -43.06
CA PHE D 280 30.01 -48.70 -41.86
C PHE D 280 30.46 -50.13 -42.14
N GLY D 281 31.32 -50.64 -41.24
CA GLY D 281 31.87 -51.96 -41.46
C GLY D 281 32.85 -51.96 -42.63
N ASP D 282 32.88 -53.08 -43.36
CA ASP D 282 33.71 -53.18 -44.54
C ASP D 282 33.30 -52.24 -45.65
N ARG D 283 32.04 -51.77 -45.65
CA ARG D 283 31.60 -50.82 -46.67
C ARG D 283 32.31 -49.48 -46.53
N ARG D 284 32.83 -49.20 -45.33
CA ARG D 284 33.51 -47.93 -45.08
C ARG D 284 34.72 -47.75 -45.99
N LYS D 285 35.56 -48.79 -46.05
CA LYS D 285 36.76 -48.72 -46.89
C LYS D 285 36.41 -48.61 -48.37
N ALA D 286 35.38 -49.35 -48.80
CA ALA D 286 34.95 -49.27 -50.20
C ALA D 286 34.45 -47.86 -50.53
N MET D 287 33.65 -47.28 -49.64
CA MET D 287 33.17 -45.91 -49.86
C MET D 287 34.33 -44.93 -49.95
N LEU D 288 35.28 -45.04 -49.02
CA LEU D 288 36.42 -44.11 -49.03
C LEU D 288 37.26 -44.28 -50.29
N GLN D 289 37.48 -45.52 -50.72
CA GLN D 289 38.28 -45.76 -51.91
C GLN D 289 37.58 -45.22 -53.16
N ASP D 290 36.27 -45.44 -53.27
CA ASP D 290 35.52 -44.92 -54.41
C ASP D 290 35.55 -43.40 -54.43
N ILE D 291 35.37 -42.77 -53.27
CA ILE D 291 35.39 -41.31 -53.22
C ILE D 291 36.77 -40.79 -53.59
N ALA D 292 37.83 -41.44 -53.10
CA ALA D 292 39.19 -41.02 -53.42
C ALA D 292 39.47 -41.13 -54.92
N ILE D 293 39.08 -42.25 -55.53
CA ILE D 293 39.34 -42.43 -56.96
C ILE D 293 38.48 -41.47 -57.78
N LEU D 294 37.31 -41.09 -57.26
CA LEU D 294 36.49 -40.12 -57.97
C LEU D 294 37.07 -38.72 -57.87
N THR D 295 37.65 -38.37 -56.73
CA THR D 295 38.25 -37.05 -56.53
C THR D 295 39.74 -37.05 -56.87
N GLY D 296 40.29 -38.17 -57.29
CA GLY D 296 41.70 -38.24 -57.64
C GLY D 296 42.64 -38.32 -56.47
N GLY D 297 42.13 -38.44 -55.24
CA GLY D 297 42.95 -38.52 -54.05
C GLY D 297 43.26 -39.95 -53.64
N THR D 298 43.91 -40.06 -52.48
CA THR D 298 44.26 -41.36 -51.91
C THR D 298 43.82 -41.38 -50.45
N VAL D 299 43.32 -42.54 -50.01
CA VAL D 299 42.83 -42.67 -48.64
C VAL D 299 44.03 -42.77 -47.71
N ILE D 300 44.04 -41.94 -46.66
CA ILE D 300 45.09 -41.98 -45.65
C ILE D 300 44.74 -43.07 -44.65
N SER D 301 45.54 -44.13 -44.59
CA SER D 301 45.25 -45.25 -43.70
C SER D 301 46.56 -45.96 -43.36
N GLU D 302 46.59 -46.58 -42.18
CA GLU D 302 47.74 -47.37 -41.78
C GLU D 302 47.88 -48.63 -42.62
N GLU D 303 46.76 -49.26 -42.96
CA GLU D 303 46.78 -50.48 -43.77
C GLU D 303 47.34 -50.24 -45.16
N VAL D 304 47.30 -49.01 -45.67
CA VAL D 304 47.87 -48.65 -46.96
C VAL D 304 49.21 -47.95 -46.80
N GLY D 305 49.67 -47.75 -45.56
CA GLY D 305 51.00 -47.23 -45.33
C GLY D 305 51.14 -45.72 -45.39
N LEU D 306 50.09 -44.98 -45.10
CA LEU D 306 50.15 -43.52 -45.06
C LEU D 306 49.65 -43.00 -43.73
N SER D 307 50.19 -41.86 -43.32
CA SER D 307 49.82 -41.22 -42.06
C SER D 307 49.43 -39.78 -42.34
N LEU D 308 48.46 -39.27 -41.57
CA LEU D 308 47.99 -37.90 -41.76
C LEU D 308 49.02 -36.87 -41.37
N GLU D 309 49.98 -37.23 -40.51
CA GLU D 309 51.02 -36.27 -40.13
C GLU D 309 51.94 -35.93 -41.29
N LYS D 310 52.13 -36.86 -42.22
CA LYS D 310 53.01 -36.65 -43.36
C LYS D 310 52.26 -36.42 -44.67
N ALA D 311 50.93 -36.37 -44.65
CA ALA D 311 50.17 -36.25 -45.90
C ALA D 311 50.43 -34.90 -46.55
N THR D 312 50.43 -34.91 -47.88
CA THR D 312 50.68 -33.71 -48.68
C THR D 312 49.45 -33.41 -49.53
N LEU D 313 49.50 -32.28 -50.22
CA LEU D 313 48.39 -31.87 -51.08
C LEU D 313 48.18 -32.83 -52.25
N GLU D 314 49.23 -33.54 -52.68
CA GLU D 314 49.09 -34.51 -53.76
C GLU D 314 48.20 -35.68 -53.38
N ASP D 315 48.26 -36.14 -52.13
CA ASP D 315 47.40 -37.23 -51.69
C ASP D 315 45.93 -36.81 -51.62
N LEU D 316 45.66 -35.54 -51.39
CA LEU D 316 44.29 -35.08 -51.24
C LEU D 316 43.56 -35.06 -52.58
N GLY D 317 42.28 -35.39 -52.55
CA GLY D 317 41.45 -35.26 -53.72
C GLY D 317 40.94 -33.84 -53.90
N GLN D 318 40.32 -33.59 -55.06
CA GLN D 318 39.80 -32.27 -55.35
C GLN D 318 38.65 -32.38 -56.34
N ALA D 319 37.79 -31.37 -56.33
CA ALA D 319 36.63 -31.33 -57.21
C ALA D 319 36.21 -29.88 -57.40
N LYS D 320 35.36 -29.66 -58.41
CA LYS D 320 34.92 -28.31 -58.72
C LYS D 320 34.09 -27.70 -57.59
N ARG D 321 33.17 -28.47 -57.01
CA ARG D 321 32.30 -27.97 -55.96
C ARG D 321 31.80 -29.13 -55.12
N VAL D 322 31.66 -28.88 -53.82
CA VAL D 322 31.02 -29.81 -52.91
C VAL D 322 29.93 -29.07 -52.15
N GLU D 323 28.77 -29.69 -52.03
CA GLU D 323 27.63 -29.14 -51.29
C GLU D 323 27.34 -30.06 -50.11
N VAL D 324 27.34 -29.50 -48.91
CA VAL D 324 27.12 -30.25 -47.68
C VAL D 324 25.80 -29.78 -47.07
N ALA D 325 24.82 -30.68 -47.03
CA ALA D 325 23.52 -30.41 -46.45
C ALA D 325 23.43 -31.08 -45.08
N LYS D 326 22.27 -30.93 -44.44
CA LYS D 326 22.06 -31.53 -43.13
C LYS D 326 22.14 -33.05 -43.18
N GLU D 327 21.55 -33.67 -44.20
CA GLU D 327 21.47 -35.12 -44.28
C GLU D 327 22.40 -35.74 -45.32
N HIS D 328 22.79 -35.01 -46.36
CA HIS D 328 23.60 -35.60 -47.41
C HIS D 328 24.63 -34.60 -47.90
N THR D 329 25.70 -35.14 -48.48
CA THR D 329 26.78 -34.35 -49.06
C THR D 329 27.05 -34.86 -50.47
N THR D 330 27.21 -33.93 -51.41
CA THR D 330 27.43 -34.28 -52.80
C THR D 330 28.74 -33.67 -53.29
N ILE D 331 29.36 -34.33 -54.26
CA ILE D 331 30.63 -33.91 -54.85
C ILE D 331 30.39 -33.68 -56.34
N ILE D 332 30.83 -32.53 -56.83
CA ILE D 332 30.59 -32.13 -58.22
C ILE D 332 31.93 -32.07 -58.95
N ASP D 333 32.02 -32.79 -60.07
CA ASP D 333 33.17 -32.72 -60.98
C ASP D 333 34.47 -33.08 -60.26
N GLY D 334 34.53 -34.35 -59.83
CA GLY D 334 35.73 -34.85 -59.20
C GLY D 334 36.89 -34.92 -60.18
N ALA D 335 38.10 -34.88 -59.63
CA ALA D 335 39.31 -34.83 -60.45
C ALA D 335 39.69 -36.18 -61.05
N GLY D 336 39.05 -37.27 -60.63
CA GLY D 336 39.37 -38.58 -61.15
C GLY D 336 39.16 -38.70 -62.65
N ASP D 337 40.11 -39.33 -63.33
CA ASP D 337 39.99 -39.51 -64.77
C ASP D 337 38.85 -40.47 -65.09
N PRO D 338 38.11 -40.24 -66.18
CA PRO D 338 37.00 -41.14 -66.51
C PRO D 338 37.41 -42.57 -66.78
N ALA D 339 38.65 -42.80 -67.24
CA ALA D 339 39.08 -44.17 -67.54
C ALA D 339 39.14 -45.01 -66.27
N LYS D 340 39.79 -44.50 -65.23
CA LYS D 340 39.88 -45.25 -63.97
C LYS D 340 38.51 -45.38 -63.33
N ILE D 341 37.65 -44.36 -63.45
CA ILE D 341 36.31 -44.45 -62.91
C ILE D 341 35.52 -45.56 -63.60
N GLN D 342 35.61 -45.63 -64.93
CA GLN D 342 34.92 -46.70 -65.66
C GLN D 342 35.51 -48.06 -65.32
N ALA D 343 36.82 -48.15 -65.15
CA ALA D 343 37.44 -49.41 -64.76
C ALA D 343 36.94 -49.87 -63.40
N ARG D 344 36.85 -48.95 -62.44
CA ARG D 344 36.31 -49.31 -61.12
C ARG D 344 34.84 -49.66 -61.20
N VAL D 345 34.10 -49.00 -62.09
CA VAL D 345 32.70 -49.36 -62.30
C VAL D 345 32.57 -50.79 -62.78
N LYS D 346 33.42 -51.19 -63.75
CA LYS D 346 33.41 -52.57 -64.21
C LYS D 346 33.84 -53.52 -63.10
N GLU D 347 34.82 -53.11 -62.29
CA GLU D 347 35.27 -53.94 -61.17
C GLU D 347 34.13 -54.19 -60.20
N ILE D 348 33.38 -53.15 -59.85
CA ILE D 348 32.27 -53.31 -58.92
C ILE D 348 31.14 -54.12 -59.55
N ARG D 349 30.91 -53.93 -60.85
CA ARG D 349 29.88 -54.70 -61.54
C ARG D 349 30.21 -56.19 -61.61
N VAL D 350 31.48 -56.54 -61.75
CA VAL D 350 31.84 -57.96 -61.73
C VAL D 350 31.93 -58.50 -60.30
N GLN D 351 32.22 -57.64 -59.33
CA GLN D 351 32.12 -58.05 -57.92
C GLN D 351 30.67 -58.25 -57.50
N ILE D 352 29.72 -57.67 -58.24
CA ILE D 352 28.30 -57.88 -57.95
C ILE D 352 27.97 -59.37 -57.97
N GLU D 353 28.50 -60.09 -58.97
CA GLU D 353 28.31 -61.53 -59.04
C GLU D 353 29.03 -62.28 -57.92
N GLU D 354 29.95 -61.64 -57.22
CA GLU D 354 30.65 -62.25 -56.09
C GLU D 354 29.93 -62.06 -54.77
N ALA D 355 28.76 -61.41 -54.79
CA ALA D 355 28.04 -61.14 -53.55
C ALA D 355 27.57 -62.44 -52.89
N THR D 356 27.77 -62.52 -51.57
CA THR D 356 27.37 -63.68 -50.80
C THR D 356 25.90 -63.64 -50.37
N SER D 357 25.23 -62.50 -50.55
CA SER D 357 23.84 -62.36 -50.13
C SER D 357 23.19 -61.26 -50.97
N ASP D 358 21.86 -61.25 -50.94
CA ASP D 358 21.12 -60.19 -51.63
C ASP D 358 21.42 -58.82 -51.03
N TYR D 359 21.67 -58.77 -49.71
CA TYR D 359 22.07 -57.51 -49.09
C TYR D 359 23.39 -57.02 -49.65
N ASP D 360 24.36 -57.92 -49.84
CA ASP D 360 25.63 -57.54 -50.44
C ASP D 360 25.43 -57.09 -51.88
N ARG D 361 24.60 -57.81 -52.63
CA ARG D 361 24.39 -57.48 -54.03
C ARG D 361 23.72 -56.12 -54.19
N GLU D 362 22.75 -55.81 -53.32
CA GLU D 362 22.07 -54.52 -53.43
C GLU D 362 23.00 -53.37 -53.04
N LYS D 363 23.87 -53.57 -52.06
CA LYS D 363 24.86 -52.54 -51.75
C LYS D 363 25.86 -52.35 -52.89
N LEU D 364 26.28 -53.44 -53.53
CA LEU D 364 27.17 -53.31 -54.68
C LEU D 364 26.47 -52.58 -55.83
N GLN D 365 25.18 -52.87 -56.03
CA GLN D 365 24.42 -52.17 -57.06
C GLN D 365 24.27 -50.69 -56.73
N GLU D 366 24.08 -50.36 -55.45
CA GLU D 366 24.05 -48.96 -55.03
C GLU D 366 25.39 -48.29 -55.33
N ARG D 367 26.49 -48.99 -55.08
CA ARG D 367 27.81 -48.46 -55.42
C ARG D 367 27.90 -48.18 -56.91
N VAL D 368 27.49 -49.14 -57.74
CA VAL D 368 27.56 -48.97 -59.19
C VAL D 368 26.73 -47.77 -59.63
N ALA D 369 25.50 -47.68 -59.14
CA ALA D 369 24.62 -46.58 -59.54
C ALA D 369 25.19 -45.25 -59.10
N LYS D 370 25.61 -45.13 -57.85
CA LYS D 370 26.09 -43.85 -57.35
C LYS D 370 27.39 -43.43 -58.02
N LEU D 371 28.19 -44.39 -58.49
CA LEU D 371 29.46 -44.02 -59.09
C LEU D 371 29.31 -43.71 -60.58
N ALA D 372 28.65 -44.60 -61.32
CA ALA D 372 28.51 -44.43 -62.76
C ALA D 372 27.49 -43.36 -63.13
N GLY D 373 26.50 -43.10 -62.27
CA GLY D 373 25.46 -42.14 -62.60
C GLY D 373 25.94 -40.72 -62.67
N GLY D 374 27.01 -40.38 -61.97
CA GLY D 374 27.48 -39.01 -62.01
C GLY D 374 26.51 -38.08 -61.29
N VAL D 375 26.65 -36.79 -61.61
CA VAL D 375 25.80 -35.75 -61.05
C VAL D 375 25.31 -34.86 -62.19
N ALA D 376 24.01 -34.64 -62.24
CA ALA D 376 23.44 -33.69 -63.20
C ALA D 376 23.53 -32.28 -62.63
N VAL D 377 24.09 -31.36 -63.40
CA VAL D 377 24.26 -29.98 -62.98
C VAL D 377 23.41 -29.11 -63.91
N ILE D 378 22.49 -28.35 -63.32
CA ILE D 378 21.62 -27.47 -64.08
C ILE D 378 22.22 -26.06 -64.04
N LYS D 379 22.59 -25.56 -65.21
CA LYS D 379 23.14 -24.20 -65.33
C LYS D 379 21.98 -23.24 -65.52
N VAL D 380 21.46 -22.73 -64.40
CA VAL D 380 20.33 -21.81 -64.46
C VAL D 380 20.77 -20.51 -65.11
N GLY D 381 20.07 -20.13 -66.18
CA GLY D 381 20.43 -18.97 -66.96
C GLY D 381 19.38 -17.89 -66.93
N ALA D 382 19.84 -16.64 -66.83
CA ALA D 382 18.96 -15.48 -66.81
C ALA D 382 19.79 -14.22 -67.02
N ALA D 383 19.11 -13.08 -67.08
CA ALA D 383 19.75 -11.84 -67.49
C ALA D 383 20.65 -11.25 -66.41
N THR D 384 20.21 -11.22 -65.14
CA THR D 384 20.90 -10.46 -64.11
C THR D 384 21.14 -11.32 -62.89
N GLU D 385 22.04 -10.83 -62.02
CA GLU D 385 22.31 -11.50 -60.75
C GLU D 385 21.09 -11.49 -59.84
N VAL D 386 20.34 -10.39 -59.83
CA VAL D 386 19.09 -10.36 -59.07
C VAL D 386 18.14 -11.43 -59.58
N GLU D 387 18.03 -11.55 -60.91
CA GLU D 387 17.19 -12.60 -61.48
C GLU D 387 17.85 -13.97 -61.32
N MET D 388 19.18 -14.01 -61.30
CA MET D 388 19.89 -15.25 -60.94
C MET D 388 19.41 -15.79 -59.60
N LYS D 389 19.38 -14.94 -58.58
CA LYS D 389 19.04 -15.39 -57.23
C LYS D 389 17.64 -15.96 -57.17
N GLU D 390 16.68 -15.29 -57.80
CA GLU D 390 15.30 -15.76 -57.77
C GLU D 390 15.13 -17.04 -58.61
N LYS D 391 15.73 -17.07 -59.79
CA LYS D 391 15.54 -18.22 -60.68
C LYS D 391 16.19 -19.47 -60.12
N LYS D 392 17.34 -19.32 -59.45
CA LYS D 392 17.97 -20.49 -58.83
C LYS D 392 17.10 -21.09 -57.75
N ALA D 393 16.50 -20.24 -56.90
CA ALA D 393 15.60 -20.74 -55.87
C ALA D 393 14.36 -21.39 -56.48
N ARG D 394 13.81 -20.77 -57.53
CA ARG D 394 12.64 -21.35 -58.19
C ARG D 394 12.98 -22.71 -58.80
N VAL D 395 14.13 -22.83 -59.43
CA VAL D 395 14.55 -24.10 -60.02
C VAL D 395 14.76 -25.14 -58.93
N GLU D 396 15.36 -24.76 -57.81
CA GLU D 396 15.57 -25.71 -56.72
C GLU D 396 14.24 -26.20 -56.15
N ASP D 397 13.29 -25.28 -55.97
CA ASP D 397 11.98 -25.69 -55.47
C ASP D 397 11.27 -26.60 -56.46
N ALA D 398 11.33 -26.28 -57.75
CA ALA D 398 10.72 -27.14 -58.76
C ALA D 398 11.38 -28.50 -58.80
N LEU D 399 12.71 -28.55 -58.64
CA LEU D 399 13.42 -29.83 -58.61
C LEU D 399 12.98 -30.67 -57.42
N HIS D 400 12.86 -30.05 -56.25
CA HIS D 400 12.41 -30.78 -55.07
C HIS D 400 10.99 -31.30 -55.26
N ALA D 401 10.10 -30.46 -55.81
CA ALA D 401 8.72 -30.89 -56.03
C ALA D 401 8.67 -32.04 -57.03
N THR D 402 9.43 -31.95 -58.11
CA THR D 402 9.45 -33.03 -59.10
C THR D 402 10.01 -34.32 -58.51
N ARG D 403 11.07 -34.21 -57.71
CA ARG D 403 11.62 -35.40 -57.05
C ARG D 403 10.59 -36.04 -56.15
N ALA D 404 9.87 -35.23 -55.38
CA ALA D 404 8.78 -35.76 -54.56
C ALA D 404 7.64 -36.28 -55.41
N ALA D 405 7.29 -35.58 -56.49
CA ALA D 405 6.17 -35.99 -57.32
C ALA D 405 6.44 -37.29 -58.08
N VAL D 406 7.65 -37.46 -58.61
CA VAL D 406 7.93 -38.64 -59.42
C VAL D 406 7.94 -39.90 -58.56
N GLU D 407 8.22 -39.78 -57.26
CA GLU D 407 8.26 -40.94 -56.39
C GLU D 407 6.88 -41.49 -56.07
N GLU D 408 5.91 -40.61 -55.81
CA GLU D 408 4.60 -41.03 -55.33
C GLU D 408 3.44 -40.44 -56.13
N GLY D 409 3.71 -39.77 -57.24
CA GLY D 409 2.65 -39.20 -58.04
C GLY D 409 2.19 -37.85 -57.52
N ILE D 410 1.27 -37.25 -58.27
CA ILE D 410 0.70 -35.96 -57.92
C ILE D 410 -0.73 -36.16 -57.44
N VAL D 411 -1.21 -35.19 -56.67
CA VAL D 411 -2.56 -35.26 -56.12
C VAL D 411 -3.15 -33.85 -56.09
N PRO D 412 -4.48 -33.74 -56.28
CA PRO D 412 -5.12 -32.41 -56.22
C PRO D 412 -4.76 -31.62 -54.99
N GLY D 413 -4.09 -30.48 -55.19
CA GLY D 413 -3.60 -29.68 -54.08
C GLY D 413 -4.65 -28.75 -53.49
N GLY D 414 -4.21 -27.86 -52.61
CA GLY D 414 -5.13 -26.94 -51.96
C GLY D 414 -5.98 -27.58 -50.89
N GLY D 415 -5.56 -28.73 -50.37
CA GLY D 415 -6.28 -29.41 -49.32
C GLY D 415 -7.41 -30.32 -49.79
N VAL D 416 -7.72 -30.32 -51.08
CA VAL D 416 -8.79 -31.18 -51.59
C VAL D 416 -8.38 -32.64 -51.51
N ALA D 417 -7.08 -32.92 -51.59
CA ALA D 417 -6.60 -34.31 -51.58
C ALA D 417 -6.98 -35.01 -50.29
N LEU D 418 -6.81 -34.34 -49.16
CA LEU D 418 -7.17 -34.95 -47.88
C LEU D 418 -8.66 -35.19 -47.78
N LEU D 419 -9.48 -34.27 -48.30
CA LEU D 419 -10.92 -34.50 -48.31
C LEU D 419 -11.31 -35.70 -49.15
N ARG D 420 -10.73 -35.82 -50.35
CA ARG D 420 -11.05 -36.97 -51.19
C ARG D 420 -10.61 -38.27 -50.53
N ALA D 421 -9.41 -38.27 -49.93
CA ALA D 421 -8.94 -39.47 -49.23
C ALA D 421 -9.84 -39.81 -48.05
N ARG D 422 -10.28 -38.80 -47.30
CA ARG D 422 -11.16 -39.04 -46.16
C ARG D 422 -12.49 -39.64 -46.62
N GLU D 423 -13.08 -39.07 -47.66
CA GLU D 423 -14.35 -39.58 -48.15
C GLU D 423 -14.20 -41.01 -48.67
N ALA D 424 -13.13 -41.28 -49.40
CA ALA D 424 -12.91 -42.64 -49.92
C ALA D 424 -12.69 -43.64 -48.78
N ALA D 425 -11.93 -43.24 -47.76
CA ALA D 425 -11.70 -44.13 -46.63
C ALA D 425 -12.98 -44.39 -45.84
N VAL D 426 -13.80 -43.36 -45.63
CA VAL D 426 -15.06 -43.54 -44.93
C VAL D 426 -15.99 -44.45 -45.73
N ALA D 427 -16.05 -44.25 -47.05
CA ALA D 427 -16.86 -45.12 -47.89
C ALA D 427 -16.34 -46.56 -47.87
N LYS D 428 -15.01 -46.74 -47.77
CA LYS D 428 -14.46 -48.09 -47.66
C LYS D 428 -14.93 -48.77 -46.39
N GLY D 429 -15.19 -48.02 -45.35
CA GLY D 429 -15.56 -48.58 -44.06
C GLY D 429 -14.45 -48.47 -43.06
N LEU D 430 -14.54 -47.47 -42.18
CA LEU D 430 -13.54 -47.23 -41.14
C LEU D 430 -14.24 -47.18 -39.79
N LYS D 431 -13.75 -47.99 -38.86
CA LYS D 431 -14.40 -48.11 -37.56
C LYS D 431 -13.34 -48.38 -36.50
N GLY D 432 -13.70 -48.08 -35.25
CA GLY D 432 -12.84 -48.32 -34.11
C GLY D 432 -13.40 -49.42 -33.23
N ASP D 433 -12.50 -50.14 -32.56
CA ASP D 433 -12.90 -51.22 -31.67
C ASP D 433 -13.51 -50.72 -30.37
N ASN D 434 -13.37 -49.43 -30.07
CA ASN D 434 -13.90 -48.84 -28.85
C ASN D 434 -14.56 -47.52 -29.21
N PRO D 435 -15.46 -47.03 -28.36
CA PRO D 435 -15.94 -45.65 -28.54
C PRO D 435 -14.83 -44.63 -28.49
N ASP D 436 -13.79 -44.88 -27.69
CA ASP D 436 -12.62 -44.01 -27.68
C ASP D 436 -11.89 -44.05 -29.01
N GLN D 437 -11.74 -45.23 -29.60
CA GLN D 437 -11.16 -45.31 -30.94
C GLN D 437 -12.06 -44.65 -31.96
N GLU D 438 -13.38 -44.70 -31.77
CA GLU D 438 -14.29 -44.00 -32.67
C GLU D 438 -14.08 -42.49 -32.58
N ALA D 439 -13.89 -41.96 -31.37
CA ALA D 439 -13.60 -40.54 -31.22
C ALA D 439 -12.25 -40.20 -31.83
N GLY D 440 -11.28 -41.10 -31.71
CA GLY D 440 -10.00 -40.89 -32.37
C GLY D 440 -10.14 -40.82 -33.88
N ILE D 441 -10.98 -41.67 -34.44
CA ILE D 441 -11.26 -41.62 -35.87
C ILE D 441 -11.90 -40.29 -36.24
N LYS D 442 -12.90 -39.87 -35.46
CA LYS D 442 -13.59 -38.61 -35.72
C LYS D 442 -12.64 -37.42 -35.65
N ILE D 443 -11.65 -37.49 -34.75
CA ILE D 443 -10.69 -36.40 -34.61
C ILE D 443 -9.95 -36.18 -35.92
N VAL D 444 -9.42 -37.25 -36.51
CA VAL D 444 -8.69 -37.13 -37.77
C VAL D 444 -9.64 -36.74 -38.89
N LEU D 445 -10.85 -37.32 -38.90
CA LEU D 445 -11.79 -37.01 -39.98
C LEU D 445 -12.14 -35.52 -39.99
N ARG D 446 -12.26 -34.91 -38.80
CA ARG D 446 -12.50 -33.48 -38.74
C ARG D 446 -11.24 -32.68 -39.02
N ALA D 447 -10.07 -33.18 -38.62
CA ALA D 447 -8.86 -32.39 -38.73
C ALA D 447 -8.32 -32.32 -40.16
N VAL D 448 -8.53 -33.36 -40.95
CA VAL D 448 -7.94 -33.42 -42.29
C VAL D 448 -8.53 -32.36 -43.22
N GLU D 449 -9.64 -31.74 -42.80
CA GLU D 449 -10.22 -30.66 -43.59
C GLU D 449 -9.72 -29.29 -43.18
N GLN D 450 -8.89 -29.21 -42.13
CA GLN D 450 -8.36 -27.94 -41.65
C GLN D 450 -7.51 -27.20 -42.66
N PRO D 451 -6.62 -27.87 -43.43
CA PRO D 451 -5.85 -27.12 -44.44
C PRO D 451 -6.71 -26.38 -45.44
N LEU D 452 -7.76 -27.02 -45.97
CA LEU D 452 -8.63 -26.33 -46.91
C LEU D 452 -9.39 -25.20 -46.22
N ARG D 453 -9.85 -25.44 -44.99
CA ARG D 453 -10.57 -24.40 -44.27
C ARG D 453 -9.69 -23.17 -44.05
N GLU D 454 -8.43 -23.37 -43.68
CA GLU D 454 -7.52 -22.25 -43.50
C GLU D 454 -7.13 -21.57 -44.80
N ILE D 455 -6.94 -22.33 -45.87
CA ILE D 455 -6.67 -21.71 -47.17
C ILE D 455 -7.83 -20.82 -47.58
N VAL D 456 -9.06 -21.31 -47.41
CA VAL D 456 -10.24 -20.52 -47.75
C VAL D 456 -10.34 -19.29 -46.85
N ALA D 457 -10.11 -19.46 -45.54
CA ALA D 457 -10.20 -18.33 -44.62
C ALA D 457 -9.19 -17.25 -44.95
N ASN D 458 -7.95 -17.64 -45.27
CA ASN D 458 -6.97 -16.65 -45.70
C ASN D 458 -7.38 -16.03 -47.02
N ALA D 459 -8.01 -16.80 -47.91
CA ALA D 459 -8.53 -16.24 -49.15
C ALA D 459 -9.68 -15.28 -48.90
N GLY D 460 -10.28 -15.31 -47.71
CA GLY D 460 -11.35 -14.39 -47.36
C GLY D 460 -12.75 -14.95 -47.44
N GLU D 461 -12.95 -16.08 -48.11
CA GLU D 461 -14.28 -16.66 -48.22
C GLU D 461 -14.67 -17.34 -46.90
N GLU D 462 -15.92 -17.80 -46.84
CA GLU D 462 -16.40 -18.52 -45.68
C GLU D 462 -15.99 -19.98 -45.77
N PRO D 463 -15.27 -20.52 -44.77
CA PRO D 463 -14.73 -21.88 -44.91
C PRO D 463 -15.78 -22.96 -45.06
N SER D 464 -16.85 -22.92 -44.26
CA SER D 464 -17.77 -24.04 -44.18
C SER D 464 -18.49 -24.28 -45.50
N VAL D 465 -18.98 -23.22 -46.14
CA VAL D 465 -19.71 -23.39 -47.40
C VAL D 465 -18.79 -23.91 -48.49
N ILE D 466 -17.56 -23.41 -48.55
CA ILE D 466 -16.61 -23.87 -49.56
C ILE D 466 -16.27 -25.34 -49.34
N VAL D 467 -16.05 -25.74 -48.08
CA VAL D 467 -15.75 -27.13 -47.78
C VAL D 467 -16.93 -28.02 -48.15
N ALA D 468 -18.16 -27.59 -47.85
CA ALA D 468 -19.33 -28.38 -48.21
C ALA D 468 -19.45 -28.53 -49.71
N LYS D 469 -19.22 -27.44 -50.45
CA LYS D 469 -19.31 -27.50 -51.91
C LYS D 469 -18.23 -28.41 -52.49
N VAL D 470 -17.03 -28.37 -51.92
CA VAL D 470 -15.96 -29.26 -52.37
C VAL D 470 -16.34 -30.71 -52.11
N LEU D 471 -16.90 -30.98 -50.93
CA LEU D 471 -17.34 -32.33 -50.60
C LEU D 471 -18.46 -32.81 -51.50
N GLU D 472 -19.34 -31.91 -51.95
CA GLU D 472 -20.39 -32.29 -52.88
C GLU D 472 -19.84 -32.71 -54.24
N GLY D 473 -18.67 -32.20 -54.62
CA GLY D 473 -18.03 -32.63 -55.85
C GLY D 473 -17.26 -33.92 -55.67
N LYS D 474 -16.83 -34.49 -56.79
CA LYS D 474 -16.13 -35.76 -56.79
C LYS D 474 -14.88 -35.66 -57.67
N GLY D 475 -13.93 -36.54 -57.38
CA GLY D 475 -12.70 -36.56 -58.16
C GLY D 475 -11.81 -35.37 -57.87
N ASN D 476 -11.23 -34.81 -58.92
CA ASN D 476 -10.31 -33.69 -58.80
C ASN D 476 -11.02 -32.36 -58.55
N TYR D 477 -12.35 -32.34 -58.58
CA TYR D 477 -13.11 -31.12 -58.35
C TYR D 477 -12.77 -30.53 -56.98
N GLY D 478 -12.54 -29.22 -56.94
CA GLY D 478 -12.16 -28.56 -55.71
C GLY D 478 -12.23 -27.06 -55.87
N TYR D 479 -11.73 -26.37 -54.85
CA TYR D 479 -11.73 -24.92 -54.80
C TYR D 479 -10.32 -24.37 -55.05
N ASN D 480 -10.23 -23.37 -55.91
CA ASN D 480 -8.97 -22.72 -56.24
C ASN D 480 -8.97 -21.34 -55.60
N ALA D 481 -8.22 -21.19 -54.51
CA ALA D 481 -8.19 -19.92 -53.79
C ALA D 481 -7.54 -18.80 -54.60
N ALA D 482 -6.71 -19.15 -55.59
CA ALA D 482 -6.05 -18.12 -56.38
C ALA D 482 -7.06 -17.29 -57.18
N THR D 483 -8.07 -17.94 -57.75
CA THR D 483 -9.08 -17.25 -58.54
C THR D 483 -10.48 -17.32 -57.96
N GLY D 484 -10.72 -18.15 -56.94
CA GLY D 484 -12.03 -18.28 -56.35
C GLY D 484 -13.00 -19.15 -57.10
N GLU D 485 -12.54 -19.87 -58.12
CA GLU D 485 -13.42 -20.69 -58.95
C GLU D 485 -13.41 -22.15 -58.48
N PHE D 486 -14.42 -22.89 -58.90
CA PHE D 486 -14.54 -24.32 -58.63
C PHE D 486 -14.34 -25.11 -59.91
N GLY D 487 -13.51 -26.14 -59.84
CA GLY D 487 -13.27 -26.97 -61.00
C GLY D 487 -12.20 -27.99 -60.72
N ASP D 488 -11.76 -28.66 -61.79
CA ASP D 488 -10.71 -29.65 -61.68
C ASP D 488 -9.43 -28.99 -61.20
N MET D 489 -8.97 -29.36 -60.00
CA MET D 489 -7.78 -28.74 -59.43
C MET D 489 -6.54 -29.05 -60.25
N ILE D 490 -6.47 -30.24 -60.83
CA ILE D 490 -5.31 -30.60 -61.65
C ILE D 490 -5.28 -29.76 -62.94
N GLU D 491 -6.46 -29.52 -63.53
CA GLU D 491 -6.50 -28.79 -64.79
C GLU D 491 -6.07 -27.34 -64.62
N MET D 492 -6.27 -26.76 -63.44
CA MET D 492 -5.78 -25.40 -63.20
C MET D 492 -4.32 -25.38 -62.75
N GLY D 493 -3.66 -26.52 -62.68
CA GLY D 493 -2.27 -26.55 -62.26
C GLY D 493 -2.05 -26.18 -60.81
N VAL D 494 -2.91 -26.66 -59.92
CA VAL D 494 -2.72 -26.52 -58.47
C VAL D 494 -2.50 -27.92 -57.93
N LEU D 495 -1.25 -28.27 -57.68
CA LEU D 495 -0.88 -29.64 -57.33
C LEU D 495 0.00 -29.66 -56.09
N ASP D 496 -0.07 -30.78 -55.37
CA ASP D 496 0.85 -31.12 -54.31
C ASP D 496 1.33 -32.55 -54.51
N PRO D 497 2.63 -32.81 -54.36
CA PRO D 497 3.11 -34.19 -54.42
C PRO D 497 2.48 -35.02 -53.32
N THR D 498 2.17 -36.28 -53.65
CA THR D 498 1.55 -37.17 -52.66
C THR D 498 2.45 -37.35 -51.45
N LYS D 499 3.76 -37.33 -51.65
CA LYS D 499 4.69 -37.43 -50.53
C LYS D 499 4.50 -36.28 -49.55
N VAL D 500 4.29 -35.06 -50.05
CA VAL D 500 4.16 -33.91 -49.18
C VAL D 500 2.95 -34.05 -48.26
N THR D 501 1.78 -34.35 -48.84
CA THR D 501 0.58 -34.48 -48.03
C THR D 501 0.67 -35.68 -47.09
N ARG D 502 1.17 -36.81 -47.58
CA ARG D 502 1.26 -38.00 -46.75
C ARG D 502 2.18 -37.76 -45.55
N SER D 503 3.36 -37.18 -45.81
CA SER D 503 4.31 -36.92 -44.73
C SER D 503 3.76 -35.89 -43.76
N ALA D 504 3.11 -34.83 -44.26
CA ALA D 504 2.53 -33.85 -43.36
C ALA D 504 1.50 -34.48 -42.45
N LEU D 505 0.60 -35.29 -43.01
CA LEU D 505 -0.44 -35.92 -42.20
C LEU D 505 0.17 -36.87 -41.18
N GLN D 506 1.13 -37.70 -41.59
CA GLN D 506 1.71 -38.67 -40.67
C GLN D 506 2.49 -38.00 -39.55
N ASN D 507 3.29 -36.98 -39.87
CA ASN D 507 4.05 -36.30 -38.83
C ASN D 507 3.15 -35.52 -37.88
N ALA D 508 2.09 -34.89 -38.42
CA ALA D 508 1.13 -34.22 -37.55
C ALA D 508 0.45 -35.23 -36.62
N ALA D 509 0.09 -36.40 -37.15
CA ALA D 509 -0.51 -37.43 -36.32
C ALA D 509 0.45 -37.89 -35.23
N SER D 510 1.73 -38.08 -35.57
CA SER D 510 2.70 -38.52 -34.58
C SER D 510 2.87 -37.51 -33.47
N VAL D 511 3.06 -36.23 -33.83
CA VAL D 511 3.26 -35.21 -32.81
C VAL D 511 1.99 -35.02 -31.99
N ALA D 512 0.82 -35.13 -32.61
CA ALA D 512 -0.43 -35.01 -31.87
C ALA D 512 -0.60 -36.16 -30.89
N GLY D 513 -0.24 -37.37 -31.29
CA GLY D 513 -0.28 -38.49 -30.36
C GLY D 513 0.66 -38.30 -29.19
N LEU D 514 1.88 -37.81 -29.48
CA LEU D 514 2.84 -37.57 -28.40
C LEU D 514 2.33 -36.51 -27.43
N MET D 515 1.72 -35.45 -27.93
CA MET D 515 1.24 -34.40 -27.03
C MET D 515 -0.14 -34.68 -26.46
N LEU D 516 -0.82 -35.74 -26.93
CA LEU D 516 -2.06 -36.16 -26.30
C LEU D 516 -1.80 -37.16 -25.17
N THR D 517 -0.87 -38.09 -25.39
CA THR D 517 -0.52 -39.07 -24.37
C THR D 517 0.55 -38.56 -23.42
N THR D 518 0.72 -37.25 -23.29
CA THR D 518 1.70 -36.69 -22.38
C THR D 518 1.05 -36.38 -21.03
N GLU D 519 1.63 -36.91 -19.96
CA GLU D 519 1.10 -36.71 -18.62
C GLU D 519 2.03 -35.92 -17.71
N CYS D 520 3.33 -35.87 -18.01
CA CYS D 520 4.27 -35.17 -17.18
C CYS D 520 5.15 -34.27 -18.05
N MET D 521 5.59 -33.17 -17.47
CA MET D 521 6.35 -32.15 -18.19
C MET D 521 7.38 -31.54 -17.26
N ILE D 522 8.64 -31.55 -17.68
CA ILE D 522 9.76 -31.13 -16.84
C ILE D 522 10.48 -29.99 -17.55
N ALA D 523 10.65 -28.87 -16.86
CA ALA D 523 11.33 -27.71 -17.39
C ALA D 523 12.21 -27.08 -16.32
N GLU D 524 13.17 -26.28 -16.76
CA GLU D 524 14.01 -25.54 -15.83
C GLU D 524 13.16 -24.53 -15.05
N ALA D 525 13.37 -24.47 -13.75
CA ALA D 525 12.64 -23.52 -12.92
C ALA D 525 13.12 -22.10 -13.19
N PRO D 526 12.23 -21.11 -13.06
CA PRO D 526 12.58 -19.69 -13.26
C PRO D 526 13.72 -19.23 -12.37
N ALA E 1 16.48 -15.30 -28.68
CA ALA E 1 15.85 -14.82 -27.46
C ALA E 1 14.33 -14.94 -27.54
N ALA E 2 13.66 -14.65 -26.43
CA ALA E 2 12.21 -14.80 -26.36
C ALA E 2 11.51 -13.90 -27.38
N LYS E 3 10.54 -14.47 -28.08
CA LYS E 3 9.74 -13.74 -29.05
C LYS E 3 8.37 -13.40 -28.48
N GLU E 4 7.79 -12.32 -28.98
CA GLU E 4 6.44 -11.92 -28.65
C GLU E 4 5.63 -11.76 -29.94
N VAL E 5 4.45 -12.36 -29.96
CA VAL E 5 3.65 -12.46 -31.18
C VAL E 5 2.33 -11.73 -30.96
N LYS E 6 1.95 -10.91 -31.94
CA LYS E 6 0.69 -10.20 -31.92
C LYS E 6 -0.07 -10.50 -33.21
N PHE E 7 -1.38 -10.69 -33.09
CA PHE E 7 -2.21 -11.13 -34.20
C PHE E 7 -3.28 -10.11 -34.53
N HIS E 8 -3.69 -10.10 -35.79
CA HIS E 8 -4.85 -9.35 -36.26
C HIS E 8 -4.79 -7.87 -35.89
N ASP E 9 -5.90 -7.34 -35.40
CA ASP E 9 -5.98 -5.92 -35.04
C ASP E 9 -4.98 -5.54 -33.97
N SER E 10 -4.68 -6.44 -33.04
CA SER E 10 -3.73 -6.13 -31.98
C SER E 10 -2.33 -5.87 -32.51
N ALA E 11 -2.05 -6.25 -33.75
CA ALA E 11 -0.76 -5.98 -34.39
C ALA E 11 -0.89 -4.89 -35.45
N ARG E 12 -2.01 -4.89 -36.17
CA ARG E 12 -2.23 -3.84 -37.16
C ARG E 12 -2.28 -2.46 -36.50
N GLU E 13 -2.89 -2.37 -35.32
CA GLU E 13 -2.95 -1.09 -34.63
C GLU E 13 -1.57 -0.63 -34.17
N ARG E 14 -0.67 -1.55 -33.81
CA ARG E 14 0.69 -1.15 -33.46
C ARG E 14 1.44 -0.67 -34.70
N LEU E 15 1.27 -1.36 -35.83
CA LEU E 15 1.86 -0.89 -37.08
C LEU E 15 1.37 0.51 -37.41
N VAL E 16 0.07 0.73 -37.23
CA VAL E 16 -0.52 2.02 -37.57
C VAL E 16 -0.03 3.10 -36.61
N ALA E 17 0.12 2.76 -35.32
CA ALA E 17 0.69 3.72 -34.38
C ALA E 17 2.10 4.11 -34.78
N GLY E 18 2.91 3.13 -35.19
CA GLY E 18 4.26 3.43 -35.64
C GLY E 18 4.32 4.31 -36.87
N VAL E 19 3.53 3.97 -37.89
CA VAL E 19 3.56 4.77 -39.11
C VAL E 19 2.99 6.16 -38.85
N ASN E 20 1.98 6.26 -37.98
CA ASN E 20 1.43 7.57 -37.64
C ASN E 20 2.46 8.41 -36.89
N LEU E 21 3.19 7.81 -35.97
CA LEU E 21 4.22 8.55 -35.24
C LEU E 21 5.34 9.00 -36.16
N LEU E 22 5.70 8.19 -37.17
CA LEU E 22 6.71 8.63 -38.13
C LEU E 22 6.18 9.74 -39.02
N ALA E 23 4.97 9.58 -39.53
CA ALA E 23 4.44 10.52 -40.51
C ALA E 23 4.05 11.86 -39.88
N ASN E 24 3.54 11.86 -38.64
CA ASN E 24 3.21 13.11 -37.99
C ASN E 24 4.44 13.99 -37.78
N ALA E 25 5.61 13.37 -37.63
CA ALA E 25 6.85 14.13 -37.55
C ALA E 25 7.33 14.55 -38.93
N VAL E 26 7.27 13.64 -39.90
CA VAL E 26 7.80 13.93 -41.23
C VAL E 26 6.99 15.01 -41.94
N LYS E 27 5.66 14.92 -41.87
CA LYS E 27 4.79 15.77 -42.68
C LYS E 27 4.85 17.24 -42.29
N THR E 28 5.35 17.57 -41.10
CA THR E 28 5.47 18.97 -40.73
C THR E 28 6.51 19.70 -41.57
N THR E 29 7.41 18.95 -42.20
CA THR E 29 8.44 19.53 -43.06
C THR E 29 8.08 19.45 -44.54
N LEU E 30 6.79 19.43 -44.87
CA LEU E 30 6.33 19.29 -46.25
C LEU E 30 5.75 20.61 -46.73
N GLY E 31 6.13 21.01 -47.94
CA GLY E 31 5.65 22.22 -48.54
C GLY E 31 6.63 23.37 -48.42
N PRO E 32 6.43 24.41 -49.23
CA PRO E 32 7.32 25.58 -49.14
C PRO E 32 7.33 26.24 -47.77
N LYS E 33 6.23 26.17 -47.04
CA LYS E 33 6.13 26.75 -45.71
C LYS E 33 6.19 25.67 -44.63
N GLY E 34 6.99 24.63 -44.85
CA GLY E 34 7.09 23.56 -43.89
C GLY E 34 7.68 24.05 -42.57
N ARG E 35 7.16 23.50 -41.48
CA ARG E 35 7.60 23.91 -40.15
C ARG E 35 8.98 23.35 -39.83
N ASN E 36 9.52 23.77 -38.70
CA ASN E 36 10.81 23.29 -38.25
C ASN E 36 10.64 22.09 -37.33
N VAL E 37 11.66 21.22 -37.32
CA VAL E 37 11.71 20.06 -36.45
C VAL E 37 13.05 20.10 -35.72
N VAL E 38 13.00 20.05 -34.39
CA VAL E 38 14.19 20.12 -33.54
C VAL E 38 14.60 18.71 -33.17
N ILE E 39 15.84 18.36 -33.47
CA ILE E 39 16.37 17.03 -33.23
C ILE E 39 17.55 17.13 -32.29
N GLU E 40 17.56 16.29 -31.25
CA GLU E 40 18.66 16.29 -30.29
C GLU E 40 19.94 15.82 -30.96
N ARG E 41 21.06 16.47 -30.60
CA ARG E 41 22.39 16.01 -30.96
C ARG E 41 23.07 15.51 -29.69
N SER E 42 23.94 14.52 -29.84
CA SER E 42 24.59 13.92 -28.66
C SER E 42 25.31 14.98 -27.82
N PHE E 43 26.01 15.90 -28.48
CA PHE E 43 26.66 17.02 -27.81
C PHE E 43 26.45 18.28 -28.63
N GLY E 44 26.46 19.42 -27.96
CA GLY E 44 26.25 20.68 -28.62
C GLY E 44 24.78 21.03 -28.75
N ALA E 45 24.53 22.10 -29.51
CA ALA E 45 23.18 22.62 -29.69
C ALA E 45 22.35 21.69 -30.56
N PRO E 46 21.04 21.59 -30.29
CA PRO E 46 20.17 20.77 -31.13
C PRO E 46 20.15 21.27 -32.57
N ILE E 47 20.01 20.33 -33.50
CA ILE E 47 19.92 20.65 -34.91
C ILE E 47 18.45 20.85 -35.29
N VAL E 48 18.16 21.95 -35.97
CA VAL E 48 16.81 22.22 -36.46
C VAL E 48 16.80 22.02 -37.97
N THR E 49 15.82 21.27 -38.45
CA THR E 49 15.70 20.94 -39.86
C THR E 49 14.26 21.09 -40.31
N LYS E 50 14.08 21.33 -41.60
CA LYS E 50 12.76 21.42 -42.22
C LYS E 50 12.72 20.58 -43.49
N ASP E 51 13.41 19.46 -43.48
CA ASP E 51 13.41 18.50 -44.57
C ASP E 51 13.02 17.13 -44.03
N GLY E 52 12.25 16.38 -44.82
CA GLY E 52 11.77 15.09 -44.37
C GLY E 52 12.83 14.02 -44.27
N VAL E 53 13.89 14.12 -45.07
CA VAL E 53 14.91 13.07 -45.10
C VAL E 53 15.59 12.96 -43.74
N THR E 54 16.00 14.09 -43.18
CA THR E 54 16.71 14.06 -41.90
C THR E 54 15.78 13.69 -40.75
N VAL E 55 14.55 14.22 -40.76
CA VAL E 55 13.61 13.93 -39.68
C VAL E 55 13.26 12.44 -39.66
N ALA E 56 13.00 11.87 -40.84
CA ALA E 56 12.67 10.45 -40.90
C ALA E 56 13.83 9.59 -40.45
N LYS E 57 15.06 9.94 -40.85
CA LYS E 57 16.22 9.13 -40.52
C LYS E 57 16.43 9.03 -39.01
N GLU E 58 16.09 10.08 -38.28
CA GLU E 58 16.29 10.08 -36.83
C GLU E 58 15.16 9.37 -36.09
N ILE E 59 14.04 9.11 -36.76
CA ILE E 59 12.87 8.56 -36.08
C ILE E 59 12.99 7.05 -35.99
N GLU E 60 12.93 6.53 -34.77
CA GLU E 60 12.78 5.10 -34.50
C GLU E 60 12.23 4.98 -33.09
N LEU E 61 11.13 4.25 -32.93
CA LEU E 61 10.34 4.34 -31.71
C LEU E 61 10.86 3.42 -30.61
N LYS E 62 10.25 3.55 -29.43
CA LYS E 62 10.59 2.71 -28.29
C LYS E 62 9.97 1.33 -28.42
N ASP E 63 8.64 1.26 -28.50
CA ASP E 63 7.96 -0.02 -28.63
C ASP E 63 8.36 -0.68 -29.94
N LYS E 64 8.70 -1.97 -29.88
CA LYS E 64 9.20 -2.66 -31.07
C LYS E 64 8.12 -2.79 -32.13
N PHE E 65 6.89 -3.11 -31.72
CA PHE E 65 5.82 -3.35 -32.68
C PHE E 65 5.41 -2.10 -33.44
N GLU E 66 5.64 -0.92 -32.88
CA GLU E 66 5.41 0.32 -33.61
C GLU E 66 6.62 0.65 -34.49
N ASN E 67 7.81 0.40 -33.96
CA ASN E 67 9.02 0.59 -34.74
C ASN E 67 9.01 -0.27 -35.99
N MET E 68 8.27 -1.38 -35.97
CA MET E 68 8.15 -2.20 -37.17
C MET E 68 7.61 -1.39 -38.34
N GLY E 69 6.39 -0.87 -38.20
CA GLY E 69 5.82 -0.06 -39.26
C GLY E 69 6.63 1.19 -39.53
N ALA E 70 7.18 1.79 -38.47
CA ALA E 70 8.01 2.97 -38.66
C ALA E 70 9.17 2.68 -39.62
N GLN E 71 9.89 1.58 -39.39
CA GLN E 71 11.03 1.25 -40.22
C GLN E 71 10.64 0.78 -41.61
N MET E 72 9.52 0.04 -41.73
CA MET E 72 9.10 -0.36 -43.07
C MET E 72 8.73 0.85 -43.93
N VAL E 73 7.98 1.79 -43.36
CA VAL E 73 7.62 2.99 -44.11
C VAL E 73 8.87 3.83 -44.40
N LYS E 74 9.80 3.89 -43.44
CA LYS E 74 11.04 4.60 -43.69
C LYS E 74 11.84 3.95 -44.82
N GLU E 75 11.88 2.62 -44.87
CA GLU E 75 12.61 1.93 -45.92
C GLU E 75 12.00 2.19 -47.29
N VAL E 76 10.67 2.13 -47.39
CA VAL E 76 10.05 2.38 -48.68
C VAL E 76 10.21 3.86 -49.08
N ALA E 77 10.18 4.77 -48.11
CA ALA E 77 10.43 6.17 -48.41
C ALA E 77 11.84 6.40 -48.91
N SER E 78 12.82 5.73 -48.29
CA SER E 78 14.21 5.84 -48.75
C SER E 78 14.39 5.23 -50.13
N LYS E 79 13.68 4.14 -50.42
CA LYS E 79 13.70 3.56 -51.77
C LYS E 79 13.10 4.51 -52.78
N THR E 80 12.06 5.25 -52.41
CA THR E 80 11.56 6.32 -53.29
C THR E 80 12.61 7.41 -53.49
N ALA E 81 13.26 7.82 -52.40
CA ALA E 81 14.15 8.97 -52.45
C ALA E 81 15.41 8.68 -53.27
N ASP E 82 16.05 7.53 -53.04
CA ASP E 82 17.34 7.27 -53.67
C ASP E 82 17.24 7.11 -55.18
N VAL E 83 16.05 6.82 -55.72
CA VAL E 83 15.87 6.65 -57.15
C VAL E 83 15.30 7.89 -57.83
N ALA E 84 14.88 8.90 -57.07
CA ALA E 84 14.29 10.09 -57.65
C ALA E 84 14.90 11.37 -57.09
N GLY E 85 15.59 11.25 -55.96
CA GLY E 85 16.21 12.39 -55.31
C GLY E 85 15.29 13.24 -54.46
N ASP E 86 14.01 12.92 -54.40
CA ASP E 86 13.05 13.67 -53.60
C ASP E 86 11.78 12.86 -53.51
N GLY E 87 10.85 13.32 -52.67
CA GLY E 87 9.56 12.68 -52.52
C GLY E 87 9.43 11.75 -51.33
N THR E 88 10.51 11.50 -50.58
CA THR E 88 10.40 10.65 -49.41
C THR E 88 9.45 11.24 -48.38
N THR E 89 9.34 12.57 -48.31
CA THR E 89 8.31 13.20 -47.50
C THR E 89 6.92 12.90 -48.06
N THR E 90 6.76 13.00 -49.38
CA THR E 90 5.48 12.70 -50.00
C THR E 90 5.11 11.23 -49.84
N ALA E 91 6.09 10.34 -50.00
CA ALA E 91 5.80 8.91 -49.91
C ALA E 91 5.31 8.53 -48.53
N THR E 92 5.93 9.06 -47.48
CA THR E 92 5.50 8.76 -46.12
C THR E 92 4.09 9.29 -45.87
N VAL E 93 3.80 10.50 -46.34
CA VAL E 93 2.46 11.06 -46.15
C VAL E 93 1.40 10.24 -46.87
N LEU E 94 1.69 9.85 -48.11
CA LEU E 94 0.74 9.02 -48.87
C LEU E 94 0.54 7.67 -48.21
N ALA E 95 1.62 7.06 -47.71
CA ALA E 95 1.50 5.79 -47.01
C ALA E 95 0.65 5.92 -45.75
N GLN E 96 0.87 6.99 -44.98
CA GLN E 96 0.06 7.22 -43.80
C GLN E 96 -1.41 7.37 -44.17
N ALA E 97 -1.70 8.15 -45.21
CA ALA E 97 -3.09 8.35 -45.62
C ALA E 97 -3.74 7.03 -46.03
N ILE E 98 -3.04 6.25 -46.87
CA ILE E 98 -3.62 5.00 -47.35
C ILE E 98 -3.83 4.03 -46.20
N VAL E 99 -2.87 3.92 -45.29
CA VAL E 99 -2.99 2.99 -44.18
C VAL E 99 -4.08 3.42 -43.21
N ARG E 100 -4.17 4.72 -42.93
CA ARG E 100 -5.19 5.21 -42.01
C ARG E 100 -6.59 5.02 -42.59
N GLU E 101 -6.75 5.17 -43.90
CA GLU E 101 -8.04 4.90 -44.50
C GLU E 101 -8.32 3.40 -44.58
N GLY E 102 -7.29 2.60 -44.81
CA GLY E 102 -7.47 1.16 -44.89
C GLY E 102 -7.83 0.52 -43.58
N MET E 103 -7.36 1.10 -42.47
CA MET E 103 -7.78 0.61 -41.15
C MET E 103 -9.28 0.69 -40.98
N LYS E 104 -9.90 1.77 -41.46
CA LYS E 104 -11.35 1.92 -41.32
C LYS E 104 -12.09 0.80 -42.04
N TYR E 105 -11.66 0.46 -43.24
CA TYR E 105 -12.35 -0.57 -44.01
C TYR E 105 -11.99 -1.97 -43.54
N VAL E 106 -10.80 -2.17 -43.00
CA VAL E 106 -10.45 -3.48 -42.44
C VAL E 106 -11.24 -3.74 -41.17
N ALA E 107 -11.35 -2.73 -40.30
CA ALA E 107 -12.20 -2.86 -39.12
C ALA E 107 -13.67 -3.01 -39.52
N ALA E 108 -14.04 -2.53 -40.71
CA ALA E 108 -15.39 -2.69 -41.20
C ALA E 108 -15.68 -4.09 -41.73
N GLY E 109 -14.73 -5.02 -41.58
CA GLY E 109 -14.96 -6.38 -42.00
C GLY E 109 -14.69 -6.68 -43.46
N MET E 110 -14.20 -5.70 -44.22
CA MET E 110 -13.92 -5.94 -45.63
C MET E 110 -12.63 -6.75 -45.79
N ASN E 111 -12.55 -7.46 -46.91
CA ASN E 111 -11.46 -8.38 -47.15
C ASN E 111 -10.16 -7.63 -47.43
N PRO E 112 -9.11 -7.81 -46.64
CA PRO E 112 -7.85 -7.08 -46.89
C PRO E 112 -7.24 -7.35 -48.25
N MET E 113 -7.33 -8.59 -48.76
CA MET E 113 -6.76 -8.89 -50.06
C MET E 113 -7.46 -8.12 -51.18
N ASP E 114 -8.79 -8.04 -51.12
CA ASP E 114 -9.53 -7.24 -52.08
C ASP E 114 -9.22 -5.76 -51.95
N LEU E 115 -9.02 -5.26 -50.73
CA LEU E 115 -8.59 -3.88 -50.56
C LEU E 115 -7.24 -3.63 -51.21
N LYS E 116 -6.31 -4.57 -51.03
CA LYS E 116 -5.00 -4.43 -51.65
C LYS E 116 -5.10 -4.43 -53.17
N ARG E 117 -5.92 -5.33 -53.72
CA ARG E 117 -6.09 -5.37 -55.17
C ARG E 117 -6.74 -4.10 -55.70
N GLY E 118 -7.75 -3.56 -55.00
CA GLY E 118 -8.34 -2.31 -55.43
C GLY E 118 -7.36 -1.15 -55.36
N ILE E 119 -6.53 -1.13 -54.31
CA ILE E 119 -5.51 -0.10 -54.18
C ILE E 119 -4.52 -0.19 -55.34
N ASP E 120 -4.11 -1.41 -55.67
CA ASP E 120 -3.20 -1.60 -56.80
C ASP E 120 -3.84 -1.15 -58.11
N LYS E 121 -5.11 -1.46 -58.32
CA LYS E 121 -5.79 -1.04 -59.55
C LYS E 121 -5.86 0.48 -59.64
N ALA E 122 -6.23 1.13 -58.55
CA ALA E 122 -6.33 2.58 -58.55
C ALA E 122 -4.97 3.23 -58.76
N VAL E 123 -3.93 2.69 -58.13
CA VAL E 123 -2.59 3.24 -58.30
C VAL E 123 -2.11 3.06 -59.73
N THR E 124 -2.39 1.90 -60.32
CA THR E 124 -2.02 1.68 -61.72
C THR E 124 -2.73 2.66 -62.63
N ALA E 125 -4.02 2.90 -62.40
CA ALA E 125 -4.75 3.86 -63.23
C ALA E 125 -4.21 5.27 -63.07
N ILE E 126 -3.92 5.68 -61.82
CA ILE E 126 -3.43 7.03 -61.58
C ILE E 126 -2.04 7.21 -62.19
N VAL E 127 -1.17 6.20 -62.07
CA VAL E 127 0.15 6.25 -62.68
C VAL E 127 0.03 6.34 -64.20
N GLU E 128 -0.86 5.54 -64.79
CA GLU E 128 -1.06 5.61 -66.23
C GLU E 128 -1.55 6.99 -66.65
N GLU E 129 -2.37 7.63 -65.84
CA GLU E 129 -2.80 9.00 -66.14
C GLU E 129 -1.67 10.01 -65.98
N LEU E 130 -0.75 9.77 -65.03
CA LEU E 130 0.37 10.68 -64.85
C LEU E 130 1.26 10.73 -66.09
N LYS E 131 1.32 9.63 -66.83
CA LYS E 131 2.10 9.61 -68.06
C LYS E 131 1.52 10.52 -69.12
N ALA E 132 0.24 10.90 -68.98
CA ALA E 132 -0.39 11.83 -69.91
C ALA E 132 -0.37 13.27 -69.42
N ILE E 133 -0.50 13.50 -68.11
CA ILE E 133 -0.45 14.86 -67.58
C ILE E 133 0.97 15.41 -67.66
N SER E 134 1.98 14.54 -67.58
CA SER E 134 3.36 15.00 -67.48
C SER E 134 3.79 15.69 -68.76
N LYS E 135 4.31 16.90 -68.61
CA LYS E 135 4.91 17.61 -69.74
C LYS E 135 6.35 17.13 -69.95
N PRO E 136 6.67 16.61 -71.13
CA PRO E 136 8.05 16.16 -71.37
C PRO E 136 9.02 17.32 -71.43
N CYS E 137 10.27 17.05 -71.06
CA CYS E 137 11.33 18.05 -71.10
C CYS E 137 12.58 17.40 -71.71
N SER E 138 12.86 17.72 -72.97
CA SER E 138 14.03 17.18 -73.66
C SER E 138 14.87 18.23 -74.35
N THR E 139 14.34 19.40 -74.70
CA THR E 139 15.14 20.45 -75.30
C THR E 139 16.13 21.01 -74.28
N THR E 140 17.26 21.52 -74.80
CA THR E 140 18.26 22.12 -73.92
C THR E 140 17.68 23.28 -73.13
N LYS E 141 16.82 24.07 -73.76
CA LYS E 141 16.14 25.14 -73.05
C LYS E 141 15.26 24.60 -71.93
N GLU E 142 14.52 23.52 -72.20
CA GLU E 142 13.70 22.91 -71.16
C GLU E 142 14.55 22.36 -70.03
N ILE E 143 15.66 21.71 -70.36
CA ILE E 143 16.56 21.17 -69.34
C ILE E 143 17.10 22.29 -68.46
N ALA E 144 17.53 23.39 -69.09
CA ALA E 144 18.04 24.53 -68.33
C ALA E 144 16.95 25.12 -67.44
N GLN E 145 15.73 25.23 -67.95
CA GLN E 145 14.63 25.77 -67.15
C GLN E 145 14.35 24.89 -65.94
N VAL E 146 14.31 23.58 -66.14
CA VAL E 146 14.06 22.66 -65.03
C VAL E 146 15.19 22.74 -64.01
N GLY E 147 16.43 22.79 -64.48
CA GLY E 147 17.55 22.91 -63.55
C GLY E 147 17.50 24.20 -62.75
N THR E 148 17.19 25.31 -63.42
CA THR E 148 17.09 26.59 -62.72
C THR E 148 15.98 26.57 -61.69
N ILE E 149 14.83 25.99 -62.05
CA ILE E 149 13.71 25.91 -61.11
C ILE E 149 14.08 25.06 -59.91
N SER E 150 14.73 23.91 -60.15
CA SER E 150 15.13 23.04 -59.06
C SER E 150 16.22 23.69 -58.20
N ALA E 151 17.02 24.58 -58.76
CA ALA E 151 18.11 25.23 -58.03
C ALA E 151 17.72 26.58 -57.46
N ASN E 152 16.42 26.82 -57.25
CA ASN E 152 15.92 28.07 -56.66
C ASN E 152 16.32 29.28 -57.51
N ALA E 153 15.89 29.27 -58.77
CA ALA E 153 16.04 30.38 -59.70
C ALA E 153 17.50 30.76 -59.96
N ASP E 154 18.41 29.80 -59.88
CA ASP E 154 19.82 30.06 -60.19
C ASP E 154 20.06 29.64 -61.64
N SER E 155 20.04 30.61 -62.54
CA SER E 155 20.17 30.31 -63.97
C SER E 155 21.51 29.70 -64.34
N SER E 156 22.58 30.07 -63.63
CA SER E 156 23.89 29.50 -63.93
C SER E 156 23.91 28.00 -63.71
N ILE E 157 23.29 27.53 -62.62
CA ILE E 157 23.25 26.10 -62.35
C ILE E 157 22.50 25.37 -63.45
N GLY E 158 21.35 25.91 -63.88
CA GLY E 158 20.60 25.28 -64.95
C GLY E 158 21.36 25.25 -66.26
N GLU E 159 22.04 26.35 -66.58
CA GLU E 159 22.82 26.40 -67.80
C GLU E 159 23.96 25.38 -67.78
N ILE E 160 24.64 25.26 -66.63
CA ILE E 160 25.71 24.28 -66.51
C ILE E 160 25.17 22.87 -66.62
N ILE E 161 24.02 22.60 -66.00
CA ILE E 161 23.43 21.27 -66.09
C ILE E 161 23.06 20.94 -67.53
N ALA E 162 22.47 21.90 -68.24
CA ALA E 162 22.12 21.68 -69.63
C ALA E 162 23.35 21.43 -70.49
N GLN E 163 24.41 22.22 -70.28
CA GLN E 163 25.63 22.05 -71.06
C GLN E 163 26.32 20.73 -70.75
N ALA E 164 26.18 20.22 -69.52
CA ALA E 164 26.75 18.92 -69.21
C ALA E 164 25.92 17.79 -69.83
N MET E 165 24.59 17.92 -69.79
CA MET E 165 23.73 16.85 -70.23
C MET E 165 23.64 16.74 -71.74
N ASP E 166 23.69 17.87 -72.46
CA ASP E 166 23.45 17.87 -73.89
C ASP E 166 24.64 17.36 -74.71
N LYS E 167 25.83 17.31 -74.13
CA LYS E 167 27.01 16.83 -74.84
C LYS E 167 27.53 15.49 -74.32
N VAL E 168 27.19 15.11 -73.09
CA VAL E 168 27.56 13.79 -72.58
C VAL E 168 26.41 12.81 -72.70
N GLY E 169 25.19 13.29 -72.89
CA GLY E 169 24.04 12.42 -73.03
C GLY E 169 23.11 12.49 -71.83
N LYS E 170 21.81 12.42 -72.12
CA LYS E 170 20.81 12.42 -71.06
C LYS E 170 20.96 11.21 -70.14
N GLU E 171 21.54 10.13 -70.65
CA GLU E 171 21.86 8.97 -69.84
C GLU E 171 23.31 8.95 -69.36
N GLY E 172 24.07 10.02 -69.62
CA GLY E 172 25.46 10.05 -69.25
C GLY E 172 25.68 10.31 -67.78
N VAL E 173 26.95 10.22 -67.38
CA VAL E 173 27.33 10.38 -65.98
C VAL E 173 27.79 11.82 -65.75
N ILE E 174 27.23 12.46 -64.73
CA ILE E 174 27.59 13.83 -64.36
C ILE E 174 27.90 13.86 -62.87
N THR E 175 29.04 14.46 -62.52
CA THR E 175 29.47 14.59 -61.14
C THR E 175 29.82 16.05 -60.86
N VAL E 176 29.87 16.38 -59.57
CA VAL E 176 30.11 17.75 -59.12
C VAL E 176 31.41 17.79 -58.33
N GLU E 177 32.30 18.71 -58.69
CA GLU E 177 33.55 18.93 -57.99
C GLU E 177 33.71 20.42 -57.73
N ASP E 178 34.39 20.76 -56.64
CA ASP E 178 34.60 22.16 -56.30
C ASP E 178 35.45 22.86 -57.36
N GLY E 179 34.99 24.03 -57.79
CA GLY E 179 35.68 24.77 -58.83
C GLY E 179 36.82 25.63 -58.28
N LYS E 180 37.51 26.28 -59.21
CA LYS E 180 38.65 27.13 -58.89
C LYS E 180 38.39 28.61 -59.18
N SER E 181 37.11 28.99 -59.32
CA SER E 181 36.78 30.37 -59.65
C SER E 181 35.37 30.67 -59.16
N LEU E 182 34.90 31.89 -59.48
CA LEU E 182 33.53 32.27 -59.15
C LEU E 182 32.53 31.65 -60.12
N GLU E 183 32.91 31.48 -61.37
CA GLU E 183 32.01 30.98 -62.40
C GLU E 183 32.11 29.46 -62.49
N ASN E 184 30.97 28.80 -62.62
CA ASN E 184 30.95 27.36 -62.74
C ASN E 184 31.56 26.93 -64.06
N GLU E 185 32.20 25.75 -64.05
CA GLU E 185 32.86 25.22 -65.23
C GLU E 185 32.53 23.73 -65.33
N LEU E 186 32.67 23.20 -66.54
CA LEU E 186 32.39 21.79 -66.79
C LEU E 186 33.44 21.23 -67.74
N GLU E 187 33.68 19.93 -67.61
CA GLU E 187 34.66 19.26 -68.45
C GLU E 187 34.30 17.78 -68.54
N VAL E 188 34.87 17.12 -69.54
CA VAL E 188 34.68 15.69 -69.76
C VAL E 188 36.02 15.00 -69.56
N VAL E 189 36.04 14.00 -68.67
CA VAL E 189 37.25 13.24 -68.37
C VAL E 189 36.95 11.77 -68.59
N GLU E 190 38.00 10.98 -68.77
CA GLU E 190 37.84 9.55 -68.97
C GLU E 190 37.38 8.90 -67.67
N GLY E 191 36.29 8.18 -67.73
CA GLY E 191 35.74 7.55 -66.54
C GLY E 191 34.48 6.77 -66.88
N MET E 192 33.97 6.09 -65.87
CA MET E 192 32.79 5.25 -66.05
C MET E 192 32.11 5.06 -64.69
N GLN E 193 30.84 4.68 -64.74
CA GLN E 193 30.05 4.38 -63.55
C GLN E 193 29.40 3.02 -63.71
N PHE E 194 29.48 2.22 -62.65
CA PHE E 194 28.91 0.89 -62.65
C PHE E 194 28.07 0.70 -61.39
N ASP E 195 27.05 -0.17 -61.50
CA ASP E 195 26.07 -0.32 -60.44
C ASP E 195 26.57 -1.22 -59.31
N ARG E 196 27.62 -0.80 -58.64
CA ARG E 196 28.16 -1.51 -57.48
C ARG E 196 28.44 -0.50 -56.38
N GLY E 197 27.92 -0.77 -55.17
CA GLY E 197 28.10 0.10 -54.04
C GLY E 197 29.12 -0.43 -53.04
N TYR E 198 29.34 0.36 -52.00
CA TYR E 198 30.25 -0.07 -50.93
C TYR E 198 29.65 -1.26 -50.20
N LEU E 199 30.53 -2.18 -49.77
CA LEU E 199 30.09 -3.41 -49.14
C LEU E 199 29.84 -3.28 -47.65
N SER E 200 30.09 -2.10 -47.07
CA SER E 200 29.78 -1.87 -45.67
C SER E 200 29.60 -0.37 -45.47
N PRO E 201 28.62 0.04 -44.66
CA PRO E 201 28.42 1.49 -44.43
C PRO E 201 29.59 2.16 -43.75
N TYR E 202 30.48 1.40 -43.10
CA TYR E 202 31.65 1.99 -42.48
C TYR E 202 32.64 2.56 -43.49
N PHE E 203 32.54 2.16 -44.76
CA PHE E 203 33.42 2.69 -45.79
C PHE E 203 33.13 4.15 -46.12
N ILE E 204 31.94 4.66 -45.80
CA ILE E 204 31.61 6.04 -46.14
C ILE E 204 32.47 6.99 -45.33
N ASN E 205 32.71 8.17 -45.91
CA ASN E 205 33.46 9.22 -45.23
C ASN E 205 32.80 10.59 -45.36
N ASN E 206 31.66 10.69 -46.03
CA ASN E 206 30.93 11.95 -46.19
C ASN E 206 29.50 11.72 -45.74
N PRO E 207 29.23 11.81 -44.43
CA PRO E 207 27.86 11.58 -43.95
C PRO E 207 26.84 12.55 -44.54
N ASP E 208 27.28 13.75 -44.93
CA ASP E 208 26.37 14.69 -45.58
C ASP E 208 25.85 14.15 -46.90
N LYS E 209 26.71 13.52 -47.69
CA LYS E 209 26.31 12.96 -48.98
C LYS E 209 26.03 11.46 -48.93
N GLN E 210 26.32 10.79 -47.81
CA GLN E 210 26.10 9.36 -47.65
C GLN E 210 26.83 8.57 -48.74
N VAL E 211 28.03 9.03 -49.08
CA VAL E 211 28.87 8.39 -50.10
C VAL E 211 30.30 8.31 -49.57
N ALA E 212 31.10 7.48 -50.23
CA ALA E 212 32.51 7.35 -49.93
C ALA E 212 33.32 7.99 -51.05
N VAL E 213 34.17 8.95 -50.69
CA VAL E 213 34.97 9.71 -51.64
C VAL E 213 36.44 9.52 -51.31
N LEU E 214 37.23 9.14 -52.31
CA LEU E 214 38.66 8.98 -52.17
C LEU E 214 39.36 9.83 -53.23
N ASP E 215 40.44 10.48 -52.82
CA ASP E 215 41.15 11.43 -53.69
C ASP E 215 42.45 10.82 -54.18
N ASN E 216 42.61 10.77 -55.51
CA ASN E 216 43.78 10.23 -56.20
C ASN E 216 44.16 8.86 -55.65
N PRO E 217 43.27 7.87 -55.71
CA PRO E 217 43.56 6.58 -55.08
C PRO E 217 44.21 5.60 -56.03
N TYR E 218 44.67 4.49 -55.46
CA TYR E 218 45.07 3.33 -56.25
C TYR E 218 43.86 2.43 -56.49
N ILE E 219 43.85 1.77 -57.64
CA ILE E 219 42.76 0.88 -58.03
C ILE E 219 43.30 -0.54 -58.06
N LEU E 220 42.68 -1.42 -57.29
CA LEU E 220 43.05 -2.83 -57.23
C LEU E 220 42.00 -3.64 -57.97
N LEU E 221 42.44 -4.46 -58.92
CA LEU E 221 41.56 -5.27 -59.74
C LEU E 221 41.84 -6.75 -59.48
N HIS E 222 40.80 -7.49 -59.12
CA HIS E 222 40.91 -8.93 -58.89
C HIS E 222 39.63 -9.59 -59.36
N ASP E 223 39.76 -10.78 -59.94
CA ASP E 223 38.62 -11.52 -60.48
C ASP E 223 38.18 -12.66 -59.59
N LYS E 224 38.82 -12.87 -58.44
CA LYS E 224 38.48 -13.96 -57.55
C LYS E 224 38.06 -13.42 -56.18
N LYS E 225 37.57 -14.31 -55.34
CA LYS E 225 37.17 -13.94 -53.99
C LYS E 225 38.39 -13.61 -53.13
N ILE E 226 38.19 -12.73 -52.17
CA ILE E 226 39.21 -12.38 -51.19
C ILE E 226 38.61 -12.51 -49.79
N SER E 227 39.18 -13.43 -49.00
CA SER E 227 38.73 -13.61 -47.63
C SER E 227 39.90 -13.55 -46.67
N ASN E 228 41.04 -14.08 -47.09
CA ASN E 228 42.23 -14.09 -46.25
C ASN E 228 42.90 -12.72 -46.26
N ILE E 229 43.20 -12.19 -45.08
CA ILE E 229 43.87 -10.90 -44.99
C ILE E 229 45.29 -10.99 -45.54
N ARG E 230 45.91 -12.16 -45.45
CA ARG E 230 47.27 -12.34 -45.96
C ARG E 230 47.35 -12.17 -47.47
N ASP E 231 46.24 -12.43 -48.18
CA ASP E 231 46.26 -12.40 -49.64
C ASP E 231 46.56 -11.02 -50.21
N LEU E 232 46.32 -9.96 -49.44
CA LEU E 232 46.56 -8.60 -49.94
C LEU E 232 47.45 -7.75 -49.04
N LEU E 233 47.93 -8.27 -47.91
CA LEU E 233 48.79 -7.51 -47.03
C LEU E 233 50.05 -6.97 -47.69
N PRO E 234 50.79 -7.74 -48.51
CA PRO E 234 51.95 -7.14 -49.20
C PRO E 234 51.60 -5.97 -50.10
N VAL E 235 50.41 -5.97 -50.70
CA VAL E 235 50.00 -4.84 -51.54
C VAL E 235 49.51 -3.69 -50.67
N LEU E 236 48.78 -4.01 -49.60
CA LEU E 236 48.26 -2.97 -48.72
C LEU E 236 49.39 -2.22 -48.03
N GLU E 237 50.46 -2.91 -47.64
CA GLU E 237 51.60 -2.23 -47.03
C GLU E 237 52.28 -1.30 -48.03
N GLN E 238 52.44 -1.74 -49.28
CA GLN E 238 53.01 -0.86 -50.29
C GLN E 238 52.13 0.37 -50.49
N VAL E 239 50.82 0.18 -50.51
CA VAL E 239 49.89 1.30 -50.65
C VAL E 239 50.03 2.26 -49.48
N ALA E 240 50.12 1.72 -48.26
CA ALA E 240 50.23 2.56 -47.07
C ALA E 240 51.52 3.37 -47.09
N LYS E 241 52.64 2.74 -47.46
CA LYS E 241 53.88 3.50 -47.58
C LYS E 241 53.80 4.55 -48.69
N ALA E 242 53.07 4.24 -49.76
CA ALA E 242 52.82 5.25 -50.79
C ALA E 242 51.96 6.40 -50.29
N GLY E 243 51.02 6.13 -49.38
CA GLY E 243 50.24 7.16 -48.75
C GLY E 243 48.95 7.52 -49.45
N ARG E 244 48.71 7.02 -50.65
CA ARG E 244 47.48 7.35 -51.38
C ARG E 244 46.39 6.34 -51.04
N PRO E 245 45.13 6.75 -51.15
CA PRO E 245 44.01 5.84 -50.81
C PRO E 245 43.96 4.65 -51.74
N LEU E 246 43.19 3.65 -51.32
CA LEU E 246 43.06 2.38 -52.03
C LEU E 246 41.59 2.10 -52.34
N LEU E 247 41.32 1.77 -53.60
CA LEU E 247 40.02 1.23 -54.00
C LEU E 247 40.24 -0.18 -54.54
N ILE E 248 39.55 -1.15 -53.95
CA ILE E 248 39.74 -2.56 -54.28
C ILE E 248 38.51 -3.04 -55.04
N ILE E 249 38.72 -3.53 -56.25
CA ILE E 249 37.66 -4.12 -57.07
C ILE E 249 37.94 -5.61 -57.15
N ALA E 250 37.01 -6.41 -56.62
CA ALA E 250 37.17 -7.86 -56.60
C ALA E 250 35.80 -8.49 -56.78
N GLU E 251 35.80 -9.82 -56.98
CA GLU E 251 34.54 -10.54 -57.07
C GLU E 251 33.75 -10.41 -55.78
N ASP E 252 34.42 -10.54 -54.64
CA ASP E 252 33.82 -10.30 -53.33
C ASP E 252 34.93 -10.29 -52.28
N VAL E 253 34.70 -9.52 -51.23
CA VAL E 253 35.58 -9.52 -50.06
C VAL E 253 34.72 -9.76 -48.82
N GLU E 254 35.21 -10.62 -47.93
CA GLU E 254 34.42 -11.05 -46.78
C GLU E 254 35.36 -11.58 -45.70
N GLY E 255 34.82 -11.72 -44.50
CA GLY E 255 35.57 -12.34 -43.43
C GLY E 255 36.61 -11.41 -42.84
N GLU E 256 37.77 -11.99 -42.51
CA GLU E 256 38.81 -11.24 -41.81
C GLU E 256 39.36 -10.10 -42.66
N ALA E 257 39.41 -10.28 -43.99
CA ALA E 257 39.90 -9.20 -44.85
C ALA E 257 38.98 -7.99 -44.77
N LEU E 258 37.66 -8.21 -44.90
CA LEU E 258 36.71 -7.11 -44.81
C LEU E 258 36.73 -6.49 -43.42
N ALA E 259 36.82 -7.31 -42.38
CA ALA E 259 36.86 -6.79 -41.02
C ALA E 259 38.10 -5.92 -40.80
N THR E 260 39.26 -6.37 -41.29
CA THR E 260 40.48 -5.60 -41.16
C THR E 260 40.41 -4.30 -41.94
N LEU E 261 39.84 -4.33 -43.15
CA LEU E 261 39.68 -3.10 -43.91
C LEU E 261 38.77 -2.11 -43.19
N VAL E 262 37.67 -2.61 -42.60
CA VAL E 262 36.77 -1.75 -41.85
C VAL E 262 37.49 -1.14 -40.65
N VAL E 263 38.26 -1.96 -39.93
CA VAL E 263 38.98 -1.47 -38.75
C VAL E 263 40.02 -0.42 -39.17
N ASN E 264 40.71 -0.66 -40.29
CA ASN E 264 41.69 0.30 -40.76
C ASN E 264 41.04 1.62 -41.16
N ASN E 265 39.89 1.56 -41.83
CA ASN E 265 39.18 2.78 -42.20
C ASN E 265 38.71 3.55 -40.96
N LEU E 266 38.17 2.82 -39.97
CA LEU E 266 37.74 3.48 -38.75
C LEU E 266 38.90 4.09 -37.97
N ARG E 267 40.03 3.39 -37.90
CA ARG E 267 41.18 3.86 -37.16
C ARG E 267 41.99 4.91 -37.92
N GLY E 268 41.71 5.11 -39.20
CA GLY E 268 42.50 6.00 -40.01
C GLY E 268 43.84 5.43 -40.44
N ILE E 269 44.03 4.12 -40.29
CA ILE E 269 45.30 3.50 -40.69
C ILE E 269 45.52 3.65 -42.18
N LEU E 270 44.50 3.37 -42.98
CA LEU E 270 44.59 3.49 -44.43
C LEU E 270 43.21 3.76 -45.00
N LYS E 271 43.16 4.66 -45.98
CA LYS E 271 41.90 5.00 -46.64
C LYS E 271 41.60 3.93 -47.69
N THR E 272 40.64 3.05 -47.38
CA THR E 272 40.34 1.91 -48.23
C THR E 272 38.84 1.87 -48.53
N CYS E 273 38.52 1.28 -49.68
CA CYS E 273 37.15 1.04 -50.07
C CYS E 273 37.10 -0.17 -50.99
N ALA E 274 36.15 -1.06 -50.74
CA ALA E 274 36.04 -2.30 -51.49
C ALA E 274 34.64 -2.44 -52.04
N VAL E 275 34.53 -2.72 -53.33
CA VAL E 275 33.26 -2.91 -54.01
C VAL E 275 33.34 -4.17 -54.86
N LYS E 276 32.18 -4.78 -55.10
CA LYS E 276 32.12 -5.95 -55.98
C LYS E 276 32.39 -5.52 -57.42
N ALA E 277 33.04 -6.39 -58.18
CA ALA E 277 33.26 -6.11 -59.58
C ALA E 277 31.93 -6.15 -60.34
N PRO E 278 31.74 -5.25 -61.30
CA PRO E 278 30.46 -5.20 -62.01
C PRO E 278 30.27 -6.39 -62.94
N GLY E 279 29.00 -6.75 -63.15
CA GLY E 279 28.65 -7.82 -64.04
C GLY E 279 28.84 -9.19 -63.42
N PHE E 280 28.54 -10.22 -64.22
CA PHE E 280 28.69 -11.60 -63.79
C PHE E 280 28.89 -12.47 -65.02
N GLY E 281 29.37 -13.69 -64.79
CA GLY E 281 29.66 -14.57 -65.90
C GLY E 281 30.89 -14.10 -66.66
N ASP E 282 30.85 -14.31 -67.98
CA ASP E 282 31.93 -13.82 -68.84
C ASP E 282 32.00 -12.31 -68.90
N ARG E 283 30.91 -11.61 -68.57
CA ARG E 283 30.94 -10.15 -68.57
C ARG E 283 31.86 -9.62 -67.46
N ARG E 284 32.11 -10.44 -66.43
CA ARG E 284 32.95 -10.02 -65.32
C ARG E 284 34.36 -9.68 -65.78
N LYS E 285 34.95 -10.57 -66.59
CA LYS E 285 36.31 -10.35 -67.08
C LYS E 285 36.37 -9.13 -68.00
N ALA E 286 35.35 -8.95 -68.85
CA ALA E 286 35.32 -7.79 -69.72
C ALA E 286 35.23 -6.50 -68.92
N MET E 287 34.37 -6.48 -67.89
CA MET E 287 34.26 -5.30 -67.04
C MET E 287 35.58 -4.99 -66.35
N LEU E 288 36.22 -6.02 -65.80
CA LEU E 288 37.49 -5.80 -65.10
C LEU E 288 38.57 -5.31 -66.05
N GLN E 289 38.64 -5.88 -67.26
CA GLN E 289 39.64 -5.45 -68.23
C GLN E 289 39.41 -4.00 -68.67
N ASP E 290 38.15 -3.63 -68.92
CA ASP E 290 37.85 -2.27 -69.29
C ASP E 290 38.20 -1.29 -68.18
N ILE E 291 37.87 -1.66 -66.94
CA ILE E 291 38.20 -0.79 -65.81
C ILE E 291 39.70 -0.64 -65.66
N ALA E 292 40.44 -1.74 -65.81
CA ALA E 292 41.89 -1.69 -65.69
C ALA E 292 42.51 -0.80 -66.78
N ILE E 293 42.06 -0.97 -68.02
CA ILE E 293 42.63 -0.16 -69.10
C ILE E 293 42.23 1.30 -68.96
N LEU E 294 41.07 1.56 -68.35
CA LEU E 294 40.67 2.94 -68.11
C LEU E 294 41.49 3.58 -66.99
N THR E 295 41.81 2.82 -65.95
CA THR E 295 42.61 3.31 -64.84
C THR E 295 44.10 3.07 -65.04
N GLY E 296 44.49 2.46 -66.15
CA GLY E 296 45.89 2.19 -66.41
C GLY E 296 46.47 1.01 -65.67
N GLY E 297 45.64 0.24 -64.95
CA GLY E 297 46.10 -0.90 -64.20
C GLY E 297 45.98 -2.20 -64.98
N THR E 298 46.29 -3.29 -64.30
CA THR E 298 46.21 -4.63 -64.87
C THR E 298 45.43 -5.52 -63.92
N VAL E 299 44.58 -6.39 -64.49
CA VAL E 299 43.74 -7.27 -63.68
C VAL E 299 44.62 -8.38 -63.10
N ILE E 300 44.52 -8.58 -61.80
CA ILE E 300 45.25 -9.66 -61.13
C ILE E 300 44.44 -10.93 -61.26
N SER E 301 44.95 -11.91 -62.02
CA SER E 301 44.22 -13.15 -62.25
C SER E 301 45.21 -14.27 -62.55
N GLU E 302 44.81 -15.49 -62.20
CA GLU E 302 45.64 -16.65 -62.51
C GLU E 302 45.72 -16.91 -64.00
N GLU E 303 44.61 -16.71 -64.73
CA GLU E 303 44.59 -16.92 -66.16
C GLU E 303 45.53 -15.98 -66.91
N VAL E 304 45.86 -14.83 -66.33
CA VAL E 304 46.81 -13.90 -66.92
C VAL E 304 48.18 -14.00 -66.27
N GLY E 305 48.34 -14.89 -65.30
CA GLY E 305 49.65 -15.16 -64.73
C GLY E 305 50.13 -14.22 -63.66
N LEU E 306 49.21 -13.59 -62.92
CA LEU E 306 49.57 -12.72 -61.81
C LEU E 306 48.85 -13.15 -60.55
N SER E 307 49.50 -12.88 -59.41
CA SER E 307 48.96 -13.23 -58.10
C SER E 307 48.96 -12.00 -57.21
N LEU E 308 47.97 -11.90 -56.34
CA LEU E 308 47.85 -10.75 -55.45
C LEU E 308 48.97 -10.72 -54.40
N GLU E 309 49.57 -11.87 -54.10
CA GLU E 309 50.65 -11.88 -53.11
C GLU E 309 51.89 -11.17 -53.62
N LYS E 310 52.07 -11.10 -54.94
CA LYS E 310 53.24 -10.47 -55.54
C LYS E 310 52.92 -9.18 -56.27
N ALA E 311 51.67 -8.70 -56.24
CA ALA E 311 51.30 -7.51 -56.98
C ALA E 311 52.01 -6.28 -56.41
N THR E 312 52.37 -5.36 -57.31
CA THR E 312 53.05 -4.14 -56.94
C THR E 312 52.18 -2.95 -57.31
N LEU E 313 52.63 -1.75 -56.92
CA LEU E 313 51.89 -0.54 -57.20
C LEU E 313 51.80 -0.25 -58.71
N GLU E 314 52.74 -0.76 -59.50
CA GLU E 314 52.68 -0.57 -60.94
C GLU E 314 51.49 -1.29 -61.57
N ASP E 315 51.16 -2.48 -61.09
CA ASP E 315 50.00 -3.20 -61.61
C ASP E 315 48.68 -2.49 -61.28
N LEU E 316 48.65 -1.76 -60.17
CA LEU E 316 47.41 -1.12 -59.74
C LEU E 316 47.07 0.07 -60.63
N GLY E 317 45.78 0.27 -60.87
CA GLY E 317 45.31 1.45 -61.56
C GLY E 317 45.19 2.65 -60.63
N GLN E 318 44.94 3.80 -61.23
CA GLN E 318 44.81 5.03 -60.46
C GLN E 318 43.95 6.03 -61.23
N ALA E 319 43.35 6.96 -60.49
CA ALA E 319 42.48 7.97 -61.06
C ALA E 319 42.44 9.17 -60.13
N LYS E 320 41.94 10.29 -60.65
CA LYS E 320 41.88 11.52 -59.85
C LYS E 320 40.95 11.38 -58.66
N ARG E 321 39.77 10.78 -58.86
CA ARG E 321 38.79 10.66 -57.79
C ARG E 321 37.86 9.50 -58.10
N VAL E 322 37.45 8.79 -57.05
CA VAL E 322 36.41 7.77 -57.14
C VAL E 322 35.35 8.07 -56.08
N GLU E 323 34.08 7.99 -56.50
CA GLU E 323 32.95 8.20 -55.60
C GLU E 323 32.19 6.89 -55.50
N VAL E 324 32.00 6.42 -54.27
CA VAL E 324 31.32 5.16 -54.00
C VAL E 324 30.02 5.48 -53.27
N ALA E 325 28.90 5.24 -53.94
CA ALA E 325 27.58 5.42 -53.35
C ALA E 325 27.04 4.07 -52.89
N LYS E 326 25.81 4.08 -52.39
CA LYS E 326 25.20 2.85 -51.91
C LYS E 326 24.93 1.88 -53.05
N GLU E 327 24.54 2.39 -54.22
CA GLU E 327 24.16 1.54 -55.34
C GLU E 327 25.14 1.55 -56.50
N HIS E 328 25.92 2.62 -56.67
CA HIS E 328 26.80 2.71 -57.82
C HIS E 328 28.12 3.35 -57.41
N THR E 329 29.16 3.06 -58.19
CA THR E 329 30.48 3.62 -58.00
C THR E 329 30.99 4.19 -59.32
N THR E 330 31.57 5.38 -59.27
CA THR E 330 32.05 6.05 -60.46
C THR E 330 33.54 6.36 -60.31
N ILE E 331 34.23 6.41 -61.44
CA ILE E 331 35.67 6.68 -61.49
C ILE E 331 35.87 7.93 -62.33
N ILE E 332 36.65 8.87 -61.80
CA ILE E 332 36.87 10.17 -62.42
C ILE E 332 38.33 10.27 -62.85
N ASP E 333 38.55 10.57 -64.13
CA ASP E 333 39.88 10.86 -64.67
C ASP E 333 40.84 9.69 -64.45
N GLY E 334 40.51 8.58 -65.08
CA GLY E 334 41.38 7.42 -65.04
C GLY E 334 42.71 7.67 -65.72
N ALA E 335 43.73 6.93 -65.28
CA ALA E 335 45.09 7.12 -65.79
C ALA E 335 45.30 6.57 -67.19
N GLY E 336 44.36 5.79 -67.72
CA GLY E 336 44.52 5.22 -69.04
C GLY E 336 44.68 6.25 -70.14
N ASP E 337 45.61 6.02 -71.05
CA ASP E 337 45.83 6.95 -72.14
C ASP E 337 44.62 6.94 -73.09
N PRO E 338 44.27 8.08 -73.66
CA PRO E 338 43.11 8.13 -74.56
C PRO E 338 43.27 7.26 -75.81
N ALA E 339 44.50 7.03 -76.26
CA ALA E 339 44.70 6.22 -77.47
C ALA E 339 44.26 4.78 -77.26
N LYS E 340 44.72 4.15 -76.16
CA LYS E 340 44.32 2.78 -75.88
C LYS E 340 42.83 2.69 -75.58
N ILE E 341 42.28 3.71 -74.91
CA ILE E 341 40.84 3.72 -74.63
C ILE E 341 40.04 3.76 -75.92
N GLN E 342 40.45 4.61 -76.87
CA GLN E 342 39.76 4.69 -78.14
C GLN E 342 39.93 3.40 -78.95
N ALA E 343 41.11 2.78 -78.87
CA ALA E 343 41.33 1.51 -79.55
C ALA E 343 40.42 0.42 -78.99
N ARG E 344 40.28 0.37 -77.65
CA ARG E 344 39.36 -0.60 -77.04
C ARG E 344 37.92 -0.28 -77.39
N VAL E 345 37.59 1.01 -77.52
CA VAL E 345 36.24 1.39 -77.94
C VAL E 345 35.95 0.84 -79.33
N LYS E 346 36.91 0.99 -80.24
CA LYS E 346 36.75 0.43 -81.59
C LYS E 346 36.66 -1.10 -81.53
N GLU E 347 37.45 -1.72 -80.67
CA GLU E 347 37.41 -3.18 -80.52
C GLU E 347 36.03 -3.64 -80.08
N ILE E 348 35.46 -2.96 -79.08
CA ILE E 348 34.14 -3.35 -78.59
C ILE E 348 33.06 -3.05 -79.64
N ARG E 349 33.22 -1.94 -80.37
CA ARG E 349 32.26 -1.61 -81.42
C ARG E 349 32.28 -2.61 -82.57
N VAL E 350 33.44 -3.16 -82.90
CA VAL E 350 33.47 -4.20 -83.94
C VAL E 350 33.08 -5.56 -83.39
N GLN E 351 33.28 -5.79 -82.09
CA GLN E 351 32.74 -7.00 -81.46
C GLN E 351 31.22 -6.94 -81.35
N ILE E 352 30.63 -5.74 -81.42
CA ILE E 352 29.18 -5.61 -81.40
C ILE E 352 28.56 -6.42 -82.53
N GLU E 353 29.16 -6.37 -83.72
CA GLU E 353 28.69 -7.17 -84.84
C GLU E 353 28.91 -8.66 -84.64
N GLU E 354 29.75 -9.06 -83.69
CA GLU E 354 30.00 -10.45 -83.38
C GLU E 354 29.00 -11.02 -82.37
N ALA E 355 28.05 -10.21 -81.90
CA ALA E 355 27.11 -10.66 -80.89
C ALA E 355 26.24 -11.80 -81.41
N THR E 356 26.08 -12.83 -80.59
CA THR E 356 25.26 -13.98 -80.94
C THR E 356 23.78 -13.76 -80.63
N SER E 357 23.44 -12.70 -79.91
CA SER E 357 22.05 -12.44 -79.55
C SER E 357 21.88 -10.95 -79.32
N ASP E 358 20.62 -10.52 -79.31
CA ASP E 358 20.32 -9.12 -79.03
C ASP E 358 20.73 -8.73 -77.62
N TYR E 359 20.64 -9.67 -76.67
CA TYR E 359 21.10 -9.41 -75.32
C TYR E 359 22.61 -9.19 -75.28
N ASP E 360 23.35 -9.97 -76.06
CA ASP E 360 24.79 -9.75 -76.18
C ASP E 360 25.09 -8.39 -76.79
N ARG E 361 24.34 -8.04 -77.84
CA ARG E 361 24.59 -6.77 -78.53
C ARG E 361 24.29 -5.58 -77.64
N GLU E 362 23.22 -5.66 -76.84
CA GLU E 362 22.88 -4.55 -75.96
C GLU E 362 23.89 -4.40 -74.83
N LYS E 363 24.42 -5.52 -74.30
CA LYS E 363 25.49 -5.41 -73.32
C LYS E 363 26.76 -4.82 -73.92
N LEU E 364 27.09 -5.20 -75.16
CA LEU E 364 28.25 -4.62 -75.82
C LEU E 364 28.05 -3.12 -76.07
N GLN E 365 26.83 -2.72 -76.43
CA GLN E 365 26.52 -1.31 -76.59
C GLN E 365 26.63 -0.56 -75.25
N GLU E 366 26.18 -1.19 -74.16
CA GLU E 366 26.35 -0.59 -72.84
C GLU E 366 27.82 -0.41 -72.51
N ARG E 367 28.64 -1.40 -72.86
CA ARG E 367 30.09 -1.28 -72.68
C ARG E 367 30.62 -0.09 -73.46
N VAL E 368 30.23 0.04 -74.72
CA VAL E 368 30.69 1.15 -75.55
C VAL E 368 30.30 2.48 -74.92
N ALA E 369 29.04 2.59 -74.49
CA ALA E 369 28.57 3.84 -73.90
C ALA E 369 29.33 4.17 -72.62
N LYS E 370 29.44 3.20 -71.71
CA LYS E 370 30.07 3.46 -70.43
C LYS E 370 31.56 3.76 -70.57
N LEU E 371 32.18 3.27 -71.66
CA LEU E 371 33.60 3.53 -71.83
C LEU E 371 33.84 4.85 -72.56
N ALA E 372 33.23 5.02 -73.74
CA ALA E 372 33.51 6.19 -74.57
C ALA E 372 32.84 7.45 -74.04
N GLY E 373 31.73 7.34 -73.31
CA GLY E 373 31.02 8.52 -72.86
C GLY E 373 31.78 9.35 -71.84
N GLY E 374 32.70 8.74 -71.11
CA GLY E 374 33.44 9.49 -70.12
C GLY E 374 32.55 9.90 -68.95
N VAL E 375 33.02 10.88 -68.20
CA VAL E 375 32.31 11.43 -67.06
C VAL E 375 32.32 12.94 -67.16
N ALA E 376 31.15 13.56 -67.05
CA ALA E 376 31.05 15.01 -66.99
C ALA E 376 31.28 15.47 -65.55
N VAL E 377 32.21 16.40 -65.39
CA VAL E 377 32.56 16.95 -64.08
C VAL E 377 32.17 18.42 -64.06
N ILE E 378 31.32 18.80 -63.12
CA ILE E 378 30.89 20.18 -62.99
C ILE E 378 31.74 20.85 -61.91
N LYS E 379 32.49 21.87 -62.30
CA LYS E 379 33.32 22.62 -61.38
C LYS E 379 32.48 23.74 -60.80
N VAL E 380 31.81 23.45 -59.68
CA VAL E 380 30.94 24.44 -59.05
C VAL E 380 31.80 25.56 -58.50
N GLY E 381 31.53 26.78 -58.95
CA GLY E 381 32.32 27.94 -58.58
C GLY E 381 31.55 28.95 -57.76
N ALA E 382 32.22 29.54 -56.78
CA ALA E 382 31.62 30.54 -55.91
C ALA E 382 32.74 31.27 -55.16
N ALA E 383 32.32 32.23 -54.33
CA ALA E 383 33.28 33.10 -53.67
C ALA E 383 34.00 32.44 -52.50
N THR E 384 33.28 31.73 -51.63
CA THR E 384 33.84 31.25 -50.38
C THR E 384 33.56 29.77 -50.21
N GLU E 385 34.31 29.17 -49.26
CA GLU E 385 34.08 27.76 -48.93
C GLU E 385 32.70 27.53 -48.34
N VAL E 386 32.22 28.47 -47.51
CA VAL E 386 30.87 28.35 -46.98
C VAL E 386 29.85 28.38 -48.12
N GLU E 387 30.05 29.29 -49.08
CA GLU E 387 29.19 29.31 -50.26
C GLU E 387 29.43 28.10 -51.14
N MET E 388 30.67 27.60 -51.17
CA MET E 388 30.97 26.34 -51.87
C MET E 388 30.10 25.21 -51.37
N LYS E 389 30.00 25.06 -50.04
CA LYS E 389 29.27 23.94 -49.47
C LYS E 389 27.80 23.98 -49.86
N GLU E 390 27.18 25.16 -49.82
CA GLU E 390 25.78 25.28 -50.18
C GLU E 390 25.57 25.11 -51.67
N LYS E 391 26.42 25.73 -52.49
CA LYS E 391 26.23 25.67 -53.93
C LYS E 391 26.44 24.27 -54.47
N LYS E 392 27.38 23.51 -53.90
CA LYS E 392 27.58 22.14 -54.34
C LYS E 392 26.34 21.29 -54.08
N ALA E 393 25.74 21.44 -52.89
CA ALA E 393 24.52 20.70 -52.59
C ALA E 393 23.37 21.12 -53.49
N ARG E 394 23.24 22.43 -53.75
CA ARG E 394 22.19 22.91 -54.63
C ARG E 394 22.37 22.36 -56.05
N VAL E 395 23.61 22.35 -56.55
CA VAL E 395 23.87 21.82 -57.88
C VAL E 395 23.58 20.32 -57.92
N GLU E 396 23.95 19.58 -56.87
CA GLU E 396 23.66 18.15 -56.85
C GLU E 396 22.16 17.88 -56.85
N ASP E 397 21.40 18.65 -56.06
CA ASP E 397 19.95 18.48 -56.05
C ASP E 397 19.34 18.83 -57.39
N ALA E 398 19.80 19.92 -58.02
CA ALA E 398 19.30 20.26 -59.34
C ALA E 398 19.65 19.20 -60.38
N LEU E 399 20.85 18.63 -60.29
CA LEU E 399 21.25 17.56 -61.21
C LEU E 399 20.35 16.35 -61.04
N HIS E 400 20.07 15.96 -59.79
CA HIS E 400 19.19 14.82 -59.56
C HIS E 400 17.78 15.10 -60.08
N ALA E 401 17.27 16.30 -59.84
CA ALA E 401 15.93 16.64 -60.32
C ALA E 401 15.88 16.62 -61.86
N THR E 402 16.90 17.18 -62.50
CA THR E 402 16.94 17.19 -63.97
C THR E 402 17.05 15.77 -64.52
N ARG E 403 17.87 14.92 -63.90
CA ARG E 403 17.97 13.53 -64.32
C ARG E 403 16.62 12.83 -64.21
N ALA E 404 15.93 13.06 -63.09
CA ALA E 404 14.57 12.50 -62.95
C ALA E 404 13.61 13.15 -63.93
N ALA E 405 13.71 14.47 -64.13
CA ALA E 405 12.78 15.16 -65.01
C ALA E 405 12.96 14.78 -66.47
N VAL E 406 14.20 14.64 -66.94
CA VAL E 406 14.43 14.36 -68.35
C VAL E 406 13.94 12.97 -68.71
N GLU E 407 13.89 12.04 -67.75
CA GLU E 407 13.47 10.69 -68.05
C GLU E 407 11.96 10.58 -68.26
N GLU E 408 11.16 11.26 -67.43
CA GLU E 408 9.72 11.10 -67.45
C GLU E 408 8.95 12.41 -67.56
N GLY E 409 9.64 13.53 -67.80
CA GLY E 409 8.97 14.81 -67.92
C GLY E 409 8.68 15.43 -66.58
N ILE E 410 8.13 16.65 -66.64
CA ILE E 410 7.78 17.41 -65.44
C ILE E 410 6.26 17.42 -65.30
N VAL E 411 5.81 17.65 -64.08
CA VAL E 411 4.38 17.67 -63.77
C VAL E 411 4.12 18.74 -62.72
N PRO E 412 2.93 19.38 -62.79
CA PRO E 412 2.59 20.39 -61.78
C PRO E 412 2.79 19.93 -60.35
N GLY E 413 3.71 20.57 -59.64
CA GLY E 413 4.06 20.15 -58.29
C GLY E 413 3.13 20.66 -57.22
N GLY E 414 3.52 20.47 -55.96
CA GLY E 414 2.68 20.90 -54.85
C GLY E 414 1.48 20.02 -54.61
N GLY E 415 1.49 18.79 -55.12
CA GLY E 415 0.39 17.87 -54.93
C GLY E 415 -0.74 17.99 -55.92
N VAL E 416 -0.72 19.00 -56.80
CA VAL E 416 -1.77 19.16 -57.78
C VAL E 416 -1.73 18.05 -58.81
N ALA E 417 -0.53 17.50 -59.07
CA ALA E 417 -0.39 16.46 -60.09
C ALA E 417 -1.23 15.23 -59.75
N LEU E 418 -1.20 14.80 -58.50
CA LEU E 418 -1.99 13.64 -58.10
C LEU E 418 -3.48 13.91 -58.23
N LEU E 419 -3.93 15.13 -57.91
CA LEU E 419 -5.33 15.46 -58.09
C LEU E 419 -5.74 15.42 -59.55
N ARG E 420 -4.91 15.99 -60.44
CA ARG E 420 -5.24 15.96 -61.86
C ARG E 420 -5.26 14.54 -62.38
N ALA E 421 -4.30 13.72 -61.97
CA ALA E 421 -4.28 12.32 -62.39
C ALA E 421 -5.49 11.57 -61.87
N ARG E 422 -5.89 11.82 -60.62
CA ARG E 422 -7.06 11.17 -60.05
C ARG E 422 -8.32 11.54 -60.81
N GLU E 423 -8.49 12.84 -61.10
CA GLU E 423 -9.67 13.28 -61.83
C GLU E 423 -9.71 12.68 -63.23
N ALA E 424 -8.57 12.66 -63.92
CA ALA E 424 -8.53 12.08 -65.26
C ALA E 424 -8.81 10.59 -65.23
N ALA E 425 -8.27 9.87 -64.24
CA ALA E 425 -8.54 8.44 -64.15
C ALA E 425 -10.00 8.15 -63.83
N VAL E 426 -10.60 8.93 -62.93
CA VAL E 426 -12.01 8.74 -62.61
C VAL E 426 -12.88 9.02 -63.84
N ALA E 427 -12.55 10.10 -64.57
CA ALA E 427 -13.28 10.40 -65.80
C ALA E 427 -13.11 9.30 -66.84
N LYS E 428 -11.92 8.68 -66.89
CA LYS E 428 -11.71 7.57 -67.80
C LYS E 428 -12.62 6.39 -67.48
N GLY E 429 -12.98 6.24 -66.21
CA GLY E 429 -13.76 5.10 -65.78
C GLY E 429 -12.94 4.09 -65.01
N LEU E 430 -13.04 4.14 -63.68
CA LEU E 430 -12.31 3.25 -62.80
C LEU E 430 -13.30 2.56 -61.86
N LYS E 431 -13.27 1.24 -61.84
CA LYS E 431 -14.23 0.46 -61.07
C LYS E 431 -13.56 -0.79 -60.53
N GLY E 432 -14.16 -1.33 -59.48
CA GLY E 432 -13.69 -2.57 -58.87
C GLY E 432 -14.68 -3.70 -59.08
N ASP E 433 -14.15 -4.92 -59.14
CA ASP E 433 -15.00 -6.10 -59.34
C ASP E 433 -15.79 -6.47 -58.09
N ASN E 434 -15.46 -5.92 -56.94
CA ASN E 434 -16.13 -6.22 -55.68
C ASN E 434 -16.39 -4.92 -54.95
N PRO E 435 -17.37 -4.89 -54.05
CA PRO E 435 -17.51 -3.72 -53.16
C PRO E 435 -16.27 -3.46 -52.33
N ASP E 436 -15.57 -4.52 -51.91
CA ASP E 436 -14.30 -4.34 -51.23
C ASP E 436 -13.28 -3.68 -52.15
N GLN E 437 -13.23 -4.11 -53.41
CA GLN E 437 -12.35 -3.46 -54.37
C GLN E 437 -12.77 -2.01 -54.61
N GLU E 438 -14.08 -1.73 -54.58
CA GLU E 438 -14.54 -0.35 -54.69
C GLU E 438 -14.05 0.48 -53.52
N ALA E 439 -14.09 -0.08 -52.31
CA ALA E 439 -13.55 0.63 -51.15
C ALA E 439 -12.06 0.83 -51.27
N GLY E 440 -11.35 -0.16 -51.82
CA GLY E 440 -9.93 0.01 -52.08
C GLY E 440 -9.64 1.14 -53.06
N ILE E 441 -10.47 1.25 -54.10
CA ILE E 441 -10.35 2.37 -55.03
C ILE E 441 -10.58 3.68 -54.31
N LYS E 442 -11.63 3.75 -53.49
CA LYS E 442 -11.94 4.97 -52.75
C LYS E 442 -10.80 5.35 -51.81
N ILE E 443 -10.12 4.36 -51.24
CA ILE E 443 -9.00 4.62 -50.34
C ILE E 443 -7.93 5.43 -51.05
N VAL E 444 -7.52 4.99 -52.24
CA VAL E 444 -6.49 5.69 -52.98
C VAL E 444 -7.01 7.04 -53.46
N LEU E 445 -8.25 7.09 -53.92
CA LEU E 445 -8.80 8.36 -54.42
C LEU E 445 -8.82 9.41 -53.32
N ARG E 446 -9.09 9.00 -52.08
CA ARG E 446 -9.04 9.95 -50.97
C ARG E 446 -7.62 10.24 -50.53
N ALA E 447 -6.72 9.26 -50.63
CA ALA E 447 -5.38 9.44 -50.08
C ALA E 447 -4.49 10.30 -50.98
N VAL E 448 -4.71 10.25 -52.30
CA VAL E 448 -3.81 10.96 -53.22
C VAL E 448 -3.92 12.47 -53.07
N GLU E 449 -4.94 12.94 -52.35
CA GLU E 449 -5.05 14.37 -52.09
C GLU E 449 -4.39 14.80 -50.79
N GLN E 450 -3.86 13.85 -50.01
CA GLN E 450 -3.21 14.14 -48.75
C GLN E 450 -1.99 15.05 -48.87
N PRO E 451 -1.10 14.86 -49.86
CA PRO E 451 0.04 15.78 -49.98
C PRO E 451 -0.36 17.24 -50.11
N LEU E 452 -1.34 17.54 -50.97
CA LEU E 452 -1.79 18.93 -51.10
C LEU E 452 -2.45 19.41 -49.81
N ARG E 453 -3.25 18.55 -49.18
CA ARG E 453 -3.90 18.94 -47.94
C ARG E 453 -2.89 19.30 -46.86
N GLU E 454 -1.82 18.51 -46.73
CA GLU E 454 -0.81 18.81 -45.72
C GLU E 454 0.07 19.99 -46.11
N ILE E 455 0.37 20.17 -47.39
CA ILE E 455 1.09 21.38 -47.80
C ILE E 455 0.29 22.62 -47.43
N VAL E 456 -1.02 22.59 -47.69
CA VAL E 456 -1.87 23.73 -47.34
C VAL E 456 -1.94 23.91 -45.83
N ALA E 457 -2.08 22.80 -45.08
CA ALA E 457 -2.17 22.91 -43.64
C ALA E 457 -0.90 23.49 -43.03
N ASN E 458 0.27 23.07 -43.51
CA ASN E 458 1.52 23.67 -43.06
C ASN E 458 1.59 25.13 -43.49
N ALA E 459 1.06 25.45 -44.66
CA ALA E 459 0.99 26.85 -45.08
C ALA E 459 0.05 27.67 -44.22
N GLY E 460 -0.83 27.03 -43.45
CA GLY E 460 -1.72 27.72 -42.55
C GLY E 460 -3.15 27.88 -43.03
N GLU E 461 -3.41 27.68 -44.31
CA GLU E 461 -4.76 27.83 -44.83
C GLU E 461 -5.60 26.61 -44.46
N GLU E 462 -6.90 26.68 -44.79
CA GLU E 462 -7.80 25.58 -44.54
C GLU E 462 -7.69 24.57 -45.68
N PRO E 463 -7.35 23.31 -45.41
CA PRO E 463 -7.10 22.35 -46.50
C PRO E 463 -8.29 22.11 -47.42
N SER E 464 -9.50 21.97 -46.85
CA SER E 464 -10.63 21.51 -47.64
C SER E 464 -11.03 22.51 -48.72
N VAL E 465 -11.10 23.79 -48.37
CA VAL E 465 -11.51 24.80 -49.35
C VAL E 465 -10.48 24.92 -50.46
N ILE E 466 -9.19 24.88 -50.10
CA ILE E 466 -8.14 24.96 -51.11
C ILE E 466 -8.18 23.77 -52.04
N VAL E 467 -8.38 22.57 -51.49
CA VAL E 467 -8.46 21.37 -52.33
C VAL E 467 -9.67 21.46 -53.26
N ALA E 468 -10.81 21.92 -52.74
CA ALA E 468 -12.00 22.06 -53.58
C ALA E 468 -11.76 23.06 -54.71
N LYS E 469 -11.12 24.19 -54.39
CA LYS E 469 -10.85 25.20 -55.41
C LYS E 469 -9.88 24.67 -56.46
N VAL E 470 -8.87 23.89 -56.04
CA VAL E 470 -7.93 23.28 -56.98
C VAL E 470 -8.67 22.31 -57.89
N LEU E 471 -9.56 21.51 -57.30
CA LEU E 471 -10.34 20.56 -58.09
C LEU E 471 -11.28 21.26 -59.07
N GLU E 472 -11.80 22.43 -58.71
CA GLU E 472 -12.63 23.19 -59.63
C GLU E 472 -11.85 23.70 -60.84
N GLY E 473 -10.54 23.88 -60.71
CA GLY E 473 -9.71 24.25 -61.83
C GLY E 473 -9.32 23.05 -62.67
N LYS E 474 -8.76 23.34 -63.84
CA LYS E 474 -8.36 22.30 -64.79
C LYS E 474 -6.94 22.57 -65.27
N GLY E 475 -6.28 21.49 -65.70
CA GLY E 475 -4.93 21.62 -66.22
C GLY E 475 -3.93 21.91 -65.12
N ASN E 476 -2.97 22.79 -65.43
CA ASN E 476 -1.91 23.13 -64.49
C ASN E 476 -2.36 24.02 -63.35
N TYR E 477 -3.61 24.51 -63.39
CA TYR E 477 -4.11 25.37 -62.33
C TYR E 477 -4.03 24.68 -60.98
N GLY E 478 -3.54 25.40 -59.98
CA GLY E 478 -3.35 24.83 -58.66
C GLY E 478 -3.07 25.91 -57.64
N TYR E 479 -2.68 25.47 -56.45
CA TYR E 479 -2.40 26.36 -55.33
C TYR E 479 -0.90 26.42 -55.07
N ASN E 480 -0.38 27.63 -54.89
CA ASN E 480 1.03 27.85 -54.60
C ASN E 480 1.15 28.27 -53.15
N ALA E 481 1.61 27.34 -52.30
CA ALA E 481 1.73 27.63 -50.88
C ALA E 481 2.79 28.69 -50.59
N ALA E 482 3.75 28.89 -51.49
CA ALA E 482 4.78 29.89 -51.25
C ALA E 482 4.21 31.30 -51.18
N THR E 483 3.27 31.62 -52.06
CA THR E 483 2.65 32.94 -52.10
C THR E 483 1.17 32.94 -51.77
N GLY E 484 0.52 31.78 -51.72
CA GLY E 484 -0.90 31.72 -51.44
C GLY E 484 -1.82 32.02 -52.62
N GLU E 485 -1.28 32.12 -53.83
CA GLU E 485 -2.05 32.47 -55.00
C GLU E 485 -2.47 31.22 -55.77
N PHE E 486 -3.46 31.39 -56.63
CA PHE E 486 -3.96 30.33 -57.49
C PHE E 486 -3.64 30.64 -58.95
N GLY E 487 -3.13 29.63 -59.65
CA GLY E 487 -2.82 29.81 -61.05
C GLY E 487 -2.05 28.63 -61.60
N ASP E 488 -1.50 28.81 -62.80
CA ASP E 488 -0.71 27.77 -63.43
C ASP E 488 0.54 27.51 -62.59
N MET E 489 0.63 26.31 -62.03
CA MET E 489 1.78 25.97 -61.19
C MET E 489 3.08 25.93 -61.99
N ILE E 490 3.03 25.48 -63.24
CA ILE E 490 4.22 25.43 -64.07
C ILE E 490 4.75 26.83 -64.34
N GLU E 491 3.85 27.80 -64.51
CA GLU E 491 4.28 29.16 -64.82
C GLU E 491 4.99 29.82 -63.65
N MET E 492 4.65 29.45 -62.41
CA MET E 492 5.38 29.95 -61.26
C MET E 492 6.62 29.13 -60.94
N GLY E 493 6.90 28.09 -61.72
CA GLY E 493 8.05 27.25 -61.46
C GLY E 493 7.93 26.43 -60.18
N VAL E 494 6.77 25.84 -59.92
CA VAL E 494 6.60 24.88 -58.84
C VAL E 494 6.38 23.53 -59.50
N LEU E 495 7.45 22.73 -59.58
CA LEU E 495 7.45 21.51 -60.37
C LEU E 495 7.98 20.35 -59.54
N ASP E 496 7.49 19.16 -59.88
CA ASP E 496 8.02 17.89 -59.42
C ASP E 496 8.22 16.97 -60.60
N PRO E 497 9.36 16.28 -60.70
CA PRO E 497 9.53 15.30 -61.76
C PRO E 497 8.49 14.20 -61.66
N THR E 498 8.00 13.74 -62.82
CA THR E 498 6.99 12.69 -62.82
C THR E 498 7.48 11.44 -62.13
N LYS E 499 8.79 11.16 -62.24
CA LYS E 499 9.35 10.00 -61.56
C LYS E 499 9.17 10.11 -60.05
N VAL E 500 9.36 11.31 -59.48
CA VAL E 500 9.25 11.47 -58.04
C VAL E 500 7.85 11.13 -57.55
N THR E 501 6.83 11.74 -58.17
CA THR E 501 5.45 11.48 -57.75
C THR E 501 5.05 10.03 -58.01
N ARG E 502 5.41 9.49 -59.17
CA ARG E 502 5.04 8.12 -59.50
C ARG E 502 5.66 7.14 -58.50
N SER E 503 6.96 7.31 -58.22
CA SER E 503 7.64 6.41 -57.29
C SER E 503 7.08 6.56 -55.88
N ALA E 504 6.82 7.79 -55.45
CA ALA E 504 6.25 7.99 -54.11
C ALA E 504 4.91 7.28 -53.99
N LEU E 505 4.03 7.47 -54.98
CA LEU E 505 2.72 6.84 -54.93
C LEU E 505 2.82 5.32 -54.94
N GLN E 506 3.65 4.77 -55.83
CA GLN E 506 3.76 3.32 -55.93
C GLN E 506 4.35 2.70 -54.68
N ASN E 507 5.41 3.30 -54.11
CA ASN E 507 6.00 2.75 -52.91
C ASN E 507 5.07 2.89 -51.71
N ALA E 508 4.35 4.01 -51.61
CA ALA E 508 3.35 4.15 -50.55
C ALA E 508 2.27 3.09 -50.69
N ALA E 509 1.81 2.83 -51.92
CA ALA E 509 0.81 1.78 -52.13
C ALA E 509 1.34 0.42 -51.74
N SER E 510 2.59 0.12 -52.09
CA SER E 510 3.16 -1.18 -51.75
C SER E 510 3.26 -1.36 -50.24
N VAL E 511 3.81 -0.37 -49.54
CA VAL E 511 3.95 -0.51 -48.09
C VAL E 511 2.59 -0.53 -47.41
N ALA E 512 1.61 0.22 -47.94
CA ALA E 512 0.28 0.18 -47.37
C ALA E 512 -0.38 -1.17 -47.56
N GLY E 513 -0.20 -1.78 -48.74
CA GLY E 513 -0.71 -3.12 -48.94
C GLY E 513 -0.07 -4.12 -47.99
N LEU E 514 1.25 -4.02 -47.80
CA LEU E 514 1.92 -4.92 -46.88
C LEU E 514 1.41 -4.75 -45.46
N MET E 515 1.16 -3.52 -45.02
CA MET E 515 0.69 -3.30 -43.66
C MET E 515 -0.82 -3.48 -43.52
N LEU E 516 -1.54 -3.62 -44.63
CA LEU E 516 -2.95 -3.95 -44.56
C LEU E 516 -3.17 -5.46 -44.53
N THR E 517 -2.43 -6.21 -45.34
CA THR E 517 -2.55 -7.66 -45.37
C THR E 517 -1.67 -8.34 -44.33
N THR E 518 -1.30 -7.64 -43.26
CA THR E 518 -0.49 -8.23 -42.21
C THR E 518 -1.40 -8.76 -41.10
N GLU E 519 -1.23 -10.04 -40.77
CA GLU E 519 -2.04 -10.67 -39.73
C GLU E 519 -1.23 -11.13 -38.53
N CYS E 520 0.08 -11.29 -38.67
CA CYS E 520 0.92 -11.74 -37.58
C CYS E 520 2.13 -10.81 -37.47
N MET E 521 2.68 -10.73 -36.26
CA MET E 521 3.76 -9.80 -35.96
C MET E 521 4.65 -10.40 -34.88
N ILE E 522 5.93 -10.54 -35.19
CA ILE E 522 6.89 -11.20 -34.31
C ILE E 522 7.98 -10.20 -33.94
N ALA E 523 8.21 -10.06 -32.63
CA ALA E 523 9.25 -9.17 -32.13
C ALA E 523 9.91 -9.80 -30.92
N GLU E 524 11.10 -9.31 -30.59
CA GLU E 524 11.80 -9.77 -29.41
C GLU E 524 11.03 -9.37 -28.15
N ALA E 525 10.90 -10.31 -27.23
CA ALA E 525 10.20 -10.04 -25.98
C ALA E 525 11.04 -9.12 -25.10
N PRO E 526 10.38 -8.29 -24.27
CA PRO E 526 11.07 -7.39 -23.34
C PRO E 526 12.03 -8.11 -22.41
N ALA F 1 19.68 4.70 -30.14
CA ALA F 1 18.81 4.51 -28.97
C ALA F 1 17.40 4.99 -29.27
N ALA F 2 16.46 4.62 -28.40
CA ALA F 2 15.05 4.96 -28.60
C ALA F 2 14.86 6.48 -28.58
N LYS F 3 13.99 6.96 -29.47
CA LYS F 3 13.66 8.37 -29.52
C LYS F 3 12.29 8.63 -28.92
N GLU F 4 12.10 9.85 -28.41
CA GLU F 4 10.82 10.31 -27.92
C GLU F 4 10.42 11.57 -28.66
N VAL F 5 9.19 11.60 -29.16
CA VAL F 5 8.72 12.65 -30.06
C VAL F 5 7.57 13.39 -29.40
N LYS F 6 7.64 14.72 -29.44
CA LYS F 6 6.59 15.59 -28.92
C LYS F 6 6.14 16.53 -30.02
N PHE F 7 4.82 16.76 -30.11
CA PHE F 7 4.24 17.53 -31.19
C PHE F 7 3.53 18.76 -30.66
N HIS F 8 3.48 19.79 -31.52
CA HIS F 8 2.67 20.97 -31.29
C HIS F 8 2.95 21.64 -29.94
N ASP F 9 1.89 22.01 -29.23
CA ASP F 9 2.03 22.68 -27.94
C ASP F 9 2.79 21.83 -26.92
N SER F 10 2.63 20.52 -26.97
CA SER F 10 3.31 19.65 -26.01
C SER F 10 4.83 19.73 -26.14
N ALA F 11 5.34 20.27 -27.24
CA ALA F 11 6.77 20.45 -27.45
C ALA F 11 7.16 21.92 -27.35
N ARG F 12 6.29 22.80 -27.86
CA ARG F 12 6.55 24.22 -27.77
C ARG F 12 6.61 24.67 -26.32
N GLU F 13 5.76 24.11 -25.45
CA GLU F 13 5.80 24.46 -24.04
C GLU F 13 7.07 23.98 -23.36
N ARG F 14 7.63 22.84 -23.78
CA ARG F 14 8.91 22.42 -23.23
C ARG F 14 10.04 23.35 -23.69
N LEU F 15 10.01 23.76 -24.95
CA LEU F 15 10.97 24.75 -25.42
C LEU F 15 10.86 26.05 -24.62
N VAL F 16 9.63 26.48 -24.36
CA VAL F 16 9.40 27.70 -23.60
C VAL F 16 9.91 27.55 -22.18
N ALA F 17 9.66 26.40 -21.55
CA ALA F 17 10.18 26.16 -20.21
C ALA F 17 11.69 26.22 -20.19
N GLY F 18 12.36 25.61 -21.17
CA GLY F 18 13.80 25.68 -21.23
C GLY F 18 14.35 27.08 -21.40
N VAL F 19 13.80 27.83 -22.35
CA VAL F 19 14.30 29.19 -22.58
C VAL F 19 13.99 30.07 -21.39
N ASN F 20 12.84 29.86 -20.73
CA ASN F 20 12.50 30.65 -19.55
C ASN F 20 13.44 30.35 -18.40
N LEU F 21 13.78 29.07 -18.20
CA LEU F 21 14.71 28.71 -17.13
C LEU F 21 16.11 29.24 -17.40
N LEU F 22 16.53 29.29 -18.67
CA LEU F 22 17.83 29.89 -18.98
C LEU F 22 17.80 31.40 -18.76
N ALA F 23 16.76 32.07 -19.28
CA ALA F 23 16.72 33.52 -19.25
C ALA F 23 16.48 34.06 -17.84
N ASN F 24 15.71 33.36 -17.01
CA ASN F 24 15.50 33.82 -15.65
C ASN F 24 16.80 33.84 -14.85
N ALA F 25 17.70 32.89 -15.12
CA ALA F 25 19.01 32.91 -14.49
C ALA F 25 19.90 33.99 -15.11
N VAL F 26 19.86 34.13 -16.44
CA VAL F 26 20.77 35.06 -17.10
C VAL F 26 20.42 36.51 -16.79
N LYS F 27 19.13 36.86 -16.82
CA LYS F 27 18.71 38.25 -16.73
C LYS F 27 18.98 38.89 -15.37
N THR F 28 19.21 38.08 -14.33
CA THR F 28 19.54 38.67 -13.03
C THR F 28 20.89 39.37 -13.05
N THR F 29 21.74 39.07 -14.04
CA THR F 29 23.04 39.70 -14.17
C THR F 29 23.07 40.80 -15.22
N LEU F 30 21.93 41.43 -15.48
CA LEU F 30 21.82 42.45 -16.52
C LEU F 30 21.67 43.82 -15.88
N GLY F 31 22.43 44.79 -16.39
CA GLY F 31 22.38 46.13 -15.88
C GLY F 31 23.52 46.46 -14.94
N PRO F 32 23.75 47.75 -14.70
CA PRO F 32 24.83 48.13 -13.76
C PRO F 32 24.63 47.59 -12.36
N LYS F 33 23.38 47.41 -11.92
CA LYS F 33 23.07 46.86 -10.62
C LYS F 33 22.62 45.41 -10.70
N GLY F 34 23.21 44.65 -11.62
CA GLY F 34 22.83 43.25 -11.76
C GLY F 34 23.17 42.46 -10.50
N ARG F 35 22.27 41.53 -10.17
CA ARG F 35 22.45 40.72 -8.97
C ARG F 35 23.54 39.67 -9.17
N ASN F 36 23.88 38.99 -8.09
CA ASN F 36 24.88 37.93 -8.14
C ASN F 36 24.23 36.58 -8.45
N VAL F 37 25.01 35.70 -9.06
CA VAL F 37 24.60 34.32 -9.33
C VAL F 37 25.69 33.41 -8.81
N VAL F 38 25.31 32.46 -7.96
CA VAL F 38 26.26 31.55 -7.32
C VAL F 38 26.24 30.23 -8.09
N ILE F 39 27.41 29.80 -8.54
CA ILE F 39 27.54 28.61 -9.37
C ILE F 39 28.45 27.61 -8.66
N GLU F 40 28.04 26.34 -8.65
CA GLU F 40 28.83 25.31 -7.99
C GLU F 40 30.13 25.06 -8.76
N ARG F 41 31.21 24.89 -8.01
CA ARG F 41 32.48 24.42 -8.56
C ARG F 41 32.69 23.00 -8.05
N SER F 42 33.32 22.16 -8.88
CA SER F 42 33.47 20.76 -8.54
C SER F 42 34.15 20.58 -7.18
N PHE F 43 35.17 21.38 -6.91
CA PHE F 43 35.82 21.39 -5.60
C PHE F 43 36.10 22.83 -5.20
N GLY F 44 36.21 23.05 -3.89
CA GLY F 44 36.45 24.38 -3.38
C GLY F 44 35.18 25.21 -3.24
N ALA F 45 35.38 26.49 -2.95
CA ALA F 45 34.27 27.40 -2.71
C ALA F 45 33.51 27.71 -4.00
N PRO F 46 32.20 27.92 -3.89
CA PRO F 46 31.41 28.27 -5.08
C PRO F 46 31.86 29.59 -5.69
N ILE F 47 31.73 29.69 -7.01
CA ILE F 47 32.07 30.91 -7.72
C ILE F 47 30.83 31.78 -7.85
N VAL F 48 30.95 33.05 -7.51
CA VAL F 48 29.88 34.02 -7.65
C VAL F 48 30.20 34.93 -8.82
N THR F 49 29.23 35.12 -9.70
CA THR F 49 29.40 35.93 -10.90
C THR F 49 28.18 36.81 -11.12
N LYS F 50 28.38 37.94 -11.79
CA LYS F 50 27.32 38.86 -12.16
C LYS F 50 27.42 39.23 -13.62
N ASP F 51 27.85 38.28 -14.45
CA ASP F 51 27.91 38.45 -15.89
C ASP F 51 27.11 37.32 -16.56
N GLY F 52 26.41 37.66 -17.64
CA GLY F 52 25.56 36.68 -18.30
C GLY F 52 26.31 35.58 -19.02
N VAL F 53 27.53 35.85 -19.48
CA VAL F 53 28.26 34.87 -20.27
C VAL F 53 28.56 33.63 -19.43
N THR F 54 29.06 33.83 -18.21
CA THR F 54 29.41 32.70 -17.37
C THR F 54 28.18 31.97 -16.86
N VAL F 55 27.11 32.70 -16.50
CA VAL F 55 25.91 32.06 -15.99
C VAL F 55 25.26 31.22 -17.08
N ALA F 56 25.17 31.75 -18.30
CA ALA F 56 24.57 31.00 -19.39
C ALA F 56 25.36 29.74 -19.71
N LYS F 57 26.70 29.85 -19.70
CA LYS F 57 27.54 28.71 -20.07
C LYS F 57 27.34 27.54 -19.13
N GLU F 58 27.07 27.81 -17.85
CA GLU F 58 26.87 26.75 -16.88
C GLU F 58 25.46 26.19 -16.89
N ILE F 59 24.53 26.85 -17.58
CA ILE F 59 23.13 26.43 -17.55
C ILE F 59 22.91 25.36 -18.61
N GLU F 60 22.43 24.19 -18.18
CA GLU F 60 21.95 23.15 -19.07
C GLU F 60 21.01 22.28 -18.25
N LEU F 61 19.82 22.01 -18.79
CA LEU F 61 18.70 21.54 -17.99
C LEU F 61 18.69 20.02 -17.88
N LYS F 62 17.86 19.52 -16.96
CA LYS F 62 17.72 18.08 -16.77
C LYS F 62 16.87 17.47 -17.87
N ASP F 63 15.64 17.93 -18.03
CA ASP F 63 14.77 17.41 -19.08
C ASP F 63 15.36 17.74 -20.45
N LYS F 64 15.40 16.76 -21.34
CA LYS F 64 16.02 16.95 -22.64
C LYS F 64 15.25 17.96 -23.48
N PHE F 65 13.92 17.88 -23.45
CA PHE F 65 13.10 18.76 -24.28
C PHE F 65 13.20 20.23 -23.88
N GLU F 66 13.50 20.51 -22.61
CA GLU F 66 13.74 21.89 -22.19
C GLU F 66 15.18 22.30 -22.50
N ASN F 67 16.12 21.38 -22.30
CA ASN F 67 17.50 21.64 -22.66
C ASN F 67 17.65 21.97 -24.14
N MET F 68 16.71 21.48 -24.97
CA MET F 68 16.71 21.87 -26.37
C MET F 68 16.67 23.38 -26.52
N GLY F 69 15.59 24.01 -26.08
CA GLY F 69 15.48 25.45 -26.20
C GLY F 69 16.58 26.17 -25.44
N ALA F 70 16.97 25.64 -24.27
CA ALA F 70 18.05 26.25 -23.52
C ALA F 70 19.31 26.35 -24.38
N GLN F 71 19.71 25.25 -25.02
CA GLN F 71 20.93 25.24 -25.81
C GLN F 71 20.81 26.04 -27.09
N MET F 72 19.63 26.04 -27.73
CA MET F 72 19.48 26.86 -28.93
C MET F 72 19.60 28.35 -28.62
N VAL F 73 18.93 28.80 -27.55
CA VAL F 73 19.04 30.20 -27.17
C VAL F 73 20.46 30.52 -26.73
N LYS F 74 21.11 29.59 -26.04
CA LYS F 74 22.50 29.81 -25.66
C LYS F 74 23.40 29.92 -26.88
N GLU F 75 23.17 29.10 -27.90
CA GLU F 75 23.98 29.14 -29.11
C GLU F 75 23.80 30.47 -29.83
N VAL F 76 22.56 30.93 -29.97
CA VAL F 76 22.36 32.20 -30.65
C VAL F 76 22.94 33.36 -29.82
N ALA F 77 22.84 33.27 -28.50
CA ALA F 77 23.45 34.30 -27.66
C ALA F 77 24.97 34.32 -27.81
N SER F 78 25.59 33.15 -27.87
CA SER F 78 27.03 33.08 -28.08
C SER F 78 27.42 33.59 -29.45
N LYS F 79 26.60 33.33 -30.47
CA LYS F 79 26.84 33.89 -31.79
C LYS F 79 26.74 35.41 -31.78
N THR F 80 25.82 35.97 -31.00
CA THR F 80 25.79 37.41 -30.81
C THR F 80 27.05 37.90 -30.11
N ALA F 81 27.49 37.18 -29.08
CA ALA F 81 28.59 37.66 -28.25
C ALA F 81 29.92 37.65 -28.99
N ASP F 82 30.23 36.53 -29.68
CA ASP F 82 31.54 36.39 -30.28
C ASP F 82 31.80 37.37 -31.42
N VAL F 83 30.75 37.94 -32.01
CA VAL F 83 30.91 38.89 -33.10
C VAL F 83 30.82 40.34 -32.63
N ALA F 84 30.44 40.58 -31.38
CA ALA F 84 30.27 41.95 -30.88
C ALA F 84 30.98 42.15 -29.56
N GLY F 85 31.31 41.07 -28.87
CA GLY F 85 31.98 41.13 -27.58
C GLY F 85 31.08 41.38 -26.40
N ASP F 86 29.77 41.54 -26.61
CA ASP F 86 28.84 41.78 -25.53
C ASP F 86 27.42 41.61 -26.09
N GLY F 87 26.44 41.63 -25.20
CA GLY F 87 25.04 41.55 -25.58
C GLY F 87 24.44 40.16 -25.48
N THR F 88 25.23 39.14 -25.14
CA THR F 88 24.67 37.81 -24.97
C THR F 88 23.62 37.77 -23.86
N THR F 89 23.77 38.63 -22.85
CA THR F 89 22.73 38.79 -21.85
C THR F 89 21.49 39.45 -22.46
N THR F 90 21.71 40.50 -23.27
CA THR F 90 20.59 41.18 -23.92
C THR F 90 19.89 40.25 -24.92
N ALA F 91 20.67 39.48 -25.68
CA ALA F 91 20.07 38.60 -26.69
C ALA F 91 19.16 37.56 -26.05
N THR F 92 19.59 36.95 -24.95
CA THR F 92 18.78 35.96 -24.27
C THR F 92 17.49 36.58 -23.72
N VAL F 93 17.60 37.79 -23.14
CA VAL F 93 16.41 38.46 -22.61
C VAL F 93 15.43 38.78 -23.72
N LEU F 94 15.93 39.31 -24.83
CA LEU F 94 15.05 39.63 -25.96
C LEU F 94 14.40 38.37 -26.52
N ALA F 95 15.17 37.28 -26.64
CA ALA F 95 14.59 36.03 -27.12
C ALA F 95 13.50 35.52 -26.18
N GLN F 96 13.74 35.59 -24.88
CA GLN F 96 12.70 35.18 -23.93
C GLN F 96 11.45 36.03 -24.07
N ALA F 97 11.62 37.35 -24.20
CA ALA F 97 10.46 38.23 -24.34
C ALA F 97 9.68 37.90 -25.61
N ILE F 98 10.39 37.76 -26.74
CA ILE F 98 9.72 37.51 -28.00
C ILE F 98 8.98 36.17 -27.96
N VAL F 99 9.63 35.14 -27.43
CA VAL F 99 9.01 33.82 -27.38
C VAL F 99 7.81 33.82 -26.44
N ARG F 100 7.95 34.44 -25.27
CA ARG F 100 6.87 34.46 -24.29
C ARG F 100 5.66 35.20 -24.84
N GLU F 101 5.88 36.27 -25.60
CA GLU F 101 4.75 36.95 -26.23
C GLU F 101 4.20 36.15 -27.41
N GLY F 102 5.08 35.49 -28.16
CA GLY F 102 4.65 34.77 -29.34
C GLY F 102 3.79 33.55 -29.02
N MET F 103 4.10 32.85 -27.94
CA MET F 103 3.30 31.68 -27.57
C MET F 103 1.89 32.08 -27.16
N LYS F 104 1.71 33.30 -26.65
CA LYS F 104 0.37 33.77 -26.36
C LYS F 104 -0.48 33.84 -27.62
N TYR F 105 0.10 34.35 -28.71
CA TYR F 105 -0.64 34.42 -29.97
C TYR F 105 -0.74 33.07 -30.66
N VAL F 106 0.28 32.21 -30.51
CA VAL F 106 0.21 30.88 -31.09
C VAL F 106 -0.90 30.07 -30.44
N ALA F 107 -1.00 30.13 -29.11
CA ALA F 107 -2.12 29.49 -28.42
C ALA F 107 -3.45 30.11 -28.82
N ALA F 108 -3.44 31.37 -29.26
CA ALA F 108 -4.65 32.03 -29.71
C ALA F 108 -5.05 31.63 -31.12
N GLY F 109 -4.41 30.61 -31.70
CA GLY F 109 -4.78 30.15 -33.02
C GLY F 109 -4.25 30.96 -34.17
N MET F 110 -3.38 31.93 -33.92
CA MET F 110 -2.82 32.71 -35.00
C MET F 110 -1.72 31.93 -35.72
N ASN F 111 -1.52 32.27 -36.99
CA ASN F 111 -0.64 31.50 -37.86
C ASN F 111 0.81 31.72 -37.48
N PRO F 112 1.56 30.67 -37.10
CA PRO F 112 2.98 30.87 -36.73
C PRO F 112 3.83 31.44 -37.85
N MET F 113 3.58 31.05 -39.10
CA MET F 113 4.40 31.56 -40.21
C MET F 113 4.21 33.06 -40.38
N ASP F 114 2.97 33.54 -40.30
CA ASP F 114 2.73 34.97 -40.36
C ASP F 114 3.29 35.71 -39.15
N LEU F 115 3.26 35.09 -37.97
CA LEU F 115 3.91 35.68 -36.81
C LEU F 115 5.40 35.84 -37.05
N LYS F 116 6.04 34.82 -37.61
CA LYS F 116 7.47 34.89 -37.90
C LYS F 116 7.75 35.99 -38.92
N ARG F 117 6.94 36.08 -39.96
CA ARG F 117 7.13 37.12 -40.96
C ARG F 117 6.94 38.52 -40.38
N GLY F 118 5.93 38.71 -39.52
CA GLY F 118 5.76 40.01 -38.88
C GLY F 118 6.91 40.35 -37.96
N ILE F 119 7.41 39.35 -37.22
CA ILE F 119 8.56 39.58 -36.36
C ILE F 119 9.77 40.00 -37.19
N ASP F 120 9.99 39.33 -38.33
CA ASP F 120 11.09 39.70 -39.20
C ASP F 120 10.92 41.11 -39.75
N LYS F 121 9.70 41.48 -40.14
CA LYS F 121 9.46 42.82 -40.66
C LYS F 121 9.74 43.88 -39.60
N ALA F 122 9.25 43.66 -38.37
CA ALA F 122 9.47 44.61 -37.30
C ALA F 122 10.95 44.73 -36.96
N VAL F 123 11.65 43.59 -36.93
CA VAL F 123 13.07 43.61 -36.62
C VAL F 123 13.85 44.34 -37.71
N THR F 124 13.48 44.11 -38.97
CA THR F 124 14.14 44.83 -40.05
C THR F 124 13.92 46.33 -39.95
N ALA F 125 12.68 46.75 -39.64
CA ALA F 125 12.41 48.17 -39.49
C ALA F 125 13.18 48.77 -38.33
N ILE F 126 13.22 48.08 -37.19
CA ILE F 126 13.91 48.60 -36.02
C ILE F 126 15.41 48.69 -36.28
N VAL F 127 15.98 47.67 -36.92
CA VAL F 127 17.41 47.70 -37.27
C VAL F 127 17.70 48.83 -38.23
N GLU F 128 16.84 49.04 -39.23
CA GLU F 128 17.03 50.16 -40.14
C GLU F 128 16.98 51.49 -39.41
N GLU F 129 16.11 51.60 -38.39
CA GLU F 129 16.09 52.83 -37.60
C GLU F 129 17.33 52.98 -36.73
N LEU F 130 17.90 51.88 -36.26
CA LEU F 130 19.11 51.95 -35.44
C LEU F 130 20.27 52.55 -36.23
N LYS F 131 20.28 52.35 -37.55
CA LYS F 131 21.32 52.94 -38.39
C LYS F 131 21.23 54.46 -38.43
N ALA F 132 20.10 55.03 -38.02
CA ALA F 132 19.94 56.48 -37.96
C ALA F 132 20.11 57.05 -36.57
N ILE F 133 19.69 56.33 -35.53
CA ILE F 133 19.89 56.79 -34.16
C ILE F 133 21.37 56.75 -33.78
N SER F 134 22.12 55.78 -34.33
CA SER F 134 23.49 55.56 -33.91
C SER F 134 24.37 56.75 -34.23
N LYS F 135 25.13 57.21 -33.23
CA LYS F 135 26.12 58.25 -33.47
C LYS F 135 27.42 57.63 -33.95
N PRO F 136 27.91 58.01 -35.12
CA PRO F 136 29.18 57.44 -35.60
C PRO F 136 30.36 57.91 -34.77
N CYS F 137 31.39 57.06 -34.70
CA CYS F 137 32.61 57.37 -33.97
C CYS F 137 33.80 56.97 -34.84
N SER F 138 34.43 57.95 -35.46
CA SER F 138 35.60 57.70 -36.31
C SER F 138 36.80 58.58 -35.99
N THR F 139 36.64 59.74 -35.36
CA THR F 139 37.77 60.55 -34.98
C THR F 139 38.56 59.88 -33.86
N THR F 140 39.86 60.18 -33.81
CA THR F 140 40.71 59.62 -32.77
C THR F 140 40.20 60.00 -31.38
N LYS F 141 39.72 61.24 -31.23
CA LYS F 141 39.13 61.64 -29.96
C LYS F 141 37.91 60.79 -29.62
N GLU F 142 37.04 60.55 -30.62
CA GLU F 142 35.88 59.71 -30.39
C GLU F 142 36.28 58.28 -30.03
N ILE F 143 37.28 57.73 -30.72
CA ILE F 143 37.74 56.38 -30.43
C ILE F 143 38.28 56.31 -28.99
N ALA F 144 39.07 57.29 -28.59
CA ALA F 144 39.60 57.32 -27.24
C ALA F 144 38.48 57.43 -26.21
N GLN F 145 37.48 58.27 -26.49
CA GLN F 145 36.36 58.42 -25.56
C GLN F 145 35.59 57.11 -25.41
N VAL F 146 35.32 56.42 -26.52
CA VAL F 146 34.61 55.15 -26.46
C VAL F 146 35.44 54.12 -25.70
N GLY F 147 36.74 54.06 -25.96
CA GLY F 147 37.59 53.12 -25.24
C GLY F 147 37.62 53.39 -23.75
N THR F 148 37.73 54.66 -23.37
CA THR F 148 37.73 55.03 -21.96
C THR F 148 36.40 54.67 -21.29
N ILE F 149 35.29 54.94 -21.98
CA ILE F 149 33.98 54.61 -21.43
C ILE F 149 33.84 53.10 -21.25
N SER F 150 34.27 52.32 -22.25
CA SER F 150 34.19 50.87 -22.15
C SER F 150 35.12 50.31 -21.08
N ALA F 151 36.22 51.01 -20.80
CA ALA F 151 37.19 50.55 -19.81
C ALA F 151 36.97 51.15 -18.43
N ASN F 152 35.74 51.58 -18.14
CA ASN F 152 35.38 52.14 -16.82
C ASN F 152 36.24 53.36 -16.48
N ALA F 153 36.14 54.38 -17.34
CA ALA F 153 36.76 55.69 -17.13
C ALA F 153 38.28 55.63 -17.01
N ASP F 154 38.92 54.65 -17.65
CA ASP F 154 40.38 54.57 -17.66
C ASP F 154 40.88 55.23 -18.94
N SER F 155 41.32 56.49 -18.82
CA SER F 155 41.72 57.25 -19.99
C SER F 155 42.95 56.68 -20.67
N SER F 156 43.87 56.07 -19.92
CA SER F 156 45.07 55.49 -20.52
C SER F 156 44.71 54.37 -21.49
N ILE F 157 43.75 53.52 -21.12
CA ILE F 157 43.33 52.44 -22.00
C ILE F 157 42.75 52.99 -23.29
N GLY F 158 41.89 54.01 -23.18
CA GLY F 158 41.31 54.60 -24.38
C GLY F 158 42.36 55.25 -25.27
N GLU F 159 43.31 55.94 -24.66
CA GLU F 159 44.38 56.58 -25.44
C GLU F 159 45.22 55.53 -26.17
N ILE F 160 45.54 54.43 -25.48
CA ILE F 160 46.32 53.37 -26.11
C ILE F 160 45.54 52.73 -27.24
N ILE F 161 44.24 52.51 -27.04
CA ILE F 161 43.41 51.92 -28.09
C ILE F 161 43.36 52.83 -29.30
N ALA F 162 43.19 54.14 -29.06
CA ALA F 162 43.17 55.09 -30.18
C ALA F 162 44.50 55.12 -30.92
N GLN F 163 45.61 55.12 -30.18
CA GLN F 163 46.92 55.14 -30.81
C GLN F 163 47.22 53.86 -31.58
N ALA F 164 46.65 52.72 -31.14
CA ALA F 164 46.82 51.49 -31.89
C ALA F 164 45.95 51.48 -33.14
N MET F 165 44.72 52.01 -33.03
CA MET F 165 43.78 51.94 -34.14
C MET F 165 44.10 52.94 -35.24
N ASP F 166 44.57 54.13 -34.89
CA ASP F 166 44.72 55.21 -35.86
C ASP F 166 45.94 55.06 -36.76
N LYS F 167 46.91 54.22 -36.38
CA LYS F 167 48.09 54.01 -37.20
C LYS F 167 48.19 52.64 -37.82
N VAL F 168 47.44 51.65 -37.31
CA VAL F 168 47.38 50.33 -37.93
C VAL F 168 46.12 50.16 -38.76
N GLY F 169 45.11 51.01 -38.56
CA GLY F 169 43.88 50.92 -39.31
C GLY F 169 42.71 50.44 -38.46
N LYS F 170 41.54 51.03 -38.72
CA LYS F 170 40.34 50.63 -38.00
C LYS F 170 39.98 49.17 -38.29
N GLU F 171 40.43 48.64 -39.42
CA GLU F 171 40.28 47.23 -39.74
C GLU F 171 41.52 46.41 -39.40
N GLY F 172 42.53 47.03 -38.78
CA GLY F 172 43.77 46.34 -38.50
C GLY F 172 43.66 45.38 -37.32
N VAL F 173 44.73 44.63 -37.11
CA VAL F 173 44.77 43.62 -36.06
C VAL F 173 45.45 44.22 -34.83
N ILE F 174 44.79 44.12 -33.68
CA ILE F 174 45.31 44.61 -32.42
C ILE F 174 45.24 43.49 -31.39
N THR F 175 46.36 43.25 -30.71
CA THR F 175 46.43 42.22 -29.67
C THR F 175 46.99 42.84 -28.39
N VAL F 176 46.80 42.13 -27.28
CA VAL F 176 47.20 42.60 -25.96
C VAL F 176 48.23 41.65 -25.39
N GLU F 177 49.36 42.20 -24.93
CA GLU F 177 50.40 41.43 -24.27
C GLU F 177 50.81 42.15 -23.00
N ASP F 178 51.27 41.37 -22.01
CA ASP F 178 51.66 41.97 -20.74
C ASP F 178 52.88 42.85 -20.92
N GLY F 179 52.82 44.07 -20.38
CA GLY F 179 53.90 45.02 -20.51
C GLY F 179 54.99 44.81 -19.48
N LYS F 180 56.05 45.61 -19.62
CA LYS F 180 57.21 45.53 -18.75
C LYS F 180 57.35 46.77 -17.85
N SER F 181 56.27 47.53 -17.68
CA SER F 181 56.33 48.75 -16.89
C SER F 181 54.96 49.08 -16.36
N LEU F 182 54.86 50.22 -15.66
CA LEU F 182 53.57 50.68 -15.16
C LEU F 182 52.72 51.30 -16.27
N GLU F 183 53.36 51.96 -17.24
CA GLU F 183 52.64 52.65 -18.30
C GLU F 183 52.45 51.73 -19.48
N ASN F 184 51.25 51.78 -20.07
CA ASN F 184 50.96 50.96 -21.23
C ASN F 184 51.78 51.41 -22.43
N GLU F 185 52.12 50.44 -23.28
CA GLU F 185 52.92 50.71 -24.47
C GLU F 185 52.33 49.93 -25.64
N LEU F 186 52.66 50.39 -26.85
CA LEU F 186 52.15 49.77 -28.06
C LEU F 186 53.27 49.72 -29.10
N GLU F 187 53.19 48.73 -29.98
CA GLU F 187 54.18 48.55 -31.02
C GLU F 187 53.56 47.80 -32.19
N VAL F 188 54.21 47.90 -33.35
CA VAL F 188 53.79 47.22 -34.56
C VAL F 188 54.85 46.19 -34.92
N VAL F 189 54.43 44.94 -35.06
CA VAL F 189 55.32 43.85 -35.42
C VAL F 189 54.78 43.16 -36.65
N GLU F 190 55.67 42.46 -37.35
CA GLU F 190 55.25 41.71 -38.54
C GLU F 190 54.36 40.54 -38.12
N GLY F 191 53.19 40.44 -38.73
CA GLY F 191 52.27 39.38 -38.39
C GLY F 191 51.04 39.46 -39.25
N MET F 192 50.15 38.48 -39.04
CA MET F 192 48.94 38.38 -39.82
C MET F 192 47.88 37.66 -39.00
N GLN F 193 46.62 37.88 -39.39
CA GLN F 193 45.48 37.18 -38.82
C GLN F 193 44.61 36.64 -39.95
N PHE F 194 44.21 35.39 -39.84
CA PHE F 194 43.38 34.74 -40.84
C PHE F 194 42.23 34.02 -40.16
N ASP F 195 41.12 33.90 -40.88
CA ASP F 195 39.88 33.39 -40.30
C ASP F 195 39.88 31.86 -40.22
N ARG F 196 40.80 31.30 -39.44
CA ARG F 196 40.84 29.87 -39.19
C ARG F 196 41.05 29.64 -37.70
N GLY F 197 40.22 28.76 -37.12
CA GLY F 197 40.30 28.45 -35.71
C GLY F 197 40.90 27.07 -35.45
N TYR F 198 41.05 26.77 -34.15
CA TYR F 198 41.55 25.46 -33.77
C TYR F 198 40.51 24.39 -34.11
N LEU F 199 41.01 23.23 -34.52
CA LEU F 199 40.12 22.17 -35.00
C LEU F 199 39.54 21.31 -33.88
N SER F 200 39.91 21.57 -32.63
CA SER F 200 39.32 20.86 -31.50
C SER F 200 39.41 21.76 -30.27
N PRO F 201 38.37 21.78 -29.44
CA PRO F 201 38.43 22.60 -28.21
C PRO F 201 39.52 22.16 -27.24
N TYR F 202 40.03 20.93 -27.37
CA TYR F 202 41.09 20.47 -26.49
C TYR F 202 42.40 21.22 -26.73
N PHE F 203 42.54 21.88 -27.88
CA PHE F 203 43.75 22.65 -28.16
C PHE F 203 43.89 23.89 -27.29
N ILE F 204 42.79 24.38 -26.70
CA ILE F 204 42.85 25.60 -25.92
C ILE F 204 43.68 25.37 -24.66
N ASN F 205 44.30 26.44 -24.17
CA ASN F 205 45.06 26.39 -22.93
C ASN F 205 44.77 27.56 -22.01
N ASN F 206 43.87 28.47 -22.40
CA ASN F 206 43.49 29.63 -21.59
C ASN F 206 41.96 29.64 -21.48
N PRO F 207 41.39 28.87 -20.55
CA PRO F 207 39.93 28.84 -20.42
C PRO F 207 39.33 30.20 -20.09
N ASP F 208 40.09 31.09 -19.46
CA ASP F 208 39.59 32.44 -19.21
C ASP F 208 39.32 33.18 -20.50
N LYS F 209 40.18 33.04 -21.50
CA LYS F 209 40.01 33.72 -22.78
C LYS F 209 39.42 32.83 -23.86
N GLN F 210 39.30 31.52 -23.60
CA GLN F 210 38.74 30.57 -24.57
C GLN F 210 39.55 30.60 -25.88
N VAL F 211 40.86 30.74 -25.74
CA VAL F 211 41.77 30.78 -26.89
C VAL F 211 42.97 29.89 -26.57
N ALA F 212 43.70 29.55 -27.63
CA ALA F 212 44.94 28.79 -27.52
C ALA F 212 46.13 29.70 -27.78
N VAL F 213 47.03 29.79 -26.81
CA VAL F 213 48.19 30.68 -26.88
C VAL F 213 49.45 29.83 -26.78
N LEU F 214 50.37 30.04 -27.71
CA LEU F 214 51.66 29.36 -27.72
C LEU F 214 52.77 30.40 -27.79
N ASP F 215 53.83 30.17 -27.02
CA ASP F 215 54.91 31.13 -26.89
C ASP F 215 56.14 30.65 -27.66
N ASN F 216 56.62 31.49 -28.58
CA ASN F 216 57.77 31.23 -29.43
C ASN F 216 57.70 29.85 -30.07
N PRO F 217 56.66 29.56 -30.86
CA PRO F 217 56.49 28.21 -31.39
C PRO F 217 57.16 28.03 -32.74
N TYR F 218 57.14 26.78 -33.20
CA TYR F 218 57.50 26.47 -34.58
C TYR F 218 56.25 26.45 -35.45
N ILE F 219 56.40 26.90 -36.68
CA ILE F 219 55.29 26.98 -37.64
C ILE F 219 55.50 25.90 -38.69
N LEU F 220 54.53 25.01 -38.83
CA LEU F 220 54.57 23.95 -39.83
C LEU F 220 53.59 24.30 -40.95
N LEU F 221 54.08 24.28 -42.18
CA LEU F 221 53.28 24.62 -43.36
C LEU F 221 53.18 23.42 -44.27
N HIS F 222 51.94 23.01 -44.57
CA HIS F 222 51.68 21.90 -45.47
C HIS F 222 50.45 22.24 -46.31
N ASP F 223 50.49 21.87 -47.59
CA ASP F 223 49.39 22.16 -48.51
C ASP F 223 48.49 20.96 -48.76
N LYS F 224 48.75 19.82 -48.14
CA LYS F 224 47.97 18.61 -48.35
C LYS F 224 47.35 18.15 -47.04
N LYS F 225 46.48 17.15 -47.14
CA LYS F 225 45.84 16.57 -45.98
C LYS F 225 46.84 15.77 -45.14
N ILE F 226 46.60 15.73 -43.83
CA ILE F 226 47.39 14.93 -42.92
C ILE F 226 46.44 14.06 -42.09
N SER F 227 46.58 12.74 -42.24
CA SER F 227 45.76 11.82 -41.45
C SER F 227 46.65 10.80 -40.75
N ASN F 228 47.72 10.37 -41.42
CA ASN F 228 48.62 9.38 -40.85
C ASN F 228 49.54 10.05 -39.83
N ILE F 229 49.65 9.46 -38.64
CA ILE F 229 50.53 9.99 -37.61
C ILE F 229 51.99 9.86 -38.03
N ARG F 230 52.31 8.85 -38.84
CA ARG F 230 53.68 8.64 -39.28
C ARG F 230 54.17 9.78 -40.18
N ASP F 231 53.25 10.47 -40.85
CA ASP F 231 53.64 11.50 -41.81
C ASP F 231 54.33 12.69 -41.14
N LEU F 232 54.15 12.89 -39.84
CA LEU F 232 54.76 14.01 -39.15
C LEU F 232 55.57 13.64 -37.91
N LEU F 233 55.63 12.36 -37.54
CA LEU F 233 56.38 11.94 -36.37
C LEU F 233 57.86 12.34 -36.40
N PRO F 234 58.60 12.19 -37.50
CA PRO F 234 60.00 12.65 -37.50
C PRO F 234 60.15 14.14 -37.25
N VAL F 235 59.17 14.96 -37.65
CA VAL F 235 59.25 16.40 -37.37
C VAL F 235 58.80 16.70 -35.95
N LEU F 236 57.76 16.00 -35.50
CA LEU F 236 57.27 16.20 -34.13
C LEU F 236 58.33 15.83 -33.11
N GLU F 237 59.09 14.76 -33.36
CA GLU F 237 60.16 14.38 -32.44
C GLU F 237 61.25 15.45 -32.40
N GLN F 238 61.63 16.00 -33.56
CA GLN F 238 62.62 17.06 -33.58
C GLN F 238 62.14 18.28 -32.80
N VAL F 239 60.86 18.63 -32.97
CA VAL F 239 60.29 19.76 -32.23
C VAL F 239 60.30 19.47 -30.73
N ALA F 240 59.94 18.24 -30.34
CA ALA F 240 59.91 17.89 -28.93
C ALA F 240 61.29 17.98 -28.30
N LYS F 241 62.31 17.46 -29.00
CA LYS F 241 63.68 17.60 -28.48
C LYS F 241 64.11 19.06 -28.45
N ALA F 242 63.64 19.87 -29.39
CA ALA F 242 63.87 21.31 -29.34
C ALA F 242 63.18 21.96 -28.16
N GLY F 243 61.99 21.48 -27.78
CA GLY F 243 61.29 21.95 -26.60
C GLY F 243 60.34 23.10 -26.82
N ARG F 244 60.34 23.71 -28.00
CA ARG F 244 59.45 24.83 -28.28
C ARG F 244 58.10 24.32 -28.78
N PRO F 245 57.03 25.09 -28.59
CA PRO F 245 55.70 24.66 -29.04
C PRO F 245 55.62 24.54 -30.54
N LEU F 246 54.56 23.87 -31.01
CA LEU F 246 54.36 23.60 -32.42
C LEU F 246 53.01 24.12 -32.87
N LEU F 247 53.00 24.86 -33.97
CA LEU F 247 51.78 25.24 -34.66
C LEU F 247 51.82 24.65 -36.07
N ILE F 248 50.79 23.88 -36.42
CA ILE F 248 50.76 23.16 -37.68
C ILE F 248 49.69 23.79 -38.56
N ILE F 249 50.09 24.25 -39.74
CA ILE F 249 49.17 24.78 -40.74
C ILE F 249 49.13 23.80 -41.90
N ALA F 250 47.96 23.24 -42.14
CA ALA F 250 47.78 22.25 -43.20
C ALA F 250 46.40 22.43 -43.82
N GLU F 251 46.18 21.73 -44.93
CA GLU F 251 44.86 21.74 -45.56
C GLU F 251 43.81 21.19 -44.60
N ASP F 252 44.13 20.08 -43.92
CA ASP F 252 43.29 19.52 -42.89
C ASP F 252 44.07 18.44 -42.17
N VAL F 253 43.75 18.26 -40.88
CA VAL F 253 44.29 17.16 -40.09
C VAL F 253 43.12 16.42 -39.45
N GLU F 254 43.16 15.10 -39.49
CA GLU F 254 42.04 14.29 -39.05
C GLU F 254 42.53 12.89 -38.71
N GLY F 255 41.68 12.14 -38.01
CA GLY F 255 41.99 10.74 -37.74
C GLY F 255 43.02 10.58 -36.65
N GLU F 256 43.90 9.59 -36.85
CA GLU F 256 44.87 9.24 -35.80
C GLU F 256 45.85 10.37 -35.53
N ALA F 257 46.20 11.16 -36.54
CA ALA F 257 47.10 12.30 -36.31
C ALA F 257 46.47 13.31 -35.36
N LEU F 258 45.22 13.70 -35.64
CA LEU F 258 44.52 14.64 -34.78
C LEU F 258 44.33 14.07 -33.38
N ALA F 259 43.97 12.78 -33.30
CA ALA F 259 43.78 12.16 -31.99
C ALA F 259 45.08 12.15 -31.19
N THR F 260 46.19 11.82 -31.84
CA THR F 260 47.49 11.80 -31.15
C THR F 260 47.89 13.20 -30.71
N LEU F 261 47.64 14.21 -31.55
CA LEU F 261 47.94 15.58 -31.15
C LEU F 261 47.11 16.00 -29.94
N VAL F 262 45.83 15.63 -29.93
CA VAL F 262 44.96 15.96 -28.80
C VAL F 262 45.46 15.26 -27.53
N VAL F 263 45.84 13.98 -27.65
CA VAL F 263 46.32 13.24 -26.49
C VAL F 263 47.62 13.85 -25.98
N ASN F 264 48.51 14.26 -26.90
CA ASN F 264 49.77 14.88 -26.49
C ASN F 264 49.52 16.20 -25.78
N ASN F 265 48.59 17.01 -26.29
CA ASN F 265 48.28 18.28 -25.63
C ASN F 265 47.69 18.06 -24.25
N LEU F 266 46.77 17.09 -24.13
CA LEU F 266 46.19 16.79 -22.82
C LEU F 266 47.22 16.25 -21.85
N ARG F 267 48.12 15.39 -22.30
CA ARG F 267 49.12 14.78 -21.44
C ARG F 267 50.29 15.71 -21.16
N GLY F 268 50.39 16.82 -21.88
CA GLY F 268 51.55 17.69 -21.75
C GLY F 268 52.79 17.19 -22.43
N ILE F 269 52.67 16.19 -23.30
CA ILE F 269 53.83 15.65 -24.00
C ILE F 269 54.46 16.72 -24.90
N LEU F 270 53.63 17.44 -25.65
CA LEU F 270 54.11 18.49 -26.52
C LEU F 270 53.01 19.52 -26.71
N LYS F 271 53.41 20.80 -26.75
CA LYS F 271 52.46 21.90 -26.94
C LYS F 271 52.21 22.05 -28.44
N THR F 272 51.05 21.59 -28.90
CA THR F 272 50.73 21.56 -30.32
C THR F 272 49.38 22.23 -30.57
N CYS F 273 49.25 22.77 -31.77
CA CYS F 273 48.00 23.34 -32.24
C CYS F 273 47.94 23.24 -33.74
N ALA F 274 46.79 22.81 -34.26
CA ALA F 274 46.62 22.59 -35.69
C ALA F 274 45.40 23.34 -36.18
N VAL F 275 45.57 24.10 -37.26
CA VAL F 275 44.49 24.88 -37.86
C VAL F 275 44.52 24.64 -39.37
N LYS F 276 43.36 24.80 -40.00
CA LYS F 276 43.29 24.71 -41.45
C LYS F 276 43.98 25.90 -42.08
N ALA F 277 44.61 25.66 -43.24
CA ALA F 277 45.25 26.75 -43.96
C ALA F 277 44.17 27.69 -44.53
N PRO F 278 44.43 29.00 -44.49
CA PRO F 278 43.41 29.95 -44.96
C PRO F 278 43.24 29.89 -46.46
N GLY F 279 42.02 30.24 -46.90
CA GLY F 279 41.70 30.29 -48.31
C GLY F 279 41.42 28.93 -48.90
N PHE F 280 41.11 28.93 -50.19
CA PHE F 280 40.84 27.71 -50.94
C PHE F 280 41.18 27.94 -52.40
N GLY F 281 41.32 26.83 -53.14
CA GLY F 281 41.70 26.94 -54.53
C GLY F 281 43.14 27.40 -54.68
N ASP F 282 43.38 28.20 -55.71
CA ASP F 282 44.72 28.78 -55.90
C ASP F 282 45.10 29.76 -54.81
N ARG F 283 44.14 30.32 -54.08
CA ARG F 283 44.46 31.22 -52.98
C ARG F 283 45.16 30.50 -51.86
N ARG F 284 44.98 29.17 -51.77
CA ARG F 284 45.57 28.39 -50.70
C ARG F 284 47.10 28.46 -50.74
N LYS F 285 47.67 28.25 -51.93
CA LYS F 285 49.13 28.30 -52.07
C LYS F 285 49.67 29.68 -51.78
N ALA F 286 48.97 30.73 -52.23
CA ALA F 286 49.41 32.09 -51.96
C ALA F 286 49.39 32.38 -50.45
N MET F 287 48.32 31.95 -49.77
CA MET F 287 48.25 32.14 -48.32
C MET F 287 49.39 31.42 -47.62
N LEU F 288 49.64 30.16 -48.00
CA LEU F 288 50.70 29.40 -47.36
C LEU F 288 52.07 30.02 -47.61
N GLN F 289 52.32 30.47 -48.85
CA GLN F 289 53.60 31.10 -49.16
C GLN F 289 53.80 32.39 -48.38
N ASP F 290 52.74 33.22 -48.29
CA ASP F 290 52.85 34.46 -47.53
C ASP F 290 53.10 34.17 -46.06
N ILE F 291 52.40 33.19 -45.50
CA ILE F 291 52.61 32.86 -44.08
C ILE F 291 54.03 32.35 -43.86
N ALA F 292 54.53 31.51 -44.77
CA ALA F 292 55.87 30.97 -44.63
C ALA F 292 56.92 32.08 -44.70
N ILE F 293 56.78 33.00 -45.65
CA ILE F 293 57.76 34.08 -45.78
C ILE F 293 57.65 35.03 -44.59
N LEU F 294 56.46 35.16 -44.01
CA LEU F 294 56.30 36.01 -42.83
C LEU F 294 56.94 35.37 -41.60
N THR F 295 56.82 34.04 -41.46
CA THR F 295 57.40 33.31 -40.34
C THR F 295 58.80 32.80 -40.64
N GLY F 296 59.32 33.07 -41.83
CA GLY F 296 60.66 32.62 -42.19
C GLY F 296 60.76 31.16 -42.55
N GLY F 297 59.64 30.45 -42.67
CA GLY F 297 59.64 29.05 -43.02
C GLY F 297 59.46 28.81 -44.50
N THR F 298 59.33 27.52 -44.84
CA THR F 298 59.12 27.10 -46.23
C THR F 298 57.94 26.14 -46.26
N VAL F 299 57.13 26.24 -47.31
CA VAL F 299 55.95 25.41 -47.44
C VAL F 299 56.37 24.00 -47.87
N ILE F 300 55.91 22.99 -47.14
CA ILE F 300 56.19 21.61 -47.50
C ILE F 300 55.17 21.17 -48.55
N SER F 301 55.64 20.90 -49.77
CA SER F 301 54.74 20.53 -50.85
C SER F 301 55.50 19.70 -51.87
N GLU F 302 54.78 18.80 -52.55
CA GLU F 302 55.38 18.00 -53.60
C GLU F 302 55.77 18.86 -54.80
N GLU F 303 54.97 19.86 -55.13
CA GLU F 303 55.27 20.74 -56.25
C GLU F 303 56.54 21.55 -56.04
N VAL F 304 56.99 21.72 -54.79
CA VAL F 304 58.24 22.40 -54.49
C VAL F 304 59.34 21.42 -54.11
N GLY F 305 59.04 20.12 -54.10
CA GLY F 305 60.05 19.11 -53.89
C GLY F 305 60.42 18.81 -52.45
N LEU F 306 59.52 19.07 -51.51
CA LEU F 306 59.74 18.72 -50.12
C LEU F 306 58.60 17.85 -49.60
N SER F 307 58.94 16.93 -48.71
CA SER F 307 57.96 16.05 -48.10
C SER F 307 58.09 16.14 -46.59
N LEU F 308 56.96 15.96 -45.89
CA LEU F 308 56.95 16.11 -44.44
C LEU F 308 57.76 15.04 -43.73
N GLU F 309 58.05 13.92 -44.40
CA GLU F 309 58.80 12.85 -43.76
C GLU F 309 60.23 13.25 -43.47
N LYS F 310 60.85 14.06 -44.33
CA LYS F 310 62.23 14.49 -44.15
C LYS F 310 62.36 15.95 -43.72
N ALA F 311 61.26 16.62 -43.41
CA ALA F 311 61.32 18.03 -43.03
C ALA F 311 62.08 18.20 -41.73
N THR F 312 62.84 19.29 -41.64
CA THR F 312 63.65 19.59 -40.48
C THR F 312 63.18 20.90 -39.85
N LEU F 313 63.77 21.23 -38.70
CA LEU F 313 63.40 22.45 -38.01
C LEU F 313 63.75 23.71 -38.80
N GLU F 314 64.74 23.64 -39.68
CA GLU F 314 65.09 24.78 -40.51
C GLU F 314 63.99 25.17 -41.48
N ASP F 315 63.29 24.19 -42.05
CA ASP F 315 62.17 24.48 -42.94
C ASP F 315 61.01 25.13 -42.20
N LEU F 316 60.84 24.83 -40.92
CA LEU F 316 59.70 25.34 -40.17
C LEU F 316 59.87 26.83 -39.88
N GLY F 317 58.75 27.55 -39.92
CA GLY F 317 58.74 28.94 -39.51
C GLY F 317 58.62 29.09 -38.01
N GLN F 318 58.79 30.33 -37.55
CA GLN F 318 58.72 30.61 -36.12
C GLN F 318 58.32 32.07 -35.90
N ALA F 319 57.76 32.33 -34.73
CA ALA F 319 57.31 33.66 -34.37
C ALA F 319 57.28 33.78 -32.85
N LYS F 320 57.19 35.02 -32.36
CA LYS F 320 57.19 35.26 -30.92
C LYS F 320 55.96 34.65 -30.24
N ARG F 321 54.78 34.80 -30.84
CA ARG F 321 53.56 34.29 -30.22
C ARG F 321 52.52 34.09 -31.31
N VAL F 322 51.71 33.04 -31.14
CA VAL F 322 50.54 32.80 -31.98
C VAL F 322 49.33 32.61 -31.07
N GLU F 323 48.23 33.26 -31.41
CA GLU F 323 46.98 33.16 -30.68
C GLU F 323 45.95 32.51 -31.59
N VAL F 324 45.36 31.41 -31.13
CA VAL F 324 44.37 30.65 -31.90
C VAL F 324 43.03 30.77 -31.19
N ALA F 325 42.07 31.39 -31.86
CA ALA F 325 40.73 31.56 -31.34
C ALA F 325 39.77 30.61 -32.04
N LYS F 326 38.49 30.69 -31.67
CA LYS F 326 37.48 29.85 -32.29
C LYS F 326 37.35 30.11 -33.79
N GLU F 327 37.37 31.39 -34.19
CA GLU F 327 37.13 31.75 -35.58
C GLU F 327 38.36 32.22 -36.33
N HIS F 328 39.38 32.71 -35.64
CA HIS F 328 40.55 33.27 -36.32
C HIS F 328 41.81 32.94 -35.55
N THR F 329 42.93 32.96 -36.27
CA THR F 329 44.25 32.72 -35.71
C THR F 329 45.18 33.85 -36.15
N THR F 330 45.98 34.35 -35.22
CA THR F 330 46.89 35.45 -35.51
C THR F 330 48.31 35.06 -35.16
N ILE F 331 49.26 35.65 -35.87
CA ILE F 331 50.69 35.38 -35.69
C ILE F 331 51.36 36.69 -35.30
N ILE F 332 52.18 36.66 -34.26
CA ILE F 332 52.81 37.85 -33.71
C ILE F 332 54.32 37.73 -33.90
N ASP F 333 54.91 38.74 -34.53
CA ASP F 333 56.37 38.87 -34.66
C ASP F 333 56.98 37.66 -35.37
N GLY F 334 56.59 37.50 -36.63
CA GLY F 334 57.15 36.44 -37.44
C GLY F 334 58.64 36.65 -37.70
N ALA F 335 59.33 35.54 -37.95
CA ALA F 335 60.78 35.56 -38.12
C ALA F 335 61.23 36.12 -39.46
N GLY F 336 60.31 36.31 -40.41
CA GLY F 336 60.67 36.82 -41.71
C GLY F 336 61.32 38.19 -41.68
N ASP F 337 62.38 38.37 -42.45
CA ASP F 337 63.06 39.64 -42.49
C ASP F 337 62.17 40.70 -43.15
N PRO F 338 62.21 41.95 -42.67
CA PRO F 338 61.36 42.98 -43.27
C PRO F 338 61.64 43.25 -44.74
N ALA F 339 62.87 43.01 -45.20
CA ALA F 339 63.20 43.28 -46.60
C ALA F 339 62.42 42.37 -47.54
N LYS F 340 62.44 41.06 -47.26
CA LYS F 340 61.70 40.12 -48.10
C LYS F 340 60.19 40.34 -47.97
N ILE F 341 59.72 40.71 -46.79
CA ILE F 341 58.30 40.99 -46.61
C ILE F 341 57.88 42.18 -47.46
N GLN F 342 58.68 43.24 -47.45
CA GLN F 342 58.37 44.41 -48.28
C GLN F 342 58.47 44.09 -49.76
N ALA F 343 59.44 43.26 -50.15
CA ALA F 343 59.54 42.85 -51.55
C ALA F 343 58.30 42.06 -51.98
N ARG F 344 57.83 41.15 -51.14
CA ARG F 344 56.61 40.41 -51.46
C ARG F 344 55.39 41.34 -51.47
N VAL F 345 55.38 42.35 -50.59
CA VAL F 345 54.30 43.32 -50.62
C VAL F 345 54.26 44.05 -51.95
N LYS F 346 55.43 44.48 -52.44
CA LYS F 346 55.48 45.12 -53.74
C LYS F 346 55.08 44.15 -54.85
N GLU F 347 55.48 42.88 -54.74
CA GLU F 347 55.10 41.88 -55.73
C GLU F 347 53.59 41.72 -55.79
N ILE F 348 52.94 41.65 -54.63
CA ILE F 348 51.49 41.48 -54.61
C ILE F 348 50.80 42.76 -55.10
N ARG F 349 51.36 43.92 -54.76
CA ARG F 349 50.79 45.18 -55.22
C ARG F 349 50.88 45.34 -56.73
N VAL F 350 51.95 44.84 -57.36
CA VAL F 350 52.03 44.91 -58.82
C VAL F 350 51.23 43.78 -59.47
N GLN F 351 51.05 42.66 -58.77
CA GLN F 351 50.12 41.63 -59.24
C GLN F 351 48.67 42.09 -59.16
N ILE F 352 48.39 43.09 -58.33
CA ILE F 352 47.04 43.64 -58.23
C ILE F 352 46.57 44.12 -59.61
N GLU F 353 47.45 44.80 -60.35
CA GLU F 353 47.13 45.22 -61.70
C GLU F 353 46.97 44.06 -62.68
N GLU F 354 47.43 42.87 -62.32
CA GLU F 354 47.29 41.68 -63.15
C GLU F 354 45.98 40.96 -62.91
N ALA F 355 45.13 41.46 -62.01
CA ALA F 355 43.88 40.77 -61.68
C ALA F 355 42.96 40.72 -62.88
N THR F 356 42.37 39.54 -63.11
CA THR F 356 41.44 39.34 -64.20
C THR F 356 40.01 39.75 -63.86
N SER F 357 39.72 40.04 -62.59
CA SER F 357 38.38 40.40 -62.17
C SER F 357 38.48 41.22 -60.90
N ASP F 358 37.37 41.90 -60.57
CA ASP F 358 37.31 42.65 -59.33
C ASP F 358 37.43 41.73 -58.11
N TYR F 359 36.93 40.50 -58.22
CA TYR F 359 37.11 39.53 -57.15
C TYR F 359 38.58 39.22 -56.92
N ASP F 360 39.34 39.04 -58.01
CA ASP F 360 40.78 38.79 -57.89
C ASP F 360 41.48 40.01 -57.28
N ARG F 361 41.10 41.20 -57.75
CA ARG F 361 41.75 42.42 -57.26
C ARG F 361 41.48 42.65 -55.78
N GLU F 362 40.25 42.38 -55.34
CA GLU F 362 39.94 42.59 -53.93
C GLU F 362 40.64 41.57 -53.04
N LYS F 363 40.78 40.31 -53.49
CA LYS F 363 41.57 39.34 -52.74
C LYS F 363 43.04 39.73 -52.68
N LEU F 364 43.59 40.23 -53.79
CA LEU F 364 44.97 40.69 -53.78
C LEU F 364 45.15 41.88 -52.83
N GLN F 365 44.17 42.78 -52.81
CA GLN F 365 44.21 43.91 -51.87
C GLN F 365 44.12 43.43 -50.43
N GLU F 366 43.29 42.43 -50.17
CA GLU F 366 43.24 41.84 -48.83
C GLU F 366 44.59 41.25 -48.45
N ARG F 367 45.25 40.58 -49.40
CA ARG F 367 46.60 40.06 -49.15
C ARG F 367 47.55 41.19 -48.79
N VAL F 368 47.53 42.27 -49.57
CA VAL F 368 48.43 43.41 -49.31
C VAL F 368 48.17 43.98 -47.92
N ALA F 369 46.89 44.20 -47.59
CA ALA F 369 46.55 44.78 -46.30
C ALA F 369 46.99 43.87 -45.16
N LYS F 370 46.66 42.58 -45.24
CA LYS F 370 46.99 41.67 -44.15
C LYS F 370 48.50 41.52 -43.99
N LEU F 371 49.26 41.63 -45.07
CA LEU F 371 50.69 41.40 -44.96
C LEU F 371 51.43 42.66 -44.52
N ALA F 372 51.17 43.80 -45.17
CA ALA F 372 51.87 45.04 -44.85
C ALA F 372 51.38 45.67 -43.56
N GLY F 373 50.13 45.43 -43.16
CA GLY F 373 49.60 46.06 -41.97
C GLY F 373 50.23 45.61 -40.68
N GLY F 374 50.79 44.40 -40.65
CA GLY F 374 51.39 43.93 -39.42
C GLY F 374 50.34 43.69 -38.34
N VAL F 375 50.82 43.63 -37.10
CA VAL F 375 49.97 43.42 -35.94
C VAL F 375 50.33 44.44 -34.88
N ALA F 376 49.32 45.14 -34.36
CA ALA F 376 49.53 46.05 -33.25
C ALA F 376 49.48 45.27 -31.94
N VAL F 377 50.51 45.43 -31.12
CA VAL F 377 50.61 44.74 -29.83
C VAL F 377 50.56 45.79 -28.73
N ILE F 378 49.58 45.66 -27.84
CA ILE F 378 49.43 46.59 -26.73
C ILE F 378 50.10 45.98 -25.51
N LYS F 379 51.12 46.66 -25.00
CA LYS F 379 51.84 46.21 -23.81
C LYS F 379 51.14 46.80 -22.60
N VAL F 380 50.17 46.06 -22.07
CA VAL F 380 49.40 46.54 -20.92
C VAL F 380 50.31 46.61 -19.70
N GLY F 381 50.40 47.79 -19.10
CA GLY F 381 51.29 48.04 -18.00
C GLY F 381 50.55 48.30 -16.69
N ALA F 382 51.06 47.70 -15.62
CA ALA F 382 50.47 47.87 -14.29
C ALA F 382 51.49 47.44 -13.25
N ALA F 383 51.16 47.68 -11.99
CA ALA F 383 52.10 47.47 -10.89
C ALA F 383 52.32 46.00 -10.57
N THR F 384 51.26 45.20 -10.51
CA THR F 384 51.36 43.84 -10.00
C THR F 384 50.75 42.86 -10.98
N GLU F 385 51.06 41.58 -10.78
CA GLU F 385 50.48 40.52 -11.60
C GLU F 385 48.98 40.42 -11.40
N VAL F 386 48.51 40.60 -10.17
CA VAL F 386 47.06 40.62 -9.93
C VAL F 386 46.42 41.76 -10.70
N GLU F 387 47.04 42.94 -10.66
CA GLU F 387 46.53 44.05 -11.45
C GLU F 387 46.75 43.83 -12.94
N MET F 388 47.84 43.13 -13.30
CA MET F 388 48.05 42.72 -14.68
C MET F 388 46.85 41.95 -15.21
N LYS F 389 46.39 40.95 -14.47
CA LYS F 389 45.32 40.08 -14.94
C LYS F 389 44.03 40.86 -15.18
N GLU F 390 43.68 41.77 -14.26
CA GLU F 390 42.47 42.55 -14.42
C GLU F 390 42.59 43.57 -15.55
N LYS F 391 43.74 44.25 -15.63
CA LYS F 391 43.91 45.29 -16.63
C LYS F 391 43.95 44.71 -18.03
N LYS F 392 44.53 43.51 -18.20
CA LYS F 392 44.54 42.89 -19.51
C LYS F 392 43.13 42.58 -19.98
N ALA F 393 42.29 42.03 -19.09
CA ALA F 393 40.91 41.74 -19.45
C ALA F 393 40.15 43.03 -19.75
N ARG F 394 40.37 44.07 -18.96
CA ARG F 394 39.68 45.34 -19.21
C ARG F 394 40.10 45.93 -20.56
N VAL F 395 41.40 45.86 -20.89
CA VAL F 395 41.86 46.37 -22.17
C VAL F 395 41.29 45.55 -23.32
N GLU F 396 41.22 44.23 -23.15
CA GLU F 396 40.64 43.40 -24.21
C GLU F 396 39.17 43.72 -24.43
N ASP F 397 38.41 43.90 -23.34
CA ASP F 397 37.01 44.26 -23.48
C ASP F 397 36.85 45.63 -24.13
N ALA F 398 37.66 46.61 -23.73
CA ALA F 398 37.61 47.92 -24.36
C ALA F 398 37.97 47.86 -25.83
N LEU F 399 38.96 47.03 -26.19
CA LEU F 399 39.33 46.87 -27.59
C LEU F 399 38.19 46.27 -28.40
N HIS F 400 37.53 45.24 -27.85
CA HIS F 400 36.40 44.65 -28.55
C HIS F 400 35.27 45.67 -28.72
N ALA F 401 34.97 46.43 -27.67
CA ALA F 401 33.90 47.42 -27.76
C ALA F 401 34.25 48.50 -28.79
N THR F 402 35.49 48.96 -28.80
CA THR F 402 35.90 49.98 -29.77
C THR F 402 35.85 49.44 -31.19
N ARG F 403 36.28 48.19 -31.40
CA ARG F 403 36.19 47.58 -32.72
C ARG F 403 34.74 47.50 -33.17
N ALA F 404 33.84 47.09 -32.27
CA ALA F 404 32.42 47.09 -32.60
C ALA F 404 31.88 48.51 -32.79
N ALA F 405 32.31 49.45 -31.94
CA ALA F 405 31.81 50.82 -32.03
C ALA F 405 32.27 51.53 -33.29
N VAL F 406 33.52 51.35 -33.70
CA VAL F 406 34.04 52.08 -34.85
C VAL F 406 33.38 51.61 -36.13
N GLU F 407 32.89 50.37 -36.16
CA GLU F 407 32.28 49.84 -37.38
C GLU F 407 30.90 50.42 -37.63
N GLU F 408 30.08 50.55 -36.58
CA GLU F 408 28.68 50.93 -36.74
C GLU F 408 28.27 52.10 -35.85
N GLY F 409 29.20 52.75 -35.18
CA GLY F 409 28.87 53.86 -34.31
C GLY F 409 28.39 53.43 -32.95
N ILE F 410 28.15 54.41 -32.09
CA ILE F 410 27.67 54.18 -30.73
C ILE F 410 26.21 54.59 -30.65
N VAL F 411 25.52 54.02 -29.67
CA VAL F 411 24.10 54.31 -29.47
C VAL F 411 23.80 54.33 -27.98
N PRO F 412 22.84 55.18 -27.56
CA PRO F 412 22.49 55.23 -26.13
C PRO F 412 22.20 53.87 -25.52
N GLY F 413 23.03 53.47 -24.56
CA GLY F 413 22.92 52.14 -23.97
C GLY F 413 21.89 52.05 -22.87
N GLY F 414 21.88 50.92 -22.15
CA GLY F 414 20.90 50.71 -21.11
C GLY F 414 19.52 50.38 -21.62
N GLY F 415 19.41 49.94 -22.86
CA GLY F 415 18.14 49.58 -23.46
C GLY F 415 17.34 50.72 -24.03
N VAL F 416 17.80 51.96 -23.88
CA VAL F 416 17.08 53.10 -24.44
C VAL F 416 17.15 53.10 -25.96
N ALA F 417 18.23 52.54 -26.52
CA ALA F 417 18.41 52.53 -27.97
C ALA F 417 17.27 51.81 -28.67
N LEU F 418 16.88 50.64 -28.15
CA LEU F 418 15.79 49.90 -28.76
C LEU F 418 14.48 50.65 -28.67
N LEU F 419 14.23 51.35 -27.55
CA LEU F 419 13.02 52.15 -27.44
C LEU F 419 13.00 53.28 -28.46
N ARG F 420 14.12 53.99 -28.61
CA ARG F 420 14.18 55.07 -29.59
C ARG F 420 13.97 54.53 -31.00
N ALA F 421 14.62 53.41 -31.33
CA ALA F 421 14.44 52.81 -32.65
C ALA F 421 13.00 52.38 -32.87
N ARG F 422 12.36 51.79 -31.85
CA ARG F 422 10.98 51.36 -31.97
C ARG F 422 10.06 52.56 -32.21
N GLU F 423 10.25 53.63 -31.44
CA GLU F 423 9.40 54.81 -31.61
C GLU F 423 9.60 55.41 -33.00
N ALA F 424 10.84 55.51 -33.45
CA ALA F 424 11.10 56.08 -34.77
C ALA F 424 10.51 55.21 -35.88
N ALA F 425 10.62 53.88 -35.75
CA ALA F 425 10.05 52.99 -36.75
C ALA F 425 8.52 53.07 -36.77
N VAL F 426 7.89 53.13 -35.60
CA VAL F 426 6.44 53.26 -35.55
C VAL F 426 5.99 54.58 -36.17
N ALA F 427 6.71 55.66 -35.85
CA ALA F 427 6.39 56.95 -36.46
C ALA F 427 6.60 56.93 -37.97
N LYS F 428 7.59 56.18 -38.45
CA LYS F 428 7.80 56.05 -39.89
C LYS F 428 6.61 55.38 -40.56
N GLY F 429 5.90 54.51 -39.83
CA GLY F 429 4.81 53.75 -40.40
C GLY F 429 5.18 52.31 -40.62
N LEU F 430 4.76 51.44 -39.70
CA LEU F 430 5.02 50.01 -39.75
C LEU F 430 3.71 49.26 -39.66
N LYS F 431 3.47 48.38 -40.63
CA LYS F 431 2.20 47.67 -40.70
C LYS F 431 2.43 46.27 -41.26
N GLY F 432 1.49 45.39 -40.98
CA GLY F 432 1.52 44.02 -41.49
C GLY F 432 0.40 43.78 -42.48
N ASP F 433 0.66 42.88 -43.43
CA ASP F 433 -0.33 42.55 -44.45
C ASP F 433 -1.48 41.71 -43.92
N ASN F 434 -1.34 41.15 -42.73
CA ASN F 434 -2.36 40.29 -42.12
C ASN F 434 -2.51 40.69 -40.66
N PRO F 435 -3.67 40.38 -40.06
CA PRO F 435 -3.78 40.56 -38.59
C PRO F 435 -2.76 39.74 -37.83
N ASP F 436 -2.42 38.54 -38.32
CA ASP F 436 -1.36 37.77 -37.70
C ASP F 436 -0.02 38.48 -37.83
N GLN F 437 0.26 39.09 -38.99
CA GLN F 437 1.47 39.88 -39.12
C GLN F 437 1.43 41.11 -38.21
N GLU F 438 0.25 41.68 -37.99
CA GLU F 438 0.13 42.78 -37.03
C GLU F 438 0.46 42.32 -35.63
N ALA F 439 0.01 41.12 -35.24
CA ALA F 439 0.36 40.57 -33.94
C ALA F 439 1.86 40.30 -33.86
N GLY F 440 2.46 39.85 -34.96
CA GLY F 440 3.90 39.67 -34.98
C GLY F 440 4.64 40.98 -34.78
N ILE F 441 4.15 42.05 -35.40
CA ILE F 441 4.74 43.37 -35.19
C ILE F 441 4.62 43.78 -33.73
N LYS F 442 3.42 43.59 -33.15
CA LYS F 442 3.20 43.94 -31.75
C LYS F 442 4.12 43.15 -30.83
N ILE F 443 4.41 41.89 -31.18
CA ILE F 443 5.28 41.06 -30.36
C ILE F 443 6.65 41.73 -30.21
N VAL F 444 7.24 42.13 -31.32
CA VAL F 444 8.56 42.75 -31.29
C VAL F 444 8.48 44.12 -30.60
N LEU F 445 7.42 44.88 -30.89
CA LEU F 445 7.29 46.20 -30.30
C LEU F 445 7.22 46.12 -28.78
N ARG F 446 6.56 45.09 -28.25
CA ARG F 446 6.53 44.90 -26.81
C ARG F 446 7.83 44.31 -26.28
N ALA F 447 8.50 43.45 -27.06
CA ALA F 447 9.66 42.75 -26.55
C ALA F 447 10.91 43.63 -26.50
N VAL F 448 11.03 44.59 -27.41
CA VAL F 448 12.26 45.38 -27.50
C VAL F 448 12.44 46.27 -26.27
N GLU F 449 11.40 46.41 -25.45
CA GLU F 449 11.53 47.17 -24.21
C GLU F 449 11.91 46.31 -23.03
N GLN F 450 12.02 44.99 -23.21
CA GLN F 450 12.37 44.08 -22.13
C GLN F 450 13.74 44.34 -21.52
N PRO F 451 14.79 44.61 -22.32
CA PRO F 451 16.09 44.90 -21.69
C PRO F 451 16.06 46.06 -20.70
N LEU F 452 15.41 47.17 -21.06
CA LEU F 452 15.31 48.28 -20.13
C LEU F 452 14.47 47.91 -18.92
N ARG F 453 13.38 47.18 -19.13
CA ARG F 453 12.53 46.77 -18.01
C ARG F 453 13.30 45.91 -17.02
N GLU F 454 14.10 44.97 -17.51
CA GLU F 454 14.87 44.13 -16.62
C GLU F 454 16.06 44.86 -15.97
N ILE F 455 16.70 45.78 -16.69
CA ILE F 455 17.73 46.60 -16.06
C ILE F 455 17.14 47.39 -14.90
N VAL F 456 15.97 47.99 -15.12
CA VAL F 456 15.31 48.74 -14.05
C VAL F 456 14.91 47.82 -12.91
N ALA F 457 14.34 46.65 -13.22
CA ALA F 457 13.92 45.73 -12.17
C ALA F 457 15.08 45.26 -11.32
N ASN F 458 16.22 44.94 -11.94
CA ASN F 458 17.41 44.60 -11.18
C ASN F 458 17.90 45.79 -10.38
N ALA F 459 17.76 47.01 -10.93
CA ALA F 459 18.10 48.21 -10.18
C ALA F 459 17.16 48.44 -9.02
N GLY F 460 16.00 47.78 -8.99
CA GLY F 460 15.07 47.87 -7.90
C GLY F 460 13.88 48.77 -8.12
N GLU F 461 13.92 49.65 -9.11
CA GLU F 461 12.81 50.54 -9.37
C GLU F 461 11.65 49.79 -10.05
N GLU F 462 10.54 50.50 -10.22
CA GLU F 462 9.38 49.92 -10.89
C GLU F 462 9.57 50.04 -12.40
N PRO F 463 9.54 48.93 -13.15
CA PRO F 463 9.85 49.01 -14.59
C PRO F 463 8.91 49.88 -15.39
N SER F 464 7.60 49.81 -15.14
CA SER F 464 6.64 50.44 -16.02
C SER F 464 6.75 51.97 -16.01
N VAL F 465 6.87 52.56 -14.82
CA VAL F 465 6.94 54.01 -14.73
C VAL F 465 8.23 54.53 -15.37
N ILE F 466 9.34 53.82 -15.15
CA ILE F 466 10.61 54.23 -15.74
C ILE F 466 10.54 54.13 -17.27
N VAL F 467 9.96 53.06 -17.79
CA VAL F 467 9.84 52.91 -19.24
C VAL F 467 8.96 54.02 -19.81
N ALA F 468 7.85 54.33 -19.13
CA ALA F 468 6.97 55.40 -19.60
C ALA F 468 7.70 56.74 -19.60
N LYS F 469 8.46 57.02 -18.55
CA LYS F 469 9.20 58.28 -18.49
C LYS F 469 10.27 58.35 -19.57
N VAL F 470 10.94 57.24 -19.84
CA VAL F 470 11.93 57.20 -20.92
C VAL F 470 11.26 57.47 -22.26
N LEU F 471 10.10 56.84 -22.48
CA LEU F 471 9.36 57.05 -23.72
C LEU F 471 8.88 58.49 -23.87
N GLU F 472 8.54 59.15 -22.76
CA GLU F 472 8.16 60.55 -22.83
C GLU F 472 9.30 61.46 -23.24
N GLY F 473 10.55 61.05 -22.98
CA GLY F 473 11.70 61.79 -23.46
C GLY F 473 12.03 61.48 -24.90
N LYS F 474 12.90 62.32 -25.46
CA LYS F 474 13.30 62.19 -26.86
C LYS F 474 14.81 62.22 -26.98
N GLY F 475 15.31 61.66 -28.07
CA GLY F 475 16.75 61.66 -28.30
C GLY F 475 17.47 60.71 -27.36
N ASN F 476 18.61 61.15 -26.84
CA ASN F 476 19.44 60.33 -25.97
C ASN F 476 18.91 60.28 -24.54
N TYR F 477 17.85 61.02 -24.22
CA TYR F 477 17.29 61.00 -22.88
C TYR F 477 16.88 59.59 -22.48
N GLY F 478 17.23 59.20 -21.26
CA GLY F 478 16.95 57.86 -20.80
C GLY F 478 17.22 57.74 -19.31
N TYR F 479 17.16 56.51 -18.83
CA TYR F 479 17.35 56.20 -17.42
C TYR F 479 18.71 55.55 -17.20
N ASN F 480 19.42 56.02 -16.17
CA ASN F 480 20.74 55.48 -15.81
C ASN F 480 20.58 54.69 -14.52
N ALA F 481 20.62 53.36 -14.63
CA ALA F 481 20.44 52.51 -13.47
C ALA F 481 21.59 52.62 -12.47
N ALA F 482 22.77 53.09 -12.92
CA ALA F 482 23.89 53.21 -12.01
C ALA F 482 23.63 54.24 -10.91
N THR F 483 23.02 55.36 -11.27
CA THR F 483 22.73 56.43 -10.31
C THR F 483 21.25 56.69 -10.12
N GLY F 484 20.38 56.13 -10.95
CA GLY F 484 18.95 56.37 -10.83
C GLY F 484 18.45 57.67 -11.42
N GLU F 485 19.31 58.41 -12.11
CA GLU F 485 18.95 59.71 -12.67
C GLU F 485 18.48 59.57 -14.10
N PHE F 486 17.80 60.60 -14.58
CA PHE F 486 17.33 60.69 -15.96
C PHE F 486 18.09 61.76 -16.70
N GLY F 487 18.53 61.44 -17.92
CA GLY F 487 19.24 62.42 -18.72
C GLY F 487 19.82 61.78 -19.96
N ASP F 488 20.73 62.52 -20.60
CA ASP F 488 21.40 62.03 -21.78
C ASP F 488 22.35 60.90 -21.41
N MET F 489 22.09 59.70 -21.93
CA MET F 489 22.95 58.56 -21.65
C MET F 489 24.35 58.75 -22.18
N ILE F 490 24.49 59.36 -23.36
CA ILE F 490 25.81 59.57 -23.93
C ILE F 490 26.64 60.51 -23.06
N GLU F 491 25.99 61.49 -22.44
CA GLU F 491 26.71 62.44 -21.60
C GLU F 491 27.25 61.79 -20.33
N MET F 492 26.54 60.81 -19.78
CA MET F 492 27.08 60.07 -18.63
C MET F 492 27.97 58.90 -19.05
N GLY F 493 28.18 58.70 -20.35
CA GLY F 493 28.99 57.59 -20.80
C GLY F 493 28.38 56.22 -20.56
N VAL F 494 27.08 56.07 -20.81
CA VAL F 494 26.42 54.77 -20.80
C VAL F 494 26.12 54.42 -22.25
N LEU F 495 26.97 53.60 -22.85
CA LEU F 495 26.92 53.36 -24.29
C LEU F 495 26.96 51.88 -24.60
N ASP F 496 26.35 51.52 -25.71
CA ASP F 496 26.47 50.21 -26.34
C ASP F 496 26.77 50.39 -27.81
N PRO F 497 27.71 49.64 -28.37
CA PRO F 497 27.93 49.71 -29.82
C PRO F 497 26.69 49.27 -30.57
N THR F 498 26.44 49.95 -31.70
CA THR F 498 25.26 49.62 -32.50
C THR F 498 25.29 48.17 -32.95
N LYS F 499 26.48 47.64 -33.22
CA LYS F 499 26.59 46.24 -33.60
C LYS F 499 26.06 45.32 -32.52
N VAL F 500 26.34 45.62 -31.26
CA VAL F 500 25.92 44.75 -30.17
C VAL F 500 24.39 44.66 -30.11
N THR F 501 23.72 45.81 -30.09
CA THR F 501 22.26 45.81 -30.01
C THR F 501 21.64 45.20 -31.27
N ARG F 502 22.15 45.55 -32.44
CA ARG F 502 21.60 45.03 -33.68
C ARG F 502 21.73 43.52 -33.74
N SER F 503 22.92 42.99 -33.42
CA SER F 503 23.11 41.55 -33.44
C SER F 503 22.27 40.84 -32.40
N ALA F 504 22.17 41.42 -31.20
CA ALA F 504 21.32 40.81 -30.17
C ALA F 504 19.88 40.72 -30.64
N LEU F 505 19.34 41.81 -31.17
CA LEU F 505 17.96 41.82 -31.62
C LEU F 505 17.75 40.82 -32.76
N GLN F 506 18.64 40.81 -33.75
CA GLN F 506 18.46 39.92 -34.89
C GLN F 506 18.57 38.46 -34.50
N ASN F 507 19.54 38.10 -33.65
CA ASN F 507 19.67 36.71 -33.26
C ASN F 507 18.53 36.26 -32.36
N ALA F 508 18.05 37.15 -31.48
CA ALA F 508 16.88 36.83 -30.68
C ALA F 508 15.67 36.61 -31.57
N ALA F 509 15.50 37.45 -32.59
CA ALA F 509 14.38 37.27 -33.52
C ALA F 509 14.50 35.94 -34.26
N SER F 510 15.71 35.58 -34.70
CA SER F 510 15.90 34.34 -35.42
C SER F 510 15.56 33.13 -34.55
N VAL F 511 16.10 33.09 -33.33
CA VAL F 511 15.83 31.94 -32.46
C VAL F 511 14.37 31.91 -32.05
N ALA F 512 13.75 33.07 -31.85
CA ALA F 512 12.32 33.09 -31.52
C ALA F 512 11.48 32.58 -32.67
N GLY F 513 11.82 32.96 -33.91
CA GLY F 513 11.12 32.41 -35.05
C GLY F 513 11.28 30.90 -35.15
N LEU F 514 12.49 30.40 -34.92
CA LEU F 514 12.71 28.96 -34.98
C LEU F 514 11.90 28.23 -33.92
N MET F 515 11.82 28.78 -32.71
CA MET F 515 11.07 28.10 -31.65
C MET F 515 9.59 28.44 -31.65
N LEU F 516 9.14 29.35 -32.51
CA LEU F 516 7.71 29.55 -32.69
C LEU F 516 7.16 28.70 -33.81
N THR F 517 7.92 28.55 -34.90
CA THR F 517 7.51 27.71 -36.01
C THR F 517 7.92 26.25 -35.84
N THR F 518 8.15 25.81 -34.61
CA THR F 518 8.53 24.43 -34.35
C THR F 518 7.30 23.62 -34.01
N GLU F 519 7.11 22.50 -34.72
CA GLU F 519 5.95 21.64 -34.51
C GLU F 519 6.31 20.25 -34.04
N CYS F 520 7.56 19.83 -34.21
CA CYS F 520 7.98 18.49 -33.81
C CYS F 520 9.29 18.59 -33.04
N MET F 521 9.51 17.62 -32.16
CA MET F 521 10.65 17.62 -31.25
C MET F 521 11.07 16.19 -30.98
N ILE F 522 12.32 15.86 -31.30
CA ILE F 522 12.83 14.50 -31.21
C ILE F 522 14.01 14.47 -30.26
N ALA F 523 13.88 13.66 -29.20
CA ALA F 523 14.94 13.54 -28.21
C ALA F 523 15.11 12.07 -27.84
N GLU F 524 16.26 11.78 -27.22
CA GLU F 524 16.52 10.42 -26.76
C GLU F 524 15.55 10.03 -25.67
N ALA F 525 15.03 8.81 -25.74
CA ALA F 525 14.12 8.32 -24.72
C ALA F 525 14.87 8.09 -23.41
N PRO F 526 14.19 8.26 -22.27
CA PRO F 526 14.79 8.04 -20.95
C PRO F 526 15.38 6.64 -20.79
N ALA G 1 27.31 17.94 -16.47
CA ALA G 1 26.25 17.11 -15.93
C ALA G 1 24.99 17.94 -15.67
N ALA G 2 23.93 17.28 -15.21
CA ALA G 2 22.65 17.95 -15.01
C ALA G 2 22.76 19.04 -13.95
N LYS G 3 22.19 20.19 -14.25
CA LYS G 3 22.18 21.32 -13.33
C LYS G 3 20.79 21.54 -12.75
N GLU G 4 20.75 22.09 -11.53
CA GLU G 4 19.52 22.47 -10.88
C GLU G 4 19.62 23.93 -10.45
N VAL G 5 18.58 24.70 -10.77
CA VAL G 5 18.59 26.15 -10.59
C VAL G 5 17.49 26.54 -9.61
N LYS G 6 17.85 27.39 -8.65
CA LYS G 6 16.90 27.92 -7.68
C LYS G 6 16.95 29.45 -7.73
N PHE G 7 15.79 30.07 -7.58
CA PHE G 7 15.65 31.52 -7.75
C PHE G 7 15.10 32.15 -6.48
N HIS G 8 15.47 33.42 -6.29
CA HIS G 8 14.89 34.28 -5.27
C HIS G 8 14.95 33.66 -3.86
N ASP G 9 13.83 33.76 -3.14
CA ASP G 9 13.77 33.26 -1.77
C ASP G 9 14.04 31.76 -1.69
N SER G 10 13.62 30.98 -2.69
CA SER G 10 13.85 29.54 -2.67
C SER G 10 15.34 29.20 -2.70
N ALA G 11 16.20 30.15 -3.04
CA ALA G 11 17.65 29.95 -3.04
C ALA G 11 18.30 30.68 -1.87
N ARG G 12 17.80 31.87 -1.56
CA ARG G 12 18.33 32.61 -0.42
C ARG G 12 18.12 31.86 0.88
N GLU G 13 16.99 31.17 1.01
CA GLU G 13 16.74 30.38 2.21
C GLU G 13 17.67 29.18 2.31
N ARG G 14 18.07 28.58 1.19
CA ARG G 14 19.06 27.51 1.25
C ARG G 14 20.44 28.05 1.65
N LEU G 15 20.80 29.21 1.12
CA LEU G 15 22.04 29.86 1.54
C LEU G 15 22.02 30.14 3.04
N VAL G 16 20.88 30.62 3.54
CA VAL G 16 20.75 30.93 4.95
C VAL G 16 20.82 29.67 5.79
N ALA G 17 20.19 28.59 5.32
CA ALA G 17 20.28 27.32 6.05
C ALA G 17 21.74 26.85 6.13
N GLY G 18 22.48 26.95 5.04
CA GLY G 18 23.87 26.57 5.06
C GLY G 18 24.74 27.40 5.99
N VAL G 19 24.60 28.73 5.92
CA VAL G 19 25.41 29.58 6.77
C VAL G 19 25.02 29.40 8.24
N ASN G 20 23.73 29.20 8.51
CA ASN G 20 23.28 28.97 9.88
C ASN G 20 23.82 27.65 10.41
N LEU G 21 23.82 26.61 9.57
CA LEU G 21 24.34 25.32 10.01
C LEU G 21 25.84 25.37 10.25
N LEU G 22 26.58 26.17 9.47
CA LEU G 22 28.00 26.35 9.74
C LEU G 22 28.23 27.15 11.02
N ALA G 23 27.52 28.26 11.17
CA ALA G 23 27.78 29.18 12.27
C ALA G 23 27.31 28.62 13.60
N ASN G 24 26.21 27.86 13.63
CA ASN G 24 25.77 27.27 14.88
C ASN G 24 26.81 26.30 15.44
N ALA G 25 27.52 25.58 14.56
CA ALA G 25 28.60 24.73 15.01
C ALA G 25 29.83 25.54 15.42
N VAL G 26 30.16 26.57 14.64
CA VAL G 26 31.39 27.31 14.89
C VAL G 26 31.29 28.13 16.19
N LYS G 27 30.16 28.79 16.40
CA LYS G 27 30.03 29.77 17.48
C LYS G 27 30.08 29.13 18.87
N THR G 28 29.86 27.82 18.98
CA THR G 28 29.94 27.19 20.29
C THR G 28 31.37 27.20 20.83
N THR G 29 32.36 27.39 19.95
CA THR G 29 33.76 27.44 20.36
C THR G 29 34.28 28.87 20.48
N LEU G 30 33.40 29.83 20.73
CA LEU G 30 33.79 31.25 20.79
C LEU G 30 33.78 31.71 22.24
N GLY G 31 34.83 32.43 22.63
CA GLY G 31 34.93 32.95 23.97
C GLY G 31 35.84 32.12 24.86
N PRO G 32 36.28 32.70 25.98
CA PRO G 32 37.13 31.94 26.90
C PRO G 32 36.47 30.68 27.45
N LYS G 33 35.14 30.68 27.58
CA LYS G 33 34.40 29.52 28.04
C LYS G 33 33.69 28.80 26.90
N GLY G 34 34.32 28.77 25.73
CA GLY G 34 33.70 28.11 24.59
C GLY G 34 33.53 26.62 24.84
N ARG G 35 32.41 26.08 24.35
CA ARG G 35 32.10 24.68 24.55
C ARG G 35 32.97 23.80 23.67
N ASN G 36 32.84 22.49 23.87
CA ASN G 36 33.58 21.52 23.07
C ASN G 36 32.75 21.08 21.87
N VAL G 37 33.45 20.68 20.82
CA VAL G 37 32.84 20.13 19.61
C VAL G 37 33.53 18.81 19.29
N VAL G 38 32.75 17.75 19.12
CA VAL G 38 33.26 16.41 18.86
C VAL G 38 33.18 16.15 17.37
N ILE G 39 34.32 15.81 16.77
CA ILE G 39 34.44 15.63 15.33
C ILE G 39 34.90 14.20 15.07
N GLU G 40 34.25 13.52 14.13
CA GLU G 40 34.60 12.14 13.83
C GLU G 40 35.93 12.06 13.11
N ARG G 41 36.72 11.06 13.48
CA ARG G 41 37.95 10.71 12.77
C ARG G 41 37.71 9.39 12.04
N SER G 42 38.36 9.22 10.89
CA SER G 42 38.14 8.02 10.10
C SER G 42 38.42 6.75 10.91
N PHE G 43 39.45 6.78 11.74
CA PHE G 43 39.75 5.67 12.64
C PHE G 43 40.22 6.22 13.98
N GLY G 44 40.08 5.42 15.01
CA GLY G 44 40.48 5.84 16.34
C GLY G 44 39.39 6.65 17.04
N ALA G 45 39.77 7.22 18.18
CA ALA G 45 38.85 7.97 19.01
C ALA G 45 38.51 9.31 18.36
N PRO G 46 37.29 9.81 18.58
CA PRO G 46 36.92 11.12 18.04
C PRO G 46 37.78 12.23 18.61
N ILE G 47 38.04 13.24 17.80
CA ILE G 47 38.79 14.41 18.23
C ILE G 47 37.82 15.46 18.78
N VAL G 48 38.11 15.97 19.96
CA VAL G 48 37.33 17.05 20.58
C VAL G 48 38.13 18.33 20.48
N THR G 49 37.49 19.40 20.02
CA THR G 49 38.13 20.68 19.82
C THR G 49 37.22 21.79 20.32
N LYS G 50 37.83 22.91 20.71
CA LYS G 50 37.11 24.10 21.15
C LYS G 50 37.66 25.33 20.44
N ASP G 51 38.06 25.15 19.19
CA ASP G 51 38.53 26.25 18.34
C ASP G 51 37.71 26.27 17.05
N GLY G 52 37.41 27.47 16.57
CA GLY G 52 36.56 27.60 15.40
C GLY G 52 37.20 27.15 14.10
N VAL G 53 38.53 27.24 14.01
CA VAL G 53 39.21 26.93 12.76
C VAL G 53 39.01 25.46 12.39
N THR G 54 39.20 24.57 13.36
CA THR G 54 39.06 23.14 13.08
C THR G 54 37.60 22.75 12.85
N VAL G 55 36.68 23.32 13.63
CA VAL G 55 35.27 22.96 13.48
C VAL G 55 34.75 23.41 12.12
N ALA G 56 35.12 24.63 11.71
CA ALA G 56 34.67 25.13 10.42
C ALA G 56 35.23 24.30 9.27
N LYS G 57 36.50 23.92 9.37
CA LYS G 57 37.16 23.20 8.28
C LYS G 57 36.48 21.86 8.00
N GLU G 58 35.87 21.26 9.02
CA GLU G 58 35.27 19.94 8.87
C GLU G 58 33.85 20.00 8.35
N ILE G 59 33.24 21.18 8.28
CA ILE G 59 31.82 21.28 7.92
C ILE G 59 31.66 21.17 6.41
N GLU G 60 30.96 20.13 5.97
CA GLU G 60 30.59 19.94 4.57
C GLU G 60 29.18 19.38 4.54
N LEU G 61 28.20 20.23 4.24
CA LEU G 61 26.80 19.85 4.33
C LEU G 61 26.42 18.88 3.23
N LYS G 62 25.28 18.21 3.41
CA LYS G 62 24.80 17.25 2.44
C LYS G 62 24.17 17.95 1.23
N ASP G 63 23.14 18.76 1.46
CA ASP G 63 22.49 19.46 0.38
C ASP G 63 23.46 20.44 -0.26
N LYS G 64 23.52 20.44 -1.59
CA LYS G 64 24.49 21.27 -2.30
C LYS G 64 24.20 22.75 -2.12
N PHE G 65 22.93 23.14 -2.16
CA PHE G 65 22.57 24.55 -2.08
C PHE G 65 22.87 25.16 -0.71
N GLU G 66 22.79 24.36 0.37
CA GLU G 66 23.22 24.84 1.67
C GLU G 66 24.74 24.84 1.77
N ASN G 67 25.38 23.83 1.19
CA ASN G 67 26.83 23.76 1.19
C ASN G 67 27.42 24.95 0.45
N MET G 68 26.68 25.54 -0.48
CA MET G 68 27.18 26.73 -1.16
C MET G 68 27.45 27.87 -0.17
N GLY G 69 26.45 28.22 0.64
CA GLY G 69 26.65 29.25 1.64
C GLY G 69 27.66 28.83 2.69
N ALA G 70 27.63 27.56 3.08
CA ALA G 70 28.60 27.08 4.07
C ALA G 70 30.02 27.30 3.58
N GLN G 71 30.32 26.90 2.35
CA GLN G 71 31.68 27.02 1.84
C GLN G 71 32.06 28.46 1.55
N MET G 72 31.12 29.30 1.10
CA MET G 72 31.47 30.69 0.85
C MET G 72 31.79 31.42 2.16
N VAL G 73 30.97 31.21 3.19
CA VAL G 73 31.27 31.82 4.48
C VAL G 73 32.56 31.25 5.06
N LYS G 74 32.81 29.95 4.86
CA LYS G 74 34.07 29.37 5.29
C LYS G 74 35.26 30.00 4.57
N GLU G 75 35.13 30.27 3.28
CA GLU G 75 36.21 30.87 2.52
C GLU G 75 36.50 32.29 3.01
N VAL G 76 35.45 33.07 3.25
CA VAL G 76 35.71 34.43 3.74
C VAL G 76 36.29 34.40 5.16
N ALA G 77 35.85 33.45 5.99
CA ALA G 77 36.42 33.30 7.32
C ALA G 77 37.90 32.93 7.24
N SER G 78 38.25 32.02 6.33
CA SER G 78 39.66 31.65 6.17
C SER G 78 40.49 32.80 5.64
N LYS G 79 39.91 33.62 4.74
CA LYS G 79 40.59 34.82 4.29
C LYS G 79 40.81 35.81 5.43
N THR G 80 39.86 35.92 6.36
CA THR G 80 40.09 36.71 7.56
C THR G 80 41.22 36.12 8.39
N ALA G 81 41.22 34.79 8.56
CA ALA G 81 42.15 34.15 9.50
C ALA G 81 43.57 34.22 8.99
N ASP G 82 43.81 33.91 7.72
CA ASP G 82 45.17 33.79 7.22
C ASP G 82 45.92 35.12 7.20
N VAL G 83 45.19 36.24 7.22
CA VAL G 83 45.83 37.56 7.20
C VAL G 83 45.92 38.18 8.58
N ALA G 84 45.31 37.60 9.60
CA ALA G 84 45.31 38.19 10.93
C ALA G 84 45.69 37.15 11.99
N GLY G 85 45.61 35.87 11.65
CA GLY G 85 45.93 34.80 12.57
C GLY G 85 44.82 34.42 13.53
N ASP G 86 43.69 35.11 13.49
CA ASP G 86 42.56 34.82 14.37
C ASP G 86 41.34 35.57 13.84
N GLY G 87 40.19 35.27 14.43
CA GLY G 87 38.95 35.93 14.08
C GLY G 87 38.06 35.19 13.11
N THR G 88 38.50 34.03 12.59
CA THR G 88 37.63 33.26 11.71
C THR G 88 36.36 32.82 12.43
N THR G 89 36.43 32.62 13.75
CA THR G 89 35.22 32.37 14.52
C THR G 89 34.35 33.63 14.58
N THR G 90 34.98 34.78 14.80
CA THR G 90 34.24 36.04 14.85
C THR G 90 33.62 36.37 13.50
N ALA G 91 34.38 36.15 12.42
CA ALA G 91 33.88 36.50 11.09
C ALA G 91 32.64 35.69 10.74
N THR G 92 32.65 34.38 11.04
CA THR G 92 31.49 33.55 10.75
C THR G 92 30.28 33.99 11.55
N VAL G 93 30.47 34.31 12.83
CA VAL G 93 29.37 34.75 13.67
C VAL G 93 28.79 36.07 13.16
N LEU G 94 29.65 37.01 12.82
CA LEU G 94 29.18 38.29 12.28
C LEU G 94 28.44 38.10 10.96
N ALA G 95 28.96 37.24 10.09
CA ALA G 95 28.27 36.97 8.83
C ALA G 95 26.90 36.35 9.07
N GLN G 96 26.80 35.40 10.00
CA GLN G 96 25.51 34.81 10.32
C GLN G 96 24.54 35.87 10.83
N ALA G 97 25.01 36.73 11.73
CA ALA G 97 24.14 37.78 12.27
C ALA G 97 23.65 38.72 11.17
N ILE G 98 24.58 39.18 10.33
CA ILE G 98 24.20 40.14 9.29
C ILE G 98 23.23 39.50 8.32
N VAL G 99 23.47 38.26 7.90
CA VAL G 99 22.60 37.61 6.93
C VAL G 99 21.24 37.31 7.54
N ARG G 100 21.21 36.84 8.78
CA ARG G 100 19.95 36.53 9.43
C ARG G 100 19.09 37.78 9.61
N GLU G 101 19.72 38.92 9.91
CA GLU G 101 18.95 40.15 9.99
C GLU G 101 18.56 40.66 8.60
N GLY G 102 19.44 40.50 7.62
CA GLY G 102 19.17 40.99 6.28
C GLY G 102 18.04 40.27 5.59
N MET G 103 17.91 38.96 5.83
CA MET G 103 16.81 38.22 5.23
C MET G 103 15.45 38.68 5.75
N LYS G 104 15.41 39.18 6.99
CA LYS G 104 14.16 39.74 7.51
C LYS G 104 13.72 40.94 6.68
N TYR G 105 14.65 41.82 6.32
CA TYR G 105 14.31 42.98 5.52
C TYR G 105 14.09 42.63 4.06
N VAL G 106 14.82 41.64 3.54
CA VAL G 106 14.62 41.20 2.16
C VAL G 106 13.23 40.59 1.99
N ALA G 107 12.81 39.76 2.94
CA ALA G 107 11.45 39.24 2.92
C ALA G 107 10.43 40.35 3.08
N ALA G 108 10.83 41.47 3.69
CA ALA G 108 9.94 42.61 3.83
C ALA G 108 9.83 43.44 2.54
N GLY G 109 10.33 42.92 1.42
CA GLY G 109 10.22 43.63 0.17
C GLY G 109 11.20 44.78 0.00
N MET G 110 12.15 44.93 0.91
CA MET G 110 13.08 46.04 0.86
C MET G 110 14.21 45.74 -0.11
N ASN G 111 14.75 46.78 -0.72
CA ASN G 111 15.65 46.64 -1.86
C ASN G 111 16.99 46.04 -1.43
N PRO G 112 17.38 44.87 -1.95
CA PRO G 112 18.65 44.27 -1.54
C PRO G 112 19.88 45.11 -1.85
N MET G 113 19.90 45.80 -3.00
CA MET G 113 21.06 46.60 -3.35
C MET G 113 21.26 47.76 -2.38
N ASP G 114 20.19 48.43 -1.99
CA ASP G 114 20.28 49.48 -0.99
C ASP G 114 20.64 48.92 0.39
N LEU G 115 20.18 47.71 0.72
CA LEU G 115 20.61 47.07 1.95
C LEU G 115 22.11 46.84 1.94
N LYS G 116 22.65 46.37 0.81
CA LYS G 116 24.09 46.14 0.70
C LYS G 116 24.85 47.45 0.83
N ARG G 117 24.35 48.51 0.19
CA ARG G 117 25.02 49.80 0.29
C ARG G 117 24.98 50.36 1.70
N GLY G 118 23.86 50.22 2.41
CA GLY G 118 23.80 50.66 3.79
C GLY G 118 24.73 49.86 4.68
N ILE G 119 24.81 48.54 4.45
CA ILE G 119 25.72 47.70 5.21
C ILE G 119 27.16 48.15 4.98
N ASP G 120 27.51 48.43 3.72
CA ASP G 120 28.85 48.92 3.43
C ASP G 120 29.13 50.26 4.11
N LYS G 121 28.15 51.17 4.10
CA LYS G 121 28.35 52.46 4.75
C LYS G 121 28.56 52.29 6.25
N ALA G 122 27.75 51.45 6.89
CA ALA G 122 27.88 51.24 8.33
C ALA G 122 29.21 50.58 8.66
N VAL G 123 29.63 49.61 7.85
CA VAL G 123 30.89 48.93 8.10
C VAL G 123 32.06 49.90 7.92
N THR G 124 31.98 50.76 6.90
CA THR G 124 33.03 51.75 6.71
C THR G 124 33.11 52.71 7.90
N ALA G 125 31.96 53.16 8.40
CA ALA G 125 31.96 54.05 9.55
C ALA G 125 32.53 53.36 10.80
N ILE G 126 32.12 52.11 11.03
CA ILE G 126 32.60 51.39 12.22
C ILE G 126 34.10 51.14 12.12
N VAL G 127 34.58 50.75 10.94
CA VAL G 127 36.01 50.54 10.75
C VAL G 127 36.78 51.83 10.95
N GLU G 128 36.26 52.95 10.43
CA GLU G 128 36.91 54.23 10.66
C GLU G 128 36.95 54.58 12.14
N GLU G 129 35.92 54.24 12.89
CA GLU G 129 35.94 54.47 14.33
C GLU G 129 36.91 53.55 15.04
N LEU G 130 37.10 52.32 14.54
CA LEU G 130 38.05 51.41 15.16
C LEU G 130 39.47 51.95 15.09
N LYS G 131 39.77 52.75 14.07
CA LYS G 131 41.09 53.36 13.96
C LYS G 131 41.35 54.38 15.06
N ALA G 132 40.29 54.83 15.75
CA ALA G 132 40.44 55.76 16.87
C ALA G 132 40.37 55.08 18.22
N ILE G 133 39.56 54.03 18.37
CA ILE G 133 39.50 53.30 19.63
C ILE G 133 40.77 52.51 19.86
N SER G 134 41.43 52.06 18.80
CA SER G 134 42.56 51.17 18.92
C SER G 134 43.74 51.85 19.61
N LYS G 135 44.29 51.21 20.63
CA LYS G 135 45.49 51.69 21.27
C LYS G 135 46.72 51.20 20.50
N PRO G 136 47.57 52.10 20.00
CA PRO G 136 48.77 51.66 19.28
C PRO G 136 49.76 50.99 20.20
N CYS G 137 50.55 50.08 19.62
CA CYS G 137 51.58 49.36 20.35
C CYS G 137 52.83 49.31 19.49
N SER G 138 53.82 50.15 19.82
CA SER G 138 55.08 50.19 19.08
C SER G 138 56.32 50.12 19.97
N THR G 139 56.24 50.48 21.25
CA THR G 139 57.38 50.35 22.13
C THR G 139 57.70 48.88 22.38
N THR G 140 58.98 48.61 22.66
CA THR G 140 59.39 47.24 22.96
C THR G 140 58.64 46.69 24.15
N LYS G 141 58.40 47.52 25.17
CA LYS G 141 57.60 47.09 26.31
C LYS G 141 56.19 46.73 25.89
N GLU G 142 55.57 47.55 25.02
CA GLU G 142 54.24 47.24 24.54
C GLU G 142 54.22 45.96 23.72
N ILE G 143 55.23 45.75 22.87
CA ILE G 143 55.31 44.54 22.07
C ILE G 143 55.43 43.32 22.98
N ALA G 144 56.28 43.41 23.99
CA ALA G 144 56.44 42.29 24.93
C ALA G 144 55.14 42.02 25.69
N GLN G 145 54.44 43.08 26.10
CA GLN G 145 53.18 42.90 26.81
C GLN G 145 52.15 42.21 25.94
N VAL G 146 52.04 42.64 24.68
CA VAL G 146 51.08 42.03 23.76
C VAL G 146 51.44 40.57 23.50
N GLY G 147 52.73 40.29 23.32
CA GLY G 147 53.14 38.91 23.11
C GLY G 147 52.84 38.02 24.31
N THR G 148 53.11 38.54 25.51
CA THR G 148 52.83 37.79 26.73
C THR G 148 51.34 37.53 26.88
N ILE G 149 50.52 38.54 26.60
CA ILE G 149 49.07 38.38 26.70
C ILE G 149 48.58 37.34 25.70
N SER G 150 49.09 37.41 24.46
CA SER G 150 48.68 36.45 23.44
C SER G 150 49.16 35.03 23.77
N ALA G 151 50.28 34.92 24.48
CA ALA G 151 50.85 33.61 24.81
C ALA G 151 50.40 33.11 26.18
N ASN G 152 49.27 33.58 26.70
CA ASN G 152 48.72 33.14 27.98
C ASN G 152 49.70 33.39 29.12
N ALA G 153 50.04 34.66 29.30
CA ALA G 153 50.85 35.14 30.42
C ALA G 153 52.24 34.51 30.48
N ASP G 154 52.80 34.13 29.34
CA ASP G 154 54.16 33.60 29.30
C ASP G 154 55.11 34.75 28.94
N SER G 155 55.74 35.33 29.96
CA SER G 155 56.58 36.50 29.75
C SER G 155 57.81 36.20 28.88
N SER G 156 58.34 34.98 28.95
CA SER G 156 59.50 34.63 28.13
C SER G 156 59.17 34.72 26.65
N ILE G 157 58.00 34.23 26.25
CA ILE G 157 57.60 34.30 24.85
C ILE G 157 57.49 35.75 24.40
N GLY G 158 56.87 36.60 25.21
CA GLY G 158 56.76 38.00 24.85
C GLY G 158 58.11 38.70 24.74
N GLU G 159 59.00 38.39 25.68
CA GLU G 159 60.34 38.97 25.64
C GLU G 159 61.09 38.55 24.39
N ILE G 160 60.99 37.26 24.04
CA ILE G 160 61.65 36.76 22.84
C ILE G 160 61.07 37.42 21.59
N ILE G 161 59.74 37.56 21.54
CA ILE G 161 59.10 38.19 20.39
C ILE G 161 59.56 39.64 20.26
N ALA G 162 59.63 40.36 21.39
CA ALA G 162 60.08 41.74 21.35
C ALA G 162 61.52 41.85 20.89
N GLN G 163 62.39 40.98 21.40
CA GLN G 163 63.80 41.00 21.00
C GLN G 163 63.98 40.62 19.54
N ALA G 164 63.10 39.78 18.99
CA ALA G 164 63.19 39.46 17.58
C ALA G 164 62.68 40.60 16.72
N MET G 165 61.61 41.27 17.16
CA MET G 165 60.99 42.31 16.35
C MET G 165 61.79 43.61 16.36
N ASP G 166 62.39 43.97 17.49
CA ASP G 166 63.00 45.28 17.65
C ASP G 166 64.35 45.40 16.94
N LYS G 167 65.00 44.29 16.59
CA LYS G 167 66.28 44.34 15.92
C LYS G 167 66.23 43.87 14.47
N VAL G 168 65.19 43.13 14.08
CA VAL G 168 65.01 42.75 12.67
C VAL G 168 64.00 43.65 11.97
N GLY G 169 63.18 44.37 12.72
CA GLY G 169 62.19 45.25 12.13
C GLY G 169 60.78 44.74 12.32
N LYS G 170 59.86 45.68 12.58
CA LYS G 170 58.46 45.33 12.74
C LYS G 170 57.89 44.72 11.47
N GLU G 171 58.50 45.02 10.32
CA GLU G 171 58.13 44.40 9.06
C GLU G 171 59.05 43.23 8.70
N GLY G 172 59.97 42.85 9.59
CA GLY G 172 60.91 41.79 9.29
C GLY G 172 60.30 40.41 9.35
N VAL G 173 61.11 39.43 8.95
CA VAL G 173 60.67 38.04 8.91
C VAL G 173 61.13 37.34 10.17
N ILE G 174 60.20 36.69 10.86
CA ILE G 174 60.49 35.93 12.07
C ILE G 174 59.91 34.54 11.93
N THR G 175 60.73 33.52 12.22
CA THR G 175 60.31 32.13 12.16
C THR G 175 60.65 31.45 13.48
N VAL G 176 60.03 30.29 13.70
CA VAL G 176 60.17 29.54 14.94
C VAL G 176 60.79 28.19 14.62
N GLU G 177 61.85 27.84 15.35
CA GLU G 177 62.51 26.54 15.22
C GLU G 177 62.73 25.96 16.60
N ASP G 178 62.74 24.64 16.68
CA ASP G 178 62.92 23.97 17.97
C ASP G 178 64.31 24.28 18.51
N GLY G 179 64.36 24.60 19.81
CA GLY G 179 65.61 25.00 20.44
C GLY G 179 66.43 23.82 20.93
N LYS G 180 67.58 24.16 21.52
CA LYS G 180 68.51 23.18 22.04
C LYS G 180 68.65 23.23 23.55
N SER G 181 67.74 23.93 24.23
CA SER G 181 67.84 24.10 25.68
C SER G 181 66.47 24.40 26.25
N LEU G 182 66.44 24.65 27.57
CA LEU G 182 65.20 25.02 28.23
C LEU G 182 64.80 26.46 27.95
N GLU G 183 65.78 27.34 27.78
CA GLU G 183 65.52 28.77 27.60
C GLU G 183 65.42 29.09 26.12
N ASN G 184 64.43 29.90 25.76
CA ASN G 184 64.25 30.30 24.37
C ASN G 184 65.42 31.16 23.91
N GLU G 185 65.78 31.00 22.64
CA GLU G 185 66.90 31.73 22.05
C GLU G 185 66.48 32.24 20.69
N LEU G 186 67.19 33.27 20.23
CA LEU G 186 66.91 33.88 18.94
C LEU G 186 68.21 34.21 18.23
N GLU G 187 68.15 34.23 16.91
CA GLU G 187 69.32 34.54 16.10
C GLU G 187 68.87 35.09 14.75
N VAL G 188 69.79 35.75 14.07
CA VAL G 188 69.57 36.31 12.74
C VAL G 188 70.44 35.55 11.76
N VAL G 189 69.82 34.98 10.73
CA VAL G 189 70.52 34.26 9.69
C VAL G 189 70.17 34.87 8.35
N GLU G 190 71.04 34.63 7.36
CA GLU G 190 70.78 35.12 6.02
C GLU G 190 69.58 34.39 5.43
N GLY G 191 68.62 35.14 4.92
CA GLY G 191 67.43 34.54 4.35
C GLY G 191 66.51 35.58 3.78
N MET G 192 65.44 35.09 3.17
CA MET G 192 64.50 35.94 2.46
C MET G 192 63.13 35.28 2.48
N GLN G 193 62.11 36.12 2.35
CA GLN G 193 60.73 35.68 2.22
C GLN G 193 60.06 36.42 1.07
N PHE G 194 59.37 35.68 0.22
CA PHE G 194 58.69 36.25 -0.94
C PHE G 194 57.27 35.70 -1.00
N ASP G 195 56.38 36.47 -1.60
CA ASP G 195 54.96 36.15 -1.61
C ASP G 195 54.61 35.13 -2.67
N ARG G 196 55.18 33.92 -2.56
CA ARG G 196 54.86 32.83 -3.47
C ARG G 196 54.62 31.57 -2.65
N GLY G 197 53.51 30.88 -2.93
CA GLY G 197 53.15 29.68 -2.21
C GLY G 197 53.35 28.42 -3.04
N TYR G 198 53.09 27.28 -2.39
CA TYR G 198 53.16 26.02 -3.09
C TYR G 198 52.05 25.91 -4.13
N LEU G 199 52.37 25.29 -5.26
CA LEU G 199 51.44 25.26 -6.39
C LEU G 199 50.44 24.12 -6.30
N SER G 200 50.52 23.27 -5.28
CA SER G 200 49.53 22.22 -5.07
C SER G 200 49.50 21.87 -3.60
N PRO G 201 48.32 21.67 -3.01
CA PRO G 201 48.25 21.33 -1.58
C PRO G 201 48.92 20.01 -1.24
N TYR G 202 49.16 19.14 -2.23
CA TYR G 202 49.85 17.89 -1.96
C TYR G 202 51.29 18.08 -1.55
N PHE G 203 51.87 19.26 -1.82
CA PHE G 203 53.24 19.54 -1.42
C PHE G 203 53.42 19.68 0.08
N ILE G 204 52.34 19.94 0.82
CA ILE G 204 52.46 20.16 2.26
C ILE G 204 52.86 18.86 2.94
N ASN G 205 53.56 19.00 4.07
CA ASN G 205 53.94 17.85 4.88
C ASN G 205 53.68 18.05 6.36
N ASN G 206 53.12 19.19 6.77
CA ASN G 206 52.80 19.49 8.16
C ASN G 206 51.34 19.93 8.21
N PRO G 207 50.41 18.98 8.26
CA PRO G 207 48.98 19.35 8.31
C PRO G 207 48.63 20.19 9.52
N ASP G 208 49.37 20.06 10.62
CA ASP G 208 49.12 20.90 11.79
C ASP G 208 49.35 22.38 11.48
N LYS G 209 50.42 22.69 10.75
CA LYS G 209 50.72 24.06 10.38
C LYS G 209 50.24 24.45 8.99
N GLN G 210 49.76 23.48 8.20
CA GLN G 210 49.28 23.73 6.84
C GLN G 210 50.36 24.39 5.99
N VAL G 211 51.60 23.97 6.19
CA VAL G 211 52.74 24.47 5.45
C VAL G 211 53.62 23.30 5.02
N ALA G 212 54.49 23.57 4.06
CA ALA G 212 55.48 22.59 3.60
C ALA G 212 56.85 22.98 4.13
N VAL G 213 57.49 22.06 4.84
CA VAL G 213 58.78 22.30 5.47
C VAL G 213 59.77 21.28 4.93
N LEU G 214 60.93 21.77 4.48
CA LEU G 214 62.00 20.91 3.98
C LEU G 214 63.29 21.25 4.72
N ASP G 215 64.04 20.22 5.08
CA ASP G 215 65.24 20.38 5.89
C ASP G 215 66.49 20.20 5.04
N ASN G 216 67.35 21.22 5.05
CA ASN G 216 68.60 21.26 4.31
C ASN G 216 68.41 20.86 2.85
N PRO G 217 67.58 21.56 2.09
CA PRO G 217 67.27 21.12 0.73
C PRO G 217 68.20 21.73 -0.30
N TYR G 218 68.05 21.25 -1.54
CA TYR G 218 68.65 21.92 -2.68
C TYR G 218 67.68 22.93 -3.27
N ILE G 219 68.24 24.03 -3.78
CA ILE G 219 67.44 25.10 -4.37
C ILE G 219 67.69 25.09 -5.87
N LEU G 220 66.62 24.95 -6.65
CA LEU G 220 66.68 24.95 -8.10
C LEU G 220 66.14 26.28 -8.60
N LEU G 221 66.90 26.97 -9.44
CA LEU G 221 66.52 28.26 -9.97
C LEU G 221 66.38 28.16 -11.49
N HIS G 222 65.22 28.56 -12.01
CA HIS G 222 64.97 28.58 -13.44
C HIS G 222 64.10 29.78 -13.76
N ASP G 223 64.36 30.42 -14.90
CA ASP G 223 63.63 31.62 -15.31
C ASP G 223 62.60 31.34 -16.40
N LYS G 224 62.43 30.09 -16.81
CA LYS G 224 61.50 29.74 -17.87
C LYS G 224 60.47 28.76 -17.36
N LYS G 225 59.46 28.49 -18.19
CA LYS G 225 58.42 27.53 -17.86
C LYS G 225 58.97 26.11 -17.90
N ILE G 226 58.38 25.25 -17.09
CA ILE G 226 58.71 23.82 -17.07
C ILE G 226 57.43 23.03 -17.17
N SER G 227 57.32 22.22 -18.23
CA SER G 227 56.16 21.34 -18.39
C SER G 227 56.62 19.91 -18.63
N ASN G 228 57.73 19.75 -19.35
CA ASN G 228 58.24 18.42 -19.68
C ASN G 228 59.01 17.85 -18.48
N ILE G 229 58.68 16.62 -18.09
CA ILE G 229 59.38 15.96 -17.00
C ILE G 229 60.82 15.68 -17.38
N ARG G 230 61.09 15.48 -18.67
CA ARG G 230 62.45 15.19 -19.12
C ARG G 230 63.39 16.35 -18.88
N ASP G 231 62.87 17.58 -18.84
CA ASP G 231 63.71 18.77 -18.71
C ASP G 231 64.47 18.81 -17.39
N LEU G 232 63.99 18.10 -16.37
CA LEU G 232 64.66 18.10 -15.07
C LEU G 232 64.93 16.73 -14.49
N LEU G 233 64.67 15.64 -15.23
CA LEU G 233 64.97 14.30 -14.74
C LEU G 233 66.44 14.09 -14.38
N PRO G 234 67.42 14.47 -15.21
CA PRO G 234 68.82 14.28 -14.80
C PRO G 234 69.20 15.03 -13.54
N VAL G 235 68.52 16.14 -13.22
CA VAL G 235 68.83 16.89 -12.02
C VAL G 235 68.17 16.26 -10.81
N LEU G 236 66.90 15.87 -10.94
CA LEU G 236 66.21 15.23 -9.83
C LEU G 236 66.83 13.88 -9.49
N GLU G 237 67.38 13.17 -10.48
CA GLU G 237 68.07 11.93 -10.19
C GLU G 237 69.32 12.18 -9.35
N GLN G 238 70.10 13.20 -9.70
CA GLN G 238 71.27 13.55 -8.90
C GLN G 238 70.86 13.94 -7.49
N VAL G 239 69.77 14.70 -7.36
CA VAL G 239 69.28 15.09 -6.04
C VAL G 239 68.87 13.86 -5.24
N ALA G 240 68.17 12.93 -5.87
CA ALA G 240 67.71 11.72 -5.18
C ALA G 240 68.90 10.88 -4.71
N LYS G 241 69.91 10.72 -5.55
CA LYS G 241 71.11 10.01 -5.11
C LYS G 241 71.82 10.76 -3.99
N ALA G 242 71.77 12.09 -4.01
CA ALA G 242 72.28 12.87 -2.89
C ALA G 242 71.44 12.69 -1.63
N GLY G 243 70.13 12.51 -1.77
CA GLY G 243 69.25 12.23 -0.66
C GLY G 243 68.65 13.43 0.04
N ARG G 244 69.09 14.64 -0.28
CA ARG G 244 68.55 15.83 0.36
C ARG G 244 67.31 16.32 -0.39
N PRO G 245 66.42 17.02 0.30
CA PRO G 245 65.18 17.49 -0.35
C PRO G 245 65.47 18.50 -1.44
N LEU G 246 64.44 18.76 -2.25
CA LEU G 246 64.54 19.64 -3.40
C LEU G 246 63.49 20.74 -3.32
N LEU G 247 63.92 21.98 -3.52
CA LEU G 247 63.02 23.10 -3.73
C LEU G 247 63.30 23.69 -5.11
N ILE G 248 62.26 23.78 -5.92
CA ILE G 248 62.38 24.23 -7.31
C ILE G 248 61.72 25.59 -7.45
N ILE G 249 62.51 26.57 -7.88
CA ILE G 249 62.02 27.92 -8.16
C ILE G 249 62.06 28.11 -9.67
N ALA G 250 60.90 28.31 -10.28
CA ALA G 250 60.80 28.49 -11.72
C ALA G 250 59.70 29.49 -12.02
N GLU G 251 59.62 29.90 -13.29
CA GLU G 251 58.53 30.77 -13.71
C GLU G 251 57.18 30.10 -13.50
N ASP G 252 57.08 28.82 -13.86
CA ASP G 252 55.91 28.01 -13.58
C ASP G 252 56.24 26.56 -13.89
N VAL G 253 55.55 25.66 -13.20
CA VAL G 253 55.61 24.23 -13.48
C VAL G 253 54.20 23.71 -13.61
N GLU G 254 53.96 22.87 -14.62
CA GLU G 254 52.62 22.43 -14.95
C GLU G 254 52.70 21.14 -15.75
N GLY G 255 51.56 20.46 -15.85
CA GLY G 255 51.49 19.29 -16.70
C GLY G 255 52.14 18.06 -16.08
N GLU G 256 52.83 17.30 -16.93
CA GLU G 256 53.40 16.03 -16.49
C GLU G 256 54.49 16.24 -15.44
N ALA G 257 55.25 17.32 -15.53
CA ALA G 257 56.27 17.58 -14.53
C ALA G 257 55.66 17.79 -13.14
N LEU G 258 54.62 18.62 -13.06
CA LEU G 258 53.95 18.85 -11.79
C LEU G 258 53.29 17.58 -11.28
N ALA G 259 52.67 16.81 -12.19
CA ALA G 259 52.04 15.56 -11.78
C ALA G 259 53.06 14.57 -11.24
N THR G 260 54.21 14.46 -11.90
CA THR G 260 55.26 13.56 -11.44
C THR G 260 55.82 13.99 -10.10
N LEU G 261 56.01 15.31 -9.91
CA LEU G 261 56.48 15.79 -8.61
C LEU G 261 55.47 15.49 -7.51
N VAL G 262 54.18 15.67 -7.79
CA VAL G 262 53.14 15.37 -6.81
C VAL G 262 53.14 13.89 -6.47
N VAL G 263 53.25 13.03 -7.49
CA VAL G 263 53.26 11.59 -7.26
C VAL G 263 54.49 11.19 -6.45
N ASN G 264 55.64 11.79 -6.75
CA ASN G 264 56.86 11.49 -5.99
C ASN G 264 56.73 11.91 -4.54
N ASN G 265 56.15 13.09 -4.29
CA ASN G 265 55.95 13.53 -2.92
C ASN G 265 54.99 12.63 -2.17
N LEU G 266 53.90 12.22 -2.82
CA LEU G 266 52.95 11.32 -2.17
C LEU G 266 53.56 9.95 -1.90
N ARG G 267 54.34 9.42 -2.84
CA ARG G 267 54.94 8.10 -2.70
C ARG G 267 56.17 8.11 -1.81
N GLY G 268 56.68 9.28 -1.45
CA GLY G 268 57.92 9.36 -0.70
C GLY G 268 59.16 9.11 -1.52
N ILE G 269 59.05 9.13 -2.84
CA ILE G 269 60.21 8.89 -3.70
C ILE G 269 61.25 9.98 -3.50
N LEU G 270 60.83 11.24 -3.48
CA LEU G 270 61.72 12.37 -3.29
C LEU G 270 60.96 13.52 -2.67
N LYS G 271 61.59 14.21 -1.72
CA LYS G 271 60.99 15.34 -1.06
C LYS G 271 61.17 16.58 -1.93
N THR G 272 60.10 17.00 -2.60
CA THR G 272 60.15 18.08 -3.57
C THR G 272 59.10 19.13 -3.26
N CYS G 273 59.38 20.36 -3.66
CA CYS G 273 58.43 21.45 -3.56
C CYS G 273 58.73 22.46 -4.66
N ALA G 274 57.69 22.93 -5.33
CA ALA G 274 57.84 23.85 -6.45
C ALA G 274 56.97 25.08 -6.23
N VAL G 275 57.58 26.25 -6.38
CA VAL G 275 56.88 27.52 -6.23
C VAL G 275 57.24 28.41 -7.41
N LYS G 276 56.34 29.34 -7.73
CA LYS G 276 56.61 30.31 -8.78
C LYS G 276 57.69 31.28 -8.32
N ALA G 277 58.54 31.70 -9.25
CA ALA G 277 59.55 32.70 -8.92
C ALA G 277 58.88 34.04 -8.63
N PRO G 278 59.37 34.77 -7.62
CA PRO G 278 58.72 36.03 -7.24
C PRO G 278 58.93 37.11 -8.28
N GLY G 279 57.97 38.03 -8.34
CA GLY G 279 58.04 39.15 -9.26
C GLY G 279 57.64 38.80 -10.67
N PHE G 280 57.67 39.82 -11.53
CA PHE G 280 57.34 39.65 -12.94
C PHE G 280 58.07 40.71 -13.74
N GLY G 281 58.16 40.50 -15.05
CA GLY G 281 58.91 41.41 -15.88
C GLY G 281 60.39 41.30 -15.63
N ASP G 282 61.08 42.45 -15.72
CA ASP G 282 62.50 42.50 -15.42
C ASP G 282 62.80 42.22 -13.96
N ARG G 283 61.83 42.40 -13.06
CA ARG G 283 62.06 42.11 -11.65
C ARG G 283 62.26 40.62 -11.42
N ARG G 284 61.79 39.78 -12.35
CA ARG G 284 61.91 38.34 -12.21
C ARG G 284 63.36 37.91 -12.16
N LYS G 285 64.17 38.41 -13.10
CA LYS G 285 65.58 38.06 -13.14
C LYS G 285 66.32 38.57 -11.90
N ALA G 286 65.99 39.77 -11.44
CA ALA G 286 66.62 40.30 -10.24
C ALA G 286 66.28 39.43 -9.02
N MET G 287 65.01 39.04 -8.89
CA MET G 287 64.62 38.18 -7.79
C MET G 287 65.36 36.86 -7.84
N LEU G 288 65.43 36.24 -9.01
CA LEU G 288 66.10 34.95 -9.14
C LEU G 288 67.59 35.08 -8.83
N GLN G 289 68.23 36.14 -9.30
CA GLN G 289 69.65 36.34 -9.03
C GLN G 289 69.91 36.55 -7.55
N ASP G 290 69.08 37.37 -6.90
CA ASP G 290 69.25 37.60 -5.46
C ASP G 290 69.06 36.30 -4.68
N ILE G 291 68.05 35.51 -5.04
CA ILE G 291 67.81 34.26 -4.35
C ILE G 291 68.97 33.30 -4.56
N ALA G 292 69.50 33.23 -5.78
CA ALA G 292 70.62 32.35 -6.07
C ALA G 292 71.86 32.75 -5.28
N ILE G 293 72.17 34.05 -5.23
CA ILE G 293 73.35 34.49 -4.51
C ILE G 293 73.16 34.31 -3.01
N LEU G 294 71.91 34.38 -2.54
CA LEU G 294 71.65 34.13 -1.12
C LEU G 294 71.81 32.66 -0.78
N THR G 295 71.38 31.77 -1.66
CA THR G 295 71.49 30.33 -1.45
C THR G 295 72.77 29.74 -2.01
N GLY G 296 73.62 30.58 -2.61
CA GLY G 296 74.88 30.09 -3.17
C GLY G 296 74.76 29.40 -4.50
N GLY G 297 73.57 29.38 -5.11
CA GLY G 297 73.36 28.74 -6.38
C GLY G 297 73.51 29.69 -7.55
N THR G 298 73.21 29.15 -8.74
CA THR G 298 73.26 29.92 -9.97
C THR G 298 71.96 29.72 -10.73
N VAL G 299 71.45 30.80 -11.34
CA VAL G 299 70.20 30.73 -12.08
C VAL G 299 70.43 30.01 -13.40
N ILE G 300 69.60 29.02 -13.68
CA ILE G 300 69.68 28.29 -14.95
C ILE G 300 68.90 29.08 -16.00
N SER G 301 69.60 29.60 -17.00
CA SER G 301 68.95 30.42 -18.02
C SER G 301 69.76 30.35 -19.30
N GLU G 302 69.07 30.51 -20.43
CA GLU G 302 69.74 30.54 -21.72
C GLU G 302 70.60 31.79 -21.88
N GLU G 303 70.12 32.93 -21.38
CA GLU G 303 70.88 34.17 -21.48
C GLU G 303 72.19 34.12 -20.73
N VAL G 304 72.31 33.28 -19.71
CA VAL G 304 73.56 33.08 -19.00
C VAL G 304 74.27 31.81 -19.47
N GLY G 305 73.70 31.09 -20.42
CA GLY G 305 74.37 29.97 -21.04
C GLY G 305 74.34 28.67 -20.27
N LEU G 306 73.28 28.41 -19.51
CA LEU G 306 73.10 27.13 -18.84
C LEU G 306 71.74 26.53 -19.20
N SER G 307 71.69 25.19 -19.20
CA SER G 307 70.47 24.46 -19.52
C SER G 307 70.17 23.49 -18.40
N LEU G 308 68.88 23.31 -18.11
CA LEU G 308 68.47 22.42 -17.02
C LEU G 308 68.79 20.96 -17.31
N GLU G 309 68.95 20.59 -18.58
CA GLU G 309 69.26 19.21 -18.92
C GLU G 309 70.65 18.81 -18.43
N LYS G 310 71.58 19.76 -18.36
CA LYS G 310 72.94 19.47 -17.92
C LYS G 310 73.26 20.02 -16.54
N ALA G 311 72.29 20.57 -15.83
CA ALA G 311 72.56 21.17 -14.53
C ALA G 311 72.99 20.11 -13.53
N THR G 312 73.94 20.50 -12.66
CA THR G 312 74.48 19.61 -11.64
C THR G 312 74.16 20.17 -10.27
N LEU G 313 74.51 19.39 -9.24
CA LEU G 313 74.24 19.80 -7.87
C LEU G 313 75.04 21.04 -7.47
N GLU G 314 76.18 21.28 -8.11
CA GLU G 314 76.97 22.47 -7.81
C GLU G 314 76.24 23.76 -8.18
N ASP G 315 75.50 23.76 -9.29
CA ASP G 315 74.74 24.94 -9.68
C ASP G 315 73.59 25.22 -8.72
N LEU G 316 73.04 24.19 -8.09
CA LEU G 316 71.90 24.37 -7.22
C LEU G 316 72.29 25.05 -5.92
N GLY G 317 71.41 25.92 -5.43
CA GLY G 317 71.60 26.52 -4.12
C GLY G 317 71.13 25.60 -3.00
N GLN G 318 71.44 26.01 -1.77
CA GLN G 318 71.07 25.22 -0.61
C GLN G 318 70.95 26.12 0.60
N ALA G 319 70.18 25.65 1.58
CA ALA G 319 69.93 26.41 2.80
C ALA G 319 69.56 25.43 3.91
N LYS G 320 69.60 25.92 5.16
CA LYS G 320 69.29 25.05 6.29
C LYS G 320 67.84 24.60 6.28
N ARG G 321 66.90 25.50 5.98
CA ARG G 321 65.48 25.16 6.00
C ARG G 321 64.73 26.13 5.10
N VAL G 322 63.70 25.62 4.44
CA VAL G 322 62.76 26.43 3.68
C VAL G 322 61.35 26.07 4.13
N GLU G 323 60.53 27.09 4.37
CA GLU G 323 59.13 26.91 4.75
C GLU G 323 58.26 27.47 3.65
N VAL G 324 57.35 26.65 3.14
CA VAL G 324 56.46 27.04 2.05
C VAL G 324 55.04 27.06 2.58
N ALA G 325 54.45 28.25 2.62
CA ALA G 325 53.07 28.43 3.06
C ALA G 325 52.17 28.64 1.84
N LYS G 326 50.88 28.85 2.12
CA LYS G 326 49.93 29.07 1.03
C LYS G 326 50.23 30.35 0.26
N GLU G 327 50.60 31.42 0.95
CA GLU G 327 50.81 32.72 0.31
C GLU G 327 52.26 33.13 0.18
N HIS G 328 53.16 32.61 1.01
CA HIS G 328 54.55 33.05 0.98
C HIS G 328 55.48 31.88 1.27
N THR G 329 56.71 32.03 0.81
CA THR G 329 57.78 31.05 1.04
C THR G 329 59.00 31.77 1.58
N THR G 330 59.63 31.18 2.61
CA THR G 330 60.78 31.78 3.24
C THR G 330 61.96 30.83 3.18
N ILE G 331 63.16 31.39 3.17
CA ILE G 331 64.41 30.62 3.11
C ILE G 331 65.22 30.95 4.35
N ILE G 332 65.71 29.93 5.04
CA ILE G 332 66.43 30.09 6.30
C ILE G 332 67.87 29.65 6.10
N ASP G 333 68.81 30.54 6.43
CA ASP G 333 70.24 30.22 6.46
C ASP G 333 70.74 29.74 5.10
N GLY G 334 70.67 30.66 4.14
CA GLY G 334 71.18 30.36 2.81
C GLY G 334 72.69 30.18 2.81
N ALA G 335 73.16 29.41 1.84
CA ALA G 335 74.58 29.07 1.75
C ALA G 335 75.45 30.22 1.27
N GLY G 336 74.88 31.31 0.77
CA GLY G 336 75.66 32.42 0.28
C GLY G 336 76.55 33.05 1.33
N ASP G 337 77.79 33.35 0.95
CA ASP G 337 78.71 33.97 1.89
C ASP G 337 78.26 35.39 2.23
N PRO G 338 78.44 35.84 3.47
CA PRO G 338 78.00 37.20 3.82
C PRO G 338 78.71 38.29 3.05
N ALA G 339 79.93 38.06 2.58
CA ALA G 339 80.65 39.10 1.85
C ALA G 339 79.96 39.43 0.53
N LYS G 340 79.64 38.41 -0.26
CA LYS G 340 78.95 38.64 -1.52
C LYS G 340 77.55 39.20 -1.30
N ILE G 341 76.87 38.76 -0.23
CA ILE G 341 75.56 39.28 0.07
C ILE G 341 75.62 40.76 0.38
N GLN G 342 76.60 41.17 1.19
CA GLN G 342 76.76 42.58 1.51
C GLN G 342 77.16 43.39 0.27
N ALA G 343 78.00 42.81 -0.59
CA ALA G 343 78.36 43.49 -1.84
C ALA G 343 77.15 43.71 -2.72
N ARG G 344 76.28 42.70 -2.85
CA ARG G 344 75.07 42.86 -3.63
C ARG G 344 74.11 43.85 -2.96
N VAL G 345 74.09 43.89 -1.63
CA VAL G 345 73.28 44.88 -0.93
C VAL G 345 73.74 46.29 -1.28
N LYS G 346 75.06 46.51 -1.27
CA LYS G 346 75.58 47.82 -1.67
C LYS G 346 75.27 48.11 -3.13
N GLU G 347 75.37 47.09 -4.00
CA GLU G 347 75.04 47.27 -5.41
C GLU G 347 73.59 47.72 -5.58
N ILE G 348 72.67 47.08 -4.88
CA ILE G 348 71.26 47.44 -5.00
C ILE G 348 71.01 48.81 -4.39
N ARG G 349 71.69 49.13 -3.29
CA ARG G 349 71.55 50.44 -2.68
C ARG G 349 72.06 51.56 -3.56
N VAL G 350 73.11 51.34 -4.33
CA VAL G 350 73.57 52.37 -5.26
C VAL G 350 72.75 52.37 -6.55
N GLN G 351 72.15 51.24 -6.92
CA GLN G 351 71.18 51.22 -8.01
C GLN G 351 69.89 51.93 -7.62
N ILE G 352 69.62 52.08 -6.33
CA ILE G 352 68.44 52.81 -5.88
C ILE G 352 68.45 54.22 -6.44
N GLU G 353 69.61 54.88 -6.43
CA GLU G 353 69.73 56.21 -7.02
C GLU G 353 69.57 56.20 -8.53
N GLU G 354 69.68 55.04 -9.18
CA GLU G 354 69.50 54.93 -10.62
C GLU G 354 68.05 54.72 -11.02
N ALA G 355 67.13 54.68 -10.06
CA ALA G 355 65.73 54.42 -10.35
C ALA G 355 65.15 55.52 -11.22
N THR G 356 64.41 55.13 -12.26
CA THR G 356 63.76 56.07 -13.16
C THR G 356 62.41 56.55 -12.64
N SER G 357 61.88 55.95 -11.58
CA SER G 357 60.57 56.31 -11.05
C SER G 357 60.52 55.96 -9.58
N ASP G 358 59.54 56.55 -8.88
CA ASP G 358 59.34 56.23 -7.48
C ASP G 358 58.96 54.76 -7.29
N TYR G 359 58.21 54.19 -8.24
CA TYR G 359 57.89 52.77 -8.17
C TYR G 359 59.14 51.91 -8.30
N ASP G 360 60.06 52.30 -9.18
CA ASP G 360 61.34 51.60 -9.29
C ASP G 360 62.13 51.71 -8.00
N ARG G 361 62.17 52.91 -7.41
CA ARG G 361 62.93 53.12 -6.19
C ARG G 361 62.36 52.31 -5.03
N GLU G 362 61.03 52.24 -4.93
CA GLU G 362 60.43 51.49 -3.84
C GLU G 362 60.64 49.98 -4.01
N LYS G 363 60.61 49.48 -5.24
CA LYS G 363 60.95 48.08 -5.46
C LYS G 363 62.41 47.78 -5.12
N LEU G 364 63.33 48.70 -5.49
CA LEU G 364 64.72 48.52 -5.11
C LEU G 364 64.91 48.54 -3.60
N GLN G 365 64.17 49.42 -2.92
CA GLN G 365 64.21 49.47 -1.46
C GLN G 365 63.66 48.18 -0.85
N GLU G 366 62.60 47.64 -1.44
CA GLU G 366 62.09 46.35 -0.99
C GLU G 366 63.14 45.26 -1.15
N ARG G 367 63.86 45.29 -2.28
CA ARG G 367 64.95 44.34 -2.47
C ARG G 367 66.00 44.48 -1.38
N VAL G 368 66.41 45.73 -1.10
CA VAL G 368 67.43 45.97 -0.07
C VAL G 368 66.96 45.45 1.28
N ALA G 369 65.74 45.79 1.66
CA ALA G 369 65.21 45.37 2.96
C ALA G 369 65.13 43.85 3.05
N LYS G 370 64.54 43.21 2.04
CA LYS G 370 64.36 41.76 2.09
C LYS G 370 65.69 41.02 2.07
N LEU G 371 66.71 41.61 1.48
CA LEU G 371 67.98 40.90 1.39
C LEU G 371 68.84 41.13 2.63
N ALA G 372 69.02 42.39 3.02
CA ALA G 372 69.88 42.72 4.14
C ALA G 372 69.24 42.40 5.49
N GLY G 373 67.91 42.36 5.55
CA GLY G 373 67.25 42.13 6.82
C GLY G 373 67.42 40.73 7.36
N GLY G 374 67.68 39.75 6.51
CA GLY G 374 67.83 38.40 7.00
C GLY G 374 66.50 37.84 7.51
N VAL G 375 66.63 36.78 8.31
CA VAL G 375 65.48 36.12 8.92
C VAL G 375 65.78 35.91 10.40
N ALA G 376 64.85 36.32 11.25
CA ALA G 376 64.96 36.04 12.67
C ALA G 376 64.41 34.66 12.96
N VAL G 377 65.21 33.84 13.65
CA VAL G 377 64.83 32.47 13.99
C VAL G 377 64.73 32.38 15.50
N ILE G 378 63.55 32.01 15.98
CA ILE G 378 63.31 31.86 17.42
C ILE G 378 63.50 30.39 17.79
N LYS G 379 64.48 30.13 18.65
CA LYS G 379 64.77 28.78 19.11
C LYS G 379 63.92 28.54 20.36
N VAL G 380 62.70 28.02 20.15
CA VAL G 380 61.80 27.77 21.25
C VAL G 380 62.35 26.66 22.13
N GLY G 381 62.55 26.97 23.41
CA GLY G 381 63.15 26.03 24.34
C GLY G 381 62.20 25.57 25.42
N ALA G 382 62.27 24.27 25.73
CA ALA G 382 61.44 23.68 26.76
C ALA G 382 62.02 22.34 27.15
N ALA G 383 61.40 21.70 28.15
CA ALA G 383 61.95 20.49 28.73
C ALA G 383 61.78 19.26 27.84
N THR G 384 60.62 19.07 27.23
CA THR G 384 60.32 17.82 26.55
C THR G 384 59.77 18.09 25.15
N GLU G 385 59.75 17.04 24.33
CA GLU G 385 59.18 17.12 22.99
C GLU G 385 57.68 17.41 23.04
N VAL G 386 56.98 16.82 23.99
CA VAL G 386 55.55 17.11 24.14
C VAL G 386 55.35 18.59 24.49
N GLU G 387 56.17 19.11 25.40
CA GLU G 387 56.13 20.53 25.71
C GLU G 387 56.66 21.37 24.55
N MET G 388 57.62 20.82 23.79
CA MET G 388 58.07 21.47 22.57
C MET G 388 56.91 21.74 21.62
N LYS G 389 56.07 20.73 21.39
CA LYS G 389 54.99 20.85 20.42
C LYS G 389 54.01 21.95 20.81
N GLU G 390 53.66 22.02 22.09
CA GLU G 390 52.72 23.04 22.56
C GLU G 390 53.37 24.43 22.55
N LYS G 391 54.61 24.52 23.02
CA LYS G 391 55.25 25.83 23.13
C LYS G 391 55.52 26.42 21.76
N LYS G 392 55.86 25.59 20.77
CA LYS G 392 56.07 26.12 19.42
C LYS G 392 54.78 26.72 18.85
N ALA G 393 53.66 26.03 19.03
CA ALA G 393 52.38 26.55 18.56
C ALA G 393 52.02 27.84 19.30
N ARG G 394 52.25 27.87 20.61
CA ARG G 394 51.95 29.08 21.38
C ARG G 394 52.80 30.25 20.92
N VAL G 395 54.09 30.00 20.67
CA VAL G 395 54.97 31.06 20.19
C VAL G 395 54.55 31.54 18.81
N GLU G 396 54.15 30.61 17.93
CA GLU G 396 53.71 31.01 16.61
C GLU G 396 52.44 31.86 16.68
N ASP G 397 51.49 31.47 17.52
CA ASP G 397 50.27 32.26 17.68
C ASP G 397 50.57 33.64 18.27
N ALA G 398 51.46 33.71 19.27
CA ALA G 398 51.84 34.99 19.82
C ALA G 398 52.53 35.87 18.79
N LEU G 399 53.39 35.27 17.96
CA LEU G 399 54.07 36.01 16.91
C LEU G 399 53.07 36.57 15.91
N HIS G 400 52.09 35.76 15.50
CA HIS G 400 51.06 36.25 14.58
C HIS G 400 50.26 37.38 15.19
N ALA G 401 49.87 37.23 16.47
CA ALA G 401 49.11 38.28 17.14
C ALA G 401 49.92 39.57 17.24
N THR G 402 51.19 39.46 17.60
CA THR G 402 52.05 40.64 17.70
C THR G 402 52.24 41.31 16.35
N ARG G 403 52.43 40.51 15.30
CA ARG G 403 52.55 41.07 13.95
C ARG G 403 51.27 41.82 13.56
N ALA G 404 50.11 41.24 13.86
CA ALA G 404 48.85 41.93 13.63
C ALA G 404 48.70 43.14 14.55
N ALA G 405 49.10 43.01 15.81
CA ALA G 405 48.93 44.10 16.77
C ALA G 405 49.84 45.29 16.46
N VAL G 406 51.09 45.03 16.09
CA VAL G 406 52.02 46.13 15.87
C VAL G 406 51.63 46.94 14.64
N GLU G 407 50.91 46.34 13.69
CA GLU G 407 50.53 47.05 12.48
C GLU G 407 49.41 48.05 12.73
N GLU G 408 48.40 47.66 13.51
CA GLU G 408 47.20 48.48 13.67
C GLU G 408 46.83 48.74 15.12
N GLY G 409 47.68 48.37 16.07
CA GLY G 409 47.39 48.61 17.48
C GLY G 409 46.50 47.53 18.06
N ILE G 410 46.26 47.65 19.36
CA ILE G 410 45.42 46.71 20.10
C ILE G 410 44.10 47.39 20.44
N VAL G 411 43.08 46.58 20.67
CA VAL G 411 41.75 47.08 20.99
C VAL G 411 41.10 46.14 22.00
N PRO G 412 40.27 46.70 22.91
CA PRO G 412 39.59 45.85 23.90
C PRO G 412 38.86 44.66 23.28
N GLY G 413 39.30 43.46 23.63
CA GLY G 413 38.77 42.25 23.04
C GLY G 413 37.48 41.78 23.67
N GLY G 414 37.06 40.56 23.31
CA GLY G 414 35.82 40.01 23.84
C GLY G 414 34.58 40.62 23.23
N GLY G 415 34.70 41.26 22.07
CA GLY G 415 33.56 41.86 21.42
C GLY G 415 33.21 43.26 21.87
N VAL G 416 33.87 43.78 22.90
CA VAL G 416 33.59 45.14 23.37
C VAL G 416 34.05 46.16 22.34
N ALA G 417 35.09 45.84 21.57
CA ALA G 417 35.62 46.79 20.60
C ALA G 417 34.57 47.19 19.57
N LEU G 418 33.83 46.22 19.05
CA LEU G 418 32.80 46.54 18.07
C LEU G 418 31.69 47.38 18.68
N LEU G 419 31.32 47.12 19.93
CA LEU G 419 30.31 47.95 20.58
C LEU G 419 30.80 49.39 20.75
N ARG G 420 32.05 49.57 21.19
CA ARG G 420 32.56 50.93 21.34
C ARG G 420 32.62 51.64 20.00
N ALA G 421 33.08 50.94 18.96
CA ALA G 421 33.13 51.54 17.63
C ALA G 421 31.74 51.91 17.14
N ARG G 422 30.76 51.03 17.36
CA ARG G 422 29.39 51.30 16.95
C ARG G 422 28.82 52.53 17.65
N GLU G 423 29.03 52.61 18.98
CA GLU G 423 28.54 53.76 19.72
C GLU G 423 29.20 55.05 19.26
N ALA G 424 30.52 55.01 19.03
CA ALA G 424 31.22 56.20 18.58
C ALA G 424 30.75 56.62 17.19
N ALA G 425 30.54 55.65 16.28
CA ALA G 425 30.06 55.98 14.95
C ALA G 425 28.65 56.54 14.97
N VAL G 426 27.76 55.98 15.79
CA VAL G 426 26.40 56.49 15.90
C VAL G 426 26.42 57.91 16.46
N ALA G 427 27.25 58.14 17.49
CA ALA G 427 27.36 59.49 18.03
C ALA G 427 27.94 60.47 17.01
N LYS G 428 28.84 60.00 16.15
CA LYS G 428 29.37 60.85 15.08
C LYS G 428 28.27 61.28 14.12
N GLY G 429 27.24 60.45 13.96
CA GLY G 429 26.20 60.72 13.00
C GLY G 429 26.30 59.84 11.78
N LEU G 430 25.48 58.78 11.75
CA LEU G 430 25.46 57.83 10.65
C LEU G 430 24.03 57.71 10.14
N LYS G 431 23.86 57.91 8.83
CA LYS G 431 22.53 57.94 8.24
C LYS G 431 22.60 57.38 6.82
N GLY G 432 21.45 56.93 6.34
CA GLY G 432 21.32 56.42 4.99
C GLY G 432 20.47 57.34 4.13
N ASP G 433 20.77 57.35 2.83
CA ASP G 433 20.03 58.18 1.89
C ASP G 433 18.64 57.66 1.60
N ASN G 434 18.33 56.42 1.98
CA ASN G 434 17.05 55.80 1.75
C ASN G 434 16.62 55.10 3.03
N PRO G 435 15.31 54.84 3.20
CA PRO G 435 14.89 53.97 4.30
C PRO G 435 15.49 52.57 4.20
N ASP G 436 15.70 52.08 2.97
CA ASP G 436 16.39 50.81 2.81
C ASP G 436 17.83 50.90 3.28
N GLN G 437 18.51 52.00 2.97
CA GLN G 437 19.86 52.20 3.51
C GLN G 437 19.84 52.34 5.02
N GLU G 438 18.77 52.93 5.58
CA GLU G 438 18.64 53.01 7.02
C GLU G 438 18.51 51.62 7.64
N ALA G 439 17.73 50.75 7.00
CA ALA G 439 17.62 49.38 7.49
C ALA G 439 18.95 48.64 7.35
N GLY G 440 19.69 48.92 6.27
CA GLY G 440 21.02 48.36 6.13
C GLY G 440 21.96 48.79 7.25
N ILE G 441 21.87 50.06 7.63
CA ILE G 441 22.64 50.55 8.77
C ILE G 441 22.24 49.82 10.05
N LYS G 442 20.93 49.70 10.27
CA LYS G 442 20.43 49.01 11.46
C LYS G 442 20.89 47.57 11.51
N ILE G 443 20.99 46.92 10.35
CA ILE G 443 21.43 45.52 10.30
C ILE G 443 22.81 45.38 10.90
N VAL G 444 23.74 46.22 10.46
CA VAL G 444 25.11 46.16 10.98
C VAL G 444 25.15 46.57 12.44
N LEU G 445 24.38 47.61 12.80
CA LEU G 445 24.39 48.08 14.18
C LEU G 445 23.92 46.99 15.14
N ARG G 446 22.95 46.18 14.71
CA ARG G 446 22.51 45.06 15.54
C ARG G 446 23.48 43.89 15.47
N ALA G 447 24.12 43.67 14.33
CA ALA G 447 24.94 42.48 14.16
C ALA G 447 26.29 42.59 14.85
N VAL G 448 26.83 43.80 14.97
CA VAL G 448 28.19 43.96 15.52
C VAL G 448 28.23 43.61 17.00
N GLU G 449 27.06 43.44 17.63
CA GLU G 449 27.03 43.01 19.03
C GLU G 449 26.91 41.51 19.18
N GLN G 450 26.78 40.77 18.08
CA GLN G 450 26.64 39.32 18.12
C GLN G 450 27.84 38.61 18.73
N PRO G 451 29.09 39.00 18.43
CA PRO G 451 30.23 38.32 19.08
C PRO G 451 30.18 38.37 20.60
N LEU G 452 29.91 39.55 21.18
CA LEU G 452 29.81 39.63 22.63
C LEU G 452 28.62 38.83 23.15
N ARG G 453 27.49 38.89 22.44
CA ARG G 453 26.32 38.14 22.89
C ARG G 453 26.60 36.65 22.93
N GLU G 454 27.28 36.11 21.91
CA GLU G 454 27.59 34.70 21.91
C GLU G 454 28.70 34.32 22.88
N ILE G 455 29.69 35.18 23.09
CA ILE G 455 30.68 34.93 24.13
C ILE G 455 30.00 34.81 25.48
N VAL G 456 29.08 35.73 25.77
CA VAL G 456 28.35 35.68 27.03
C VAL G 456 27.47 34.44 27.11
N ALA G 457 26.78 34.10 26.02
CA ALA G 457 25.91 32.93 26.02
C ALA G 457 26.69 31.64 26.26
N ASN G 458 27.86 31.51 25.62
CA ASN G 458 28.72 30.36 25.91
C ASN G 458 29.22 30.40 27.34
N ALA G 459 29.49 31.60 27.86
CA ALA G 459 29.88 31.72 29.27
C ALA G 459 28.74 31.36 30.21
N GLY G 460 27.51 31.31 29.72
CA GLY G 460 26.37 30.91 30.53
C GLY G 460 25.50 32.03 31.04
N GLU G 461 25.97 33.27 30.99
CA GLU G 461 25.18 34.39 31.48
C GLU G 461 24.11 34.77 30.45
N GLU G 462 23.25 35.70 30.84
CA GLU G 462 22.21 36.18 29.94
C GLU G 462 22.79 37.26 29.03
N PRO G 463 22.72 37.09 27.70
CA PRO G 463 23.41 38.04 26.81
C PRO G 463 22.91 39.47 26.90
N SER G 464 21.59 39.68 27.01
CA SER G 464 21.04 41.02 26.87
C SER G 464 21.46 41.93 28.01
N VAL G 465 21.39 41.44 29.25
CA VAL G 465 21.75 42.27 30.39
C VAL G 465 23.23 42.61 30.36
N ILE G 466 24.08 41.65 30.00
CA ILE G 466 25.51 41.90 29.93
C ILE G 466 25.83 42.93 28.84
N VAL G 467 25.19 42.80 27.68
CA VAL G 467 25.40 43.76 26.60
C VAL G 467 24.95 45.15 27.03
N ALA G 468 23.80 45.24 27.70
CA ALA G 468 23.32 46.54 28.17
C ALA G 468 24.29 47.16 29.17
N LYS G 469 24.80 46.34 30.10
CA LYS G 469 25.75 46.85 31.09
C LYS G 469 27.04 47.31 30.44
N VAL G 470 27.51 46.56 29.43
CA VAL G 470 28.72 46.96 28.70
C VAL G 470 28.48 48.29 27.99
N LEU G 471 27.31 48.43 27.36
CA LEU G 471 26.98 49.68 26.68
C LEU G 471 26.86 50.84 27.64
N GLU G 472 26.40 50.61 28.87
CA GLU G 472 26.34 51.67 29.86
C GLU G 472 27.73 52.17 30.27
N GLY G 473 28.75 51.32 30.16
CA GLY G 473 30.11 51.75 30.43
C GLY G 473 30.73 52.45 29.23
N LYS G 474 31.88 53.06 29.47
CA LYS G 474 32.58 53.81 28.44
C LYS G 474 34.05 53.42 28.41
N GLY G 475 34.68 53.65 27.26
CA GLY G 475 36.09 53.34 27.14
C GLY G 475 36.34 51.85 27.06
N ASN G 476 37.39 51.41 27.75
CA ASN G 476 37.77 50.00 27.74
C ASN G 476 36.90 49.14 28.64
N TYR G 477 35.96 49.73 29.38
CA TYR G 477 35.08 48.97 30.25
C TYR G 477 34.31 47.93 29.45
N GLY G 478 34.25 46.70 29.97
CA GLY G 478 33.59 45.62 29.28
C GLY G 478 33.41 44.42 30.19
N TYR G 479 33.00 43.31 29.58
CA TYR G 479 32.75 42.07 30.31
C TYR G 479 33.84 41.06 30.02
N ASN G 480 34.34 40.41 31.06
CA ASN G 480 35.39 39.40 30.95
C ASN G 480 34.75 38.05 31.23
N ALA G 481 34.52 37.28 30.16
CA ALA G 481 33.86 35.99 30.30
C ALA G 481 34.69 34.97 31.07
N ALA G 482 36.02 35.17 31.12
CA ALA G 482 36.87 34.23 31.83
C ALA G 482 36.56 34.21 33.32
N THR G 483 36.33 35.37 33.92
CA THR G 483 36.04 35.47 35.35
C THR G 483 34.65 35.99 35.66
N GLY G 484 33.92 36.52 34.68
CA GLY G 484 32.60 37.05 34.91
C GLY G 484 32.56 38.44 35.49
N GLU G 485 33.69 39.13 35.57
CA GLU G 485 33.76 40.46 36.16
C GLU G 485 33.68 41.55 35.09
N PHE G 486 33.33 42.75 35.54
CA PHE G 486 33.27 43.93 34.69
C PHE G 486 34.41 44.88 35.03
N GLY G 487 35.11 45.34 34.00
CA GLY G 487 36.19 46.28 34.23
C GLY G 487 36.92 46.58 32.93
N ASP G 488 38.05 47.27 33.07
CA ASP G 488 38.88 47.60 31.92
C ASP G 488 39.39 46.32 31.28
N MET G 489 38.95 46.05 30.05
CA MET G 489 39.33 44.81 29.37
C MET G 489 40.84 44.77 29.10
N ILE G 490 41.45 45.92 28.81
CA ILE G 490 42.89 45.95 28.58
C ILE G 490 43.65 45.61 29.85
N GLU G 491 43.16 46.07 31.00
CA GLU G 491 43.86 45.84 32.26
C GLU G 491 43.86 44.37 32.65
N MET G 492 42.82 43.62 32.30
CA MET G 492 42.84 42.18 32.54
C MET G 492 43.55 41.40 31.45
N GLY G 493 44.12 42.08 30.46
CA GLY G 493 44.82 41.38 29.40
C GLY G 493 43.93 40.54 28.50
N VAL G 494 42.77 41.07 28.14
CA VAL G 494 41.90 40.46 27.14
C VAL G 494 41.89 41.37 25.94
N LEU G 495 42.67 41.02 24.91
CA LEU G 495 42.91 41.91 23.79
C LEU G 495 42.70 41.17 22.47
N ASP G 496 42.33 41.93 21.45
CA ASP G 496 42.32 41.50 20.08
C ASP G 496 43.01 42.54 19.22
N PRO G 497 43.88 42.14 18.30
CA PRO G 497 44.49 43.12 17.39
C PRO G 497 43.42 43.79 16.54
N THR G 498 43.60 45.08 16.29
CA THR G 498 42.62 45.82 15.50
C THR G 498 42.46 45.22 14.11
N LYS G 499 43.54 44.67 13.55
CA LYS G 499 43.45 44.01 12.25
C LYS G 499 42.48 42.85 12.29
N VAL G 500 42.48 42.06 13.37
CA VAL G 500 41.61 40.89 13.45
C VAL G 500 40.15 41.30 13.39
N THR G 501 39.75 42.25 14.25
CA THR G 501 38.35 42.67 14.28
C THR G 501 37.96 43.37 12.98
N ARG G 502 38.82 44.26 12.46
CA ARG G 502 38.50 44.97 11.24
C ARG G 502 38.31 44.00 10.08
N SER G 503 39.24 43.05 9.91
CA SER G 503 39.14 42.10 8.82
C SER G 503 37.92 41.20 8.98
N ALA G 504 37.64 40.75 10.21
CA ALA G 504 36.47 39.91 10.42
C ALA G 504 35.20 40.65 10.04
N LEU G 505 35.06 41.90 10.48
CA LEU G 505 33.86 42.67 10.17
C LEU G 505 33.74 42.91 8.67
N GLN G 506 34.84 43.29 8.02
CA GLN G 506 34.77 43.59 6.60
C GLN G 506 34.46 42.35 5.76
N ASN G 507 35.09 41.22 6.07
CA ASN G 507 34.82 40.01 5.30
C ASN G 507 33.41 39.49 5.56
N ALA G 508 32.93 39.59 6.81
CA ALA G 508 31.55 39.22 7.09
C ALA G 508 30.59 40.11 6.31
N ALA G 509 30.87 41.41 6.24
CA ALA G 509 30.02 42.31 5.47
C ALA G 509 30.03 41.95 4.00
N SER G 510 31.20 41.62 3.45
CA SER G 510 31.29 41.27 2.04
C SER G 510 30.48 40.02 1.73
N VAL G 511 30.68 38.96 2.52
CA VAL G 511 29.96 37.72 2.25
C VAL G 511 28.47 37.90 2.49
N ALA G 512 28.08 38.71 3.48
CA ALA G 512 26.68 38.97 3.71
C ALA G 512 26.05 39.72 2.54
N GLY G 513 26.77 40.70 1.98
CA GLY G 513 26.28 41.38 0.80
C GLY G 513 26.13 40.43 -0.37
N LEU G 514 27.09 39.54 -0.57
CA LEU G 514 27.00 38.58 -1.67
C LEU G 514 25.80 37.66 -1.51
N MET G 515 25.54 37.20 -0.28
CA MET G 515 24.41 36.30 -0.08
C MET G 515 23.08 37.03 0.13
N LEU G 516 23.10 38.36 0.22
CA LEU G 516 21.85 39.12 0.22
C LEU G 516 21.44 39.52 -1.19
N THR G 517 22.40 39.92 -2.02
CA THR G 517 22.12 40.28 -3.40
C THR G 517 22.16 39.10 -4.35
N THR G 518 21.96 37.88 -3.84
CA THR G 518 21.98 36.69 -4.68
C THR G 518 20.55 36.35 -5.08
N GLU G 519 20.33 36.17 -6.39
CA GLU G 519 19.01 35.86 -6.91
C GLU G 519 18.95 34.52 -7.62
N CYS G 520 20.08 33.97 -8.06
CA CYS G 520 20.09 32.70 -8.76
C CYS G 520 21.13 31.79 -8.12
N MET G 521 20.91 30.49 -8.27
CA MET G 521 21.69 29.47 -7.58
C MET G 521 21.73 28.22 -8.45
N ILE G 522 22.92 27.89 -8.97
CA ILE G 522 23.08 26.82 -9.94
C ILE G 522 24.00 25.77 -9.34
N ALA G 523 23.48 24.54 -9.23
CA ALA G 523 24.24 23.44 -8.65
C ALA G 523 23.94 22.16 -9.43
N GLU G 524 24.81 21.17 -9.23
CA GLU G 524 24.64 19.88 -9.89
C GLU G 524 23.35 19.21 -9.42
N ALA G 525 22.57 18.70 -10.36
CA ALA G 525 21.35 18.01 -10.02
C ALA G 525 21.66 16.64 -9.42
N PRO G 526 20.79 16.13 -8.53
CA PRO G 526 20.97 14.81 -7.92
C PRO G 526 21.11 13.69 -8.95
N ALA H 1 -17.56 3.73 31.60
CA ALA H 1 -16.82 3.54 30.36
C ALA H 1 -15.35 3.28 30.65
N ALA H 2 -14.65 2.71 29.68
CA ALA H 2 -13.25 2.30 29.86
C ALA H 2 -12.38 3.49 30.24
N LYS H 3 -11.48 3.27 31.19
CA LYS H 3 -10.55 4.28 31.65
C LYS H 3 -9.16 4.05 31.05
N GLU H 4 -8.43 5.15 30.90
CA GLU H 4 -7.04 5.11 30.47
C GLU H 4 -6.17 5.75 31.54
N VAL H 5 -5.09 5.07 31.91
CA VAL H 5 -4.26 5.47 33.05
C VAL H 5 -2.86 5.77 32.56
N LYS H 6 -2.30 6.89 33.01
CA LYS H 6 -0.94 7.30 32.70
C LYS H 6 -0.19 7.55 34.00
N PHE H 7 1.07 7.14 34.04
CA PHE H 7 1.87 7.20 35.26
C PHE H 7 3.09 8.09 35.06
N HIS H 8 3.55 8.65 36.17
CA HIS H 8 4.84 9.34 36.24
C HIS H 8 5.00 10.43 35.19
N ASP H 9 6.16 10.45 34.54
CA ASP H 9 6.44 11.47 33.53
C ASP H 9 5.45 11.41 32.37
N SER H 10 4.98 10.22 32.00
CA SER H 10 4.05 10.11 30.89
C SER H 10 2.73 10.83 31.15
N ALA H 11 2.45 11.18 32.41
CA ALA H 11 1.25 11.92 32.77
C ALA H 11 1.59 13.35 33.15
N ARG H 12 2.73 13.54 33.84
CA ARG H 12 3.15 14.89 34.19
C ARG H 12 3.40 15.73 32.94
N GLU H 13 3.95 15.12 31.89
CA GLU H 13 4.18 15.86 30.66
C GLU H 13 2.88 16.24 29.97
N ARG H 14 1.83 15.44 30.08
CA ARG H 14 0.54 15.83 29.53
C ARG H 14 -0.06 16.98 30.33
N LEU H 15 0.04 16.91 31.66
CA LEU H 15 -0.38 18.04 32.50
C LEU H 15 0.35 19.32 32.09
N VAL H 16 1.67 19.20 31.87
CA VAL H 16 2.47 20.36 31.52
C VAL H 16 2.10 20.88 30.15
N ALA H 17 1.85 19.99 29.19
CA ALA H 17 1.39 20.45 27.88
C ALA H 17 0.09 21.22 27.99
N GLY H 18 -0.86 20.70 28.76
CA GLY H 18 -2.12 21.40 28.95
C GLY H 18 -1.97 22.77 29.58
N VAL H 19 -1.22 22.85 30.69
CA VAL H 19 -1.08 24.13 31.36
C VAL H 19 -0.28 25.10 30.50
N ASN H 20 0.73 24.62 29.79
CA ASN H 20 1.53 25.47 28.92
C ASN H 20 0.69 26.03 27.79
N LEU H 21 -0.18 25.20 27.20
CA LEU H 21 -0.99 25.69 26.09
C LEU H 21 -2.09 26.62 26.58
N LEU H 22 -2.60 26.42 27.79
CA LEU H 22 -3.54 27.40 28.35
C LEU H 22 -2.85 28.73 28.63
N ALA H 23 -1.68 28.68 29.26
CA ALA H 23 -0.98 29.90 29.66
C ALA H 23 -0.43 30.66 28.47
N ASN H 24 0.01 29.96 27.42
CA ASN H 24 0.50 30.65 26.23
C ASN H 24 -0.59 31.47 25.57
N ALA H 25 -1.85 31.06 25.68
CA ALA H 25 -2.96 31.86 25.19
C ALA H 25 -3.32 32.96 26.16
N VAL H 26 -3.33 32.66 27.46
CA VAL H 26 -3.77 33.64 28.45
C VAL H 26 -2.78 34.80 28.56
N LYS H 27 -1.48 34.49 28.59
CA LYS H 27 -0.45 35.48 28.87
C LYS H 27 -0.31 36.55 27.80
N THR H 28 -0.81 36.29 26.58
CA THR H 28 -0.74 37.31 25.54
C THR H 28 -1.60 38.52 25.87
N THR H 29 -2.57 38.36 26.77
CA THR H 29 -3.45 39.44 27.19
C THR H 29 -3.05 40.07 28.52
N LEU H 30 -1.78 39.98 28.89
CA LEU H 30 -1.29 40.47 30.17
C LEU H 30 -0.50 41.74 29.96
N GLY H 31 -0.74 42.74 30.80
CA GLY H 31 -0.04 44.00 30.72
C GLY H 31 -0.84 45.08 30.02
N PRO H 32 -0.44 46.34 30.20
CA PRO H 32 -1.14 47.44 29.52
C PRO H 32 -1.12 47.31 28.01
N LYS H 33 -0.06 46.72 27.44
CA LYS H 33 0.05 46.52 26.01
C LYS H 33 -0.21 45.08 25.61
N GLY H 34 -1.16 44.43 26.30
CA GLY H 34 -1.47 43.05 25.98
C GLY H 34 -2.03 42.91 24.57
N ARG H 35 -1.63 41.83 23.90
CA ARG H 35 -2.06 41.60 22.53
C ARG H 35 -3.52 41.16 22.49
N ASN H 36 -4.04 41.06 21.27
CA ASN H 36 -5.41 40.62 21.08
C ASN H 36 -5.48 39.10 20.90
N VAL H 37 -6.62 38.53 21.26
CA VAL H 37 -6.90 37.12 21.07
C VAL H 37 -8.24 37.00 20.37
N VAL H 38 -8.27 36.25 19.26
CA VAL H 38 -9.47 36.09 18.45
C VAL H 38 -10.11 34.76 18.82
N ILE H 39 -11.38 34.81 19.22
CA ILE H 39 -12.11 33.64 19.69
C ILE H 39 -13.32 33.42 18.78
N GLU H 40 -13.53 32.18 18.37
CA GLU H 40 -14.64 31.89 17.47
C GLU H 40 -15.97 31.96 18.20
N ARG H 41 -16.95 32.55 17.54
CA ARG H 41 -18.34 32.55 17.98
C ARG H 41 -19.12 31.60 17.07
N SER H 42 -20.13 30.93 17.63
CA SER H 42 -20.88 29.95 16.87
C SER H 42 -21.46 30.54 15.60
N PHE H 43 -21.99 31.76 15.68
CA PHE H 43 -22.49 32.49 14.52
C PHE H 43 -22.08 33.95 14.62
N GLY H 44 -21.94 34.58 13.46
CA GLY H 44 -21.53 35.97 13.43
C GLY H 44 -20.02 36.13 13.41
N ALA H 45 -19.59 37.39 13.56
CA ALA H 45 -18.18 37.73 13.50
C ALA H 45 -17.43 37.24 14.74
N PRO H 46 -16.16 36.87 14.59
CA PRO H 46 -15.37 36.46 15.75
C PRO H 46 -15.23 37.58 16.77
N ILE H 47 -15.18 37.19 18.04
CA ILE H 47 -14.97 38.15 19.11
C ILE H 47 -13.48 38.26 19.41
N VAL H 48 -12.98 39.49 19.47
CA VAL H 48 -11.58 39.75 19.81
C VAL H 48 -11.54 40.33 21.22
N THR H 49 -10.67 39.77 22.05
CA THR H 49 -10.55 40.18 23.44
C THR H 49 -9.08 40.29 23.83
N LYS H 50 -8.80 41.14 24.81
CA LYS H 50 -7.46 41.31 25.35
C LYS H 50 -7.49 41.22 26.87
N ASP H 51 -8.37 40.36 27.39
CA ASP H 51 -8.47 40.09 28.81
C ASP H 51 -8.33 38.59 29.04
N GLY H 52 -7.64 38.22 30.12
CA GLY H 52 -7.38 36.82 30.38
C GLY H 52 -8.60 36.02 30.79
N VAL H 53 -9.60 36.66 31.39
CA VAL H 53 -10.75 35.94 31.91
C VAL H 53 -11.50 35.26 30.76
N THR H 54 -11.76 36.01 29.68
CA THR H 54 -12.51 35.45 28.57
C THR H 54 -11.69 34.43 27.79
N VAL H 55 -10.41 34.68 27.60
CA VAL H 55 -9.56 33.75 26.85
C VAL H 55 -9.44 32.43 27.59
N ALA H 56 -9.24 32.48 28.90
CA ALA H 56 -9.12 31.26 29.68
C ALA H 56 -10.42 30.47 29.67
N LYS H 57 -11.56 31.16 29.78
CA LYS H 57 -12.85 30.47 29.87
C LYS H 57 -13.14 29.66 28.62
N GLU H 58 -12.61 30.08 27.47
CA GLU H 58 -12.89 29.41 26.22
C GLU H 58 -11.97 28.22 25.93
N ILE H 59 -10.92 28.05 26.73
CA ILE H 59 -9.91 27.04 26.43
C ILE H 59 -10.38 25.68 26.92
N GLU H 60 -10.59 24.75 25.98
CA GLU H 60 -10.92 23.36 26.28
C GLU H 60 -10.20 22.49 25.27
N LEU H 61 -9.11 21.85 25.69
CA LEU H 61 -8.28 21.10 24.77
C LEU H 61 -8.96 19.81 24.31
N LYS H 62 -8.40 19.23 23.25
CA LYS H 62 -8.94 17.99 22.69
C LYS H 62 -8.50 16.78 23.50
N ASP H 63 -7.20 16.61 23.69
CA ASP H 63 -6.68 15.50 24.47
C ASP H 63 -7.14 15.65 25.93
N LYS H 64 -7.68 14.57 26.49
CA LYS H 64 -8.22 14.64 27.84
C LYS H 64 -7.14 14.89 28.87
N PHE H 65 -5.96 14.28 28.70
CA PHE H 65 -4.89 14.40 29.67
C PHE H 65 -4.28 15.79 29.71
N GLU H 66 -4.37 16.56 28.62
CA GLU H 66 -3.92 17.95 28.65
C GLU H 66 -5.01 18.86 29.20
N ASN H 67 -6.26 18.60 28.81
CA ASN H 67 -7.39 19.32 29.36
C ASN H 67 -7.44 19.14 30.88
N MET H 68 -6.85 18.05 31.37
CA MET H 68 -6.72 17.86 32.82
C MET H 68 -6.09 19.08 33.48
N GLY H 69 -4.82 19.34 33.18
CA GLY H 69 -4.14 20.49 33.75
C GLY H 69 -4.74 21.80 33.32
N ALA H 70 -5.24 21.87 32.09
CA ALA H 70 -5.87 23.11 31.62
C ALA H 70 -7.04 23.50 32.53
N GLN H 71 -7.92 22.56 32.82
CA GLN H 71 -9.08 22.86 33.65
C GLN H 71 -8.69 23.06 35.11
N MET H 72 -7.72 22.32 35.62
CA MET H 72 -7.33 22.53 37.02
C MET H 72 -6.72 23.93 37.23
N VAL H 73 -5.82 24.34 36.33
CA VAL H 73 -5.23 25.67 36.42
C VAL H 73 -6.29 26.74 36.19
N LYS H 74 -7.24 26.48 35.28
CA LYS H 74 -8.34 27.40 35.09
C LYS H 74 -9.19 27.55 36.34
N GLU H 75 -9.43 26.44 37.04
CA GLU H 75 -10.22 26.48 38.27
C GLU H 75 -9.51 27.29 39.35
N VAL H 76 -8.20 27.06 39.51
CA VAL H 76 -7.50 27.84 40.54
C VAL H 76 -7.42 29.31 40.15
N ALA H 77 -7.27 29.62 38.85
CA ALA H 77 -7.28 31.00 38.42
C ALA H 77 -8.63 31.66 38.67
N SER H 78 -9.72 30.93 38.43
CA SER H 78 -11.05 31.48 38.71
C SER H 78 -11.26 31.68 40.20
N LYS H 79 -10.73 30.78 41.02
CA LYS H 79 -10.78 30.97 42.47
C LYS H 79 -10.00 32.20 42.91
N THR H 80 -8.86 32.47 42.26
CA THR H 80 -8.17 33.73 42.50
C THR H 80 -9.02 34.93 42.09
N ALA H 81 -9.65 34.84 40.92
CA ALA H 81 -10.35 35.99 40.36
C ALA H 81 -11.59 36.35 41.16
N ASP H 82 -12.42 35.36 41.52
CA ASP H 82 -13.70 35.65 42.13
C ASP H 82 -13.56 36.25 43.52
N VAL H 83 -12.42 36.08 44.18
CA VAL H 83 -12.20 36.62 45.52
C VAL H 83 -11.43 37.93 45.51
N ALA H 84 -10.89 38.34 44.37
CA ALA H 84 -10.08 39.55 44.31
C ALA H 84 -10.51 40.46 43.17
N GLY H 85 -11.26 39.91 42.20
CA GLY H 85 -11.72 40.67 41.07
C GLY H 85 -10.72 40.82 39.94
N ASP H 86 -9.51 40.29 40.10
CA ASP H 86 -8.47 40.38 39.07
C ASP H 86 -7.35 39.43 39.44
N GLY H 87 -6.40 39.26 38.53
CA GLY H 87 -5.23 38.43 38.77
C GLY H 87 -5.31 37.03 38.21
N THR H 88 -6.45 36.63 37.64
CA THR H 88 -6.53 35.31 37.03
C THR H 88 -5.54 35.15 35.87
N THR H 89 -5.22 36.25 35.20
CA THR H 89 -4.14 36.21 34.22
C THR H 89 -2.79 36.02 34.89
N THR H 90 -2.56 36.74 36.00
CA THR H 90 -1.32 36.60 36.74
C THR H 90 -1.18 35.21 37.35
N ALA H 91 -2.28 34.68 37.89
CA ALA H 91 -2.22 33.37 38.54
C ALA H 91 -1.85 32.27 37.55
N THR H 92 -2.43 32.31 36.36
CA THR H 92 -2.11 31.31 35.35
C THR H 92 -0.65 31.40 34.92
N VAL H 93 -0.15 32.62 34.75
CA VAL H 93 1.24 32.81 34.34
C VAL H 93 2.19 32.30 35.43
N LEU H 94 1.90 32.63 36.69
CA LEU H 94 2.73 32.15 37.79
C LEU H 94 2.70 30.64 37.89
N ALA H 95 1.51 30.04 37.73
CA ALA H 95 1.42 28.58 37.76
C ALA H 95 2.22 27.95 36.63
N GLN H 96 2.14 28.51 35.43
CA GLN H 96 2.94 27.99 34.32
C GLN H 96 4.43 28.08 34.63
N ALA H 97 4.87 29.22 35.17
CA ALA H 97 6.29 29.38 35.49
C ALA H 97 6.74 28.37 36.53
N ILE H 98 5.97 28.23 37.61
CA ILE H 98 6.36 27.33 38.69
C ILE H 98 6.39 25.89 38.18
N VAL H 99 5.38 25.48 37.40
CA VAL H 99 5.33 24.11 36.93
C VAL H 99 6.44 23.83 35.92
N ARG H 100 6.69 24.77 35.03
CA ARG H 100 7.73 24.58 34.02
C ARG H 100 9.10 24.48 34.67
N GLU H 101 9.35 25.25 35.73
CA GLU H 101 10.62 25.12 36.44
C GLU H 101 10.66 23.84 37.26
N GLY H 102 9.54 23.47 37.88
CA GLY H 102 9.51 22.28 38.71
C GLY H 102 9.71 21.00 37.94
N MET H 103 9.23 20.95 36.69
CA MET H 103 9.44 19.77 35.88
C MET H 103 10.91 19.54 35.58
N LYS H 104 11.68 20.62 35.44
CA LYS H 104 13.12 20.47 35.21
C LYS H 104 13.78 19.74 36.38
N TYR H 105 13.39 20.08 37.60
CA TYR H 105 13.95 19.40 38.77
C TYR H 105 13.39 18.01 38.96
N VAL H 106 12.09 17.82 38.69
CA VAL H 106 11.50 16.50 38.86
C VAL H 106 12.13 15.51 37.89
N ALA H 107 12.38 15.94 36.64
CA ALA H 107 13.10 15.09 35.70
C ALA H 107 14.53 14.83 36.15
N ALA H 108 15.08 15.71 36.98
CA ALA H 108 16.43 15.51 37.49
C ALA H 108 16.49 14.53 38.66
N GLY H 109 15.43 13.74 38.87
CA GLY H 109 15.41 12.81 39.98
C GLY H 109 15.20 13.46 41.33
N MET H 110 14.85 14.74 41.34
CA MET H 110 14.76 15.50 42.57
C MET H 110 13.40 15.26 43.23
N ASN H 111 13.37 15.30 44.55
CA ASN H 111 12.24 14.77 45.30
C ASN H 111 11.01 15.68 45.18
N PRO H 112 9.89 15.20 44.64
CA PRO H 112 8.73 16.08 44.45
C PRO H 112 8.13 16.61 45.74
N MET H 113 8.02 15.78 46.78
CA MET H 113 7.42 16.24 48.02
C MET H 113 8.22 17.36 48.67
N ASP H 114 9.55 17.22 48.68
CA ASP H 114 10.40 18.28 49.18
C ASP H 114 10.37 19.52 48.30
N LEU H 115 10.21 19.35 46.98
CA LEU H 115 10.02 20.50 46.10
C LEU H 115 8.75 21.25 46.47
N LYS H 116 7.67 20.52 46.73
CA LYS H 116 6.41 21.15 47.12
C LYS H 116 6.57 21.89 48.44
N ARG H 117 7.25 21.26 49.41
CA ARG H 117 7.48 21.91 50.69
C ARG H 117 8.34 23.18 50.56
N GLY H 118 9.38 23.13 49.73
CA GLY H 118 10.18 24.33 49.51
C GLY H 118 9.39 25.43 48.82
N ILE H 119 8.55 25.05 47.85
CA ILE H 119 7.70 26.03 47.17
C ILE H 119 6.76 26.67 48.19
N ASP H 120 6.17 25.87 49.07
CA ASP H 120 5.29 26.41 50.09
C ASP H 120 6.04 27.35 51.04
N LYS H 121 7.25 26.98 51.43
CA LYS H 121 8.04 27.84 52.31
C LYS H 121 8.35 29.18 51.64
N ALA H 122 8.78 29.13 50.38
CA ALA H 122 9.10 30.36 49.66
C ALA H 122 7.86 31.24 49.48
N VAL H 123 6.73 30.62 49.16
CA VAL H 123 5.50 31.38 48.98
C VAL H 123 5.06 32.01 50.28
N THR H 124 5.18 31.26 51.39
CA THR H 124 4.84 31.83 52.69
C THR H 124 5.73 33.02 53.02
N ALA H 125 7.03 32.91 52.77
CA ALA H 125 7.94 34.02 53.03
C ALA H 125 7.62 35.22 52.16
N ILE H 126 7.35 35.01 50.87
CA ILE H 126 7.06 36.10 49.97
C ILE H 126 5.75 36.79 50.36
N VAL H 127 4.74 36.00 50.70
CA VAL H 127 3.46 36.56 51.14
C VAL H 127 3.64 37.36 52.41
N GLU H 128 4.42 36.84 53.36
CA GLU H 128 4.69 37.58 54.58
C GLU H 128 5.40 38.90 54.29
N GLU H 129 6.30 38.91 53.30
CA GLU H 129 6.94 40.16 52.91
C GLU H 129 5.98 41.11 52.22
N LEU H 130 5.00 40.59 51.49
CA LEU H 130 4.03 41.45 50.82
C LEU H 130 3.21 42.24 51.84
N LYS H 131 3.02 41.69 53.04
CA LYS H 131 2.30 42.41 54.08
C LYS H 131 3.07 43.63 54.58
N ALA H 132 4.36 43.71 54.29
CA ALA H 132 5.17 44.87 54.66
C ALA H 132 5.37 45.85 53.51
N ILE H 133 5.49 45.37 52.28
CA ILE H 133 5.63 46.27 51.14
C ILE H 133 4.32 47.01 50.87
N SER H 134 3.19 46.38 51.20
CA SER H 134 1.89 46.95 50.83
C SER H 134 1.62 48.26 51.56
N LYS H 135 1.24 49.27 50.80
CA LYS H 135 0.82 50.53 51.39
C LYS H 135 -0.66 50.45 51.77
N PRO H 136 -1.01 50.67 53.03
CA PRO H 136 -2.42 50.62 53.42
C PRO H 136 -3.20 51.78 52.84
N CYS H 137 -4.50 51.56 52.63
CA CYS H 137 -5.39 52.58 52.11
C CYS H 137 -6.69 52.53 52.90
N SER H 138 -6.84 53.45 53.85
CA SER H 138 -8.06 53.53 54.66
C SER H 138 -8.71 54.90 54.69
N THR H 139 -7.97 55.99 54.43
CA THR H 139 -8.57 57.31 54.39
C THR H 139 -9.50 57.43 53.19
N THR H 140 -10.51 58.30 53.33
CA THR H 140 -11.44 58.53 52.23
C THR H 140 -10.72 59.04 50.99
N LYS H 141 -9.72 59.90 51.19
CA LYS H 141 -8.91 60.36 50.05
C LYS H 141 -8.19 59.19 49.39
N GLU H 142 -7.61 58.29 50.20
CA GLU H 142 -6.93 57.13 49.63
C GLU H 142 -7.91 56.22 48.89
N ILE H 143 -9.11 56.01 49.46
CA ILE H 143 -10.11 55.19 48.80
C ILE H 143 -10.51 55.80 47.47
N ALA H 144 -10.74 57.11 47.44
CA ALA H 144 -11.09 57.78 46.19
C ALA H 144 -9.97 57.68 45.17
N GLN H 145 -8.72 57.83 45.62
CA GLN H 145 -7.58 57.73 44.70
C GLN H 145 -7.49 56.33 44.10
N VAL H 146 -7.65 55.30 44.93
CA VAL H 146 -7.60 53.93 44.43
C VAL H 146 -8.74 53.66 43.46
N GLY H 147 -9.94 54.14 43.78
CA GLY H 147 -11.07 53.95 42.88
C GLY H 147 -10.85 54.65 41.54
N THR H 148 -10.34 55.88 41.59
CA THR H 148 -10.07 56.61 40.35
C THR H 148 -9.01 55.90 39.51
N ILE H 149 -7.96 55.41 40.17
CA ILE H 149 -6.91 54.69 39.44
C ILE H 149 -7.46 53.42 38.81
N SER H 150 -8.27 52.68 39.55
CA SER H 150 -8.85 51.45 39.01
C SER H 150 -9.86 51.74 37.91
N ALA H 151 -10.48 52.91 37.92
CA ALA H 151 -11.48 53.27 36.92
C ALA H 151 -10.90 54.08 35.77
N ASN H 152 -9.60 53.98 35.52
CA ASN H 152 -8.93 54.68 34.42
C ASN H 152 -9.11 56.19 34.53
N ALA H 153 -8.63 56.74 35.65
CA ALA H 153 -8.57 58.18 35.89
C ALA H 153 -9.93 58.85 35.87
N ASP H 154 -11.00 58.13 36.22
CA ASP H 154 -12.33 58.73 36.30
C ASP H 154 -12.58 59.12 37.76
N SER H 155 -12.37 60.40 38.07
CA SER H 155 -12.47 60.87 39.44
C SER H 155 -13.87 60.76 40.01
N SER H 156 -14.91 60.87 39.17
CA SER H 156 -16.27 60.76 39.67
C SER H 156 -16.54 59.36 40.22
N ILE H 157 -16.06 58.33 39.53
CA ILE H 157 -16.24 56.97 40.01
C ILE H 157 -15.56 56.78 41.36
N GLY H 158 -14.33 57.28 41.50
CA GLY H 158 -13.63 57.16 42.78
C GLY H 158 -14.33 57.90 43.90
N GLU H 159 -14.82 59.10 43.61
CA GLU H 159 -15.54 59.87 44.61
C GLU H 159 -16.81 59.15 45.06
N ILE H 160 -17.55 58.59 44.09
CA ILE H 160 -18.76 57.86 44.43
C ILE H 160 -18.44 56.62 45.26
N ILE H 161 -17.37 55.91 44.89
CA ILE H 161 -16.98 54.72 45.65
C ILE H 161 -16.60 55.10 47.08
N ALA H 162 -15.85 56.20 47.23
CA ALA H 162 -15.47 56.65 48.57
C ALA H 162 -16.69 57.04 49.39
N GLN H 163 -17.63 57.77 48.78
CA GLN H 163 -18.83 58.18 49.49
C GLN H 163 -19.72 56.99 49.84
N ALA H 164 -19.70 55.92 49.04
CA ALA H 164 -20.45 54.74 49.39
C ALA H 164 -19.78 53.95 50.51
N MET H 165 -18.44 53.90 50.49
CA MET H 165 -17.71 53.10 51.46
C MET H 165 -17.68 53.77 52.84
N ASP H 166 -17.52 55.08 52.90
CA ASP H 166 -17.25 55.78 54.15
C ASP H 166 -18.48 55.92 55.04
N LYS H 167 -19.68 55.76 54.49
CA LYS H 167 -20.90 55.88 55.29
C LYS H 167 -21.64 54.57 55.47
N VAL H 168 -21.38 53.57 54.63
CA VAL H 168 -21.98 52.25 54.81
C VAL H 168 -21.00 51.28 55.46
N GLY H 169 -19.71 51.59 55.45
CA GLY H 169 -18.71 50.72 56.05
C GLY H 169 -17.84 50.04 55.01
N LYS H 170 -16.55 49.94 55.35
CA LYS H 170 -15.61 49.27 54.46
C LYS H 170 -15.97 47.79 54.26
N GLU H 171 -16.70 47.21 55.21
CA GLU H 171 -17.23 45.86 55.07
C GLU H 171 -18.67 45.83 54.60
N GLY H 172 -19.25 46.99 54.27
CA GLY H 172 -20.64 47.06 53.88
C GLY H 172 -20.90 46.54 52.48
N VAL H 173 -22.18 46.45 52.15
CA VAL H 173 -22.60 45.94 50.84
C VAL H 173 -22.86 47.11 49.91
N ILE H 174 -22.24 47.08 48.73
CA ILE H 174 -22.41 48.12 47.72
C ILE H 174 -22.73 47.47 46.39
N THR H 175 -23.79 47.96 45.74
CA THR H 175 -24.22 47.46 44.44
C THR H 175 -24.34 48.62 43.47
N VAL H 176 -24.40 48.29 42.19
CA VAL H 176 -24.44 49.28 41.11
C VAL H 176 -25.74 49.13 40.35
N GLU H 177 -26.45 50.23 40.16
CA GLU H 177 -27.69 50.26 39.38
C GLU H 177 -27.62 51.43 38.42
N ASP H 178 -28.31 51.28 37.28
CA ASP H 178 -28.30 52.33 36.28
C ASP H 178 -29.01 53.59 36.80
N GLY H 179 -28.34 54.74 36.66
CA GLY H 179 -28.87 55.98 37.17
C GLY H 179 -29.89 56.61 36.24
N LYS H 180 -30.48 57.69 36.73
CA LYS H 180 -31.51 58.44 36.00
C LYS H 180 -31.02 59.80 35.52
N SER H 181 -29.71 60.03 35.53
CA SER H 181 -29.18 61.33 35.18
C SER H 181 -27.76 61.18 34.64
N LEU H 182 -27.15 62.33 34.34
CA LEU H 182 -25.77 62.33 33.86
C LEU H 182 -24.77 62.11 34.97
N GLU H 183 -25.06 62.58 36.18
CA GLU H 183 -24.14 62.52 37.30
C GLU H 183 -24.44 61.29 38.15
N ASN H 184 -23.39 60.61 38.58
CA ASN H 184 -23.54 59.43 39.41
C ASN H 184 -24.15 59.81 40.75
N GLU H 185 -24.98 58.91 41.28
CA GLU H 185 -25.68 59.14 42.53
C GLU H 185 -25.61 57.88 43.38
N LEU H 186 -25.81 58.04 44.68
CA LEU H 186 -25.75 56.92 45.60
C LEU H 186 -26.83 57.08 46.65
N GLU H 187 -27.26 55.95 47.21
CA GLU H 187 -28.30 55.95 48.22
C GLU H 187 -28.18 54.68 49.06
N VAL H 188 -28.81 54.70 50.23
CA VAL H 188 -28.84 53.57 51.14
C VAL H 188 -30.27 53.08 51.25
N VAL H 189 -30.48 51.80 50.97
CA VAL H 189 -31.80 51.18 51.04
C VAL H 189 -31.72 49.98 51.97
N GLU H 190 -32.88 49.58 52.49
CA GLU H 190 -32.93 48.43 53.38
C GLU H 190 -32.64 47.15 52.60
N GLY H 191 -31.67 46.39 53.06
CA GLY H 191 -31.28 45.18 52.37
C GLY H 191 -30.15 44.48 53.11
N MET H 192 -29.79 43.31 52.60
CA MET H 192 -28.76 42.50 53.22
C MET H 192 -28.17 41.57 52.17
N GLN H 193 -26.97 41.08 52.44
CA GLN H 193 -26.29 40.12 51.58
C GLN H 193 -25.86 38.92 52.43
N PHE H 194 -26.12 37.72 51.92
CA PHE H 194 -25.76 36.49 52.60
C PHE H 194 -25.00 35.58 51.64
N ASP H 195 -24.14 34.75 52.19
CA ASP H 195 -23.24 33.94 51.39
C ASP H 195 -23.91 32.68 50.84
N ARG H 196 -24.93 32.87 50.00
CA ARG H 196 -25.59 31.76 49.33
C ARG H 196 -25.77 32.11 47.86
N GLY H 197 -25.34 31.20 46.98
CA GLY H 197 -25.43 31.41 45.55
C GLY H 197 -26.57 30.61 44.92
N TYR H 198 -26.71 30.78 43.61
CA TYR H 198 -27.71 30.04 42.87
C TYR H 198 -27.35 28.56 42.86
N LEU H 199 -28.38 27.71 42.90
CA LEU H 199 -28.17 26.26 42.99
C LEU H 199 -27.96 25.61 41.64
N SER H 200 -28.04 26.36 40.54
CA SER H 200 -27.76 25.84 39.23
C SER H 200 -27.33 26.98 38.33
N PRO H 201 -26.34 26.77 37.45
CA PRO H 201 -25.93 27.85 36.53
C PRO H 201 -27.03 28.28 35.57
N TYR H 202 -28.05 27.46 35.36
CA TYR H 202 -29.15 27.84 34.48
C TYR H 202 -29.96 29.00 35.03
N PHE H 203 -29.90 29.25 36.34
CA PHE H 203 -30.64 30.36 36.94
C PHE H 203 -30.12 31.72 36.50
N ILE H 204 -28.86 31.80 36.06
CA ILE H 204 -28.29 33.09 35.69
C ILE H 204 -28.98 33.63 34.45
N ASN H 205 -29.03 34.96 34.33
CA ASN H 205 -29.63 35.60 33.18
C ASN H 205 -28.77 36.73 32.63
N ASN H 206 -27.60 36.99 33.20
CA ASN H 206 -26.68 38.04 32.75
C ASN H 206 -25.31 37.39 32.53
N PRO H 207 -25.10 36.78 31.36
CA PRO H 207 -23.80 36.13 31.11
C PRO H 207 -22.63 37.10 31.16
N ASP H 208 -22.86 38.38 30.89
CA ASP H 208 -21.78 39.37 31.02
C ASP H 208 -21.29 39.47 32.46
N LYS H 209 -22.21 39.45 33.42
CA LYS H 209 -21.83 39.54 34.83
C LYS H 209 -21.81 38.20 35.54
N GLN H 210 -22.30 37.14 34.89
CA GLN H 210 -22.34 35.78 35.46
C GLN H 210 -23.10 35.82 36.79
N VAL H 211 -24.22 36.55 36.80
CA VAL H 211 -25.09 36.66 37.96
C VAL H 211 -26.54 36.52 37.51
N ALA H 212 -27.42 36.30 38.48
CA ALA H 212 -28.85 36.25 38.24
C ALA H 212 -29.50 37.47 38.85
N VAL H 213 -30.20 38.25 38.02
CA VAL H 213 -30.83 39.50 38.44
C VAL H 213 -32.32 39.40 38.18
N LEU H 214 -33.12 39.70 39.20
CA LEU H 214 -34.57 39.71 39.09
C LEU H 214 -35.10 41.06 39.56
N ASP H 215 -36.07 41.59 38.84
CA ASP H 215 -36.59 42.93 39.09
C ASP H 215 -37.95 42.85 39.76
N ASN H 216 -38.05 43.50 40.93
CA ASN H 216 -39.27 43.55 41.74
C ASN H 216 -39.88 42.16 41.93
N PRO H 217 -39.15 41.21 42.52
CA PRO H 217 -39.66 39.84 42.59
C PRO H 217 -40.43 39.58 43.87
N TYR H 218 -41.03 38.39 43.92
CA TYR H 218 -41.56 37.88 45.18
C TYR H 218 -40.51 37.04 45.88
N ILE H 219 -40.53 37.08 47.22
CA ILE H 219 -39.58 36.35 48.05
C ILE H 219 -40.34 35.24 48.75
N LEU H 220 -39.90 34.00 48.53
CA LEU H 220 -40.50 32.83 49.16
C LEU H 220 -39.56 32.34 50.26
N LEU H 221 -40.09 32.17 51.47
CA LEU H 221 -39.31 31.75 52.63
C LEU H 221 -39.83 30.41 53.12
N HIS H 222 -38.95 29.42 53.19
CA HIS H 222 -39.28 28.10 53.70
C HIS H 222 -38.11 27.58 54.52
N ASP H 223 -38.41 26.90 55.61
CA ASP H 223 -37.37 26.37 56.50
C ASP H 223 -37.14 24.87 56.32
N LYS H 224 -37.85 24.22 55.41
CA LYS H 224 -37.73 22.79 55.20
C LYS H 224 -37.28 22.50 53.77
N LYS H 225 -36.93 21.24 53.53
CA LYS H 225 -36.53 20.80 52.20
C LYS H 225 -37.72 20.82 51.25
N ILE H 226 -37.42 21.01 49.96
CA ILE H 226 -38.42 20.96 48.91
C ILE H 226 -37.90 20.05 47.80
N SER H 227 -38.65 18.98 47.52
CA SER H 227 -38.29 18.10 46.42
C SER H 227 -39.50 17.89 45.50
N ASN H 228 -40.69 17.84 46.08
CA ASN H 228 -41.91 17.62 45.30
C ASN H 228 -42.34 18.93 44.63
N ILE H 229 -42.59 18.86 43.33
CA ILE H 229 -43.06 20.04 42.60
C ILE H 229 -44.46 20.44 43.06
N ARG H 230 -45.26 19.47 43.52
CA ARG H 230 -46.62 19.76 43.97
C ARG H 230 -46.63 20.66 45.20
N ASP H 231 -45.56 20.62 46.01
CA ASP H 231 -45.53 21.39 47.25
C ASP H 231 -45.58 22.89 47.03
N LEU H 232 -45.19 23.37 45.84
CA LEU H 232 -45.20 24.80 45.56
C LEU H 232 -45.92 25.19 44.27
N LEU H 233 -46.60 24.26 43.60
CA LEU H 233 -47.34 24.59 42.40
C LEU H 233 -48.43 25.64 42.62
N PRO H 234 -49.29 25.55 43.65
CA PRO H 234 -50.30 26.61 43.84
C PRO H 234 -49.71 27.98 44.11
N VAL H 235 -48.48 28.06 44.63
CA VAL H 235 -47.86 29.36 44.87
C VAL H 235 -47.24 29.90 43.58
N LEU H 236 -46.55 29.03 42.84
CA LEU H 236 -45.95 29.48 41.58
C LEU H 236 -47.02 29.87 40.57
N GLU H 237 -48.18 29.22 40.60
CA GLU H 237 -49.27 29.63 39.71
C GLU H 237 -49.76 31.03 40.04
N GLN H 238 -49.93 31.32 41.34
CA GLN H 238 -50.32 32.67 41.74
C GLN H 238 -49.28 33.69 41.33
N VAL H 239 -48.00 33.34 41.50
CA VAL H 239 -46.92 34.25 41.09
C VAL H 239 -46.96 34.49 39.60
N ALA H 240 -47.16 33.44 38.81
CA ALA H 240 -47.20 33.57 37.36
C ALA H 240 -48.36 34.44 36.91
N LYS H 241 -49.55 34.25 37.51
CA LYS H 241 -50.67 35.13 37.19
C LYS H 241 -50.39 36.56 37.63
N ALA H 242 -49.63 36.75 38.72
CA ALA H 242 -49.20 38.07 39.10
C ALA H 242 -48.19 38.66 38.12
N GLY H 243 -47.33 37.82 37.52
CA GLY H 243 -46.41 38.26 36.50
C GLY H 243 -45.06 38.72 36.99
N ARG H 244 -44.85 38.85 38.29
CA ARG H 244 -43.57 39.30 38.82
C ARG H 244 -42.66 38.11 39.07
N PRO H 245 -41.34 38.32 39.03
CA PRO H 245 -40.40 37.20 39.24
C PRO H 245 -40.50 36.62 40.63
N LEU H 246 -39.89 35.45 40.81
CA LEU H 246 -39.93 34.71 42.06
C LEU H 246 -38.52 34.39 42.53
N LEU H 247 -38.24 34.68 43.80
CA LEU H 247 -37.05 34.22 44.46
C LEU H 247 -37.45 33.31 45.62
N ILE H 248 -36.94 32.09 45.63
CA ILE H 248 -37.32 31.08 46.60
C ILE H 248 -36.16 30.84 47.55
N ILE H 249 -36.39 31.07 48.83
CA ILE H 249 -35.40 30.80 49.88
C ILE H 249 -35.91 29.61 50.69
N ALA H 250 -35.14 28.53 50.66
CA ALA H 250 -35.51 27.30 51.35
C ALA H 250 -34.26 26.64 51.90
N GLU H 251 -34.46 25.62 52.73
CA GLU H 251 -33.33 24.84 53.22
C GLU H 251 -32.59 24.19 52.07
N ASP H 252 -33.32 23.61 51.12
CA ASP H 252 -32.74 23.06 49.90
C ASP H 252 -33.88 22.72 48.94
N VAL H 253 -33.59 22.81 47.65
CA VAL H 253 -34.50 22.37 46.61
C VAL H 253 -33.75 21.41 45.69
N GLU H 254 -34.39 20.31 45.33
CA GLU H 254 -33.73 19.26 44.57
C GLU H 254 -34.77 18.41 43.87
N GLY H 255 -34.31 17.62 42.90
CA GLY H 255 -35.18 16.67 42.25
C GLY H 255 -36.10 17.33 41.23
N GLU H 256 -37.34 16.85 41.20
CA GLU H 256 -38.29 17.31 40.19
C GLU H 256 -38.61 18.79 40.33
N ALA H 257 -38.64 19.31 41.56
CA ALA H 257 -38.91 20.73 41.75
C ALA H 257 -37.82 21.59 41.12
N LEU H 258 -36.55 21.25 41.40
CA LEU H 258 -35.44 21.99 40.81
C LEU H 258 -35.42 21.84 39.29
N ALA H 259 -35.69 20.63 38.80
CA ALA H 259 -35.72 20.42 37.35
C ALA H 259 -36.82 21.25 36.69
N THR H 260 -38.00 21.28 37.31
CA THR H 260 -39.10 22.07 36.76
C THR H 260 -38.78 23.56 36.79
N LEU H 261 -38.17 24.04 37.87
CA LEU H 261 -37.78 25.45 37.91
C LEU H 261 -36.76 25.77 36.83
N VAL H 262 -35.79 24.89 36.61
CA VAL H 262 -34.79 25.11 35.57
C VAL H 262 -35.45 25.13 34.20
N VAL H 263 -36.37 24.20 33.95
CA VAL H 263 -37.06 24.15 32.67
C VAL H 263 -37.90 25.40 32.46
N ASN H 264 -38.57 25.87 33.51
CA ASN H 264 -39.37 27.08 33.41
C ASN H 264 -38.49 28.30 33.11
N ASN H 265 -37.34 28.40 33.77
CA ASN H 265 -36.44 29.51 33.51
C ASN H 265 -35.91 29.48 32.08
N LEU H 266 -35.54 28.29 31.60
CA LEU H 266 -35.05 28.17 30.23
C LEU H 266 -36.13 28.48 29.21
N ARG H 267 -37.36 28.02 29.45
CA ARG H 267 -38.46 28.24 28.52
C ARG H 267 -39.05 29.64 28.63
N GLY H 268 -38.70 30.40 29.67
CA GLY H 268 -39.31 31.69 29.89
C GLY H 268 -40.69 31.63 30.47
N ILE H 269 -41.10 30.48 30.99
CA ILE H 269 -42.44 30.35 31.57
C ILE H 269 -42.58 31.25 32.79
N LEU H 270 -41.58 31.23 33.67
CA LEU H 270 -41.59 32.05 34.87
C LEU H 270 -40.16 32.37 35.29
N LYS H 271 -39.94 33.61 35.70
CA LYS H 271 -38.61 34.04 36.15
C LYS H 271 -38.44 33.61 37.60
N THR H 272 -37.64 32.57 37.82
CA THR H 272 -37.48 31.98 39.14
C THR H 272 -36.00 31.86 39.48
N CYS H 273 -35.71 31.88 40.78
CA CYS H 273 -34.38 31.65 41.29
C CYS H 273 -34.49 31.06 42.69
N ALA H 274 -33.70 30.03 42.95
CA ALA H 274 -33.75 29.33 44.23
C ALA H 274 -32.35 29.26 44.83
N VAL H 275 -32.25 29.65 46.09
CA VAL H 275 -30.99 29.61 46.83
C VAL H 275 -31.24 28.99 48.19
N LYS H 276 -30.18 28.39 48.75
CA LYS H 276 -30.27 27.84 50.09
C LYS H 276 -30.40 28.96 51.11
N ALA H 277 -31.15 28.70 52.17
CA ALA H 277 -31.27 29.68 53.23
C ALA H 277 -29.94 29.82 53.98
N PRO H 278 -29.57 31.04 54.36
CA PRO H 278 -28.27 31.24 55.01
C PRO H 278 -28.23 30.66 56.41
N GLY H 279 -27.03 30.26 56.82
CA GLY H 279 -26.82 29.74 58.16
C GLY H 279 -27.23 28.28 58.29
N PHE H 280 -27.05 27.77 59.51
CA PHE H 280 -27.43 26.40 59.81
C PHE H 280 -27.72 26.30 61.31
N GLY H 281 -28.38 25.21 61.70
CA GLY H 281 -28.78 25.07 63.08
C GLY H 281 -29.85 26.08 63.47
N ASP H 282 -29.79 26.55 64.71
CA ASP H 282 -30.73 27.56 65.17
C ASP H 282 -30.55 28.89 64.46
N ARG H 283 -29.39 29.14 63.85
CA ARG H 283 -29.19 30.38 63.12
C ARG H 283 -30.06 30.42 61.87
N ARG H 284 -30.49 29.26 61.39
CA ARG H 284 -31.30 29.19 60.17
C ARG H 284 -32.62 29.93 60.35
N LYS H 285 -33.30 29.66 61.47
CA LYS H 285 -34.58 30.31 61.72
C LYS H 285 -34.42 31.81 61.91
N ALA H 286 -33.37 32.24 62.60
CA ALA H 286 -33.11 33.66 62.77
C ALA H 286 -32.86 34.34 61.43
N MET H 287 -32.06 33.70 60.57
CA MET H 287 -31.80 34.26 59.24
C MET H 287 -33.09 34.39 58.44
N LEU H 288 -33.91 33.34 58.45
CA LEU H 288 -35.15 33.37 57.69
C LEU H 288 -36.10 34.43 58.23
N GLN H 289 -36.21 34.56 59.55
CA GLN H 289 -37.08 35.57 60.13
C GLN H 289 -36.62 36.97 59.80
N ASP H 290 -35.30 37.23 59.89
CA ASP H 290 -34.78 38.54 59.56
C ASP H 290 -35.03 38.86 58.08
N ILE H 291 -34.80 37.89 57.20
CA ILE H 291 -35.03 38.12 55.78
C ILE H 291 -36.50 38.39 55.51
N ALA H 292 -37.40 37.65 56.16
CA ALA H 292 -38.83 37.86 55.97
C ALA H 292 -39.26 39.24 56.45
N ILE H 293 -38.79 39.66 57.62
CA ILE H 293 -39.18 40.97 58.13
C ILE H 293 -38.57 42.08 57.28
N LEU H 294 -37.42 41.81 56.68
CA LEU H 294 -36.81 42.82 55.80
C LEU H 294 -37.57 42.93 54.48
N THR H 295 -38.05 41.81 53.95
CA THR H 295 -38.81 41.80 52.70
C THR H 295 -40.31 41.91 52.92
N GLY H 296 -40.75 42.00 54.18
CA GLY H 296 -42.17 42.13 54.48
C GLY H 296 -42.96 40.85 54.39
N GLY H 297 -42.29 39.71 54.18
CA GLY H 297 -42.96 38.43 54.10
C GLY H 297 -43.00 37.70 55.43
N THR H 298 -43.49 36.47 55.38
CA THR H 298 -43.57 35.60 56.55
C THR H 298 -42.98 34.25 56.20
N VAL H 299 -42.25 33.66 57.15
CA VAL H 299 -41.61 32.37 56.92
C VAL H 299 -42.68 31.27 56.95
N ILE H 300 -42.68 30.44 55.91
CA ILE H 300 -43.59 29.30 55.86
C ILE H 300 -42.97 28.15 56.64
N SER H 301 -43.61 27.77 57.75
CA SER H 301 -43.07 26.73 58.61
C SER H 301 -44.20 26.07 59.38
N GLU H 302 -44.01 24.79 59.71
CA GLU H 302 -45.00 24.08 60.51
C GLU H 302 -45.05 24.62 61.94
N GLU H 303 -43.90 24.98 62.51
CA GLU H 303 -43.84 25.51 63.86
C GLU H 303 -44.59 26.82 64.01
N VAL H 304 -44.77 27.58 62.92
CA VAL H 304 -45.54 28.81 62.93
C VAL H 304 -46.94 28.61 62.36
N GLY H 305 -47.27 27.39 61.94
CA GLY H 305 -48.63 27.08 61.54
C GLY H 305 -48.99 27.42 60.12
N LEU H 306 -48.02 27.43 59.20
CA LEU H 306 -48.28 27.70 57.79
C LEU H 306 -47.71 26.57 56.94
N SER H 307 -48.36 26.33 55.80
CA SER H 307 -47.94 25.31 54.86
C SER H 307 -47.79 25.92 53.48
N LEU H 308 -46.82 25.40 52.72
CA LEU H 308 -46.57 25.93 51.38
C LEU H 308 -47.70 25.62 50.40
N GLU H 309 -48.48 24.58 50.67
CA GLU H 309 -49.59 24.24 49.78
C GLU H 309 -50.68 25.30 49.79
N LYS H 310 -50.82 26.02 50.91
CA LYS H 310 -51.83 27.06 51.03
C LYS H 310 -51.27 28.47 51.02
N ALA H 311 -49.97 28.64 50.81
CA ALA H 311 -49.37 29.96 50.85
C ALA H 311 -49.87 30.84 49.72
N THR H 312 -50.06 32.12 50.01
CA THR H 312 -50.55 33.09 49.05
C THR H 312 -49.49 34.16 48.84
N LEU H 313 -49.79 35.08 47.91
CA LEU H 313 -48.85 36.16 47.62
C LEU H 313 -48.66 37.11 48.80
N GLU H 314 -49.64 37.16 49.72
CA GLU H 314 -49.50 37.99 50.91
C GLU H 314 -48.36 37.54 51.81
N ASP H 315 -48.22 36.23 52.02
CA ASP H 315 -47.15 35.72 52.88
C ASP H 315 -45.77 35.93 52.26
N LEU H 316 -45.69 36.04 50.94
CA LEU H 316 -44.40 36.19 50.28
C LEU H 316 -43.86 37.60 50.46
N GLY H 317 -42.54 37.69 50.64
CA GLY H 317 -41.87 38.97 50.68
C GLY H 317 -41.60 39.51 49.29
N GLN H 318 -41.16 40.77 49.24
CA GLN H 318 -40.87 41.41 47.97
C GLN H 318 -39.84 42.51 48.19
N ALA H 319 -39.14 42.85 47.10
CA ALA H 319 -38.10 43.86 47.13
C ALA H 319 -37.91 44.42 45.73
N LYS H 320 -37.22 45.55 45.64
CA LYS H 320 -37.02 46.20 44.34
C LYS H 320 -36.16 45.34 43.42
N ARG H 321 -35.08 44.75 43.94
CA ARG H 321 -34.18 43.95 43.11
C ARG H 321 -33.43 42.96 43.99
N VAL H 322 -33.18 41.78 43.45
CA VAL H 322 -32.32 40.78 44.08
C VAL H 322 -31.26 40.35 43.06
N GLU H 323 -30.02 40.29 43.51
CA GLU H 323 -28.90 39.84 42.70
C GLU H 323 -28.34 38.56 43.28
N VAL H 324 -28.28 37.51 42.47
CA VAL H 324 -27.81 36.20 42.90
C VAL H 324 -26.50 35.91 42.17
N ALA H 325 -25.41 35.91 42.92
CA ALA H 325 -24.09 35.58 42.39
C ALA H 325 -23.81 34.10 42.66
N LYS H 326 -22.62 33.65 42.26
CA LYS H 326 -22.25 32.26 42.47
C LYS H 326 -22.08 31.94 43.96
N GLU H 327 -21.56 32.90 44.74
CA GLU H 327 -21.25 32.66 46.13
C GLU H 327 -22.17 33.40 47.11
N HIS H 328 -22.78 34.52 46.69
CA HIS H 328 -23.58 35.30 47.61
C HIS H 328 -24.80 35.86 46.88
N THR H 329 -25.84 36.15 47.66
CA THR H 329 -27.07 36.75 47.16
C THR H 329 -27.42 37.96 47.99
N THR H 330 -27.81 39.05 47.33
CA THR H 330 -28.13 40.30 48.01
C THR H 330 -29.55 40.71 47.67
N ILE H 331 -30.18 41.43 48.59
CA ILE H 331 -31.55 41.90 48.44
C ILE H 331 -31.53 43.43 48.52
N ILE H 332 -32.18 44.08 47.57
CA ILE H 332 -32.16 45.53 47.45
C ILE H 332 -33.56 46.05 47.70
N ASP H 333 -33.68 46.99 48.66
CA ASP H 333 -34.92 47.71 48.93
C ASP H 333 -36.07 46.77 49.27
N GLY H 334 -35.90 46.07 50.40
CA GLY H 334 -36.94 45.20 50.88
C GLY H 334 -38.18 45.96 51.30
N ALA H 335 -39.32 45.28 51.24
CA ALA H 335 -40.61 45.91 51.52
C ALA H 335 -40.85 46.16 53.00
N GLY H 336 -40.02 45.62 53.89
CA GLY H 336 -40.21 45.82 55.32
C GLY H 336 -40.16 47.27 55.74
N ASP H 337 -41.08 47.67 56.61
CA ASP H 337 -41.10 49.04 57.09
C ASP H 337 -39.88 49.31 57.96
N PRO H 338 -39.31 50.52 57.90
CA PRO H 338 -38.12 50.82 58.72
C PRO H 338 -38.37 50.72 60.22
N ALA H 339 -39.60 50.94 60.68
CA ALA H 339 -39.88 50.90 62.11
C ALA H 339 -39.67 49.49 62.66
N LYS H 340 -40.27 48.48 62.01
CA LYS H 340 -40.10 47.11 62.47
C LYS H 340 -38.66 46.65 62.32
N ILE H 341 -37.98 47.10 61.25
CA ILE H 341 -36.57 46.75 61.07
C ILE H 341 -35.73 47.30 62.20
N GLN H 342 -35.95 48.56 62.57
CA GLN H 342 -35.20 49.15 63.67
C GLN H 342 -35.54 48.49 65.00
N ALA H 343 -36.81 48.11 65.20
CA ALA H 343 -37.19 47.39 66.41
C ALA H 343 -36.48 46.04 66.49
N ARG H 344 -36.42 45.31 65.37
CA ARG H 344 -35.69 44.05 65.37
C ARG H 344 -34.20 44.27 65.57
N VAL H 345 -33.66 45.37 65.05
CA VAL H 345 -32.26 45.70 65.28
C VAL H 345 -32.01 45.87 66.77
N LYS H 346 -32.89 46.60 67.45
CA LYS H 346 -32.76 46.76 68.90
C LYS H 346 -32.91 45.43 69.61
N GLU H 347 -33.82 44.58 69.15
CA GLU H 347 -34.02 43.27 69.75
C GLU H 347 -32.73 42.43 69.65
N ILE H 348 -32.11 42.44 68.47
CA ILE H 348 -30.88 41.67 68.28
C ILE H 348 -29.74 42.27 69.10
N ARG H 349 -29.69 43.60 69.18
CA ARG H 349 -28.65 44.25 69.96
C ARG H 349 -28.77 43.97 71.44
N VAL H 350 -29.99 43.84 71.97
CA VAL H 350 -30.14 43.48 73.37
C VAL H 350 -29.99 41.98 73.59
N GLN H 351 -30.29 41.16 72.57
CA GLN H 351 -29.96 39.74 72.64
C GLN H 351 -28.46 39.50 72.59
N ILE H 352 -27.70 40.46 72.08
CA ILE H 352 -26.24 40.34 72.06
C ILE H 352 -25.71 40.10 73.47
N GLU H 353 -26.23 40.84 74.45
CA GLU H 353 -25.84 40.65 75.84
C GLU H 353 -26.32 39.31 76.40
N GLU H 354 -27.25 38.64 75.74
CA GLU H 354 -27.73 37.33 76.16
C GLU H 354 -26.88 36.19 75.60
N ALA H 355 -25.83 36.49 74.85
CA ALA H 355 -25.02 35.45 74.23
C ALA H 355 -24.31 34.62 75.29
N THR H 356 -24.34 33.30 75.12
CA THR H 356 -23.67 32.38 76.03
C THR H 356 -22.19 32.20 75.73
N SER H 357 -21.71 32.67 74.59
CA SER H 357 -20.32 32.51 74.21
C SER H 357 -19.94 33.61 73.25
N ASP H 358 -18.63 33.77 73.05
CA ASP H 358 -18.14 34.76 72.08
C ASP H 358 -18.59 34.42 70.67
N TYR H 359 -18.72 33.13 70.35
CA TYR H 359 -19.23 32.74 69.03
C TYR H 359 -20.67 33.22 68.85
N ASP H 360 -21.50 33.08 69.88
CA ASP H 360 -22.87 33.55 69.80
C ASP H 360 -22.90 35.07 69.65
N ARG H 361 -22.06 35.77 70.41
CA ARG H 361 -22.04 37.22 70.37
C ARG H 361 -21.59 37.74 69.00
N GLU H 362 -20.59 37.09 68.41
CA GLU H 362 -20.11 37.54 67.11
C GLU H 362 -21.13 37.28 66.01
N LYS H 363 -21.85 36.15 66.07
CA LYS H 363 -22.93 35.94 65.11
C LYS H 363 -24.07 36.94 65.29
N LEU H 364 -24.41 37.27 66.54
CA LEU H 364 -25.42 38.29 66.77
C LEU H 364 -24.97 39.65 66.24
N GLN H 365 -23.68 39.97 66.41
CA GLN H 365 -23.14 41.21 65.86
C GLN H 365 -23.18 41.20 64.34
N GLU H 366 -22.89 40.05 63.72
CA GLU H 366 -23.01 39.92 62.28
C GLU H 366 -24.45 40.14 61.83
N ARG H 367 -25.41 39.62 62.59
CA ARG H 367 -26.82 39.86 62.30
C ARG H 367 -27.14 41.35 62.36
N VAL H 368 -26.66 42.02 63.42
CA VAL H 368 -26.91 43.46 63.56
C VAL H 368 -26.33 44.21 62.37
N ALA H 369 -25.10 43.89 61.99
CA ALA H 369 -24.46 44.57 60.87
C ALA H 369 -25.22 44.35 59.58
N LYS H 370 -25.51 43.08 59.26
CA LYS H 370 -26.15 42.77 57.99
C LYS H 370 -27.56 43.34 57.91
N LEU H 371 -28.20 43.55 59.06
CA LEU H 371 -29.56 44.08 59.03
C LEU H 371 -29.58 45.60 59.01
N ALA H 372 -28.89 46.24 59.97
CA ALA H 372 -28.95 47.69 60.09
C ALA H 372 -28.12 48.40 59.03
N GLY H 373 -27.07 47.77 58.51
CA GLY H 373 -26.21 48.43 57.54
C GLY H 373 -26.88 48.74 56.22
N GLY H 374 -27.90 47.99 55.85
CA GLY H 374 -28.56 48.24 54.60
C GLY H 374 -27.67 47.88 53.42
N VAL H 375 -28.02 48.43 52.26
CA VAL H 375 -27.28 48.22 51.02
C VAL H 375 -27.05 49.57 50.36
N ALA H 376 -25.81 49.85 49.99
CA ALA H 376 -25.49 51.04 49.22
C ALA H 376 -25.71 50.76 47.75
N VAL H 377 -26.48 51.62 47.09
CA VAL H 377 -26.79 51.48 45.68
C VAL H 377 -26.18 52.66 44.95
N ILE H 378 -25.33 52.38 43.97
CA ILE H 378 -24.66 53.40 43.19
C ILE H 378 -25.44 53.59 41.89
N LYS H 379 -26.00 54.78 41.70
CA LYS H 379 -26.75 55.09 40.49
C LYS H 379 -25.77 55.64 39.45
N VAL H 380 -25.22 54.74 38.64
CA VAL H 380 -24.24 55.15 37.65
C VAL H 380 -24.91 55.99 36.57
N GLY H 381 -24.44 57.21 36.39
CA GLY H 381 -25.05 58.16 35.47
C GLY H 381 -24.14 58.47 34.29
N ALA H 382 -24.76 58.52 33.11
CA ALA H 382 -24.05 58.84 31.88
C ALA H 382 -25.06 59.21 30.80
N ALA H 383 -24.53 59.59 29.64
CA ALA H 383 -25.38 60.15 28.58
C ALA H 383 -26.25 59.10 27.90
N THR H 384 -25.68 57.94 27.54
CA THR H 384 -26.36 57.00 26.66
C THR H 384 -26.33 55.59 27.24
N GLU H 385 -27.19 54.73 26.69
CA GLU H 385 -27.21 53.33 27.09
C GLU H 385 -25.91 52.63 26.74
N VAL H 386 -25.32 52.93 25.58
CA VAL H 386 -24.03 52.39 25.24
C VAL H 386 -23.00 52.81 26.26
N GLU H 387 -23.02 54.08 26.67
CA GLU H 387 -22.13 54.56 27.72
C GLU H 387 -22.56 54.03 29.08
N MET H 388 -23.86 53.82 29.28
CA MET H 388 -24.34 53.13 30.47
C MET H 388 -23.63 51.78 30.67
N LYS H 389 -23.60 50.97 29.61
CA LYS H 389 -23.07 49.62 29.72
C LYS H 389 -21.59 49.63 30.10
N GLU H 390 -20.81 50.52 29.47
CA GLU H 390 -19.39 50.60 29.77
C GLU H 390 -19.13 51.16 31.15
N LYS H 391 -19.84 52.25 31.52
CA LYS H 391 -19.59 52.89 32.80
C LYS H 391 -19.99 51.99 33.96
N LYS H 392 -21.06 51.21 33.80
CA LYS H 392 -21.47 50.28 34.86
C LYS H 392 -20.39 49.24 35.11
N ALA H 393 -19.82 48.67 34.04
CA ALA H 393 -18.75 47.69 34.18
C ALA H 393 -17.52 48.33 34.81
N ARG H 394 -17.17 49.55 34.39
CA ARG H 394 -16.01 50.23 34.97
C ARG H 394 -16.22 50.49 36.44
N VAL H 395 -17.43 50.93 36.84
CA VAL H 395 -17.72 51.18 38.24
C VAL H 395 -17.66 49.88 39.04
N GLU H 396 -18.18 48.79 38.48
CA GLU H 396 -18.13 47.51 39.18
C GLU H 396 -16.69 47.05 39.38
N ASP H 397 -15.86 47.18 38.36
CA ASP H 397 -14.46 46.80 38.49
C ASP H 397 -13.74 47.67 39.51
N ALA H 398 -14.00 48.98 39.49
CA ALA H 398 -13.39 49.87 40.47
C ALA H 398 -13.85 49.53 41.88
N LEU H 399 -15.14 49.19 42.05
CA LEU H 399 -15.64 48.80 43.35
C LEU H 399 -14.96 47.54 43.86
N HIS H 400 -14.80 46.55 42.98
CA HIS H 400 -14.12 45.32 43.38
C HIS H 400 -12.66 45.60 43.76
N ALA H 401 -11.97 46.43 42.97
CA ALA H 401 -10.58 46.75 43.28
C ALA H 401 -10.48 47.48 44.61
N THR H 402 -11.36 48.44 44.86
CA THR H 402 -11.34 49.19 46.11
C THR H 402 -11.64 48.27 47.30
N ARG H 403 -12.61 47.37 47.14
CA ARG H 403 -12.91 46.41 48.20
C ARG H 403 -11.70 45.54 48.51
N ALA H 404 -11.02 45.07 47.46
CA ALA H 404 -9.78 44.32 47.67
C ALA H 404 -8.67 45.21 48.24
N ALA H 405 -8.56 46.45 47.75
CA ALA H 405 -7.50 47.34 48.20
C ALA H 405 -7.68 47.76 49.65
N VAL H 406 -8.90 48.06 50.08
CA VAL H 406 -9.11 48.56 51.43
C VAL H 406 -8.84 47.47 52.47
N GLU H 407 -8.97 46.20 52.09
CA GLU H 407 -8.76 45.11 53.03
C GLU H 407 -7.29 44.89 53.34
N GLU H 408 -6.43 44.94 52.32
CA GLU H 408 -5.03 44.58 52.48
C GLU H 408 -4.06 45.64 51.96
N GLY H 409 -4.55 46.80 51.56
CA GLY H 409 -3.67 47.84 51.07
C GLY H 409 -3.34 47.68 49.59
N ILE H 410 -2.61 48.66 49.08
CA ILE H 410 -2.19 48.66 47.68
C ILE H 410 -0.70 48.36 47.61
N VAL H 411 -0.27 47.90 46.44
CA VAL H 411 1.13 47.54 46.23
C VAL H 411 1.51 47.87 44.81
N PRO H 412 2.78 48.27 44.58
CA PRO H 412 3.24 48.58 43.22
C PRO H 412 2.91 47.50 42.20
N GLY H 413 2.07 47.83 41.23
CA GLY H 413 1.60 46.86 40.26
C GLY H 413 2.56 46.62 39.12
N GLY H 414 2.10 45.90 38.10
CA GLY H 414 2.94 45.59 36.97
C GLY H 414 4.00 44.53 37.26
N GLY H 415 3.80 43.74 38.31
CA GLY H 415 4.73 42.68 38.65
C GLY H 415 5.91 43.11 39.51
N VAL H 416 6.08 44.41 39.75
CA VAL H 416 7.20 44.87 40.58
C VAL H 416 7.00 44.44 42.03
N ALA H 417 5.75 44.28 42.47
CA ALA H 417 5.48 43.92 43.85
C ALA H 417 6.10 42.59 44.22
N LEU H 418 5.96 41.59 43.34
CA LEU H 418 6.54 40.28 43.61
C LEU H 418 8.06 40.34 43.64
N LEU H 419 8.68 41.15 42.78
CA LEU H 419 10.12 41.30 42.83
C LEU H 419 10.58 41.93 44.13
N ARG H 420 9.90 42.99 44.58
CA ARG H 420 10.28 43.62 45.84
C ARG H 420 10.10 42.65 47.00
N ALA H 421 8.99 41.90 47.01
CA ALA H 421 8.78 40.93 48.08
C ALA H 421 9.84 39.84 48.04
N ARG H 422 10.21 39.37 46.85
CA ARG H 422 11.24 38.34 46.74
C ARG H 422 12.57 38.84 47.26
N GLU H 423 12.96 40.06 46.86
CA GLU H 423 14.23 40.60 47.34
C GLU H 423 14.23 40.78 48.84
N ALA H 424 13.13 41.30 49.40
CA ALA H 424 13.05 41.49 50.84
C ALA H 424 13.11 40.16 51.58
N ALA H 425 12.42 39.14 51.06
CA ALA H 425 12.44 37.83 51.71
C ALA H 425 13.82 37.19 51.64
N VAL H 426 14.50 37.30 50.49
CA VAL H 426 15.85 36.76 50.37
C VAL H 426 16.80 37.47 51.33
N ALA H 427 16.69 38.81 51.41
CA ALA H 427 17.52 39.55 52.35
C ALA H 427 17.21 39.18 53.80
N LYS H 428 15.95 38.86 54.10
CA LYS H 428 15.60 38.41 55.44
C LYS H 428 16.30 37.10 55.78
N GLY H 429 16.57 36.27 54.78
CA GLY H 429 17.16 34.97 55.00
C GLY H 429 16.16 33.86 54.80
N LEU H 430 16.22 33.23 53.63
CA LEU H 430 15.31 32.13 53.28
C LEU H 430 16.14 30.92 52.86
N LYS H 431 15.89 29.79 53.50
CA LYS H 431 16.68 28.59 53.26
C LYS H 431 15.79 27.37 53.41
N GLY H 432 16.24 26.27 52.82
CA GLY H 432 15.57 24.99 52.91
C GLY H 432 16.37 24.00 53.72
N ASP H 433 15.67 23.08 54.38
CA ASP H 433 16.31 22.06 55.19
C ASP H 433 16.99 20.99 54.36
N ASN H 434 16.72 20.94 53.06
CA ASN H 434 17.30 19.97 52.15
C ASN H 434 17.74 20.68 50.89
N PRO H 435 18.66 20.09 50.12
CA PRO H 435 18.91 20.62 48.77
C PRO H 435 17.66 20.61 47.92
N ASP H 436 16.77 19.64 48.14
CA ASP H 436 15.50 19.62 47.41
C ASP H 436 14.62 20.80 47.81
N GLN H 437 14.56 21.13 49.09
CA GLN H 437 13.86 22.33 49.51
C GLN H 437 14.53 23.59 48.97
N GLU H 438 15.86 23.56 48.84
CA GLU H 438 16.55 24.71 48.23
C GLU H 438 16.14 24.89 46.78
N ALA H 439 16.04 23.78 46.04
CA ALA H 439 15.57 23.86 44.65
C ALA H 439 14.12 24.34 44.60
N GLY H 440 13.30 23.91 45.56
CA GLY H 440 11.94 24.41 45.64
C GLY H 440 11.89 25.90 45.88
N ILE H 441 12.78 26.41 46.74
CA ILE H 441 12.88 27.85 46.96
C ILE H 441 13.28 28.55 45.67
N LYS H 442 14.30 28.03 44.99
CA LYS H 442 14.76 28.62 43.74
C LYS H 442 13.67 28.66 42.69
N ILE H 443 12.81 27.63 42.66
CA ILE H 443 11.72 27.58 41.69
C ILE H 443 10.83 28.80 41.84
N VAL H 444 10.40 29.08 43.07
CA VAL H 444 9.52 30.22 43.32
C VAL H 444 10.26 31.53 43.09
N LEU H 445 11.53 31.59 43.51
CA LEU H 445 12.29 32.83 43.33
C LEU H 445 12.43 33.19 41.86
N ARG H 446 12.59 32.19 41.00
CA ARG H 446 12.64 32.45 39.56
C ARG H 446 11.25 32.70 38.99
N ALA H 447 10.22 32.05 39.52
CA ALA H 447 8.90 32.14 38.91
C ALA H 447 8.20 33.46 39.22
N VAL H 448 8.46 34.05 40.39
CA VAL H 448 7.71 35.24 40.80
C VAL H 448 8.06 36.45 39.92
N GLU H 449 9.10 36.33 39.09
CA GLU H 449 9.42 37.41 38.16
C GLU H 449 8.78 37.22 36.80
N GLN H 450 8.06 36.12 36.59
CA GLN H 450 7.42 35.83 35.31
C GLN H 450 6.36 36.86 34.91
N PRO H 451 5.50 37.34 35.82
CA PRO H 451 4.53 38.36 35.40
C PRO H 451 5.16 39.61 34.81
N LEU H 452 6.21 40.13 35.44
CA LEU H 452 6.88 41.31 34.88
C LEU H 452 7.54 40.98 33.54
N ARG H 453 8.16 39.81 33.44
CA ARG H 453 8.79 39.41 32.19
C ARG H 453 7.78 39.34 31.05
N GLU H 454 6.61 38.76 31.31
CA GLU H 454 5.58 38.68 30.29
C GLU H 454 4.95 40.03 29.97
N ILE H 455 4.76 40.90 30.96
CA ILE H 455 4.26 42.24 30.69
C ILE H 455 5.24 42.97 29.77
N VAL H 456 6.52 42.87 30.07
CA VAL H 456 7.54 43.53 29.24
C VAL H 456 7.57 42.92 27.84
N ALA H 457 7.50 41.59 27.75
CA ALA H 457 7.54 40.94 26.44
C ALA H 457 6.35 41.33 25.58
N ASN H 458 5.16 41.39 26.17
CA ASN H 458 4.00 41.89 25.43
C ASN H 458 4.17 43.36 25.06
N ALA H 459 4.80 44.14 25.93
CA ALA H 459 5.12 45.52 25.60
C ALA H 459 6.14 45.64 24.49
N GLY H 460 6.87 44.56 24.19
CA GLY H 460 7.82 44.55 23.11
C GLY H 460 9.27 44.69 23.51
N GLU H 461 9.55 45.15 24.72
CA GLU H 461 10.93 45.32 25.15
C GLU H 461 11.56 43.96 25.48
N GLU H 462 12.85 43.99 25.78
CA GLU H 462 13.57 42.78 26.16
C GLU H 462 13.35 42.51 27.65
N PRO H 463 12.81 41.35 28.02
CA PRO H 463 12.46 41.13 29.43
C PRO H 463 13.63 41.17 30.39
N SER H 464 14.77 40.60 30.03
CA SER H 464 15.86 40.42 30.99
C SER H 464 16.45 41.75 31.45
N VAL H 465 16.71 42.66 30.50
CA VAL H 465 17.30 43.94 30.87
C VAL H 465 16.35 44.75 31.73
N ILE H 466 15.05 44.73 31.39
CA ILE H 466 14.08 45.48 32.17
C ILE H 466 13.97 44.91 33.58
N VAL H 467 13.96 43.59 33.71
CA VAL H 467 13.90 42.97 35.03
C VAL H 467 15.13 43.32 35.84
N ALA H 468 16.31 43.29 35.21
CA ALA H 468 17.54 43.64 35.91
C ALA H 468 17.51 45.09 36.38
N LYS H 469 17.04 45.99 35.52
CA LYS H 469 16.97 47.39 35.90
C LYS H 469 15.98 47.62 37.03
N VAL H 470 14.85 46.91 37.00
CA VAL H 470 13.87 47.01 38.08
C VAL H 470 14.49 46.51 39.38
N LEU H 471 15.21 45.39 39.32
CA LEU H 471 15.87 44.85 40.50
C LEU H 471 16.94 45.80 41.04
N GLU H 472 17.62 46.54 40.16
CA GLU H 472 18.60 47.51 40.62
C GLU H 472 17.96 48.67 41.38
N GLY H 473 16.69 48.96 41.11
CA GLY H 473 15.98 49.98 41.88
C GLY H 473 15.44 49.42 43.19
N LYS H 474 14.98 50.34 44.03
CA LYS H 474 14.46 49.99 45.34
C LYS H 474 13.12 50.67 45.57
N GLY H 475 12.33 50.08 46.46
CA GLY H 475 11.04 50.66 46.79
C GLY H 475 10.04 50.50 45.66
N ASN H 476 9.25 51.55 45.43
CA ASN H 476 8.21 51.52 44.41
C ASN H 476 8.75 51.65 42.99
N TYR H 477 10.06 51.87 42.83
CA TYR H 477 10.65 52.01 41.51
C TYR H 477 10.39 50.77 40.67
N GLY H 478 9.98 50.97 39.43
CA GLY H 478 9.66 49.86 38.54
C GLY H 478 9.47 50.35 37.12
N TYR H 479 9.00 49.44 36.27
CA TYR H 479 8.82 49.69 34.85
C TYR H 479 7.34 49.83 34.54
N ASN H 480 6.99 50.90 33.82
CA ASN H 480 5.62 51.18 33.40
C ASN H 480 5.51 50.82 31.93
N ALA H 481 4.88 49.68 31.64
CA ALA H 481 4.76 49.23 30.26
C ALA H 481 3.87 50.13 29.41
N ALA H 482 3.00 50.91 30.05
CA ALA H 482 2.11 51.79 29.29
C ALA H 482 2.91 52.85 28.53
N THR H 483 3.92 53.43 29.18
CA THR H 483 4.74 54.47 28.57
C THR H 483 6.19 54.07 28.37
N GLY H 484 6.64 52.95 28.93
CA GLY H 484 8.02 52.53 28.79
C GLY H 484 9.00 53.22 29.70
N GLU H 485 8.52 53.97 30.69
CA GLU H 485 9.40 54.74 31.57
C GLU H 485 9.63 53.99 32.88
N PHE H 486 10.68 54.43 33.59
CA PHE H 486 11.03 53.88 34.89
C PHE H 486 10.81 54.94 35.97
N GLY H 487 10.21 54.52 37.08
CA GLY H 487 10.00 55.42 38.19
C GLY H 487 9.11 54.80 39.24
N ASP H 488 8.69 55.64 40.18
CA ASP H 488 7.78 55.21 41.24
C ASP H 488 6.47 54.74 40.62
N MET H 489 6.21 53.43 40.67
CA MET H 489 5.03 52.87 40.03
C MET H 489 3.74 53.40 40.65
N ILE H 490 3.76 53.69 41.96
CA ILE H 490 2.57 54.24 42.60
C ILE H 490 2.25 55.63 42.06
N GLU H 491 3.29 56.42 41.77
CA GLU H 491 3.08 57.80 41.34
C GLU H 491 2.42 57.89 39.97
N MET H 492 2.69 56.93 39.08
CA MET H 492 1.96 56.90 37.82
C MET H 492 0.60 56.24 37.94
N GLY H 493 0.21 55.81 39.14
CA GLY H 493 -1.07 55.14 39.31
C GLY H 493 -1.17 53.80 38.63
N VAL H 494 -0.14 52.97 38.74
CA VAL H 494 -0.18 51.58 38.28
C VAL H 494 -0.13 50.72 39.53
N LEU H 495 -1.30 50.25 39.96
CA LEU H 495 -1.43 49.60 41.25
C LEU H 495 -2.18 48.28 41.11
N ASP H 496 -1.86 47.36 42.02
CA ASP H 496 -2.61 46.13 42.23
C ASP H 496 -2.91 45.97 43.71
N PRO H 497 -4.13 45.60 44.08
CA PRO H 497 -4.41 45.32 45.49
C PRO H 497 -3.55 44.16 45.99
N THR H 498 -3.10 44.27 47.24
CA THR H 498 -2.27 43.22 47.81
C THR H 498 -2.98 41.88 47.80
N LYS H 499 -4.30 41.89 47.98
CA LYS H 499 -5.07 40.66 47.92
C LYS H 499 -4.94 39.98 46.57
N VAL H 500 -4.95 40.74 45.49
CA VAL H 500 -4.88 40.15 44.15
C VAL H 500 -3.58 39.39 43.97
N THR H 501 -2.45 40.05 44.24
CA THR H 501 -1.15 39.41 44.06
C THR H 501 -0.97 38.24 45.02
N ARG H 502 -1.36 38.41 46.29
CA ARG H 502 -1.20 37.35 47.26
C ARG H 502 -2.01 36.12 46.87
N SER H 503 -3.28 36.32 46.48
CA SER H 503 -4.11 35.20 46.10
C SER H 503 -3.61 34.53 44.83
N ALA H 504 -3.17 35.33 43.85
CA ALA H 504 -2.65 34.74 42.62
C ALA H 504 -1.43 33.87 42.92
N LEU H 505 -0.50 34.39 43.73
CA LEU H 505 0.70 33.62 44.04
C LEU H 505 0.37 32.35 44.80
N GLN H 506 -0.52 32.45 45.81
CA GLN H 506 -0.83 31.28 46.61
C GLN H 506 -1.57 30.21 45.81
N ASN H 507 -2.54 30.61 44.98
CA ASN H 507 -3.27 29.63 44.18
C ASN H 507 -2.37 29.01 43.12
N ALA H 508 -1.49 29.80 42.51
CA ALA H 508 -0.53 29.24 41.56
C ALA H 508 0.38 28.24 42.26
N ALA H 509 0.84 28.55 43.47
CA ALA H 509 1.67 27.62 44.21
C ALA H 509 0.92 26.33 44.52
N SER H 510 -0.35 26.45 44.92
CA SER H 510 -1.13 25.26 45.24
C SER H 510 -1.31 24.36 44.03
N VAL H 511 -1.72 24.95 42.90
CA VAL H 511 -1.94 24.12 41.71
C VAL H 511 -0.62 23.56 41.19
N ALA H 512 0.48 24.32 41.32
CA ALA H 512 1.77 23.81 40.91
C ALA H 512 2.21 22.63 41.78
N GLY H 513 1.98 22.73 43.09
CA GLY H 513 2.27 21.59 43.95
C GLY H 513 1.44 20.38 43.59
N LEU H 514 0.16 20.58 43.31
CA LEU H 514 -0.69 19.45 42.93
C LEU H 514 -0.22 18.80 41.64
N MET H 515 0.20 19.59 40.64
CA MET H 515 0.64 18.99 39.39
C MET H 515 2.12 18.62 39.40
N LEU H 516 2.84 18.91 40.49
CA LEU H 516 4.19 18.39 40.64
C LEU H 516 4.19 17.06 41.40
N THR H 517 3.36 16.95 42.43
CA THR H 517 3.25 15.72 43.20
C THR H 517 2.22 14.75 42.60
N THR H 518 1.92 14.87 41.32
CA THR H 518 0.97 13.98 40.66
C THR H 518 1.73 12.83 40.01
N GLU H 519 1.34 11.60 40.33
CA GLU H 519 1.98 10.42 39.78
C GLU H 519 1.07 9.57 38.92
N CYS H 520 -0.25 9.70 39.06
CA CYS H 520 -1.18 8.89 38.31
C CYS H 520 -2.32 9.76 37.80
N MET H 521 -2.82 9.40 36.61
CA MET H 521 -3.88 10.14 35.94
C MET H 521 -4.87 9.16 35.33
N ILE H 522 -6.16 9.39 35.55
CA ILE H 522 -7.21 8.52 35.07
C ILE H 522 -8.19 9.35 34.23
N ALA H 523 -8.36 8.95 32.97
CA ALA H 523 -9.27 9.64 32.07
C ALA H 523 -10.02 8.62 31.23
N GLU H 524 -11.13 9.06 30.65
CA GLU H 524 -11.94 8.18 29.82
C GLU H 524 -11.16 7.74 28.59
N ALA H 525 -11.26 6.45 28.27
CA ALA H 525 -10.60 5.92 27.10
C ALA H 525 -11.27 6.44 25.83
N PRO H 526 -10.51 6.61 24.73
CA PRO H 526 -11.04 7.08 23.45
C PRO H 526 -12.17 6.21 22.91
N ALA I 1 -17.20 22.23 23.37
CA ALA I 1 -16.47 21.30 22.51
C ALA I 1 -14.98 21.59 22.53
N ALA I 2 -14.21 20.68 21.96
CA ALA I 2 -12.76 20.86 21.92
C ALA I 2 -12.38 22.06 21.07
N LYS I 3 -11.42 22.84 21.56
CA LYS I 3 -10.91 24.00 20.84
C LYS I 3 -9.54 23.70 20.24
N GLU I 4 -9.21 24.43 19.18
CA GLU I 4 -7.89 24.39 18.57
C GLU I 4 -7.29 25.79 18.62
N VAL I 5 -6.07 25.88 19.12
CA VAL I 5 -5.42 27.16 19.37
C VAL I 5 -4.18 27.27 18.49
N LYS I 6 -4.04 28.41 17.83
CA LYS I 6 -2.89 28.72 16.99
C LYS I 6 -2.24 29.99 17.50
N PHE I 7 -0.90 29.99 17.56
CA PHE I 7 -0.15 31.08 18.16
C PHE I 7 0.72 31.76 17.11
N HIS I 8 0.96 33.06 17.33
CA HIS I 8 1.92 33.83 16.57
C HIS I 8 1.69 33.77 15.07
N ASP I 9 2.77 33.56 14.31
CA ASP I 9 2.68 33.54 12.86
C ASP I 9 1.77 32.44 12.35
N SER I 10 1.70 31.30 13.03
CA SER I 10 0.85 30.21 12.60
C SER I 10 -0.63 30.58 12.62
N ALA I 11 -0.99 31.66 13.30
CA ALA I 11 -2.37 32.15 13.33
C ALA I 11 -2.51 33.42 12.50
N ARG I 12 -1.49 34.29 12.54
CA ARG I 12 -1.53 35.50 11.73
C ARG I 12 -1.58 35.17 10.26
N GLU I 13 -0.87 34.13 9.82
CA GLU I 13 -0.90 33.75 8.42
C GLU I 13 -2.27 33.20 8.00
N ARG I 14 -2.98 32.53 8.91
CA ARG I 14 -4.34 32.10 8.57
C ARG I 14 -5.29 33.29 8.46
N LEU I 15 -5.15 34.25 9.38
CA LEU I 15 -5.92 35.49 9.26
C LEU I 15 -5.65 36.17 7.92
N VAL I 16 -4.38 36.21 7.53
CA VAL I 16 -3.99 36.88 6.30
C VAL I 16 -4.52 36.14 5.10
N ALA I 17 -4.48 34.80 5.12
CA ALA I 17 -5.06 34.04 4.03
C ALA I 17 -6.55 34.31 3.89
N GLY I 18 -7.26 34.35 5.02
CA GLY I 18 -8.68 34.65 4.96
C GLY I 18 -9.00 36.02 4.40
N VAL I 19 -8.30 37.06 4.90
CA VAL I 19 -8.59 38.40 4.41
C VAL I 19 -8.16 38.55 2.96
N ASN I 20 -7.04 37.92 2.58
CA ASN I 20 -6.57 38.00 1.20
C ASN I 20 -7.56 37.34 0.25
N LEU I 21 -8.12 36.18 0.64
CA LEU I 21 -9.05 35.50 -0.24
C LEU I 21 -10.40 36.21 -0.29
N LEU I 22 -10.81 36.86 0.79
CA LEU I 22 -12.01 37.70 0.73
C LEU I 22 -11.80 38.89 -0.19
N ALA I 23 -10.67 39.58 -0.03
CA ALA I 23 -10.43 40.80 -0.79
C ALA I 23 -10.16 40.51 -2.26
N ASN I 24 -9.52 39.38 -2.59
CA ASN I 24 -9.30 39.05 -3.99
C ASN I 24 -10.61 38.84 -4.74
N ALA I 25 -11.66 38.43 -4.04
CA ALA I 25 -12.98 38.33 -4.66
C ALA I 25 -13.68 39.68 -4.68
N VAL I 26 -13.57 40.44 -3.58
CA VAL I 26 -14.30 41.70 -3.49
C VAL I 26 -13.75 42.73 -4.47
N LYS I 27 -12.43 42.83 -4.58
CA LYS I 27 -11.77 43.90 -5.33
C LYS I 27 -12.01 43.81 -6.84
N THR I 28 -12.39 42.64 -7.36
CA THR I 28 -12.66 42.53 -8.78
C THR I 28 -13.89 43.36 -9.18
N THR I 29 -14.74 43.70 -8.23
CA THR I 29 -15.93 44.51 -8.48
C THR I 29 -15.75 45.97 -8.12
N LEU I 30 -14.51 46.48 -8.16
CA LEU I 30 -14.20 47.85 -7.77
C LEU I 30 -13.88 48.67 -9.01
N GLY I 31 -14.45 49.87 -9.08
CA GLY I 31 -14.20 50.76 -10.19
C GLY I 31 -15.32 50.75 -11.21
N PRO I 32 -15.36 51.77 -12.06
CA PRO I 32 -16.39 51.81 -13.12
C PRO I 32 -16.34 50.62 -14.06
N LYS I 33 -15.16 50.07 -14.30
CA LYS I 33 -14.99 48.90 -15.15
C LYS I 33 -14.77 47.62 -14.34
N GLY I 34 -15.43 47.52 -13.19
CA GLY I 34 -15.25 46.35 -12.36
C GLY I 34 -15.76 45.10 -13.05
N ARG I 35 -15.05 44.00 -12.83
CA ARG I 35 -15.40 42.74 -13.48
C ARG I 35 -16.64 42.13 -12.84
N ASN I 36 -17.09 41.01 -13.41
CA ASN I 36 -18.23 40.31 -12.88
C ASN I 36 -17.79 39.20 -11.93
N VAL I 37 -18.64 38.90 -10.96
CA VAL I 37 -18.45 37.78 -10.05
C VAL I 37 -19.70 36.93 -10.08
N VAL I 38 -19.55 35.66 -10.43
CA VAL I 38 -20.67 34.74 -10.60
C VAL I 38 -20.81 33.95 -9.30
N ILE I 39 -22.01 33.99 -8.73
CA ILE I 39 -22.27 33.38 -7.43
C ILE I 39 -23.33 32.31 -7.60
N GLU I 40 -23.07 31.12 -7.05
CA GLU I 40 -24.04 30.03 -7.13
C GLU I 40 -25.28 30.37 -6.34
N ARG I 41 -26.43 30.02 -6.88
CA ARG I 41 -27.71 30.08 -6.18
C ARG I 41 -28.16 28.66 -5.88
N SER I 42 -28.91 28.50 -4.79
CA SER I 42 -29.35 27.16 -4.39
C SER I 42 -30.12 26.47 -5.49
N PHE I 43 -31.02 27.19 -6.16
CA PHE I 43 -31.73 26.68 -7.32
C PHE I 43 -31.80 27.75 -8.39
N GLY I 44 -31.94 27.32 -9.64
CA GLY I 44 -32.00 28.26 -10.74
C GLY I 44 -30.61 28.65 -11.23
N ALA I 45 -30.60 29.64 -12.12
CA ALA I 45 -29.37 30.10 -12.74
C ALA I 45 -28.52 30.89 -11.73
N PRO I 46 -27.19 30.79 -11.85
CA PRO I 46 -26.32 31.57 -10.96
C PRO I 46 -26.52 33.07 -11.13
N ILE I 47 -26.36 33.79 -10.03
CA ILE I 47 -26.48 35.25 -10.05
C ILE I 47 -25.10 35.85 -10.33
N VAL I 48 -25.05 36.78 -11.27
CA VAL I 48 -23.83 37.51 -11.58
C VAL I 48 -23.95 38.93 -11.04
N THR I 49 -22.93 39.37 -10.32
CA THR I 49 -22.93 40.69 -9.70
C THR I 49 -21.58 41.35 -9.90
N LYS I 50 -21.57 42.67 -9.90
CA LYS I 50 -20.36 43.47 -9.99
C LYS I 50 -20.34 44.53 -8.91
N ASP I 51 -20.88 44.19 -7.73
CA ASP I 51 -20.85 45.06 -6.57
C ASP I 51 -20.23 44.31 -5.40
N GLY I 52 -19.43 45.02 -4.60
CA GLY I 52 -18.72 44.39 -3.51
C GLY I 52 -19.61 43.93 -2.36
N VAL I 53 -20.75 44.59 -2.17
CA VAL I 53 -21.61 44.25 -1.03
C VAL I 53 -22.12 42.83 -1.14
N THR I 54 -22.63 42.47 -2.32
CA THR I 54 -23.17 41.13 -2.50
C THR I 54 -22.09 40.06 -2.51
N VAL I 55 -20.95 40.34 -3.16
CA VAL I 55 -19.88 39.36 -3.22
C VAL I 55 -19.32 39.08 -1.83
N ALA I 56 -19.12 40.13 -1.03
CA ALA I 56 -18.59 39.94 0.31
C ALA I 56 -19.56 39.16 1.18
N LYS I 57 -20.87 39.44 1.06
CA LYS I 57 -21.86 38.79 1.92
C LYS I 57 -21.88 37.28 1.70
N GLU I 58 -21.60 36.84 0.49
CA GLU I 58 -21.62 35.41 0.20
C GLU I 58 -20.31 34.71 0.58
N ILE I 59 -19.28 35.46 0.93
CA ILE I 59 -17.96 34.87 1.15
C ILE I 59 -17.84 34.43 2.61
N GLU I 60 -17.59 33.14 2.82
CA GLU I 60 -17.14 32.61 4.11
C GLU I 60 -16.45 31.29 3.82
N LEU I 61 -15.28 31.08 4.41
CA LEU I 61 -14.40 30.01 3.96
C LEU I 61 -14.63 28.72 4.73
N LYS I 62 -13.99 27.65 4.25
CA LYS I 62 -14.11 26.34 4.88
C LYS I 62 -13.26 26.26 6.15
N ASP I 63 -11.98 26.58 6.06
CA ASP I 63 -11.10 26.57 7.21
C ASP I 63 -11.56 27.64 8.20
N LYS I 64 -11.72 27.26 9.47
CA LYS I 64 -12.25 28.18 10.46
C LYS I 64 -11.31 29.35 10.70
N PHE I 65 -10.01 29.08 10.78
CA PHE I 65 -9.03 30.12 11.11
C PHE I 65 -8.94 31.19 10.03
N GLU I 66 -9.09 30.83 8.76
CA GLU I 66 -9.17 31.84 7.71
C GLU I 66 -10.50 32.59 7.76
N ASN I 67 -11.57 31.86 8.07
CA ASN I 67 -12.88 32.47 8.18
C ASN I 67 -12.91 33.51 9.28
N MET I 68 -12.05 33.37 10.30
CA MET I 68 -11.98 34.39 11.34
C MET I 68 -11.65 35.76 10.75
N GLY I 69 -10.54 35.83 10.01
CA GLY I 69 -10.17 37.08 9.38
C GLY I 69 -11.17 37.52 8.34
N ALA I 70 -11.69 36.57 7.56
CA ALA I 70 -12.69 36.91 6.55
C ALA I 70 -13.89 37.61 7.18
N GLN I 71 -14.43 37.03 8.26
CA GLN I 71 -15.62 37.60 8.88
C GLN I 71 -15.32 38.90 9.62
N MET I 72 -14.15 39.03 10.25
CA MET I 72 -13.83 40.29 10.91
C MET I 72 -13.71 41.43 9.90
N VAL I 73 -13.01 41.19 8.79
CA VAL I 73 -12.91 42.21 7.76
C VAL I 73 -14.28 42.50 7.15
N LYS I 74 -15.09 41.46 6.96
CA LYS I 74 -16.45 41.68 6.46
C LYS I 74 -17.27 42.52 7.42
N GLU I 75 -17.13 42.30 8.73
CA GLU I 75 -17.88 43.07 9.71
C GLU I 75 -17.47 44.53 9.69
N VAL I 76 -16.16 44.80 9.64
CA VAL I 76 -15.73 46.20 9.59
C VAL I 76 -16.15 46.85 8.27
N ALA I 77 -16.13 46.10 7.17
CA ALA I 77 -16.60 46.64 5.90
C ALA I 77 -18.09 46.98 5.96
N SER I 78 -18.89 46.11 6.58
CA SER I 78 -20.31 46.38 6.72
C SER I 78 -20.56 47.57 7.64
N LYS I 79 -19.75 47.72 8.68
CA LYS I 79 -19.84 48.91 9.53
C LYS I 79 -19.50 50.18 8.76
N THR I 80 -18.53 50.12 7.84
CA THR I 80 -18.28 51.24 6.95
C THR I 80 -19.49 51.51 6.06
N ALA I 81 -20.08 50.45 5.50
CA ALA I 81 -21.12 50.61 4.49
C ALA I 81 -22.41 51.18 5.10
N ASP I 82 -22.84 50.64 6.23
CA ASP I 82 -24.15 51.01 6.77
C ASP I 82 -24.20 52.47 7.24
N VAL I 83 -23.06 53.08 7.50
CA VAL I 83 -23.03 54.47 7.97
C VAL I 83 -22.72 55.46 6.85
N ALA I 84 -22.36 54.99 5.66
CA ALA I 84 -22.00 55.89 4.56
C ALA I 84 -22.73 55.51 3.27
N GLY I 85 -23.26 54.29 3.22
CA GLY I 85 -23.97 53.83 2.04
C GLY I 85 -23.09 53.29 0.93
N ASP I 86 -21.77 53.34 1.09
CA ASP I 86 -20.84 52.85 0.07
C ASP I 86 -19.46 52.77 0.71
N GLY I 87 -18.52 52.19 -0.03
CA GLY I 87 -17.14 52.08 0.41
C GLY I 87 -16.76 50.76 1.03
N THR I 88 -17.70 49.84 1.22
CA THR I 88 -17.34 48.53 1.76
C THR I 88 -16.38 47.80 0.85
N THR I 89 -16.44 48.05 -0.46
CA THR I 89 -15.42 47.52 -1.36
C THR I 89 -14.08 48.21 -1.12
N THR I 90 -14.10 49.53 -0.94
CA THR I 90 -12.86 50.26 -0.66
C THR I 90 -12.27 49.86 0.69
N ALA I 91 -13.12 49.70 1.70
CA ALA I 91 -12.62 49.36 3.04
C ALA I 91 -11.93 48.01 3.04
N THR I 92 -12.51 47.01 2.36
CA THR I 92 -11.88 45.69 2.30
C THR I 92 -10.54 45.76 1.59
N VAL I 93 -10.47 46.51 0.48
CA VAL I 93 -9.22 46.63 -0.26
C VAL I 93 -8.15 47.31 0.58
N LEU I 94 -8.51 48.39 1.26
CA LEU I 94 -7.55 49.08 2.12
C LEU I 94 -7.09 48.19 3.27
N ALA I 95 -8.00 47.44 3.87
CA ALA I 95 -7.62 46.52 4.94
C ALA I 95 -6.67 45.44 4.42
N GLN I 96 -6.94 44.89 3.24
CA GLN I 96 -6.03 43.90 2.66
C GLN I 96 -4.65 44.50 2.43
N ALA I 97 -4.61 45.73 1.89
CA ALA I 97 -3.31 46.35 1.62
C ALA I 97 -2.54 46.58 2.90
N ILE I 98 -3.21 47.13 3.93
CA ILE I 98 -2.52 47.44 5.18
C ILE I 98 -2.02 46.15 5.84
N VAL I 99 -2.86 45.12 5.86
CA VAL I 99 -2.47 43.87 6.50
C VAL I 99 -1.34 43.19 5.74
N ARG I 100 -1.42 43.18 4.41
CA ARG I 100 -0.39 42.54 3.61
C ARG I 100 0.95 43.24 3.76
N GLU I 101 0.94 44.58 3.89
CA GLU I 101 2.19 45.27 4.11
C GLU I 101 2.68 45.11 5.55
N GLY I 102 1.75 45.05 6.51
CA GLY I 102 2.13 44.90 7.90
C GLY I 102 2.72 43.54 8.21
N MET I 103 2.30 42.51 7.47
CA MET I 103 2.90 41.19 7.66
C MET I 103 4.37 41.18 7.31
N LYS I 104 4.77 41.95 6.30
CA LYS I 104 6.18 42.01 5.92
C LYS I 104 7.01 42.56 7.06
N TYR I 105 6.53 43.60 7.74
CA TYR I 105 7.28 44.17 8.85
C TYR I 105 7.20 43.33 10.11
N VAL I 106 6.05 42.70 10.37
CA VAL I 106 5.93 41.85 11.54
C VAL I 106 6.85 40.64 11.42
N ALA I 107 6.90 40.03 10.23
CA ALA I 107 7.86 38.95 10.00
C ALA I 107 9.29 39.44 10.11
N ALA I 108 9.53 40.74 9.88
CA ALA I 108 10.85 41.31 10.02
C ALA I 108 11.23 41.57 11.47
N GLY I 109 10.48 41.04 12.44
CA GLY I 109 10.79 41.25 13.84
C GLY I 109 10.43 42.62 14.36
N MET I 110 9.70 43.40 13.58
CA MET I 110 9.38 44.76 13.97
C MET I 110 8.19 44.76 14.92
N ASN I 111 8.17 45.72 15.84
CA ASN I 111 7.25 45.67 16.98
C ASN I 111 5.81 45.88 16.54
N PRO I 112 4.90 44.93 16.74
CA PRO I 112 3.52 45.10 16.28
C PRO I 112 2.78 46.26 16.91
N MET I 113 2.97 46.50 18.22
CA MET I 113 2.26 47.60 18.87
C MET I 113 2.67 48.95 18.31
N ASP I 114 3.97 49.15 18.09
CA ASP I 114 4.44 50.37 17.46
C ASP I 114 3.98 50.49 16.02
N LEU I 115 3.87 49.37 15.30
CA LEU I 115 3.29 49.41 13.96
C LEU I 115 1.84 49.89 14.00
N LYS I 116 1.07 49.38 14.97
CA LYS I 116 -0.31 49.81 15.11
C LYS I 116 -0.39 51.29 15.44
N ARG I 117 0.48 51.76 16.34
CA ARG I 117 0.48 53.18 16.68
C ARG I 117 0.87 54.06 15.50
N GLY I 118 1.86 53.64 14.71
CA GLY I 118 2.21 54.40 13.51
C GLY I 118 1.09 54.41 12.49
N ILE I 119 0.41 53.28 12.32
CA ILE I 119 -0.73 53.23 11.41
C ILE I 119 -1.82 54.18 11.87
N ASP I 120 -2.09 54.20 13.18
CA ASP I 120 -3.09 55.13 13.71
C ASP I 120 -2.67 56.57 13.49
N LYS I 121 -1.40 56.90 13.69
CA LYS I 121 -0.93 58.26 13.48
C LYS I 121 -1.09 58.68 12.03
N ALA I 122 -0.69 57.80 11.10
CA ALA I 122 -0.80 58.11 9.68
C ALA I 122 -2.26 58.27 9.27
N VAL I 123 -3.13 57.40 9.78
CA VAL I 123 -4.54 57.48 9.43
C VAL I 123 -5.15 58.77 9.98
N THR I 124 -4.77 59.15 11.20
CA THR I 124 -5.26 60.40 11.77
C THR I 124 -4.81 61.59 10.93
N ALA I 125 -3.54 61.60 10.51
CA ALA I 125 -3.06 62.70 9.68
C ALA I 125 -3.77 62.75 8.34
N ILE I 126 -3.96 61.60 7.70
CA ILE I 126 -4.62 61.58 6.39
C ILE I 126 -6.07 62.01 6.51
N VAL I 127 -6.77 61.56 7.56
CA VAL I 127 -8.15 61.97 7.78
C VAL I 127 -8.22 63.47 8.04
N GLU I 128 -7.30 64.01 8.84
CA GLU I 128 -7.26 65.44 9.06
C GLU I 128 -7.03 66.21 7.77
N GLU I 129 -6.21 65.67 6.87
CA GLU I 129 -6.02 66.31 5.58
C GLU I 129 -7.26 66.20 4.69
N LEU I 130 -8.01 65.11 4.80
CA LEU I 130 -9.23 64.96 4.01
C LEU I 130 -10.25 66.04 4.34
N LYS I 131 -10.24 66.52 5.59
CA LYS I 131 -11.15 67.60 5.97
C LYS I 131 -10.82 68.90 5.24
N ALA I 132 -9.61 69.03 4.69
CA ALA I 132 -9.23 70.20 3.93
C ALA I 132 -9.38 70.02 2.43
N ILE I 133 -9.12 68.82 1.91
CA ILE I 133 -9.30 68.56 0.48
C ILE I 133 -10.78 68.57 0.12
N SER I 134 -11.65 68.13 1.03
CA SER I 134 -13.06 67.96 0.71
C SER I 134 -13.73 69.28 0.36
N LYS I 135 -14.44 69.28 -0.76
CA LYS I 135 -15.25 70.44 -1.12
C LYS I 135 -16.62 70.35 -0.44
N PRO I 136 -17.00 71.33 0.36
CA PRO I 136 -18.32 71.28 1.00
C PRO I 136 -19.44 71.45 -0.01
N CYS I 137 -20.58 70.86 0.32
CA CYS I 137 -21.77 70.95 -0.52
C CYS I 137 -22.98 71.23 0.37
N SER I 138 -23.42 72.48 0.40
CA SER I 138 -24.57 72.87 1.21
C SER I 138 -25.65 73.63 0.43
N THR I 139 -25.31 74.29 -0.68
CA THR I 139 -26.32 74.97 -1.47
C THR I 139 -27.26 73.97 -2.14
N THR I 140 -28.48 74.40 -2.39
CA THR I 140 -29.47 73.53 -3.04
C THR I 140 -28.97 73.10 -4.42
N LYS I 141 -28.30 73.99 -5.14
CA LYS I 141 -27.71 73.61 -6.42
C LYS I 141 -26.65 72.53 -6.23
N GLU I 142 -25.79 72.69 -5.22
CA GLU I 142 -24.78 71.67 -4.94
C GLU I 142 -25.41 70.34 -4.56
N ILE I 143 -26.46 70.37 -3.74
CA ILE I 143 -27.15 69.15 -3.33
C ILE I 143 -27.74 68.45 -4.56
N ALA I 144 -28.39 69.22 -5.44
CA ALA I 144 -28.96 68.64 -6.64
C ALA I 144 -27.88 68.06 -7.54
N GLN I 145 -26.75 68.75 -7.67
CA GLN I 145 -25.66 68.24 -8.50
C GLN I 145 -25.12 66.93 -7.95
N VAL I 146 -24.92 66.87 -6.63
CA VAL I 146 -24.41 65.64 -6.03
C VAL I 146 -25.41 64.51 -6.20
N GLY I 147 -26.70 64.79 -6.00
CA GLY I 147 -27.71 63.76 -6.19
C GLY I 147 -27.76 63.25 -7.61
N THR I 148 -27.67 64.17 -8.59
CA THR I 148 -27.69 63.77 -9.99
C THR I 148 -26.47 62.92 -10.32
N ILE I 149 -25.30 63.31 -9.82
CA ILE I 149 -24.08 62.55 -10.08
C ILE I 149 -24.18 61.16 -9.47
N SER I 150 -24.70 61.07 -8.24
CA SER I 150 -24.85 59.77 -7.59
C SER I 150 -25.89 58.90 -8.28
N ALA I 151 -26.89 59.53 -8.92
CA ALA I 151 -27.95 58.80 -9.58
C ALA I 151 -27.69 58.59 -11.07
N ASN I 152 -26.44 58.62 -11.50
CA ASN I 152 -26.05 58.38 -12.89
C ASN I 152 -26.72 59.38 -13.83
N ALA I 153 -26.43 60.66 -13.59
CA ALA I 153 -26.85 61.77 -14.46
C ALA I 153 -28.37 61.88 -14.60
N ASP I 154 -29.12 61.48 -13.58
CA ASP I 154 -30.57 61.64 -13.60
C ASP I 154 -30.92 62.92 -12.84
N SER I 155 -31.15 64.00 -13.59
CA SER I 155 -31.38 65.30 -12.97
C SER I 155 -32.66 65.34 -12.15
N SER I 156 -33.68 64.59 -12.54
CA SER I 156 -34.92 64.58 -11.77
C SER I 156 -34.71 64.05 -10.36
N ILE I 157 -33.92 63.00 -10.22
CA ILE I 157 -33.63 62.45 -8.90
C ILE I 157 -32.92 63.48 -8.04
N GLY I 158 -31.92 64.16 -8.60
CA GLY I 158 -31.21 65.17 -7.84
C GLY I 158 -32.10 66.33 -7.43
N GLU I 159 -32.96 66.77 -8.36
CA GLU I 159 -33.89 67.85 -8.04
C GLU I 159 -34.84 67.45 -6.92
N ILE I 160 -35.36 66.23 -6.98
CA ILE I 160 -36.27 65.75 -5.94
C ILE I 160 -35.55 65.66 -4.60
N ILE I 161 -34.31 65.16 -4.61
CA ILE I 161 -33.54 65.06 -3.37
C ILE I 161 -33.30 66.44 -2.78
N ALA I 162 -32.95 67.41 -3.62
CA ALA I 162 -32.72 68.77 -3.15
C ALA I 162 -33.99 69.37 -2.57
N GLN I 163 -35.13 69.19 -3.26
CA GLN I 163 -36.38 69.73 -2.77
C GLN I 163 -36.85 69.06 -1.48
N ALA I 164 -36.48 67.79 -1.28
CA ALA I 164 -36.81 67.14 -0.02
C ALA I 164 -35.90 67.61 1.10
N MET I 165 -34.62 67.81 0.81
CA MET I 165 -33.66 68.14 1.85
C MET I 165 -33.74 69.60 2.28
N ASP I 166 -34.04 70.52 1.36
CA ASP I 166 -33.98 71.93 1.66
C ASP I 166 -35.18 72.45 2.45
N LYS I 167 -36.27 71.70 2.51
CA LYS I 167 -37.45 72.12 3.26
C LYS I 167 -37.72 71.27 4.49
N VAL I 168 -37.17 70.06 4.57
CA VAL I 168 -37.28 69.23 5.77
C VAL I 168 -36.03 69.32 6.63
N GLY I 169 -34.92 69.77 6.07
CA GLY I 169 -33.69 69.87 6.82
C GLY I 169 -32.64 68.86 6.38
N LYS I 170 -31.39 69.31 6.35
CA LYS I 170 -30.29 68.43 5.98
C LYS I 170 -30.16 67.27 6.97
N GLU I 171 -30.64 67.46 8.20
CA GLU I 171 -30.69 66.38 9.18
C GLU I 171 -32.05 65.71 9.25
N GLY I 172 -32.98 66.08 8.36
CA GLY I 172 -34.32 65.54 8.40
C GLY I 172 -34.41 64.12 7.87
N VAL I 173 -35.59 63.54 8.02
CA VAL I 173 -35.84 62.17 7.60
C VAL I 173 -36.47 62.17 6.22
N ILE I 174 -35.89 61.41 5.30
CA ILE I 174 -36.39 61.29 3.94
C ILE I 174 -36.53 59.80 3.60
N THR I 175 -37.69 59.43 3.09
CA THR I 175 -37.97 58.04 2.70
C THR I 175 -38.48 58.03 1.26
N VAL I 176 -38.45 56.85 0.66
CA VAL I 176 -38.82 56.65 -0.74
C VAL I 176 -40.01 55.71 -0.80
N GLU I 177 -41.05 56.12 -1.52
CA GLU I 177 -42.24 55.30 -1.73
C GLU I 177 -42.60 55.32 -3.21
N ASP I 178 -43.20 54.24 -3.68
CA ASP I 178 -43.59 54.15 -5.08
C ASP I 178 -44.65 55.20 -5.40
N GLY I 179 -44.45 55.89 -6.53
CA GLY I 179 -45.34 56.97 -6.91
C GLY I 179 -46.57 56.51 -7.66
N LYS I 180 -47.38 57.50 -8.06
CA LYS I 180 -48.63 57.25 -8.77
C LYS I 180 -48.61 57.83 -10.18
N SER I 181 -47.45 58.20 -10.69
CA SER I 181 -47.35 58.83 -12.00
C SER I 181 -45.95 58.61 -12.57
N LEU I 182 -45.73 59.19 -13.76
CA LEU I 182 -44.40 59.12 -14.37
C LEU I 182 -43.41 60.05 -13.70
N GLU I 183 -43.87 61.20 -13.23
CA GLU I 183 -43.01 62.21 -12.64
C GLU I 183 -42.88 61.99 -11.14
N ASN I 184 -41.67 62.16 -10.63
CA ASN I 184 -41.43 61.99 -9.20
C ASN I 184 -42.12 63.10 -8.42
N GLU I 185 -42.55 62.76 -7.20
CA GLU I 185 -43.26 63.69 -6.34
C GLU I 185 -42.76 63.53 -4.92
N LEU I 186 -42.97 64.56 -4.10
CA LEU I 186 -42.53 64.55 -2.72
C LEU I 186 -43.59 65.21 -1.86
N GLU I 187 -43.61 64.81 -0.58
CA GLU I 187 -44.57 65.34 0.36
C GLU I 187 -44.03 65.19 1.78
N VAL I 188 -44.60 65.94 2.70
CA VAL I 188 -44.24 65.90 4.11
C VAL I 188 -45.44 65.36 4.89
N VAL I 189 -45.21 64.30 5.66
CA VAL I 189 -46.25 63.68 6.47
C VAL I 189 -45.77 63.63 7.91
N GLU I 190 -46.71 63.51 8.84
CA GLU I 190 -46.37 63.43 10.25
C GLU I 190 -45.68 62.10 10.54
N GLY I 191 -44.51 62.16 11.14
CA GLY I 191 -43.76 60.95 11.43
C GLY I 191 -42.46 61.29 12.13
N MET I 192 -41.76 60.24 12.52
CA MET I 192 -40.50 60.40 13.26
C MET I 192 -39.65 59.15 13.03
N GLN I 193 -38.35 59.30 13.27
CA GLN I 193 -37.40 58.21 13.20
C GLN I 193 -36.59 58.16 14.48
N PHE I 194 -36.44 56.96 15.04
CA PHE I 194 -35.68 56.76 16.26
C PHE I 194 -34.67 55.64 16.05
N ASP I 195 -33.58 55.69 16.80
CA ASP I 195 -32.45 54.80 16.59
C ASP I 195 -32.65 53.45 17.27
N ARG I 196 -33.70 52.72 16.88
CA ARG I 196 -33.92 51.36 17.35
C ARG I 196 -34.28 50.48 16.16
N GLY I 197 -33.60 49.34 16.04
CA GLY I 197 -33.83 48.42 14.96
C GLY I 197 -34.62 47.19 15.38
N TYR I 198 -34.83 46.29 14.41
CA TYR I 198 -35.51 45.05 14.70
C TYR I 198 -34.69 44.18 15.63
N LEU I 199 -35.36 43.47 16.52
CA LEU I 199 -34.68 42.68 17.54
C LEU I 199 -34.29 41.29 17.05
N SER I 200 -34.64 40.91 15.82
CA SER I 200 -34.21 39.65 15.24
C SER I 200 -34.23 39.78 13.73
N PRO I 201 -33.23 39.22 13.03
CA PRO I 201 -33.21 39.33 11.56
C PRO I 201 -34.39 38.64 10.90
N TYR I 202 -35.08 37.73 11.60
CA TYR I 202 -36.25 37.08 11.02
C TYR I 202 -37.40 38.05 10.80
N PHE I 203 -37.39 39.20 11.47
CA PHE I 203 -38.45 40.20 11.29
C PHE I 203 -38.41 40.85 9.91
N ILE I 204 -37.27 40.81 9.22
CA ILE I 204 -37.17 41.47 7.92
C ILE I 204 -38.07 40.76 6.91
N ASN I 205 -38.54 41.53 5.92
CA ASN I 205 -39.34 40.97 4.84
C ASN I 205 -38.90 41.47 3.47
N ASN I 206 -37.86 42.30 3.38
CA ASN I 206 -37.35 42.82 2.12
C ASN I 206 -35.84 42.53 2.08
N PRO I 207 -35.45 41.32 1.68
CA PRO I 207 -34.02 41.00 1.63
C PRO I 207 -33.22 41.90 0.70
N ASP I 208 -33.87 42.48 -0.32
CA ASP I 208 -33.18 43.42 -1.19
C ASP I 208 -32.74 44.66 -0.43
N LYS I 209 -33.59 45.18 0.45
CA LYS I 209 -33.26 46.36 1.23
C LYS I 209 -32.77 46.05 2.64
N GLN I 210 -32.84 44.80 3.07
CA GLN I 210 -32.40 44.38 4.41
C GLN I 210 -33.12 45.18 5.49
N VAL I 211 -34.41 45.44 5.25
CA VAL I 211 -35.26 46.16 6.19
C VAL I 211 -36.59 45.44 6.32
N ALA I 212 -37.34 45.80 7.36
CA ALA I 212 -38.68 45.29 7.59
C ALA I 212 -39.69 46.39 7.31
N VAL I 213 -40.61 46.12 6.39
CA VAL I 213 -41.61 47.09 5.96
C VAL I 213 -42.99 46.53 6.24
N LEU I 214 -43.83 47.31 6.91
CA LEU I 214 -45.20 46.93 7.20
C LEU I 214 -46.13 48.02 6.70
N ASP I 215 -47.24 47.61 6.10
CA ASP I 215 -48.17 48.53 5.46
C ASP I 215 -49.43 48.69 6.31
N ASN I 216 -49.73 49.95 6.66
CA ASN I 216 -50.88 50.33 7.48
C ASN I 216 -51.00 49.46 8.73
N PRO I 217 -50.00 49.45 9.61
CA PRO I 217 -50.01 48.53 10.74
C PRO I 217 -50.65 49.14 11.97
N TYR I 218 -50.82 48.30 12.99
CA TYR I 218 -51.14 48.79 14.32
C TYR I 218 -49.87 49.02 15.13
N ILE I 219 -49.90 50.03 15.98
CA ILE I 219 -48.76 50.40 16.81
C ILE I 219 -49.09 50.06 18.25
N LEU I 220 -48.27 49.21 18.87
CA LEU I 220 -48.43 48.81 20.26
C LEU I 220 -47.35 49.52 21.08
N LEU I 221 -47.78 50.23 22.12
CA LEU I 221 -46.87 50.98 22.98
C LEU I 221 -46.92 50.40 24.38
N HIS I 222 -45.76 49.98 24.90
CA HIS I 222 -45.64 49.46 26.25
C HIS I 222 -44.35 49.97 26.86
N ASP I 223 -44.38 50.26 28.15
CA ASP I 223 -43.23 50.79 28.86
C ASP I 223 -42.52 49.76 29.73
N LYS I 224 -43.00 48.52 29.75
CA LYS I 224 -42.42 47.48 30.57
C LYS I 224 -41.92 46.32 29.70
N LYS I 225 -41.22 45.40 30.33
CA LYS I 225 -40.72 44.22 29.63
C LYS I 225 -41.87 43.28 29.27
N ILE I 226 -41.68 42.55 28.18
CA ILE I 226 -42.62 41.52 27.74
C ILE I 226 -41.86 40.24 27.50
N SER I 227 -42.19 39.20 28.27
CA SER I 227 -41.57 37.90 28.08
C SER I 227 -42.62 36.81 27.94
N ASN I 228 -43.72 36.94 28.68
CA ASN I 228 -44.80 35.96 28.63
C ASN I 228 -45.64 36.19 27.39
N ILE I 229 -45.89 35.13 26.63
CA ILE I 229 -46.73 35.23 25.44
C ILE I 229 -48.17 35.53 25.82
N ARG I 230 -48.61 35.10 27.01
CA ARG I 230 -49.96 35.35 27.45
C ARG I 230 -50.24 36.84 27.65
N ASP I 231 -49.20 37.62 27.94
CA ASP I 231 -49.38 39.03 28.21
C ASP I 231 -49.91 39.81 27.02
N LEU I 232 -49.73 39.30 25.79
CA LEU I 232 -50.17 40.00 24.59
C LEU I 232 -51.08 39.19 23.69
N LEU I 233 -51.38 37.94 24.01
CA LEU I 233 -52.23 37.11 23.17
C LEU I 233 -53.62 37.71 22.94
N PRO I 234 -54.33 38.24 23.94
CA PRO I 234 -55.63 38.86 23.65
C PRO I 234 -55.57 40.03 22.68
N VAL I 235 -54.47 40.79 22.67
CA VAL I 235 -54.33 41.88 21.72
C VAL I 235 -53.91 41.35 20.36
N LEU I 236 -53.01 40.36 20.35
CA LEU I 236 -52.55 39.78 19.09
C LEU I 236 -53.70 39.11 18.34
N GLU I 237 -54.60 38.45 19.05
CA GLU I 237 -55.76 37.83 18.39
C GLU I 237 -56.67 38.89 17.78
N GLN I 238 -56.91 39.99 18.50
CA GLN I 238 -57.71 41.08 17.95
C GLN I 238 -57.06 41.64 16.68
N VAL I 239 -55.74 41.82 16.72
CA VAL I 239 -55.04 42.32 15.54
C VAL I 239 -55.15 41.35 14.38
N ALA I 240 -55.01 40.05 14.67
CA ALA I 240 -55.09 39.03 13.61
C ALA I 240 -56.47 39.02 12.98
N LYS I 241 -57.53 39.08 13.79
CA LYS I 241 -58.88 39.16 13.22
C LYS I 241 -59.08 40.47 12.45
N ALA I 242 -58.44 41.55 12.89
CA ALA I 242 -58.45 42.78 12.11
C ALA I 242 -57.72 42.64 10.78
N GLY I 243 -56.64 41.86 10.74
CA GLY I 243 -55.93 41.57 9.52
C GLY I 243 -54.80 42.52 9.17
N ARG I 244 -54.65 43.63 9.88
CA ARG I 244 -53.59 44.56 9.59
C ARG I 244 -52.32 44.19 10.36
N PRO I 245 -51.15 44.57 9.85
CA PRO I 245 -49.89 44.20 10.52
C PRO I 245 -49.78 44.84 11.89
N LEU I 246 -48.81 44.35 12.66
CA LEU I 246 -48.59 44.79 14.03
C LEU I 246 -47.15 45.25 14.20
N LEU I 247 -46.98 46.42 14.80
CA LEU I 247 -45.68 46.89 15.27
C LEU I 247 -45.76 47.10 16.78
N ILE I 248 -44.86 46.45 17.51
CA ILE I 248 -44.88 46.46 18.96
C ILE I 248 -43.68 47.26 19.45
N ILE I 249 -43.96 48.31 20.22
CA ILE I 249 -42.93 49.13 20.86
C ILE I 249 -43.00 48.86 22.36
N ALA I 250 -41.92 48.31 22.91
CA ALA I 250 -41.86 47.97 24.32
C ALA I 250 -40.45 48.22 24.83
N GLU I 251 -40.28 48.14 26.15
CA GLU I 251 -38.96 48.25 26.73
C GLU I 251 -38.05 47.14 26.22
N ASP I 252 -38.56 45.91 26.18
CA ASP I 252 -37.85 44.79 25.58
C ASP I 252 -38.83 43.62 25.47
N VAL I 253 -38.59 42.78 24.46
CA VAL I 253 -39.32 41.53 24.30
C VAL I 253 -38.30 40.41 24.17
N GLU I 254 -38.56 39.30 24.86
CA GLU I 254 -37.60 38.21 24.93
C GLU I 254 -38.32 36.93 25.31
N GLY I 255 -37.63 35.81 25.11
CA GLY I 255 -38.16 34.53 25.57
C GLY I 255 -39.25 34.00 24.66
N GLU I 256 -40.27 33.40 25.28
CA GLU I 256 -41.32 32.73 24.52
C GLU I 256 -42.12 33.71 23.67
N ALA I 257 -42.30 34.96 24.13
CA ALA I 257 -43.02 35.94 23.33
C ALA I 257 -42.28 36.24 22.04
N LEU I 258 -40.97 36.50 22.13
CA LEU I 258 -40.18 36.77 20.94
C LEU I 258 -40.13 35.56 20.02
N ALA I 259 -39.98 34.37 20.61
CA ALA I 259 -39.96 33.14 19.81
C ALA I 259 -41.27 32.95 19.06
N THR I 260 -42.40 33.17 19.74
CA THR I 260 -43.70 33.03 19.10
C THR I 260 -43.90 34.06 18.00
N LEU I 261 -43.46 35.30 18.23
CA LEU I 261 -43.57 36.30 17.18
C LEU I 261 -42.73 35.93 15.97
N VAL I 262 -41.51 35.41 16.20
CA VAL I 262 -40.66 34.98 15.10
C VAL I 262 -41.32 33.84 14.32
N VAL I 263 -41.87 32.88 15.04
CA VAL I 263 -42.52 31.74 14.40
C VAL I 263 -43.74 32.21 13.60
N ASN I 264 -44.51 33.14 14.14
CA ASN I 264 -45.67 33.66 13.43
C ASN I 264 -45.25 34.40 12.17
N ASN I 265 -44.19 35.20 12.24
CA ASN I 265 -43.71 35.92 11.06
C ASN I 265 -43.21 34.93 10.00
N LEU I 266 -42.47 33.90 10.41
CA LEU I 266 -41.99 32.92 9.45
C LEU I 266 -43.14 32.12 8.83
N ARG I 267 -44.14 31.76 9.63
CA ARG I 267 -45.26 30.97 9.13
C ARG I 267 -46.29 31.80 8.38
N GLY I 268 -46.17 33.12 8.43
CA GLY I 268 -47.18 33.98 7.84
C GLY I 268 -48.45 34.09 8.64
N ILE I 269 -48.45 33.66 9.90
CA ILE I 269 -49.65 33.73 10.73
C ILE I 269 -50.07 35.17 10.94
N LEU I 270 -49.11 36.04 11.26
CA LEU I 270 -49.38 37.45 11.48
C LEU I 270 -48.13 38.25 11.17
N LYS I 271 -48.32 39.41 10.55
CA LYS I 271 -47.21 40.30 10.21
C LYS I 271 -46.87 41.14 11.44
N THR I 272 -45.78 40.79 12.12
CA THR I 272 -45.42 41.43 13.38
C THR I 272 -43.97 41.91 13.32
N CYS I 273 -43.70 42.96 14.10
CA CYS I 273 -42.35 43.48 14.27
C CYS I 273 -42.25 44.13 15.64
N ALA I 274 -41.15 43.85 16.33
CA ALA I 274 -40.95 44.34 17.68
C ALA I 274 -39.62 45.06 17.77
N VAL I 275 -39.64 46.27 18.32
CA VAL I 275 -38.43 47.06 18.52
C VAL I 275 -38.44 47.63 19.93
N LYS I 276 -37.25 47.90 20.45
CA LYS I 276 -37.13 48.53 21.76
C LYS I 276 -37.62 49.97 21.69
N ALA I 277 -38.22 50.43 22.78
CA ALA I 277 -38.66 51.82 22.84
C ALA I 277 -37.46 52.75 22.88
N PRO I 278 -37.54 53.89 22.20
CA PRO I 278 -36.39 54.80 22.14
C PRO I 278 -36.14 55.47 23.48
N GLY I 279 -34.87 55.78 23.72
CA GLY I 279 -34.47 56.47 24.94
C GLY I 279 -34.35 55.54 26.13
N PHE I 280 -33.96 56.13 27.26
CA PHE I 280 -33.85 55.41 28.52
C PHE I 280 -34.04 56.38 29.67
N GLY I 281 -34.29 55.83 30.84
CA GLY I 281 -34.57 56.69 31.98
C GLY I 281 -35.93 57.37 31.85
N ASP I 282 -36.00 58.60 32.34
CA ASP I 282 -37.22 59.39 32.20
C ASP I 282 -37.51 59.75 30.75
N ARG I 283 -36.52 59.71 29.87
CA ARG I 283 -36.76 60.00 28.46
C ARG I 283 -37.62 58.92 27.82
N ARG I 284 -37.64 57.72 28.41
CA ARG I 284 -38.40 56.61 27.84
C ARG I 284 -39.89 56.93 27.79
N LYS I 285 -40.44 57.44 28.89
CA LYS I 285 -41.86 57.77 28.94
C LYS I 285 -42.20 58.89 27.97
N ALA I 286 -41.33 59.90 27.87
CA ALA I 286 -41.57 61.00 26.94
C ALA I 286 -41.57 60.49 25.50
N MET I 287 -40.61 59.62 25.16
CA MET I 287 -40.56 59.04 23.82
C MET I 287 -41.83 58.25 23.51
N LEU I 288 -42.25 57.41 24.47
CA LEU I 288 -43.44 56.60 24.24
C LEU I 288 -44.69 57.47 24.09
N GLN I 289 -44.81 58.52 24.92
CA GLN I 289 -45.97 59.39 24.83
C GLN I 289 -45.99 60.15 23.50
N ASP I 290 -44.84 60.65 23.05
CA ASP I 290 -44.77 61.34 21.77
C ASP I 290 -45.13 60.39 20.63
N ILE I 291 -44.62 59.16 20.67
CA ILE I 291 -44.93 58.21 19.61
C ILE I 291 -46.41 57.87 19.61
N ALA I 292 -47.00 57.69 20.79
CA ALA I 292 -48.43 57.38 20.87
C ALA I 292 -49.28 58.52 20.34
N ILE I 293 -48.96 59.76 20.71
CA ILE I 293 -49.75 60.89 20.24
C ILE I 293 -49.55 61.10 18.75
N LEU I 294 -48.37 60.72 18.23
CA LEU I 294 -48.14 60.83 16.80
C LEU I 294 -48.91 59.77 16.02
N THR I 295 -49.00 58.57 16.56
CA THR I 295 -49.73 57.48 15.92
C THR I 295 -51.18 57.41 16.36
N GLY I 296 -51.62 58.31 17.24
CA GLY I 296 -52.99 58.31 17.71
C GLY I 296 -53.31 57.27 18.76
N GLY I 297 -52.31 56.54 19.25
CA GLY I 297 -52.51 55.51 20.25
C GLY I 297 -52.29 56.02 21.67
N THR I 298 -52.36 55.09 22.61
CA THR I 298 -52.16 55.38 24.02
C THR I 298 -51.15 54.40 24.60
N VAL I 299 -50.28 54.90 25.47
CA VAL I 299 -49.24 54.05 26.06
C VAL I 299 -49.86 53.15 27.11
N ILE I 300 -49.59 51.85 27.00
CA ILE I 300 -50.07 50.88 27.99
C ILE I 300 -49.08 50.87 29.16
N SER I 301 -49.54 51.31 30.33
CA SER I 301 -48.68 51.39 31.49
C SER I 301 -49.52 51.31 32.76
N GLU I 302 -48.91 50.78 33.82
CA GLU I 302 -49.59 50.72 35.11
C GLU I 302 -49.80 52.11 35.70
N GLU I 303 -48.82 53.00 35.53
CA GLU I 303 -48.94 54.36 36.05
C GLU I 303 -50.07 55.14 35.41
N VAL I 304 -50.53 54.75 34.22
CA VAL I 304 -51.66 55.37 33.55
C VAL I 304 -52.93 54.53 33.68
N GLY I 305 -52.84 53.36 34.31
CA GLY I 305 -54.01 52.56 34.60
C GLY I 305 -54.48 51.64 33.51
N LEU I 306 -53.59 51.26 32.59
CA LEU I 306 -53.92 50.31 31.53
C LEU I 306 -52.96 49.13 31.58
N SER I 307 -53.47 47.95 31.23
CA SER I 307 -52.68 46.73 31.19
C SER I 307 -52.85 46.08 29.82
N LEU I 308 -51.80 45.39 29.37
CA LEU I 308 -51.82 44.78 28.05
C LEU I 308 -52.80 43.62 27.94
N GLU I 309 -53.25 43.06 29.07
CA GLU I 309 -54.18 41.94 29.02
C GLU I 309 -55.55 42.36 28.50
N LYS I 310 -55.98 43.58 28.80
CA LYS I 310 -57.28 44.07 28.36
C LYS I 310 -57.19 45.13 27.28
N ALA I 311 -56.02 45.40 26.72
CA ALA I 311 -55.88 46.42 25.70
C ALA I 311 -56.66 46.02 24.44
N THR I 312 -57.24 47.03 23.79
CA THR I 312 -58.04 46.84 22.59
C THR I 312 -57.39 47.56 21.43
N LEU I 313 -57.97 47.36 20.24
CA LEU I 313 -57.45 48.00 19.04
C LEU I 313 -57.57 49.52 19.09
N GLU I 314 -58.52 50.06 19.85
CA GLU I 314 -58.65 51.50 19.97
C GLU I 314 -57.46 52.13 20.67
N ASP I 315 -56.91 51.47 21.69
CA ASP I 315 -55.71 51.98 22.37
C ASP I 315 -54.49 51.99 21.45
N LEU I 316 -54.43 51.07 20.50
CA LEU I 316 -53.26 50.96 19.63
C LEU I 316 -53.20 52.11 18.64
N GLY I 317 -51.97 52.57 18.35
CA GLY I 317 -51.76 53.55 17.30
C GLY I 317 -51.70 52.91 15.94
N GLN I 318 -51.69 53.75 14.92
CA GLN I 318 -51.64 53.28 13.54
C GLN I 318 -51.03 54.35 12.65
N ALA I 319 -50.48 53.90 11.52
CA ALA I 319 -49.84 54.79 10.56
C ALA I 319 -49.86 54.13 9.19
N LYS I 320 -49.59 54.94 8.16
CA LYS I 320 -49.61 54.42 6.80
C LYS I 320 -48.53 53.37 6.55
N ARG I 321 -47.31 53.61 7.05
CA ARG I 321 -46.21 52.68 6.83
C ARG I 321 -45.17 52.88 7.92
N VAL I 322 -44.55 51.79 8.33
CA VAL I 322 -43.40 51.80 9.22
C VAL I 322 -42.27 50.99 8.56
N GLU I 323 -41.06 51.56 8.59
CA GLU I 323 -39.88 50.90 8.06
C GLU I 323 -38.93 50.63 9.22
N VAL I 324 -38.53 49.36 9.37
CA VAL I 324 -37.66 48.94 10.46
C VAL I 324 -36.35 48.48 9.85
N ALA I 325 -35.27 49.22 10.08
CA ALA I 325 -33.95 48.87 9.62
C ALA I 325 -33.17 48.22 10.77
N LYS I 326 -31.89 47.92 10.51
CA LYS I 326 -31.07 47.29 11.53
C LYS I 326 -30.80 48.24 12.70
N GLU I 327 -30.63 49.53 12.41
CA GLU I 327 -30.26 50.50 13.44
C GLU I 327 -31.35 51.49 13.79
N HIS I 328 -32.29 51.77 12.90
CA HIS I 328 -33.31 52.77 13.16
C HIS I 328 -34.64 52.33 12.60
N THR I 329 -35.71 52.87 13.17
CA THR I 329 -37.07 52.61 12.74
C THR I 329 -37.80 53.94 12.54
N THR I 330 -38.53 54.06 11.44
CA THR I 330 -39.24 55.28 11.11
C THR I 330 -40.72 54.99 10.95
N ILE I 331 -41.54 56.00 11.23
CA ILE I 331 -42.99 55.90 11.15
C ILE I 331 -43.46 56.93 10.14
N ILE I 332 -44.32 56.50 9.20
CA ILE I 332 -44.78 57.34 8.10
C ILE I 332 -46.27 57.57 8.27
N ASP I 333 -46.68 58.84 8.28
CA ASP I 333 -48.09 59.24 8.27
C ASP I 333 -48.85 58.65 9.46
N GLY I 334 -48.44 59.09 10.66
CA GLY I 334 -49.13 58.67 11.86
C GLY I 334 -50.55 59.20 11.92
N ALA I 335 -51.39 58.49 12.65
CA ALA I 335 -52.81 58.82 12.72
C ALA I 335 -53.10 60.03 13.60
N GLY I 336 -52.13 60.53 14.35
CA GLY I 336 -52.35 61.66 15.22
C GLY I 336 -52.78 62.91 14.47
N ASP I 337 -53.77 63.62 15.01
CA ASP I 337 -54.24 64.85 14.38
C ASP I 337 -53.16 65.92 14.45
N PRO I 338 -53.02 66.76 13.43
CA PRO I 338 -52.00 67.81 13.46
C PRO I 338 -52.18 68.81 14.58
N ALA I 339 -53.41 69.04 15.06
CA ALA I 339 -53.63 70.01 16.12
C ALA I 339 -52.96 69.57 17.43
N LYS I 340 -53.20 68.33 17.83
CA LYS I 340 -52.58 67.83 19.06
C LYS I 340 -51.07 67.73 18.91
N ILE I 341 -50.59 67.37 17.71
CA ILE I 341 -49.15 67.29 17.48
C ILE I 341 -48.52 68.67 17.64
N GLN I 342 -49.15 69.70 17.07
CA GLN I 342 -48.62 71.06 17.21
C GLN I 342 -48.71 71.53 18.66
N ALA I 343 -49.78 71.17 19.37
CA ALA I 343 -49.88 71.53 20.78
C ALA I 343 -48.77 70.90 21.59
N ARG I 344 -48.47 69.61 21.34
CA ARG I 344 -47.38 68.96 22.04
C ARG I 344 -46.03 69.56 21.64
N VAL I 345 -45.90 69.98 20.38
CA VAL I 345 -44.67 70.66 19.95
C VAL I 345 -44.47 71.93 20.75
N LYS I 346 -45.53 72.73 20.91
CA LYS I 346 -45.43 73.93 21.73
C LYS I 346 -45.13 73.59 23.18
N GLU I 347 -45.74 72.52 23.70
CA GLU I 347 -45.47 72.09 25.07
C GLU I 347 -44.00 71.76 25.27
N ILE I 348 -43.42 71.01 24.33
CA ILE I 348 -42.01 70.64 24.44
C ILE I 348 -41.12 71.87 24.26
N ARG I 349 -41.51 72.78 23.36
CA ARG I 349 -40.73 74.00 23.16
C ARG I 349 -40.74 74.90 24.39
N VAL I 350 -41.83 74.96 25.14
CA VAL I 350 -41.85 75.74 26.36
C VAL I 350 -41.20 74.98 27.52
N GLN I 351 -41.23 73.64 27.49
CA GLN I 351 -40.46 72.86 28.45
C GLN I 351 -38.95 72.97 28.21
N ILE I 352 -38.56 73.37 26.99
CA ILE I 352 -37.14 73.59 26.70
C ILE I 352 -36.54 74.60 27.67
N GLU I 353 -37.27 75.69 27.94
CA GLU I 353 -36.83 76.68 28.91
C GLU I 353 -36.81 76.15 30.34
N GLU I 354 -37.49 75.03 30.60
CA GLU I 354 -37.49 74.41 31.93
C GLU I 354 -36.32 73.46 32.14
N ALA I 355 -35.44 73.31 31.15
CA ALA I 355 -34.34 72.36 31.26
C ALA I 355 -33.37 72.77 32.36
N THR I 356 -32.97 71.79 33.17
CA THR I 356 -32.03 72.02 34.26
C THR I 356 -30.57 71.99 33.82
N SER I 357 -30.30 71.55 32.59
CA SER I 357 -28.94 71.45 32.10
C SER I 357 -28.95 71.52 30.58
N ASP I 358 -27.77 71.77 30.01
CA ASP I 358 -27.65 71.81 28.55
C ASP I 358 -27.99 70.46 27.93
N TYR I 359 -27.68 69.36 28.63
CA TYR I 359 -28.05 68.04 28.12
C TYR I 359 -29.56 67.89 28.06
N ASP I 360 -30.27 68.36 29.09
CA ASP I 360 -31.73 68.32 29.07
C ASP I 360 -32.28 69.16 27.92
N ARG I 361 -31.70 70.36 27.73
CA ARG I 361 -32.18 71.25 26.68
C ARG I 361 -31.94 70.65 25.30
N GLU I 362 -30.80 70.01 25.09
CA GLU I 362 -30.51 69.44 23.78
C GLU I 362 -31.39 68.23 23.48
N LYS I 363 -31.70 67.41 24.49
CA LYS I 363 -32.66 66.33 24.27
C LYS I 363 -34.06 66.86 24.00
N LEU I 364 -34.47 67.92 24.69
CA LEU I 364 -35.76 68.53 24.39
C LEU I 364 -35.80 69.09 22.97
N GLN I 365 -34.69 69.70 22.53
CA GLN I 365 -34.60 70.19 21.17
C GLN I 365 -34.66 69.04 20.17
N GLU I 366 -34.01 67.91 20.49
CA GLU I 366 -34.10 66.72 19.63
C GLU I 366 -35.55 66.24 19.55
N ARG I 367 -36.26 66.25 20.67
CA ARG I 367 -37.67 65.90 20.67
C ARG I 367 -38.47 66.83 19.74
N VAL I 368 -38.23 68.13 19.86
CA VAL I 368 -38.93 69.10 19.02
C VAL I 368 -38.65 68.82 17.55
N ALA I 369 -37.38 68.59 17.21
CA ALA I 369 -37.03 68.34 15.81
C ALA I 369 -37.68 67.06 15.30
N LYS I 370 -37.53 65.97 16.04
CA LYS I 370 -38.05 64.68 15.58
C LYS I 370 -39.57 64.69 15.49
N LEU I 371 -40.24 65.54 16.27
CA LEU I 371 -41.70 65.56 16.22
C LEU I 371 -42.21 66.51 15.14
N ALA I 372 -41.77 67.77 15.17
CA ALA I 372 -42.30 68.77 14.25
C ALA I 372 -41.76 68.61 12.82
N GLY I 373 -40.56 68.04 12.66
CA GLY I 373 -39.98 67.94 11.34
C GLY I 373 -40.72 67.01 10.40
N GLY I 374 -41.46 66.05 10.94
CA GLY I 374 -42.18 65.14 10.08
C GLY I 374 -41.24 64.22 9.32
N VAL I 375 -41.76 63.63 8.25
CA VAL I 375 -41.01 62.73 7.38
C VAL I 375 -41.24 63.15 5.94
N ALA I 376 -40.17 63.31 5.18
CA ALA I 376 -40.28 63.57 3.75
C ALA I 376 -40.40 62.25 3.01
N VAL I 377 -41.43 62.14 2.17
CA VAL I 377 -41.69 60.93 1.39
C VAL I 377 -41.51 61.28 -0.07
N ILE I 378 -40.63 60.55 -0.75
CA ILE I 378 -40.37 60.75 -2.17
C ILE I 378 -41.18 59.74 -2.95
N LYS I 379 -42.11 60.24 -3.77
CA LYS I 379 -42.93 59.37 -4.62
C LYS I 379 -42.21 59.17 -5.93
N VAL I 380 -41.40 58.10 -5.98
CA VAL I 380 -40.62 57.82 -7.18
C VAL I 380 -41.56 57.42 -8.31
N GLY I 381 -41.48 58.13 -9.43
CA GLY I 381 -42.36 57.91 -10.56
C GLY I 381 -41.65 57.34 -11.77
N ALA I 382 -42.30 56.39 -12.42
CA ALA I 382 -41.74 55.75 -13.61
C ALA I 382 -42.86 55.04 -14.36
N ALA I 383 -42.54 54.57 -15.56
CA ALA I 383 -43.55 54.01 -16.45
C ALA I 383 -44.01 52.62 -16.02
N THR I 384 -43.09 51.75 -15.61
CA THR I 384 -43.41 50.35 -15.36
C THR I 384 -42.91 49.93 -14.00
N GLU I 385 -43.42 48.78 -13.54
CA GLU I 385 -42.98 48.21 -12.27
C GLU I 385 -41.51 47.80 -12.33
N VAL I 386 -41.06 47.27 -13.46
CA VAL I 386 -39.64 46.95 -13.63
C VAL I 386 -38.80 48.20 -13.50
N GLU I 387 -39.23 49.30 -14.14
CA GLU I 387 -38.52 50.56 -14.01
C GLU I 387 -38.71 51.15 -12.62
N MET I 388 -39.88 50.91 -12.00
CA MET I 388 -40.09 51.28 -10.61
C MET I 388 -39.01 50.68 -9.70
N LYS I 389 -38.75 49.38 -9.84
CA LYS I 389 -37.82 48.72 -8.95
C LYS I 389 -36.41 49.30 -9.07
N GLU I 390 -35.97 49.56 -10.30
CA GLU I 390 -34.62 50.12 -10.50
C GLU I 390 -34.55 51.56 -10.03
N LYS I 391 -35.57 52.36 -10.36
CA LYS I 391 -35.53 53.78 -10.02
C LYS I 391 -35.61 54.00 -8.51
N LYS I 392 -36.36 53.15 -7.80
CA LYS I 392 -36.42 53.27 -6.35
C LYS I 392 -35.06 53.02 -5.71
N ALA I 393 -34.36 51.98 -6.18
CA ALA I 393 -33.02 51.71 -5.67
C ALA I 393 -32.05 52.83 -6.01
N ARG I 394 -32.14 53.36 -7.23
CA ARG I 394 -31.27 54.46 -7.61
C ARG I 394 -31.52 55.69 -6.76
N VAL I 395 -32.79 56.00 -6.49
CA VAL I 395 -33.14 57.15 -5.66
C VAL I 395 -32.64 56.94 -4.24
N GLU I 396 -32.78 55.71 -3.71
CA GLU I 396 -32.30 55.44 -2.37
C GLU I 396 -30.79 55.60 -2.27
N ASP I 397 -30.06 55.09 -3.27
CA ASP I 397 -28.61 55.24 -3.26
C ASP I 397 -28.20 56.71 -3.38
N ALA I 398 -28.88 57.47 -4.24
CA ALA I 398 -28.59 58.90 -4.36
C ALA I 398 -28.90 59.63 -3.06
N LEU I 399 -29.99 59.26 -2.39
CA LEU I 399 -30.33 59.87 -1.10
C LEU I 399 -29.25 59.59 -0.06
N HIS I 400 -28.78 58.35 0.00
CA HIS I 400 -27.73 58.01 0.95
C HIS I 400 -26.45 58.76 0.64
N ALA I 401 -26.08 58.86 -0.64
CA ALA I 401 -24.88 59.58 -1.01
C ALA I 401 -25.00 61.06 -0.66
N THR I 402 -26.16 61.67 -0.94
CA THR I 402 -26.36 63.08 -0.61
C THR I 402 -26.33 63.31 0.88
N ARG I 403 -26.94 62.42 1.66
CA ARG I 403 -26.89 62.54 3.12
C ARG I 403 -25.46 62.47 3.61
N ALA I 404 -24.68 61.53 3.07
CA ALA I 404 -23.26 61.48 3.41
C ALA I 404 -22.51 62.69 2.90
N ALA I 405 -22.82 63.15 1.67
CA ALA I 405 -22.10 64.28 1.08
C ALA I 405 -22.38 65.58 1.81
N VAL I 406 -23.63 65.83 2.19
CA VAL I 406 -23.97 67.11 2.80
C VAL I 406 -23.34 67.25 4.19
N GLU I 407 -23.05 66.13 4.85
CA GLU I 407 -22.47 66.18 6.19
C GLU I 407 -21.01 66.58 6.16
N GLU I 408 -20.23 66.03 5.23
CA GLU I 408 -18.78 66.22 5.23
C GLU I 408 -18.23 66.70 3.90
N GLY I 409 -19.08 67.07 2.95
CA GLY I 409 -18.62 67.55 1.67
C GLY I 409 -18.27 66.41 0.71
N ILE I 410 -17.91 66.80 -0.51
CA ILE I 410 -17.54 65.85 -1.54
C ILE I 410 -16.04 65.92 -1.76
N VAL I 411 -15.48 64.85 -2.31
CA VAL I 411 -14.04 64.77 -2.56
C VAL I 411 -13.82 64.00 -3.85
N PRO I 412 -12.75 64.36 -4.60
CA PRO I 412 -12.46 63.63 -5.85
C PRO I 412 -12.42 62.12 -5.68
N GLY I 413 -13.33 61.43 -6.35
CA GLY I 413 -13.45 59.99 -6.20
C GLY I 413 -12.49 59.19 -7.04
N GLY I 414 -12.69 57.88 -7.10
CA GLY I 414 -11.81 57.02 -7.85
C GLY I 414 -10.46 56.78 -7.19
N GLY I 415 -10.37 57.01 -5.89
CA GLY I 415 -9.13 56.80 -5.16
C GLY I 415 -8.16 57.95 -5.19
N VAL I 416 -8.43 59.00 -5.97
CA VAL I 416 -7.52 60.15 -6.02
C VAL I 416 -7.54 60.91 -4.71
N ALA I 417 -8.66 60.87 -3.98
CA ALA I 417 -8.78 61.60 -2.73
C ALA I 417 -7.74 61.16 -1.71
N LEU I 418 -7.55 59.85 -1.57
CA LEU I 418 -6.57 59.34 -0.63
C LEU I 418 -5.15 59.73 -1.03
N LEU I 419 -4.85 59.74 -2.33
CA LEU I 419 -3.54 60.17 -2.77
C LEU I 419 -3.30 61.64 -2.46
N ARG I 420 -4.29 62.49 -2.72
CA ARG I 420 -4.14 63.92 -2.41
C ARG I 420 -3.96 64.14 -0.92
N ALA I 421 -4.76 63.43 -0.10
CA ALA I 421 -4.63 63.55 1.34
C ALA I 421 -3.26 63.08 1.82
N ARG I 422 -2.78 61.96 1.25
CA ARG I 422 -1.47 61.45 1.64
C ARG I 422 -0.36 62.44 1.29
N GLU I 423 -0.41 63.00 0.08
CA GLU I 423 0.61 63.96 -0.33
C GLU I 423 0.58 65.20 0.55
N ALA I 424 -0.63 65.70 0.86
CA ALA I 424 -0.74 66.88 1.71
C ALA I 424 -0.23 66.60 3.12
N ALA I 425 -0.55 65.42 3.67
CA ALA I 425 -0.08 65.07 5.00
C ALA I 425 1.43 64.91 5.04
N VAL I 426 2.01 64.28 4.02
CA VAL I 426 3.46 64.14 3.97
C VAL I 426 4.14 65.50 3.87
N ALA I 427 3.59 66.38 3.02
CA ALA I 427 4.13 67.73 2.92
C ALA I 427 3.98 68.50 4.23
N LYS I 428 2.91 68.25 4.98
CA LYS I 428 2.75 68.87 6.28
C LYS I 428 3.85 68.45 7.25
N GLY I 429 4.37 67.24 7.08
CA GLY I 429 5.36 66.69 7.99
C GLY I 429 4.78 65.63 8.89
N LEU I 430 5.02 64.36 8.54
CA LEU I 430 4.53 63.23 9.29
C LEU I 430 5.70 62.33 9.65
N LYS I 431 5.85 62.03 10.93
CA LYS I 431 6.99 61.26 11.41
C LYS I 431 6.57 60.40 12.58
N GLY I 432 7.35 59.35 12.83
CA GLY I 432 7.13 58.46 13.96
C GLY I 432 8.23 58.60 14.98
N ASP I 433 7.87 58.35 16.25
CA ASP I 433 8.83 58.43 17.34
C ASP I 433 9.81 57.27 17.36
N ASN I 434 9.55 56.21 16.60
CA ASN I 434 10.39 55.03 16.54
C ASN I 434 10.55 54.62 15.08
N PRO I 435 11.61 53.87 14.75
CA PRO I 435 11.66 53.27 13.41
C PRO I 435 10.48 52.35 13.14
N ASP I 436 9.96 51.68 14.17
CA ASP I 436 8.75 50.89 14.00
C ASP I 436 7.55 51.76 13.68
N GLN I 437 7.42 52.90 14.35
CA GLN I 437 6.36 53.84 13.98
C GLN I 437 6.58 54.39 12.57
N GLU I 438 7.83 54.57 12.16
CA GLU I 438 8.10 55.00 10.78
C GLU I 438 7.63 53.95 9.78
N ALA I 439 7.88 52.66 10.08
CA ALA I 439 7.38 51.60 9.22
C ALA I 439 5.86 51.56 9.21
N GLY I 440 5.23 51.82 10.36
CA GLY I 440 3.79 51.91 10.40
C GLY I 440 3.25 53.04 9.54
N ILE I 441 3.95 54.18 9.55
CA ILE I 441 3.57 55.28 8.68
C ILE I 441 3.69 54.87 7.22
N LYS I 442 4.82 54.24 6.86
CA LYS I 442 5.05 53.80 5.48
C LYS I 442 3.98 52.81 5.04
N ILE I 443 3.51 51.96 5.95
CA ILE I 443 2.48 50.98 5.62
C ILE I 443 1.23 51.69 5.10
N VAL I 444 0.75 52.68 5.84
CA VAL I 444 -0.45 53.40 5.43
C VAL I 444 -0.18 54.22 4.17
N LEU I 445 1.00 54.84 4.09
CA LEU I 445 1.31 55.66 2.92
C LEU I 445 1.31 54.82 1.65
N ARG I 446 1.77 53.57 1.73
CA ARG I 446 1.71 52.69 0.57
C ARG I 446 0.31 52.12 0.36
N ALA I 447 -0.45 51.88 1.44
CA ALA I 447 -1.73 51.22 1.29
C ALA I 447 -2.82 52.13 0.76
N VAL I 448 -2.75 53.43 1.06
CA VAL I 448 -3.84 54.34 0.69
C VAL I 448 -3.92 54.51 -0.82
N GLU I 449 -2.90 54.05 -1.55
CA GLU I 449 -2.97 54.10 -3.01
C GLU I 449 -3.53 52.83 -3.63
N GLN I 450 -3.84 51.83 -2.81
CA GLN I 450 -4.36 50.55 -3.30
C GLN I 450 -5.70 50.68 -4.02
N PRO I 451 -6.67 51.47 -3.52
CA PRO I 451 -7.95 51.59 -4.26
C PRO I 451 -7.77 52.09 -5.68
N LEU I 452 -6.94 53.10 -5.90
CA LEU I 452 -6.71 53.57 -7.26
C LEU I 452 -6.00 52.53 -8.10
N ARG I 453 -5.01 51.84 -7.50
CA ARG I 453 -4.30 50.80 -8.24
C ARG I 453 -5.24 49.69 -8.69
N GLU I 454 -6.15 49.26 -7.81
CA GLU I 454 -7.12 48.23 -8.19
C GLU I 454 -8.16 48.72 -9.18
N ILE I 455 -8.61 49.97 -9.06
CA ILE I 455 -9.54 50.50 -10.06
C ILE I 455 -8.87 50.51 -11.43
N VAL I 456 -7.61 50.93 -11.49
CA VAL I 456 -6.89 50.94 -12.77
C VAL I 456 -6.68 49.53 -13.28
N ALA I 457 -6.31 48.60 -12.40
CA ALA I 457 -6.07 47.22 -12.82
C ALA I 457 -7.33 46.57 -13.37
N ASN I 458 -8.47 46.79 -12.71
CA ASN I 458 -9.74 46.30 -13.26
C ASN I 458 -10.07 47.00 -14.57
N ALA I 459 -9.72 48.27 -14.69
CA ALA I 459 -9.90 48.98 -15.95
C ALA I 459 -8.98 48.44 -17.04
N GLY I 460 -7.95 47.70 -16.68
CA GLY I 460 -7.05 47.09 -17.64
C GLY I 460 -5.74 47.79 -17.86
N GLU I 461 -5.60 49.05 -17.43
CA GLU I 461 -4.35 49.77 -17.61
C GLU I 461 -3.31 49.29 -16.61
N GLU I 462 -2.09 49.80 -16.77
CA GLU I 462 -1.00 49.46 -15.85
C GLU I 462 -1.10 50.35 -14.62
N PRO I 463 -1.21 49.78 -13.41
CA PRO I 463 -1.45 50.61 -12.22
C PRO I 463 -0.35 51.62 -11.92
N SER I 464 0.92 51.22 -12.01
CA SER I 464 2.00 52.06 -11.51
C SER I 464 2.13 53.35 -12.30
N VAL I 465 2.06 53.29 -13.63
CA VAL I 465 2.21 54.49 -14.44
C VAL I 465 1.05 55.44 -14.19
N ILE I 466 -0.17 54.91 -14.08
CA ILE I 466 -1.33 55.77 -13.83
C ILE I 466 -1.22 56.43 -12.46
N VAL I 467 -0.79 55.68 -11.45
CA VAL I 467 -0.62 56.26 -10.12
C VAL I 467 0.44 57.35 -10.14
N ALA I 468 1.54 57.11 -10.84
CA ALA I 468 2.60 58.12 -10.92
C ALA I 468 2.09 59.37 -11.62
N LYS I 469 1.34 59.21 -12.70
CA LYS I 469 0.82 60.36 -13.43
C LYS I 469 -0.18 61.13 -12.56
N VAL I 470 -1.01 60.42 -11.80
CA VAL I 470 -1.95 61.09 -10.90
C VAL I 470 -1.19 61.87 -9.84
N LEU I 471 -0.13 61.27 -9.28
CA LEU I 471 0.68 61.95 -8.29
C LEU I 471 1.39 63.17 -8.86
N GLU I 472 1.77 63.13 -10.13
CA GLU I 472 2.38 64.30 -10.76
C GLU I 472 1.41 65.46 -10.90
N GLY I 473 0.11 65.19 -10.98
CA GLY I 473 -0.89 66.24 -10.99
C GLY I 473 -1.20 66.74 -9.60
N LYS I 474 -1.94 67.85 -9.54
CA LYS I 474 -2.28 68.49 -8.29
C LYS I 474 -3.78 68.82 -8.27
N GLY I 475 -4.32 68.93 -7.05
CA GLY I 475 -5.72 69.27 -6.92
C GLY I 475 -6.63 68.12 -7.29
N ASN I 476 -7.71 68.46 -8.01
CA ASN I 476 -8.70 67.46 -8.40
C ASN I 476 -8.25 66.61 -9.58
N TYR I 477 -7.09 66.90 -10.17
CA TYR I 477 -6.60 66.12 -11.30
C TYR I 477 -6.44 64.66 -10.91
N GLY I 478 -6.90 63.77 -11.78
CA GLY I 478 -6.87 62.35 -11.50
C GLY I 478 -7.19 61.55 -12.74
N TYR I 479 -7.36 60.25 -12.53
CA TYR I 479 -7.64 59.30 -13.61
C TYR I 479 -9.10 58.86 -13.55
N ASN I 480 -9.76 58.84 -14.70
CA ASN I 480 -11.15 58.43 -14.81
C ASN I 480 -11.16 57.08 -15.54
N ALA I 481 -11.40 56.01 -14.78
CA ALA I 481 -11.40 54.68 -15.35
C ALA I 481 -12.54 54.45 -16.33
N ALA I 482 -13.62 55.24 -16.23
CA ALA I 482 -14.76 55.06 -17.12
C ALA I 482 -14.38 55.36 -18.57
N THR I 483 -13.59 56.41 -18.79
CA THR I 483 -13.17 56.80 -20.14
C THR I 483 -11.68 56.69 -20.37
N GLY I 484 -10.87 56.50 -19.34
CA GLY I 484 -9.43 56.42 -19.49
C GLY I 484 -8.72 57.74 -19.63
N GLU I 485 -9.40 58.86 -19.40
CA GLU I 485 -8.82 60.18 -19.57
C GLU I 485 -8.32 60.73 -18.24
N PHE I 486 -7.45 61.73 -18.34
CA PHE I 486 -6.92 62.44 -17.17
C PHE I 486 -7.47 63.85 -17.13
N GLY I 487 -7.94 64.26 -15.97
CA GLY I 487 -8.47 65.61 -15.82
C GLY I 487 -9.08 65.79 -14.45
N ASP I 488 -9.77 66.92 -14.30
CA ASP I 488 -10.44 67.22 -13.04
C ASP I 488 -11.53 66.17 -12.77
N MET I 489 -11.34 65.38 -11.72
CA MET I 489 -12.29 64.33 -11.39
C MET I 489 -13.67 64.90 -11.04
N ILE I 490 -13.70 66.04 -10.36
CA ILE I 490 -14.98 66.66 -10.00
C ILE I 490 -15.72 67.12 -11.24
N GLU I 491 -14.99 67.64 -12.24
CA GLU I 491 -15.64 68.16 -13.43
C GLU I 491 -16.26 67.06 -14.28
N MET I 492 -15.75 65.83 -14.20
CA MET I 492 -16.38 64.72 -14.91
C MET I 492 -17.47 64.05 -14.08
N GLY I 493 -17.77 64.56 -12.88
CA GLY I 493 -18.78 63.95 -12.05
C GLY I 493 -18.42 62.58 -11.52
N VAL I 494 -17.18 62.38 -11.11
CA VAL I 494 -16.76 61.17 -10.41
C VAL I 494 -16.42 61.58 -8.99
N LEU I 495 -17.32 61.31 -8.06
CA LEU I 495 -17.22 61.82 -6.71
C LEU I 495 -17.48 60.72 -5.69
N ASP I 496 -16.86 60.87 -4.52
CA ASP I 496 -17.16 60.10 -3.34
C ASP I 496 -17.37 61.03 -2.15
N PRO I 497 -18.39 60.81 -1.35
CA PRO I 497 -18.54 61.62 -0.13
C PRO I 497 -17.35 61.43 0.79
N THR I 498 -16.94 62.53 1.44
CA THR I 498 -15.80 62.47 2.34
C THR I 498 -16.03 61.46 3.47
N LYS I 499 -17.28 61.32 3.90
CA LYS I 499 -17.60 60.34 4.93
C LYS I 499 -17.26 58.93 4.48
N VAL I 500 -17.54 58.60 3.22
CA VAL I 500 -17.29 57.24 2.73
C VAL I 500 -15.81 56.90 2.80
N THR I 501 -14.96 57.76 2.23
CA THR I 501 -13.54 57.50 2.24
C THR I 501 -12.96 57.52 3.65
N ARG I 502 -13.36 58.49 4.46
CA ARG I 502 -12.84 58.57 5.83
C ARG I 502 -13.21 57.33 6.62
N SER I 503 -14.48 56.91 6.56
CA SER I 503 -14.91 55.73 7.31
C SER I 503 -14.23 54.47 6.79
N ALA I 504 -14.08 54.34 5.47
CA ALA I 504 -13.40 53.17 4.93
C ALA I 504 -11.97 53.09 5.42
N LEU I 505 -11.24 54.22 5.37
CA LEU I 505 -9.86 54.22 5.81
C LEU I 505 -9.75 53.91 7.29
N GLN I 506 -10.61 54.53 8.12
CA GLN I 506 -10.52 54.32 9.56
C GLN I 506 -10.86 52.88 9.94
N ASN I 507 -11.92 52.31 9.36
CA ASN I 507 -12.29 50.94 9.69
C ASN I 507 -11.25 49.95 9.19
N ALA I 508 -10.68 50.19 8.00
CA ALA I 508 -9.60 49.34 7.52
C ALA I 508 -8.41 49.40 8.45
N ALA I 509 -8.07 50.61 8.93
CA ALA I 509 -6.96 50.74 9.88
C ALA I 509 -7.25 49.99 11.17
N SER I 510 -8.49 50.09 11.67
CA SER I 510 -8.83 49.40 12.91
C SER I 510 -8.71 47.89 12.76
N VAL I 511 -9.30 47.33 11.70
CA VAL I 511 -9.25 45.89 11.53
C VAL I 511 -7.83 45.42 11.25
N ALA I 512 -7.04 46.23 10.54
CA ALA I 512 -5.65 45.86 10.29
C ALA I 512 -4.84 45.87 11.58
N GLY I 513 -5.07 46.85 12.44
CA GLY I 513 -4.42 46.85 13.74
C GLY I 513 -4.79 45.64 14.57
N LEU I 514 -6.08 45.28 14.56
CA LEU I 514 -6.52 44.11 15.31
C LEU I 514 -5.86 42.84 14.78
N MET I 515 -5.75 42.69 13.47
CA MET I 515 -5.14 41.47 12.93
C MET I 515 -3.62 41.53 12.87
N LEU I 516 -3.02 42.69 13.16
CA LEU I 516 -1.57 42.75 13.30
C LEU I 516 -1.13 42.47 14.73
N THR I 517 -1.86 43.00 15.71
CA THR I 517 -1.55 42.76 17.11
C THR I 517 -2.20 41.50 17.65
N THR I 518 -2.53 40.54 16.78
CA THR I 518 -3.14 39.29 17.21
C THR I 518 -2.05 38.23 17.38
N GLU I 519 -2.00 37.61 18.56
CA GLU I 519 -1.01 36.59 18.85
C GLU I 519 -1.61 35.22 19.11
N CYS I 520 -2.88 35.15 19.47
CA CYS I 520 -3.53 33.88 19.75
C CYS I 520 -4.84 33.80 18.97
N MET I 521 -5.26 32.59 18.67
CA MET I 521 -6.42 32.35 17.82
C MET I 521 -7.09 31.05 18.24
N ILE I 522 -8.35 31.14 18.65
CA ILE I 522 -9.09 30.01 19.20
C ILE I 522 -10.27 29.71 18.30
N ALA I 523 -10.40 28.46 17.88
CA ALA I 523 -11.50 28.03 17.04
C ALA I 523 -11.89 26.61 17.41
N GLU I 524 -13.09 26.20 16.99
CA GLU I 524 -13.57 24.86 17.26
C GLU I 524 -12.70 23.82 16.57
N ALA I 525 -12.42 22.73 17.27
CA ALA I 525 -11.65 21.65 16.70
C ALA I 525 -12.44 20.92 15.63
N PRO I 526 -11.78 20.38 14.60
CA PRO I 526 -12.44 19.63 13.52
C PRO I 526 -13.26 18.45 14.03
N ALA J 1 -23.46 27.74 4.21
CA ALA J 1 -22.53 26.62 4.18
C ALA J 1 -21.19 27.05 3.59
N ALA J 2 -20.22 26.14 3.60
CA ALA J 2 -18.88 26.45 3.16
C ALA J 2 -18.86 26.81 1.68
N LYS J 3 -18.12 27.87 1.36
CA LYS J 3 -17.98 28.33 -0.03
C LYS J 3 -16.60 28.00 -0.57
N GLU J 4 -16.53 27.79 -1.88
CA GLU J 4 -15.28 27.59 -2.59
C GLU J 4 -15.17 28.63 -3.68
N VAL J 5 -14.01 29.29 -3.75
CA VAL J 5 -13.81 30.45 -4.62
C VAL J 5 -12.70 30.13 -5.62
N LYS J 6 -12.97 30.42 -6.89
CA LYS J 6 -12.00 30.24 -7.96
C LYS J 6 -11.80 31.56 -8.68
N PHE J 7 -10.55 31.88 -8.99
CA PHE J 7 -10.19 33.17 -9.55
C PHE J 7 -9.61 33.02 -10.95
N HIS J 8 -9.82 34.05 -11.77
CA HIS J 8 -9.18 34.19 -13.06
C HIS J 8 -9.41 32.99 -13.97
N ASP J 9 -8.32 32.53 -14.62
CA ASP J 9 -8.41 31.41 -15.54
C ASP J 9 -8.93 30.14 -14.87
N SER J 10 -8.62 29.94 -13.60
CA SER J 10 -9.07 28.74 -12.90
C SER J 10 -10.60 28.67 -12.79
N ALA J 11 -11.28 29.79 -13.00
CA ALA J 11 -12.75 29.81 -13.01
C ALA J 11 -13.29 29.97 -14.42
N ARG J 12 -12.59 30.75 -15.25
CA ARG J 12 -13.02 30.90 -16.64
C ARG J 12 -12.98 29.57 -17.37
N GLU J 13 -11.98 28.74 -17.09
CA GLU J 13 -11.89 27.43 -17.73
C GLU J 13 -13.02 26.49 -17.27
N ARG J 14 -13.48 26.62 -16.02
CA ARG J 14 -14.62 25.82 -15.60
C ARG J 14 -15.90 26.29 -16.27
N LEU J 15 -16.06 27.62 -16.41
CA LEU J 15 -17.17 28.15 -17.18
C LEU J 15 -17.16 27.61 -18.60
N VAL J 16 -15.98 27.59 -19.22
CA VAL J 16 -15.85 27.12 -20.59
C VAL J 16 -16.16 25.64 -20.68
N ALA J 17 -15.69 24.85 -19.71
CA ALA J 17 -16.01 23.43 -19.72
C ALA J 17 -17.51 23.21 -19.61
N GLY J 18 -18.19 23.96 -18.74
CA GLY J 18 -19.63 23.83 -18.63
C GLY J 18 -20.38 24.20 -19.90
N VAL J 19 -20.04 25.35 -20.48
CA VAL J 19 -20.75 25.78 -21.69
C VAL J 19 -20.44 24.84 -22.85
N ASN J 20 -19.21 24.33 -22.92
CA ASN J 20 -18.85 23.40 -23.98
C ASN J 20 -19.60 22.09 -23.83
N LEU J 21 -19.73 21.58 -22.60
CA LEU J 21 -20.46 20.34 -22.41
C LEU J 21 -21.95 20.52 -22.68
N LEU J 22 -22.50 21.71 -22.40
CA LEU J 22 -23.90 21.96 -22.77
C LEU J 22 -24.07 22.05 -24.28
N ALA J 23 -23.19 22.81 -24.93
CA ALA J 23 -23.35 23.08 -26.36
C ALA J 23 -23.03 21.87 -27.22
N ASN J 24 -22.06 21.04 -26.82
CA ASN J 24 -21.76 19.84 -27.58
C ASN J 24 -22.95 18.88 -27.61
N ALA J 25 -23.78 18.89 -26.57
CA ALA J 25 -25.00 18.10 -26.56
C ALA J 25 -26.10 18.78 -27.35
N VAL J 26 -26.23 20.10 -27.19
CA VAL J 26 -27.34 20.80 -27.83
C VAL J 26 -27.17 20.85 -29.34
N LYS J 27 -25.96 21.13 -29.82
CA LYS J 27 -25.71 21.39 -31.23
C LYS J 27 -25.91 20.16 -32.12
N THR J 28 -25.89 18.96 -31.55
CA THR J 28 -26.14 17.77 -32.36
C THR J 28 -27.57 17.73 -32.89
N THR J 29 -28.49 18.49 -32.27
CA THR J 29 -29.87 18.56 -32.70
C THR J 29 -30.17 19.81 -33.53
N LEU J 30 -29.17 20.35 -34.23
CA LEU J 30 -29.33 21.58 -34.99
C LEU J 30 -29.31 21.26 -36.48
N GLY J 31 -30.26 21.84 -37.21
CA GLY J 31 -30.34 21.64 -38.64
C GLY J 31 -31.39 20.63 -39.03
N PRO J 32 -31.78 20.63 -40.32
CA PRO J 32 -32.77 19.64 -40.78
C PRO J 32 -32.34 18.20 -40.58
N LYS J 33 -31.04 17.92 -40.63
CA LYS J 33 -30.51 16.59 -40.44
C LYS J 33 -29.87 16.43 -39.06
N GLY J 34 -30.45 17.08 -38.05
CA GLY J 34 -29.90 16.98 -36.71
C GLY J 34 -29.97 15.56 -36.18
N ARG J 35 -28.93 15.18 -35.45
CA ARG J 35 -28.84 13.83 -34.91
C ARG J 35 -29.79 13.65 -33.72
N ASN J 36 -29.91 12.41 -33.27
CA ASN J 36 -30.73 12.10 -32.12
C ASN J 36 -29.93 12.21 -30.83
N VAL J 37 -30.63 12.54 -29.74
CA VAL J 37 -30.06 12.58 -28.41
C VAL J 37 -30.95 11.75 -27.49
N VAL J 38 -30.36 10.75 -26.84
CA VAL J 38 -31.09 9.83 -25.99
C VAL J 38 -30.98 10.31 -24.55
N ILE J 39 -32.13 10.49 -23.89
CA ILE J 39 -32.20 11.05 -22.55
C ILE J 39 -32.86 10.03 -21.64
N GLU J 40 -32.28 9.81 -20.46
CA GLU J 40 -32.83 8.87 -19.51
C GLU J 40 -34.17 9.36 -18.98
N ARG J 41 -35.09 8.43 -18.79
CA ARG J 41 -36.32 8.67 -18.05
C ARG J 41 -36.26 7.87 -16.75
N SER J 42 -36.87 8.41 -15.70
CA SER J 42 -36.80 7.75 -14.40
C SER J 42 -37.31 6.32 -14.46
N PHE J 43 -38.38 6.07 -15.21
CA PHE J 43 -38.89 4.74 -15.44
C PHE J 43 -39.34 4.61 -16.89
N GLY J 44 -39.34 3.38 -17.40
CA GLY J 44 -39.71 3.14 -18.77
C GLY J 44 -38.56 3.33 -19.74
N ALA J 45 -38.90 3.31 -21.02
CA ALA J 45 -37.91 3.39 -22.08
C ALA J 45 -37.34 4.80 -22.18
N PRO J 46 -36.07 4.93 -22.57
CA PRO J 46 -35.47 6.25 -22.74
C PRO J 46 -36.16 7.05 -23.82
N ILE J 47 -36.21 8.36 -23.64
CA ILE J 47 -36.79 9.26 -24.63
C ILE J 47 -35.69 9.73 -25.58
N VAL J 48 -35.97 9.65 -26.87
CA VAL J 48 -35.05 10.13 -27.90
C VAL J 48 -35.64 11.41 -28.50
N THR J 49 -34.80 12.44 -28.59
CA THR J 49 -35.22 13.74 -29.09
C THR J 49 -34.17 14.30 -30.03
N LYS J 50 -34.61 15.15 -30.95
CA LYS J 50 -33.73 15.84 -31.88
C LYS J 50 -34.05 17.33 -31.91
N ASP J 51 -34.43 17.87 -30.76
CA ASP J 51 -34.69 19.29 -30.58
C ASP J 51 -33.83 19.82 -29.45
N GLY J 52 -33.31 21.04 -29.61
CA GLY J 52 -32.41 21.59 -28.61
C GLY J 52 -33.08 21.97 -27.30
N VAL J 53 -34.38 22.28 -27.33
CA VAL J 53 -35.06 22.74 -26.13
C VAL J 53 -35.07 21.65 -25.07
N THR J 54 -35.43 20.42 -25.46
CA THR J 54 -35.50 19.34 -24.49
C THR J 54 -34.11 18.89 -24.05
N VAL J 55 -33.16 18.83 -24.97
CA VAL J 55 -31.80 18.39 -24.61
C VAL J 55 -31.18 19.38 -23.63
N ALA J 56 -31.32 20.68 -23.90
CA ALA J 56 -30.74 21.67 -23.00
C ALA J 56 -31.38 21.62 -21.63
N LYS J 57 -32.71 21.44 -21.57
CA LYS J 57 -33.41 21.45 -20.31
C LYS J 57 -32.94 20.33 -19.38
N GLU J 58 -32.55 19.19 -19.97
CA GLU J 58 -32.11 18.05 -19.17
C GLU J 58 -30.65 18.15 -18.77
N ILE J 59 -29.88 19.05 -19.37
CA ILE J 59 -28.45 19.13 -19.09
C ILE J 59 -28.22 19.91 -17.81
N GLU J 60 -27.58 19.27 -16.83
CA GLU J 60 -27.16 19.93 -15.60
C GLU J 60 -25.99 19.14 -15.06
N LEU J 61 -24.84 19.80 -14.90
CA LEU J 61 -23.56 19.13 -14.75
C LEU J 61 -23.29 18.72 -13.31
N LYS J 62 -22.29 17.85 -13.14
CA LYS J 62 -21.92 17.37 -11.82
C LYS J 62 -21.10 18.41 -11.06
N ASP J 63 -19.97 18.82 -11.61
CA ASP J 63 -19.14 19.83 -10.98
C ASP J 63 -19.91 21.14 -10.92
N LYS J 64 -19.93 21.78 -9.75
CA LYS J 64 -20.71 23.00 -9.58
C LYS J 64 -20.19 24.12 -10.47
N PHE J 65 -18.87 24.30 -10.52
CA PHE J 65 -18.29 25.42 -11.24
C PHE J 65 -18.53 25.36 -12.74
N GLU J 66 -18.67 24.16 -13.31
CA GLU J 66 -19.05 24.04 -14.70
C GLU J 66 -20.56 24.25 -14.88
N ASN J 67 -21.32 23.72 -13.92
CA ASN J 67 -22.77 23.89 -13.95
C ASN J 67 -23.16 25.37 -13.91
N MET J 68 -22.32 26.21 -13.30
CA MET J 68 -22.61 27.64 -13.28
C MET J 68 -22.75 28.18 -14.70
N GLY J 69 -21.71 28.02 -15.52
CA GLY J 69 -21.79 28.48 -16.89
C GLY J 69 -22.84 27.75 -17.69
N ALA J 70 -23.00 26.45 -17.44
CA ALA J 70 -24.05 25.70 -18.13
C ALA J 70 -25.42 26.34 -17.90
N GLN J 71 -25.72 26.68 -16.66
CA GLN J 71 -27.02 27.25 -16.34
C GLN J 71 -27.16 28.68 -16.84
N MET J 72 -26.10 29.48 -16.83
CA MET J 72 -26.21 30.83 -17.40
C MET J 72 -26.50 30.76 -18.90
N VAL J 73 -25.79 29.89 -19.62
CA VAL J 73 -26.04 29.77 -21.05
C VAL J 73 -27.43 29.21 -21.31
N LYS J 74 -27.88 28.25 -20.49
CA LYS J 74 -29.23 27.73 -20.63
C LYS J 74 -30.28 28.81 -20.37
N GLU J 75 -30.05 29.68 -19.38
CA GLU J 75 -31.00 30.73 -19.07
C GLU J 75 -31.09 31.73 -20.21
N VAL J 76 -29.94 32.13 -20.78
CA VAL J 76 -30.02 33.08 -21.89
C VAL J 76 -30.63 32.43 -23.12
N ALA J 77 -30.38 31.13 -23.34
CA ALA J 77 -31.03 30.44 -24.44
C ALA J 77 -32.54 30.38 -24.26
N SER J 78 -33.00 30.12 -23.04
CA SER J 78 -34.43 30.10 -22.77
C SER J 78 -35.05 31.49 -22.92
N LYS J 79 -34.32 32.53 -22.53
CA LYS J 79 -34.78 33.90 -22.77
C LYS J 79 -34.90 34.20 -24.25
N THR J 80 -33.97 33.69 -25.06
CA THR J 80 -34.12 33.81 -26.51
C THR J 80 -35.36 33.06 -26.99
N ALA J 81 -35.57 31.84 -26.48
CA ALA J 81 -36.62 30.98 -27.00
C ALA J 81 -38.01 31.51 -26.66
N ASP J 82 -38.24 31.91 -25.41
CA ASP J 82 -39.58 32.27 -24.98
C ASP J 82 -40.10 33.53 -25.66
N VAL J 83 -39.23 34.36 -26.22
CA VAL J 83 -39.64 35.60 -26.87
C VAL J 83 -39.71 35.47 -28.39
N ALA J 84 -39.23 34.37 -28.95
CA ALA J 84 -39.22 34.21 -30.40
C ALA J 84 -39.75 32.86 -30.83
N GLY J 85 -39.88 31.92 -29.88
CA GLY J 85 -40.40 30.60 -30.16
C GLY J 85 -39.40 29.63 -30.75
N ASP J 86 -38.17 30.05 -31.00
CA ASP J 86 -37.15 29.19 -31.57
C ASP J 86 -35.81 29.90 -31.44
N GLY J 87 -34.74 29.18 -31.79
CA GLY J 87 -33.40 29.73 -31.77
C GLY J 87 -32.60 29.44 -30.53
N THR J 88 -33.18 28.80 -29.52
CA THR J 88 -32.41 28.45 -28.33
C THR J 88 -31.27 27.51 -28.67
N THR J 89 -31.42 26.68 -29.70
CA THR J 89 -30.30 25.88 -30.19
C THR J 89 -29.26 26.78 -30.83
N THR J 90 -29.70 27.75 -31.64
CA THR J 90 -28.77 28.67 -32.28
C THR J 90 -28.07 29.55 -31.25
N ALA J 91 -28.79 30.02 -30.24
CA ALA J 91 -28.20 30.91 -29.25
C ALA J 91 -27.10 30.20 -28.47
N THR J 92 -27.32 28.95 -28.08
CA THR J 92 -26.30 28.20 -27.36
C THR J 92 -25.06 27.98 -28.23
N VAL J 93 -25.26 27.65 -29.51
CA VAL J 93 -24.13 27.43 -30.40
C VAL J 93 -23.33 28.71 -30.58
N LEU J 94 -24.02 29.84 -30.79
CA LEU J 94 -23.33 31.12 -30.94
C LEU J 94 -22.58 31.50 -29.67
N ALA J 95 -23.19 31.27 -28.51
CA ALA J 95 -22.51 31.55 -27.25
C ALA J 95 -21.26 30.70 -27.09
N GLN J 96 -21.36 29.41 -27.42
CA GLN J 96 -20.19 28.55 -27.34
C GLN J 96 -19.09 29.05 -28.27
N ALA J 97 -19.44 29.41 -29.50
CA ALA J 97 -18.43 29.90 -30.44
C ALA J 97 -17.77 31.17 -29.93
N ILE J 98 -18.56 32.13 -29.46
CA ILE J 98 -18.01 33.39 -29.01
C ILE J 98 -17.10 33.18 -27.80
N VAL J 99 -17.55 32.36 -26.85
CA VAL J 99 -16.76 32.14 -25.64
C VAL J 99 -15.47 31.38 -25.96
N ARG J 100 -15.56 30.36 -26.83
CA ARG J 100 -14.38 29.58 -27.19
C ARG J 100 -13.36 30.44 -27.90
N GLU J 101 -13.80 31.35 -28.76
CA GLU J 101 -12.85 32.24 -29.42
C GLU J 101 -12.33 33.30 -28.45
N GLY J 102 -13.18 33.81 -27.56
CA GLY J 102 -12.76 34.84 -26.64
C GLY J 102 -11.75 34.36 -25.63
N MET J 103 -11.83 33.09 -25.22
CA MET J 103 -10.85 32.56 -24.30
C MET J 103 -9.45 32.53 -24.90
N LYS J 104 -9.36 32.31 -26.21
CA LYS J 104 -8.06 32.34 -26.87
C LYS J 104 -7.40 33.71 -26.73
N TYR J 105 -8.18 34.78 -26.91
CA TYR J 105 -7.64 36.13 -26.78
C TYR J 105 -7.42 36.53 -25.33
N VAL J 106 -8.27 36.07 -24.41
CA VAL J 106 -8.09 36.38 -23.00
C VAL J 106 -6.82 35.72 -22.48
N ALA J 107 -6.59 34.46 -22.86
CA ALA J 107 -5.34 33.80 -22.51
C ALA J 107 -4.14 34.49 -23.15
N ALA J 108 -4.36 35.21 -24.25
CA ALA J 108 -3.29 35.96 -24.89
C ALA J 108 -2.98 37.27 -24.17
N GLY J 109 -3.50 37.48 -22.96
CA GLY J 109 -3.24 38.70 -22.24
C GLY J 109 -4.01 39.90 -22.75
N MET J 110 -4.99 39.69 -23.63
CA MET J 110 -5.70 40.78 -24.24
C MET J 110 -6.86 41.21 -23.36
N ASN J 111 -7.17 42.50 -23.39
CA ASN J 111 -8.02 43.12 -22.38
C ASN J 111 -9.46 42.61 -22.46
N PRO J 112 -9.99 41.96 -21.43
CA PRO J 112 -11.36 41.44 -21.52
C PRO J 112 -12.44 42.49 -21.71
N MET J 113 -12.33 43.64 -21.06
CA MET J 113 -13.38 44.66 -21.20
C MET J 113 -13.43 45.21 -22.62
N ASP J 114 -12.27 45.44 -23.23
CA ASP J 114 -12.24 45.86 -24.63
C ASP J 114 -12.73 44.77 -25.56
N LEU J 115 -12.48 43.50 -25.24
CA LEU J 115 -13.06 42.40 -26.01
C LEU J 115 -14.58 42.45 -25.94
N LYS J 116 -15.13 42.67 -24.75
CA LYS J 116 -16.57 42.77 -24.61
C LYS J 116 -17.13 43.93 -25.40
N ARG J 117 -16.46 45.08 -25.35
CA ARG J 117 -16.91 46.23 -26.11
C ARG J 117 -16.84 45.99 -27.61
N GLY J 118 -15.79 45.35 -28.10
CA GLY J 118 -15.72 45.02 -29.51
C GLY J 118 -16.80 44.04 -29.93
N ILE J 119 -17.07 43.05 -29.08
CA ILE J 119 -18.14 42.10 -29.35
C ILE J 119 -19.47 42.81 -29.45
N ASP J 120 -19.72 43.74 -28.52
CA ASP J 120 -20.96 44.50 -28.55
C ASP J 120 -21.05 45.36 -29.81
N LYS J 121 -19.95 45.99 -30.22
CA LYS J 121 -19.97 46.80 -31.44
C LYS J 121 -20.27 45.94 -32.66
N ALA J 122 -19.62 44.78 -32.77
CA ALA J 122 -19.84 43.90 -33.91
C ALA J 122 -21.28 43.38 -33.93
N VAL J 123 -21.80 43.02 -32.76
CA VAL J 123 -23.17 42.52 -32.69
C VAL J 123 -24.16 43.61 -33.06
N THR J 124 -23.92 44.84 -32.61
CA THR J 124 -24.78 45.95 -32.98
C THR J 124 -24.77 46.18 -34.49
N ALA J 125 -23.57 46.14 -35.10
CA ALA J 125 -23.49 46.33 -36.55
C ALA J 125 -24.20 45.21 -37.29
N ILE J 126 -24.01 43.97 -36.87
CA ILE J 126 -24.63 42.84 -37.56
C ILE J 126 -26.15 42.90 -37.42
N VAL J 127 -26.64 43.24 -36.22
CA VAL J 127 -28.08 43.38 -36.01
C VAL J 127 -28.64 44.50 -36.87
N GLU J 128 -27.94 45.63 -36.94
CA GLU J 128 -28.38 46.71 -37.81
C GLU J 128 -28.43 46.28 -39.26
N GLU J 129 -27.49 45.46 -39.70
CA GLU J 129 -27.54 44.94 -41.07
C GLU J 129 -28.68 43.95 -41.25
N LEU J 130 -29.04 43.19 -40.22
CA LEU J 130 -30.14 42.24 -40.35
C LEU J 130 -31.46 42.96 -40.62
N LYS J 131 -31.59 44.21 -40.14
CA LYS J 131 -32.79 44.98 -40.41
C LYS J 131 -32.93 45.34 -41.88
N ALA J 132 -31.85 45.25 -42.65
CA ALA J 132 -31.89 45.50 -44.09
C ALA J 132 -31.99 44.24 -44.92
N ILE J 133 -31.35 43.15 -44.50
CA ILE J 133 -31.45 41.89 -45.23
C ILE J 133 -32.86 41.31 -45.11
N SER J 134 -33.51 41.51 -43.97
CA SER J 134 -34.78 40.86 -43.69
C SER J 134 -35.86 41.30 -44.67
N LYS J 135 -36.55 40.32 -45.24
CA LYS J 135 -37.71 40.61 -46.07
C LYS J 135 -38.95 40.76 -45.21
N PRO J 136 -39.63 41.90 -45.26
CA PRO J 136 -40.84 42.08 -44.45
C PRO J 136 -41.98 41.20 -44.96
N CYS J 137 -42.86 40.82 -44.05
CA CYS J 137 -44.03 40.01 -44.37
C CYS J 137 -45.24 40.60 -43.67
N SER J 138 -46.09 41.30 -44.42
CA SER J 138 -47.30 41.90 -43.86
C SER J 138 -48.57 41.60 -44.64
N THR J 139 -48.49 41.25 -45.92
CA THR J 139 -49.67 40.89 -46.67
C THR J 139 -50.23 39.55 -46.17
N THR J 140 -51.54 39.39 -46.32
CA THR J 140 -52.19 38.14 -45.92
C THR J 140 -51.58 36.95 -46.65
N LYS J 141 -51.26 37.11 -47.93
CA LYS J 141 -50.58 36.06 -48.67
C LYS J 141 -49.22 35.74 -48.07
N GLU J 142 -48.46 36.77 -47.70
CA GLU J 142 -47.17 36.55 -47.07
C GLU J 142 -47.31 35.85 -45.73
N ILE J 143 -48.30 36.26 -44.93
CA ILE J 143 -48.54 35.64 -43.64
C ILE J 143 -48.89 34.17 -43.81
N ALA J 144 -49.76 33.87 -44.77
CA ALA J 144 -50.13 32.48 -45.03
C ALA J 144 -48.92 31.67 -45.49
N GLN J 145 -48.09 32.26 -46.36
CA GLN J 145 -46.90 31.55 -46.83
C GLN J 145 -45.95 31.24 -45.68
N VAL J 146 -45.72 32.22 -44.80
CA VAL J 146 -44.82 32.00 -43.66
C VAL J 146 -45.40 30.93 -42.74
N GLY J 147 -46.71 30.99 -42.48
CA GLY J 147 -47.33 29.98 -41.63
C GLY J 147 -47.22 28.58 -42.22
N THR J 148 -47.46 28.46 -43.53
CA THR J 148 -47.36 27.17 -44.19
C THR J 148 -45.93 26.64 -44.13
N ILE J 149 -44.94 27.51 -44.37
CA ILE J 149 -43.55 27.09 -44.32
C ILE J 149 -43.18 26.64 -42.91
N SER J 150 -43.62 27.39 -41.89
CA SER J 150 -43.32 27.02 -40.51
C SER J 150 -44.03 25.73 -40.11
N ALA J 151 -45.19 25.44 -40.71
CA ALA J 151 -45.95 24.26 -40.38
C ALA J 151 -45.66 23.08 -41.29
N ASN J 152 -44.48 23.05 -41.91
CA ASN J 152 -44.06 21.95 -42.79
C ASN J 152 -45.04 21.75 -43.94
N ALA J 153 -45.18 22.79 -44.75
CA ALA J 153 -45.96 22.77 -45.99
C ALA J 153 -47.42 22.42 -45.78
N ASP J 154 -48.00 22.75 -44.62
CA ASP J 154 -49.42 22.53 -44.38
C ASP J 154 -50.16 23.83 -44.68
N SER J 155 -50.74 23.91 -45.88
CA SER J 155 -51.39 25.14 -46.32
C SER J 155 -52.60 25.51 -45.47
N SER J 156 -53.32 24.51 -44.93
CA SER J 156 -54.48 24.81 -44.11
C SER J 156 -54.08 25.57 -42.85
N ILE J 157 -52.98 25.18 -42.21
CA ILE J 157 -52.51 25.86 -41.02
C ILE J 157 -52.17 27.31 -41.34
N GLY J 158 -51.46 27.54 -42.45
CA GLY J 158 -51.11 28.90 -42.83
C GLY J 158 -52.34 29.74 -43.13
N GLU J 159 -53.31 29.15 -43.83
CA GLU J 159 -54.54 29.88 -44.14
C GLU J 159 -55.30 30.25 -42.89
N ILE J 160 -55.38 29.32 -41.93
CA ILE J 160 -56.06 29.60 -40.67
C ILE J 160 -55.33 30.69 -39.90
N ILE J 161 -53.99 30.63 -39.87
CA ILE J 161 -53.21 31.65 -39.17
C ILE J 161 -53.44 33.02 -39.79
N ALA J 162 -53.44 33.08 -41.13
CA ALA J 162 -53.67 34.34 -41.81
C ALA J 162 -55.06 34.88 -41.53
N GLN J 163 -56.08 34.02 -41.58
CA GLN J 163 -57.45 34.46 -41.31
C GLN J 163 -57.64 34.89 -39.87
N ALA J 164 -56.88 34.32 -38.93
CA ALA J 164 -56.97 34.76 -37.55
C ALA J 164 -56.25 36.10 -37.37
N MET J 165 -55.10 36.27 -38.02
CA MET J 165 -54.30 37.46 -37.79
C MET J 165 -54.85 38.68 -38.50
N ASP J 166 -55.43 38.51 -39.68
CA ASP J 166 -55.83 39.65 -40.50
C ASP J 166 -57.12 40.33 -40.02
N LYS J 167 -57.90 39.66 -39.18
CA LYS J 167 -59.15 40.24 -38.68
C LYS J 167 -59.11 40.56 -37.19
N VAL J 168 -58.19 39.97 -36.43
CA VAL J 168 -58.02 40.32 -35.03
C VAL J 168 -56.84 41.28 -34.83
N GLY J 169 -55.95 41.38 -35.79
CA GLY J 169 -54.81 42.28 -35.69
C GLY J 169 -53.50 41.53 -35.54
N LYS J 170 -52.46 42.06 -36.19
CA LYS J 170 -51.14 41.46 -36.09
C LYS J 170 -50.61 41.49 -34.66
N GLU J 171 -51.11 42.42 -33.85
CA GLU J 171 -50.80 42.46 -32.43
C GLU J 171 -51.87 41.80 -31.57
N GLY J 172 -52.87 41.18 -32.19
CA GLY J 172 -53.96 40.58 -31.44
C GLY J 172 -53.58 39.27 -30.79
N VAL J 173 -54.51 38.77 -29.97
CA VAL J 173 -54.28 37.53 -29.24
C VAL J 173 -54.89 36.36 -30.01
N ILE J 174 -54.10 35.33 -30.25
CA ILE J 174 -54.54 34.13 -30.95
C ILE J 174 -54.18 32.92 -30.09
N THR J 175 -55.16 32.05 -29.87
CA THR J 175 -54.97 30.83 -29.09
C THR J 175 -55.47 29.64 -29.90
N VAL J 176 -55.05 28.45 -29.48
CA VAL J 176 -55.38 27.21 -30.17
C VAL J 176 -56.19 26.33 -29.25
N GLU J 177 -57.35 25.88 -29.74
CA GLU J 177 -58.22 24.97 -28.99
C GLU J 177 -58.61 23.81 -29.90
N ASP J 178 -58.88 22.67 -29.27
CA ASP J 178 -59.23 21.48 -30.04
C ASP J 178 -60.61 21.66 -30.68
N GLY J 179 -60.67 21.41 -31.99
CA GLY J 179 -61.90 21.55 -32.72
C GLY J 179 -62.76 20.31 -32.67
N LYS J 180 -63.93 20.39 -33.31
CA LYS J 180 -64.90 19.31 -33.33
C LYS J 180 -65.11 18.74 -34.73
N SER J 181 -64.15 18.94 -35.63
CA SER J 181 -64.29 18.46 -37.00
C SER J 181 -62.92 18.14 -37.57
N LEU J 182 -62.93 17.50 -38.75
CA LEU J 182 -61.68 17.19 -39.42
C LEU J 182 -61.01 18.44 -39.97
N GLU J 183 -61.80 19.48 -40.27
CA GLU J 183 -61.29 20.72 -40.85
C GLU J 183 -61.08 21.75 -39.76
N ASN J 184 -60.01 22.54 -39.91
CA ASN J 184 -59.72 23.59 -38.94
C ASN J 184 -60.75 24.71 -39.03
N GLU J 185 -60.98 25.36 -37.88
CA GLU J 185 -61.93 26.46 -37.79
C GLU J 185 -61.36 27.53 -36.87
N LEU J 186 -61.97 28.71 -36.92
CA LEU J 186 -61.53 29.82 -36.09
C LEU J 186 -62.74 30.66 -35.69
N GLU J 187 -62.60 31.36 -34.57
CA GLU J 187 -63.67 32.22 -34.07
C GLU J 187 -63.07 33.28 -33.17
N VAL J 188 -63.85 34.34 -32.93
CA VAL J 188 -63.48 35.43 -32.05
C VAL J 188 -64.42 35.43 -30.86
N VAL J 189 -63.85 35.37 -29.66
CA VAL J 189 -64.62 35.38 -28.43
C VAL J 189 -64.12 36.53 -27.55
N GLU J 190 -64.97 36.94 -26.62
CA GLU J 190 -64.60 38.01 -25.70
C GLU J 190 -63.51 37.52 -24.76
N GLY J 191 -62.43 38.29 -24.65
CA GLY J 191 -61.32 37.90 -23.82
C GLY J 191 -60.20 38.91 -23.92
N MET J 192 -59.16 38.67 -23.12
CA MET J 192 -58.03 39.58 -23.05
C MET J 192 -56.82 38.81 -22.54
N GLN J 193 -55.64 39.36 -22.82
CA GLN J 193 -54.38 38.82 -22.34
C GLN J 193 -53.58 39.92 -21.67
N PHE J 194 -53.02 39.61 -20.51
CA PHE J 194 -52.23 40.56 -19.75
C PHE J 194 -50.92 39.91 -19.34
N ASP J 195 -49.89 40.73 -19.17
CA ASP J 195 -48.54 40.25 -18.94
C ASP J 195 -48.31 39.85 -17.48
N ARG J 196 -49.04 38.85 -17.00
CA ARG J 196 -48.87 38.31 -15.67
C ARG J 196 -48.87 36.79 -15.75
N GLY J 197 -47.88 36.17 -15.10
CA GLY J 197 -47.75 34.73 -15.10
C GLY J 197 -48.09 34.11 -13.75
N TYR J 198 -48.05 32.79 -13.72
CA TYR J 198 -48.28 32.07 -12.47
C TYR J 198 -47.15 32.33 -11.49
N LEU J 199 -47.50 32.41 -10.21
CA LEU J 199 -46.53 32.78 -9.18
C LEU J 199 -45.72 31.61 -8.67
N SER J 200 -45.99 30.39 -9.13
CA SER J 200 -45.20 29.23 -8.76
C SER J 200 -45.27 28.21 -9.87
N PRO J 201 -44.16 27.57 -10.22
CA PRO J 201 -44.20 26.56 -11.29
C PRO J 201 -45.07 25.36 -10.97
N TYR J 202 -45.41 25.15 -9.70
CA TYR J 202 -46.29 24.05 -9.34
C TYR J 202 -47.71 24.23 -9.86
N PHE J 203 -48.08 25.46 -10.23
CA PHE J 203 -49.42 25.71 -10.78
C PHE J 203 -49.63 25.10 -12.16
N ILE J 204 -48.55 24.79 -12.87
CA ILE J 204 -48.70 24.27 -14.23
C ILE J 204 -49.34 22.89 -14.20
N ASN J 205 -50.06 22.55 -15.27
CA ASN J 205 -50.66 21.24 -15.41
C ASN J 205 -50.42 20.63 -16.78
N ASN J 206 -49.71 21.31 -17.67
CA ASN J 206 -49.40 20.82 -19.01
C ASN J 206 -47.90 20.93 -19.21
N PRO J 207 -47.12 19.95 -18.73
CA PRO J 207 -45.66 20.03 -18.89
C PRO J 207 -45.22 20.09 -20.35
N ASP J 208 -46.02 19.54 -21.27
CA ASP J 208 -45.67 19.63 -22.68
C ASP J 208 -45.66 21.07 -23.16
N LYS J 209 -46.64 21.88 -22.74
CA LYS J 209 -46.71 23.28 -23.14
C LYS J 209 -46.12 24.23 -22.10
N GLN J 210 -45.77 23.74 -20.91
CA GLN J 210 -45.21 24.55 -19.83
C GLN J 210 -46.15 25.72 -19.51
N VAL J 211 -47.45 25.43 -19.48
CA VAL J 211 -48.48 26.41 -19.17
C VAL J 211 -49.49 25.78 -18.22
N ALA J 212 -50.30 26.63 -17.60
CA ALA J 212 -51.39 26.20 -16.74
C ALA J 212 -52.71 26.46 -17.44
N VAL J 213 -53.51 25.42 -17.62
CA VAL J 213 -54.78 25.49 -18.33
C VAL J 213 -55.88 25.04 -17.38
N LEU J 214 -56.93 25.86 -17.26
CA LEU J 214 -58.09 25.54 -16.44
C LEU J 214 -59.34 25.67 -17.31
N ASP J 215 -60.26 24.71 -17.15
CA ASP J 215 -61.45 24.64 -17.98
C ASP J 215 -62.68 25.11 -17.20
N ASN J 216 -63.36 26.11 -17.76
CA ASN J 216 -64.57 26.72 -17.19
C ASN J 216 -64.38 27.07 -15.72
N PRO J 217 -63.42 27.92 -15.38
CA PRO J 217 -63.15 28.18 -13.96
C PRO J 217 -63.93 29.38 -13.44
N TYR J 218 -63.82 29.59 -12.13
CA TYR J 218 -64.26 30.84 -11.52
C TYR J 218 -63.10 31.82 -11.44
N ILE J 219 -63.42 33.10 -11.59
CA ILE J 219 -62.43 34.18 -11.56
C ILE J 219 -62.61 34.95 -10.26
N LEU J 220 -61.55 35.02 -9.46
CA LEU J 220 -61.56 35.75 -8.20
C LEU J 220 -60.77 37.05 -8.40
N LEU J 221 -61.41 38.18 -8.09
CA LEU J 221 -60.80 39.49 -8.25
C LEU J 221 -60.63 40.15 -6.88
N HIS J 222 -59.39 40.53 -6.58
CA HIS J 222 -59.09 41.23 -5.33
C HIS J 222 -58.02 42.28 -5.61
N ASP J 223 -58.15 43.44 -4.97
CA ASP J 223 -57.22 44.54 -5.17
C ASP J 223 -56.20 44.67 -4.05
N LYS J 224 -56.22 43.79 -3.06
CA LYS J 224 -55.31 43.86 -1.92
C LYS J 224 -54.48 42.58 -1.84
N LYS J 225 -53.50 42.60 -0.95
CA LYS J 225 -52.65 41.45 -0.72
C LYS J 225 -53.43 40.34 -0.01
N ILE J 226 -53.03 39.10 -0.28
CA ILE J 226 -53.59 37.93 0.38
C ILE J 226 -52.45 37.09 0.92
N SER J 227 -52.40 36.94 2.25
CA SER J 227 -51.39 36.11 2.88
C SER J 227 -52.03 35.10 3.81
N ASN J 228 -53.10 35.50 4.50
CA ASN J 228 -53.79 34.62 5.43
C ASN J 228 -54.67 33.65 4.66
N ILE J 229 -54.56 32.36 4.99
CA ILE J 229 -55.40 31.35 4.35
C ILE J 229 -56.86 31.53 4.74
N ARG J 230 -57.11 32.06 5.94
CA ARG J 230 -58.48 32.25 6.42
C ARG J 230 -59.22 33.30 5.58
N ASP J 231 -58.50 34.24 4.98
CA ASP J 231 -59.14 35.33 4.24
C ASP J 231 -59.94 34.83 3.03
N LEU J 232 -59.62 33.64 2.51
CA LEU J 232 -60.29 33.10 1.33
C LEU J 232 -60.78 31.67 1.48
N LEU J 233 -60.71 31.07 2.67
CA LEU J 233 -61.25 29.73 2.88
C LEU J 233 -62.73 29.60 2.59
N PRO J 234 -63.62 30.49 3.08
CA PRO J 234 -65.04 30.32 2.78
C PRO J 234 -65.37 30.41 1.30
N VAL J 235 -64.54 31.07 0.49
CA VAL J 235 -64.79 31.15 -0.94
C VAL J 235 -64.28 29.90 -1.64
N LEU J 236 -63.08 29.44 -1.28
CA LEU J 236 -62.55 28.23 -1.88
C LEU J 236 -63.39 27.01 -1.53
N GLU J 237 -63.99 27.00 -0.34
CA GLU J 237 -64.88 25.89 0.01
C GLU J 237 -66.12 25.87 -0.89
N GLN J 238 -66.72 27.04 -1.12
CA GLN J 238 -67.84 27.12 -2.04
C GLN J 238 -67.44 26.67 -3.44
N VAL J 239 -66.27 27.09 -3.89
CA VAL J 239 -65.79 26.68 -5.21
C VAL J 239 -65.59 25.17 -5.27
N ALA J 240 -65.00 24.59 -4.22
CA ALA J 240 -64.76 23.15 -4.20
C ALA J 240 -66.07 22.36 -4.22
N LYS J 241 -67.06 22.80 -3.44
CA LYS J 241 -68.36 22.15 -3.51
C LYS J 241 -69.00 22.33 -4.88
N ALA J 242 -68.75 23.47 -5.53
CA ALA J 242 -69.19 23.67 -6.90
C ALA J 242 -68.46 22.76 -7.89
N GLY J 243 -67.17 22.49 -7.65
CA GLY J 243 -66.42 21.55 -8.44
C GLY J 243 -65.65 22.15 -9.61
N ARG J 244 -65.89 23.41 -9.97
CA ARG J 244 -65.19 24.01 -11.08
C ARG J 244 -63.86 24.61 -10.62
N PRO J 245 -62.89 24.74 -11.53
CA PRO J 245 -61.57 25.26 -11.14
C PRO J 245 -61.65 26.71 -10.71
N LEU J 246 -60.55 27.18 -10.12
CA LEU J 246 -60.47 28.52 -9.56
C LEU J 246 -59.26 29.25 -10.14
N LEU J 247 -59.48 30.48 -10.59
CA LEU J 247 -58.41 31.40 -10.94
C LEU J 247 -58.54 32.64 -10.05
N ILE J 248 -57.47 32.96 -9.35
CA ILE J 248 -57.46 34.05 -8.37
C ILE J 248 -56.60 35.18 -8.91
N ILE J 249 -57.20 36.36 -9.05
CA ILE J 249 -56.48 37.57 -9.46
C ILE J 249 -56.44 38.50 -8.25
N ALA J 250 -55.23 38.79 -7.78
CA ALA J 250 -55.04 39.63 -6.61
C ALA J 250 -53.79 40.47 -6.81
N GLU J 251 -53.60 41.43 -5.91
CA GLU J 251 -52.37 42.23 -5.93
C GLU J 251 -51.16 41.34 -5.72
N ASP J 252 -51.24 40.41 -4.77
CA ASP J 252 -50.21 39.41 -4.55
C ASP J 252 -50.74 38.37 -3.57
N VAL J 253 -50.25 37.15 -3.71
CA VAL J 253 -50.53 36.08 -2.76
C VAL J 253 -49.20 35.47 -2.33
N GLU J 254 -49.07 35.24 -1.02
CA GLU J 254 -47.80 34.80 -0.46
C GLU J 254 -48.05 34.11 0.88
N GLY J 255 -47.04 33.41 1.36
CA GLY J 255 -47.11 32.82 2.68
C GLY J 255 -47.98 31.58 2.72
N GLU J 256 -48.73 31.44 3.82
CA GLU J 256 -49.50 30.23 4.04
C GLU J 256 -50.59 30.06 2.99
N ALA J 257 -51.16 31.15 2.49
CA ALA J 257 -52.19 31.02 1.44
C ALA J 257 -51.60 30.41 0.18
N LEU J 258 -50.45 30.93 -0.28
CA LEU J 258 -49.81 30.38 -1.46
C LEU J 258 -49.37 28.94 -1.24
N ALA J 259 -48.83 28.65 -0.05
CA ALA J 259 -48.41 27.29 0.24
C ALA J 259 -49.59 26.32 0.23
N THR J 260 -50.72 26.73 0.82
CA THR J 260 -51.91 25.89 0.83
C THR J 260 -52.45 25.68 -0.58
N LEU J 261 -52.45 26.73 -1.41
CA LEU J 261 -52.90 26.58 -2.78
C LEU J 261 -52.00 25.61 -3.55
N VAL J 262 -50.68 25.71 -3.34
CA VAL J 262 -49.75 24.80 -4.01
C VAL J 262 -50.00 23.37 -3.55
N VAL J 263 -50.20 23.17 -2.25
CA VAL J 263 -50.44 21.82 -1.74
C VAL J 263 -51.74 21.27 -2.28
N ASN J 264 -52.78 22.11 -2.37
CA ASN J 264 -54.06 21.67 -2.93
C ASN J 264 -53.92 21.28 -4.39
N ASN J 265 -53.18 22.07 -5.17
CA ASN J 265 -52.98 21.75 -6.58
C ASN J 265 -52.21 20.44 -6.74
N LEU J 266 -51.17 20.25 -5.92
CA LEU J 266 -50.39 19.01 -5.99
C LEU J 266 -51.22 17.80 -5.57
N ARG J 267 -52.03 17.95 -4.53
CA ARG J 267 -52.84 16.84 -4.02
C ARG J 267 -54.09 16.60 -4.85
N GLY J 268 -54.42 17.51 -5.76
CA GLY J 268 -55.66 17.39 -6.50
C GLY J 268 -56.90 17.78 -5.72
N ILE J 269 -56.73 18.45 -4.57
CA ILE J 269 -57.87 18.84 -3.77
C ILE J 269 -58.74 19.84 -4.53
N LEU J 270 -58.12 20.84 -5.14
CA LEU J 270 -58.84 21.84 -5.91
C LEU J 270 -57.93 22.39 -6.99
N LYS J 271 -58.49 22.59 -8.18
CA LYS J 271 -57.74 23.14 -9.31
C LYS J 271 -57.70 24.65 -9.16
N THR J 272 -56.54 25.18 -8.75
CA THR J 272 -56.39 26.59 -8.46
C THR J 272 -55.19 27.16 -9.20
N CYS J 273 -55.26 28.46 -9.47
CA CYS J 273 -54.16 29.20 -10.07
C CYS J 273 -54.26 30.65 -9.63
N ALA J 274 -53.12 31.22 -9.24
CA ALA J 274 -53.09 32.58 -8.73
C ALA J 274 -52.05 33.39 -9.49
N VAL J 275 -52.45 34.56 -9.97
CA VAL J 275 -51.57 35.46 -10.70
C VAL J 275 -51.74 36.87 -10.14
N LYS J 276 -50.69 37.67 -10.28
CA LYS J 276 -50.76 39.07 -9.88
C LYS J 276 -51.69 39.83 -10.81
N ALA J 277 -52.40 40.80 -10.26
CA ALA J 277 -53.26 41.64 -11.08
C ALA J 277 -52.41 42.52 -11.99
N PRO J 278 -52.83 42.72 -13.24
CA PRO J 278 -52.02 43.50 -14.18
C PRO J 278 -51.99 44.97 -13.84
N GLY J 279 -50.88 45.61 -14.19
CA GLY J 279 -50.71 47.04 -13.98
C GLY J 279 -50.33 47.38 -12.55
N PHE J 280 -50.15 48.69 -12.33
CA PHE J 280 -49.82 49.21 -11.02
C PHE J 280 -50.33 50.64 -10.91
N GLY J 281 -50.38 51.13 -9.67
CA GLY J 281 -50.94 52.45 -9.46
C GLY J 281 -52.44 52.46 -9.68
N ASP J 282 -52.93 53.59 -10.20
CA ASP J 282 -54.34 53.70 -10.52
C ASP J 282 -54.76 52.78 -11.65
N ARG J 283 -53.82 52.32 -12.48
CA ARG J 283 -54.16 51.40 -13.56
C ARG J 283 -54.59 50.05 -13.01
N ARG J 284 -54.22 49.74 -11.77
CA ARG J 284 -54.57 48.45 -11.17
C ARG J 284 -56.08 48.30 -11.05
N LYS J 285 -56.76 49.32 -10.53
CA LYS J 285 -58.21 49.26 -10.38
C LYS J 285 -58.90 49.19 -11.73
N ALA J 286 -58.41 49.93 -12.72
CA ALA J 286 -59.00 49.88 -14.05
C ALA J 286 -58.85 48.49 -14.65
N MET J 287 -57.67 47.88 -14.52
CA MET J 287 -57.46 46.53 -15.02
C MET J 287 -58.41 45.54 -14.35
N LEU J 288 -58.52 45.62 -13.02
CA LEU J 288 -59.38 44.70 -12.30
C LEU J 288 -60.84 44.88 -12.69
N GLN J 289 -61.29 46.13 -12.84
CA GLN J 289 -62.67 46.38 -13.22
C GLN J 289 -62.97 45.87 -14.62
N ASP J 290 -62.05 46.10 -15.57
CA ASP J 290 -62.25 45.60 -16.92
C ASP J 290 -62.29 44.08 -16.94
N ILE J 291 -61.40 43.44 -16.19
CA ILE J 291 -61.39 41.98 -16.15
C ILE J 291 -62.68 41.45 -15.53
N ALA J 292 -63.16 42.09 -14.46
CA ALA J 292 -64.39 41.66 -13.82
C ALA J 292 -65.59 41.80 -14.76
N ILE J 293 -65.69 42.94 -15.46
CA ILE J 293 -66.82 43.13 -16.36
C ILE J 293 -66.72 42.20 -17.56
N LEU J 294 -65.49 41.82 -17.95
CA LEU J 294 -65.33 40.87 -19.03
C LEU J 294 -65.73 39.46 -18.61
N THR J 295 -65.40 39.08 -17.38
CA THR J 295 -65.74 37.76 -16.86
C THR J 295 -67.08 37.74 -16.15
N GLY J 296 -67.77 38.88 -16.08
CA GLY J 296 -69.05 38.95 -15.40
C GLY J 296 -68.99 39.00 -13.90
N GLY J 297 -67.80 39.10 -13.32
CA GLY J 297 -67.64 39.15 -11.88
C GLY J 297 -67.59 40.57 -11.34
N THR J 298 -67.33 40.66 -10.04
CA THR J 298 -67.21 41.95 -9.36
C THR J 298 -65.91 41.95 -8.55
N VAL J 299 -65.24 43.10 -8.53
CA VAL J 299 -63.97 43.21 -7.81
C VAL J 299 -64.25 43.29 -6.31
N ILE J 300 -63.58 42.44 -5.54
CA ILE J 300 -63.72 42.46 -4.08
C ILE J 300 -62.78 43.53 -3.54
N SER J 301 -63.34 44.59 -2.96
CA SER J 301 -62.54 45.69 -2.45
C SER J 301 -63.30 46.39 -1.34
N GLU J 302 -62.54 46.98 -0.41
CA GLU J 302 -63.15 47.75 0.67
C GLU J 302 -63.79 49.03 0.15
N GLU J 303 -63.16 49.68 -0.84
CA GLU J 303 -63.71 50.91 -1.40
C GLU J 303 -65.05 50.69 -2.10
N VAL J 304 -65.35 49.47 -2.53
CA VAL J 304 -66.63 49.14 -3.13
C VAL J 304 -67.56 48.43 -2.14
N GLY J 305 -67.08 48.19 -0.92
CA GLY J 305 -67.94 47.65 0.12
C GLY J 305 -68.11 46.15 0.14
N LEU J 306 -67.12 45.40 -0.35
CA LEU J 306 -67.16 43.95 -0.29
C LEU J 306 -65.90 43.41 0.37
N SER J 307 -66.04 42.27 1.04
CA SER J 307 -64.93 41.60 1.71
C SER J 307 -64.83 40.17 1.23
N LEU J 308 -63.59 39.67 1.17
CA LEU J 308 -63.36 38.32 0.69
C LEU J 308 -63.89 37.26 1.65
N GLU J 309 -64.06 37.60 2.93
CA GLU J 309 -64.58 36.61 3.88
C GLU J 309 -66.04 36.28 3.59
N LYS J 310 -66.79 37.22 3.03
CA LYS J 310 -68.20 37.00 2.73
C LYS J 310 -68.49 36.81 1.25
N ALA J 311 -67.47 36.77 0.41
CA ALA J 311 -67.70 36.66 -1.03
C ALA J 311 -68.34 35.33 -1.38
N THR J 312 -69.24 35.36 -2.37
CA THR J 312 -69.95 34.18 -2.82
C THR J 312 -69.60 33.91 -4.28
N LEU J 313 -70.10 32.79 -4.79
CA LEU J 313 -69.84 32.42 -6.18
C LEU J 313 -70.44 33.39 -7.17
N GLU J 314 -71.50 34.11 -6.80
CA GLU J 314 -72.11 35.09 -7.68
C GLU J 314 -71.18 36.25 -7.97
N ASP J 315 -70.40 36.69 -6.99
CA ASP J 315 -69.45 37.79 -7.20
C ASP J 315 -68.30 37.37 -8.12
N LEU J 316 -67.97 36.10 -8.15
CA LEU J 316 -66.83 35.63 -8.94
C LEU J 316 -67.17 35.64 -10.43
N GLY J 317 -66.19 36.01 -11.25
CA GLY J 317 -66.33 35.89 -12.68
C GLY J 317 -66.06 34.48 -13.17
N GLN J 318 -66.37 34.25 -14.44
CA GLN J 318 -66.18 32.93 -15.03
C GLN J 318 -65.97 33.08 -16.53
N ALA J 319 -65.29 32.08 -17.10
CA ALA J 319 -65.00 32.06 -18.53
C ALA J 319 -64.82 30.61 -18.97
N LYS J 320 -64.84 30.41 -20.29
CA LYS J 320 -64.72 29.06 -20.84
C LYS J 320 -63.36 28.44 -20.54
N ARG J 321 -62.29 29.21 -20.69
CA ARG J 321 -60.94 28.69 -20.47
C ARG J 321 -60.01 29.84 -20.16
N VAL J 322 -59.05 29.58 -19.27
CA VAL J 322 -57.96 30.50 -18.99
C VAL J 322 -56.64 29.74 -19.15
N GLU J 323 -55.69 30.38 -19.81
CA GLU J 323 -54.35 29.83 -20.00
C GLU J 323 -53.36 30.72 -19.29
N VAL J 324 -52.55 30.13 -18.41
CA VAL J 324 -51.57 30.86 -17.62
C VAL J 324 -50.19 30.41 -18.04
N ALA J 325 -49.42 31.31 -18.64
CA ALA J 325 -48.05 31.04 -19.04
C ALA J 325 -47.08 31.69 -18.07
N LYS J 326 -45.78 31.53 -18.35
CA LYS J 326 -44.76 32.10 -17.48
C LYS J 326 -44.85 33.63 -17.44
N GLU J 327 -45.08 34.26 -18.60
CA GLU J 327 -45.06 35.71 -18.68
C GLU J 327 -46.44 36.35 -18.84
N HIS J 328 -47.42 35.63 -19.37
CA HIS J 328 -48.71 36.24 -19.64
C HIS J 328 -49.82 35.24 -19.34
N THR J 329 -51.01 35.79 -19.07
CA THR J 329 -52.21 35.00 -18.82
C THR J 329 -53.34 35.54 -19.69
N THR J 330 -54.08 34.64 -20.31
CA THR J 330 -55.17 35.01 -21.21
C THR J 330 -56.47 34.40 -20.73
N ILE J 331 -57.57 35.08 -21.03
CA ILE J 331 -58.91 34.65 -20.65
C ILE J 331 -59.72 34.44 -21.92
N ILE J 332 -60.38 33.30 -22.04
CA ILE J 332 -61.11 32.91 -23.24
C ILE J 332 -62.59 32.86 -22.91
N ASP J 333 -63.39 33.59 -23.68
CA ASP J 333 -64.85 33.53 -23.62
C ASP J 333 -65.37 33.87 -22.22
N GLY J 334 -65.12 35.12 -21.84
CA GLY J 334 -65.61 35.61 -20.56
C GLY J 334 -67.13 35.68 -20.54
N ALA J 335 -67.69 35.63 -19.33
CA ALA J 335 -69.13 35.59 -19.15
C ALA J 335 -69.80 36.95 -19.34
N GLY J 336 -69.03 38.03 -19.42
CA GLY J 336 -69.61 39.35 -19.58
C GLY J 336 -70.43 39.50 -20.84
N ASP J 337 -71.59 40.14 -20.73
CA ASP J 337 -72.45 40.33 -21.89
C ASP J 337 -71.79 41.31 -22.86
N PRO J 338 -71.95 41.10 -24.17
CA PRO J 338 -71.32 42.01 -25.14
C PRO J 338 -71.81 43.45 -25.05
N ALA J 339 -73.04 43.68 -24.58
CA ALA J 339 -73.56 45.04 -24.50
C ALA J 339 -72.77 45.86 -23.48
N LYS J 340 -72.58 45.34 -22.28
CA LYS J 340 -71.81 46.06 -21.26
C LYS J 340 -70.35 46.20 -21.67
N ILE J 341 -69.80 45.19 -22.35
CA ILE J 341 -68.42 45.27 -22.82
C ILE J 341 -68.27 46.40 -23.84
N GLN J 342 -69.21 46.49 -24.79
CA GLN J 342 -69.16 47.57 -25.77
C GLN J 342 -69.38 48.93 -25.11
N ALA J 343 -70.26 49.00 -24.11
CA ALA J 343 -70.46 50.26 -23.39
C ALA J 343 -69.18 50.69 -22.69
N ARG J 344 -68.49 49.76 -22.04
CA ARG J 344 -67.23 50.09 -21.38
C ARG J 344 -66.16 50.46 -22.41
N VAL J 345 -66.19 49.82 -23.59
CA VAL J 345 -65.26 50.19 -24.65
C VAL J 345 -65.48 51.64 -25.07
N LYS J 346 -66.75 52.03 -25.24
CA LYS J 346 -67.04 53.43 -25.56
C LYS J 346 -66.63 54.36 -24.43
N GLU J 347 -66.84 53.93 -23.18
CA GLU J 347 -66.44 54.74 -22.03
C GLU J 347 -64.93 54.98 -22.05
N ILE J 348 -64.15 53.94 -22.30
CA ILE J 348 -62.70 54.08 -22.32
C ILE J 348 -62.26 54.92 -23.52
N ARG J 349 -62.94 54.75 -24.66
CA ARG J 349 -62.61 55.54 -25.85
C ARG J 349 -62.89 57.02 -25.65
N VAL J 350 -63.95 57.37 -24.91
CA VAL J 350 -64.20 58.79 -24.64
C VAL J 350 -63.33 59.30 -23.49
N GLN J 351 -62.91 58.43 -22.58
CA GLN J 351 -61.90 58.81 -21.59
C GLN J 351 -60.54 59.02 -22.21
N ILE J 352 -60.31 58.45 -23.40
CA ILE J 352 -59.05 58.67 -24.11
C ILE J 352 -58.81 60.16 -24.32
N GLU J 353 -59.85 60.89 -24.72
CA GLU J 353 -59.75 62.34 -24.87
C GLU J 353 -59.53 63.06 -23.55
N GLU J 354 -59.79 62.40 -22.42
CA GLU J 354 -59.58 62.99 -21.10
C GLU J 354 -58.15 62.79 -20.59
N ALA J 355 -57.29 62.13 -21.37
CA ALA J 355 -55.93 61.85 -20.92
C ALA J 355 -55.15 63.13 -20.70
N THR J 356 -54.44 63.20 -19.58
CA THR J 356 -53.62 64.36 -19.24
C THR J 356 -52.23 64.30 -19.87
N SER J 357 -51.85 63.18 -20.46
CA SER J 357 -50.53 63.04 -21.06
C SER J 357 -50.60 61.97 -22.14
N ASP J 358 -49.57 61.96 -22.99
CA ASP J 358 -49.48 60.92 -24.02
C ASP J 358 -49.33 59.54 -23.41
N TYR J 359 -48.65 59.45 -22.25
CA TYR J 359 -48.54 58.17 -21.57
C TYR J 359 -49.90 57.67 -21.09
N ASP J 360 -50.73 58.59 -20.59
CA ASP J 360 -52.10 58.23 -20.22
C ASP J 360 -52.89 57.78 -21.44
N ARG J 361 -52.75 58.51 -22.55
CA ARG J 361 -53.53 58.20 -23.75
C ARG J 361 -53.13 56.84 -24.32
N GLU J 362 -51.83 56.53 -24.31
CA GLU J 362 -51.40 55.24 -24.85
C GLU J 362 -51.85 54.08 -23.98
N LYS J 363 -51.87 54.26 -22.65
CA LYS J 363 -52.41 53.21 -21.79
C LYS J 363 -53.92 53.05 -22.00
N LEU J 364 -54.64 54.14 -22.18
CA LEU J 364 -56.07 54.04 -22.47
C LEU J 364 -56.31 53.33 -23.80
N GLN J 365 -55.47 53.61 -24.80
CA GLN J 365 -55.58 52.92 -26.08
C GLN J 365 -55.26 51.44 -25.93
N GLU J 366 -54.28 51.11 -25.09
CA GLU J 366 -53.99 49.70 -24.81
C GLU J 366 -55.18 49.02 -24.15
N ARG J 367 -55.85 49.72 -23.24
CA ARG J 367 -57.07 49.19 -22.63
C ARG J 367 -58.13 48.93 -23.70
N VAL J 368 -58.33 49.90 -24.60
CA VAL J 368 -59.33 49.74 -25.66
C VAL J 368 -59.01 48.53 -26.52
N ALA J 369 -57.74 48.40 -26.92
CA ALA J 369 -57.35 47.28 -27.77
C ALA J 369 -57.54 45.95 -27.06
N LYS J 370 -57.03 45.83 -25.83
CA LYS J 370 -57.10 44.56 -25.11
C LYS J 370 -58.54 44.18 -24.79
N LEU J 371 -59.43 45.16 -24.68
CA LEU J 371 -60.81 44.82 -24.36
C LEU J 371 -61.63 44.52 -25.62
N ALA J 372 -61.62 45.42 -26.59
CA ALA J 372 -62.47 45.27 -27.77
C ALA J 372 -61.94 44.22 -28.74
N GLY J 373 -60.62 43.99 -28.78
CA GLY J 373 -60.07 43.05 -29.74
C GLY J 373 -60.47 41.61 -29.51
N GLY J 374 -60.82 41.26 -28.28
CA GLY J 374 -61.20 39.89 -28.01
C GLY J 374 -60.02 38.95 -28.12
N VAL J 375 -60.34 37.67 -28.28
CA VAL J 375 -59.34 36.62 -28.43
C VAL J 375 -59.72 35.76 -29.63
N ALA J 376 -58.76 35.56 -30.53
CA ALA J 376 -58.95 34.65 -31.64
C ALA J 376 -58.65 33.22 -31.19
N VAL J 377 -59.61 32.33 -31.40
CA VAL J 377 -59.49 30.93 -31.01
C VAL J 377 -59.46 30.10 -32.28
N ILE J 378 -58.39 29.33 -32.47
CA ILE J 378 -58.24 28.47 -33.63
C ILE J 378 -58.72 27.07 -33.26
N LYS J 379 -59.78 26.63 -33.91
CA LYS J 379 -60.32 25.29 -33.70
C LYS J 379 -59.61 24.36 -34.68
N VAL J 380 -58.47 23.82 -34.25
CA VAL J 380 -57.69 22.92 -35.09
C VAL J 380 -58.51 21.67 -35.38
N GLY J 381 -58.47 21.21 -36.63
CA GLY J 381 -59.23 20.06 -37.05
C GLY J 381 -58.36 18.87 -37.40
N ALA J 382 -58.73 17.71 -36.88
CA ALA J 382 -58.01 16.47 -37.15
C ALA J 382 -58.95 15.30 -36.98
N ALA J 383 -58.54 14.15 -37.53
CA ALA J 383 -59.39 12.96 -37.52
C ALA J 383 -59.26 12.16 -36.23
N THR J 384 -58.07 12.07 -35.67
CA THR J 384 -57.83 11.25 -34.49
C THR J 384 -57.15 12.08 -33.41
N GLU J 385 -57.21 11.56 -32.18
CA GLU J 385 -56.56 12.23 -31.06
C GLU J 385 -55.04 12.23 -31.21
N VAL J 386 -54.47 11.14 -31.74
CA VAL J 386 -53.03 11.10 -31.98
C VAL J 386 -52.65 12.19 -32.99
N GLU J 387 -53.40 12.30 -34.07
CA GLU J 387 -53.19 13.41 -35.00
C GLU J 387 -53.51 14.74 -34.36
N MET J 388 -54.50 14.76 -33.45
CA MET J 388 -54.88 15.99 -32.77
C MET J 388 -53.71 16.58 -32.00
N LYS J 389 -53.02 15.75 -31.21
CA LYS J 389 -51.92 16.24 -30.38
C LYS J 389 -50.80 16.81 -31.23
N GLU J 390 -50.44 16.13 -32.32
CA GLU J 390 -49.37 16.62 -33.18
C GLU J 390 -49.76 17.89 -33.91
N LYS J 391 -51.00 17.95 -34.42
CA LYS J 391 -51.42 19.10 -35.20
C LYS J 391 -51.57 20.33 -34.32
N LYS J 392 -52.00 20.16 -33.07
CA LYS J 392 -52.08 21.31 -32.16
C LYS J 392 -50.71 21.92 -31.92
N ALA J 393 -49.70 21.07 -31.69
CA ALA J 393 -48.34 21.57 -31.49
C ALA J 393 -47.81 22.24 -32.75
N ARG J 394 -48.08 21.63 -33.92
CA ARG J 394 -47.62 22.24 -35.17
C ARG J 394 -48.27 23.59 -35.39
N VAL J 395 -49.57 23.71 -35.11
CA VAL J 395 -50.26 24.99 -35.26
C VAL J 395 -49.70 26.02 -34.29
N GLU J 396 -49.43 25.62 -33.05
CA GLU J 396 -48.86 26.55 -32.08
C GLU J 396 -47.49 27.04 -32.52
N ASP J 397 -46.64 26.13 -33.02
CA ASP J 397 -45.33 26.54 -33.50
C ASP J 397 -45.43 27.46 -34.70
N ALA J 398 -46.33 27.16 -35.64
CA ALA J 398 -46.53 28.03 -36.78
C ALA J 398 -47.04 29.40 -36.35
N LEU J 399 -47.94 29.44 -35.36
CA LEU J 399 -48.45 30.71 -34.85
C LEU J 399 -47.33 31.54 -34.23
N HIS J 400 -46.47 30.89 -33.44
CA HIS J 400 -45.35 31.61 -32.83
C HIS J 400 -44.40 32.14 -33.90
N ALA J 401 -44.09 31.31 -34.91
CA ALA J 401 -43.21 31.76 -35.97
C ALA J 401 -43.81 32.92 -36.75
N THR J 402 -45.09 32.86 -37.06
CA THR J 402 -45.75 33.94 -37.78
C THR J 402 -45.78 35.22 -36.95
N ARG J 403 -46.05 35.10 -35.64
CA ARG J 403 -46.03 36.27 -34.78
C ARG J 403 -44.65 36.90 -34.75
N ALA J 404 -43.60 36.07 -34.66
CA ALA J 404 -42.25 36.61 -34.75
C ALA J 404 -41.95 37.16 -36.13
N ALA J 405 -42.39 36.47 -37.19
CA ALA J 405 -42.09 36.91 -38.54
C ALA J 405 -42.78 38.21 -38.91
N VAL J 406 -44.05 38.39 -38.51
CA VAL J 406 -44.78 39.59 -38.92
C VAL J 406 -44.21 40.83 -38.24
N GLU J 407 -43.57 40.67 -37.09
CA GLU J 407 -43.02 41.83 -36.38
C GLU J 407 -41.76 42.37 -37.05
N GLU J 408 -40.87 41.50 -37.49
CA GLU J 408 -39.56 41.93 -37.99
C GLU J 408 -39.22 41.35 -39.36
N GLY J 409 -40.16 40.70 -40.03
CA GLY J 409 -39.90 40.15 -41.34
C GLY J 409 -39.20 38.80 -41.27
N ILE J 410 -39.00 38.22 -42.45
CA ILE J 410 -38.36 36.92 -42.59
C ILE J 410 -36.96 37.13 -43.15
N VAL J 411 -36.10 36.14 -42.91
CA VAL J 411 -34.72 36.21 -43.38
C VAL J 411 -34.26 34.81 -43.77
N PRO J 412 -33.39 34.71 -44.79
CA PRO J 412 -32.88 33.40 -45.20
C PRO J 412 -32.34 32.57 -44.04
N GLY J 413 -32.98 31.43 -43.77
CA GLY J 413 -32.62 30.61 -42.64
C GLY J 413 -31.46 29.68 -42.88
N GLY J 414 -31.22 28.77 -41.95
CA GLY J 414 -30.10 27.84 -42.07
C GLY J 414 -28.75 28.47 -41.82
N GLY J 415 -28.72 29.61 -41.13
CA GLY J 415 -27.48 30.28 -40.81
C GLY J 415 -26.94 31.20 -41.88
N VAL J 416 -27.54 31.22 -43.07
CA VAL J 416 -27.07 32.09 -44.13
C VAL J 416 -27.32 33.55 -43.78
N ALA J 417 -28.36 33.83 -42.98
CA ALA J 417 -28.70 35.20 -42.64
C ALA J 417 -27.55 35.89 -41.91
N LEU J 418 -26.95 35.20 -40.94
CA LEU J 418 -25.83 35.80 -40.21
C LEU J 418 -24.63 36.04 -41.11
N LEU J 419 -24.38 35.14 -42.07
CA LEU J 419 -23.29 35.37 -43.01
C LEU J 419 -23.54 36.60 -43.87
N ARG J 420 -24.76 36.73 -44.39
CA ARG J 420 -25.07 37.90 -45.22
C ARG J 420 -24.96 39.18 -44.40
N ALA J 421 -25.46 39.17 -43.17
CA ALA J 421 -25.36 40.35 -42.31
C ALA J 421 -23.90 40.67 -42.01
N ARG J 422 -23.08 39.66 -41.75
CA ARG J 422 -21.66 39.88 -41.47
C ARG J 422 -20.96 40.49 -42.66
N GLU J 423 -21.21 39.95 -43.86
CA GLU J 423 -20.57 40.48 -45.05
C GLU J 423 -21.00 41.91 -45.32
N ALA J 424 -22.30 42.19 -45.16
CA ALA J 424 -22.79 43.55 -45.39
C ALA J 424 -22.21 44.52 -44.37
N ALA J 425 -22.11 44.12 -43.11
CA ALA J 425 -21.54 44.99 -42.09
C ALA J 425 -20.05 45.23 -42.33
N VAL J 426 -19.31 44.21 -42.72
CA VAL J 426 -17.89 44.38 -43.02
C VAL J 426 -17.71 45.32 -44.22
N ALA J 427 -18.54 45.13 -45.26
CA ALA J 427 -18.47 46.03 -46.41
C ALA J 427 -18.84 47.46 -46.03
N LYS J 428 -19.77 47.63 -45.08
CA LYS J 428 -20.11 48.96 -44.61
C LYS J 428 -18.92 49.64 -43.95
N GLY J 429 -18.03 48.87 -43.35
CA GLY J 429 -16.91 49.41 -42.61
C GLY J 429 -17.09 49.27 -41.12
N LEU J 430 -16.45 48.26 -40.54
CA LEU J 430 -16.53 48.00 -39.11
C LEU J 430 -15.11 47.93 -38.55
N LYS J 431 -14.86 48.73 -37.51
CA LYS J 431 -13.52 48.83 -36.95
C LYS J 431 -13.62 49.07 -35.45
N GLY J 432 -12.53 48.75 -34.76
CA GLY J 432 -12.42 48.97 -33.33
C GLY J 432 -11.42 50.06 -33.01
N ASP J 433 -11.65 50.75 -31.90
CA ASP J 433 -10.76 51.83 -31.48
C ASP J 433 -9.45 51.30 -30.91
N ASN J 434 -9.36 50.02 -30.61
CA ASN J 434 -8.17 49.40 -30.05
C ASN J 434 -7.92 48.09 -30.78
N PRO J 435 -6.68 47.59 -30.74
CA PRO J 435 -6.45 46.22 -31.22
C PRO J 435 -7.26 45.20 -30.46
N ASP J 436 -7.51 45.43 -29.17
CA ASP J 436 -8.39 44.55 -28.41
C ASP J 436 -9.82 44.61 -28.93
N GLN J 437 -10.31 45.80 -29.26
CA GLN J 437 -11.62 45.90 -29.89
C GLN J 437 -11.63 45.25 -31.26
N GLU J 438 -10.51 45.31 -31.99
CA GLU J 438 -10.42 44.63 -33.27
C GLU J 438 -10.53 43.11 -33.09
N ALA J 439 -9.87 42.57 -32.07
CA ALA J 439 -10.00 41.15 -31.78
C ALA J 439 -11.42 40.81 -31.36
N GLY J 440 -12.07 41.69 -30.62
CA GLY J 440 -13.47 41.48 -30.28
C GLY J 440 -14.36 41.45 -31.50
N ILE J 441 -14.09 42.32 -32.47
CA ILE J 441 -14.82 42.29 -33.74
C ILE J 441 -14.58 40.97 -34.46
N LYS J 442 -13.32 40.54 -34.53
CA LYS J 442 -12.98 39.29 -35.20
C LYS J 442 -13.66 38.10 -34.54
N ILE J 443 -13.82 38.14 -33.21
CA ILE J 443 -14.45 37.05 -32.49
C ILE J 443 -15.87 36.84 -33.00
N VAL J 444 -16.65 37.92 -33.07
CA VAL J 444 -18.03 37.82 -33.55
C VAL J 444 -18.05 37.45 -35.03
N LEU J 445 -17.15 38.03 -35.82
CA LEU J 445 -17.13 37.74 -37.25
C LEU J 445 -16.89 36.26 -37.51
N ARG J 446 -16.03 35.64 -36.71
CA ARG J 446 -15.82 34.20 -36.85
C ARG J 446 -16.95 33.39 -36.24
N ALA J 447 -17.57 33.88 -35.17
CA ALA J 447 -18.57 33.08 -34.46
C ALA J 447 -19.91 33.04 -35.18
N VAL J 448 -20.27 34.10 -35.91
CA VAL J 448 -21.59 34.17 -36.52
C VAL J 448 -21.75 33.14 -37.62
N GLU J 449 -20.66 32.52 -38.06
CA GLU J 449 -20.75 31.45 -39.05
C GLU J 449 -20.86 30.07 -38.44
N GLN J 450 -20.80 29.97 -37.10
CA GLN J 450 -20.88 28.69 -36.41
C GLN J 450 -22.20 27.96 -36.63
N PRO J 451 -23.37 28.64 -36.61
CA PRO J 451 -24.61 27.90 -36.88
C PRO J 451 -24.63 27.18 -38.21
N LEU J 452 -24.19 27.84 -39.29
CA LEU J 452 -24.15 27.17 -40.58
C LEU J 452 -23.13 26.03 -40.58
N ARG J 453 -21.97 26.25 -39.96
CA ARG J 453 -20.96 25.20 -39.90
C ARG J 453 -21.49 23.97 -39.18
N GLU J 454 -22.20 24.15 -38.07
CA GLU J 454 -22.77 23.03 -37.35
C GLU J 454 -23.93 22.37 -38.09
N ILE J 455 -24.77 23.14 -38.76
CA ILE J 455 -25.83 22.55 -39.56
C ILE J 455 -25.23 21.66 -40.65
N VAL J 456 -24.18 22.16 -41.32
CA VAL J 456 -23.53 21.39 -42.37
C VAL J 456 -22.85 20.14 -41.78
N ALA J 457 -22.18 20.29 -40.64
CA ALA J 457 -21.50 19.14 -40.03
C ALA J 457 -22.50 18.06 -39.62
N ASN J 458 -23.64 18.44 -39.04
CA ASN J 458 -24.67 17.46 -38.74
C ASN J 458 -25.23 16.86 -40.02
N ALA J 459 -25.33 17.65 -41.09
CA ALA J 459 -25.76 17.12 -42.37
C ALA J 459 -24.72 16.16 -42.96
N GLY J 460 -23.49 16.17 -42.46
CA GLY J 460 -22.46 15.26 -42.91
C GLY J 460 -21.45 15.83 -43.88
N GLU J 461 -21.75 16.97 -44.50
CA GLU J 461 -20.81 17.56 -45.44
C GLU J 461 -19.65 18.23 -44.70
N GLU J 462 -18.67 18.69 -45.46
CA GLU J 462 -17.53 19.40 -44.89
C GLU J 462 -17.89 20.85 -44.66
N PRO J 463 -17.78 21.36 -43.43
CA PRO J 463 -18.27 22.73 -43.15
C PRO J 463 -17.56 23.82 -43.94
N SER J 464 -16.24 23.75 -44.04
CA SER J 464 -15.48 24.89 -44.57
C SER J 464 -15.80 25.16 -46.04
N VAL J 465 -15.86 24.11 -46.86
CA VAL J 465 -16.14 24.31 -48.28
C VAL J 465 -17.54 24.84 -48.48
N ILE J 466 -18.51 24.33 -47.73
CA ILE J 466 -19.89 24.81 -47.86
C ILE J 466 -19.99 26.27 -47.45
N VAL J 467 -19.32 26.64 -46.35
CA VAL J 467 -19.34 28.03 -45.90
C VAL J 467 -18.70 28.93 -46.95
N ALA J 468 -17.58 28.50 -47.53
CA ALA J 468 -16.92 29.30 -48.56
C ALA J 468 -17.82 29.48 -49.77
N LYS J 469 -18.49 28.40 -50.19
CA LYS J 469 -19.38 28.49 -51.35
C LYS J 469 -20.56 29.40 -51.06
N VAL J 470 -21.10 29.34 -49.84
CA VAL J 470 -22.19 30.23 -49.46
C VAL J 470 -21.73 31.69 -49.49
N LEU J 471 -20.52 31.94 -48.97
CA LEU J 471 -19.97 33.29 -48.98
C LEU J 471 -19.71 33.79 -50.39
N GLU J 472 -19.35 32.90 -51.32
CA GLU J 472 -19.17 33.31 -52.71
C GLU J 472 -20.47 33.74 -53.37
N GLY J 473 -21.61 33.22 -52.89
CA GLY J 473 -22.89 33.68 -53.39
C GLY J 473 -23.35 34.96 -52.73
N LYS J 474 -24.40 35.55 -53.28
CA LYS J 474 -24.93 36.82 -52.80
C LYS J 474 -26.44 36.72 -52.64
N GLY J 475 -26.97 37.58 -51.78
CA GLY J 475 -28.40 37.61 -51.57
C GLY J 475 -28.89 36.41 -50.79
N ASN J 476 -30.03 35.87 -51.20
CA ASN J 476 -30.64 34.73 -50.52
C ASN J 476 -29.95 33.41 -50.82
N TYR J 477 -28.97 33.40 -51.72
CA TYR J 477 -28.26 32.18 -52.07
C TYR J 477 -27.62 31.57 -50.82
N GLY J 478 -27.77 30.25 -50.67
CA GLY J 478 -27.25 29.57 -49.50
C GLY J 478 -27.32 28.08 -49.68
N TYR J 479 -27.03 27.37 -48.60
CA TYR J 479 -27.01 25.90 -48.59
C TYR J 479 -28.23 25.36 -47.86
N ASN J 480 -28.87 24.36 -48.46
CA ASN J 480 -30.05 23.72 -47.90
C ASN J 480 -29.63 22.33 -47.44
N ALA J 481 -29.49 22.16 -46.13
CA ALA J 481 -29.04 20.88 -45.58
C ALA J 481 -30.07 19.77 -45.78
N ALA J 482 -31.35 20.12 -45.98
CA ALA J 482 -32.37 19.10 -46.17
C ALA J 482 -32.14 18.30 -47.44
N THR J 483 -31.75 18.96 -48.53
CA THR J 483 -31.51 18.29 -49.80
C THR J 483 -30.06 18.36 -50.28
N GLY J 484 -29.22 19.18 -49.64
CA GLY J 484 -27.84 19.30 -50.06
C GLY J 484 -27.59 20.20 -51.26
N GLU J 485 -28.61 20.93 -51.71
CA GLU J 485 -28.48 21.77 -52.89
C GLU J 485 -28.18 23.21 -52.51
N PHE J 486 -27.68 23.97 -53.48
CA PHE J 486 -27.40 25.38 -53.33
C PHE J 486 -28.39 26.20 -54.16
N GLY J 487 -28.96 27.22 -53.54
CA GLY J 487 -29.89 28.07 -54.24
C GLY J 487 -30.51 29.09 -53.31
N ASP J 488 -31.54 29.76 -53.82
CA ASP J 488 -32.27 30.75 -53.03
C ASP J 488 -32.91 30.06 -51.83
N MET J 489 -32.47 30.41 -50.63
CA MET J 489 -33.00 29.78 -49.42
C MET J 489 -34.47 30.09 -49.23
N ILE J 490 -34.90 31.30 -49.58
CA ILE J 490 -36.31 31.65 -49.44
C ILE J 490 -37.17 30.85 -50.40
N GLU J 491 -36.69 30.63 -51.63
CA GLU J 491 -37.48 29.92 -52.62
C GLU J 491 -37.70 28.46 -52.25
N MET J 492 -36.79 27.86 -51.49
CA MET J 492 -37.01 26.50 -51.00
C MET J 492 -37.81 26.46 -49.71
N GLY J 493 -38.25 27.60 -49.20
CA GLY J 493 -39.03 27.61 -47.97
C GLY J 493 -38.25 27.21 -46.74
N VAL J 494 -37.01 27.68 -46.62
CA VAL J 494 -36.21 27.51 -45.42
C VAL J 494 -36.00 28.91 -44.83
N LEU J 495 -36.78 29.24 -43.81
CA LEU J 495 -36.81 30.61 -43.29
C LEU J 495 -36.67 30.60 -41.78
N ASP J 496 -36.13 31.71 -41.26
CA ASP J 496 -36.13 32.02 -39.85
C ASP J 496 -36.61 33.45 -39.66
N PRO J 497 -37.49 33.70 -38.68
CA PRO J 497 -37.88 35.08 -38.39
C PRO J 497 -36.68 35.90 -37.96
N THR J 498 -36.65 37.16 -38.40
CA THR J 498 -35.54 38.04 -38.05
C THR J 498 -35.41 38.19 -36.53
N LYS J 499 -36.54 38.16 -35.82
CA LYS J 499 -36.50 38.24 -34.38
C LYS J 499 -35.72 37.08 -33.78
N VAL J 500 -35.90 35.87 -34.31
CA VAL J 500 -35.24 34.69 -33.76
C VAL J 500 -33.72 34.84 -33.86
N THR J 501 -33.21 35.14 -35.06
CA THR J 501 -31.78 35.28 -35.23
C THR J 501 -31.22 36.46 -34.45
N ARG J 502 -31.91 37.61 -34.48
CA ARG J 502 -31.42 38.77 -33.76
C ARG J 502 -31.34 38.50 -32.26
N SER J 503 -32.39 37.91 -31.69
CA SER J 503 -32.41 37.64 -30.27
C SER J 503 -31.37 36.59 -29.90
N ALA J 504 -31.21 35.56 -30.72
CA ALA J 504 -30.19 34.55 -30.44
C ALA J 504 -28.80 35.17 -30.42
N LEU J 505 -28.49 35.99 -31.43
CA LEU J 505 -27.18 36.62 -31.49
C LEU J 505 -26.95 37.55 -30.30
N GLN J 506 -27.95 38.37 -29.96
CA GLN J 506 -27.78 39.33 -28.88
C GLN J 506 -27.63 38.64 -27.53
N ASN J 507 -28.44 37.61 -27.26
CA ASN J 507 -28.34 36.91 -25.99
C ASN J 507 -27.04 36.12 -25.88
N ALA J 508 -26.60 35.52 -26.99
CA ALA J 508 -25.30 34.84 -26.98
C ALA J 508 -24.19 35.83 -26.72
N ALA J 509 -24.25 37.02 -27.33
CA ALA J 509 -23.24 38.04 -27.08
C ALA J 509 -23.25 38.47 -25.62
N SER J 510 -24.44 38.66 -25.04
CA SER J 510 -24.52 39.08 -23.64
C SER J 510 -23.92 38.03 -22.71
N VAL J 511 -24.31 36.77 -22.87
CA VAL J 511 -23.79 35.74 -21.99
C VAL J 511 -22.29 35.54 -22.21
N ALA J 512 -21.83 35.67 -23.45
CA ALA J 512 -20.40 35.54 -23.71
C ALA J 512 -19.62 36.67 -23.06
N GLY J 513 -20.15 37.91 -23.12
CA GLY J 513 -19.50 39.00 -22.42
C GLY J 513 -19.44 38.78 -20.92
N LEU J 514 -20.55 38.29 -20.35
CA LEU J 514 -20.57 38.02 -18.91
C LEU J 514 -19.55 36.95 -18.53
N MET J 515 -19.42 35.90 -19.33
CA MET J 515 -18.47 34.84 -18.98
C MET J 515 -17.06 35.12 -19.47
N LEU J 516 -16.85 36.19 -20.23
CA LEU J 516 -15.50 36.61 -20.56
C LEU J 516 -14.95 37.60 -19.54
N THR J 517 -15.78 38.52 -19.07
CA THR J 517 -15.37 39.48 -18.05
C THR J 517 -15.56 38.95 -16.64
N THR J 518 -15.61 37.62 -16.46
CA THR J 518 -15.75 37.04 -15.14
C THR J 518 -14.38 36.71 -14.57
N GLU J 519 -14.10 37.20 -13.37
CA GLU J 519 -12.82 36.97 -12.72
C GLU J 519 -12.92 36.14 -11.45
N CYS J 520 -14.10 36.08 -10.84
CA CYS J 520 -14.27 35.33 -9.60
C CYS J 520 -15.55 34.52 -9.67
N MET J 521 -15.52 33.34 -9.05
CA MET J 521 -16.68 32.46 -8.99
C MET J 521 -16.80 31.87 -7.59
N ILE J 522 -18.00 31.92 -7.04
CA ILE J 522 -18.28 31.45 -5.69
C ILE J 522 -19.32 30.35 -5.76
N ALA J 523 -19.00 29.19 -5.20
CA ALA J 523 -19.90 28.05 -5.21
C ALA J 523 -19.76 27.29 -3.90
N GLU J 524 -20.79 26.48 -3.60
CA GLU J 524 -20.79 25.70 -2.36
C GLU J 524 -19.64 24.70 -2.37
N ALA J 525 -18.93 24.63 -1.24
CA ALA J 525 -17.85 23.68 -1.12
C ALA J 525 -18.40 22.25 -1.00
N PRO J 526 -17.65 21.25 -1.48
CA PRO J 526 -18.06 19.84 -1.39
C PRO J 526 -18.35 19.39 0.04
N ALA K 1 -31.18 15.72 -10.34
CA ALA K 1 -29.90 15.12 -9.97
C ALA K 1 -28.88 15.25 -11.10
N ALA K 2 -27.61 15.15 -10.74
CA ALA K 2 -26.53 15.38 -11.70
C ALA K 2 -26.61 14.43 -12.87
N LYS K 3 -26.35 14.95 -14.07
CA LYS K 3 -26.38 14.17 -15.29
C LYS K 3 -24.95 13.84 -15.75
N GLU K 4 -24.84 12.74 -16.50
CA GLU K 4 -23.60 12.36 -17.15
C GLU K 4 -23.84 12.24 -18.64
N VAL K 5 -22.97 12.85 -19.43
CA VAL K 5 -23.15 12.96 -20.88
C VAL K 5 -22.02 12.24 -21.59
N LYS K 6 -22.38 11.45 -22.59
CA LYS K 6 -21.43 10.73 -23.43
C LYS K 6 -21.70 11.06 -24.89
N PHE K 7 -20.62 11.26 -25.65
CA PHE K 7 -20.75 11.71 -27.04
C PHE K 7 -20.16 10.69 -27.99
N HIS K 8 -20.68 10.71 -29.22
CA HIS K 8 -20.10 9.97 -30.35
C HIS K 8 -19.92 8.49 -30.06
N ASP K 9 -18.76 7.96 -30.42
CA ASP K 9 -18.47 6.54 -30.23
C ASP K 9 -18.53 6.13 -28.76
N SER K 10 -18.14 7.02 -27.85
CA SER K 10 -18.16 6.68 -26.43
C SER K 10 -19.57 6.42 -25.91
N ALA K 11 -20.59 6.80 -26.68
CA ALA K 11 -21.98 6.55 -26.32
C ALA K 11 -22.60 5.48 -27.22
N ARG K 12 -22.23 5.50 -28.50
CA ARG K 12 -22.73 4.47 -29.42
C ARG K 12 -22.26 3.09 -28.99
N GLU K 13 -21.03 2.98 -28.49
CA GLU K 13 -20.54 1.69 -28.01
C GLU K 13 -21.28 1.22 -26.77
N ARG K 14 -21.72 2.13 -25.90
CA ARG K 14 -22.53 1.71 -24.76
C ARG K 14 -23.91 1.25 -25.20
N LEU K 15 -24.52 1.96 -26.16
CA LEU K 15 -25.77 1.50 -26.75
C LEU K 15 -25.62 0.10 -27.33
N VAL K 16 -24.52 -0.13 -28.04
CA VAL K 16 -24.28 -1.41 -28.69
C VAL K 16 -24.04 -2.50 -27.66
N ALA K 17 -23.31 -2.18 -26.58
CA ALA K 17 -23.14 -3.15 -25.51
C ALA K 17 -24.46 -3.53 -24.89
N GLY K 18 -25.34 -2.56 -24.66
CA GLY K 18 -26.65 -2.87 -24.12
C GLY K 18 -27.51 -3.73 -25.03
N VAL K 19 -27.58 -3.37 -26.32
CA VAL K 19 -28.41 -4.15 -27.23
C VAL K 19 -27.82 -5.54 -27.42
N ASN K 20 -26.49 -5.65 -27.42
CA ASN K 20 -25.86 -6.95 -27.54
C ASN K 20 -26.15 -7.82 -26.33
N LEU K 21 -26.09 -7.22 -25.13
CA LEU K 21 -26.39 -7.99 -23.92
C LEU K 21 -27.85 -8.42 -23.88
N LEU K 22 -28.77 -7.61 -24.41
CA LEU K 22 -30.17 -8.03 -24.47
C LEU K 22 -30.37 -9.13 -25.51
N ALA K 23 -29.78 -8.96 -26.69
CA ALA K 23 -30.03 -9.88 -27.79
C ALA K 23 -29.33 -11.22 -27.59
N ASN K 24 -28.14 -11.24 -27.00
CA ASN K 24 -27.46 -12.50 -26.75
C ASN K 24 -28.25 -13.38 -25.79
N ALA K 25 -29.04 -12.77 -24.90
CA ALA K 25 -29.94 -13.54 -24.04
C ALA K 25 -31.21 -13.94 -24.77
N VAL K 26 -31.79 -13.01 -25.53
CA VAL K 26 -33.06 -13.29 -26.19
C VAL K 26 -32.92 -14.35 -27.27
N LYS K 27 -31.88 -14.26 -28.10
CA LYS K 27 -31.75 -15.09 -29.29
C LYS K 27 -31.56 -16.57 -28.98
N THR K 28 -31.15 -16.91 -27.76
CA THR K 28 -31.00 -18.33 -27.42
C THR K 28 -32.34 -19.03 -27.39
N THR K 29 -33.45 -18.29 -27.25
CA THR K 29 -34.78 -18.86 -27.24
C THR K 29 -35.48 -18.75 -28.59
N LEU K 30 -34.72 -18.71 -29.68
CA LEU K 30 -35.28 -18.55 -31.02
C LEU K 30 -35.17 -19.85 -31.79
N GLY K 31 -36.26 -20.24 -32.46
CA GLY K 31 -36.29 -21.44 -33.25
C GLY K 31 -36.96 -22.59 -32.54
N PRO K 32 -37.35 -23.62 -33.29
CA PRO K 32 -37.97 -24.79 -32.66
C PRO K 32 -37.08 -25.48 -31.63
N LYS K 33 -35.77 -25.42 -31.80
CA LYS K 33 -34.82 -26.00 -30.87
C LYS K 33 -34.15 -24.94 -30.00
N GLY K 34 -34.90 -23.92 -29.63
CA GLY K 34 -34.33 -22.86 -28.81
C GLY K 34 -33.91 -23.38 -27.45
N ARG K 35 -32.80 -22.84 -26.95
CA ARG K 35 -32.26 -23.28 -25.67
C ARG K 35 -33.09 -22.72 -24.52
N ASN K 36 -32.75 -23.18 -23.31
CA ASN K 36 -33.43 -22.71 -22.11
C ASN K 36 -32.69 -21.52 -21.51
N VAL K 37 -33.45 -20.66 -20.84
CA VAL K 37 -32.90 -19.51 -20.11
C VAL K 37 -33.43 -19.57 -18.69
N VAL K 38 -32.52 -19.55 -17.71
CA VAL K 38 -32.86 -19.65 -16.30
C VAL K 38 -32.92 -18.25 -15.73
N ILE K 39 -34.06 -17.89 -15.12
CA ILE K 39 -34.29 -16.57 -14.58
C ILE K 39 -34.55 -16.70 -13.09
N GLU K 40 -33.87 -15.88 -12.29
CA GLU K 40 -34.07 -15.90 -10.85
C GLU K 40 -35.48 -15.42 -10.50
N ARG K 41 -36.09 -16.08 -9.51
CA ARG K 41 -37.32 -15.62 -8.89
C ARG K 41 -36.98 -15.15 -7.49
N SER K 42 -37.74 -14.16 -6.99
CA SER K 42 -37.45 -13.60 -5.68
C SER K 42 -37.45 -14.67 -4.59
N PHE K 43 -38.42 -15.58 -4.64
CA PHE K 43 -38.47 -16.71 -3.73
C PHE K 43 -38.87 -17.96 -4.51
N GLY K 44 -38.44 -19.11 -4.01
CA GLY K 44 -38.73 -20.36 -4.68
C GLY K 44 -37.71 -20.70 -5.76
N ALA K 45 -38.02 -21.77 -6.50
CA ALA K 45 -37.12 -22.26 -7.53
C ALA K 45 -37.06 -21.32 -8.71
N PRO K 46 -35.90 -21.22 -9.37
CA PRO K 46 -35.79 -20.37 -10.56
C PRO K 46 -36.72 -20.84 -11.67
N ILE K 47 -37.22 -19.89 -12.44
CA ILE K 47 -38.09 -20.19 -13.57
C ILE K 47 -37.23 -20.37 -14.81
N VAL K 48 -37.46 -21.45 -15.55
CA VAL K 48 -36.77 -21.71 -16.82
C VAL K 48 -37.75 -21.48 -17.95
N THR K 49 -37.32 -20.72 -18.95
CA THR K 49 -38.16 -20.37 -20.08
C THR K 49 -37.37 -20.49 -21.37
N LYS K 50 -38.08 -20.72 -22.46
CA LYS K 50 -37.49 -20.78 -23.80
C LYS K 50 -38.29 -19.93 -24.77
N ASP K 51 -38.80 -18.81 -24.28
CA ASP K 51 -39.51 -17.84 -25.09
C ASP K 51 -38.87 -16.47 -24.92
N GLY K 52 -38.79 -15.71 -26.02
CA GLY K 52 -38.13 -14.42 -25.98
C GLY K 52 -38.86 -13.36 -25.18
N VAL K 53 -40.18 -13.45 -25.09
CA VAL K 53 -40.96 -12.40 -24.42
C VAL K 53 -40.59 -12.32 -22.95
N THR K 54 -40.54 -13.47 -22.28
CA THR K 54 -40.23 -13.48 -20.84
C THR K 54 -38.77 -13.12 -20.58
N VAL K 55 -37.85 -13.63 -21.40
CA VAL K 55 -36.43 -13.35 -21.20
C VAL K 55 -36.15 -11.87 -21.39
N ALA K 56 -36.72 -11.27 -22.45
CA ALA K 56 -36.50 -9.85 -22.68
C ALA K 56 -37.07 -8.99 -21.57
N LYS K 57 -38.25 -9.36 -21.06
CA LYS K 57 -38.91 -8.56 -20.03
C LYS K 57 -38.07 -8.50 -18.76
N GLU K 58 -37.34 -9.56 -18.46
CA GLU K 58 -36.52 -9.59 -17.25
C GLU K 58 -35.16 -8.93 -17.44
N ILE K 59 -34.76 -8.65 -18.68
CA ILE K 59 -33.43 -8.12 -18.95
C ILE K 59 -33.45 -6.60 -18.78
N GLU K 60 -32.62 -6.11 -17.86
CA GLU K 60 -32.32 -4.68 -17.76
C GLU K 60 -30.97 -4.57 -17.05
N LEU K 61 -30.05 -3.82 -17.63
CA LEU K 61 -28.64 -3.90 -17.26
C LEU K 61 -28.33 -3.03 -16.06
N LYS K 62 -27.09 -3.15 -15.59
CA LYS K 62 -26.62 -2.32 -14.47
C LYS K 62 -26.23 -0.93 -14.94
N ASP K 63 -25.29 -0.83 -15.87
CA ASP K 63 -24.86 0.47 -16.38
C ASP K 63 -26.02 1.15 -17.09
N LYS K 64 -26.23 2.43 -16.78
CA LYS K 64 -27.37 3.16 -17.33
C LYS K 64 -27.23 3.34 -18.84
N PHE K 65 -26.02 3.60 -19.32
CA PHE K 65 -25.80 3.85 -20.74
C PHE K 65 -26.01 2.61 -21.60
N GLU K 66 -25.84 1.41 -21.02
CA GLU K 66 -26.14 0.19 -21.75
C GLU K 66 -27.63 -0.15 -21.63
N ASN K 67 -28.20 0.05 -20.45
CA ASN K 67 -29.63 -0.12 -20.26
C ASN K 67 -30.40 0.80 -21.20
N MET K 68 -29.77 1.89 -21.62
CA MET K 68 -30.38 2.77 -22.61
C MET K 68 -30.83 1.99 -23.84
N GLY K 69 -29.87 1.43 -24.57
CA GLY K 69 -30.19 0.66 -25.75
C GLY K 69 -30.98 -0.59 -25.43
N ALA K 70 -30.70 -1.22 -24.28
CA ALA K 70 -31.46 -2.39 -23.88
C ALA K 70 -32.96 -2.08 -23.84
N GLN K 71 -33.33 -0.98 -23.17
CA GLN K 71 -34.74 -0.64 -23.04
C GLN K 71 -35.33 -0.13 -24.35
N MET K 72 -34.56 0.61 -25.16
CA MET K 72 -35.12 1.06 -26.44
C MET K 72 -35.43 -0.13 -27.35
N VAL K 73 -34.50 -1.09 -27.45
CA VAL K 73 -34.75 -2.27 -28.27
C VAL K 73 -35.87 -3.11 -27.69
N LYS K 74 -35.95 -3.20 -26.35
CA LYS K 74 -37.05 -3.92 -25.73
C LYS K 74 -38.39 -3.26 -26.05
N GLU K 75 -38.44 -1.92 -26.04
CA GLU K 75 -39.68 -1.22 -26.33
C GLU K 75 -40.11 -1.47 -27.78
N VAL K 76 -39.17 -1.39 -28.72
CA VAL K 76 -39.56 -1.62 -30.11
C VAL K 76 -39.95 -3.08 -30.32
N ALA K 77 -39.30 -4.01 -29.63
CA ALA K 77 -39.69 -5.41 -29.73
C ALA K 77 -41.10 -5.64 -29.18
N SER K 78 -41.41 -4.99 -28.06
CA SER K 78 -42.76 -5.10 -27.49
C SER K 78 -43.80 -4.47 -28.41
N LYS K 79 -43.45 -3.36 -29.06
CA LYS K 79 -44.34 -2.77 -30.06
C LYS K 79 -44.57 -3.71 -31.24
N THR K 80 -43.54 -4.44 -31.66
CA THR K 80 -43.75 -5.48 -32.67
C THR K 80 -44.68 -6.57 -32.15
N ALA K 81 -44.47 -7.01 -30.90
CA ALA K 81 -45.19 -8.17 -30.38
C ALA K 81 -46.67 -7.87 -30.17
N ASP K 82 -46.99 -6.73 -29.57
CA ASP K 82 -48.37 -6.46 -29.19
C ASP K 82 -49.29 -6.28 -30.39
N VAL K 83 -48.74 -5.98 -31.56
CA VAL K 83 -49.55 -5.78 -32.76
C VAL K 83 -49.58 -7.01 -33.66
N ALA K 84 -48.76 -8.03 -33.38
CA ALA K 84 -48.70 -9.21 -34.23
C ALA K 84 -48.81 -10.49 -33.43
N GLY K 85 -48.57 -10.41 -32.11
CA GLY K 85 -48.64 -11.56 -31.25
C GLY K 85 -47.40 -12.42 -31.22
N ASP K 86 -46.38 -12.09 -32.01
CA ASP K 86 -45.14 -12.84 -32.06
C ASP K 86 -44.11 -12.02 -32.81
N GLY K 87 -42.87 -12.49 -32.79
CA GLY K 87 -41.79 -11.85 -33.51
C GLY K 87 -40.91 -10.94 -32.69
N THR K 88 -41.23 -10.72 -31.41
CA THR K 88 -40.36 -9.88 -30.58
C THR K 88 -38.97 -10.48 -30.45
N THR K 89 -38.86 -11.81 -30.49
CA THR K 89 -37.55 -12.44 -30.56
C THR K 89 -36.87 -12.14 -31.89
N THR K 90 -37.62 -12.21 -32.99
CA THR K 90 -37.06 -11.90 -34.30
C THR K 90 -36.67 -10.42 -34.40
N ALA K 91 -37.51 -9.53 -33.86
CA ALA K 91 -37.22 -8.11 -33.95
C ALA K 91 -35.93 -7.74 -33.24
N THR K 92 -35.72 -8.29 -32.04
CA THR K 92 -34.51 -8.02 -31.30
C THR K 92 -33.28 -8.54 -32.04
N VAL K 93 -33.37 -9.73 -32.62
CA VAL K 93 -32.24 -10.30 -33.35
C VAL K 93 -31.92 -9.45 -34.58
N LEU K 94 -32.95 -9.05 -35.32
CA LEU K 94 -32.72 -8.20 -36.49
C LEU K 94 -32.13 -6.86 -36.11
N ALA K 95 -32.62 -6.27 -35.01
CA ALA K 95 -32.04 -5.00 -34.55
C ALA K 95 -30.59 -5.16 -34.16
N GLN K 96 -30.26 -6.24 -33.45
CA GLN K 96 -28.86 -6.48 -33.10
C GLN K 96 -28.00 -6.62 -34.34
N ALA K 97 -28.48 -7.38 -35.33
CA ALA K 97 -27.70 -7.56 -36.55
C ALA K 97 -27.47 -6.23 -37.27
N ILE K 98 -28.54 -5.44 -37.43
CA ILE K 98 -28.41 -4.18 -38.16
C ILE K 98 -27.48 -3.23 -37.42
N VAL K 99 -27.62 -3.14 -36.08
CA VAL K 99 -26.80 -2.22 -35.31
C VAL K 99 -25.34 -2.67 -35.31
N ARG K 100 -25.10 -3.97 -35.18
CA ARG K 100 -23.73 -4.48 -35.17
C ARG K 100 -23.05 -4.26 -36.51
N GLU K 101 -23.79 -4.39 -37.61
CA GLU K 101 -23.20 -4.10 -38.91
C GLU K 101 -23.03 -2.60 -39.13
N GLY K 102 -23.96 -1.80 -38.60
CA GLY K 102 -23.87 -0.36 -38.76
C GLY K 102 -22.72 0.25 -37.99
N MET K 103 -22.35 -0.35 -36.87
CA MET K 103 -21.17 0.11 -36.14
C MET K 103 -19.92 0.03 -36.99
N LYS K 104 -19.78 -1.04 -37.77
CA LYS K 104 -18.59 -1.21 -38.60
C LYS K 104 -18.47 -0.07 -39.61
N TYR K 105 -19.58 0.32 -40.24
CA TYR K 105 -19.53 1.40 -41.22
C TYR K 105 -19.43 2.78 -40.57
N VAL K 106 -20.07 2.97 -39.43
CA VAL K 106 -19.98 4.27 -38.75
C VAL K 106 -18.55 4.51 -38.27
N ALA K 107 -17.91 3.47 -37.71
CA ALA K 107 -16.51 3.58 -37.34
C ALA K 107 -15.62 3.81 -38.57
N ALA K 108 -16.09 3.40 -39.74
CA ALA K 108 -15.33 3.64 -40.97
C ALA K 108 -15.47 5.07 -41.49
N GLY K 109 -16.01 5.98 -40.69
CA GLY K 109 -16.17 7.35 -41.14
C GLY K 109 -17.31 7.56 -42.11
N MET K 110 -18.18 6.57 -42.26
CA MET K 110 -19.25 6.63 -43.25
C MET K 110 -20.45 7.35 -42.65
N ASN K 111 -21.18 8.07 -43.49
CA ASN K 111 -22.17 9.04 -43.03
C ASN K 111 -23.36 8.35 -42.38
N PRO K 112 -23.65 8.59 -41.10
CA PRO K 112 -24.77 7.90 -40.44
C PRO K 112 -26.12 8.18 -41.05
N MET K 113 -26.39 9.44 -41.46
CA MET K 113 -27.71 9.76 -42.02
C MET K 113 -27.95 9.03 -43.34
N ASP K 114 -26.93 8.96 -44.19
CA ASP K 114 -27.05 8.19 -45.42
C ASP K 114 -27.17 6.69 -45.16
N LEU K 115 -26.51 6.19 -44.12
CA LEU K 115 -26.70 4.80 -43.72
C LEU K 115 -28.15 4.55 -43.32
N LYS K 116 -28.74 5.47 -42.54
CA LYS K 116 -30.13 5.33 -42.14
C LYS K 116 -31.06 5.36 -43.35
N ARG K 117 -30.79 6.27 -44.29
CA ARG K 117 -31.62 6.35 -45.48
C ARG K 117 -31.50 5.09 -46.35
N GLY K 118 -30.29 4.54 -46.50
CA GLY K 118 -30.14 3.30 -47.23
C GLY K 118 -30.82 2.14 -46.55
N ILE K 119 -30.75 2.08 -45.22
CA ILE K 119 -31.44 1.04 -44.47
C ILE K 119 -32.94 1.16 -44.69
N ASP K 120 -33.47 2.37 -44.64
CA ASP K 120 -34.90 2.58 -44.89
C ASP K 120 -35.28 2.15 -46.30
N LYS K 121 -34.45 2.48 -47.29
CA LYS K 121 -34.75 2.08 -48.66
C LYS K 121 -34.78 0.56 -48.81
N ALA K 122 -33.78 -0.11 -48.23
CA ALA K 122 -33.71 -1.57 -48.32
C ALA K 122 -34.89 -2.21 -47.61
N VAL K 123 -35.25 -1.69 -46.43
CA VAL K 123 -36.38 -2.24 -45.68
C VAL K 123 -37.68 -2.04 -46.45
N THR K 124 -37.84 -0.87 -47.06
CA THR K 124 -39.03 -0.63 -47.87
C THR K 124 -39.11 -1.59 -49.04
N ALA K 125 -37.99 -1.82 -49.72
CA ALA K 125 -37.99 -2.76 -50.84
C ALA K 125 -38.30 -4.18 -50.39
N ILE K 126 -37.70 -4.61 -49.27
CA ILE K 126 -37.92 -5.97 -48.78
C ILE K 126 -39.37 -6.15 -48.34
N VAL K 127 -39.93 -5.14 -47.66
CA VAL K 127 -41.33 -5.20 -47.25
C VAL K 127 -42.25 -5.25 -48.47
N GLU K 128 -41.96 -4.44 -49.49
CA GLU K 128 -42.74 -4.49 -50.71
C GLU K 128 -42.67 -5.85 -51.37
N GLU K 129 -41.52 -6.51 -51.31
CA GLU K 129 -41.41 -7.86 -51.84
C GLU K 129 -42.16 -8.88 -50.99
N LEU K 130 -42.23 -8.67 -49.67
CA LEU K 130 -42.95 -9.59 -48.81
C LEU K 130 -44.44 -9.63 -49.16
N LYS K 131 -44.97 -8.50 -49.66
CA LYS K 131 -46.36 -8.47 -50.07
C LYS K 131 -46.62 -9.36 -51.28
N ALA K 132 -45.57 -9.74 -52.02
CA ALA K 132 -45.71 -10.65 -53.15
C ALA K 132 -45.42 -12.10 -52.79
N ILE K 133 -44.46 -12.34 -51.89
CA ILE K 133 -44.16 -13.71 -51.48
C ILE K 133 -45.28 -14.27 -50.62
N SER K 134 -45.98 -13.42 -49.88
CA SER K 134 -46.96 -13.88 -48.91
C SER K 134 -48.14 -14.56 -49.60
N LYS K 135 -48.45 -15.77 -49.16
CA LYS K 135 -49.64 -16.46 -49.63
C LYS K 135 -50.85 -15.99 -48.84
N PRO K 136 -51.88 -15.45 -49.51
CA PRO K 136 -53.06 -15.01 -48.77
C PRO K 136 -53.85 -16.19 -48.20
N CYS K 137 -54.54 -15.92 -47.09
CA CYS K 137 -55.37 -16.93 -46.44
C CYS K 137 -56.71 -16.28 -46.07
N SER K 138 -57.74 -16.56 -46.86
CA SER K 138 -59.07 -16.02 -46.59
C SER K 138 -60.17 -17.06 -46.57
N THR K 139 -60.00 -18.22 -47.21
CA THR K 139 -61.01 -19.27 -47.15
C THR K 139 -61.09 -19.85 -45.75
N THR K 140 -62.28 -20.35 -45.40
CA THR K 140 -62.47 -20.97 -44.09
C THR K 140 -61.51 -22.15 -43.90
N LYS K 141 -61.29 -22.93 -44.96
CA LYS K 141 -60.31 -24.01 -44.88
C LYS K 141 -58.92 -23.47 -44.60
N GLU K 142 -58.53 -22.39 -45.28
CA GLU K 142 -57.22 -21.78 -45.03
C GLU K 142 -57.11 -21.26 -43.60
N ILE K 143 -58.18 -20.62 -43.11
CA ILE K 143 -58.17 -20.10 -41.74
C ILE K 143 -58.02 -21.24 -40.74
N ALA K 144 -58.76 -22.33 -40.95
CA ALA K 144 -58.64 -23.48 -40.06
C ALA K 144 -57.25 -24.09 -40.11
N GLN K 145 -56.66 -24.18 -41.31
CA GLN K 145 -55.32 -24.73 -41.43
C GLN K 145 -54.30 -23.87 -40.69
N VAL K 146 -54.40 -22.55 -40.85
CA VAL K 146 -53.47 -21.65 -40.16
C VAL K 146 -53.65 -21.76 -38.65
N GLY K 147 -54.90 -21.81 -38.19
CA GLY K 147 -55.13 -21.95 -36.75
C GLY K 147 -54.58 -23.25 -36.20
N THR K 148 -54.78 -24.34 -36.93
CA THR K 148 -54.27 -25.64 -36.49
C THR K 148 -52.75 -25.63 -36.44
N ILE K 149 -52.11 -25.03 -37.47
CA ILE K 149 -50.65 -24.96 -37.49
C ILE K 149 -50.14 -24.12 -36.33
N SER K 150 -50.78 -22.99 -36.06
CA SER K 150 -50.36 -22.14 -34.96
C SER K 150 -50.61 -22.80 -33.60
N ALA K 151 -51.59 -23.70 -33.53
CA ALA K 151 -51.94 -24.35 -32.27
C ALA K 151 -51.27 -25.72 -32.12
N ASN K 152 -50.16 -25.96 -32.81
CA ASN K 152 -49.41 -27.21 -32.72
C ASN K 152 -50.27 -28.41 -33.11
N ALA K 153 -50.77 -28.37 -34.35
CA ALA K 153 -51.51 -29.47 -34.97
C ALA K 153 -52.77 -29.85 -34.22
N ASP K 154 -53.41 -28.91 -33.54
CA ASP K 154 -54.68 -29.17 -32.85
C ASP K 154 -55.81 -28.72 -33.78
N SER K 155 -56.40 -29.68 -34.49
CA SER K 155 -57.41 -29.36 -35.48
C SER K 155 -58.67 -28.75 -34.86
N SER K 156 -59.02 -29.13 -33.63
CA SER K 156 -60.20 -28.57 -32.99
C SER K 156 -60.06 -27.07 -32.78
N ILE K 157 -58.87 -26.62 -32.35
CA ILE K 157 -58.65 -25.19 -32.15
C ILE K 157 -58.81 -24.45 -33.48
N GLY K 158 -58.22 -24.96 -34.56
CA GLY K 158 -58.35 -24.31 -35.84
C GLY K 158 -59.79 -24.26 -36.33
N GLU K 159 -60.52 -25.37 -36.14
CA GLU K 159 -61.92 -25.40 -36.55
C GLU K 159 -62.74 -24.38 -35.77
N ILE K 160 -62.50 -24.29 -34.46
CA ILE K 160 -63.24 -23.32 -33.64
C ILE K 160 -62.90 -21.90 -34.07
N ILE K 161 -61.61 -21.63 -34.34
CA ILE K 161 -61.21 -20.30 -34.78
C ILE K 161 -61.88 -19.94 -36.09
N ALA K 162 -61.91 -20.89 -37.03
CA ALA K 162 -62.56 -20.64 -38.32
C ALA K 162 -64.05 -20.39 -38.15
N GLN K 163 -64.71 -21.19 -37.31
CA GLN K 163 -66.15 -21.01 -37.09
C GLN K 163 -66.46 -19.70 -36.38
N ALA K 164 -65.54 -19.20 -35.54
CA ALA K 164 -65.74 -17.91 -34.91
C ALA K 164 -65.53 -16.78 -35.90
N MET K 165 -64.50 -16.90 -36.75
CA MET K 165 -64.12 -15.80 -37.63
C MET K 165 -65.06 -15.68 -38.83
N ASP K 166 -65.56 -16.79 -39.35
CA ASP K 166 -66.33 -16.77 -40.59
C ASP K 166 -67.75 -16.24 -40.42
N LYS K 167 -68.29 -16.22 -39.20
CA LYS K 167 -69.63 -15.73 -38.96
C LYS K 167 -69.68 -14.41 -38.20
N VAL K 168 -68.61 -14.05 -37.49
CA VAL K 168 -68.55 -12.74 -36.83
C VAL K 168 -67.75 -11.74 -37.66
N GLY K 169 -66.96 -12.22 -38.61
CA GLY K 169 -66.17 -11.33 -39.46
C GLY K 169 -64.69 -11.42 -39.17
N LYS K 170 -63.89 -11.33 -40.24
CA LYS K 170 -62.44 -11.35 -40.09
C LYS K 170 -61.94 -10.16 -39.29
N GLU K 171 -62.72 -9.07 -39.27
CA GLU K 171 -62.42 -7.93 -38.43
C GLU K 171 -63.19 -7.93 -37.11
N GLY K 172 -63.95 -8.99 -36.83
CA GLY K 172 -64.76 -9.05 -35.64
C GLY K 172 -63.96 -9.33 -34.38
N VAL K 173 -64.65 -9.24 -33.25
CA VAL K 173 -64.01 -9.44 -31.95
C VAL K 173 -64.23 -10.89 -31.51
N ILE K 174 -63.13 -11.53 -31.11
CA ILE K 174 -63.17 -12.91 -30.62
C ILE K 174 -62.43 -12.97 -29.29
N THR K 175 -63.06 -13.59 -28.29
CA THR K 175 -62.47 -13.74 -26.97
C THR K 175 -62.56 -15.21 -26.56
N VAL K 176 -61.77 -15.56 -25.54
CA VAL K 176 -61.66 -16.93 -25.08
C VAL K 176 -62.12 -17.00 -23.62
N GLU K 177 -63.03 -17.93 -23.33
CA GLU K 177 -63.50 -18.17 -21.98
C GLU K 177 -63.48 -19.66 -21.71
N ASP K 178 -63.30 -20.03 -20.44
CA ASP K 178 -63.23 -21.44 -20.08
C ASP K 178 -64.56 -22.12 -20.33
N GLY K 179 -64.50 -23.29 -20.97
CA GLY K 179 -65.71 -24.02 -21.31
C GLY K 179 -66.21 -24.89 -20.18
N LYS K 180 -67.35 -25.54 -20.43
CA LYS K 180 -68.00 -26.40 -19.45
C LYS K 180 -68.01 -27.87 -19.87
N SER K 181 -67.16 -28.25 -20.82
CA SER K 181 -67.14 -29.62 -21.31
C SER K 181 -65.77 -29.93 -21.89
N LEU K 182 -65.64 -31.12 -22.47
CA LEU K 182 -64.40 -31.49 -23.13
C LEU K 182 -64.25 -30.80 -24.48
N GLU K 183 -65.34 -30.63 -25.20
CA GLU K 183 -65.32 -30.09 -26.55
C GLU K 183 -65.44 -28.56 -26.51
N ASN K 184 -64.65 -27.90 -27.35
CA ASN K 184 -64.71 -26.45 -27.43
C ASN K 184 -66.03 -26.00 -28.03
N GLU K 185 -66.53 -24.85 -27.55
CA GLU K 185 -67.79 -24.30 -28.00
C GLU K 185 -67.61 -22.81 -28.26
N LEU K 186 -68.49 -22.27 -29.10
CA LEU K 186 -68.44 -20.86 -29.45
C LEU K 186 -69.85 -20.29 -29.45
N GLU K 187 -69.94 -18.99 -29.18
CA GLU K 187 -71.22 -18.31 -29.14
C GLU K 187 -71.01 -16.83 -29.43
N VAL K 188 -72.10 -16.15 -29.80
CA VAL K 188 -72.08 -14.73 -30.07
C VAL K 188 -72.95 -14.04 -29.02
N VAL K 189 -72.38 -13.06 -28.32
CA VAL K 189 -73.08 -12.31 -27.29
C VAL K 189 -72.99 -10.83 -27.62
N GLU K 190 -73.90 -10.05 -27.05
CA GLU K 190 -73.89 -8.62 -27.28
C GLU K 190 -72.69 -7.99 -26.59
N GLY K 191 -71.90 -7.24 -27.35
CA GLY K 191 -70.71 -6.63 -26.80
C GLY K 191 -69.98 -5.84 -27.86
N MET K 192 -68.92 -5.18 -27.43
CA MET K 192 -68.14 -4.33 -28.32
C MET K 192 -66.74 -4.16 -27.75
N GLN K 193 -65.81 -3.78 -28.62
CA GLN K 193 -64.44 -3.50 -28.23
C GLN K 193 -64.04 -2.14 -28.75
N PHE K 194 -63.39 -1.35 -27.89
CA PHE K 194 -62.96 0.00 -28.24
C PHE K 194 -61.50 0.16 -27.84
N ASP K 195 -60.80 1.03 -28.58
CA ASP K 195 -59.36 1.18 -28.42
C ASP K 195 -58.99 2.06 -27.23
N ARG K 196 -59.34 1.61 -26.03
CA ARG K 196 -58.98 2.31 -24.80
C ARG K 196 -58.48 1.28 -23.80
N GLY K 197 -57.29 1.53 -23.22
CA GLY K 197 -56.69 0.63 -22.27
C GLY K 197 -56.80 1.14 -20.84
N TYR K 198 -56.28 0.33 -19.92
CA TYR K 198 -56.26 0.74 -18.51
C TYR K 198 -55.32 1.92 -18.32
N LEU K 199 -55.69 2.82 -17.41
CA LEU K 199 -54.94 4.05 -17.21
C LEU K 199 -53.78 3.89 -16.25
N SER K 200 -53.59 2.72 -15.67
CA SER K 200 -52.44 2.45 -14.82
C SER K 200 -52.17 0.95 -14.81
N PRO K 201 -50.91 0.53 -14.86
CA PRO K 201 -50.62 -0.91 -14.83
C PRO K 201 -51.06 -1.61 -13.56
N TYR K 202 -51.30 -0.87 -12.48
CA TYR K 202 -51.78 -1.47 -11.25
C TYR K 202 -53.19 -2.04 -11.38
N PHE K 203 -53.95 -1.60 -12.40
CA PHE K 203 -55.29 -2.13 -12.60
C PHE K 203 -55.30 -3.57 -13.06
N ILE K 204 -54.20 -4.08 -13.61
CA ILE K 204 -54.18 -5.45 -14.11
C ILE K 204 -54.31 -6.43 -12.95
N ASN K 205 -54.88 -7.60 -13.25
CA ASN K 205 -55.00 -8.67 -12.26
C ASN K 205 -54.60 -10.02 -12.81
N ASN K 206 -54.17 -10.11 -14.07
CA ASN K 206 -53.74 -11.36 -14.69
C ASN K 206 -52.35 -11.13 -15.30
N PRO K 207 -51.30 -11.23 -14.49
CA PRO K 207 -49.94 -11.02 -15.02
C PRO K 207 -49.57 -11.96 -16.14
N ASP K 208 -50.17 -13.16 -16.18
CA ASP K 208 -49.92 -14.09 -17.27
C ASP K 208 -50.39 -13.51 -18.61
N LYS K 209 -51.56 -12.87 -18.62
CA LYS K 209 -52.09 -12.29 -19.85
C LYS K 209 -51.83 -10.79 -19.97
N GLN K 210 -51.32 -10.15 -18.92
CA GLN K 210 -51.03 -8.71 -18.92
C GLN K 210 -52.31 -7.92 -19.26
N VAL K 211 -53.44 -8.38 -18.73
CA VAL K 211 -54.73 -7.73 -18.92
C VAL K 211 -55.46 -7.66 -17.59
N ALA K 212 -56.48 -6.82 -17.55
CA ALA K 212 -57.36 -6.71 -16.40
C ALA K 212 -58.71 -7.34 -16.72
N VAL K 213 -59.11 -8.31 -15.91
CA VAL K 213 -60.35 -9.06 -16.12
C VAL K 213 -61.23 -8.88 -14.90
N LEU K 214 -62.48 -8.50 -15.13
CA LEU K 214 -63.48 -8.34 -14.07
C LEU K 214 -64.71 -9.17 -14.42
N ASP K 215 -65.26 -9.85 -13.42
CA ASP K 215 -66.36 -10.78 -13.62
C ASP K 215 -67.66 -10.16 -13.13
N ASN K 216 -68.66 -10.11 -14.02
CA ASN K 216 -69.99 -9.56 -13.76
C ASN K 216 -69.90 -8.20 -13.08
N PRO K 217 -69.27 -7.20 -13.69
CA PRO K 217 -69.06 -5.93 -13.00
C PRO K 217 -70.18 -4.93 -13.27
N TYR K 218 -70.14 -3.83 -12.52
CA TYR K 218 -70.94 -2.67 -12.84
C TYR K 218 -70.19 -1.75 -13.79
N ILE K 219 -70.93 -1.07 -14.67
CA ILE K 219 -70.37 -0.17 -15.66
C ILE K 219 -70.78 1.24 -15.30
N LEU K 220 -69.79 2.11 -15.12
CA LEU K 220 -70.03 3.52 -14.80
C LEU K 220 -69.73 4.35 -16.04
N LEU K 221 -70.67 5.18 -16.45
CA LEU K 221 -70.54 6.02 -17.64
C LEU K 221 -70.58 7.48 -17.23
N HIS K 222 -69.55 8.23 -17.63
CA HIS K 222 -69.47 9.66 -17.36
C HIS K 222 -68.81 10.35 -18.55
N ASP K 223 -69.28 11.55 -18.87
CA ASP K 223 -68.78 12.30 -20.01
C ASP K 223 -67.84 13.43 -19.62
N LYS K 224 -67.58 13.62 -18.33
CA LYS K 224 -66.73 14.69 -17.85
C LYS K 224 -65.52 14.12 -17.12
N LYS K 225 -64.58 15.01 -16.79
CA LYS K 225 -63.40 14.61 -16.04
C LYS K 225 -63.76 14.26 -14.59
N ILE K 226 -62.98 13.36 -14.02
CA ILE K 226 -63.10 12.99 -12.62
C ILE K 226 -61.74 13.11 -11.95
N SER K 227 -61.64 14.01 -10.98
CA SER K 227 -60.39 14.17 -10.24
C SER K 227 -60.66 14.08 -8.73
N ASN K 228 -61.79 14.62 -8.29
CA ASN K 228 -62.13 14.61 -6.88
C ASN K 228 -62.64 13.24 -6.48
N ILE K 229 -62.11 12.69 -5.39
CA ILE K 229 -62.56 11.39 -4.90
C ILE K 229 -63.99 11.48 -4.40
N ARG K 230 -64.40 12.65 -3.90
CA ARG K 230 -65.75 12.82 -3.37
C ARG K 230 -66.81 12.68 -4.47
N ASP K 231 -66.44 12.95 -5.72
CA ASP K 231 -67.40 12.95 -6.81
C ASP K 231 -68.01 11.58 -7.06
N LEU K 232 -67.34 10.49 -6.67
CA LEU K 232 -67.84 9.15 -6.91
C LEU K 232 -67.93 8.28 -5.65
N LEU K 233 -67.55 8.78 -4.49
CA LEU K 233 -67.62 8.00 -3.25
C LEU K 233 -69.01 7.46 -2.95
N PRO K 234 -70.11 8.24 -3.07
CA PRO K 234 -71.44 7.65 -2.82
C PRO K 234 -71.78 6.50 -3.76
N VAL K 235 -71.26 6.50 -4.98
CA VAL K 235 -71.52 5.40 -5.90
C VAL K 235 -70.58 4.23 -5.61
N LEU K 236 -69.32 4.53 -5.28
CA LEU K 236 -68.36 3.49 -4.96
C LEU K 236 -68.77 2.72 -3.71
N GLU K 237 -69.31 3.40 -2.71
CA GLU K 237 -69.78 2.70 -1.51
C GLU K 237 -70.95 1.77 -1.83
N GLN K 238 -71.89 2.23 -2.66
CA GLN K 238 -72.99 1.37 -3.07
C GLN K 238 -72.48 0.15 -3.81
N VAL K 239 -71.49 0.35 -4.69
CA VAL K 239 -70.90 -0.76 -5.43
C VAL K 239 -70.23 -1.74 -4.47
N ALA K 240 -69.49 -1.22 -3.48
CA ALA K 240 -68.81 -2.09 -2.53
C ALA K 240 -69.80 -2.91 -1.71
N LYS K 241 -70.88 -2.28 -1.24
CA LYS K 241 -71.90 -3.03 -0.52
C LYS K 241 -72.58 -4.06 -1.44
N ALA K 242 -72.73 -3.73 -2.72
CA ALA K 242 -73.23 -4.71 -3.67
C ALA K 242 -72.26 -5.87 -3.87
N GLY K 243 -70.95 -5.62 -3.80
CA GLY K 243 -69.95 -6.66 -3.86
C GLY K 243 -69.44 -7.00 -5.25
N ARG K 244 -70.04 -6.48 -6.30
CA ARG K 244 -69.60 -6.78 -7.65
C ARG K 244 -68.55 -5.77 -8.10
N PRO K 245 -67.67 -6.17 -9.02
CA PRO K 245 -66.60 -5.27 -9.47
C PRO K 245 -67.15 -4.04 -10.19
N LEU K 246 -66.29 -3.06 -10.36
CA LEU K 246 -66.65 -1.78 -10.96
C LEU K 246 -65.76 -1.49 -12.15
N LEU K 247 -66.37 -1.12 -13.27
CA LEU K 247 -65.66 -0.57 -14.42
C LEU K 247 -66.17 0.86 -14.66
N ILE K 248 -65.25 1.82 -14.66
CA ILE K 248 -65.60 3.23 -14.76
C ILE K 248 -65.16 3.73 -16.14
N ILE K 249 -66.13 4.24 -16.91
CA ILE K 249 -65.86 4.85 -18.21
C ILE K 249 -66.12 6.34 -18.07
N ALA K 250 -65.06 7.14 -18.25
CA ALA K 250 -65.14 8.58 -18.11
C ALA K 250 -64.24 9.23 -19.14
N GLU K 251 -64.35 10.55 -19.26
CA GLU K 251 -63.46 11.29 -20.15
C GLU K 251 -62.01 11.14 -19.70
N ASP K 252 -61.77 11.25 -18.39
CA ASP K 252 -60.47 10.98 -17.80
C ASP K 252 -60.61 10.95 -16.28
N VAL K 253 -59.75 10.16 -15.65
CA VAL K 253 -59.65 10.13 -14.19
C VAL K 253 -58.19 10.37 -13.82
N GLU K 254 -57.97 11.21 -12.82
CA GLU K 254 -56.62 11.62 -12.45
C GLU K 254 -56.61 12.13 -11.02
N GLY K 255 -55.40 12.25 -10.47
CA GLY K 255 -55.27 12.85 -9.16
C GLY K 255 -55.67 11.90 -8.04
N GLU K 256 -56.32 12.47 -7.02
CA GLU K 256 -56.66 11.70 -5.83
C GLU K 256 -57.63 10.58 -6.13
N ALA K 257 -58.55 10.77 -7.08
CA ALA K 257 -59.48 9.71 -7.44
C ALA K 257 -58.74 8.50 -8.00
N LEU K 258 -57.84 8.74 -8.96
CA LEU K 258 -57.07 7.64 -9.54
C LEU K 258 -56.17 6.98 -8.49
N ALA K 259 -55.55 7.80 -7.63
CA ALA K 259 -54.70 7.24 -6.58
C ALA K 259 -55.49 6.37 -5.63
N THR K 260 -56.68 6.82 -5.22
CA THR K 260 -57.52 6.04 -4.33
C THR K 260 -58.00 4.75 -4.99
N LEU K 261 -58.34 4.81 -6.28
CA LEU K 261 -58.73 3.59 -6.98
C LEU K 261 -57.58 2.60 -7.04
N VAL K 262 -56.37 3.10 -7.31
CA VAL K 262 -55.19 2.22 -7.35
C VAL K 262 -54.95 1.59 -5.99
N VAL K 263 -55.05 2.40 -4.93
CA VAL K 263 -54.83 1.88 -3.57
C VAL K 263 -55.89 0.84 -3.22
N ASN K 264 -57.14 1.09 -3.61
CA ASN K 264 -58.21 0.12 -3.34
C ASN K 264 -57.98 -1.19 -4.09
N ASN K 265 -57.55 -1.10 -5.35
CA ASN K 265 -57.27 -2.31 -6.12
C ASN K 265 -56.11 -3.09 -5.50
N LEU K 266 -55.05 -2.39 -5.09
CA LEU K 266 -53.92 -3.07 -4.48
C LEU K 266 -54.29 -3.70 -3.14
N ARG K 267 -55.09 -2.99 -2.33
CA ARG K 267 -55.47 -3.49 -1.01
C ARG K 267 -56.59 -4.53 -1.09
N GLY K 268 -57.22 -4.70 -2.24
CA GLY K 268 -58.36 -5.58 -2.33
C GLY K 268 -59.64 -5.02 -1.77
N ILE K 269 -59.69 -3.71 -1.51
CA ILE K 269 -60.90 -3.10 -0.95
C ILE K 269 -62.06 -3.22 -1.94
N LEU K 270 -61.80 -2.92 -3.21
CA LEU K 270 -62.83 -3.01 -4.25
C LEU K 270 -62.16 -3.27 -5.59
N LYS K 271 -62.77 -4.15 -6.38
CA LYS K 271 -62.26 -4.47 -7.71
C LYS K 271 -62.71 -3.39 -8.68
N THR K 272 -61.79 -2.51 -9.06
CA THR K 272 -62.11 -1.35 -9.89
C THR K 272 -61.18 -1.29 -11.08
N CYS K 273 -61.68 -0.68 -12.16
CA CYS K 273 -60.89 -0.43 -13.35
C CYS K 273 -61.47 0.80 -14.04
N ALA K 274 -60.58 1.68 -14.47
CA ALA K 274 -60.98 2.94 -15.10
C ALA K 274 -60.27 3.09 -16.44
N VAL K 275 -61.05 3.40 -17.47
CA VAL K 275 -60.53 3.61 -18.82
C VAL K 275 -61.14 4.89 -19.38
N LYS K 276 -60.43 5.51 -20.31
CA LYS K 276 -60.95 6.68 -20.99
C LYS K 276 -62.10 6.28 -21.91
N ALA K 277 -63.09 7.16 -22.03
CA ALA K 277 -64.19 6.90 -22.95
C ALA K 277 -63.68 6.99 -24.40
N PRO K 278 -64.17 6.10 -25.27
CA PRO K 278 -63.67 6.08 -26.64
C PRO K 278 -64.14 7.29 -27.44
N GLY K 279 -63.33 7.67 -28.42
CA GLY K 279 -63.66 8.78 -29.30
C GLY K 279 -63.36 10.13 -28.69
N PHE K 280 -63.62 11.16 -29.48
CA PHE K 280 -63.44 12.54 -29.05
C PHE K 280 -64.39 13.44 -29.83
N GLY K 281 -64.59 14.64 -29.30
CA GLY K 281 -65.54 15.54 -29.92
C GLY K 281 -66.97 15.06 -29.71
N ASP K 282 -67.81 15.28 -30.73
CA ASP K 282 -69.18 14.81 -30.68
C ASP K 282 -69.29 13.29 -30.69
N ARG K 283 -68.25 12.59 -31.16
CA ARG K 283 -68.28 11.13 -31.17
C ARG K 283 -68.27 10.57 -29.75
N ARG K 284 -67.79 11.37 -28.79
CA ARG K 284 -67.69 10.91 -27.41
C ARG K 284 -69.07 10.58 -26.84
N LYS K 285 -70.03 11.48 -27.04
CA LYS K 285 -71.38 11.26 -26.54
C LYS K 285 -72.03 10.05 -27.20
N ALA K 286 -71.83 9.90 -28.51
CA ALA K 286 -72.38 8.75 -29.21
C ALA K 286 -71.80 7.45 -28.69
N MET K 287 -70.48 7.41 -28.48
CA MET K 287 -69.83 6.23 -27.93
C MET K 287 -70.38 5.89 -26.55
N LEU K 288 -70.51 6.91 -25.69
CA LEU K 288 -71.00 6.67 -24.34
C LEU K 288 -72.44 6.19 -24.36
N GLN K 289 -73.28 6.78 -25.21
CA GLN K 289 -74.68 6.36 -25.29
C GLN K 289 -74.79 4.92 -25.80
N ASP K 290 -74.02 4.56 -26.83
CA ASP K 290 -74.05 3.20 -27.34
C ASP K 290 -73.59 2.21 -26.27
N ILE K 291 -72.52 2.56 -25.55
CA ILE K 291 -72.03 1.66 -24.51
C ILE K 291 -73.06 1.50 -23.40
N ALA K 292 -73.71 2.60 -23.01
CA ALA K 292 -74.72 2.53 -21.96
C ALA K 292 -75.91 1.67 -22.39
N ILE K 293 -76.38 1.86 -23.62
CA ILE K 293 -77.53 1.07 -24.07
C ILE K 293 -77.15 -0.39 -24.25
N LEU K 294 -75.87 -0.66 -24.56
CA LEU K 294 -75.42 -2.04 -24.67
C LEU K 294 -75.32 -2.70 -23.30
N THR K 295 -74.87 -1.96 -22.29
CA THR K 295 -74.73 -2.48 -20.93
C THR K 295 -75.98 -2.25 -20.10
N GLY K 296 -77.01 -1.62 -20.67
CA GLY K 296 -78.23 -1.36 -19.94
C GLY K 296 -78.17 -0.19 -18.98
N GLY K 297 -77.08 0.56 -18.97
CA GLY K 297 -76.92 1.70 -18.09
C GLY K 297 -77.34 3.00 -18.73
N THR K 298 -77.12 4.09 -17.99
CA THR K 298 -77.42 5.44 -18.45
C THR K 298 -76.20 6.32 -18.25
N VAL K 299 -75.92 7.19 -19.21
CA VAL K 299 -74.76 8.06 -19.14
C VAL K 299 -75.04 9.16 -18.11
N ILE K 300 -74.11 9.34 -17.18
CA ILE K 300 -74.22 10.40 -16.19
C ILE K 300 -73.67 11.69 -16.81
N SER K 301 -74.55 12.68 -17.00
CA SER K 301 -74.15 13.92 -17.64
C SER K 301 -75.09 15.04 -17.20
N GLU K 302 -74.55 16.26 -17.18
CA GLU K 302 -75.37 17.42 -16.84
C GLU K 302 -76.40 17.71 -17.92
N GLU K 303 -76.04 17.52 -19.20
CA GLU K 303 -76.97 17.76 -20.29
C GLU K 303 -78.17 16.82 -20.25
N VAL K 304 -78.05 15.66 -19.61
CA VAL K 304 -79.16 14.73 -19.45
C VAL K 304 -79.77 14.82 -18.06
N GLY K 305 -79.24 15.68 -17.20
CA GLY K 305 -79.86 15.94 -15.92
C GLY K 305 -79.51 14.98 -14.81
N LEU K 306 -78.35 14.35 -14.86
CA LEU K 306 -77.89 13.44 -13.81
C LEU K 306 -76.52 13.87 -13.32
N SER K 307 -76.27 13.58 -12.04
CA SER K 307 -74.99 13.91 -11.40
C SER K 307 -74.43 12.65 -10.76
N LEU K 308 -73.09 12.55 -10.76
CA LEU K 308 -72.43 11.39 -10.18
C LEU K 308 -72.59 11.32 -8.67
N GLU K 309 -72.84 12.45 -8.01
CA GLU K 309 -73.01 12.43 -6.56
C GLU K 309 -74.28 11.71 -6.16
N LYS K 310 -75.30 11.74 -7.01
CA LYS K 310 -76.57 11.10 -6.70
C LYS K 310 -76.82 9.81 -7.48
N ALA K 311 -75.85 9.35 -8.28
CA ALA K 311 -76.07 8.18 -9.10
C ALA K 311 -76.23 6.93 -8.24
N THR K 312 -77.08 6.02 -8.70
CA THR K 312 -77.37 4.78 -7.98
C THR K 312 -76.96 3.61 -8.86
N LEU K 313 -77.06 2.40 -8.28
CA LEU K 313 -76.69 1.19 -9.02
C LEU K 313 -77.61 0.94 -10.20
N GLU K 314 -78.84 1.45 -10.18
CA GLU K 314 -79.75 1.28 -11.30
C GLU K 314 -79.26 2.00 -12.54
N ASP K 315 -78.68 3.20 -12.40
CA ASP K 315 -78.14 3.92 -13.54
C ASP K 315 -76.94 3.22 -14.16
N LEU K 316 -76.18 2.47 -13.36
CA LEU K 316 -74.98 1.82 -13.85
C LEU K 316 -75.31 0.65 -14.77
N GLY K 317 -74.50 0.47 -15.80
CA GLY K 317 -74.61 -0.70 -16.65
C GLY K 317 -73.91 -1.90 -16.06
N GLN K 318 -74.13 -3.06 -16.69
CA GLN K 318 -73.52 -4.30 -16.22
C GLN K 318 -73.39 -5.27 -17.37
N ALA K 319 -72.46 -6.20 -17.23
CA ALA K 319 -72.19 -7.20 -18.25
C ALA K 319 -71.55 -8.42 -17.59
N LYS K 320 -71.52 -9.53 -18.33
CA LYS K 320 -70.97 -10.76 -17.79
C LYS K 320 -69.47 -10.65 -17.51
N ARG K 321 -68.72 -10.04 -18.41
CA ARG K 321 -67.27 -9.92 -18.25
C ARG K 321 -66.76 -8.76 -19.08
N VAL K 322 -65.77 -8.06 -18.54
CA VAL K 322 -65.04 -7.03 -19.27
C VAL K 322 -63.55 -7.35 -19.18
N GLU K 323 -62.87 -7.26 -20.32
CA GLU K 323 -61.42 -7.47 -20.39
C GLU K 323 -60.77 -6.16 -20.80
N VAL K 324 -59.82 -5.71 -19.99
CA VAL K 324 -59.11 -4.44 -20.22
C VAL K 324 -57.66 -4.76 -20.52
N ALA K 325 -57.26 -4.51 -21.76
CA ALA K 325 -55.88 -4.70 -22.19
C ALA K 325 -55.16 -3.34 -22.17
N LYS K 326 -53.90 -3.36 -22.60
CA LYS K 326 -53.12 -2.12 -22.62
C LYS K 326 -53.65 -1.13 -23.65
N GLU K 327 -54.14 -1.63 -24.79
CA GLU K 327 -54.58 -0.76 -25.86
C GLU K 327 -56.08 -0.76 -26.10
N HIS K 328 -56.79 -1.82 -25.74
CA HIS K 328 -58.21 -1.90 -26.02
C HIS K 328 -58.94 -2.56 -24.86
N THR K 329 -60.23 -2.26 -24.75
CA THR K 329 -61.11 -2.84 -23.75
C THR K 329 -62.35 -3.38 -24.42
N THR K 330 -62.76 -4.58 -24.02
CA THR K 330 -63.92 -5.24 -24.62
C THR K 330 -64.94 -5.55 -23.53
N ILE K 331 -66.21 -5.58 -23.92
CA ILE K 331 -67.32 -5.86 -23.03
C ILE K 331 -68.04 -7.11 -23.54
N ILE K 332 -68.29 -8.05 -22.64
CA ILE K 332 -68.87 -9.35 -23.00
C ILE K 332 -70.25 -9.45 -22.36
N ASP K 333 -71.26 -9.73 -23.18
CA ASP K 333 -72.62 -10.02 -22.73
C ASP K 333 -73.19 -8.86 -21.90
N GLY K 334 -73.36 -7.73 -22.59
CA GLY K 334 -73.97 -6.58 -21.95
C GLY K 334 -75.42 -6.82 -21.60
N ALA K 335 -75.90 -6.10 -20.59
CA ALA K 335 -77.25 -6.30 -20.08
C ALA K 335 -78.34 -5.72 -20.98
N GLY K 336 -77.96 -4.93 -21.99
CA GLY K 336 -78.95 -4.34 -22.88
C GLY K 336 -79.80 -5.35 -23.61
N ASP K 337 -81.10 -5.10 -23.68
CA ASP K 337 -81.99 -6.01 -24.38
C ASP K 337 -81.71 -5.98 -25.89
N PRO K 338 -81.82 -7.12 -26.57
CA PRO K 338 -81.54 -7.13 -28.01
C PRO K 338 -82.47 -6.25 -28.83
N ALA K 339 -83.70 -6.01 -28.37
CA ALA K 339 -84.63 -5.19 -29.13
C ALA K 339 -84.15 -3.75 -29.23
N LYS K 340 -83.77 -3.15 -28.10
CA LYS K 340 -83.28 -1.77 -28.13
C LYS K 340 -81.96 -1.69 -28.87
N ILE K 341 -81.10 -2.71 -28.75
CA ILE K 341 -79.84 -2.72 -29.48
C ILE K 341 -80.09 -2.73 -30.98
N GLN K 342 -81.02 -3.57 -31.44
CA GLN K 342 -81.34 -3.61 -32.86
C GLN K 342 -81.98 -2.31 -33.33
N ALA K 343 -82.84 -1.71 -32.49
CA ALA K 343 -83.42 -0.42 -32.84
C ALA K 343 -82.36 0.65 -32.99
N ARG K 344 -81.39 0.69 -32.07
CA ARG K 344 -80.29 1.65 -32.20
C ARG K 344 -79.43 1.35 -33.42
N VAL K 345 -79.26 0.07 -33.75
CA VAL K 345 -78.52 -0.30 -34.96
C VAL K 345 -79.23 0.27 -36.18
N LYS K 346 -80.55 0.13 -36.25
CA LYS K 346 -81.30 0.72 -37.36
C LYS K 346 -81.19 2.25 -37.35
N GLU K 347 -81.23 2.85 -36.17
CA GLU K 347 -81.08 4.31 -36.07
C GLU K 347 -79.74 4.77 -36.63
N ILE K 348 -78.66 4.08 -36.26
CA ILE K 348 -77.34 4.46 -36.75
C ILE K 348 -77.23 4.19 -38.25
N ARG K 349 -77.83 3.09 -38.72
CA ARG K 349 -77.79 2.78 -40.15
C ARG K 349 -78.55 3.80 -40.99
N VAL K 350 -79.65 4.35 -40.46
CA VAL K 350 -80.35 5.40 -41.20
C VAL K 350 -79.68 6.77 -41.01
N GLN K 351 -78.97 6.97 -39.90
CA GLN K 351 -78.14 8.16 -39.76
C GLN K 351 -76.93 8.13 -40.67
N ILE K 352 -76.54 6.93 -41.13
CA ILE K 352 -75.42 6.82 -42.07
C ILE K 352 -75.70 7.65 -43.32
N GLU K 353 -76.93 7.60 -43.83
CA GLU K 353 -77.31 8.42 -44.97
C GLU K 353 -77.34 9.91 -44.65
N GLU K 354 -77.36 10.28 -43.37
CA GLU K 354 -77.34 11.68 -42.95
C GLU K 354 -75.92 12.23 -42.84
N ALA K 355 -74.91 11.42 -43.12
CA ALA K 355 -73.53 11.86 -42.96
C ALA K 355 -73.20 12.99 -43.93
N THR K 356 -72.53 14.02 -43.42
CA THR K 356 -72.14 15.17 -44.23
C THR K 356 -70.86 14.94 -45.01
N SER K 357 -70.11 13.88 -44.70
CA SER K 357 -68.84 13.60 -45.37
C SER K 357 -68.55 12.12 -45.26
N ASP K 358 -67.60 11.66 -46.09
CA ASP K 358 -67.16 10.27 -46.01
C ASP K 358 -66.51 9.97 -44.67
N TYR K 359 -65.87 10.98 -44.06
CA TYR K 359 -65.31 10.78 -42.72
C TYR K 359 -66.41 10.49 -41.71
N ASP K 360 -67.53 11.22 -41.79
CA ASP K 360 -68.65 10.94 -40.90
C ASP K 360 -69.26 9.58 -41.21
N ARG K 361 -69.40 9.26 -42.49
CA ARG K 361 -70.04 8.01 -42.88
C ARG K 361 -69.23 6.80 -42.44
N GLU K 362 -67.90 6.88 -42.55
CA GLU K 362 -67.08 5.75 -42.13
C GLU K 362 -67.11 5.57 -40.62
N LYS K 363 -67.15 6.66 -39.86
CA LYS K 363 -67.31 6.53 -38.41
C LYS K 363 -68.66 5.94 -38.04
N LEU K 364 -69.72 6.34 -38.74
CA LEU K 364 -71.03 5.75 -38.49
C LEU K 364 -71.05 4.27 -38.84
N GLN K 365 -70.37 3.89 -39.91
CA GLN K 365 -70.26 2.47 -40.28
C GLN K 365 -69.48 1.71 -39.22
N GLU K 366 -68.41 2.31 -38.69
CA GLU K 366 -67.68 1.68 -37.59
C GLU K 366 -68.57 1.48 -36.37
N ARG K 367 -69.42 2.48 -36.08
CA ARG K 367 -70.39 2.35 -34.99
C ARG K 367 -71.31 1.16 -35.24
N VAL K 368 -71.85 1.06 -36.46
CA VAL K 368 -72.75 -0.04 -36.81
C VAL K 368 -72.05 -1.37 -36.62
N ALA K 369 -70.82 -1.48 -37.13
CA ALA K 369 -70.09 -2.74 -37.02
C ALA K 369 -69.83 -3.11 -35.56
N LYS K 370 -69.31 -2.16 -34.79
CA LYS K 370 -68.94 -2.45 -33.40
C LYS K 370 -70.17 -2.77 -32.56
N LEU K 371 -71.34 -2.23 -32.93
CA LEU K 371 -72.52 -2.51 -32.13
C LEU K 371 -73.20 -3.81 -32.56
N ALA K 372 -73.51 -3.96 -33.85
CA ALA K 372 -74.27 -5.12 -34.31
C ALA K 372 -73.43 -6.39 -34.37
N GLY K 373 -72.11 -6.27 -34.53
CA GLY K 373 -71.29 -7.46 -34.67
C GLY K 373 -71.21 -8.32 -33.43
N GLY K 374 -71.42 -7.73 -32.25
CA GLY K 374 -71.34 -8.52 -31.04
C GLY K 374 -69.91 -8.94 -30.75
N VAL K 375 -69.79 -9.94 -29.90
CA VAL K 375 -68.50 -10.50 -29.51
C VAL K 375 -68.58 -12.02 -29.61
N ALA K 376 -67.62 -12.63 -30.30
CA ALA K 376 -67.51 -14.08 -30.34
C ALA K 376 -66.75 -14.57 -29.11
N VAL K 377 -67.35 -15.51 -28.40
CA VAL K 377 -66.75 -16.08 -27.20
C VAL K 377 -66.46 -17.54 -27.46
N ILE K 378 -65.20 -17.94 -27.31
CA ILE K 378 -64.79 -19.31 -27.51
C ILE K 378 -64.74 -20.00 -26.15
N LYS K 379 -65.57 -21.02 -25.98
CA LYS K 379 -65.60 -21.79 -24.74
C LYS K 379 -64.59 -22.92 -24.86
N VAL K 380 -63.34 -22.63 -24.48
CA VAL K 380 -62.28 -23.64 -24.59
C VAL K 380 -62.56 -24.77 -23.61
N GLY K 381 -62.67 -25.98 -24.12
CA GLY K 381 -63.02 -27.13 -23.31
C GLY K 381 -61.89 -28.15 -23.25
N ALA K 382 -61.76 -28.77 -22.08
CA ALA K 382 -60.74 -29.79 -21.85
C ALA K 382 -61.07 -30.54 -20.57
N ALA K 383 -60.22 -31.53 -20.26
CA ALA K 383 -60.50 -32.43 -19.14
C ALA K 383 -60.29 -31.78 -17.78
N THR K 384 -59.18 -31.06 -17.59
CA THR K 384 -58.80 -30.61 -16.26
C THR K 384 -58.46 -29.12 -16.29
N GLU K 385 -58.40 -28.53 -15.09
CA GLU K 385 -58.01 -27.14 -14.94
C GLU K 385 -56.58 -26.91 -15.40
N VAL K 386 -55.68 -27.86 -15.12
CA VAL K 386 -54.31 -27.74 -15.60
C VAL K 386 -54.29 -27.75 -17.12
N GLU K 387 -55.07 -28.63 -17.74
CA GLU K 387 -55.20 -28.64 -19.19
C GLU K 387 -55.96 -27.41 -19.67
N MET K 388 -56.91 -26.92 -18.87
CA MET K 388 -57.59 -25.66 -19.18
C MET K 388 -56.59 -24.53 -19.36
N LYS K 389 -55.65 -24.39 -18.42
CA LYS K 389 -54.70 -23.28 -18.45
C LYS K 389 -53.85 -23.31 -19.72
N GLU K 390 -53.37 -24.49 -20.11
CA GLU K 390 -52.55 -24.60 -21.31
C GLU K 390 -53.37 -24.40 -22.57
N LYS K 391 -54.57 -25.00 -22.63
CA LYS K 391 -55.37 -24.93 -23.85
C LYS K 391 -55.87 -23.51 -24.09
N LYS K 392 -56.19 -22.77 -23.03
CA LYS K 392 -56.63 -21.38 -23.20
C LYS K 392 -55.52 -20.54 -23.81
N ALA K 393 -54.29 -20.70 -23.31
CA ALA K 393 -53.16 -19.97 -23.87
C ALA K 393 -52.90 -20.37 -25.32
N ARG K 394 -52.98 -21.67 -25.62
CA ARG K 394 -52.76 -22.11 -26.98
C ARG K 394 -53.83 -21.55 -27.93
N VAL K 395 -55.09 -21.53 -27.49
CA VAL K 395 -56.15 -20.98 -28.31
C VAL K 395 -55.96 -19.49 -28.51
N GLU K 396 -55.54 -18.77 -27.46
CA GLU K 396 -55.30 -17.34 -27.60
C GLU K 396 -54.17 -17.06 -28.59
N ASP K 397 -53.09 -17.84 -28.51
CA ASP K 397 -51.98 -17.65 -29.44
C ASP K 397 -52.41 -17.98 -30.87
N ALA K 398 -53.17 -19.05 -31.05
CA ALA K 398 -53.67 -19.38 -32.38
C ALA K 398 -54.61 -18.30 -32.92
N LEU K 399 -55.44 -17.74 -32.06
CA LEU K 399 -56.33 -16.66 -32.47
C LEU K 399 -55.55 -15.44 -32.92
N HIS K 400 -54.52 -15.08 -32.14
CA HIS K 400 -53.69 -13.94 -32.53
C HIS K 400 -52.98 -14.19 -33.85
N ALA K 401 -52.44 -15.39 -34.04
CA ALA K 401 -51.75 -15.72 -35.28
C ALA K 401 -52.72 -15.68 -36.47
N THR K 402 -53.92 -16.23 -36.30
CA THR K 402 -54.91 -16.21 -37.37
C THR K 402 -55.34 -14.79 -37.70
N ARG K 403 -55.55 -13.96 -36.67
CA ARG K 403 -55.89 -12.56 -36.90
C ARG K 403 -54.80 -11.85 -37.69
N ALA K 404 -53.54 -12.09 -37.31
CA ALA K 404 -52.43 -11.53 -38.08
C ALA K 404 -52.34 -12.16 -39.47
N ALA K 405 -52.56 -13.47 -39.57
CA ALA K 405 -52.44 -14.15 -40.86
C ALA K 405 -53.53 -13.74 -41.83
N VAL K 406 -54.78 -13.60 -41.37
CA VAL K 406 -55.87 -13.29 -42.28
C VAL K 406 -55.74 -11.90 -42.85
N GLU K 407 -55.06 -10.99 -42.13
CA GLU K 407 -54.93 -9.62 -42.61
C GLU K 407 -53.93 -9.50 -43.76
N GLU K 408 -52.80 -10.19 -43.68
CA GLU K 408 -51.72 -10.02 -44.63
C GLU K 408 -51.23 -11.32 -45.25
N GLY K 409 -51.89 -12.44 -44.98
CA GLY K 409 -51.47 -13.71 -45.54
C GLY K 409 -50.36 -14.37 -44.74
N ILE K 410 -50.02 -15.58 -45.15
CA ILE K 410 -48.98 -16.36 -44.51
C ILE K 410 -47.73 -16.36 -45.39
N VAL K 411 -46.59 -16.62 -44.76
CA VAL K 411 -45.31 -16.63 -45.48
C VAL K 411 -44.42 -17.71 -44.88
N PRO K 412 -43.57 -18.33 -45.72
CA PRO K 412 -42.66 -19.37 -45.20
C PRO K 412 -41.88 -18.92 -43.98
N GLY K 413 -42.11 -19.60 -42.86
CA GLY K 413 -41.49 -19.21 -41.60
C GLY K 413 -40.08 -19.73 -41.41
N GLY K 414 -39.54 -19.55 -40.21
CA GLY K 414 -38.19 -19.98 -39.93
C GLY K 414 -37.12 -19.10 -40.53
N GLY K 415 -37.46 -17.87 -40.89
CA GLY K 415 -36.51 -16.93 -41.45
C GLY K 415 -36.30 -17.04 -42.94
N VAL K 416 -36.90 -18.03 -43.60
CA VAL K 416 -36.75 -18.18 -45.05
C VAL K 416 -37.45 -17.04 -45.77
N ALA K 417 -38.52 -16.50 -45.18
CA ALA K 417 -39.29 -15.44 -45.82
C ALA K 417 -38.43 -14.22 -46.11
N LEU K 418 -37.63 -13.81 -45.12
CA LEU K 418 -36.76 -12.65 -45.33
C LEU K 418 -35.73 -12.90 -46.40
N LEU K 419 -35.18 -14.14 -46.48
CA LEU K 419 -34.25 -14.45 -47.55
C LEU K 419 -34.90 -14.38 -48.92
N ARG K 420 -36.11 -14.94 -49.05
CA ARG K 420 -36.80 -14.88 -50.34
C ARG K 420 -37.10 -13.45 -50.73
N ALA K 421 -37.57 -12.64 -49.77
CA ALA K 421 -37.85 -11.24 -50.05
C ALA K 421 -36.57 -10.49 -50.44
N ARG K 422 -35.47 -10.77 -49.76
CA ARG K 422 -34.20 -10.11 -50.09
C ARG K 422 -33.76 -10.46 -51.50
N GLU K 423 -33.82 -11.75 -51.85
CA GLU K 423 -33.41 -12.17 -53.18
C GLU K 423 -34.30 -11.55 -54.25
N ALA K 424 -35.62 -11.53 -54.01
CA ALA K 424 -36.52 -10.93 -54.98
C ALA K 424 -36.28 -9.44 -55.13
N ALA K 425 -36.03 -8.74 -54.02
CA ALA K 425 -35.77 -7.30 -54.10
C ALA K 425 -34.45 -7.01 -54.81
N VAL K 426 -33.41 -7.80 -54.55
CA VAL K 426 -32.14 -7.61 -55.23
C VAL K 426 -32.29 -7.87 -56.72
N ALA K 427 -33.03 -8.93 -57.08
CA ALA K 427 -33.27 -9.20 -58.50
C ALA K 427 -34.09 -8.09 -59.14
N LYS K 428 -35.01 -7.47 -58.40
CA LYS K 428 -35.77 -6.35 -58.93
C LYS K 428 -34.86 -5.17 -59.26
N GLY K 429 -33.75 -5.03 -58.54
CA GLY K 429 -32.87 -3.91 -58.71
C GLY K 429 -32.97 -2.92 -57.57
N LEU K 430 -32.02 -2.98 -56.63
CA LEU K 430 -31.99 -2.12 -55.47
C LEU K 430 -30.64 -1.43 -55.41
N LYS K 431 -30.63 -0.10 -55.34
CA LYS K 431 -29.40 0.67 -55.38
C LYS K 431 -29.55 1.91 -54.52
N GLY K 432 -28.42 2.46 -54.11
CA GLY K 432 -28.38 3.68 -53.34
C GLY K 432 -27.77 4.82 -54.15
N ASP K 433 -28.21 6.04 -53.83
CA ASP K 433 -27.71 7.22 -54.52
C ASP K 433 -26.29 7.59 -54.11
N ASN K 434 -25.79 7.01 -53.03
CA ASN K 434 -24.45 7.29 -52.53
C ASN K 434 -23.78 5.97 -52.18
N PRO K 435 -22.45 5.94 -52.11
CA PRO K 435 -21.78 4.76 -51.54
C PRO K 435 -22.21 4.50 -50.12
N ASP K 436 -22.50 5.55 -49.34
CA ASP K 436 -23.02 5.37 -48.00
C ASP K 436 -24.39 4.71 -48.02
N GLN K 437 -25.26 5.13 -48.94
CA GLN K 437 -26.54 4.45 -49.10
C GLN K 437 -26.35 3.02 -49.56
N GLU K 438 -25.33 2.75 -50.38
CA GLU K 438 -25.04 1.38 -50.78
C GLU K 438 -24.64 0.54 -49.58
N ALA K 439 -23.83 1.09 -48.69
CA ALA K 439 -23.47 0.37 -47.46
C ALA K 439 -24.68 0.16 -46.58
N GLY K 440 -25.59 1.15 -46.52
CA GLY K 440 -26.83 0.96 -45.79
C GLY K 440 -27.67 -0.16 -46.36
N ILE K 441 -27.72 -0.27 -47.69
CA ILE K 441 -28.41 -1.38 -48.34
C ILE K 441 -27.76 -2.71 -47.95
N LYS K 442 -26.43 -2.76 -48.03
CA LYS K 442 -25.70 -3.98 -47.68
C LYS K 442 -25.94 -4.39 -46.24
N ILE K 443 -26.08 -3.42 -45.35
CA ILE K 443 -26.32 -3.71 -43.93
C ILE K 443 -27.60 -4.52 -43.77
N VAL K 444 -28.69 -4.05 -44.39
CA VAL K 444 -29.96 -4.76 -44.29
C VAL K 444 -29.89 -6.10 -45.01
N LEU K 445 -29.25 -6.12 -46.18
CA LEU K 445 -29.17 -7.37 -46.94
C LEU K 445 -28.44 -8.45 -46.14
N ARG K 446 -27.42 -8.07 -45.38
CA ARG K 446 -26.72 -9.03 -44.53
C ARG K 446 -27.52 -9.34 -43.26
N ALA K 447 -28.25 -8.36 -42.73
CA ALA K 447 -28.91 -8.56 -41.44
C ALA K 447 -30.17 -9.41 -41.55
N VAL K 448 -30.87 -9.34 -42.69
CA VAL K 448 -32.16 -10.03 -42.80
C VAL K 448 -31.99 -11.55 -42.78
N GLU K 449 -30.75 -12.02 -42.92
CA GLU K 449 -30.51 -13.46 -42.82
C GLU K 449 -30.15 -13.91 -41.41
N GLN K 450 -30.04 -12.98 -40.46
CA GLN K 450 -29.70 -13.30 -39.09
C GLN K 450 -30.70 -14.21 -38.40
N PRO K 451 -32.02 -14.01 -38.56
CA PRO K 451 -32.96 -14.94 -37.91
C PRO K 451 -32.76 -16.39 -38.30
N LEU K 452 -32.59 -16.67 -39.60
CA LEU K 452 -32.35 -18.05 -40.01
C LEU K 452 -31.01 -18.55 -39.48
N ARG K 453 -29.98 -17.70 -39.51
CA ARG K 453 -28.68 -18.10 -39.01
C ARG K 453 -28.74 -18.49 -37.54
N GLU K 454 -29.44 -17.71 -36.73
CA GLU K 454 -29.55 -18.04 -35.31
C GLU K 454 -30.48 -19.21 -35.04
N ILE K 455 -31.55 -19.38 -35.81
CA ILE K 455 -32.37 -20.58 -35.67
C ILE K 455 -31.53 -21.82 -35.94
N VAL K 456 -30.71 -21.78 -36.99
CA VAL K 456 -29.85 -22.91 -37.31
C VAL K 456 -28.80 -23.12 -36.22
N ALA K 457 -28.19 -22.03 -35.73
CA ALA K 457 -27.17 -22.14 -34.70
C ALA K 457 -27.74 -22.75 -33.42
N ASN K 458 -28.93 -22.33 -33.00
CA ASN K 458 -29.58 -22.96 -31.85
C ASN K 458 -29.93 -24.40 -32.15
N ALA K 459 -30.29 -24.70 -33.40
CA ALA K 459 -30.54 -26.09 -33.78
C ALA K 459 -29.27 -26.92 -33.76
N GLY K 460 -28.09 -26.29 -33.75
CA GLY K 460 -26.84 -26.99 -33.67
C GLY K 460 -26.07 -27.13 -34.97
N GLU K 461 -26.72 -26.91 -36.10
CA GLU K 461 -26.03 -27.04 -37.39
C GLU K 461 -25.15 -25.81 -37.64
N GLU K 462 -24.40 -25.88 -38.74
CA GLU K 462 -23.55 -24.76 -39.13
C GLU K 462 -24.37 -23.74 -39.90
N PRO K 463 -24.44 -22.49 -39.45
CA PRO K 463 -25.35 -21.52 -40.09
C PRO K 463 -25.04 -21.25 -41.56
N SER K 464 -23.76 -21.12 -41.92
CA SER K 464 -23.42 -20.64 -43.26
C SER K 464 -23.84 -21.61 -44.34
N VAL K 465 -23.56 -22.90 -44.15
CA VAL K 465 -23.90 -23.89 -45.17
C VAL K 465 -25.41 -24.00 -45.33
N ILE K 466 -26.15 -23.96 -44.21
CA ILE K 466 -27.60 -24.05 -44.29
C ILE K 466 -28.17 -22.83 -45.00
N VAL K 467 -27.65 -21.65 -44.70
CA VAL K 467 -28.13 -20.43 -45.36
C VAL K 467 -27.84 -20.49 -46.86
N ALA K 468 -26.65 -20.96 -47.22
CA ALA K 468 -26.30 -21.08 -48.64
C ALA K 468 -27.23 -22.06 -49.34
N LYS K 469 -27.51 -23.20 -48.70
CA LYS K 469 -28.39 -24.18 -49.31
C LYS K 469 -29.81 -23.64 -49.46
N VAL K 470 -30.28 -22.89 -48.46
CA VAL K 470 -31.60 -22.27 -48.55
C VAL K 470 -31.64 -21.27 -49.70
N LEU K 471 -30.58 -20.46 -49.83
CA LEU K 471 -30.49 -19.51 -50.93
C LEU K 471 -30.45 -20.19 -52.29
N GLU K 472 -29.82 -21.36 -52.38
CA GLU K 472 -29.80 -22.10 -53.63
C GLU K 472 -31.19 -22.60 -54.04
N GLY K 473 -32.08 -22.79 -53.07
CA GLY K 473 -33.45 -23.15 -53.39
C GLY K 473 -34.29 -21.93 -53.74
N LYS K 474 -35.49 -22.21 -54.26
CA LYS K 474 -36.40 -21.16 -54.70
C LYS K 474 -37.79 -21.42 -54.14
N GLY K 475 -38.56 -20.34 -54.01
CA GLY K 475 -39.92 -20.47 -53.51
C GLY K 475 -39.96 -20.78 -52.03
N ASN K 476 -40.89 -21.66 -51.65
CA ASN K 476 -41.08 -22.02 -50.25
C ASN K 476 -40.00 -22.94 -49.71
N TYR K 477 -39.09 -23.42 -50.56
CA TYR K 477 -38.01 -24.29 -50.11
C TYR K 477 -37.19 -23.62 -49.02
N GLY K 478 -36.90 -24.36 -47.96
CA GLY K 478 -36.17 -23.82 -46.83
C GLY K 478 -35.72 -24.92 -45.90
N TYR K 479 -35.23 -24.50 -44.74
CA TYR K 479 -34.71 -25.41 -43.72
C TYR K 479 -35.67 -25.48 -42.54
N ASN K 480 -35.94 -26.69 -42.08
CA ASN K 480 -36.83 -26.93 -40.94
C ASN K 480 -35.96 -27.38 -39.77
N ALA K 481 -35.75 -26.47 -38.82
CA ALA K 481 -34.91 -26.78 -37.67
C ALA K 481 -35.52 -27.84 -36.77
N ALA K 482 -36.84 -28.04 -36.83
CA ALA K 482 -37.46 -29.05 -35.99
C ALA K 482 -36.99 -30.46 -36.34
N THR K 483 -36.87 -30.76 -37.63
CA THR K 483 -36.44 -32.07 -38.08
C THR K 483 -35.10 -32.07 -38.81
N GLY K 484 -34.56 -30.91 -39.18
CA GLY K 484 -33.31 -30.85 -39.90
C GLY K 484 -33.40 -31.11 -41.38
N GLU K 485 -34.61 -31.20 -41.95
CA GLU K 485 -34.79 -31.52 -43.34
C GLU K 485 -34.97 -30.26 -44.18
N PHE K 486 -34.80 -30.41 -45.49
CA PHE K 486 -34.98 -29.33 -46.45
C PHE K 486 -36.19 -29.61 -47.33
N GLY K 487 -37.02 -28.60 -47.51
CA GLY K 487 -38.18 -28.76 -48.37
C GLY K 487 -39.10 -27.58 -48.25
N ASP K 488 -40.31 -27.74 -48.79
CA ASP K 488 -41.32 -26.69 -48.73
C ASP K 488 -41.71 -26.45 -47.28
N MET K 489 -41.39 -25.26 -46.77
CA MET K 489 -41.71 -24.93 -45.39
C MET K 489 -43.21 -24.89 -45.13
N ILE K 490 -43.99 -24.43 -46.11
CA ILE K 490 -45.44 -24.37 -45.95
C ILE K 490 -46.03 -25.77 -45.83
N GLU K 491 -45.46 -26.74 -46.56
CA GLU K 491 -46.00 -28.10 -46.54
C GLU K 491 -45.77 -28.78 -45.20
N MET K 492 -44.69 -28.42 -44.49
CA MET K 492 -44.49 -28.95 -43.13
C MET K 492 -45.21 -28.14 -42.08
N GLY K 493 -45.93 -27.09 -42.46
CA GLY K 493 -46.62 -26.26 -41.49
C GLY K 493 -45.69 -25.46 -40.59
N VAL K 494 -44.64 -24.87 -41.15
CA VAL K 494 -43.79 -23.93 -40.43
C VAL K 494 -44.05 -22.56 -41.05
N LEU K 495 -44.91 -21.78 -40.39
CA LEU K 495 -45.42 -20.54 -40.97
C LEU K 495 -45.26 -19.39 -39.98
N ASP K 496 -45.11 -18.20 -40.54
CA ASP K 496 -45.19 -16.95 -39.82
C ASP K 496 -46.12 -16.00 -40.56
N PRO K 497 -47.04 -15.31 -39.87
CA PRO K 497 -47.86 -14.32 -40.55
C PRO K 497 -47.00 -13.21 -41.14
N THR K 498 -47.39 -12.73 -42.32
CA THR K 498 -46.63 -11.68 -42.98
C THR K 498 -46.54 -10.44 -42.10
N LYS K 499 -47.59 -10.16 -41.32
CA LYS K 499 -47.56 -9.02 -40.42
C LYS K 499 -46.43 -9.16 -39.40
N VAL K 500 -46.21 -10.36 -38.87
CA VAL K 500 -45.18 -10.55 -37.86
C VAL K 500 -43.80 -10.21 -38.41
N THR K 501 -43.44 -10.80 -39.55
CA THR K 501 -42.13 -10.54 -40.14
C THR K 501 -41.98 -9.08 -40.57
N ARG K 502 -43.02 -8.53 -41.21
CA ARG K 502 -42.93 -7.15 -41.67
C ARG K 502 -42.75 -6.19 -40.49
N SER K 503 -43.54 -6.37 -39.43
CA SER K 503 -43.44 -5.49 -38.27
C SER K 503 -42.09 -5.66 -37.57
N ALA K 504 -41.62 -6.90 -37.44
CA ALA K 504 -40.32 -7.11 -36.81
C ALA K 504 -39.22 -6.40 -37.60
N LEU K 505 -39.21 -6.56 -38.92
CA LEU K 505 -38.18 -5.94 -39.73
C LEU K 505 -38.26 -4.42 -39.65
N GLN K 506 -39.47 -3.86 -39.76
CA GLN K 506 -39.60 -2.40 -39.75
C GLN K 506 -39.22 -1.80 -38.40
N ASN K 507 -39.65 -2.43 -37.29
CA ASN K 507 -39.30 -1.89 -35.98
C ASN K 507 -37.82 -2.05 -35.69
N ALA K 508 -37.22 -3.16 -36.11
CA ALA K 508 -35.77 -3.32 -35.97
C ALA K 508 -35.04 -2.25 -36.77
N ALA K 509 -35.50 -1.96 -37.99
CA ALA K 509 -34.88 -0.91 -38.79
C ALA K 509 -35.00 0.44 -38.12
N SER K 510 -36.18 0.74 -37.56
CA SER K 510 -36.38 2.03 -36.91
C SER K 510 -35.46 2.19 -35.70
N VAL K 511 -35.42 1.18 -34.83
CA VAL K 511 -34.57 1.30 -33.64
C VAL K 511 -33.10 1.32 -34.03
N ALA K 512 -32.72 0.58 -35.08
CA ALA K 512 -31.34 0.61 -35.53
C ALA K 512 -30.96 1.97 -36.08
N GLY K 513 -31.86 2.60 -36.83
CA GLY K 513 -31.60 3.95 -37.30
C GLY K 513 -31.45 4.93 -36.15
N LEU K 514 -32.32 4.81 -35.14
CA LEU K 514 -32.22 5.70 -33.99
C LEU K 514 -30.89 5.51 -33.25
N MET K 515 -30.43 4.27 -33.11
CA MET K 515 -29.18 4.03 -32.40
C MET K 515 -27.95 4.21 -33.28
N LEU K 516 -28.14 4.37 -34.59
CA LEU K 516 -27.02 4.72 -35.47
C LEU K 516 -26.83 6.23 -35.55
N THR K 517 -27.92 6.98 -35.66
CA THR K 517 -27.84 8.43 -35.74
C THR K 517 -27.82 9.09 -34.36
N THR K 518 -27.40 8.37 -33.33
CA THR K 518 -27.33 8.92 -31.99
C THR K 518 -25.92 9.43 -31.73
N GLU K 519 -25.80 10.71 -31.36
CA GLU K 519 -24.52 11.32 -31.09
C GLU K 519 -24.33 11.73 -29.64
N CYS K 520 -25.41 11.92 -28.90
CA CYS K 520 -25.32 12.37 -27.52
C CYS K 520 -26.21 11.49 -26.64
N MET K 521 -25.80 11.32 -25.39
CA MET K 521 -26.47 10.44 -24.45
C MET K 521 -26.41 11.06 -23.06
N ILE K 522 -27.57 11.16 -22.42
CA ILE K 522 -27.69 11.80 -21.11
C ILE K 522 -28.30 10.80 -20.14
N ALA K 523 -27.60 10.56 -19.03
CA ALA K 523 -28.08 9.65 -18.01
C ALA K 523 -27.72 10.21 -16.63
N GLU K 524 -28.41 9.71 -15.62
CA GLU K 524 -28.16 10.15 -14.25
C GLU K 524 -26.75 9.77 -13.82
N ALA K 525 -26.07 10.71 -13.16
CA ALA K 525 -24.73 10.45 -12.68
C ALA K 525 -24.78 9.48 -11.49
N PRO K 526 -23.73 8.66 -11.33
CA PRO K 526 -23.64 7.71 -10.21
C PRO K 526 -23.75 8.37 -8.84
N ALA L 1 -34.65 -4.27 -9.84
CA ALA L 1 -33.23 -4.11 -9.50
C ALA L 1 -32.35 -4.60 -10.64
N ALA L 2 -31.07 -4.24 -10.58
CA ALA L 2 -30.13 -4.57 -11.64
C ALA L 2 -29.99 -6.08 -11.81
N LYS L 3 -29.95 -6.53 -13.05
CA LYS L 3 -29.76 -7.94 -13.36
C LYS L 3 -28.32 -8.19 -13.81
N GLU L 4 -27.87 -9.43 -13.62
CA GLU L 4 -26.58 -9.89 -14.11
C GLU L 4 -26.79 -11.13 -14.95
N VAL L 5 -26.18 -11.15 -16.13
CA VAL L 5 -26.42 -12.19 -17.13
C VAL L 5 -25.12 -12.94 -17.40
N LYS L 6 -25.21 -14.26 -17.42
CA LYS L 6 -24.08 -15.13 -17.73
C LYS L 6 -24.47 -16.06 -18.87
N PHE L 7 -23.53 -16.28 -19.80
CA PHE L 7 -23.82 -17.03 -21.01
C PHE L 7 -22.94 -18.26 -21.10
N HIS L 8 -23.45 -19.28 -21.79
CA HIS L 8 -22.70 -20.46 -22.17
C HIS L 8 -22.03 -21.15 -20.99
N ASP L 9 -20.76 -21.52 -21.15
CA ASP L 9 -20.03 -22.22 -20.10
C ASP L 9 -19.93 -21.40 -18.83
N SER L 10 -19.84 -20.08 -18.94
CA SER L 10 -19.71 -19.23 -17.75
C SER L 10 -20.94 -19.32 -16.85
N ALA L 11 -22.06 -19.83 -17.36
CA ALA L 11 -23.26 -20.02 -16.57
C ALA L 11 -23.50 -21.50 -16.27
N ARG L 12 -23.20 -22.35 -17.25
CA ARG L 12 -23.34 -23.79 -17.03
C ARG L 12 -22.43 -24.27 -15.91
N GLU L 13 -21.23 -23.70 -15.80
CA GLU L 13 -20.33 -24.09 -14.72
C GLU L 13 -20.84 -23.63 -13.36
N ARG L 14 -21.52 -22.49 -13.29
CA ARG L 14 -22.12 -22.08 -12.01
C ARG L 14 -23.27 -23.01 -11.64
N LEU L 15 -24.09 -23.39 -12.62
CA LEU L 15 -25.14 -24.38 -12.37
C LEU L 15 -24.53 -25.69 -11.86
N VAL L 16 -23.44 -26.12 -12.48
CA VAL L 16 -22.79 -27.36 -12.09
C VAL L 16 -22.21 -27.25 -10.68
N ALA L 17 -21.61 -26.10 -10.35
CA ALA L 17 -21.11 -25.91 -9.00
C ALA L 17 -22.24 -25.98 -7.97
N GLY L 18 -23.37 -25.36 -8.26
CA GLY L 18 -24.50 -25.42 -7.35
C GLY L 18 -25.04 -26.83 -7.15
N VAL L 19 -25.26 -27.55 -8.25
CA VAL L 19 -25.80 -28.90 -8.11
C VAL L 19 -24.78 -29.82 -7.46
N ASN L 20 -23.50 -29.64 -7.76
CA ASN L 20 -22.46 -30.46 -7.14
C ASN L 20 -22.40 -30.22 -5.64
N LEU L 21 -22.50 -28.95 -5.22
CA LEU L 21 -22.45 -28.67 -3.79
C LEU L 21 -23.70 -29.18 -3.07
N LEU L 22 -24.86 -29.13 -3.72
CA LEU L 22 -26.06 -29.70 -3.10
C LEU L 22 -25.94 -31.22 -2.99
N ALA L 23 -25.51 -31.88 -4.08
CA ALA L 23 -25.47 -33.32 -4.09
C ALA L 23 -24.37 -33.89 -3.20
N ASN L 24 -23.24 -33.18 -3.08
CA ASN L 24 -22.19 -33.67 -2.19
C ASN L 24 -22.65 -33.71 -0.73
N ALA L 25 -23.50 -32.75 -0.32
CA ALA L 25 -24.08 -32.80 1.02
C ALA L 25 -25.15 -33.87 1.11
N VAL L 26 -26.00 -33.99 0.08
CA VAL L 26 -27.13 -34.91 0.17
C VAL L 26 -26.66 -36.36 0.16
N LYS L 27 -25.71 -36.70 -0.71
CA LYS L 27 -25.34 -38.08 -0.96
C LYS L 27 -24.65 -38.74 0.23
N THR L 28 -24.14 -37.97 1.18
CA THR L 28 -23.54 -38.57 2.36
C THR L 28 -24.57 -39.28 3.22
N THR L 29 -25.85 -38.96 3.05
CA THR L 29 -26.93 -39.60 3.79
C THR L 29 -27.65 -40.68 2.99
N LEU L 30 -26.96 -41.30 2.04
CA LEU L 30 -27.57 -42.30 1.16
C LEU L 30 -27.04 -43.68 1.53
N GLY L 31 -27.96 -44.65 1.63
CA GLY L 31 -27.60 -46.00 1.95
C GLY L 31 -27.84 -46.35 3.41
N PRO L 32 -27.86 -47.64 3.72
CA PRO L 32 -28.06 -48.05 5.13
C PRO L 32 -26.99 -47.54 6.07
N LYS L 33 -25.76 -47.35 5.58
CA LYS L 33 -24.66 -46.84 6.36
C LYS L 33 -24.36 -45.37 6.03
N GLY L 34 -25.40 -44.59 5.74
CA GLY L 34 -25.20 -43.20 5.41
C GLY L 34 -24.63 -42.42 6.59
N ARG L 35 -23.74 -41.49 6.27
CA ARG L 35 -23.07 -40.71 7.30
C ARG L 35 -24.03 -39.66 7.88
N ASN L 36 -23.56 -39.00 8.93
CA ASN L 36 -24.34 -37.95 9.57
C ASN L 36 -24.05 -36.59 8.94
N VAL L 37 -25.03 -35.70 9.00
CA VAL L 37 -24.89 -34.32 8.56
C VAL L 37 -25.37 -33.42 9.68
N VAL L 38 -24.52 -32.48 10.09
CA VAL L 38 -24.81 -31.58 11.20
C VAL L 38 -25.29 -30.26 10.64
N ILE L 39 -26.47 -29.82 11.07
CA ILE L 39 -27.10 -28.62 10.55
C ILE L 39 -27.31 -27.64 11.70
N GLU L 40 -26.98 -26.38 11.46
CA GLU L 40 -27.15 -25.36 12.49
C GLU L 40 -28.62 -25.11 12.77
N ARG L 41 -28.96 -24.95 14.04
CA ARG L 41 -30.26 -24.48 14.47
C ARG L 41 -30.08 -23.07 15.01
N SER L 42 -31.10 -22.23 14.83
CA SER L 42 -30.99 -20.82 15.21
C SER L 42 -30.60 -20.67 16.68
N PHE L 43 -31.19 -21.49 17.55
CA PHE L 43 -30.82 -21.53 18.95
C PHE L 43 -30.76 -22.98 19.42
N GLY L 44 -29.98 -23.22 20.46
CA GLY L 44 -29.85 -24.56 20.98
C GLY L 44 -28.79 -25.37 20.24
N ALA L 45 -28.76 -26.67 20.56
CA ALA L 45 -27.78 -27.58 20.01
C ALA L 45 -28.05 -27.85 18.53
N PRO L 46 -27.00 -28.07 17.74
CA PRO L 46 -27.20 -28.38 16.31
C PRO L 46 -27.94 -29.69 16.14
N ILE L 47 -28.72 -29.77 15.06
CA ILE L 47 -29.46 -30.98 14.73
C ILE L 47 -28.60 -31.83 13.79
N VAL L 48 -28.48 -33.13 14.12
CA VAL L 48 -27.77 -34.08 13.29
C VAL L 48 -28.79 -34.98 12.61
N THR L 49 -28.64 -35.14 11.29
CA THR L 49 -29.56 -35.93 10.50
C THR L 49 -28.78 -36.80 9.51
N LYS L 50 -29.38 -37.92 9.13
CA LYS L 50 -28.82 -38.83 8.14
C LYS L 50 -29.86 -39.16 7.08
N ASP L 51 -30.72 -38.21 6.76
CA ASP L 51 -31.71 -38.35 5.71
C ASP L 51 -31.55 -37.21 4.71
N GLY L 52 -31.73 -37.52 3.43
CA GLY L 52 -31.53 -36.53 2.39
C GLY L 52 -32.56 -35.42 2.36
N VAL L 53 -33.78 -35.70 2.83
CA VAL L 53 -34.86 -34.71 2.74
C VAL L 53 -34.52 -33.48 3.58
N THR L 54 -34.08 -33.70 4.82
CA THR L 54 -33.78 -32.58 5.70
C THR L 54 -32.51 -31.85 5.28
N VAL L 55 -31.49 -32.59 4.84
CA VAL L 55 -30.25 -31.95 4.44
C VAL L 55 -30.47 -31.09 3.21
N ALA L 56 -31.21 -31.60 2.22
CA ALA L 56 -31.47 -30.83 1.01
C ALA L 56 -32.29 -29.59 1.30
N LYS L 57 -33.28 -29.70 2.18
CA LYS L 57 -34.15 -28.56 2.47
C LYS L 57 -33.38 -27.39 3.07
N GLU L 58 -32.34 -27.69 3.85
CA GLU L 58 -31.55 -26.63 4.46
C GLU L 58 -30.48 -26.06 3.52
N ILE L 59 -30.21 -26.73 2.41
CA ILE L 59 -29.13 -26.32 1.53
C ILE L 59 -29.61 -25.23 0.60
N GLU L 60 -28.93 -24.08 0.64
CA GLU L 60 -29.07 -23.03 -0.37
C GLU L 60 -27.80 -22.18 -0.31
N LEU L 61 -27.23 -21.86 -1.46
CA LEU L 61 -25.89 -21.30 -1.51
C LEU L 61 -25.90 -19.79 -1.45
N LYS L 62 -24.70 -19.22 -1.34
CA LYS L 62 -24.52 -17.77 -1.29
C LYS L 62 -24.61 -17.16 -2.68
N ASP L 63 -23.76 -17.62 -3.60
CA ASP L 63 -23.78 -17.12 -4.97
C ASP L 63 -25.12 -17.45 -5.61
N LYS L 64 -25.74 -16.46 -6.26
CA LYS L 64 -27.06 -16.67 -6.83
C LYS L 64 -27.03 -17.67 -7.98
N PHE L 65 -26.01 -17.59 -8.82
CA PHE L 65 -25.93 -18.44 -10.00
C PHE L 65 -25.74 -19.92 -9.65
N GLU L 66 -25.17 -20.23 -8.49
CA GLU L 66 -25.09 -21.61 -8.03
C GLU L 66 -26.39 -22.03 -7.35
N ASN L 67 -26.95 -21.11 -6.57
CA ASN L 67 -28.24 -21.37 -5.93
C ASN L 67 -29.31 -21.67 -6.96
N MET L 68 -29.15 -21.17 -8.20
CA MET L 68 -30.07 -21.52 -9.26
C MET L 68 -30.16 -23.04 -9.44
N GLY L 69 -29.05 -23.67 -9.81
CA GLY L 69 -29.06 -25.10 -10.01
C GLY L 69 -29.39 -25.85 -8.73
N ALA L 70 -28.91 -25.34 -7.59
CA ALA L 70 -29.25 -25.97 -6.31
C ALA L 70 -30.76 -26.06 -6.13
N GLN L 71 -31.47 -24.95 -6.35
CA GLN L 71 -32.91 -24.94 -6.13
C GLN L 71 -33.65 -25.71 -7.20
N MET L 72 -33.19 -25.70 -8.45
CA MET L 72 -33.88 -26.49 -9.47
C MET L 72 -33.77 -27.98 -9.19
N VAL L 73 -32.57 -28.45 -8.82
CA VAL L 73 -32.41 -29.86 -8.49
C VAL L 73 -33.18 -30.20 -7.23
N LYS L 74 -33.21 -29.28 -6.26
CA LYS L 74 -34.02 -29.51 -5.05
C LYS L 74 -35.50 -29.62 -5.39
N GLU L 75 -35.99 -28.77 -6.30
CA GLU L 75 -37.40 -28.80 -6.67
C GLU L 75 -37.75 -30.11 -7.36
N VAL L 76 -36.91 -30.56 -8.29
CA VAL L 76 -37.21 -31.83 -8.96
C VAL L 76 -37.10 -33.00 -7.98
N ALA L 77 -36.16 -32.93 -7.04
CA ALA L 77 -36.07 -33.98 -6.02
C ALA L 77 -37.31 -34.00 -5.14
N SER L 78 -37.82 -32.83 -4.75
CA SER L 78 -39.03 -32.77 -3.95
C SER L 78 -40.24 -33.27 -4.74
N LYS L 79 -40.28 -32.98 -6.05
CA LYS L 79 -41.33 -33.52 -6.90
C LYS L 79 -41.27 -35.04 -6.98
N THR L 80 -40.06 -35.60 -7.01
CA THR L 80 -39.92 -37.05 -6.91
C THR L 80 -40.42 -37.56 -5.56
N ALA L 81 -40.07 -36.87 -4.48
CA ALA L 81 -40.35 -37.36 -3.14
C ALA L 81 -41.84 -37.34 -2.83
N ASP L 82 -42.51 -36.23 -3.13
CA ASP L 82 -43.90 -36.07 -2.70
C ASP L 82 -44.85 -37.04 -3.41
N VAL L 83 -44.45 -37.59 -4.55
CA VAL L 83 -45.29 -38.52 -5.29
C VAL L 83 -44.93 -39.98 -5.03
N ALA L 84 -43.82 -40.24 -4.34
CA ALA L 84 -43.38 -41.61 -4.10
C ALA L 84 -43.04 -41.85 -2.63
N GLY L 85 -42.84 -40.78 -1.88
CA GLY L 85 -42.50 -40.88 -0.47
C GLY L 85 -41.04 -41.13 -0.17
N ASP L 86 -40.20 -41.28 -1.19
CA ASP L 86 -38.77 -41.53 -1.02
C ASP L 86 -38.09 -41.34 -2.35
N GLY L 87 -36.75 -41.37 -2.33
CA GLY L 87 -35.96 -41.26 -3.54
C GLY L 87 -35.42 -39.88 -3.84
N THR L 88 -35.78 -38.87 -3.05
CA THR L 88 -35.23 -37.53 -3.28
C THR L 88 -33.72 -37.52 -3.12
N THR L 89 -33.19 -38.40 -2.27
CA THR L 89 -31.74 -38.58 -2.20
C THR L 89 -31.21 -39.22 -3.47
N THR L 90 -31.90 -40.25 -3.96
CA THR L 90 -31.49 -40.91 -5.20
C THR L 90 -31.61 -39.97 -6.39
N ALA L 91 -32.69 -39.17 -6.44
CA ALA L 91 -32.90 -38.28 -7.58
C ALA L 91 -31.79 -37.25 -7.68
N THR L 92 -31.39 -36.65 -6.54
CA THR L 92 -30.32 -35.66 -6.56
C THR L 92 -29.00 -36.29 -7.01
N VAL L 93 -28.70 -37.49 -6.52
CA VAL L 93 -27.46 -38.17 -6.91
C VAL L 93 -27.45 -38.48 -8.40
N LEU L 94 -28.57 -38.99 -8.92
CA LEU L 94 -28.65 -39.29 -10.35
C LEU L 94 -28.53 -38.02 -11.17
N ALA L 95 -29.17 -36.93 -10.74
CA ALA L 95 -29.05 -35.67 -11.46
C ALA L 95 -27.61 -35.16 -11.47
N GLN L 96 -26.92 -35.26 -10.33
CA GLN L 96 -25.52 -34.85 -10.28
C GLN L 96 -24.68 -35.69 -11.23
N ALA L 97 -24.89 -37.00 -11.23
CA ALA L 97 -24.12 -37.87 -12.12
C ALA L 97 -24.37 -37.53 -13.58
N ILE L 98 -25.63 -37.37 -13.96
CA ILE L 98 -25.96 -37.09 -15.36
C ILE L 98 -25.38 -35.75 -15.78
N VAL L 99 -25.50 -34.73 -14.94
CA VAL L 99 -24.99 -33.41 -15.28
C VAL L 99 -23.47 -33.41 -15.36
N ARG L 100 -22.82 -34.06 -14.40
CA ARG L 100 -21.35 -34.09 -14.39
C ARG L 100 -20.80 -34.81 -15.60
N GLU L 101 -21.49 -35.87 -16.06
CA GLU L 101 -21.05 -36.54 -17.28
C GLU L 101 -21.41 -35.71 -18.51
N GLY L 102 -22.56 -35.04 -18.49
CA GLY L 102 -23.00 -34.29 -19.65
C GLY L 102 -22.14 -33.08 -19.95
N MET L 103 -21.66 -32.40 -18.92
CA MET L 103 -20.81 -31.23 -19.16
C MET L 103 -19.48 -31.63 -19.79
N LYS L 104 -19.02 -32.85 -19.54
CA LYS L 104 -17.81 -33.32 -20.21
C LYS L 104 -18.00 -33.37 -21.72
N TYR L 105 -19.16 -33.86 -22.17
CA TYR L 105 -19.43 -33.92 -23.60
C TYR L 105 -19.82 -32.56 -24.17
N VAL L 106 -20.46 -31.71 -23.36
CA VAL L 106 -20.79 -30.36 -23.83
C VAL L 106 -19.53 -29.54 -24.05
N ALA L 107 -18.56 -29.64 -23.13
CA ALA L 107 -17.27 -29.01 -23.35
C ALA L 107 -16.53 -29.65 -24.52
N ALA L 108 -16.85 -30.91 -24.83
CA ALA L 108 -16.25 -31.59 -25.98
C ALA L 108 -16.85 -31.15 -27.30
N GLY L 109 -17.70 -30.13 -27.31
CA GLY L 109 -18.25 -29.61 -28.55
C GLY L 109 -19.46 -30.36 -29.08
N MET L 110 -19.97 -31.34 -28.34
CA MET L 110 -21.13 -32.08 -28.80
C MET L 110 -22.40 -31.25 -28.63
N ASN L 111 -23.40 -31.55 -29.46
CA ASN L 111 -24.63 -30.77 -29.50
C ASN L 111 -25.48 -31.03 -28.26
N PRO L 112 -25.78 -30.01 -27.45
CA PRO L 112 -26.59 -30.25 -26.24
C PRO L 112 -27.97 -30.80 -26.53
N MET L 113 -28.61 -30.39 -27.62
CA MET L 113 -29.95 -30.90 -27.94
C MET L 113 -29.92 -32.39 -28.22
N ASP L 114 -28.93 -32.86 -28.97
CA ASP L 114 -28.78 -34.29 -29.21
C ASP L 114 -28.42 -35.05 -27.94
N LEU L 115 -27.62 -34.45 -27.05
CA LEU L 115 -27.36 -35.07 -25.77
C LEU L 115 -28.64 -35.24 -24.97
N LYS L 116 -29.48 -34.21 -24.95
CA LYS L 116 -30.75 -34.30 -24.24
C LYS L 116 -31.64 -35.38 -24.84
N ARG L 117 -31.71 -35.44 -26.17
CA ARG L 117 -32.52 -36.47 -26.81
C ARG L 117 -32.00 -37.88 -26.53
N GLY L 118 -30.68 -38.06 -26.54
CA GLY L 118 -30.13 -39.38 -26.20
C GLY L 118 -30.40 -39.74 -24.75
N ILE L 119 -30.29 -38.77 -23.85
CA ILE L 119 -30.59 -39.01 -22.45
C ILE L 119 -32.05 -39.43 -22.29
N ASP L 120 -32.96 -38.74 -22.99
CA ASP L 120 -34.37 -39.10 -22.93
C ASP L 120 -34.61 -40.50 -23.48
N LYS L 121 -33.95 -40.85 -24.58
CA LYS L 121 -34.12 -42.18 -25.15
C LYS L 121 -33.64 -43.27 -24.18
N ALA L 122 -32.47 -43.05 -23.59
CA ALA L 122 -31.93 -44.04 -22.65
C ALA L 122 -32.82 -44.17 -21.43
N VAL L 123 -33.31 -43.04 -20.92
CA VAL L 123 -34.18 -43.07 -19.74
C VAL L 123 -35.49 -43.79 -20.07
N THR L 124 -36.05 -43.53 -21.26
CA THR L 124 -37.26 -44.24 -21.65
C THR L 124 -37.02 -45.74 -21.75
N ALA L 125 -35.90 -46.15 -22.33
CA ALA L 125 -35.61 -47.58 -22.43
C ALA L 125 -35.43 -48.20 -21.05
N ILE L 126 -34.71 -47.53 -20.15
CA ILE L 126 -34.46 -48.08 -18.83
C ILE L 126 -35.77 -48.17 -18.04
N VAL L 127 -36.61 -47.15 -18.13
CA VAL L 127 -37.90 -47.18 -17.46
C VAL L 127 -38.77 -48.29 -18.01
N GLU L 128 -38.78 -48.47 -19.33
CA GLU L 128 -39.52 -49.59 -19.92
C GLU L 128 -39.01 -50.93 -19.42
N GLU L 129 -37.70 -51.05 -19.22
CA GLU L 129 -37.16 -52.28 -18.66
C GLU L 129 -37.53 -52.46 -17.19
N LEU L 130 -37.64 -51.36 -16.44
CA LEU L 130 -38.02 -51.47 -15.03
C LEU L 130 -39.42 -52.06 -14.88
N LYS L 131 -40.28 -51.84 -15.86
CA LYS L 131 -41.62 -52.41 -15.82
C LYS L 131 -41.60 -53.94 -15.94
N ALA L 132 -40.48 -54.51 -16.38
CA ALA L 132 -40.33 -55.96 -16.46
C ALA L 132 -39.54 -56.55 -15.30
N ILE L 133 -38.54 -55.83 -14.78
CA ILE L 133 -37.79 -56.32 -13.64
C ILE L 133 -38.66 -56.30 -12.38
N SER L 134 -39.58 -55.35 -12.28
CA SER L 134 -40.33 -55.14 -11.06
C SER L 134 -41.23 -56.32 -10.74
N LYS L 135 -41.13 -56.81 -9.52
CA LYS L 135 -42.05 -57.84 -9.04
C LYS L 135 -43.34 -57.22 -8.54
N PRO L 136 -44.49 -57.59 -9.11
CA PRO L 136 -45.75 -57.02 -8.63
C PRO L 136 -46.08 -57.51 -7.23
N CYS L 137 -46.82 -56.66 -6.50
CA CYS L 137 -47.27 -57.00 -5.15
C CYS L 137 -48.73 -56.60 -5.01
N SER L 138 -49.63 -57.58 -5.08
CA SER L 138 -51.05 -57.31 -4.94
C SER L 138 -51.76 -58.20 -3.93
N THR L 139 -51.22 -59.37 -3.58
CA THR L 139 -51.83 -60.20 -2.56
C THR L 139 -51.69 -59.55 -1.20
N THR L 140 -52.63 -59.86 -0.30
CA THR L 140 -52.59 -59.32 1.05
C THR L 140 -51.30 -59.72 1.75
N LYS L 141 -50.85 -60.96 1.53
CA LYS L 141 -49.56 -61.38 2.09
C LYS L 141 -48.42 -60.52 1.55
N GLU L 142 -48.42 -60.26 0.24
CA GLU L 142 -47.38 -59.42 -0.34
C GLU L 142 -47.44 -58.00 0.21
N ILE L 143 -48.65 -57.45 0.36
CA ILE L 143 -48.80 -56.10 0.92
C ILE L 143 -48.26 -56.05 2.35
N ALA L 144 -48.60 -57.06 3.16
CA ALA L 144 -48.10 -57.10 4.53
C ALA L 144 -46.59 -57.23 4.56
N GLN L 145 -46.03 -58.05 3.68
CA GLN L 145 -44.58 -58.21 3.64
C GLN L 145 -43.88 -56.90 3.27
N VAL L 146 -44.41 -56.20 2.27
CA VAL L 146 -43.83 -54.92 1.87
C VAL L 146 -43.94 -53.90 3.00
N GLY L 147 -45.10 -53.85 3.66
CA GLY L 147 -45.26 -52.93 4.78
C GLY L 147 -44.29 -53.23 5.91
N THR L 148 -44.13 -54.51 6.25
CA THR L 148 -43.21 -54.89 7.31
C THR L 148 -41.78 -54.53 6.95
N ILE L 149 -41.39 -54.78 5.69
CA ILE L 149 -40.04 -54.45 5.25
C ILE L 149 -39.81 -52.94 5.32
N SER L 150 -40.79 -52.16 4.87
CA SER L 150 -40.65 -50.70 4.91
C SER L 150 -40.65 -50.17 6.34
N ALA L 151 -41.30 -50.88 7.26
CA ALA L 151 -41.38 -50.45 8.65
C ALA L 151 -40.29 -51.07 9.53
N ASN L 152 -39.18 -51.50 8.95
CA ASN L 152 -38.06 -52.07 9.69
C ASN L 152 -38.48 -53.30 10.49
N ALA L 153 -38.98 -54.31 9.76
CA ALA L 153 -39.32 -55.63 10.30
C ALA L 153 -40.38 -55.58 11.39
N ASP L 154 -41.29 -54.60 11.34
CA ASP L 154 -42.39 -54.53 12.30
C ASP L 154 -43.60 -55.16 11.66
N SER L 155 -43.87 -56.43 12.01
CA SER L 155 -44.95 -57.17 11.38
C SER L 155 -46.32 -56.59 11.68
N SER L 156 -46.51 -56.00 12.86
CA SER L 156 -47.80 -55.43 13.20
C SER L 156 -48.16 -54.29 12.26
N ILE L 157 -47.19 -53.43 11.93
CA ILE L 157 -47.45 -52.33 11.00
C ILE L 157 -47.86 -52.86 9.64
N GLY L 158 -47.16 -53.88 9.14
CA GLY L 158 -47.51 -54.45 7.85
C GLY L 158 -48.88 -55.08 7.85
N GLU L 159 -49.21 -55.79 8.93
CA GLU L 159 -50.52 -56.42 9.04
C GLU L 159 -51.63 -55.37 9.06
N ILE L 160 -51.42 -54.29 9.80
CA ILE L 160 -52.41 -53.21 9.86
C ILE L 160 -52.56 -52.55 8.50
N ILE L 161 -51.45 -52.32 7.80
CA ILE L 161 -51.51 -51.70 6.48
C ILE L 161 -52.27 -52.60 5.52
N ALA L 162 -52.00 -53.91 5.56
CA ALA L 162 -52.71 -54.85 4.70
C ALA L 162 -54.20 -54.88 5.01
N GLN L 163 -54.56 -54.89 6.29
CA GLN L 163 -55.96 -54.91 6.67
C GLN L 163 -56.68 -53.62 6.31
N ALA L 164 -55.96 -52.49 6.29
CA ALA L 164 -56.58 -51.24 5.86
C ALA L 164 -56.74 -51.20 4.34
N MET L 165 -55.75 -51.73 3.61
CA MET L 165 -55.76 -51.62 2.16
C MET L 165 -56.73 -52.62 1.52
N ASP L 166 -56.85 -53.82 2.07
CA ASP L 166 -57.61 -54.89 1.42
C ASP L 166 -59.13 -54.72 1.55
N LYS L 167 -59.60 -53.89 2.47
CA LYS L 167 -61.04 -53.68 2.65
C LYS L 167 -61.50 -52.29 2.25
N VAL L 168 -60.60 -51.30 2.20
CA VAL L 168 -60.95 -49.98 1.70
C VAL L 168 -60.55 -49.80 0.25
N GLY L 169 -59.66 -50.64 -0.26
CA GLY L 169 -59.22 -50.54 -1.65
C GLY L 169 -57.78 -50.07 -1.76
N LYS L 170 -57.08 -50.65 -2.75
CA LYS L 170 -55.70 -50.24 -2.99
C LYS L 170 -55.61 -48.78 -3.42
N GLU L 171 -56.69 -48.24 -3.96
CA GLU L 171 -56.77 -46.82 -4.28
C GLU L 171 -57.49 -46.00 -3.20
N GLY L 172 -57.84 -46.64 -2.07
CA GLY L 172 -58.58 -45.95 -1.04
C GLY L 172 -57.72 -45.02 -0.21
N VAL L 173 -58.39 -44.27 0.67
CA VAL L 173 -57.71 -43.29 1.51
C VAL L 173 -57.43 -43.92 2.87
N ILE L 174 -56.17 -43.83 3.30
CA ILE L 174 -55.74 -44.34 4.60
C ILE L 174 -54.99 -43.24 5.34
N THR L 175 -55.39 -43.01 6.59
CA THR L 175 -54.76 -42.00 7.43
C THR L 175 -54.35 -42.65 8.75
N VAL L 176 -53.47 -41.95 9.48
CA VAL L 176 -52.91 -42.46 10.73
C VAL L 176 -53.29 -41.51 11.86
N GLU L 177 -53.85 -42.07 12.94
CA GLU L 177 -54.21 -41.32 14.12
C GLU L 177 -53.68 -42.07 15.35
N ASP L 178 -53.35 -41.31 16.39
CA ASP L 178 -52.83 -41.92 17.61
C ASP L 178 -53.88 -42.81 18.26
N GLY L 179 -53.47 -44.02 18.62
CA GLY L 179 -54.38 -44.98 19.21
C GLY L 179 -54.54 -44.80 20.71
N LYS L 180 -55.42 -45.62 21.28
CA LYS L 180 -55.73 -45.57 22.71
C LYS L 180 -55.24 -46.82 23.44
N SER L 181 -54.33 -47.59 22.85
CA SER L 181 -53.86 -48.82 23.47
C SER L 181 -52.46 -49.15 22.95
N LEU L 182 -51.95 -50.30 23.40
CA LEU L 182 -50.65 -50.76 22.92
C LEU L 182 -50.74 -51.35 21.52
N GLU L 183 -51.86 -51.99 21.20
CA GLU L 183 -52.03 -52.67 19.91
C GLU L 183 -52.66 -51.71 18.90
N ASN L 184 -52.14 -51.76 17.67
CA ASN L 184 -52.67 -50.92 16.62
C ASN L 184 -54.09 -51.35 16.25
N GLU L 185 -54.91 -50.37 15.86
CA GLU L 185 -56.28 -50.61 15.49
C GLU L 185 -56.61 -49.82 14.23
N LEU L 186 -57.65 -50.26 13.52
CA LEU L 186 -58.07 -49.61 12.30
C LEU L 186 -59.59 -49.55 12.25
N GLU L 187 -60.10 -48.56 11.53
CA GLU L 187 -61.54 -48.38 11.40
C GLU L 187 -61.82 -47.61 10.12
N VAL L 188 -63.08 -47.69 9.68
CA VAL L 188 -63.55 -46.97 8.50
C VAL L 188 -64.58 -45.94 8.94
N VAL L 189 -64.35 -44.68 8.59
CA VAL L 189 -65.25 -43.59 8.94
C VAL L 189 -65.66 -42.88 7.66
N GLU L 190 -66.77 -42.16 7.73
CA GLU L 190 -67.24 -41.42 6.56
C GLU L 190 -66.30 -40.25 6.29
N GLY L 191 -65.81 -40.17 5.06
CA GLY L 191 -64.87 -39.13 4.70
C GLY L 191 -64.46 -39.27 3.25
N MET L 192 -63.69 -38.30 2.80
CA MET L 192 -63.25 -38.26 1.41
C MET L 192 -61.98 -37.42 1.32
N GLN L 193 -61.24 -37.62 0.24
CA GLN L 193 -60.02 -36.86 -0.05
C GLN L 193 -60.11 -36.29 -1.45
N PHE L 194 -59.75 -35.02 -1.59
CA PHE L 194 -59.78 -34.34 -2.88
C PHE L 194 -58.45 -33.63 -3.10
N ASP L 195 -58.08 -33.47 -4.37
CA ASP L 195 -56.77 -32.97 -4.73
C ASP L 195 -56.69 -31.44 -4.65
N ARG L 196 -56.86 -30.90 -3.44
CA ARG L 196 -56.73 -29.47 -3.20
C ARG L 196 -55.90 -29.27 -1.95
N GLY L 197 -54.91 -28.38 -2.02
CA GLY L 197 -54.03 -28.09 -0.90
C GLY L 197 -54.29 -26.73 -0.29
N TYR L 198 -53.55 -26.45 0.78
CA TYR L 198 -53.66 -25.15 1.42
C TYR L 198 -53.10 -24.07 0.51
N LEU L 199 -53.73 -22.89 0.53
CA LEU L 199 -53.37 -21.83 -0.40
C LEU L 199 -52.19 -20.99 0.08
N SER L 200 -51.65 -21.26 1.27
CA SER L 200 -50.46 -20.58 1.74
C SER L 200 -49.74 -21.49 2.71
N PRO L 201 -48.39 -21.52 2.65
CA PRO L 201 -47.65 -22.37 3.61
C PRO L 201 -47.82 -21.95 5.05
N TYR L 202 -48.29 -20.72 5.31
CA TYR L 202 -48.51 -20.29 6.68
C TYR L 202 -49.65 -21.04 7.35
N PHE L 203 -50.53 -21.68 6.57
CA PHE L 203 -51.63 -22.45 7.14
C PHE L 203 -51.16 -23.70 7.87
N ILE L 204 -49.95 -24.19 7.58
CA ILE L 204 -49.50 -25.44 8.20
C ILE L 204 -49.29 -25.23 9.69
N ASN L 205 -49.44 -26.31 10.44
CA ASN L 205 -49.20 -26.29 11.88
C ASN L 205 -48.38 -27.47 12.36
N ASN L 206 -47.97 -28.37 11.46
CA ASN L 206 -47.15 -29.54 11.79
C ASN L 206 -45.93 -29.54 10.88
N PRO L 207 -44.89 -28.78 11.22
CA PRO L 207 -43.70 -28.74 10.36
C PRO L 207 -43.04 -30.10 10.18
N ASP L 208 -43.20 -31.00 11.13
CA ASP L 208 -42.65 -32.35 10.97
C ASP L 208 -43.30 -33.08 9.81
N LYS L 209 -44.63 -32.96 9.65
CA LYS L 209 -45.34 -33.61 8.56
C LYS L 209 -45.60 -32.68 7.37
N GLN L 210 -45.32 -31.38 7.50
CA GLN L 210 -45.53 -30.41 6.43
C GLN L 210 -46.99 -30.43 5.97
N VAL L 211 -47.90 -30.57 6.93
CA VAL L 211 -49.34 -30.59 6.67
C VAL L 211 -50.04 -29.70 7.70
N ALA L 212 -51.29 -29.36 7.39
CA ALA L 212 -52.14 -28.60 8.30
C ALA L 212 -53.21 -29.54 8.86
N VAL L 213 -53.26 -29.64 10.19
CA VAL L 213 -54.18 -30.53 10.89
C VAL L 213 -55.06 -29.69 11.80
N LEU L 214 -56.37 -29.89 11.70
CA LEU L 214 -57.33 -29.22 12.55
C LEU L 214 -58.22 -30.26 13.20
N ASP L 215 -58.52 -30.05 14.49
CA ASP L 215 -59.25 -31.03 15.29
C ASP L 215 -60.68 -30.53 15.52
N ASN L 216 -61.65 -31.37 15.14
CA ASN L 216 -63.08 -31.09 15.26
C ASN L 216 -63.43 -29.70 14.73
N PRO L 217 -63.17 -29.41 13.46
CA PRO L 217 -63.37 -28.04 12.98
C PRO L 217 -64.77 -27.84 12.40
N TYR L 218 -65.06 -26.58 12.07
CA TYR L 218 -66.22 -26.25 11.27
C TYR L 218 -65.85 -26.21 9.80
N ILE L 219 -66.78 -26.63 8.95
CA ILE L 219 -66.57 -26.68 7.50
C ILE L 219 -67.42 -25.60 6.87
N LEU L 220 -66.78 -24.70 6.12
CA LEU L 220 -67.45 -23.62 5.42
C LEU L 220 -67.46 -23.95 3.93
N LEU L 221 -68.64 -23.91 3.33
CA LEU L 221 -68.81 -24.23 1.91
C LEU L 221 -69.32 -22.99 1.18
N HIS L 222 -68.58 -22.58 0.15
CA HIS L 222 -68.98 -21.46 -0.70
C HIS L 222 -68.59 -21.77 -2.14
N ASP L 223 -69.46 -21.39 -3.07
CA ASP L 223 -69.24 -21.65 -4.49
C ASP L 223 -68.72 -20.43 -5.25
N LYS L 224 -68.50 -19.32 -4.59
CA LYS L 224 -68.05 -18.10 -5.23
C LYS L 224 -66.70 -17.65 -4.64
N LYS L 225 -66.11 -16.65 -5.28
CA LYS L 225 -64.86 -16.09 -4.81
C LYS L 225 -65.07 -15.31 -3.51
N ILE L 226 -64.03 -15.28 -2.69
CA ILE L 226 -64.01 -14.50 -1.47
C ILE L 226 -62.75 -13.64 -1.45
N SER L 227 -62.94 -12.32 -1.44
CA SER L 227 -61.81 -11.41 -1.38
C SER L 227 -62.00 -10.41 -0.25
N ASN L 228 -63.24 -9.98 -0.05
CA ASN L 228 -63.54 -9.01 1.01
C ASN L 228 -63.58 -9.69 2.36
N ILE L 229 -62.86 -9.12 3.33
CA ILE L 229 -62.86 -9.68 4.68
C ILE L 229 -64.23 -9.55 5.33
N ARG L 230 -65.00 -8.53 4.94
CA ARG L 230 -66.33 -8.32 5.52
C ARG L 230 -67.29 -9.44 5.14
N ASP L 231 -67.04 -10.12 4.01
CA ASP L 231 -67.97 -11.14 3.53
C ASP L 231 -68.07 -12.33 4.48
N LEU L 232 -67.07 -12.56 5.33
CA LEU L 232 -67.08 -13.71 6.23
C LEU L 232 -66.88 -13.35 7.69
N LEU L 233 -66.68 -12.08 8.04
CA LEU L 233 -66.48 -11.68 9.43
C LEU L 233 -67.60 -12.10 10.37
N PRO L 234 -68.89 -11.93 10.03
CA PRO L 234 -69.95 -12.41 10.94
C PRO L 234 -69.89 -13.91 11.21
N VAL L 235 -69.44 -14.71 10.24
CA VAL L 235 -69.33 -16.15 10.47
C VAL L 235 -68.06 -16.47 11.25
N LEU L 236 -66.97 -15.77 10.93
CA LEU L 236 -65.71 -15.99 11.63
C LEU L 236 -65.83 -15.64 13.11
N GLU L 237 -66.55 -14.57 13.43
CA GLU L 237 -66.76 -14.22 14.84
C GLU L 237 -67.56 -15.29 15.56
N GLN L 238 -68.61 -15.81 14.93
CA GLN L 238 -69.37 -16.90 15.54
C GLN L 238 -68.50 -18.12 15.79
N VAL L 239 -67.66 -18.46 14.82
CA VAL L 239 -66.76 -19.60 14.99
C VAL L 239 -65.77 -19.34 16.12
N ALA L 240 -65.23 -18.11 16.20
CA ALA L 240 -64.27 -17.78 17.26
C ALA L 240 -64.91 -17.87 18.64
N LYS L 241 -66.13 -17.37 18.79
CA LYS L 241 -66.82 -17.52 20.07
C LYS L 241 -67.14 -18.99 20.36
N ALA L 242 -67.40 -19.78 19.32
CA ALA L 242 -67.56 -21.22 19.50
C ALA L 242 -66.26 -21.89 19.91
N GLY L 243 -65.11 -21.40 19.43
CA GLY L 243 -63.82 -21.89 19.85
C GLY L 243 -63.25 -23.03 19.03
N ARG L 244 -64.03 -23.62 18.13
CA ARG L 244 -63.54 -24.73 17.32
C ARG L 244 -62.86 -24.21 16.07
N PRO L 245 -61.93 -24.97 15.50
CA PRO L 245 -61.22 -24.52 14.29
C PRO L 245 -62.16 -24.38 13.11
N LEU L 246 -61.65 -23.70 12.07
CA LEU L 246 -62.43 -23.39 10.88
C LEU L 246 -61.70 -23.90 9.65
N LEU L 247 -62.43 -24.62 8.80
CA LEU L 247 -61.96 -24.98 7.47
C LEU L 247 -62.92 -24.37 6.44
N ILE L 248 -62.37 -23.58 5.52
CA ILE L 248 -63.17 -22.84 4.56
C ILE L 248 -62.93 -23.45 3.18
N ILE L 249 -64.02 -23.89 2.54
CA ILE L 249 -63.98 -24.41 1.18
C ILE L 249 -64.71 -23.41 0.30
N ALA L 250 -63.99 -22.83 -0.65
CA ALA L 250 -64.54 -21.82 -1.54
C ALA L 250 -63.92 -21.98 -2.92
N GLU L 251 -64.47 -21.26 -3.89
CA GLU L 251 -63.88 -21.26 -5.23
C GLU L 251 -62.46 -20.71 -5.19
N ASP L 252 -62.26 -19.63 -4.45
CA ASP L 252 -60.92 -19.08 -4.21
C ASP L 252 -61.03 -18.01 -3.13
N VAL L 253 -59.95 -17.84 -2.38
CA VAL L 253 -59.83 -16.76 -1.41
C VAL L 253 -58.52 -16.03 -1.68
N GLU L 254 -58.57 -14.70 -1.66
CA GLU L 254 -57.42 -13.89 -2.05
C GLU L 254 -57.57 -12.50 -1.45
N GLY L 255 -56.47 -11.76 -1.47
CA GLY L 255 -56.52 -10.37 -1.04
C GLY L 255 -56.58 -10.22 0.47
N GLU L 256 -57.36 -9.25 0.92
CA GLU L 256 -57.40 -8.92 2.34
C GLU L 256 -57.96 -10.06 3.17
N ALA L 257 -58.90 -10.84 2.62
CA ALA L 257 -59.43 -11.98 3.38
C ALA L 257 -58.35 -13.01 3.65
N LEU L 258 -57.58 -13.38 2.62
CA LEU L 258 -56.50 -14.34 2.80
C LEU L 258 -55.43 -13.79 3.73
N ALA L 259 -55.09 -12.50 3.57
CA ALA L 259 -54.10 -11.90 4.45
C ALA L 259 -54.54 -11.91 5.90
N THR L 260 -55.81 -11.57 6.16
CA THR L 260 -56.33 -11.58 7.52
C THR L 260 -56.37 -12.98 8.09
N LEU L 261 -56.73 -13.98 7.28
CA LEU L 261 -56.71 -15.36 7.76
C LEU L 261 -55.28 -15.79 8.12
N VAL L 262 -54.30 -15.42 7.29
CA VAL L 262 -52.92 -15.76 7.56
C VAL L 262 -52.45 -15.08 8.86
N VAL L 263 -52.80 -13.81 9.04
CA VAL L 263 -52.41 -13.09 10.24
C VAL L 263 -53.06 -13.71 11.47
N ASN L 264 -54.33 -14.11 11.36
CA ASN L 264 -55.01 -14.74 12.48
C ASN L 264 -54.36 -16.08 12.83
N ASN L 265 -54.00 -16.87 11.83
CA ASN L 265 -53.35 -18.16 12.09
C ASN L 265 -51.99 -17.95 12.75
N LEU L 266 -51.22 -16.98 12.27
CA LEU L 266 -49.91 -16.70 12.86
C LEU L 266 -50.04 -16.18 14.29
N ARG L 267 -51.02 -15.32 14.55
CA ARG L 267 -51.21 -14.73 15.86
C ARG L 267 -51.91 -15.67 16.83
N GLY L 268 -52.47 -16.77 16.34
CA GLY L 268 -53.25 -17.65 17.18
C GLY L 268 -54.64 -17.14 17.50
N ILE L 269 -55.12 -16.13 16.77
CA ILE L 269 -56.44 -15.59 17.01
C ILE L 269 -57.51 -16.64 16.74
N LEU L 270 -57.38 -17.34 15.62
CA LEU L 270 -58.33 -18.38 15.25
C LEU L 270 -57.64 -19.41 14.37
N LYS L 271 -57.95 -20.68 14.58
CA LYS L 271 -57.38 -21.77 13.79
C LYS L 271 -58.18 -21.90 12.50
N THR L 272 -57.60 -21.43 11.40
CA THR L 272 -58.30 -21.37 10.12
C THR L 272 -57.45 -22.02 9.03
N CYS L 273 -58.15 -22.55 8.03
CA CYS L 273 -57.50 -23.11 6.84
C CYS L 273 -58.46 -22.97 5.67
N ALA L 274 -57.92 -22.53 4.53
CA ALA L 274 -58.73 -22.28 3.35
C ALA L 274 -58.13 -23.02 2.16
N VAL L 275 -58.98 -23.76 1.46
CA VAL L 275 -58.57 -24.51 0.28
C VAL L 275 -59.58 -24.26 -0.84
N LYS L 276 -59.12 -24.40 -2.08
CA LYS L 276 -60.01 -24.28 -3.22
C LYS L 276 -60.97 -25.46 -3.26
N ALA L 277 -62.20 -25.20 -3.71
CA ALA L 277 -63.15 -26.29 -3.86
C ALA L 277 -62.73 -27.21 -5.00
N PRO L 278 -62.90 -28.52 -4.83
CA PRO L 278 -62.45 -29.45 -5.86
C PRO L 278 -63.30 -29.38 -7.12
N GLY L 279 -62.67 -29.72 -8.24
CA GLY L 279 -63.36 -29.74 -9.51
C GLY L 279 -63.52 -28.36 -10.13
N PHE L 280 -64.15 -28.35 -11.31
CA PHE L 280 -64.43 -27.12 -12.03
C PHE L 280 -65.64 -27.32 -12.91
N GLY L 281 -66.22 -26.21 -13.37
CA GLY L 281 -67.42 -26.30 -14.16
C GLY L 281 -68.61 -26.74 -13.32
N ASP L 282 -69.49 -27.52 -13.96
CA ASP L 282 -70.63 -28.09 -13.24
C ASP L 282 -70.22 -29.10 -12.17
N ARG L 283 -69.01 -29.67 -12.27
CA ARG L 283 -68.57 -30.61 -11.25
C ARG L 283 -68.32 -29.90 -9.92
N ARG L 284 -68.10 -28.58 -9.97
CA ARG L 284 -67.84 -27.82 -8.75
C ARG L 284 -69.01 -27.90 -7.79
N LYS L 285 -70.22 -27.69 -8.30
CA LYS L 285 -71.41 -27.73 -7.45
C LYS L 285 -71.64 -29.12 -6.90
N ALA L 286 -71.42 -30.16 -7.72
CA ALA L 286 -71.57 -31.53 -7.24
C ALA L 286 -70.57 -31.83 -6.13
N MET L 287 -69.31 -31.42 -6.30
CA MET L 287 -68.31 -31.62 -5.26
C MET L 287 -68.70 -30.92 -3.97
N LEU L 288 -69.14 -29.65 -4.07
CA LEU L 288 -69.51 -28.91 -2.88
C LEU L 288 -70.72 -29.55 -2.19
N GLN L 289 -71.71 -29.98 -2.96
CA GLN L 289 -72.89 -30.61 -2.36
C GLN L 289 -72.53 -31.92 -1.67
N ASP L 290 -71.69 -32.73 -2.30
CA ASP L 290 -71.28 -33.99 -1.68
C ASP L 290 -70.50 -33.73 -0.39
N ILE L 291 -69.61 -32.74 -0.42
CA ILE L 291 -68.82 -32.43 0.78
C ILE L 291 -69.75 -31.94 1.89
N ALA L 292 -70.71 -31.09 1.55
CA ALA L 292 -71.64 -30.56 2.55
C ALA L 292 -72.47 -31.68 3.16
N ILE L 293 -73.01 -32.58 2.34
CA ILE L 293 -73.83 -33.67 2.87
C ILE L 293 -72.98 -34.64 3.68
N LEU L 294 -71.69 -34.77 3.33
CA LEU L 294 -70.81 -35.63 4.10
C LEU L 294 -70.47 -35.02 5.46
N THR L 295 -70.29 -33.70 5.51
CA THR L 295 -69.98 -33.00 6.74
C THR L 295 -71.24 -32.50 7.45
N GLY L 296 -72.42 -32.74 6.89
CA GLY L 296 -73.65 -32.29 7.51
C GLY L 296 -73.96 -30.82 7.32
N GLY L 297 -73.18 -30.11 6.51
CA GLY L 297 -73.39 -28.70 6.28
C GLY L 297 -74.24 -28.43 5.04
N THR L 298 -74.36 -27.14 4.72
CA THR L 298 -75.10 -26.69 3.55
C THR L 298 -74.24 -25.73 2.76
N VAL L 299 -74.31 -25.81 1.44
CA VAL L 299 -73.50 -24.96 0.58
C VAL L 299 -74.10 -23.55 0.55
N ILE L 300 -73.26 -22.55 0.81
CA ILE L 300 -73.70 -21.16 0.75
C ILE L 300 -73.62 -20.70 -0.70
N SER L 301 -74.76 -20.41 -1.31
CA SER L 301 -74.81 -20.01 -2.71
C SER L 301 -76.05 -19.17 -2.96
N GLU L 302 -75.93 -18.27 -3.94
CA GLU L 302 -77.08 -17.45 -4.32
C GLU L 302 -78.17 -18.29 -4.98
N GLU L 303 -77.78 -19.28 -5.78
CA GLU L 303 -78.75 -20.14 -6.43
C GLU L 303 -79.58 -20.96 -5.45
N VAL L 304 -79.09 -21.16 -4.22
CA VAL L 304 -79.84 -21.85 -3.18
C VAL L 304 -80.42 -20.87 -2.16
N GLY L 305 -80.16 -19.58 -2.32
CA GLY L 305 -80.79 -18.57 -1.49
C GLY L 305 -80.12 -18.31 -0.16
N LEU L 306 -78.83 -18.58 -0.04
CA LEU L 306 -78.07 -18.24 1.16
C LEU L 306 -76.87 -17.38 0.81
N SER L 307 -76.53 -16.47 1.72
CA SER L 307 -75.38 -15.60 1.55
C SER L 307 -74.49 -15.72 2.78
N LEU L 308 -73.18 -15.55 2.57
CA LEU L 308 -72.22 -15.72 3.65
C LEU L 308 -72.35 -14.65 4.73
N GLU L 309 -73.03 -13.54 4.44
CA GLU L 309 -73.15 -12.47 5.43
C GLU L 309 -74.05 -12.88 6.59
N LYS L 310 -75.07 -13.70 6.33
CA LYS L 310 -75.98 -14.14 7.38
C LYS L 310 -75.82 -15.61 7.75
N ALA L 311 -74.79 -16.29 7.24
CA ALA L 311 -74.60 -17.70 7.55
C ALA L 311 -74.32 -17.90 9.04
N THR L 312 -74.85 -19.00 9.58
CA THR L 312 -74.70 -19.32 10.99
C THR L 312 -73.94 -20.63 11.12
N LEU L 313 -73.64 -20.99 12.37
CA LEU L 313 -72.90 -22.22 12.64
C LEU L 313 -73.69 -23.46 12.25
N GLU L 314 -75.02 -23.38 12.24
CA GLU L 314 -75.84 -24.52 11.83
C GLU L 314 -75.64 -24.87 10.36
N ASP L 315 -75.49 -23.88 9.48
CA ASP L 315 -75.22 -24.15 8.08
C ASP L 315 -73.87 -24.80 7.85
N LEU L 316 -72.89 -24.52 8.72
CA LEU L 316 -71.55 -25.04 8.53
C LEU L 316 -71.49 -26.53 8.82
N GLY L 317 -70.68 -27.25 8.04
CA GLY L 317 -70.42 -28.65 8.33
C GLY L 317 -69.34 -28.82 9.37
N GLN L 318 -69.17 -30.07 9.82
CA GLN L 318 -68.19 -30.37 10.84
C GLN L 318 -67.76 -31.83 10.72
N ALA L 319 -66.56 -32.11 11.24
CA ALA L 319 -65.99 -33.44 11.18
C ALA L 319 -64.98 -33.58 12.31
N LYS L 320 -64.59 -34.83 12.59
CA LYS L 320 -63.65 -35.09 13.67
C LYS L 320 -62.28 -34.49 13.40
N ARG L 321 -61.77 -34.62 12.17
CA ARG L 321 -60.45 -34.12 11.83
C ARG L 321 -60.37 -33.89 10.33
N VAL L 322 -59.65 -32.85 9.94
CA VAL L 322 -59.31 -32.58 8.56
C VAL L 322 -57.81 -32.40 8.46
N GLU L 323 -57.21 -33.05 7.46
CA GLU L 323 -55.78 -32.93 7.18
C GLU L 323 -55.60 -32.26 5.83
N VAL L 324 -54.84 -31.17 5.81
CA VAL L 324 -54.60 -30.39 4.59
C VAL L 324 -53.13 -30.51 4.24
N ALA L 325 -52.84 -31.12 3.09
CA ALA L 325 -51.48 -31.29 2.61
C ALA L 325 -51.22 -30.31 1.46
N LYS L 326 -50.02 -30.40 0.90
CA LYS L 326 -49.66 -29.53 -0.22
C LYS L 326 -50.54 -29.78 -1.44
N GLU L 327 -50.83 -31.04 -1.75
CA GLU L 327 -51.57 -31.38 -2.96
C GLU L 327 -52.99 -31.84 -2.72
N HIS L 328 -53.32 -32.36 -1.53
CA HIS L 328 -54.63 -32.92 -1.30
C HIS L 328 -55.09 -32.60 0.12
N THR L 329 -56.40 -32.62 0.30
CA THR L 329 -57.04 -32.42 1.60
C THR L 329 -58.03 -33.54 1.84
N THR L 330 -58.04 -34.06 3.07
CA THR L 330 -58.91 -35.17 3.43
C THR L 330 -59.75 -34.78 4.64
N ILE L 331 -60.94 -35.36 4.72
CA ILE L 331 -61.90 -35.10 5.80
C ILE L 331 -62.16 -36.43 6.50
N ILE L 332 -62.08 -36.41 7.84
CA ILE L 332 -62.21 -37.62 8.64
C ILE L 332 -63.46 -37.50 9.50
N ASP L 333 -64.33 -38.50 9.40
CA ASP L 333 -65.51 -38.65 10.25
C ASP L 333 -66.43 -37.41 10.14
N GLY L 334 -66.97 -37.25 8.94
CA GLY L 334 -67.92 -36.18 8.72
C GLY L 334 -69.20 -36.38 9.50
N ALA L 335 -69.88 -35.27 9.78
CA ALA L 335 -71.08 -35.30 10.61
C ALA L 335 -72.30 -35.84 9.87
N GLY L 336 -72.24 -36.01 8.55
CA GLY L 336 -73.38 -36.50 7.80
C GLY L 336 -73.85 -37.87 8.23
N ASP L 337 -75.16 -38.04 8.35
CA ASP L 337 -75.71 -39.33 8.74
C ASP L 337 -75.47 -40.36 7.64
N PRO L 338 -75.19 -41.62 8.00
CA PRO L 338 -74.95 -42.64 6.97
C PRO L 338 -76.13 -42.88 6.06
N ALA L 339 -77.36 -42.64 6.51
CA ALA L 339 -78.53 -42.89 5.66
C ALA L 339 -78.55 -41.95 4.46
N LYS L 340 -78.38 -40.65 4.71
CA LYS L 340 -78.36 -39.70 3.60
C LYS L 340 -77.15 -39.91 2.71
N ILE L 341 -76.02 -40.29 3.29
CA ILE L 341 -74.83 -40.57 2.49
C ILE L 341 -75.08 -41.75 1.55
N GLN L 342 -75.68 -42.82 2.07
CA GLN L 342 -75.99 -43.97 1.22
C GLN L 342 -77.04 -43.62 0.17
N ALA L 343 -78.02 -42.79 0.53
CA ALA L 343 -79.01 -42.35 -0.45
C ALA L 343 -78.36 -41.55 -1.58
N ARG L 344 -77.45 -40.65 -1.25
CA ARG L 344 -76.73 -39.90 -2.28
C ARG L 344 -75.83 -40.81 -3.09
N VAL L 345 -75.25 -41.84 -2.46
CA VAL L 345 -74.45 -42.81 -3.20
C VAL L 345 -75.31 -43.51 -4.25
N LYS L 346 -76.51 -43.94 -3.86
CA LYS L 346 -77.42 -44.56 -4.82
C LYS L 346 -77.83 -43.57 -5.90
N GLU L 347 -78.06 -42.31 -5.53
CA GLU L 347 -78.42 -41.28 -6.51
C GLU L 347 -77.31 -41.12 -7.55
N ILE L 348 -76.06 -41.06 -7.10
CA ILE L 348 -74.95 -40.89 -8.03
C ILE L 348 -74.76 -42.16 -8.88
N ARG L 349 -74.97 -43.33 -8.27
CA ARG L 349 -74.86 -44.57 -9.01
C ARG L 349 -75.92 -44.71 -10.09
N VAL L 350 -77.13 -44.21 -9.86
CA VAL L 350 -78.15 -44.24 -10.91
C VAL L 350 -77.97 -43.09 -11.90
N GLN L 351 -77.36 -41.98 -11.48
CA GLN L 351 -76.97 -40.95 -12.43
C GLN L 351 -75.82 -41.40 -13.32
N ILE L 352 -75.06 -42.42 -12.89
CA ILE L 352 -73.99 -42.97 -13.72
C ILE L 352 -74.55 -43.41 -15.07
N GLU L 353 -75.70 -44.07 -15.07
CA GLU L 353 -76.35 -44.49 -16.30
C GLU L 353 -76.86 -43.31 -17.13
N GLU L 354 -76.97 -42.12 -16.53
CA GLU L 354 -77.39 -40.92 -17.24
C GLU L 354 -76.23 -40.18 -17.91
N ALA L 355 -75.02 -40.70 -17.79
CA ALA L 355 -73.85 -40.01 -18.34
C ALA L 355 -73.95 -39.93 -19.86
N THR L 356 -73.65 -38.73 -20.39
CA THR L 356 -73.66 -38.50 -21.82
C THR L 356 -72.36 -38.90 -22.51
N SER L 357 -71.31 -39.21 -21.74
CA SER L 357 -70.02 -39.57 -22.30
C SER L 357 -69.28 -40.45 -21.31
N ASP L 358 -68.25 -41.14 -21.80
CA ASP L 358 -67.41 -41.95 -20.93
C ASP L 358 -66.69 -41.10 -19.90
N TYR L 359 -66.32 -39.86 -20.26
CA TYR L 359 -65.72 -38.96 -19.29
C TYR L 359 -66.68 -38.60 -18.18
N ASP L 360 -67.96 -38.37 -18.53
CA ASP L 360 -68.97 -38.12 -17.51
C ASP L 360 -69.13 -39.34 -16.61
N ARG L 361 -69.17 -40.53 -17.20
CA ARG L 361 -69.36 -41.74 -16.43
C ARG L 361 -68.19 -41.99 -15.49
N GLU L 362 -66.97 -41.74 -15.95
CA GLU L 362 -65.80 -41.96 -15.08
C GLU L 362 -65.74 -40.95 -13.95
N LYS L 363 -66.14 -39.70 -14.21
CA LYS L 363 -66.22 -38.72 -13.12
C LYS L 363 -67.30 -39.10 -12.10
N LEU L 364 -68.45 -39.59 -12.57
CA LEU L 364 -69.48 -40.05 -11.67
C LEU L 364 -69.00 -41.26 -10.84
N GLN L 365 -68.25 -42.16 -11.48
CA GLN L 365 -67.68 -43.29 -10.76
C GLN L 365 -66.66 -42.82 -9.72
N GLU L 366 -65.86 -41.81 -10.06
CA GLU L 366 -64.94 -41.24 -9.09
C GLU L 366 -65.71 -40.64 -7.91
N ARG L 367 -66.83 -39.98 -8.18
CA ARG L 367 -67.68 -39.46 -7.11
C ARG L 367 -68.17 -40.59 -6.22
N VAL L 368 -68.64 -41.68 -6.83
CA VAL L 368 -69.13 -42.83 -6.06
C VAL L 368 -68.02 -43.39 -5.18
N ALA L 369 -66.83 -43.56 -5.74
CA ALA L 369 -65.72 -44.11 -4.99
C ALA L 369 -65.35 -43.20 -3.83
N LYS L 370 -65.14 -41.91 -4.10
CA LYS L 370 -64.68 -40.99 -3.07
C LYS L 370 -65.73 -40.81 -1.99
N LEU L 371 -67.01 -41.03 -2.30
CA LEU L 371 -68.03 -40.86 -1.27
C LEU L 371 -68.24 -42.14 -0.47
N ALA L 372 -68.51 -43.26 -1.15
CA ALA L 372 -68.85 -44.49 -0.46
C ALA L 372 -67.64 -45.17 0.17
N GLY L 373 -66.44 -44.95 -0.36
CA GLY L 373 -65.27 -45.63 0.17
C GLY L 373 -64.89 -45.22 1.58
N GLY L 374 -65.26 -44.03 2.00
CA GLY L 374 -64.89 -43.59 3.33
C GLY L 374 -63.40 -43.35 3.45
N VAL L 375 -62.95 -43.32 4.70
CA VAL L 375 -61.54 -43.12 5.02
C VAL L 375 -61.12 -44.17 6.04
N ALA L 376 -60.03 -44.87 5.75
CA ALA L 376 -59.45 -45.80 6.72
C ALA L 376 -58.55 -45.03 7.69
N VAL L 377 -58.79 -45.22 8.98
CA VAL L 377 -58.03 -44.55 10.02
C VAL L 377 -57.27 -45.62 10.80
N ILE L 378 -55.95 -45.50 10.85
CA ILE L 378 -55.11 -46.44 11.56
C ILE L 378 -54.80 -45.87 12.94
N LYS L 379 -55.25 -46.55 13.98
CA LYS L 379 -55.00 -46.13 15.36
C LYS L 379 -53.68 -46.74 15.80
N VAL L 380 -52.59 -46.00 15.59
CA VAL L 380 -51.27 -46.50 15.93
C VAL L 380 -51.16 -46.62 17.45
N GLY L 381 -50.82 -47.82 17.92
CA GLY L 381 -50.76 -48.10 19.33
C GLY L 381 -49.35 -48.33 19.83
N ALA L 382 -49.04 -47.73 20.98
CA ALA L 382 -47.72 -47.85 21.58
C ALA L 382 -47.81 -47.49 23.05
N ALA L 383 -46.74 -47.78 23.78
CA ALA L 383 -46.75 -47.61 25.24
C ALA L 383 -46.69 -46.16 25.67
N THR L 384 -45.83 -45.35 25.03
CA THR L 384 -45.58 -43.99 25.51
C THR L 384 -45.76 -43.00 24.37
N GLU L 385 -45.88 -41.72 24.75
CA GLU L 385 -45.97 -40.65 23.76
C GLU L 385 -44.71 -40.55 22.91
N VAL L 386 -43.54 -40.73 23.52
CA VAL L 386 -42.30 -40.73 22.75
C VAL L 386 -42.31 -41.86 21.73
N GLU L 387 -42.74 -43.06 22.16
CA GLU L 387 -42.87 -44.17 21.22
C GLU L 387 -44.00 -43.93 20.23
N MET L 388 -45.06 -43.25 20.66
CA MET L 388 -46.12 -42.84 19.75
C MET L 388 -45.57 -42.01 18.60
N LYS L 389 -44.71 -41.03 18.91
CA LYS L 389 -44.21 -40.13 17.88
C LYS L 389 -43.41 -40.87 16.83
N GLU L 390 -42.55 -41.80 17.25
CA GLU L 390 -41.75 -42.56 16.31
C GLU L 390 -42.60 -43.55 15.52
N LYS L 391 -43.51 -44.25 16.21
CA LYS L 391 -44.30 -45.28 15.54
C LYS L 391 -45.25 -44.67 14.52
N LYS L 392 -45.80 -43.49 14.80
CA LYS L 392 -46.66 -42.83 13.82
C LYS L 392 -45.91 -42.50 12.54
N ALA L 393 -44.69 -41.97 12.68
CA ALA L 393 -43.88 -41.67 11.50
C ALA L 393 -43.51 -42.94 10.75
N ARG L 394 -43.16 -44.01 11.48
CA ARG L 394 -42.83 -45.26 10.83
C ARG L 394 -44.03 -45.83 10.08
N VAL L 395 -45.21 -45.76 10.67
CA VAL L 395 -46.42 -46.25 10.02
C VAL L 395 -46.73 -45.41 8.78
N GLU L 396 -46.56 -44.10 8.87
CA GLU L 396 -46.81 -43.24 7.71
C GLU L 396 -45.85 -43.55 6.57
N ASP L 397 -44.57 -43.75 6.89
CA ASP L 397 -43.60 -44.10 5.86
C ASP L 397 -43.91 -45.46 5.24
N ALA L 398 -44.28 -46.44 6.06
CA ALA L 398 -44.65 -47.74 5.54
C ALA L 398 -45.90 -47.66 4.66
N LEU L 399 -46.88 -46.83 5.05
CA LEU L 399 -48.08 -46.66 4.26
C LEU L 399 -47.73 -46.03 2.90
N HIS L 400 -46.87 -45.02 2.89
CA HIS L 400 -46.48 -44.40 1.63
C HIS L 400 -45.74 -45.40 0.74
N ALA L 401 -44.83 -46.18 1.33
CA ALA L 401 -44.10 -47.17 0.55
C ALA L 401 -45.03 -48.23 -0.03
N THR L 402 -45.99 -48.71 0.78
CA THR L 402 -46.94 -49.70 0.30
C THR L 402 -47.83 -49.13 -0.80
N ARG L 403 -48.27 -47.88 -0.65
CA ARG L 403 -49.08 -47.25 -1.68
C ARG L 403 -48.28 -47.15 -2.99
N ALA L 404 -47.01 -46.76 -2.89
CA ALA L 404 -46.16 -46.75 -4.08
C ALA L 404 -45.89 -48.16 -4.59
N ALA L 405 -45.67 -49.12 -3.69
CA ALA L 405 -45.35 -50.48 -4.11
C ALA L 405 -46.53 -51.17 -4.77
N VAL L 406 -47.74 -50.99 -4.24
CA VAL L 406 -48.89 -51.70 -4.79
C VAL L 406 -49.25 -51.20 -6.18
N GLU L 407 -48.88 -49.96 -6.51
CA GLU L 407 -49.21 -49.41 -7.81
C GLU L 407 -48.34 -49.98 -8.91
N GLU L 408 -47.03 -50.12 -8.66
CA GLU L 408 -46.08 -50.49 -9.70
C GLU L 408 -45.19 -51.66 -9.32
N GLY L 409 -45.46 -52.34 -8.21
CA GLY L 409 -44.65 -53.47 -7.80
C GLY L 409 -43.39 -53.04 -7.09
N ILE L 410 -42.65 -54.04 -6.61
CA ILE L 410 -41.40 -53.83 -5.90
C ILE L 410 -40.24 -54.23 -6.80
N VAL L 411 -39.07 -53.68 -6.51
CA VAL L 411 -37.87 -53.96 -7.29
C VAL L 411 -36.67 -54.00 -6.37
N PRO L 412 -35.67 -54.85 -6.69
CA PRO L 412 -34.47 -54.92 -5.85
C PRO L 412 -33.84 -53.57 -5.55
N GLY L 413 -33.84 -53.19 -4.28
CA GLY L 413 -33.35 -51.88 -3.87
C GLY L 413 -31.86 -51.80 -3.74
N GLY L 414 -31.37 -50.69 -3.17
CA GLY L 414 -29.95 -50.48 -3.03
C GLY L 414 -29.24 -50.13 -4.32
N GLY L 415 -29.98 -49.67 -5.33
CA GLY L 415 -29.40 -49.29 -6.60
C GLY L 415 -29.19 -50.42 -7.58
N VAL L 416 -29.44 -51.67 -7.18
CA VAL L 416 -29.27 -52.79 -8.09
C VAL L 416 -30.32 -52.76 -9.19
N ALA L 417 -31.50 -52.20 -8.90
CA ALA L 417 -32.59 -52.17 -9.88
C ALA L 417 -32.18 -51.43 -11.13
N LEU L 418 -31.54 -50.27 -10.97
CA LEU L 418 -31.12 -49.51 -12.14
C LEU L 418 -30.07 -50.25 -12.95
N LEU L 419 -29.16 -50.97 -12.28
CA LEU L 419 -28.17 -51.77 -13.01
C LEU L 419 -28.84 -52.88 -13.80
N ARG L 420 -29.78 -53.59 -13.19
CA ARG L 420 -30.48 -54.65 -13.91
C ARG L 420 -31.25 -54.09 -15.11
N ALA L 421 -31.93 -52.97 -14.91
CA ALA L 421 -32.66 -52.35 -16.01
C ALA L 421 -31.73 -51.90 -17.11
N ARG L 422 -30.57 -51.33 -16.75
CA ARG L 422 -29.61 -50.88 -17.75
C ARG L 422 -29.08 -52.07 -18.56
N GLU L 423 -28.72 -53.16 -17.87
CA GLU L 423 -28.21 -54.33 -18.58
C GLU L 423 -29.27 -54.91 -19.50
N ALA L 424 -30.51 -55.00 -19.02
CA ALA L 424 -31.57 -55.55 -19.86
C ALA L 424 -31.85 -54.67 -21.07
N ALA L 425 -31.84 -53.34 -20.88
CA ALA L 425 -32.06 -52.43 -21.99
C ALA L 425 -30.92 -52.50 -23.01
N VAL L 426 -29.68 -52.58 -22.55
CA VAL L 426 -28.55 -52.69 -23.46
C VAL L 426 -28.63 -54.00 -24.23
N ALA L 427 -28.96 -55.09 -23.55
CA ALA L 427 -29.12 -56.37 -24.24
C ALA L 427 -30.27 -56.32 -25.24
N LYS L 428 -31.34 -55.57 -24.93
CA LYS L 428 -32.43 -55.42 -25.89
C LYS L 428 -31.97 -54.73 -27.16
N GLY L 429 -30.97 -53.87 -27.06
CA GLY L 429 -30.50 -53.09 -28.19
C GLY L 429 -30.92 -51.65 -28.08
N LEU L 430 -29.99 -50.79 -27.66
CA LEU L 430 -30.23 -49.36 -27.51
C LEU L 430 -29.17 -48.60 -28.28
N LYS L 431 -29.61 -47.71 -29.17
CA LYS L 431 -28.70 -46.99 -30.04
C LYS L 431 -29.24 -45.59 -30.29
N GLY L 432 -28.32 -44.70 -30.66
CA GLY L 432 -28.66 -43.33 -31.00
C GLY L 432 -28.46 -43.06 -32.47
N ASP L 433 -29.26 -42.14 -33.00
CA ASP L 433 -29.18 -41.79 -34.42
C ASP L 433 -27.96 -40.95 -34.75
N ASN L 434 -27.28 -40.40 -33.75
CA ASN L 434 -26.12 -39.55 -33.94
C ASN L 434 -25.04 -39.98 -32.95
N PRO L 435 -23.78 -39.68 -33.25
CA PRO L 435 -22.74 -39.88 -32.23
C PRO L 435 -22.98 -39.08 -30.97
N ASP L 436 -23.55 -37.88 -31.11
CA ASP L 436 -23.95 -37.12 -29.93
C ASP L 436 -25.05 -37.84 -29.16
N GLN L 437 -26.01 -38.42 -29.87
CA GLN L 437 -27.02 -39.23 -29.19
C GLN L 437 -26.41 -40.47 -28.54
N GLU L 438 -25.39 -41.05 -29.17
CA GLU L 438 -24.69 -42.18 -28.55
C GLU L 438 -24.02 -41.75 -27.25
N ALA L 439 -23.40 -40.57 -27.25
CA ALA L 439 -22.81 -40.05 -26.02
C ALA L 439 -23.87 -39.78 -24.97
N GLY L 440 -25.03 -39.29 -25.40
CA GLY L 440 -26.13 -39.11 -24.47
C GLY L 440 -26.59 -40.41 -23.85
N ILE L 441 -26.64 -41.47 -24.65
CA ILE L 441 -26.96 -42.80 -24.13
C ILE L 441 -25.91 -43.22 -23.11
N LYS L 442 -24.63 -43.06 -23.46
CA LYS L 442 -23.55 -43.43 -22.55
C LYS L 442 -23.62 -42.66 -21.24
N ILE L 443 -24.06 -41.40 -21.29
CA ILE L 443 -24.19 -40.59 -20.09
C ILE L 443 -25.12 -41.26 -19.09
N VAL L 444 -26.31 -41.65 -19.55
CA VAL L 444 -27.27 -42.29 -18.67
C VAL L 444 -26.78 -43.65 -18.24
N LEU L 445 -26.17 -44.40 -19.16
CA LEU L 445 -25.69 -45.74 -18.81
C LEU L 445 -24.64 -45.69 -17.71
N ARG L 446 -23.79 -44.65 -17.73
CA ARG L 446 -22.82 -44.48 -16.65
C ARG L 446 -23.45 -43.91 -15.40
N ALA L 447 -24.46 -43.05 -15.54
CA ALA L 447 -25.01 -42.36 -14.37
C ALA L 447 -25.91 -43.25 -13.54
N VAL L 448 -26.62 -44.20 -14.16
CA VAL L 448 -27.59 -44.99 -13.43
C VAL L 448 -26.93 -45.90 -12.40
N GLU L 449 -25.61 -46.04 -12.47
CA GLU L 449 -24.90 -46.83 -11.47
C GLU L 449 -24.40 -45.99 -10.30
N GLN L 450 -24.60 -44.67 -10.35
CA GLN L 450 -24.14 -43.77 -9.30
C GLN L 450 -24.78 -44.05 -7.94
N PRO L 451 -26.10 -44.32 -7.85
CA PRO L 451 -26.66 -44.63 -6.52
C PRO L 451 -26.00 -45.80 -5.83
N LEU L 452 -25.76 -46.90 -6.54
CA LEU L 452 -25.07 -48.03 -5.92
C LEU L 452 -23.64 -47.68 -5.56
N ARG L 453 -22.95 -46.94 -6.43
CA ARG L 453 -21.58 -46.54 -6.13
C ARG L 453 -21.50 -45.71 -4.87
N GLU L 454 -22.42 -44.76 -4.69
CA GLU L 454 -22.41 -43.94 -3.49
C GLU L 454 -22.88 -44.69 -2.25
N ILE L 455 -23.84 -45.60 -2.38
CA ILE L 455 -24.22 -46.44 -1.24
C ILE L 455 -23.01 -47.25 -0.77
N VAL L 456 -22.28 -47.83 -1.71
CA VAL L 456 -21.08 -48.60 -1.36
C VAL L 456 -20.02 -47.69 -0.74
N ALA L 457 -19.80 -46.51 -1.33
CA ALA L 457 -18.78 -45.61 -0.80
C ALA L 457 -19.10 -45.16 0.61
N ASN L 458 -20.36 -44.83 0.90
CA ASN L 458 -20.75 -44.51 2.26
C ASN L 458 -20.60 -45.73 3.17
N ALA L 459 -20.87 -46.93 2.64
CA ALA L 459 -20.64 -48.14 3.40
C ALA L 459 -19.17 -48.39 3.66
N GLY L 460 -18.28 -47.72 2.93
CA GLY L 460 -16.85 -47.82 3.14
C GLY L 460 -16.10 -48.72 2.18
N GLU L 461 -16.80 -49.58 1.44
CA GLU L 461 -16.13 -50.46 0.50
C GLU L 461 -15.70 -49.69 -0.76
N GLU L 462 -14.98 -50.38 -1.63
CA GLU L 462 -14.55 -49.79 -2.89
C GLU L 462 -15.68 -49.88 -3.91
N PRO L 463 -16.15 -48.77 -4.47
CA PRO L 463 -17.32 -48.82 -5.35
C PRO L 463 -17.15 -49.68 -6.59
N SER L 464 -16.00 -49.60 -7.26
CA SER L 464 -15.84 -50.21 -8.57
C SER L 464 -15.94 -51.73 -8.50
N VAL L 465 -15.25 -52.34 -7.54
CA VAL L 465 -15.25 -53.80 -7.45
C VAL L 465 -16.65 -54.31 -7.10
N ILE L 466 -17.34 -53.61 -6.19
CA ILE L 466 -18.68 -54.03 -5.81
C ILE L 466 -19.63 -53.90 -6.99
N VAL L 467 -19.53 -52.81 -7.76
CA VAL L 467 -20.39 -52.64 -8.93
C VAL L 467 -20.11 -53.74 -9.95
N ALA L 468 -18.83 -54.05 -10.18
CA ALA L 468 -18.49 -55.10 -11.12
C ALA L 468 -19.04 -56.46 -10.68
N LYS L 469 -18.93 -56.75 -9.37
CA LYS L 469 -19.45 -58.02 -8.87
C LYS L 469 -20.97 -58.08 -8.99
N VAL L 470 -21.65 -56.97 -8.73
CA VAL L 470 -23.10 -56.92 -8.89
C VAL L 470 -23.47 -57.16 -10.35
N LEU L 471 -22.75 -56.51 -11.26
CA LEU L 471 -23.00 -56.70 -12.69
C LEU L 471 -22.74 -58.13 -13.14
N GLU L 472 -21.76 -58.81 -12.53
CA GLU L 472 -21.52 -60.21 -12.86
C GLU L 472 -22.67 -61.12 -12.44
N GLY L 473 -23.43 -60.72 -11.42
CA GLY L 473 -24.62 -61.47 -11.03
C GLY L 473 -25.82 -61.13 -11.90
N LYS L 474 -26.85 -61.96 -11.77
CA LYS L 474 -28.07 -61.81 -12.56
C LYS L 474 -29.28 -61.85 -11.64
N GLY L 475 -30.37 -61.27 -12.13
CA GLY L 475 -31.61 -61.28 -11.37
C GLY L 475 -31.53 -60.35 -10.17
N ASN L 476 -32.05 -60.81 -9.04
CA ASN L 476 -32.09 -60.01 -7.82
C ASN L 476 -30.76 -59.98 -7.09
N TYR L 477 -29.76 -60.72 -7.56
CA TYR L 477 -28.45 -60.72 -6.91
C TYR L 477 -27.88 -59.31 -6.86
N GLY L 478 -27.33 -58.94 -5.71
CA GLY L 478 -26.80 -57.61 -5.52
C GLY L 478 -26.04 -57.52 -4.21
N TYR L 479 -25.67 -56.29 -3.87
CA TYR L 479 -24.87 -56.00 -2.68
C TYR L 479 -25.75 -55.38 -1.61
N ASN L 480 -25.62 -55.86 -0.37
CA ASN L 480 -26.37 -55.34 0.77
C ASN L 480 -25.40 -54.57 1.65
N ALA L 481 -25.50 -53.24 1.62
CA ALA L 481 -24.59 -52.40 2.40
C ALA L 481 -24.80 -52.54 3.90
N ALA L 482 -25.98 -53.01 4.32
CA ALA L 482 -26.24 -53.15 5.75
C ALA L 482 -25.32 -54.19 6.38
N THR L 483 -25.11 -55.31 5.69
CA THR L 483 -24.27 -56.39 6.20
C THR L 483 -23.01 -56.65 5.38
N GLY L 484 -22.90 -56.07 4.19
CA GLY L 484 -21.76 -56.31 3.34
C GLY L 484 -21.78 -57.59 2.55
N GLU L 485 -22.89 -58.33 2.58
CA GLU L 485 -23.00 -59.61 1.90
C GLU L 485 -23.60 -59.45 0.51
N PHE L 486 -23.37 -60.46 -0.32
CA PHE L 486 -23.93 -60.51 -1.66
C PHE L 486 -25.01 -61.59 -1.74
N GLY L 487 -26.12 -61.24 -2.37
CA GLY L 487 -27.19 -62.21 -2.52
C GLY L 487 -28.44 -61.55 -3.06
N ASP L 488 -29.55 -62.30 -2.96
CA ASP L 488 -30.84 -61.79 -3.40
C ASP L 488 -31.31 -60.67 -2.48
N MET L 489 -31.43 -59.46 -3.02
CA MET L 489 -31.88 -58.33 -2.22
C MET L 489 -33.30 -58.52 -1.70
N ILE L 490 -34.19 -59.11 -2.52
CA ILE L 490 -35.56 -59.33 -2.08
C ILE L 490 -35.61 -60.28 -0.90
N GLU L 491 -34.72 -61.27 -0.88
CA GLU L 491 -34.72 -62.24 0.23
C GLU L 491 -34.29 -61.61 1.54
N MET L 492 -33.39 -60.63 1.51
CA MET L 492 -33.04 -59.92 2.74
C MET L 492 -33.98 -58.75 3.02
N GLY L 493 -34.99 -58.53 2.19
CA GLY L 493 -35.88 -57.41 2.39
C GLY L 493 -35.24 -56.05 2.21
N VAL L 494 -34.44 -55.88 1.17
CA VAL L 494 -33.93 -54.57 0.76
C VAL L 494 -34.65 -54.21 -0.52
N LEU L 495 -35.69 -53.38 -0.41
CA LEU L 495 -36.59 -53.13 -1.52
C LEU L 495 -36.82 -51.63 -1.70
N ASP L 496 -37.08 -51.24 -2.94
CA ASP L 496 -37.57 -49.93 -3.31
C ASP L 496 -38.76 -50.09 -4.23
N PRO L 497 -39.84 -49.33 -4.01
CA PRO L 497 -40.96 -49.37 -4.95
C PRO L 497 -40.52 -48.92 -6.34
N THR L 498 -41.07 -49.57 -7.37
CA THR L 498 -40.71 -49.23 -8.74
C THR L 498 -41.02 -47.77 -9.03
N LYS L 499 -42.08 -47.24 -8.44
CA LYS L 499 -42.42 -45.83 -8.63
C LYS L 499 -41.30 -44.93 -8.15
N VAL L 500 -40.68 -45.26 -7.01
CA VAL L 500 -39.63 -44.41 -6.47
C VAL L 500 -38.46 -44.31 -7.42
N THR L 501 -37.94 -45.45 -7.87
CA THR L 501 -36.79 -45.44 -8.77
C THR L 501 -37.14 -44.81 -10.11
N ARG L 502 -38.31 -45.15 -10.67
CA ARG L 502 -38.70 -44.60 -11.96
C ARG L 502 -38.82 -43.08 -11.88
N SER L 503 -39.50 -42.57 -10.85
CA SER L 503 -39.66 -41.12 -10.72
C SER L 503 -38.34 -40.43 -10.48
N ALA L 504 -37.46 -41.03 -9.65
CA ALA L 504 -36.16 -40.43 -9.42
C ALA L 504 -35.37 -40.32 -10.72
N LEU L 505 -35.33 -41.41 -11.49
CA LEU L 505 -34.58 -41.39 -12.74
C LEU L 505 -35.16 -40.37 -13.72
N GLN L 506 -36.49 -40.35 -13.87
CA GLN L 506 -37.09 -39.44 -14.84
C GLN L 506 -36.92 -37.99 -14.45
N ASN L 507 -37.08 -37.65 -13.17
CA ASN L 507 -36.91 -36.27 -12.75
C ASN L 507 -35.46 -35.83 -12.83
N ALA L 508 -34.52 -36.73 -12.49
CA ALA L 508 -33.12 -36.42 -12.65
C ALA L 508 -32.79 -36.17 -14.12
N ALA L 509 -33.33 -37.00 -15.01
CA ALA L 509 -33.10 -36.79 -16.44
C ALA L 509 -33.67 -35.45 -16.90
N SER L 510 -34.87 -35.09 -16.43
CA SER L 510 -35.48 -33.84 -16.83
C SER L 510 -34.64 -32.64 -16.37
N VAL L 511 -34.25 -32.63 -15.10
CA VAL L 511 -33.47 -31.49 -14.60
C VAL L 511 -32.09 -31.45 -15.25
N ALA L 512 -31.50 -32.62 -15.53
CA ALA L 512 -30.21 -32.64 -16.22
C ALA L 512 -30.33 -32.10 -17.63
N GLY L 513 -31.40 -32.46 -18.34
CA GLY L 513 -31.61 -31.88 -19.66
C GLY L 513 -31.78 -30.38 -19.61
N LEU L 514 -32.55 -29.89 -18.62
CA LEU L 514 -32.74 -28.45 -18.51
C LEU L 514 -31.43 -27.73 -18.22
N MET L 515 -30.57 -28.29 -17.36
CA MET L 515 -29.32 -27.62 -17.05
C MET L 515 -28.20 -27.95 -18.02
N LEU L 516 -28.43 -28.85 -18.98
CA LEU L 516 -27.48 -29.05 -20.06
C LEU L 516 -27.80 -28.18 -21.26
N THR L 517 -29.08 -28.01 -21.57
CA THR L 517 -29.50 -27.15 -22.68
C THR L 517 -29.68 -25.69 -22.25
N THR L 518 -29.05 -25.27 -21.16
CA THR L 518 -29.16 -23.90 -20.69
C THR L 518 -27.99 -23.08 -21.25
N GLU L 519 -28.30 -21.96 -21.89
CA GLU L 519 -27.29 -21.10 -22.48
C GLU L 519 -27.24 -19.71 -21.85
N CYS L 520 -28.31 -19.29 -21.17
CA CYS L 520 -28.34 -17.97 -20.56
C CYS L 520 -28.82 -18.10 -19.12
N MET L 521 -28.42 -17.14 -18.29
CA MET L 521 -28.68 -17.17 -16.87
C MET L 521 -28.81 -15.75 -16.34
N ILE L 522 -29.97 -15.43 -15.77
CA ILE L 522 -30.29 -14.07 -15.36
C ILE L 522 -30.55 -14.06 -13.85
N ALA L 523 -29.76 -13.27 -13.12
CA ALA L 523 -29.89 -13.18 -11.68
C ALA L 523 -29.77 -11.72 -11.26
N GLU L 524 -30.21 -11.44 -10.03
CA GLU L 524 -30.11 -10.10 -9.48
C GLU L 524 -28.64 -9.74 -9.29
N ALA L 525 -28.29 -8.50 -9.67
CA ALA L 525 -26.93 -8.04 -9.49
C ALA L 525 -26.64 -7.80 -8.00
N PRO L 526 -25.37 -7.97 -7.58
CA PRO L 526 -24.96 -7.75 -6.20
C PRO L 526 -25.28 -6.34 -5.70
N ALA M 1 -31.50 -17.77 5.19
CA ALA M 1 -30.32 -16.97 4.91
C ALA M 1 -29.24 -17.83 4.25
N ALA M 2 -28.14 -17.19 3.84
CA ALA M 2 -27.07 -17.88 3.14
C ALA M 2 -26.46 -18.96 4.02
N LYS M 3 -26.25 -20.13 3.43
CA LYS M 3 -25.65 -21.26 4.12
C LYS M 3 -24.22 -21.48 3.65
N GLU M 4 -23.39 -21.98 4.56
CA GLU M 4 -22.02 -22.37 4.25
C GLU M 4 -21.84 -23.84 4.62
N VAL M 5 -21.25 -24.60 3.70
CA VAL M 5 -21.15 -26.05 3.84
C VAL M 5 -19.69 -26.46 3.82
N LYS M 6 -19.32 -27.32 4.77
CA LYS M 6 -17.97 -27.87 4.85
C LYS M 6 -18.04 -29.38 4.81
N PHE M 7 -17.10 -30.00 4.10
CA PHE M 7 -17.13 -31.43 3.85
C PHE M 7 -15.89 -32.10 4.43
N HIS M 8 -16.06 -33.36 4.82
CA HIS M 8 -14.95 -34.24 5.20
C HIS M 8 -14.08 -33.64 6.30
N ASP M 9 -12.76 -33.77 6.12
CA ASP M 9 -11.82 -33.30 7.13
C ASP M 9 -11.93 -31.81 7.40
N SER M 10 -12.26 -31.01 6.39
CA SER M 10 -12.40 -29.57 6.58
C SER M 10 -13.53 -29.23 7.54
N ALA M 11 -14.42 -30.19 7.83
CA ALA M 11 -15.50 -30.00 8.79
C ALA M 11 -15.23 -30.75 10.09
N ARG M 12 -14.66 -31.95 9.97
CA ARG M 12 -14.32 -32.72 11.16
C ARG M 12 -13.30 -31.97 12.01
N GLU M 13 -12.36 -31.28 11.38
CA GLU M 13 -11.38 -30.52 12.14
C GLU M 13 -12.00 -29.33 12.86
N ARG M 14 -13.03 -28.70 12.29
CA ARG M 14 -13.73 -27.64 13.00
C ARG M 14 -14.51 -28.20 14.19
N LEU M 15 -15.14 -29.36 14.01
CA LEU M 15 -15.81 -30.02 15.13
C LEU M 15 -14.81 -30.32 16.24
N VAL M 16 -13.62 -30.81 15.86
CA VAL M 16 -12.60 -31.14 16.84
C VAL M 16 -12.09 -29.89 17.54
N ALA M 17 -11.92 -28.79 16.80
CA ALA M 17 -11.50 -27.55 17.43
C ALA M 17 -12.54 -27.08 18.45
N GLY M 18 -13.82 -27.17 18.11
CA GLY M 18 -14.85 -26.79 19.05
C GLY M 18 -14.89 -27.65 20.31
N VAL M 19 -14.85 -28.97 20.14
CA VAL M 19 -14.89 -29.84 21.30
C VAL M 19 -13.64 -29.68 22.15
N ASN M 20 -12.49 -29.47 21.51
CA ASN M 20 -11.25 -29.25 22.25
C ASN M 20 -11.30 -27.96 23.03
N LEU M 21 -11.83 -26.90 22.43
CA LEU M 21 -11.94 -25.62 23.14
C LEU M 21 -12.91 -25.71 24.30
N LEU M 22 -13.99 -26.49 24.17
CA LEU M 22 -14.90 -26.68 25.31
C LEU M 22 -14.23 -27.52 26.41
N ALA M 23 -13.60 -28.62 26.02
CA ALA M 23 -13.07 -29.56 27.00
C ALA M 23 -11.84 -29.02 27.71
N ASN M 24 -10.99 -28.24 27.02
CA ASN M 24 -9.83 -27.67 27.69
C ASN M 24 -10.24 -26.71 28.79
N ALA M 25 -11.35 -26.00 28.62
CA ALA M 25 -11.88 -25.15 29.69
C ALA M 25 -12.53 -25.98 30.78
N VAL M 26 -13.30 -26.99 30.40
CA VAL M 26 -14.05 -27.76 31.39
C VAL M 26 -13.14 -28.60 32.27
N LYS M 27 -12.15 -29.27 31.68
CA LYS M 27 -11.34 -30.26 32.40
C LYS M 27 -10.47 -29.65 33.49
N THR M 28 -10.21 -28.34 33.44
CA THR M 28 -9.41 -27.73 34.51
C THR M 28 -10.14 -27.76 35.85
N THR M 29 -11.46 -27.93 35.84
CA THR M 29 -12.26 -28.01 37.06
C THR M 29 -12.58 -29.43 37.45
N LEU M 30 -11.75 -30.40 37.07
CA LEU M 30 -12.01 -31.81 37.34
C LEU M 30 -11.05 -32.29 38.42
N GLY M 31 -11.59 -33.03 39.40
CA GLY M 31 -10.80 -33.58 40.47
C GLY M 31 -10.89 -32.77 41.74
N PRO M 32 -10.49 -33.36 42.87
CA PRO M 32 -10.51 -32.63 44.14
C PRO M 32 -9.66 -31.37 44.13
N LYS M 33 -8.57 -31.37 43.36
CA LYS M 33 -7.69 -30.20 43.25
C LYS M 33 -7.91 -29.47 41.93
N GLY M 34 -9.15 -29.42 41.46
CA GLY M 34 -9.43 -28.74 40.21
C GLY M 34 -9.11 -27.25 40.31
N ARG M 35 -8.60 -26.70 39.21
CA ARG M 35 -8.22 -25.29 39.18
C ARG M 35 -9.46 -24.40 39.09
N ASN M 36 -9.22 -23.10 39.19
CA ASN M 36 -10.30 -22.12 39.08
C ASN M 36 -10.45 -21.66 37.65
N VAL M 37 -11.68 -21.24 37.31
CA VAL M 37 -12.00 -20.66 36.02
C VAL M 37 -12.72 -19.34 36.24
N VAL M 38 -12.24 -18.28 35.62
CA VAL M 38 -12.78 -16.94 35.79
C VAL M 38 -13.71 -16.66 34.62
N ILE M 39 -14.96 -16.32 34.92
CA ILE M 39 -15.99 -16.09 33.91
C ILE M 39 -16.50 -14.67 34.05
N GLU M 40 -16.63 -13.98 32.92
CA GLU M 40 -17.08 -12.59 32.95
C GLU M 40 -18.56 -12.51 33.28
N ARG M 41 -18.91 -11.53 34.10
CA ARG M 41 -20.29 -11.17 34.38
C ARG M 41 -20.58 -9.83 33.70
N SER M 42 -21.82 -9.64 33.27
CA SER M 42 -22.17 -8.41 32.55
C SER M 42 -21.83 -7.16 33.36
N PHE M 43 -22.08 -7.20 34.67
CA PHE M 43 -21.71 -6.11 35.57
C PHE M 43 -21.18 -6.69 36.87
N GLY M 44 -20.37 -5.91 37.56
CA GLY M 44 -19.79 -6.36 38.81
C GLY M 44 -18.54 -7.19 38.60
N ALA M 45 -18.08 -7.77 39.71
CA ALA M 45 -16.84 -8.54 39.72
C ALA M 45 -17.02 -9.87 38.98
N PRO M 46 -15.97 -10.36 38.33
CA PRO M 46 -16.06 -11.66 37.65
C PRO M 46 -16.33 -12.78 38.64
N ILE M 47 -17.07 -13.78 38.18
CA ILE M 47 -17.35 -14.96 38.99
C ILE M 47 -16.27 -16.01 38.74
N VAL M 48 -15.72 -16.55 39.82
CA VAL M 48 -14.73 -17.63 39.75
C VAL M 48 -15.40 -18.92 40.18
N THR M 49 -15.23 -19.97 39.39
CA THR M 49 -15.85 -21.25 39.64
C THR M 49 -14.85 -22.37 39.40
N LYS M 50 -15.05 -23.50 40.08
CA LYS M 50 -14.23 -24.69 39.91
C LYS M 50 -15.13 -25.91 39.72
N ASP M 51 -16.26 -25.72 39.05
CA ASP M 51 -17.16 -26.80 38.70
C ASP M 51 -17.39 -26.79 37.20
N GLY M 52 -17.49 -27.99 36.61
CA GLY M 52 -17.63 -28.10 35.17
C GLY M 52 -18.96 -27.63 34.63
N VAL M 53 -20.02 -27.74 35.43
CA VAL M 53 -21.36 -27.40 34.94
C VAL M 53 -21.43 -25.92 34.56
N THR M 54 -20.94 -25.05 35.43
CA THR M 54 -21.01 -23.62 35.17
C THR M 54 -20.06 -23.20 34.06
N VAL M 55 -18.86 -23.77 34.02
CA VAL M 55 -17.89 -23.42 32.99
C VAL M 55 -18.41 -23.83 31.62
N ALA M 56 -18.96 -25.04 31.51
CA ALA M 56 -19.47 -25.51 30.23
C ALA M 56 -20.64 -24.66 29.75
N LYS M 57 -21.53 -24.30 30.68
CA LYS M 57 -22.72 -23.54 30.30
C LYS M 57 -22.37 -22.20 29.68
N GLU M 58 -21.29 -21.57 30.14
CA GLU M 58 -20.90 -20.27 29.62
C GLU M 58 -20.10 -20.36 28.32
N ILE M 59 -19.64 -21.56 27.95
CA ILE M 59 -18.79 -21.71 26.78
C ILE M 59 -19.64 -21.81 25.53
N GLU M 60 -19.40 -20.92 24.57
CA GLU M 60 -19.98 -21.01 23.23
C GLU M 60 -19.08 -20.20 22.32
N LEU M 61 -18.68 -20.78 21.19
CA LEU M 61 -17.53 -20.28 20.44
C LEU M 61 -17.95 -19.20 19.44
N LYS M 62 -16.94 -18.53 18.88
CA LYS M 62 -17.18 -17.51 17.87
C LYS M 62 -17.51 -18.13 16.51
N ASP M 63 -16.59 -18.94 15.99
CA ASP M 63 -16.81 -19.61 14.72
C ASP M 63 -17.99 -20.58 14.85
N LYS M 64 -18.91 -20.54 13.89
CA LYS M 64 -20.12 -21.35 13.99
C LYS M 64 -19.80 -22.83 13.91
N PHE M 65 -18.88 -23.23 13.02
CA PHE M 65 -18.57 -24.64 12.83
C PHE M 65 -17.91 -25.27 14.05
N GLU M 66 -17.11 -24.52 14.80
CA GLU M 66 -16.57 -25.03 16.06
C GLU M 66 -17.63 -25.04 17.14
N ASN M 67 -18.45 -23.99 17.18
CA ASN M 67 -19.56 -23.92 18.13
C ASN M 67 -20.51 -25.09 17.94
N MET M 68 -20.58 -25.65 16.73
CA MET M 68 -21.41 -26.84 16.52
C MET M 68 -20.98 -27.97 17.44
N GLY M 69 -19.73 -28.42 17.32
CA GLY M 69 -19.26 -29.49 18.18
C GLY M 69 -19.29 -29.10 19.64
N ALA M 70 -18.97 -27.85 19.94
CA ALA M 70 -19.06 -27.39 21.34
C ALA M 70 -20.45 -27.61 21.90
N GLN M 71 -21.48 -27.23 21.16
CA GLN M 71 -22.84 -27.35 21.67
C GLN M 71 -23.33 -28.79 21.69
N MET M 72 -22.92 -29.62 20.72
CA MET M 72 -23.33 -31.03 20.79
C MET M 72 -22.72 -31.73 21.99
N VAL M 73 -21.43 -31.49 22.25
CA VAL M 73 -20.80 -32.10 23.42
C VAL M 73 -21.41 -31.54 24.70
N LYS M 74 -21.72 -30.25 24.72
CA LYS M 74 -22.39 -29.67 25.88
C LYS M 74 -23.76 -30.31 26.10
N GLU M 75 -24.51 -30.55 25.04
CA GLU M 75 -25.83 -31.15 25.16
C GLU M 75 -25.75 -32.57 25.71
N VAL M 76 -24.81 -33.37 25.20
CA VAL M 76 -24.69 -34.73 25.72
C VAL M 76 -24.18 -34.72 27.16
N ALA M 77 -23.30 -33.77 27.50
CA ALA M 77 -22.86 -33.66 28.88
C ALA M 77 -24.01 -33.29 29.81
N SER M 78 -24.87 -32.37 29.37
CA SER M 78 -26.04 -31.99 30.17
C SER M 78 -27.02 -33.15 30.30
N LYS M 79 -27.18 -33.94 29.24
CA LYS M 79 -28.00 -35.14 29.32
C LYS M 79 -27.43 -36.16 30.30
N THR M 80 -26.10 -36.27 30.37
CA THR M 80 -25.49 -37.09 31.43
C THR M 80 -25.78 -36.51 32.80
N ALA M 81 -25.67 -35.19 32.95
CA ALA M 81 -25.75 -34.57 34.27
C ALA M 81 -27.15 -34.64 34.84
N ASP M 82 -28.17 -34.31 34.03
CA ASP M 82 -29.52 -34.19 34.55
C ASP M 82 -30.11 -35.53 35.00
N VAL M 83 -29.55 -36.65 34.52
CA VAL M 83 -30.06 -37.97 34.90
C VAL M 83 -29.23 -38.61 36.00
N ALA M 84 -28.09 -38.04 36.36
CA ALA M 84 -27.23 -38.65 37.37
C ALA M 84 -26.81 -37.64 38.43
N GLY M 85 -26.96 -36.35 38.14
CA GLY M 85 -26.59 -35.30 39.06
C GLY M 85 -25.13 -34.93 39.07
N ASP M 86 -24.29 -35.61 38.28
CA ASP M 86 -22.87 -35.33 38.21
C ASP M 86 -22.31 -36.05 37.00
N GLY M 87 -21.05 -35.76 36.69
CA GLY M 87 -20.36 -36.42 35.60
C GLY M 87 -20.30 -35.65 34.30
N THR M 88 -20.96 -34.50 34.21
CA THR M 88 -20.88 -33.70 32.99
C THR M 88 -19.46 -33.25 32.71
N THR M 89 -18.64 -33.08 33.75
CA THR M 89 -17.22 -32.84 33.54
C THR M 89 -16.53 -34.09 32.99
N THR M 90 -16.87 -35.25 33.56
CA THR M 90 -16.28 -36.50 33.09
C THR M 90 -16.72 -36.81 31.66
N ALA M 91 -17.99 -36.57 31.33
CA ALA M 91 -18.48 -36.89 30.00
C ALA M 91 -17.78 -36.07 28.93
N THR M 92 -17.58 -34.77 29.19
CA THR M 92 -16.90 -33.92 28.23
C THR M 92 -15.45 -34.37 28.03
N VAL M 93 -14.77 -34.72 29.12
CA VAL M 93 -13.38 -35.16 29.02
C VAL M 93 -13.29 -36.46 28.23
N LEU M 94 -14.18 -37.41 28.52
CA LEU M 94 -14.17 -38.68 27.78
C LEU M 94 -14.48 -38.46 26.31
N ALA M 95 -15.44 -37.58 26.00
CA ALA M 95 -15.75 -37.29 24.61
C ALA M 95 -14.56 -36.66 23.90
N GLN M 96 -13.86 -35.72 24.55
CA GLN M 96 -12.68 -35.14 23.96
C GLN M 96 -11.62 -36.19 23.68
N ALA M 97 -11.39 -37.08 24.65
CA ALA M 97 -10.38 -38.12 24.47
C ALA M 97 -10.74 -39.04 23.30
N ILE M 98 -12.00 -39.49 23.26
CA ILE M 98 -12.41 -40.42 22.20
C ILE M 98 -12.31 -39.76 20.84
N VAL M 99 -12.76 -38.50 20.73
CA VAL M 99 -12.73 -37.82 19.43
C VAL M 99 -11.30 -37.54 19.00
N ARG M 100 -10.46 -37.11 19.93
CA ARG M 100 -9.07 -36.80 19.59
C ARG M 100 -8.33 -38.05 19.15
N GLU M 101 -8.61 -39.20 19.76
CA GLU M 101 -7.98 -40.44 19.30
C GLU M 101 -8.61 -40.92 18.00
N GLY M 102 -9.92 -40.74 17.84
CA GLY M 102 -10.59 -41.21 16.63
C GLY M 102 -10.18 -40.46 15.39
N MET M 103 -9.91 -39.16 15.51
CA MET M 103 -9.47 -38.40 14.34
C MET M 103 -8.11 -38.87 13.84
N LYS M 104 -7.28 -39.39 14.74
CA LYS M 104 -6.00 -39.95 14.29
C LYS M 104 -6.22 -41.13 13.36
N TYR M 105 -7.16 -42.01 13.68
CA TYR M 105 -7.43 -43.16 12.84
C TYR M 105 -8.24 -42.78 11.60
N VAL M 106 -9.12 -41.78 11.71
CA VAL M 106 -9.87 -41.34 10.54
C VAL M 106 -8.93 -40.71 9.51
N ALA M 107 -7.99 -39.88 9.97
CA ALA M 107 -6.97 -39.35 9.07
C ALA M 107 -6.10 -40.46 8.51
N ALA M 108 -6.01 -41.60 9.20
CA ALA M 108 -5.25 -42.73 8.70
C ALA M 108 -6.02 -43.54 7.65
N GLY M 109 -7.13 -43.00 7.14
CA GLY M 109 -7.87 -43.70 6.11
C GLY M 109 -8.73 -44.84 6.60
N MET M 110 -8.85 -45.00 7.91
CA MET M 110 -9.58 -46.13 8.47
C MET M 110 -11.08 -45.82 8.49
N ASN M 111 -11.89 -46.86 8.36
CA ASN M 111 -13.32 -46.70 8.10
C ASN M 111 -14.05 -46.12 9.31
N PRO M 112 -14.67 -44.94 9.19
CA PRO M 112 -15.36 -44.35 10.35
C PRO M 112 -16.49 -45.20 10.90
N MET M 113 -17.26 -45.87 10.04
CA MET M 113 -18.38 -46.67 10.53
C MET M 113 -17.90 -47.85 11.37
N ASP M 114 -16.84 -48.52 10.95
CA ASP M 114 -16.25 -49.58 11.74
C ASP M 114 -15.61 -49.05 13.02
N LEU M 115 -15.04 -47.85 12.99
CA LEU M 115 -14.55 -47.23 14.22
C LEU M 115 -15.69 -47.01 15.20
N LYS M 116 -16.84 -46.51 14.71
CA LYS M 116 -17.99 -46.30 15.58
C LYS M 116 -18.49 -47.62 16.16
N ARG M 117 -18.55 -48.66 15.32
CA ARG M 117 -18.99 -49.96 15.81
C ARG M 117 -18.03 -50.54 16.84
N GLY M 118 -16.72 -50.40 16.64
CA GLY M 118 -15.77 -50.86 17.64
C GLY M 118 -15.88 -50.09 18.93
N ILE M 119 -16.09 -48.77 18.83
CA ILE M 119 -16.27 -47.95 20.02
C ILE M 119 -17.50 -48.40 20.79
N ASP M 120 -18.60 -48.66 20.06
CA ASP M 120 -19.81 -49.15 20.71
C ASP M 120 -19.58 -50.50 21.38
N LYS M 121 -18.86 -51.41 20.72
CA LYS M 121 -18.58 -52.71 21.32
C LYS M 121 -17.76 -52.57 22.59
N ALA M 122 -16.72 -51.74 22.56
CA ALA M 122 -15.87 -51.55 23.73
C ALA M 122 -16.65 -50.91 24.87
N VAL M 123 -17.50 -49.92 24.55
CA VAL M 123 -18.29 -49.26 25.57
C VAL M 123 -19.28 -50.23 26.18
N THR M 124 -19.91 -51.07 25.36
CA THR M 124 -20.82 -52.08 25.88
C THR M 124 -20.11 -53.04 26.82
N ALA M 125 -18.92 -53.49 26.44
CA ALA M 125 -18.17 -54.41 27.29
C ALA M 125 -17.76 -53.74 28.61
N ILE M 126 -17.30 -52.49 28.54
CA ILE M 126 -16.87 -51.80 29.76
C ILE M 126 -18.07 -51.55 30.67
N VAL M 127 -19.20 -51.14 30.11
CA VAL M 127 -20.40 -50.93 30.90
C VAL M 127 -20.86 -52.24 31.54
N GLU M 128 -20.82 -53.35 30.79
CA GLU M 128 -21.16 -54.64 31.37
C GLU M 128 -20.24 -55.01 32.51
N GLU M 129 -18.95 -54.68 32.39
CA GLU M 129 -18.02 -54.94 33.49
C GLU M 129 -18.29 -54.03 34.69
N LEU M 130 -18.75 -52.80 34.45
CA LEU M 130 -19.06 -51.90 35.56
C LEU M 130 -20.17 -52.45 36.43
N LYS M 131 -21.07 -53.23 35.84
CA LYS M 131 -22.15 -53.84 36.63
C LYS M 131 -21.62 -54.89 37.60
N ALA M 132 -20.38 -55.34 37.42
CA ALA M 132 -19.76 -56.29 38.33
C ALA M 132 -18.81 -55.64 39.33
N ILE M 133 -18.10 -54.58 38.93
CA ILE M 133 -17.21 -53.87 39.85
C ILE M 133 -18.03 -53.10 40.88
N SER M 134 -19.21 -52.63 40.51
CA SER M 134 -19.99 -51.75 41.37
C SER M 134 -20.43 -52.46 42.65
N LYS M 135 -20.16 -51.83 43.78
CA LYS M 135 -20.66 -52.33 45.05
C LYS M 135 -22.08 -51.84 45.28
N PRO M 136 -23.05 -52.73 45.45
CA PRO M 136 -24.42 -52.29 45.70
C PRO M 136 -24.57 -51.64 47.06
N CYS M 137 -25.54 -50.73 47.15
CA CYS M 137 -25.84 -50.03 48.40
C CYS M 137 -27.35 -49.97 48.57
N SER M 138 -27.87 -50.82 49.45
CA SER M 138 -29.31 -50.85 49.73
C SER M 138 -29.66 -50.81 51.20
N THR M 139 -28.75 -51.17 52.11
CA THR M 139 -29.04 -51.08 53.53
C THR M 139 -29.10 -49.62 53.96
N THR M 140 -29.88 -49.35 55.01
CA THR M 140 -30.00 -48.00 55.53
C THR M 140 -28.64 -47.46 55.95
N LYS M 141 -27.80 -48.31 56.54
CA LYS M 141 -26.45 -47.90 56.88
C LYS M 141 -25.65 -47.51 55.64
N GLU M 142 -25.76 -48.31 54.58
CA GLU M 142 -25.08 -47.99 53.34
C GLU M 142 -25.58 -46.69 52.73
N ILE M 143 -26.90 -46.48 52.75
CA ILE M 143 -27.48 -45.26 52.23
C ILE M 143 -26.97 -44.05 53.00
N ALA M 144 -26.95 -44.16 54.33
CA ALA M 144 -26.45 -43.06 55.16
C ALA M 144 -24.97 -42.79 54.89
N GLN M 145 -24.18 -43.86 54.72
CA GLN M 145 -22.76 -43.68 54.43
C GLN M 145 -22.54 -42.98 53.10
N VAL M 146 -23.29 -43.38 52.07
CA VAL M 146 -23.16 -42.75 50.76
C VAL M 146 -23.60 -41.30 50.83
N GLY M 147 -24.70 -41.01 51.53
CA GLY M 147 -25.13 -39.63 51.67
C GLY M 147 -24.11 -38.76 52.40
N THR M 148 -23.53 -39.30 53.47
CA THR M 148 -22.52 -38.57 54.22
C THR M 148 -21.28 -38.30 53.36
N ILE M 149 -20.86 -39.30 52.59
CA ILE M 149 -19.70 -39.13 51.72
C ILE M 149 -19.98 -38.08 50.66
N SER M 150 -21.17 -38.13 50.06
CA SER M 150 -21.53 -37.15 49.04
C SER M 150 -21.67 -35.75 49.63
N ALA M 151 -22.04 -35.64 50.90
CA ALA M 151 -22.24 -34.35 51.54
C ALA M 151 -21.01 -33.86 52.29
N ASN M 152 -19.82 -34.33 51.93
CA ASN M 152 -18.57 -33.91 52.54
C ASN M 152 -18.55 -34.19 54.04
N ALA M 153 -18.69 -35.47 54.38
CA ALA M 153 -18.58 -35.97 55.75
C ALA M 153 -19.57 -35.35 56.72
N ASP M 154 -20.75 -34.96 56.23
CA ASP M 154 -21.80 -34.43 57.10
C ASP M 154 -22.75 -35.58 57.43
N SER M 155 -22.56 -36.19 58.61
CA SER M 155 -23.35 -37.36 58.99
C SER M 155 -24.83 -37.05 59.14
N SER M 156 -25.18 -35.83 59.56
CA SER M 156 -26.59 -35.49 59.71
C SER M 156 -27.32 -35.54 58.38
N ILE M 157 -26.69 -35.04 57.32
CA ILE M 157 -27.31 -35.08 56.00
C ILE M 157 -27.54 -36.53 55.56
N GLY M 158 -26.55 -37.38 55.75
CA GLY M 158 -26.71 -38.78 55.37
C GLY M 158 -27.80 -39.48 56.17
N GLU M 159 -27.85 -39.20 57.47
CA GLU M 159 -28.89 -39.79 58.31
C GLU M 159 -30.28 -39.34 57.87
N ILE M 160 -30.43 -38.05 57.56
CA ILE M 160 -31.72 -37.54 57.10
C ILE M 160 -32.10 -38.17 55.76
N ILE M 161 -31.12 -38.30 54.85
CA ILE M 161 -31.40 -38.91 53.55
C ILE M 161 -31.84 -40.36 53.73
N ALA M 162 -31.16 -41.09 54.61
CA ALA M 162 -31.53 -42.48 54.86
C ALA M 162 -32.92 -42.59 55.45
N GLN M 163 -33.24 -41.73 56.43
CA GLN M 163 -34.56 -41.75 57.05
C GLN M 163 -35.65 -41.35 56.08
N ALA M 164 -35.35 -40.49 55.10
CA ALA M 164 -36.34 -40.15 54.10
C ALA M 164 -36.53 -41.28 53.09
N MET M 165 -35.43 -41.94 52.72
CA MET M 165 -35.51 -42.97 51.68
C MET M 165 -36.11 -44.28 52.19
N ASP M 166 -35.82 -44.65 53.43
CA ASP M 166 -36.19 -45.98 53.92
C ASP M 166 -37.67 -46.10 54.28
N LYS M 167 -38.38 -44.98 54.46
CA LYS M 167 -39.80 -45.02 54.80
C LYS M 167 -40.70 -44.53 53.68
N VAL M 168 -40.18 -43.78 52.71
CA VAL M 168 -40.96 -43.37 51.55
C VAL M 168 -40.66 -44.25 50.34
N GLY M 169 -39.56 -44.98 50.36
CA GLY M 169 -39.20 -45.84 49.23
C GLY M 169 -38.01 -45.32 48.47
N LYS M 170 -37.16 -46.27 48.05
CA LYS M 170 -35.99 -45.90 47.25
C LYS M 170 -36.40 -45.28 45.92
N GLU M 171 -37.60 -45.57 45.45
CA GLU M 171 -38.17 -44.92 44.27
C GLU M 171 -39.08 -43.75 44.60
N GLY M 172 -39.18 -43.39 45.88
CA GLY M 172 -40.09 -42.34 46.30
C GLY M 172 -39.58 -40.95 45.98
N VAL M 173 -40.44 -39.96 46.22
CA VAL M 173 -40.13 -38.57 45.93
C VAL M 173 -39.64 -37.90 47.21
N ILE M 174 -38.49 -37.23 47.11
CA ILE M 174 -37.91 -36.50 48.24
C ILE M 174 -37.55 -35.10 47.78
N THR M 175 -37.96 -34.10 48.55
CA THR M 175 -37.68 -32.71 48.25
C THR M 175 -37.06 -32.05 49.48
N VAL M 176 -36.45 -30.89 49.26
CA VAL M 176 -35.74 -30.16 50.31
C VAL M 176 -36.40 -28.81 50.49
N GLU M 177 -36.71 -28.48 51.75
CA GLU M 177 -37.30 -27.19 52.10
C GLU M 177 -36.54 -26.64 53.31
N ASP M 178 -36.50 -25.31 53.40
CA ASP M 178 -35.79 -24.68 54.51
C ASP M 178 -36.46 -25.00 55.84
N GLY M 179 -35.65 -25.33 56.83
CA GLY M 179 -36.17 -25.74 58.12
C GLY M 179 -36.46 -24.58 59.06
N LYS M 180 -36.90 -24.93 60.26
CA LYS M 180 -37.26 -23.96 61.29
C LYS M 180 -36.35 -24.03 62.51
N SER M 181 -35.24 -24.76 62.42
CA SER M 181 -34.35 -24.94 63.56
C SER M 181 -32.95 -25.25 63.07
N LEU M 182 -32.06 -25.54 64.03
CA LEU M 182 -30.70 -25.91 63.68
C LEU M 182 -30.61 -27.36 63.18
N GLU M 183 -31.47 -28.23 63.70
CA GLU M 183 -31.43 -29.65 63.36
C GLU M 183 -32.34 -29.92 62.17
N ASN M 184 -31.86 -30.74 61.24
CA ASN M 184 -32.65 -31.11 60.07
C ASN M 184 -33.84 -31.97 60.48
N GLU M 185 -34.94 -31.80 59.76
CA GLU M 185 -36.17 -32.53 60.03
C GLU M 185 -36.76 -33.03 58.72
N LEU M 186 -37.59 -34.05 58.82
CA LEU M 186 -38.22 -34.64 57.64
C LEU M 186 -39.67 -34.96 57.97
N GLU M 187 -40.50 -34.98 56.92
CA GLU M 187 -41.91 -35.26 57.08
C GLU M 187 -42.46 -35.78 55.75
N VAL M 188 -43.62 -36.43 55.83
CA VAL M 188 -44.31 -36.96 54.67
C VAL M 188 -45.62 -36.19 54.52
N VAL M 189 -45.82 -35.61 53.34
CA VAL M 189 -47.04 -34.86 53.03
C VAL M 189 -47.67 -35.44 51.78
N GLU M 190 -48.96 -35.16 51.61
CA GLU M 190 -49.67 -35.65 50.43
C GLU M 190 -49.18 -34.92 49.19
N GLY M 191 -48.75 -35.68 48.20
CA GLY M 191 -48.22 -35.09 46.98
C GLY M 191 -47.80 -36.18 46.01
N MET M 192 -47.39 -35.73 44.82
CA MET M 192 -47.01 -36.64 43.75
C MET M 192 -46.09 -35.90 42.79
N GLN M 193 -45.34 -36.68 42.02
CA GLN M 193 -44.45 -36.15 41.00
C GLN M 193 -44.73 -36.85 39.68
N PHE M 194 -44.81 -36.08 38.60
CA PHE M 194 -45.08 -36.60 37.28
C PHE M 194 -44.07 -36.04 36.29
N ASP M 195 -43.79 -36.80 35.24
CA ASP M 195 -42.73 -36.46 34.30
C ASP M 195 -43.17 -35.42 33.28
N ARG M 196 -43.50 -34.22 33.75
CA ARG M 196 -43.86 -33.11 32.89
C ARG M 196 -43.13 -31.87 33.36
N GLY M 197 -42.47 -31.17 32.44
CA GLY M 197 -41.71 -29.98 32.76
C GLY M 197 -42.40 -28.71 32.28
N TYR M 198 -41.77 -27.58 32.62
CA TYR M 198 -42.28 -26.29 32.17
C TYR M 198 -42.12 -26.16 30.66
N LEU M 199 -43.10 -25.53 30.02
CA LEU M 199 -43.15 -25.46 28.56
C LEU M 199 -42.33 -24.32 27.99
N SER M 200 -41.71 -23.49 28.82
CA SER M 200 -40.82 -22.44 28.34
C SER M 200 -39.84 -22.10 29.45
N PRO M 201 -38.56 -21.91 29.11
CA PRO M 201 -37.57 -21.59 30.15
C PRO M 201 -37.82 -20.28 30.87
N TYR M 202 -38.66 -19.40 30.30
CA TYR M 202 -38.99 -18.16 30.97
C TYR M 202 -39.82 -18.38 32.24
N PHE M 203 -40.43 -19.55 32.39
CA PHE M 203 -41.20 -19.85 33.58
C PHE M 203 -40.35 -20.01 34.83
N ILE M 204 -39.05 -20.29 34.67
CA ILE M 204 -38.20 -20.52 35.84
C ILE M 204 -38.04 -19.24 36.63
N ASN M 205 -37.83 -19.39 37.94
CA ASN M 205 -37.59 -18.27 38.82
C ASN M 205 -36.41 -18.50 39.77
N ASN M 206 -35.74 -19.64 39.69
CA ASN M 206 -34.58 -19.96 40.52
C ASN M 206 -33.45 -20.39 39.60
N PRO M 207 -32.71 -19.43 39.03
CA PRO M 207 -31.61 -19.80 38.13
C PRO M 207 -30.54 -20.66 38.79
N ASP M 208 -30.38 -20.55 40.10
CA ASP M 208 -29.42 -21.41 40.81
C ASP M 208 -29.81 -22.88 40.70
N LYS M 209 -31.10 -23.19 40.85
CA LYS M 209 -31.58 -24.56 40.75
C LYS M 209 -32.13 -24.91 39.37
N GLN M 210 -32.29 -23.93 38.48
CA GLN M 210 -32.81 -24.16 37.14
C GLN M 210 -34.19 -24.81 37.19
N VAL M 211 -35.00 -24.40 38.17
CA VAL M 211 -36.35 -24.89 38.35
C VAL M 211 -37.28 -23.72 38.62
N ALA M 212 -38.58 -23.98 38.47
CA ALA M 212 -39.61 -23.00 38.79
C ALA M 212 -40.30 -23.41 40.08
N VAL M 213 -40.30 -22.50 41.06
CA VAL M 213 -40.87 -22.76 42.37
C VAL M 213 -41.97 -21.74 42.63
N LEU M 214 -43.14 -22.22 43.04
CA LEU M 214 -44.27 -21.37 43.39
C LEU M 214 -44.75 -21.73 44.78
N ASP M 215 -45.08 -20.70 45.57
CA ASP M 215 -45.44 -20.88 46.97
C ASP M 215 -46.95 -20.71 47.14
N ASN M 216 -47.60 -21.73 47.71
CA ASN M 216 -49.03 -21.77 47.97
C ASN M 216 -49.84 -21.33 46.75
N PRO M 217 -49.72 -22.03 45.62
CA PRO M 217 -50.37 -21.56 44.39
C PRO M 217 -51.76 -22.16 44.22
N TYR M 218 -52.44 -21.67 43.19
CA TYR M 218 -53.66 -22.30 42.72
C TYR M 218 -53.33 -23.30 41.61
N ILE M 219 -54.08 -24.39 41.57
CA ILE M 219 -53.89 -25.46 40.60
C ILE M 219 -55.06 -25.43 39.63
N LEU M 220 -54.75 -25.25 38.34
CA LEU M 220 -55.76 -25.23 37.29
C LEU M 220 -55.68 -26.55 36.52
N LEU M 221 -56.82 -27.23 36.38
CA LEU M 221 -56.89 -28.52 35.70
C LEU M 221 -57.79 -28.39 34.48
N HIS M 222 -57.25 -28.75 33.31
CA HIS M 222 -58.00 -28.75 32.07
C HIS M 222 -57.56 -29.94 31.24
N ASP M 223 -58.52 -30.57 30.56
CA ASP M 223 -58.25 -31.75 29.75
C ASP M 223 -58.17 -31.46 28.26
N LYS M 224 -58.33 -30.21 27.85
CA LYS M 224 -58.31 -29.83 26.45
C LYS M 224 -57.18 -28.84 26.17
N LYS M 225 -56.97 -28.57 24.89
CA LYS M 225 -55.96 -27.60 24.48
C LYS M 225 -56.40 -26.19 24.84
N ILE M 226 -55.40 -25.33 25.06
CA ILE M 226 -55.63 -23.90 25.31
C ILE M 226 -54.73 -23.10 24.40
N SER M 227 -55.34 -22.27 23.55
CA SER M 227 -54.58 -21.38 22.69
C SER M 227 -55.07 -19.95 22.83
N ASN M 228 -56.38 -19.78 23.02
CA ASN M 228 -56.96 -18.45 23.13
C ASN M 228 -56.76 -17.91 24.54
N ILE M 229 -56.24 -16.68 24.64
CA ILE M 229 -56.04 -16.06 25.94
C ILE M 229 -57.38 -15.77 26.61
N ARG M 230 -58.44 -15.56 25.81
CA ARG M 230 -59.75 -15.26 26.37
C ARG M 230 -60.31 -16.44 27.16
N ASP M 231 -59.89 -17.66 26.81
CA ASP M 231 -60.45 -18.85 27.44
C ASP M 231 -60.16 -18.92 28.95
N LEU M 232 -59.13 -18.23 29.42
CA LEU M 232 -58.77 -18.25 30.82
C LEU M 232 -58.60 -16.89 31.47
N LEU M 233 -58.87 -15.79 30.76
CA LEU M 233 -58.77 -14.46 31.34
C LEU M 233 -59.63 -14.26 32.58
N PRO M 234 -60.92 -14.64 32.60
CA PRO M 234 -61.70 -14.45 33.83
C PRO M 234 -61.17 -15.24 35.02
N VAL M 235 -60.46 -16.34 34.78
CA VAL M 235 -59.91 -17.12 35.89
C VAL M 235 -58.60 -16.51 36.39
N LEU M 236 -57.73 -16.10 35.44
CA LEU M 236 -56.48 -15.48 35.84
C LEU M 236 -56.72 -14.14 36.54
N GLU M 237 -57.77 -13.42 36.15
CA GLU M 237 -58.10 -12.18 36.86
C GLU M 237 -58.49 -12.45 38.31
N GLN M 238 -59.32 -13.47 38.53
CA GLN M 238 -59.67 -13.85 39.90
C GLN M 238 -58.43 -14.26 40.68
N VAL M 239 -57.53 -15.02 40.05
CA VAL M 239 -56.30 -15.42 40.72
C VAL M 239 -55.45 -14.20 41.08
N ALA M 240 -55.34 -13.26 40.15
CA ALA M 240 -54.54 -12.06 40.41
C ALA M 240 -55.11 -11.23 41.54
N LYS M 241 -56.44 -11.06 41.58
CA LYS M 241 -57.05 -10.36 42.71
C LYS M 241 -56.86 -11.15 44.00
N ALA M 242 -56.82 -12.48 43.92
CA ALA M 242 -56.47 -13.28 45.09
C ALA M 242 -55.02 -13.11 45.50
N GLY M 243 -54.11 -12.93 44.54
CA GLY M 243 -52.72 -12.65 44.82
C GLY M 243 -51.82 -13.86 44.92
N ARG M 244 -52.38 -15.07 44.95
CA ARG M 244 -51.56 -16.27 45.05
C ARG M 244 -51.12 -16.74 43.67
N PRO M 245 -49.99 -17.44 43.58
CA PRO M 245 -49.49 -17.89 42.28
C PRO M 245 -50.44 -18.89 41.62
N LEU M 246 -50.19 -19.13 40.33
CA LEU M 246 -51.02 -19.98 39.51
C LEU M 246 -50.18 -21.08 38.87
N LEU M 247 -50.65 -22.32 38.98
CA LEU M 247 -50.10 -23.43 38.21
C LEU M 247 -51.22 -24.00 37.34
N ILE M 248 -50.98 -24.07 36.04
CA ILE M 248 -51.99 -24.49 35.07
C ILE M 248 -51.60 -25.85 34.51
N ILE M 249 -52.47 -26.83 34.68
CA ILE M 249 -52.29 -28.17 34.12
C ILE M 249 -53.32 -28.34 33.02
N ALA M 250 -52.84 -28.52 31.79
CA ALA M 250 -53.72 -28.66 30.64
C ALA M 250 -53.09 -29.65 29.66
N GLU M 251 -53.87 -30.04 28.66
CA GLU M 251 -53.33 -30.90 27.61
C GLU M 251 -52.17 -30.22 26.89
N ASP M 252 -52.33 -28.94 26.57
CA ASP M 252 -51.26 -28.13 26.02
C ASP M 252 -51.71 -26.68 26.01
N VAL M 253 -50.72 -25.78 26.14
CA VAL M 253 -50.95 -24.35 25.99
C VAL M 253 -49.96 -23.82 24.96
N GLU M 254 -50.45 -22.97 24.06
CA GLU M 254 -49.65 -22.50 22.94
C GLU M 254 -50.23 -21.21 22.41
N GLY M 255 -49.43 -20.52 21.60
CA GLY M 255 -49.92 -19.33 20.92
C GLY M 255 -50.00 -18.13 21.84
N GLU M 256 -51.07 -17.35 21.66
CA GLU M 256 -51.20 -16.09 22.39
C GLU M 256 -51.34 -16.32 23.89
N ALA M 257 -51.97 -17.41 24.31
CA ALA M 257 -52.10 -17.69 25.73
C ALA M 257 -50.73 -17.91 26.37
N LEU M 258 -49.89 -18.74 25.74
CA LEU M 258 -48.54 -18.99 26.25
C LEU M 258 -47.71 -17.72 26.22
N ALA M 259 -47.83 -16.93 25.14
CA ALA M 259 -47.08 -15.68 25.05
C ALA M 259 -47.48 -14.72 26.15
N THR M 260 -48.80 -14.60 26.41
CA THR M 260 -49.28 -13.71 27.46
C THR M 260 -48.81 -14.18 28.83
N LEU M 261 -48.83 -15.50 29.08
CA LEU M 261 -48.34 -16.00 30.36
C LEU M 261 -46.85 -15.71 30.53
N VAL M 262 -46.07 -15.87 29.46
CA VAL M 262 -44.64 -15.59 29.53
C VAL M 262 -44.41 -14.11 29.81
N VAL M 263 -45.17 -13.24 29.13
CA VAL M 263 -45.02 -11.80 29.33
C VAL M 263 -45.41 -11.42 30.75
N ASN M 264 -46.47 -12.03 31.29
CA ASN M 264 -46.89 -11.74 32.65
C ASN M 264 -45.84 -12.19 33.65
N ASN M 265 -45.25 -13.36 33.44
CA ASN M 265 -44.20 -13.84 34.35
C ASN M 265 -42.98 -12.93 34.29
N LEU M 266 -42.57 -12.51 33.09
CA LEU M 266 -41.43 -11.62 32.97
C LEU M 266 -41.70 -10.25 33.60
N ARG M 267 -42.91 -9.71 33.41
CA ARG M 267 -43.25 -8.40 33.93
C ARG M 267 -43.60 -8.43 35.41
N GLY M 268 -43.75 -9.62 35.99
CA GLY M 268 -44.19 -9.71 37.37
C GLY M 268 -45.66 -9.45 37.58
N ILE M 269 -46.46 -9.45 36.51
CA ILE M 269 -47.89 -9.21 36.63
C ILE M 269 -48.55 -10.30 37.45
N LEU M 270 -48.22 -11.56 37.16
CA LEU M 270 -48.78 -12.70 37.87
C LEU M 270 -47.80 -13.86 37.82
N LYS M 271 -47.67 -14.56 38.94
CA LYS M 271 -46.78 -15.71 39.03
C LYS M 271 -47.50 -16.93 38.46
N THR M 272 -47.13 -17.33 37.25
CA THR M 272 -47.82 -18.40 36.55
C THR M 272 -46.82 -19.44 36.05
N CYS M 273 -47.31 -20.67 35.92
CA CYS M 273 -46.53 -21.76 35.35
C CYS M 273 -47.49 -22.75 34.70
N ALA M 274 -47.14 -23.20 33.51
CA ALA M 274 -48.00 -24.10 32.75
C ALA M 274 -47.21 -25.32 32.32
N VAL M 275 -47.77 -26.50 32.58
CA VAL M 275 -47.16 -27.77 32.21
C VAL M 275 -48.21 -28.64 31.55
N LYS M 276 -47.75 -29.56 30.70
CA LYS M 276 -48.65 -30.52 30.07
C LYS M 276 -49.16 -31.50 31.11
N ALA M 277 -50.42 -31.91 30.96
CA ALA M 277 -50.97 -32.92 31.85
C ALA M 277 -50.28 -34.27 31.62
N PRO M 278 -49.99 -35.01 32.69
CA PRO M 278 -49.26 -36.26 32.54
C PRO M 278 -50.12 -37.34 31.86
N GLY M 279 -49.44 -38.25 31.17
CA GLY M 279 -50.09 -39.36 30.52
C GLY M 279 -50.71 -38.98 29.19
N PHE M 280 -51.32 -39.98 28.55
CA PHE M 280 -52.00 -39.78 27.28
C PHE M 280 -53.09 -40.82 27.15
N GLY M 281 -54.01 -40.59 26.21
CA GLY M 281 -55.13 -41.49 26.04
C GLY M 281 -56.08 -41.40 27.22
N ASP M 282 -56.66 -42.56 27.58
CA ASP M 282 -57.54 -42.61 28.74
C ASP M 282 -56.80 -42.37 30.05
N ARG M 283 -55.48 -42.56 30.07
CA ARG M 283 -54.71 -42.29 31.28
C ARG M 283 -54.70 -40.80 31.62
N ARG M 284 -54.95 -39.96 30.61
CA ARG M 284 -54.94 -38.51 30.83
C ARG M 284 -56.01 -38.10 31.83
N LYS M 285 -57.23 -38.59 31.64
CA LYS M 285 -58.32 -38.24 32.55
C LYS M 285 -58.07 -38.78 33.95
N ALA M 286 -57.52 -39.99 34.07
CA ALA M 286 -57.21 -40.54 35.38
C ALA M 286 -56.15 -39.69 36.09
N MET M 287 -55.11 -39.30 35.36
CA MET M 287 -54.07 -38.44 35.94
C MET M 287 -54.65 -37.13 36.42
N LEU M 288 -55.49 -36.49 35.58
CA LEU M 288 -56.06 -35.21 35.96
C LEU M 288 -56.99 -35.35 37.17
N GLN M 289 -57.79 -36.41 37.21
CA GLN M 289 -58.69 -36.62 38.34
C GLN M 289 -57.92 -36.86 39.63
N ASP M 290 -56.86 -37.67 39.56
CA ASP M 290 -56.04 -37.92 40.75
C ASP M 290 -55.38 -36.63 41.23
N ILE M 291 -54.85 -35.83 40.30
CA ILE M 291 -54.21 -34.58 40.69
C ILE M 291 -55.23 -33.64 41.32
N ALA M 292 -56.43 -33.56 40.75
CA ALA M 292 -57.46 -32.68 41.28
C ALA M 292 -57.87 -33.11 42.69
N ILE M 293 -58.09 -34.41 42.90
CA ILE M 293 -58.50 -34.87 44.22
C ILE M 293 -57.36 -34.71 45.22
N LEU M 294 -56.11 -34.77 44.75
CA LEU M 294 -54.97 -34.56 45.65
C LEU M 294 -54.85 -33.10 46.04
N THR M 295 -55.12 -32.18 45.11
CA THR M 295 -55.04 -30.76 45.37
C THR M 295 -56.38 -30.16 45.81
N GLY M 296 -57.42 -30.99 45.90
CA GLY M 296 -58.72 -30.51 46.31
C GLY M 296 -59.50 -29.78 45.24
N GLY M 297 -59.01 -29.76 44.00
CA GLY M 297 -59.68 -29.09 42.92
C GLY M 297 -60.58 -30.02 42.11
N THR M 298 -61.13 -29.47 41.03
CA THR M 298 -61.99 -30.20 40.12
C THR M 298 -61.50 -29.99 38.70
N VAL M 299 -61.55 -31.04 37.88
CA VAL M 299 -61.09 -30.96 36.50
C VAL M 299 -62.11 -30.21 35.67
N ILE M 300 -61.66 -29.20 34.93
CA ILE M 300 -62.55 -28.46 34.04
C ILE M 300 -62.65 -29.22 32.73
N SER M 301 -63.83 -29.74 32.42
CA SER M 301 -64.02 -30.54 31.22
C SER M 301 -65.48 -30.45 30.79
N GLU M 302 -65.70 -30.59 29.48
CA GLU M 302 -67.05 -30.60 28.95
C GLU M 302 -67.81 -31.85 29.36
N GLU M 303 -67.12 -33.00 29.40
CA GLU M 303 -67.76 -34.25 29.81
C GLU M 303 -68.26 -34.22 31.25
N VAL M 304 -67.69 -33.36 32.10
CA VAL M 304 -68.15 -33.19 33.47
C VAL M 304 -69.00 -31.94 33.63
N GLY M 305 -69.21 -31.19 32.54
CA GLY M 305 -70.13 -30.07 32.56
C GLY M 305 -69.58 -28.76 33.09
N LEU M 306 -68.28 -28.54 32.96
CA LEU M 306 -67.66 -27.29 33.37
C LEU M 306 -66.89 -26.67 32.21
N SER M 307 -66.83 -25.34 32.20
CA SER M 307 -66.12 -24.59 31.19
C SER M 307 -65.15 -23.64 31.86
N LEU M 308 -63.98 -23.45 31.22
CA LEU M 308 -62.96 -22.57 31.79
C LEU M 308 -63.39 -21.11 31.80
N GLU M 309 -64.34 -20.71 30.95
CA GLU M 309 -64.77 -19.32 30.93
C GLU M 309 -65.50 -18.94 32.22
N LYS M 310 -66.16 -19.90 32.86
CA LYS M 310 -66.89 -19.64 34.09
C LYS M 310 -66.24 -20.21 35.33
N ALA M 311 -65.03 -20.76 35.23
CA ALA M 311 -64.38 -21.38 36.37
C ALA M 311 -64.05 -20.34 37.44
N THR M 312 -64.19 -20.75 38.69
CA THR M 312 -63.93 -19.88 39.83
C THR M 312 -62.79 -20.46 40.65
N LEU M 313 -62.37 -19.70 41.67
CA LEU M 313 -61.27 -20.14 42.53
C LEU M 313 -61.62 -21.39 43.32
N GLU M 314 -62.91 -21.63 43.59
CA GLU M 314 -63.31 -22.83 44.31
C GLU M 314 -63.02 -24.10 43.53
N ASP M 315 -63.18 -24.08 42.21
CA ASP M 315 -62.87 -25.25 41.39
C ASP M 315 -61.38 -25.54 41.35
N LEU M 316 -60.54 -24.51 41.49
CA LEU M 316 -59.10 -24.70 41.38
C LEU M 316 -58.55 -25.41 42.61
N GLY M 317 -57.57 -26.28 42.40
CA GLY M 317 -56.85 -26.90 43.49
C GLY M 317 -55.77 -26.00 44.04
N GLN M 318 -55.19 -26.43 45.17
CA GLN M 318 -54.15 -25.65 45.81
C GLN M 318 -53.26 -26.58 46.63
N ALA M 319 -52.04 -26.13 46.87
CA ALA M 319 -51.05 -26.89 47.63
C ALA M 319 -50.03 -25.93 48.22
N LYS M 320 -49.25 -26.44 49.18
CA LYS M 320 -48.26 -25.60 49.84
C LYS M 320 -47.18 -25.13 48.89
N ARG M 321 -46.68 -26.02 48.04
CA ARG M 321 -45.59 -25.67 47.13
C ARG M 321 -45.61 -26.62 45.95
N VAL M 322 -45.28 -26.09 44.77
CA VAL M 322 -45.06 -26.89 43.57
C VAL M 322 -43.71 -26.52 42.98
N GLU M 323 -42.94 -27.55 42.61
CA GLU M 323 -41.64 -27.36 41.98
C GLU M 323 -41.71 -27.90 40.56
N VAL M 324 -41.35 -27.07 39.60
CA VAL M 324 -41.41 -27.42 38.19
C VAL M 324 -39.97 -27.45 37.65
N ALA M 325 -39.52 -28.63 37.27
CA ALA M 325 -38.19 -28.81 36.70
C ALA M 325 -38.30 -29.00 35.18
N LYS M 326 -37.15 -29.22 34.55
CA LYS M 326 -37.13 -29.42 33.10
C LYS M 326 -37.89 -30.68 32.69
N GLU M 327 -37.72 -31.77 33.45
CA GLU M 327 -38.30 -33.05 33.07
C GLU M 327 -39.49 -33.47 33.92
N HIS M 328 -39.63 -32.94 35.14
CA HIS M 328 -40.70 -33.40 36.02
C HIS M 328 -41.20 -32.25 36.87
N THR M 329 -42.44 -32.40 37.35
CA THR M 329 -43.08 -31.44 38.23
C THR M 329 -43.65 -32.17 39.43
N THR M 330 -43.45 -31.62 40.62
CA THR M 330 -43.91 -32.24 41.86
C THR M 330 -44.83 -31.27 42.61
N ILE M 331 -45.75 -31.84 43.36
CA ILE M 331 -46.73 -31.08 44.15
C ILE M 331 -46.53 -31.45 45.61
N ILE M 332 -46.44 -30.44 46.47
CA ILE M 332 -46.15 -30.63 47.89
C ILE M 332 -47.35 -30.19 48.70
N ASP M 333 -47.85 -31.09 49.55
CA ASP M 333 -48.91 -30.78 50.51
C ASP M 333 -50.17 -30.28 49.82
N GLY M 334 -50.77 -31.18 49.03
CA GLY M 334 -52.02 -30.86 48.38
C GLY M 334 -53.15 -30.70 49.37
N ALA M 335 -54.15 -29.91 48.96
CA ALA M 335 -55.26 -29.57 49.84
C ALA M 335 -56.25 -30.72 50.03
N GLY M 336 -56.14 -31.79 49.25
CA GLY M 336 -57.06 -32.90 49.37
C GLY M 336 -57.06 -33.55 50.74
N ASP M 337 -58.24 -33.85 51.27
CA ASP M 337 -58.32 -34.49 52.57
C ASP M 337 -57.77 -35.92 52.50
N PRO M 338 -57.09 -36.39 53.55
CA PRO M 338 -56.53 -37.75 53.52
C PRO M 338 -57.58 -38.84 53.37
N ALA M 339 -58.81 -38.61 53.83
CA ALA M 339 -59.84 -39.64 53.73
C ALA M 339 -60.18 -39.94 52.28
N LYS M 340 -60.45 -38.90 51.48
CA LYS M 340 -60.77 -39.11 50.07
C LYS M 340 -59.57 -39.66 49.32
N ILE M 341 -58.36 -39.23 49.68
CA ILE M 341 -57.16 -39.75 49.03
C ILE M 341 -57.02 -41.24 49.30
N GLN M 342 -57.23 -41.67 50.55
CA GLN M 342 -57.16 -43.09 50.86
C GLN M 342 -58.27 -43.87 50.18
N ALA M 343 -59.47 -43.28 50.08
CA ALA M 343 -60.56 -43.95 49.38
C ALA M 343 -60.22 -44.14 47.90
N ARG M 344 -59.65 -43.13 47.27
CA ARG M 344 -59.24 -43.27 45.87
C ARG M 344 -58.10 -44.27 45.73
N VAL M 345 -57.21 -44.32 46.72
CA VAL M 345 -56.14 -45.32 46.70
C VAL M 345 -56.73 -46.72 46.71
N LYS M 346 -57.72 -46.95 47.57
CA LYS M 346 -58.39 -48.26 47.60
C LYS M 346 -59.12 -48.52 46.29
N GLU M 347 -59.75 -47.49 45.71
CA GLU M 347 -60.43 -47.64 44.43
C GLU M 347 -59.46 -48.08 43.34
N ILE M 348 -58.29 -47.45 43.28
CA ILE M 348 -57.31 -47.80 42.26
C ILE M 348 -56.74 -49.19 42.54
N ARG M 349 -56.54 -49.53 43.81
CA ARG M 349 -56.02 -50.84 44.15
C ARG M 349 -57.00 -51.96 43.79
N VAL M 350 -58.30 -51.72 43.91
CA VAL M 350 -59.27 -52.74 43.49
C VAL M 350 -59.49 -52.71 41.98
N GLN M 351 -59.27 -51.56 41.33
CA GLN M 351 -59.26 -51.53 39.87
C GLN M 351 -58.04 -52.24 39.30
N ILE M 352 -56.99 -52.41 40.10
CA ILE M 352 -55.81 -53.14 39.65
C ILE M 352 -56.20 -54.54 39.21
N GLU M 353 -57.07 -55.21 39.96
CA GLU M 353 -57.55 -56.52 39.58
C GLU M 353 -58.44 -56.49 38.34
N GLU M 354 -58.93 -55.32 37.95
CA GLU M 354 -59.73 -55.17 36.75
C GLU M 354 -58.90 -54.95 35.49
N ALA M 355 -57.57 -54.92 35.62
CA ALA M 355 -56.71 -54.66 34.48
C ALA M 355 -56.84 -55.75 33.42
N THR M 356 -56.97 -55.34 32.16
CA THR M 356 -57.07 -56.26 31.04
C THR M 356 -55.73 -56.73 30.53
N SER M 357 -54.63 -56.13 30.99
CA SER M 357 -53.30 -56.50 30.52
C SER M 357 -52.30 -56.16 31.61
N ASP M 358 -51.11 -56.76 31.49
CA ASP M 358 -50.02 -56.45 32.43
C ASP M 358 -49.61 -55.00 32.33
N TYR M 359 -49.67 -54.41 31.13
CA TYR M 359 -49.37 -52.98 30.99
C TYR M 359 -50.39 -52.14 31.74
N ASP M 360 -51.66 -52.52 31.68
CA ASP M 360 -52.69 -51.81 32.43
C ASP M 360 -52.43 -51.94 33.93
N ARG M 361 -52.08 -53.15 34.38
CA ARG M 361 -51.85 -53.39 35.80
C ARG M 361 -50.66 -52.60 36.31
N GLU M 362 -49.59 -52.52 35.51
CA GLU M 362 -48.42 -51.78 35.96
C GLU M 362 -48.67 -50.28 35.98
N LYS M 363 -49.47 -49.75 35.05
CA LYS M 363 -49.86 -48.34 35.13
C LYS M 363 -50.74 -48.07 36.35
N LEU M 364 -51.66 -48.99 36.66
CA LEU M 364 -52.48 -48.82 37.86
C LEU M 364 -51.61 -48.87 39.11
N GLN M 365 -50.62 -49.75 39.14
CA GLN M 365 -49.68 -49.81 40.26
C GLN M 365 -48.87 -48.52 40.38
N GLU M 366 -48.46 -47.96 39.23
CA GLU M 366 -47.78 -46.67 39.26
C GLU M 366 -48.67 -45.58 39.83
N ARG M 367 -49.96 -45.61 39.45
CA ARG M 367 -50.91 -44.67 40.03
C ARG M 367 -50.98 -44.82 41.56
N VAL M 368 -51.09 -46.07 42.02
CA VAL M 368 -51.15 -46.34 43.46
C VAL M 368 -49.91 -45.80 44.16
N ALA M 369 -48.73 -46.08 43.60
CA ALA M 369 -47.50 -45.64 44.21
C ALA M 369 -47.43 -44.11 44.26
N LYS M 370 -47.66 -43.46 43.11
CA LYS M 370 -47.52 -42.01 43.04
C LYS M 370 -48.55 -41.31 43.91
N LEU M 371 -49.69 -41.95 44.17
CA LEU M 371 -50.70 -41.29 45.01
C LEU M 371 -50.47 -41.55 46.49
N ALA M 372 -50.36 -42.82 46.88
CA ALA M 372 -50.26 -43.17 48.30
C ALA M 372 -48.89 -42.88 48.89
N GLY M 373 -47.84 -42.86 48.07
CA GLY M 373 -46.50 -42.67 48.60
C GLY M 373 -46.25 -41.28 49.16
N GLY M 374 -47.00 -40.29 48.71
CA GLY M 374 -46.78 -38.95 49.20
C GLY M 374 -45.46 -38.38 48.73
N VAL M 375 -45.02 -37.34 49.42
CA VAL M 375 -43.75 -36.67 49.14
C VAL M 375 -43.00 -36.49 50.44
N ALA M 376 -41.73 -36.92 50.47
CA ALA M 376 -40.87 -36.67 51.61
C ALA M 376 -40.26 -35.28 51.49
N VAL M 377 -40.41 -34.48 52.55
CA VAL M 377 -39.90 -33.11 52.58
C VAL M 377 -38.82 -33.05 53.65
N ILE M 378 -37.61 -32.67 53.26
CA ILE M 378 -36.49 -32.56 54.18
C ILE M 378 -36.39 -31.10 54.62
N LYS M 379 -36.56 -30.85 55.92
CA LYS M 379 -36.45 -29.51 56.47
C LYS M 379 -35.00 -29.28 56.85
N VAL M 380 -34.22 -28.76 55.90
CA VAL M 380 -32.80 -28.53 56.14
C VAL M 380 -32.65 -27.42 57.18
N GLY M 381 -31.96 -27.74 58.28
CA GLY M 381 -31.81 -26.83 59.39
C GLY M 381 -30.37 -26.39 59.60
N ALA M 382 -30.20 -25.11 59.92
CA ALA M 382 -28.90 -24.54 60.17
C ALA M 382 -29.07 -23.20 60.89
N ALA M 383 -27.93 -22.56 61.18
CA ALA M 383 -27.95 -21.36 62.01
C ALA M 383 -28.40 -20.12 61.26
N THR M 384 -27.91 -19.90 60.04
CA THR M 384 -28.13 -18.63 59.35
C THR M 384 -28.65 -18.88 57.93
N GLU M 385 -29.15 -17.81 57.32
CA GLU M 385 -29.60 -17.88 55.93
C GLU M 385 -28.45 -18.17 54.99
N VAL M 386 -27.28 -17.58 55.24
CA VAL M 386 -26.12 -17.88 54.41
C VAL M 386 -25.76 -19.35 54.52
N GLU M 387 -25.79 -19.90 55.74
CA GLU M 387 -25.56 -21.33 55.92
C GLU M 387 -26.72 -22.14 55.37
N MET M 388 -27.94 -21.59 55.43
CA MET M 388 -29.09 -22.22 54.80
C MET M 388 -28.85 -22.46 53.32
N LYS M 389 -28.36 -21.44 52.61
CA LYS M 389 -28.18 -21.54 51.17
C LYS M 389 -27.19 -22.63 50.81
N GLU M 390 -26.09 -22.73 51.54
CA GLU M 390 -25.08 -23.74 51.25
C GLU M 390 -25.57 -25.13 51.65
N LYS M 391 -26.21 -25.25 52.82
CA LYS M 391 -26.63 -26.56 53.29
C LYS M 391 -27.74 -27.14 52.43
N LYS M 392 -28.63 -26.30 51.92
CA LYS M 392 -29.68 -26.80 51.04
C LYS M 392 -29.09 -27.38 49.76
N ALA M 393 -28.11 -26.69 49.17
CA ALA M 393 -27.47 -27.20 47.97
C ALA M 393 -26.71 -28.49 48.26
N ARG M 394 -26.02 -28.55 49.40
CA ARG M 394 -25.30 -29.76 49.75
C ARG M 394 -26.25 -30.93 49.95
N VAL M 395 -27.39 -30.69 50.61
CA VAL M 395 -28.38 -31.74 50.82
C VAL M 395 -28.96 -32.19 49.49
N GLU M 396 -29.23 -31.25 48.59
CA GLU M 396 -29.77 -31.63 47.28
C GLU M 396 -28.77 -32.47 46.49
N ASP M 397 -27.50 -32.09 46.52
CA ASP M 397 -26.49 -32.87 45.82
C ASP M 397 -26.34 -34.26 46.43
N ALA M 398 -26.34 -34.34 47.76
CA ALA M 398 -26.27 -35.65 48.42
C ALA M 398 -27.49 -36.51 48.08
N LEU M 399 -28.67 -35.90 48.02
CA LEU M 399 -29.88 -36.64 47.66
C LEU M 399 -29.79 -37.17 46.24
N HIS M 400 -29.31 -36.35 45.31
CA HIS M 400 -29.15 -36.81 43.93
C HIS M 400 -28.14 -37.95 43.85
N ALA M 401 -27.02 -37.82 44.55
CA ALA M 401 -26.00 -38.87 44.54
C ALA M 401 -26.55 -40.16 45.12
N THR M 402 -27.29 -40.07 46.23
CA THR M 402 -27.86 -41.26 46.85
C THR M 402 -28.90 -41.91 45.94
N ARG M 403 -29.73 -41.10 45.29
CA ARG M 403 -30.71 -41.63 44.35
C ARG M 403 -30.00 -42.37 43.21
N ALA M 404 -28.93 -41.77 42.68
CA ALA M 404 -28.14 -42.47 41.66
C ALA M 404 -27.44 -43.69 42.24
N ALA M 405 -26.89 -43.58 43.46
CA ALA M 405 -26.15 -44.68 44.04
C ALA M 405 -27.04 -45.86 44.40
N VAL M 406 -28.23 -45.62 44.93
CA VAL M 406 -29.09 -46.72 45.36
C VAL M 406 -29.61 -47.51 44.17
N GLU M 407 -29.69 -46.89 42.99
CA GLU M 407 -30.20 -47.58 41.82
C GLU M 407 -29.19 -48.57 41.25
N GLU M 408 -27.91 -48.19 41.18
CA GLU M 408 -26.91 -49.00 40.50
C GLU M 408 -25.68 -49.28 41.34
N GLY M 409 -25.70 -48.94 42.63
CA GLY M 409 -24.55 -49.19 43.48
C GLY M 409 -23.49 -48.12 43.36
N ILE M 410 -22.46 -48.26 44.17
CA ILE M 410 -21.34 -47.33 44.19
C ILE M 410 -20.13 -48.01 43.58
N VAL M 411 -19.20 -47.19 43.09
CA VAL M 411 -17.98 -47.69 42.46
C VAL M 411 -16.82 -46.78 42.80
N PRO M 412 -15.61 -47.34 42.94
CA PRO M 412 -14.43 -46.50 43.25
C PRO M 412 -14.29 -45.30 42.33
N GLY M 413 -14.38 -44.10 42.90
CA GLY M 413 -14.36 -42.88 42.11
C GLY M 413 -12.97 -42.41 41.75
N GLY M 414 -12.88 -41.18 41.23
CA GLY M 414 -11.60 -40.64 40.82
C GLY M 414 -11.06 -41.24 39.54
N GLY M 415 -11.92 -41.84 38.73
CA GLY M 415 -11.50 -42.43 37.47
C GLY M 415 -10.95 -43.84 37.57
N VAL M 416 -10.77 -44.37 38.77
CA VAL M 416 -10.26 -45.73 38.92
C VAL M 416 -11.28 -46.75 38.43
N ALA M 417 -12.57 -46.42 38.53
CA ALA M 417 -13.62 -47.35 38.14
C ALA M 417 -13.51 -47.73 36.67
N LEU M 418 -13.28 -46.75 35.81
CA LEU M 418 -13.15 -47.04 34.38
C LEU M 418 -11.92 -47.89 34.10
N LEU M 419 -10.82 -47.65 34.81
CA LEU M 419 -9.64 -48.48 34.62
C LEU M 419 -9.89 -49.92 35.04
N ARG M 420 -10.55 -50.13 36.19
CA ARG M 420 -10.86 -51.48 36.62
C ARG M 420 -11.78 -52.17 35.64
N ALA M 421 -12.80 -51.46 35.16
CA ALA M 421 -13.72 -52.04 34.19
C ALA M 421 -12.99 -52.38 32.89
N ARG M 422 -12.10 -51.51 32.44
CA ARG M 422 -11.35 -51.77 31.22
C ARG M 422 -10.47 -53.00 31.37
N GLU M 423 -9.75 -53.10 32.49
CA GLU M 423 -8.90 -54.27 32.70
C GLU M 423 -9.71 -55.55 32.77
N ALA M 424 -10.85 -55.52 33.47
CA ALA M 424 -11.69 -56.70 33.56
C ALA M 424 -12.25 -57.10 32.20
N ALA M 425 -12.68 -56.12 31.40
CA ALA M 425 -13.20 -56.41 30.07
C ALA M 425 -12.13 -56.96 29.16
N VAL M 426 -10.91 -56.41 29.20
CA VAL M 426 -9.83 -56.92 28.38
C VAL M 426 -9.47 -58.35 28.79
N ALA M 427 -9.42 -58.60 30.10
CA ALA M 427 -9.17 -59.96 30.57
C ALA M 427 -10.27 -60.92 30.16
N LYS M 428 -11.52 -60.44 30.11
CA LYS M 428 -12.62 -61.28 29.64
C LYS M 428 -12.42 -61.69 28.19
N GLY M 429 -11.76 -60.85 27.40
CA GLY M 429 -11.59 -61.10 25.98
C GLY M 429 -12.47 -60.19 25.14
N LEU M 430 -11.87 -59.13 24.61
CA LEU M 430 -12.56 -58.16 23.78
C LEU M 430 -11.82 -58.03 22.45
N LYS M 431 -12.55 -58.21 21.36
CA LYS M 431 -11.94 -58.21 20.04
C LYS M 431 -12.92 -57.63 19.02
N GLY M 432 -12.36 -57.17 17.91
CA GLY M 432 -13.15 -56.63 16.81
C GLY M 432 -13.09 -57.54 15.60
N ASP M 433 -14.17 -57.52 14.82
CA ASP M 433 -14.23 -58.33 13.60
C ASP M 433 -13.36 -57.80 12.48
N ASN M 434 -12.88 -56.57 12.59
CA ASN M 434 -12.05 -55.93 11.58
C ASN M 434 -10.89 -55.24 12.27
N PRO M 435 -9.80 -54.99 11.55
CA PRO M 435 -8.74 -54.13 12.11
C PRO M 435 -9.26 -52.74 12.46
N ASP M 436 -10.22 -52.22 11.68
CA ASP M 436 -10.84 -50.95 12.03
C ASP M 436 -11.62 -51.06 13.33
N GLN M 437 -12.34 -52.16 13.53
CA GLN M 437 -13.00 -52.38 14.81
C GLN M 437 -11.99 -52.55 15.94
N GLU M 438 -10.83 -53.14 15.65
CA GLU M 438 -9.78 -53.24 16.65
C GLU M 438 -9.26 -51.86 17.05
N ALA M 439 -9.08 -50.97 16.07
CA ALA M 439 -8.68 -49.61 16.39
C ALA M 439 -9.77 -48.88 17.17
N GLY M 440 -11.04 -49.14 16.84
CA GLY M 440 -12.13 -48.59 17.62
C GLY M 440 -12.10 -49.04 19.07
N ILE M 441 -11.79 -50.32 19.28
CA ILE M 441 -11.63 -50.84 20.63
C ILE M 441 -10.48 -50.13 21.34
N LYS M 442 -9.35 -49.99 20.65
CA LYS M 442 -8.18 -49.34 21.24
C LYS M 442 -8.48 -47.89 21.60
N ILE M 443 -9.32 -47.22 20.81
CA ILE M 443 -9.67 -45.83 21.07
C ILE M 443 -10.32 -45.70 22.44
N VAL M 444 -11.33 -46.54 22.71
CA VAL M 444 -12.02 -46.49 23.99
C VAL M 444 -11.08 -46.94 25.11
N LEU M 445 -10.27 -47.98 24.86
CA LEU M 445 -9.38 -48.47 25.90
C LEU M 445 -8.39 -47.39 26.33
N ARG M 446 -7.93 -46.57 25.39
CA ARG M 446 -7.05 -45.46 25.74
C ARG M 446 -7.82 -44.30 26.34
N ALA M 447 -9.04 -44.05 25.90
CA ALA M 447 -9.77 -42.87 26.34
C ALA M 447 -10.33 -43.00 27.74
N VAL M 448 -10.67 -44.21 28.18
CA VAL M 448 -11.33 -44.39 29.47
C VAL M 448 -10.38 -44.07 30.62
N GLU M 449 -9.10 -43.90 30.34
CA GLU M 449 -8.15 -43.50 31.37
C GLU M 449 -7.95 -42.00 31.44
N GLN M 450 -8.57 -41.24 30.54
CA GLN M 450 -8.42 -39.79 30.50
C GLN M 450 -8.92 -39.10 31.76
N PRO M 451 -10.07 -39.49 32.34
CA PRO M 451 -10.50 -38.83 33.59
C PRO M 451 -9.46 -38.91 34.71
N LEU M 452 -8.89 -40.09 34.94
CA LEU M 452 -7.86 -40.20 35.97
C LEU M 452 -6.61 -39.40 35.60
N ARG M 453 -6.22 -39.44 34.32
CA ARG M 453 -5.05 -38.68 33.90
C ARG M 453 -5.23 -37.20 34.14
N GLU M 454 -6.40 -36.65 33.83
CA GLU M 454 -6.63 -35.24 34.05
C GLU M 454 -6.82 -34.88 35.52
N ILE M 455 -7.44 -35.77 36.32
CA ILE M 455 -7.50 -35.53 37.75
C ILE M 455 -6.10 -35.43 38.33
N VAL M 456 -5.21 -36.34 37.92
CA VAL M 456 -3.84 -36.31 38.39
C VAL M 456 -3.12 -35.07 37.90
N ALA M 457 -3.32 -34.71 36.63
CA ALA M 457 -2.64 -33.53 36.08
C ALA M 457 -3.07 -32.25 36.80
N ASN M 458 -4.37 -32.11 37.08
CA ASN M 458 -4.82 -30.97 37.88
C ASN M 458 -4.27 -31.04 39.30
N ALA M 459 -4.12 -32.25 39.84
CA ALA M 459 -3.50 -32.40 41.15
C ALA M 459 -2.02 -32.05 41.13
N GLY M 460 -1.41 -31.98 39.95
CA GLY M 460 -0.02 -31.59 39.82
C GLY M 460 0.96 -32.71 39.61
N GLU M 461 0.57 -33.95 39.86
CA GLU M 461 1.48 -35.08 39.69
C GLU M 461 1.61 -35.43 38.21
N GLU M 462 2.51 -36.37 37.91
CA GLU M 462 2.70 -36.83 36.56
C GLU M 462 1.66 -37.89 36.22
N PRO M 463 0.84 -37.69 35.19
CA PRO M 463 -0.28 -38.64 34.94
C PRO M 463 0.15 -40.07 34.66
N SER M 464 1.22 -40.26 33.87
CA SER M 464 1.53 -41.60 33.38
C SER M 464 1.96 -42.54 34.51
N VAL M 465 2.83 -42.06 35.40
CA VAL M 465 3.30 -42.92 36.49
C VAL M 465 2.16 -43.27 37.42
N ILE M 466 1.29 -42.31 37.73
CA ILE M 466 0.16 -42.57 38.62
C ILE M 466 -0.80 -43.57 37.98
N VAL M 467 -1.07 -43.42 36.69
CA VAL M 467 -1.95 -44.37 36.00
C VAL M 467 -1.34 -45.76 36.01
N ALA M 468 -0.03 -45.85 35.75
CA ALA M 468 0.63 -47.16 35.77
C ALA M 468 0.56 -47.80 37.15
N LYS M 469 0.79 -47.00 38.20
CA LYS M 469 0.72 -47.54 39.56
C LYS M 469 -0.70 -47.98 39.91
N VAL M 470 -1.70 -47.22 39.47
CA VAL M 470 -3.09 -47.62 39.71
C VAL M 470 -3.39 -48.93 38.99
N LEU M 471 -2.92 -49.06 37.75
CA LEU M 471 -3.12 -50.29 37.00
C LEU M 471 -2.41 -51.47 37.63
N GLU M 472 -1.26 -51.25 38.26
CA GLU M 472 -0.57 -52.34 38.94
C GLU M 472 -1.35 -52.85 40.15
N GLY M 473 -2.18 -52.00 40.76
CA GLY M 473 -3.04 -52.45 41.84
C GLY M 473 -4.29 -53.13 41.33
N LYS M 474 -5.02 -53.75 42.27
CA LYS M 474 -6.22 -54.50 41.94
C LYS M 474 -7.34 -54.10 42.89
N GLY M 475 -8.57 -54.32 42.43
CA GLY M 475 -9.73 -54.02 43.27
C GLY M 475 -9.95 -52.53 43.40
N ASN M 476 -10.27 -52.10 44.61
CA ASN M 476 -10.57 -50.70 44.89
C ASN M 476 -9.32 -49.85 45.00
N TYR M 477 -8.13 -50.44 44.94
CA TYR M 477 -6.89 -49.69 45.02
C TYR M 477 -6.83 -48.63 43.93
N GLY M 478 -6.43 -47.42 44.31
CA GLY M 478 -6.38 -46.32 43.37
C GLY M 478 -5.64 -45.14 43.96
N TYR M 479 -5.72 -44.01 43.25
CA TYR M 479 -5.05 -42.79 43.65
C TYR M 479 -6.05 -41.77 44.17
N ASN M 480 -5.75 -41.16 45.30
CA ASN M 480 -6.60 -40.14 45.91
C ASN M 480 -5.92 -38.79 45.73
N ALA M 481 -6.44 -38.00 44.79
CA ALA M 481 -5.84 -36.71 44.48
C ALA M 481 -5.96 -35.71 45.62
N ALA M 482 -6.93 -35.92 46.53
CA ALA M 482 -7.10 -34.99 47.65
C ALA M 482 -5.88 -34.99 48.56
N THR M 483 -5.32 -36.17 48.84
CA THR M 483 -4.17 -36.29 49.72
C THR M 483 -2.92 -36.81 49.03
N GLY M 484 -3.02 -37.32 47.80
CA GLY M 484 -1.87 -37.84 47.10
C GLY M 484 -1.47 -39.24 47.49
N GLU M 485 -2.28 -39.94 48.28
CA GLU M 485 -1.95 -41.28 48.75
C GLU M 485 -2.59 -42.35 47.87
N PHE M 486 -2.06 -43.56 47.97
CA PHE M 486 -2.58 -44.72 47.27
C PHE M 486 -3.21 -45.69 48.25
N GLY M 487 -4.42 -46.14 47.93
CA GLY M 487 -5.10 -47.08 48.80
C GLY M 487 -6.50 -47.36 48.30
N ASP M 488 -7.26 -48.06 49.13
CA ASP M 488 -8.65 -48.38 48.80
C ASP M 488 -9.44 -47.09 48.67
N MET M 489 -9.91 -46.80 47.46
CA MET M 489 -10.64 -45.55 47.23
C MET M 489 -11.95 -45.51 48.01
N ILE M 490 -12.61 -46.66 48.17
CA ILE M 490 -13.85 -46.70 48.94
C ILE M 490 -13.59 -46.39 50.41
N GLU M 491 -12.46 -46.86 50.94
CA GLU M 491 -12.17 -46.66 52.36
C GLU M 491 -11.91 -45.20 52.68
N MET M 492 -11.35 -44.43 51.74
CA MET M 492 -11.18 -43.00 51.97
C MET M 492 -12.44 -42.20 51.62
N GLY M 493 -13.53 -42.85 51.24
CA GLY M 493 -14.74 -42.15 50.91
C GLY M 493 -14.66 -41.30 49.66
N VAL M 494 -14.02 -41.81 48.61
CA VAL M 494 -14.01 -41.17 47.30
C VAL M 494 -14.80 -42.08 46.37
N LEU M 495 -16.06 -41.71 46.12
CA LEU M 495 -16.99 -42.58 45.42
C LEU M 495 -17.69 -41.82 44.30
N ASP M 496 -18.07 -42.56 43.27
CA ASP M 496 -18.98 -42.10 42.23
C ASP M 496 -20.07 -43.14 42.03
N PRO M 497 -21.33 -42.72 41.91
CA PRO M 497 -22.39 -43.69 41.60
C PRO M 497 -22.14 -44.33 40.25
N THR M 498 -22.45 -45.63 40.16
CA THR M 498 -22.24 -46.35 38.91
C THR M 498 -23.02 -45.72 37.77
N LYS M 499 -24.20 -45.16 38.07
CA LYS M 499 -24.99 -44.49 37.04
C LYS M 499 -24.22 -43.32 36.45
N VAL M 500 -23.51 -42.55 37.27
CA VAL M 500 -22.80 -41.38 36.77
C VAL M 500 -21.73 -41.78 35.77
N THR M 501 -20.87 -42.73 36.14
CA THR M 501 -19.81 -43.15 35.24
C THR M 501 -20.36 -43.82 33.99
N ARG M 502 -21.35 -44.71 34.15
CA ARG M 502 -21.92 -45.39 33.00
C ARG M 502 -22.54 -44.41 32.03
N SER M 503 -23.34 -43.46 32.53
CA SER M 503 -23.97 -42.48 31.65
C SER M 503 -22.95 -41.58 30.99
N ALA M 504 -21.93 -41.15 31.74
CA ALA M 504 -20.90 -40.31 31.14
C ALA M 504 -20.20 -41.03 30.01
N LEU M 505 -19.81 -42.30 30.23
CA LEU M 505 -19.12 -43.05 29.20
C LEU M 505 -20.01 -43.25 27.98
N GLN M 506 -21.27 -43.64 28.20
CA GLN M 506 -22.16 -43.92 27.07
C GLN M 506 -22.47 -42.66 26.27
N ASN M 507 -22.72 -41.53 26.93
CA ASN M 507 -23.02 -40.30 26.21
C ASN M 507 -21.79 -39.78 25.48
N ALA M 508 -20.61 -39.89 26.10
CA ALA M 508 -19.38 -39.52 25.41
C ALA M 508 -19.17 -40.40 24.17
N ALA M 509 -19.42 -41.70 24.28
CA ALA M 509 -19.30 -42.58 23.13
C ALA M 509 -20.28 -42.19 22.04
N SER M 510 -21.52 -41.88 22.41
CA SER M 510 -22.52 -41.50 21.41
C SER M 510 -22.12 -40.23 20.67
N VAL M 511 -21.74 -39.19 21.41
CA VAL M 511 -21.37 -37.94 20.76
C VAL M 511 -20.09 -38.10 19.95
N ALA M 512 -19.15 -38.93 20.41
CA ALA M 512 -17.94 -39.17 19.65
C ALA M 512 -18.24 -39.91 18.36
N GLY M 513 -19.14 -40.90 18.41
CA GLY M 513 -19.54 -41.55 17.18
C GLY M 513 -20.20 -40.60 16.20
N LEU M 514 -21.08 -39.73 16.71
CA LEU M 514 -21.74 -38.76 15.84
C LEU M 514 -20.74 -37.82 15.18
N MET M 515 -19.74 -37.36 15.94
CA MET M 515 -18.76 -36.43 15.37
C MET M 515 -17.63 -37.13 14.64
N LEU M 516 -17.56 -38.46 14.71
CA LEU M 516 -16.59 -39.19 13.88
C LEU M 516 -17.20 -39.58 12.54
N THR M 517 -18.47 -39.99 12.53
CA THR M 517 -19.15 -40.34 11.29
C THR M 517 -19.81 -39.14 10.62
N THR M 518 -19.32 -37.93 10.90
CA THR M 518 -19.88 -36.72 10.29
C THR M 518 -19.07 -36.36 9.05
N GLU M 519 -19.75 -36.19 7.93
CA GLU M 519 -19.10 -35.86 6.67
C GLU M 519 -19.51 -34.50 6.11
N CYS M 520 -20.65 -33.95 6.55
CA CYS M 520 -21.12 -32.67 6.05
C CYS M 520 -21.47 -31.78 7.22
N MET M 521 -21.38 -30.47 7.00
CA MET M 521 -21.53 -29.47 8.05
C MET M 521 -22.11 -28.21 7.45
N ILE M 522 -23.34 -27.88 7.84
CA ILE M 522 -24.10 -26.80 7.22
C ILE M 522 -24.39 -25.75 8.28
N ALA M 523 -23.93 -24.52 8.05
CA ALA M 523 -24.11 -23.43 9.00
C ALA M 523 -24.39 -22.15 8.24
N GLU M 524 -24.90 -21.16 8.98
CA GLU M 524 -25.21 -19.86 8.38
C GLU M 524 -23.94 -19.18 7.89
N ALA M 525 -24.00 -18.65 6.68
CA ALA M 525 -22.85 -17.95 6.12
C ALA M 525 -22.67 -16.60 6.83
N PRO M 526 -21.42 -16.11 6.94
CA PRO M 526 -21.12 -14.82 7.56
C PRO M 526 -21.88 -13.66 6.91
N ALA N 1 -23.78 -14.18 24.09
CA ALA N 1 -23.00 -13.64 22.99
C ALA N 1 -21.68 -14.39 22.83
N ALA N 2 -20.85 -13.92 21.90
CA ALA N 2 -19.60 -14.61 21.59
C ALA N 2 -18.64 -14.55 22.77
N LYS N 3 -18.04 -15.70 23.08
CA LYS N 3 -17.08 -15.80 24.17
C LYS N 3 -15.67 -15.99 23.62
N GLU N 4 -14.69 -15.51 24.38
CA GLU N 4 -13.28 -15.72 24.08
C GLU N 4 -12.60 -16.34 25.29
N VAL N 5 -11.82 -17.39 25.05
CA VAL N 5 -11.25 -18.20 26.13
C VAL N 5 -9.74 -18.14 26.04
N LYS N 6 -9.09 -17.91 27.18
CA LYS N 6 -7.65 -17.88 27.29
C LYS N 6 -7.20 -18.89 28.35
N PHE N 7 -6.11 -19.60 28.09
CA PHE N 7 -5.67 -20.68 28.96
C PHE N 7 -4.27 -20.40 29.48
N HIS N 8 -4.00 -20.97 30.66
CA HIS N 8 -2.66 -21.02 31.24
C HIS N 8 -2.03 -19.64 31.35
N ASP N 9 -0.75 -19.55 30.96
CA ASP N 9 -0.02 -18.29 31.05
C ASP N 9 -0.65 -17.19 30.21
N SER N 10 -1.26 -17.52 29.07
CA SER N 10 -1.85 -16.49 28.23
C SER N 10 -3.03 -15.79 28.90
N ALA N 11 -3.54 -16.35 29.99
CA ALA N 11 -4.62 -15.74 30.76
C ALA N 11 -4.11 -15.21 32.11
N ARG N 12 -3.18 -15.95 32.71
CA ARG N 12 -2.59 -15.50 33.97
C ARG N 12 -1.86 -14.18 33.77
N GLU N 13 -1.19 -14.02 32.63
CA GLU N 13 -0.50 -12.75 32.36
C GLU N 13 -1.48 -11.60 32.16
N ARG N 14 -2.66 -11.86 31.62
CA ARG N 14 -3.66 -10.79 31.53
C ARG N 14 -4.19 -10.42 32.91
N LEU N 15 -4.41 -11.42 33.76
CA LEU N 15 -4.77 -11.14 35.15
C LEU N 15 -3.70 -10.30 35.82
N VAL N 16 -2.44 -10.65 35.60
CA VAL N 16 -1.32 -9.92 36.21
C VAL N 16 -1.27 -8.49 35.69
N ALA N 17 -1.47 -8.30 34.39
CA ALA N 17 -1.49 -6.96 33.83
C ALA N 17 -2.60 -6.12 34.45
N GLY N 18 -3.79 -6.69 34.60
CA GLY N 18 -4.88 -5.97 35.22
C GLY N 18 -4.62 -5.58 36.66
N VAL N 19 -4.15 -6.54 37.47
CA VAL N 19 -3.91 -6.24 38.88
C VAL N 19 -2.76 -5.26 39.01
N ASN N 20 -1.74 -5.36 38.15
CA ASN N 20 -0.62 -4.44 38.20
C ASN N 20 -1.05 -3.03 37.83
N LEU N 21 -1.91 -2.90 36.81
CA LEU N 21 -2.38 -1.57 36.43
C LEU N 21 -3.29 -0.97 37.48
N LEU N 22 -4.05 -1.79 38.21
CA LEU N 22 -4.85 -1.26 39.31
C LEU N 22 -3.95 -0.84 40.47
N ALA N 23 -3.00 -1.69 40.84
CA ALA N 23 -2.18 -1.45 42.03
C ALA N 23 -1.18 -0.32 41.81
N ASN N 24 -0.67 -0.15 40.60
CA ASN N 24 0.25 0.95 40.35
C ASN N 24 -0.44 2.30 40.52
N ALA N 25 -1.73 2.39 40.19
CA ALA N 25 -2.48 3.60 40.46
C ALA N 25 -2.81 3.73 41.94
N VAL N 26 -3.20 2.63 42.58
CA VAL N 26 -3.65 2.71 43.97
C VAL N 26 -2.49 3.04 44.92
N LYS N 27 -1.34 2.39 44.73
CA LYS N 27 -0.24 2.47 45.68
C LYS N 27 0.40 3.85 45.75
N THR N 28 0.19 4.70 44.75
CA THR N 28 0.75 6.04 44.82
C THR N 28 0.09 6.87 45.92
N THR N 29 -1.09 6.46 46.37
CA THR N 29 -1.81 7.16 47.45
C THR N 29 -1.65 6.47 48.79
N LEU N 30 -0.54 5.78 49.02
CA LEU N 30 -0.31 5.03 50.25
C LEU N 30 0.77 5.73 51.07
N GLY N 31 0.51 5.87 52.37
CA GLY N 31 1.46 6.49 53.28
C GLY N 31 1.11 7.94 53.58
N PRO N 32 1.71 8.47 54.65
CA PRO N 32 1.46 9.88 54.98
C PRO N 32 1.86 10.85 53.88
N LYS N 33 2.87 10.51 53.09
CA LYS N 33 3.31 11.35 51.98
C LYS N 33 2.84 10.79 50.63
N GLY N 34 1.64 10.22 50.61
CA GLY N 34 1.13 9.66 49.36
C GLY N 34 0.93 10.73 48.30
N ARG N 35 1.25 10.39 47.06
CA ARG N 35 1.14 11.34 45.97
C ARG N 35 -0.31 11.57 45.59
N ASN N 36 -0.52 12.54 44.70
CA ASN N 36 -1.85 12.84 44.21
C ASN N 36 -2.18 12.04 42.97
N VAL N 37 -3.46 11.73 42.79
CA VAL N 37 -3.97 11.06 41.60
C VAL N 37 -5.12 11.90 41.06
N VAL N 38 -5.03 12.29 39.80
CA VAL N 38 -6.00 13.16 39.17
C VAL N 38 -6.97 12.31 38.37
N ILE N 39 -8.26 12.45 38.64
CA ILE N 39 -9.30 11.64 38.04
C ILE N 39 -10.24 12.55 37.25
N GLU N 40 -10.56 12.15 36.02
CA GLU N 40 -11.47 12.93 35.19
C GLU N 40 -12.86 12.92 35.78
N ARG N 41 -13.52 14.06 35.71
CA ARG N 41 -14.95 14.18 35.99
C ARG N 41 -15.65 14.45 34.67
N SER N 42 -16.91 14.01 34.57
CA SER N 42 -17.65 14.17 33.32
C SER N 42 -17.72 15.63 32.90
N PHE N 43 -17.98 16.53 33.84
CA PHE N 43 -17.97 17.96 33.57
C PHE N 43 -17.27 18.68 34.72
N GLY N 44 -16.74 19.86 34.41
CA GLY N 44 -16.03 20.63 35.41
C GLY N 44 -14.57 20.22 35.53
N ALA N 45 -13.93 20.74 36.58
CA ALA N 45 -12.51 20.52 36.80
C ALA N 45 -12.26 19.09 37.28
N PRO N 46 -11.11 18.52 36.90
CA PRO N 46 -10.77 17.18 37.38
C PRO N 46 -10.63 17.13 38.90
N ILE N 47 -11.00 16.01 39.47
CA ILE N 47 -10.88 15.81 40.91
C ILE N 47 -9.53 15.17 41.22
N VAL N 48 -8.81 15.74 42.18
CA VAL N 48 -7.53 15.21 42.64
C VAL N 48 -7.75 14.57 44.01
N THR N 49 -7.23 13.35 44.17
CA THR N 49 -7.39 12.59 45.39
C THR N 49 -6.06 11.93 45.77
N LYS N 50 -5.89 11.67 47.05
CA LYS N 50 -4.73 10.96 47.57
C LYS N 50 -5.17 9.85 48.52
N ASP N 51 -6.31 9.23 48.21
CA ASP N 51 -6.81 8.09 48.97
C ASP N 51 -7.06 6.94 48.00
N GLY N 52 -6.76 5.72 48.46
CA GLY N 52 -6.89 4.55 47.60
C GLY N 52 -8.32 4.18 47.27
N VAL N 53 -9.27 4.50 48.16
CA VAL N 53 -10.65 4.09 47.94
C VAL N 53 -11.22 4.71 46.68
N THR N 54 -11.02 6.02 46.51
CA THR N 54 -11.56 6.69 45.34
C THR N 54 -10.82 6.32 44.06
N VAL N 55 -9.49 6.20 44.13
CA VAL N 55 -8.72 5.85 42.94
C VAL N 55 -9.08 4.46 42.46
N ALA N 56 -9.18 3.50 43.38
CA ALA N 56 -9.52 2.13 43.00
C ALA N 56 -10.93 2.07 42.39
N LYS N 57 -11.87 2.79 42.96
CA LYS N 57 -13.26 2.74 42.49
C LYS N 57 -13.37 3.21 41.04
N GLU N 58 -12.52 4.17 40.65
CA GLU N 58 -12.58 4.70 39.29
C GLU N 58 -11.81 3.85 38.29
N ILE N 59 -10.96 2.94 38.76
CA ILE N 59 -10.12 2.16 37.86
C ILE N 59 -10.93 1.04 37.24
N GLU N 60 -10.96 0.99 35.91
CA GLU N 60 -11.59 -0.11 35.17
C GLU N 60 -11.02 -0.08 33.75
N LEU N 61 -10.43 -1.18 33.33
CA LEU N 61 -9.57 -1.21 32.15
C LEU N 61 -10.35 -1.50 30.88
N LYS N 62 -9.71 -1.22 29.75
CA LYS N 62 -10.34 -1.42 28.44
C LYS N 62 -10.40 -2.91 28.10
N ASP N 63 -9.25 -3.58 28.08
CA ASP N 63 -9.21 -5.00 27.77
C ASP N 63 -9.98 -5.77 28.84
N LYS N 64 -10.87 -6.67 28.40
CA LYS N 64 -11.73 -7.37 29.34
C LYS N 64 -10.94 -8.31 30.25
N PHE N 65 -9.96 -9.03 29.68
CA PHE N 65 -9.22 -10.03 30.44
C PHE N 65 -8.36 -9.41 31.55
N GLU N 66 -7.86 -8.20 31.35
CA GLU N 66 -7.17 -7.50 32.43
C GLU N 66 -8.16 -6.95 33.45
N ASN N 67 -9.29 -6.46 32.95
CA ASN N 67 -10.35 -5.96 33.83
C ASN N 67 -10.85 -7.05 34.76
N MET N 68 -10.75 -8.32 34.34
CA MET N 68 -11.11 -9.41 35.25
C MET N 68 -10.32 -9.34 36.54
N GLY N 69 -8.99 -9.42 36.45
CA GLY N 69 -8.17 -9.35 37.65
C GLY N 69 -8.33 -8.03 38.37
N ALA N 70 -8.45 -6.94 37.62
CA ALA N 70 -8.64 -5.63 38.24
C ALA N 70 -9.88 -5.64 39.14
N GLN N 71 -11.00 -6.15 38.62
CA GLN N 71 -12.24 -6.12 39.39
C GLN N 71 -12.22 -7.12 40.54
N MET N 72 -11.59 -8.28 40.38
CA MET N 72 -11.51 -9.22 41.50
C MET N 72 -10.67 -8.65 42.64
N VAL N 73 -9.52 -8.04 42.31
CA VAL N 73 -8.71 -7.42 43.36
C VAL N 73 -9.45 -6.25 43.98
N LYS N 74 -10.18 -5.48 43.17
CA LYS N 74 -10.97 -4.38 43.72
C LYS N 74 -12.06 -4.90 44.66
N GLU N 75 -12.70 -6.01 44.31
CA GLU N 75 -13.76 -6.57 45.15
C GLU N 75 -13.19 -7.04 46.48
N VAL N 76 -12.05 -7.74 46.45
CA VAL N 76 -11.48 -8.19 47.72
C VAL N 76 -10.98 -7.01 48.55
N ALA N 77 -10.46 -5.96 47.89
CA ALA N 77 -10.06 -4.76 48.62
C ALA N 77 -11.26 -4.08 49.28
N SER N 78 -12.39 -4.00 48.56
CA SER N 78 -13.59 -3.42 49.13
C SER N 78 -14.13 -4.26 50.28
N LYS N 79 -14.03 -5.59 50.16
CA LYS N 79 -14.41 -6.46 51.27
C LYS N 79 -13.53 -6.25 52.49
N THR N 80 -12.23 -6.01 52.28
CA THR N 80 -11.37 -5.61 53.40
C THR N 80 -11.80 -4.28 53.99
N ALA N 81 -12.13 -3.31 53.14
CA ALA N 81 -12.40 -1.95 53.60
C ALA N 81 -13.70 -1.87 54.39
N ASP N 82 -14.77 -2.47 53.86
CA ASP N 82 -16.08 -2.28 54.48
C ASP N 82 -16.19 -2.91 55.87
N VAL N 83 -15.31 -3.86 56.19
CA VAL N 83 -15.34 -4.53 57.50
C VAL N 83 -14.33 -3.94 58.47
N ALA N 84 -13.43 -3.07 58.03
CA ALA N 84 -12.41 -2.52 58.90
C ALA N 84 -12.33 -1.01 58.81
N GLY N 85 -12.90 -0.43 57.73
CA GLY N 85 -12.89 1.00 57.53
C GLY N 85 -11.63 1.55 56.90
N ASP N 86 -10.63 0.71 56.64
CA ASP N 86 -9.38 1.14 56.03
C ASP N 86 -8.63 -0.11 55.59
N GLY N 87 -7.52 0.12 54.87
CA GLY N 87 -6.66 -0.96 54.43
C GLY N 87 -6.88 -1.42 53.01
N THR N 88 -7.89 -0.91 52.32
CA THR N 88 -8.10 -1.30 50.93
C THR N 88 -6.91 -0.93 50.06
N THR N 89 -6.20 0.14 50.42
CA THR N 89 -4.94 0.45 49.75
C THR N 89 -3.88 -0.58 50.08
N THR N 90 -3.80 -0.98 51.36
CA THR N 90 -2.83 -2.00 51.77
C THR N 90 -3.16 -3.35 51.14
N ALA N 91 -4.45 -3.71 51.10
CA ALA N 91 -4.82 -5.01 50.56
C ALA N 91 -4.46 -5.14 49.09
N THR N 92 -4.69 -4.09 48.30
CA THR N 92 -4.34 -4.13 46.89
C THR N 92 -2.83 -4.26 46.71
N VAL N 93 -2.06 -3.52 47.49
CA VAL N 93 -0.60 -3.57 47.39
C VAL N 93 -0.09 -4.97 47.76
N LEU N 94 -0.62 -5.55 48.83
CA LEU N 94 -0.21 -6.88 49.23
C LEU N 94 -0.59 -7.91 48.18
N ALA N 95 -1.79 -7.79 47.60
CA ALA N 95 -2.19 -8.70 46.54
C ALA N 95 -1.28 -8.58 45.32
N GLN N 96 -0.93 -7.36 44.94
CA GLN N 96 0.00 -7.18 43.82
C GLN N 96 1.34 -7.82 44.12
N ALA N 97 1.87 -7.62 45.33
CA ALA N 97 3.15 -8.20 45.68
C ALA N 97 3.10 -9.73 45.63
N ILE N 98 2.07 -10.32 46.24
CA ILE N 98 1.97 -11.77 46.30
C ILE N 98 1.82 -12.35 44.91
N VAL N 99 0.99 -11.74 44.07
CA VAL N 99 0.79 -12.26 42.72
C VAL N 99 2.04 -12.10 41.88
N ARG N 100 2.71 -10.94 41.97
CA ARG N 100 3.90 -10.71 41.17
C ARG N 100 5.02 -11.66 41.55
N GLU N 101 5.12 -12.03 42.83
CA GLU N 101 6.11 -13.04 43.22
C GLU N 101 5.64 -14.43 42.82
N GLY N 102 4.33 -14.70 42.91
CA GLY N 102 3.84 -16.02 42.61
C GLY N 102 3.97 -16.41 41.16
N MET N 103 3.79 -15.46 40.24
CA MET N 103 3.94 -15.78 38.83
C MET N 103 5.38 -16.14 38.49
N LYS N 104 6.35 -15.61 39.24
CA LYS N 104 7.73 -16.00 39.01
C LYS N 104 7.92 -17.50 39.26
N TYR N 105 7.33 -18.02 40.33
CA TYR N 105 7.43 -19.44 40.63
C TYR N 105 6.54 -20.29 39.75
N VAL N 106 5.38 -19.76 39.35
CA VAL N 106 4.50 -20.50 38.45
C VAL N 106 5.15 -20.68 37.09
N ALA N 107 5.77 -19.62 36.56
CA ALA N 107 6.53 -19.74 35.33
C ALA N 107 7.72 -20.68 35.50
N ALA N 108 8.20 -20.85 36.73
CA ALA N 108 9.29 -21.78 37.01
C ALA N 108 8.83 -23.23 37.05
N GLY N 109 7.60 -23.52 36.62
CA GLY N 109 7.12 -24.89 36.61
C GLY N 109 6.70 -25.44 37.95
N MET N 110 6.63 -24.59 38.97
CA MET N 110 6.32 -25.07 40.30
C MET N 110 4.80 -25.15 40.48
N ASN N 111 4.37 -26.08 41.33
CA ASN N 111 2.97 -26.46 41.42
C ASN N 111 2.12 -25.34 42.00
N PRO N 112 1.14 -24.81 41.26
CA PRO N 112 0.33 -23.71 41.80
C PRO N 112 -0.46 -24.07 43.05
N MET N 113 -0.99 -25.29 43.15
CA MET N 113 -1.76 -25.66 44.33
C MET N 113 -0.91 -25.68 45.58
N ASP N 114 0.31 -26.22 45.49
CA ASP N 114 1.22 -26.17 46.61
C ASP N 114 1.66 -24.75 46.94
N LEU N 115 1.80 -23.89 45.93
CA LEU N 115 2.08 -22.48 46.21
C LEU N 115 0.94 -21.85 46.99
N LYS N 116 -0.30 -22.15 46.61
CA LYS N 116 -1.45 -21.61 47.34
C LYS N 116 -1.47 -22.12 48.77
N ARG N 117 -1.20 -23.42 48.95
CA ARG N 117 -1.17 -23.96 50.31
C ARG N 117 -0.07 -23.36 51.16
N GLY N 118 1.12 -23.15 50.59
CA GLY N 118 2.19 -22.50 51.34
C GLY N 118 1.84 -21.05 51.68
N ILE N 119 1.21 -20.35 50.74
CA ILE N 119 0.78 -18.98 51.01
C ILE N 119 -0.23 -18.96 52.16
N ASP N 120 -1.17 -19.90 52.14
CA ASP N 120 -2.16 -19.98 53.22
C ASP N 120 -1.48 -20.29 54.56
N LYS N 121 -0.51 -21.20 54.57
CA LYS N 121 0.19 -21.52 55.80
C LYS N 121 0.93 -20.32 56.35
N ALA N 122 1.65 -19.60 55.47
CA ALA N 122 2.40 -18.42 55.92
C ALA N 122 1.47 -17.34 56.43
N VAL N 123 0.34 -17.14 55.74
CA VAL N 123 -0.61 -16.11 56.16
C VAL N 123 -1.22 -16.49 57.51
N THR N 124 -1.54 -17.77 57.70
CA THR N 124 -2.07 -18.20 58.99
C THR N 124 -1.06 -17.97 60.10
N ALA N 125 0.21 -18.30 59.86
CA ALA N 125 1.23 -18.08 60.88
C ALA N 125 1.40 -16.60 61.19
N ILE N 126 1.44 -15.76 60.16
CA ILE N 126 1.62 -14.32 60.37
C ILE N 126 0.43 -13.73 61.12
N VAL N 127 -0.79 -14.15 60.75
CA VAL N 127 -1.97 -13.68 61.46
C VAL N 127 -1.95 -14.13 62.91
N GLU N 128 -1.58 -15.38 63.16
CA GLU N 128 -1.47 -15.86 64.54
C GLU N 128 -0.45 -15.04 65.33
N GLU N 129 0.64 -14.63 64.68
CA GLU N 129 1.61 -13.77 65.35
C GLU N 129 1.07 -12.37 65.58
N LEU N 130 0.22 -11.87 64.69
CA LEU N 130 -0.35 -10.53 64.88
C LEU N 130 -1.22 -10.48 66.13
N LYS N 131 -1.82 -11.59 66.52
CA LYS N 131 -2.61 -11.64 67.73
C LYS N 131 -1.75 -11.48 68.98
N ALA N 132 -0.44 -11.65 68.86
CA ALA N 132 0.48 -11.44 69.97
C ALA N 132 1.16 -10.08 69.94
N ILE N 133 1.48 -9.57 68.76
CA ILE N 133 2.09 -8.24 68.65
C ILE N 133 1.09 -7.15 69.01
N SER N 134 -0.20 -7.39 68.76
CA SER N 134 -1.21 -6.36 68.91
C SER N 134 -1.36 -5.96 70.37
N LYS N 135 -1.32 -4.65 70.61
CA LYS N 135 -1.60 -4.13 71.94
C LYS N 135 -3.11 -3.95 72.12
N PRO N 136 -3.72 -4.59 73.11
CA PRO N 136 -5.16 -4.41 73.31
C PRO N 136 -5.49 -3.01 73.80
N CYS N 137 -6.70 -2.55 73.45
CA CYS N 137 -7.18 -1.24 73.87
C CYS N 137 -8.62 -1.40 74.34
N SER N 138 -8.81 -1.42 75.66
CA SER N 138 -10.14 -1.54 76.23
C SER N 138 -10.48 -0.48 77.27
N THR N 139 -9.49 0.15 77.91
CA THR N 139 -9.77 1.21 78.87
C THR N 139 -10.31 2.44 78.14
N THR N 140 -11.12 3.22 78.86
CA THR N 140 -11.68 4.44 78.29
C THR N 140 -10.57 5.39 77.85
N LYS N 141 -9.49 5.47 78.63
CA LYS N 141 -8.35 6.28 78.22
C LYS N 141 -7.74 5.77 76.92
N GLU N 142 -7.60 4.44 76.80
CA GLU N 142 -7.06 3.87 75.57
C GLU N 142 -7.99 4.14 74.38
N ILE N 143 -9.30 4.01 74.59
CA ILE N 143 -10.26 4.27 73.52
C ILE N 143 -10.17 5.73 73.08
N ALA N 144 -10.09 6.65 74.04
CA ALA N 144 -9.97 8.06 73.70
C ALA N 144 -8.67 8.34 72.95
N GLN N 145 -7.57 7.72 73.37
CA GLN N 145 -6.29 7.92 72.70
C GLN N 145 -6.35 7.41 71.27
N VAL N 146 -6.93 6.23 71.05
CA VAL N 146 -7.03 5.69 69.70
C VAL N 146 -7.93 6.58 68.84
N GLY N 147 -9.04 7.05 69.39
CA GLY N 147 -9.91 7.94 68.63
C GLY N 147 -9.23 9.24 68.25
N THR N 148 -8.49 9.82 69.20
CA THR N 148 -7.77 11.06 68.93
C THR N 148 -6.70 10.85 67.86
N ILE N 149 -5.98 9.74 67.94
CA ILE N 149 -4.96 9.44 66.94
C ILE N 149 -5.57 9.26 65.56
N SER N 150 -6.70 8.53 65.49
CA SER N 150 -7.37 8.32 64.22
C SER N 150 -7.96 9.62 63.67
N ALA N 151 -8.33 10.55 64.54
CA ALA N 151 -8.94 11.81 64.13
C ALA N 151 -7.93 12.94 63.98
N ASN N 152 -6.65 12.61 63.75
CA ASN N 152 -5.59 13.60 63.55
C ASN N 152 -5.46 14.54 64.75
N ALA N 153 -5.18 13.95 65.91
CA ALA N 153 -4.88 14.67 67.15
C ALA N 153 -6.02 15.56 67.61
N ASP N 154 -7.27 15.22 67.29
CA ASP N 154 -8.42 15.98 67.78
C ASP N 154 -8.94 15.30 69.03
N SER N 155 -8.54 15.83 70.19
CA SER N 155 -8.89 15.19 71.47
C SER N 155 -10.39 15.18 71.74
N SER N 156 -11.12 16.19 71.25
CA SER N 156 -12.56 16.22 71.48
C SER N 156 -13.25 15.04 70.81
N ILE N 157 -12.84 14.71 69.58
CA ILE N 157 -13.42 13.57 68.89
C ILE N 157 -13.18 12.28 69.66
N GLY N 158 -11.95 12.08 70.14
CA GLY N 158 -11.64 10.89 70.91
C GLY N 158 -12.42 10.82 72.21
N GLU N 159 -12.55 11.95 72.90
CA GLU N 159 -13.33 11.98 74.14
C GLU N 159 -14.79 11.64 73.88
N ILE N 160 -15.36 12.19 72.81
CA ILE N 160 -16.75 11.90 72.47
C ILE N 160 -16.92 10.43 72.12
N ILE N 161 -15.98 9.87 71.35
CA ILE N 161 -16.06 8.46 70.98
C ILE N 161 -15.99 7.58 72.23
N ALA N 162 -15.09 7.92 73.16
CA ALA N 162 -14.97 7.14 74.39
C ALA N 162 -16.25 7.23 75.22
N GLN N 163 -16.81 8.44 75.35
CA GLN N 163 -18.04 8.60 76.12
C GLN N 163 -19.23 7.91 75.47
N ALA N 164 -19.23 7.78 74.14
CA ALA N 164 -20.30 7.04 73.48
C ALA N 164 -20.12 5.54 73.66
N MET N 165 -18.87 5.07 73.59
CA MET N 165 -18.63 3.63 73.62
C MET N 165 -18.74 3.06 75.04
N ASP N 166 -18.32 3.80 76.05
CA ASP N 166 -18.22 3.26 77.41
C ASP N 166 -19.58 3.14 78.11
N LYS N 167 -20.61 3.82 77.62
CA LYS N 167 -21.93 3.74 78.23
C LYS N 167 -22.96 3.02 77.37
N VAL N 168 -22.72 2.89 76.07
CA VAL N 168 -23.61 2.11 75.20
C VAL N 168 -23.05 0.72 74.93
N GLY N 169 -21.77 0.51 75.17
CA GLY N 169 -21.15 -0.79 74.94
C GLY N 169 -20.21 -0.78 73.76
N LYS N 170 -19.11 -1.53 73.91
CA LYS N 170 -18.14 -1.64 72.83
C LYS N 170 -18.74 -2.31 71.60
N GLU N 171 -19.80 -3.10 71.80
CA GLU N 171 -20.55 -3.67 70.69
C GLU N 171 -21.80 -2.87 70.35
N GLY N 172 -22.00 -1.71 70.98
CA GLY N 172 -23.20 -0.92 70.75
C GLY N 172 -23.18 -0.18 69.43
N VAL N 173 -24.32 0.44 69.12
CA VAL N 173 -24.48 1.17 67.88
C VAL N 173 -24.22 2.65 68.12
N ILE N 174 -23.34 3.23 67.31
CA ILE N 174 -23.00 4.64 67.40
C ILE N 174 -23.16 5.27 66.02
N THR N 175 -23.88 6.39 65.95
CA THR N 175 -24.09 7.11 64.71
C THR N 175 -23.71 8.57 64.90
N VAL N 176 -23.52 9.27 63.79
CA VAL N 176 -23.08 10.66 63.79
C VAL N 176 -24.15 11.52 63.14
N GLU N 177 -24.54 12.60 63.83
CA GLU N 177 -25.50 13.56 63.32
C GLU N 177 -24.96 14.97 63.53
N ASP N 178 -25.34 15.88 62.65
CA ASP N 178 -24.88 17.26 62.74
C ASP N 178 -25.37 17.89 64.04
N GLY N 179 -24.47 18.58 64.74
CA GLY N 179 -24.79 19.15 66.03
C GLY N 179 -25.46 20.50 65.93
N LYS N 180 -25.76 21.06 67.11
CA LYS N 180 -26.44 22.34 67.23
C LYS N 180 -25.56 23.41 67.87
N SER N 181 -24.25 23.14 68.01
CA SER N 181 -23.36 24.07 68.70
C SER N 181 -21.93 23.84 68.24
N LEU N 182 -21.01 24.57 68.86
CA LEU N 182 -19.59 24.40 68.57
C LEU N 182 -19.03 23.12 69.20
N GLU N 183 -19.54 22.73 70.36
CA GLU N 183 -19.01 21.60 71.09
C GLU N 183 -19.78 20.33 70.75
N ASN N 184 -19.05 19.25 70.55
CA ASN N 184 -19.69 17.98 70.21
C ASN N 184 -20.52 17.47 71.39
N GLU N 185 -21.62 16.82 71.06
CA GLU N 185 -22.55 16.31 72.06
C GLU N 185 -22.97 14.90 71.68
N LEU N 186 -23.43 14.15 72.68
CA LEU N 186 -23.84 12.77 72.47
C LEU N 186 -25.09 12.50 73.28
N GLU N 187 -25.88 11.54 72.81
CA GLU N 187 -27.12 11.18 73.46
C GLU N 187 -27.49 9.75 73.08
N VAL N 188 -28.36 9.15 73.88
CA VAL N 188 -28.86 7.80 73.65
C VAL N 188 -30.35 7.89 73.34
N VAL N 189 -30.75 7.34 72.20
CA VAL N 189 -32.15 7.33 71.78
C VAL N 189 -32.56 5.90 71.50
N GLU N 190 -33.87 5.67 71.53
CA GLU N 190 -34.39 4.33 71.27
C GLU N 190 -34.19 3.98 69.80
N GLY N 191 -33.55 2.84 69.55
CA GLY N 191 -33.26 2.43 68.20
C GLY N 191 -32.54 1.11 68.18
N MET N 192 -32.32 0.60 66.97
CA MET N 192 -31.69 -0.69 66.79
C MET N 192 -31.05 -0.73 65.41
N GLN N 193 -30.10 -1.65 65.25
CA GLN N 193 -29.44 -1.89 63.97
C GLN N 193 -29.49 -3.38 63.66
N PHE N 194 -29.84 -3.70 62.42
CA PHE N 194 -29.94 -5.08 61.97
C PHE N 194 -29.19 -5.23 60.66
N ASP N 195 -28.69 -6.44 60.42
CA ASP N 195 -27.80 -6.70 59.30
C ASP N 195 -28.57 -6.89 57.99
N ARG N 196 -29.28 -5.85 57.55
CA ARG N 196 -29.98 -5.86 56.27
C ARG N 196 -29.69 -4.55 55.55
N GLY N 197 -29.33 -4.66 54.27
CA GLY N 197 -29.02 -3.49 53.46
C GLY N 197 -30.10 -3.20 52.42
N TYR N 198 -29.88 -2.10 51.70
CA TYR N 198 -30.81 -1.74 50.64
C TYR N 198 -30.71 -2.75 49.50
N LEU N 199 -31.86 -3.02 48.87
CA LEU N 199 -31.92 -4.07 47.86
C LEU N 199 -31.52 -3.59 46.46
N SER N 200 -31.20 -2.31 46.30
CA SER N 200 -30.70 -1.80 45.03
C SER N 200 -29.84 -0.58 45.31
N PRO N 201 -28.71 -0.43 44.61
CA PRO N 201 -27.86 0.75 44.82
C PRO N 201 -28.55 2.07 44.46
N TYR N 202 -29.63 2.02 43.68
CA TYR N 202 -30.36 3.24 43.35
C TYR N 202 -31.05 3.86 44.55
N PHE N 203 -31.24 3.10 45.63
CA PHE N 203 -31.85 3.64 46.84
C PHE N 203 -30.97 4.65 47.56
N ILE N 204 -29.66 4.63 47.32
CA ILE N 204 -28.76 5.53 48.04
C ILE N 204 -29.03 6.97 47.65
N ASN N 205 -28.76 7.89 48.57
CA ASN N 205 -28.90 9.31 48.32
C ASN N 205 -27.70 10.12 48.79
N ASN N 206 -26.68 9.48 49.37
CA ASN N 206 -25.48 10.15 49.85
C ASN N 206 -24.28 9.42 49.23
N PRO N 207 -23.91 9.76 48.00
CA PRO N 207 -22.76 9.09 47.37
C PRO N 207 -21.47 9.27 48.14
N ASP N 208 -21.33 10.36 48.91
CA ASP N 208 -20.14 10.54 49.74
C ASP N 208 -20.02 9.44 50.78
N LYS N 209 -21.13 9.07 51.42
CA LYS N 209 -21.11 8.02 52.43
C LYS N 209 -21.53 6.66 51.91
N GLN N 210 -22.02 6.59 50.67
CA GLN N 210 -22.47 5.33 50.06
C GLN N 210 -23.54 4.67 50.92
N VAL N 211 -24.44 5.50 51.47
CA VAL N 211 -25.54 5.02 52.30
C VAL N 211 -26.81 5.75 51.89
N ALA N 212 -27.94 5.22 52.33
CA ALA N 212 -29.24 5.84 52.12
C ALA N 212 -29.75 6.41 53.43
N VAL N 213 -30.04 7.71 53.45
CA VAL N 213 -30.48 8.41 54.64
C VAL N 213 -31.84 9.02 54.38
N LEU N 214 -32.79 8.76 55.28
CA LEU N 214 -34.14 9.31 55.20
C LEU N 214 -34.45 10.02 56.51
N ASP N 215 -35.09 11.19 56.41
CA ASP N 215 -35.35 12.04 57.56
C ASP N 215 -36.82 11.96 57.94
N ASN N 216 -37.09 11.60 59.19
CA ASN N 216 -38.43 11.47 59.77
C ASN N 216 -39.35 10.67 58.86
N PRO N 217 -39.03 9.42 58.54
CA PRO N 217 -39.82 8.67 57.57
C PRO N 217 -40.93 7.86 58.22
N TYR N 218 -41.77 7.28 57.37
CA TYR N 218 -42.70 6.25 57.80
C TYR N 218 -42.05 4.87 57.69
N ILE N 219 -42.41 3.98 58.60
CA ILE N 219 -41.89 2.62 58.63
C ILE N 219 -43.01 1.67 58.26
N LEU N 220 -42.80 0.89 57.21
CA LEU N 220 -43.77 -0.10 56.75
C LEU N 220 -43.26 -1.49 57.14
N LEU N 221 -44.12 -2.26 57.81
CA LEU N 221 -43.77 -3.60 58.28
C LEU N 221 -44.67 -4.62 57.60
N HIS N 222 -44.05 -5.58 56.91
CA HIS N 222 -44.78 -6.67 56.28
C HIS N 222 -43.98 -7.95 56.46
N ASP N 223 -44.69 -9.06 56.67
CA ASP N 223 -44.06 -10.35 56.89
C ASP N 223 -44.10 -11.26 55.67
N LYS N 224 -44.68 -10.82 54.57
CA LYS N 224 -44.81 -11.62 53.36
C LYS N 224 -44.07 -10.96 52.20
N LYS N 225 -43.98 -11.69 51.09
CA LYS N 225 -43.35 -11.17 49.89
C LYS N 225 -44.22 -10.10 49.25
N ILE N 226 -43.56 -9.18 48.55
CA ILE N 226 -44.25 -8.14 47.78
C ILE N 226 -43.67 -8.11 46.38
N SER N 227 -44.54 -8.35 45.39
CA SER N 227 -44.12 -8.27 43.99
C SER N 227 -45.05 -7.35 43.21
N ASN N 228 -46.34 -7.39 43.55
CA ASN N 228 -47.33 -6.59 42.85
C ASN N 228 -47.30 -5.15 43.36
N ILE N 229 -47.23 -4.19 42.43
CA ILE N 229 -47.23 -2.79 42.82
C ILE N 229 -48.58 -2.39 43.40
N ARG N 230 -49.65 -3.06 42.99
CA ARG N 230 -50.99 -2.74 43.49
C ARG N 230 -51.12 -3.02 44.98
N ASP N 231 -50.33 -3.96 45.50
CA ASP N 231 -50.45 -4.36 46.90
C ASP N 231 -50.13 -3.24 47.87
N LEU N 232 -49.37 -2.22 47.44
CA LEU N 232 -49.01 -1.12 48.32
C LEU N 232 -49.28 0.26 47.75
N LEU N 233 -49.92 0.36 46.58
CA LEU N 233 -50.25 1.67 46.01
C LEU N 233 -51.12 2.54 46.92
N PRO N 234 -52.21 2.04 47.53
CA PRO N 234 -52.99 2.91 48.43
C PRO N 234 -52.22 3.40 49.63
N VAL N 235 -51.18 2.68 50.06
CA VAL N 235 -50.39 3.13 51.20
C VAL N 235 -49.35 4.15 50.77
N LEU N 236 -48.69 3.90 49.64
CA LEU N 236 -47.69 4.86 49.15
C LEU N 236 -48.36 6.16 48.74
N GLU N 237 -49.60 6.12 48.25
CA GLU N 237 -50.30 7.36 47.94
C GLU N 237 -50.56 8.18 49.20
N GLN N 238 -51.00 7.52 50.28
CA GLN N 238 -51.18 8.23 51.54
C GLN N 238 -49.87 8.82 52.03
N VAL N 239 -48.79 8.06 51.91
CA VAL N 239 -47.47 8.55 52.33
C VAL N 239 -47.07 9.76 51.51
N ALA N 240 -47.28 9.71 50.19
CA ALA N 240 -46.92 10.83 49.31
C ALA N 240 -47.72 12.07 49.65
N LYS N 241 -49.03 11.93 49.90
CA LYS N 241 -49.82 13.08 50.33
C LYS N 241 -49.35 13.59 51.68
N ALA N 242 -48.88 12.69 52.56
CA ALA N 242 -48.28 13.13 53.82
C ALA N 242 -46.96 13.84 53.60
N GLY N 243 -46.19 13.45 52.58
CA GLY N 243 -44.96 14.13 52.22
C GLY N 243 -43.72 13.63 52.92
N ARG N 244 -43.83 12.74 53.89
CA ARG N 244 -42.66 12.24 54.59
C ARG N 244 -42.11 11.00 53.89
N PRO N 245 -40.82 10.73 54.04
CA PRO N 245 -40.21 9.58 53.35
C PRO N 245 -40.78 8.26 53.85
N LEU N 246 -40.48 7.20 53.09
CA LEU N 246 -41.01 5.87 53.37
C LEU N 246 -39.86 4.87 53.48
N LEU N 247 -39.88 4.07 54.54
CA LEU N 247 -39.02 2.91 54.67
C LEU N 247 -39.89 1.67 54.78
N ILE N 248 -39.66 0.71 53.89
CA ILE N 248 -40.49 -0.49 53.79
C ILE N 248 -39.67 -1.67 54.27
N ILE N 249 -40.17 -2.36 55.29
CA ILE N 249 -39.57 -3.59 55.80
C ILE N 249 -40.50 -4.73 55.44
N ALA N 250 -40.01 -5.66 54.63
CA ALA N 250 -40.80 -6.80 54.18
C ALA N 250 -39.89 -8.01 54.07
N GLU N 251 -40.51 -9.18 53.87
CA GLU N 251 -39.73 -10.39 53.63
C GLU N 251 -38.87 -10.25 52.38
N ASP N 252 -39.45 -9.70 51.31
CA ASP N 252 -38.72 -9.38 50.09
C ASP N 252 -39.62 -8.55 49.19
N VAL N 253 -38.99 -7.69 48.39
CA VAL N 253 -39.68 -6.94 47.35
C VAL N 253 -38.93 -7.14 46.04
N GLU N 254 -39.69 -7.38 44.97
CA GLU N 254 -39.09 -7.74 43.69
C GLU N 254 -40.08 -7.44 42.57
N GLY N 255 -39.56 -7.43 41.35
CA GLY N 255 -40.43 -7.28 40.19
C GLY N 255 -40.89 -5.86 39.99
N GLU N 256 -42.16 -5.72 39.60
CA GLU N 256 -42.69 -4.41 39.24
C GLU N 256 -42.73 -3.47 40.44
N ALA N 257 -42.96 -3.99 41.64
CA ALA N 257 -42.95 -3.13 42.82
C ALA N 257 -41.58 -2.51 43.05
N LEU N 258 -40.53 -3.33 43.01
CA LEU N 258 -39.17 -2.82 43.17
C LEU N 258 -38.81 -1.85 42.05
N ALA N 259 -39.19 -2.19 40.82
CA ALA N 259 -38.90 -1.31 39.69
C ALA N 259 -39.60 0.04 39.85
N THR N 260 -40.86 0.03 40.28
CA THR N 260 -41.59 1.28 40.48
C THR N 260 -40.98 2.10 41.60
N LEU N 261 -40.58 1.44 42.69
CA LEU N 261 -39.91 2.18 43.78
C LEU N 261 -38.61 2.80 43.30
N VAL N 262 -37.83 2.07 42.50
CA VAL N 262 -36.58 2.61 41.98
C VAL N 262 -36.85 3.80 41.08
N VAL N 263 -37.86 3.69 40.21
CA VAL N 263 -38.19 4.79 39.30
C VAL N 263 -38.67 6.00 40.09
N ASN N 264 -39.46 5.78 41.14
CA ASN N 264 -39.93 6.89 41.97
C ASN N 264 -38.77 7.57 42.68
N ASN N 265 -37.83 6.80 43.21
CA ASN N 265 -36.66 7.38 43.88
C ASN N 265 -35.81 8.18 42.90
N LEU N 266 -35.59 7.64 41.70
CA LEU N 266 -34.81 8.36 40.70
C LEU N 266 -35.51 9.63 40.23
N ARG N 267 -36.82 9.58 40.04
CA ARG N 267 -37.58 10.73 39.57
C ARG N 267 -37.87 11.73 40.67
N GLY N 268 -37.62 11.38 41.92
CA GLY N 268 -37.98 12.25 43.02
C GLY N 268 -39.46 12.25 43.36
N ILE N 269 -40.22 11.29 42.85
CA ILE N 269 -41.65 11.23 43.11
C ILE N 269 -41.90 11.00 44.60
N LEU N 270 -41.18 10.05 45.19
CA LEU N 270 -41.33 9.74 46.61
C LEU N 270 -40.02 9.17 47.13
N LYS N 271 -39.64 9.61 48.34
CA LYS N 271 -38.42 9.13 48.98
C LYS N 271 -38.71 7.79 49.63
N THR N 272 -38.24 6.70 49.00
CA THR N 272 -38.54 5.36 49.45
C THR N 272 -37.26 4.55 49.60
N CYS N 273 -37.32 3.56 50.49
CA CYS N 273 -36.24 2.61 50.68
C CYS N 273 -36.82 1.30 51.19
N ALA N 274 -36.37 0.20 50.60
CA ALA N 274 -36.90 -1.11 50.93
C ALA N 274 -35.75 -2.04 51.30
N VAL N 275 -35.89 -2.72 52.43
CA VAL N 275 -34.89 -3.68 52.91
C VAL N 275 -35.60 -4.95 53.35
N LYS N 276 -34.87 -6.05 53.30
CA LYS N 276 -35.41 -7.32 53.79
C LYS N 276 -35.55 -7.27 55.30
N ALA N 277 -36.59 -7.93 55.81
CA ALA N 277 -36.76 -8.01 57.26
C ALA N 277 -35.66 -8.88 57.87
N PRO N 278 -35.14 -8.49 59.04
CA PRO N 278 -34.04 -9.25 59.63
C PRO N 278 -34.49 -10.60 60.14
N GLY N 279 -33.55 -11.54 60.14
CA GLY N 279 -33.79 -12.87 60.64
C GLY N 279 -34.52 -13.76 59.65
N PHE N 280 -34.78 -14.99 60.09
CA PHE N 280 -35.50 -15.96 59.28
C PHE N 280 -36.19 -16.95 60.20
N GLY N 281 -37.13 -17.71 59.64
CA GLY N 281 -37.88 -18.64 60.46
C GLY N 281 -38.80 -17.92 61.42
N ASP N 282 -38.99 -18.50 62.60
CA ASP N 282 -39.78 -17.86 63.63
C ASP N 282 -39.16 -16.58 64.15
N ARG N 283 -37.85 -16.39 63.98
CA ARG N 283 -37.21 -15.15 64.41
C ARG N 283 -37.69 -13.97 63.59
N ARG N 284 -38.20 -14.23 62.38
CA ARG N 284 -38.67 -13.15 61.51
C ARG N 284 -39.79 -12.38 62.16
N LYS N 285 -40.79 -13.09 62.69
CA LYS N 285 -41.93 -12.43 63.32
C LYS N 285 -41.50 -11.66 64.57
N ALA N 286 -40.58 -12.23 65.35
CA ALA N 286 -40.08 -11.54 66.54
C ALA N 286 -39.36 -10.26 66.15
N MET N 287 -38.51 -10.31 65.13
CA MET N 287 -37.82 -9.12 64.66
C MET N 287 -38.80 -8.06 64.20
N LEU N 288 -39.80 -8.45 63.41
CA LEU N 288 -40.78 -7.49 62.91
C LEU N 288 -41.58 -6.87 64.05
N GLN N 289 -41.99 -7.69 65.03
CA GLN N 289 -42.76 -7.16 66.15
C GLN N 289 -41.93 -6.20 66.98
N ASP N 290 -40.66 -6.53 67.24
CA ASP N 290 -39.80 -5.63 68.01
C ASP N 290 -39.59 -4.33 67.27
N ILE N 291 -39.37 -4.40 65.95
CA ILE N 291 -39.16 -3.18 65.18
C ILE N 291 -40.43 -2.33 65.19
N ALA N 292 -41.60 -2.96 65.06
CA ALA N 292 -42.86 -2.22 65.06
C ALA N 292 -43.09 -1.54 66.39
N ILE N 293 -42.85 -2.25 67.51
CA ILE N 293 -43.07 -1.65 68.81
C ILE N 293 -42.04 -0.55 69.09
N LEU N 294 -40.85 -0.68 68.49
CA LEU N 294 -39.84 0.36 68.66
C LEU N 294 -40.20 1.61 67.86
N THR N 295 -40.77 1.44 66.67
CA THR N 295 -41.16 2.56 65.82
C THR N 295 -42.61 2.97 66.05
N GLY N 296 -43.32 2.31 66.95
CA GLY N 296 -44.70 2.63 67.22
C GLY N 296 -45.70 2.13 66.20
N GLY N 297 -45.26 1.33 65.23
CA GLY N 297 -46.12 0.80 64.20
C GLY N 297 -46.67 -0.57 64.54
N THR N 298 -47.38 -1.15 63.58
CA THR N 298 -47.96 -2.47 63.71
C THR N 298 -47.59 -3.29 62.48
N VAL N 299 -47.30 -4.58 62.69
CA VAL N 299 -46.90 -5.45 61.58
C VAL N 299 -48.13 -5.82 60.77
N ILE N 300 -48.05 -5.63 59.46
CA ILE N 300 -49.14 -6.00 58.56
C ILE N 300 -49.00 -7.48 58.24
N SER N 301 -49.96 -8.28 58.70
CA SER N 301 -49.89 -9.73 58.50
C SER N 301 -51.30 -10.30 58.52
N GLU N 302 -51.48 -11.41 57.78
CA GLU N 302 -52.77 -12.09 57.78
C GLU N 302 -53.06 -12.73 59.13
N GLU N 303 -52.05 -13.28 59.79
CA GLU N 303 -52.23 -13.91 61.09
C GLU N 303 -52.68 -12.93 62.16
N VAL N 304 -52.42 -11.63 61.99
CA VAL N 304 -52.88 -10.59 62.91
C VAL N 304 -54.10 -9.86 62.36
N GLY N 305 -54.56 -10.24 61.17
CA GLY N 305 -55.81 -9.71 60.65
C GLY N 305 -55.72 -8.37 59.94
N LEU N 306 -54.57 -8.04 59.36
CA LEU N 306 -54.40 -6.81 58.60
C LEU N 306 -53.88 -7.12 57.21
N SER N 307 -54.25 -6.26 56.26
CA SER N 307 -53.84 -6.40 54.87
C SER N 307 -53.21 -5.10 54.40
N LEU N 308 -52.20 -5.21 53.52
CA LEU N 308 -51.51 -4.03 53.03
C LEU N 308 -52.39 -3.17 52.13
N GLU N 309 -53.44 -3.75 51.53
CA GLU N 309 -54.32 -2.97 50.67
C GLU N 309 -55.11 -1.94 51.47
N LYS N 310 -55.41 -2.23 52.73
CA LYS N 310 -56.18 -1.33 53.58
C LYS N 310 -55.35 -0.62 54.64
N ALA N 311 -54.03 -0.79 54.62
CA ALA N 311 -53.18 -0.19 55.65
C ALA N 311 -53.21 1.34 55.55
N THR N 312 -53.18 1.98 56.71
CA THR N 312 -53.22 3.43 56.79
C THR N 312 -51.93 3.93 57.46
N LEU N 313 -51.77 5.25 57.50
CA LEU N 313 -50.58 5.84 58.09
C LEU N 313 -50.49 5.58 59.58
N GLU N 314 -51.61 5.35 60.26
CA GLU N 314 -51.59 5.05 61.69
C GLU N 314 -50.91 3.72 61.99
N ASP N 315 -51.11 2.70 61.14
CA ASP N 315 -50.44 1.43 61.33
C ASP N 315 -48.94 1.52 61.13
N LEU N 316 -48.48 2.45 60.30
CA LEU N 316 -47.06 2.56 59.99
C LEU N 316 -46.29 3.13 61.17
N GLY N 317 -45.06 2.64 61.36
CA GLY N 317 -44.17 3.21 62.34
C GLY N 317 -43.45 4.43 61.80
N GLN N 318 -42.74 5.11 62.70
CA GLN N 318 -42.00 6.31 62.33
C GLN N 318 -40.85 6.52 63.30
N ALA N 319 -39.84 7.24 62.83
CA ALA N 319 -38.64 7.52 63.62
C ALA N 319 -37.99 8.79 63.09
N LYS N 320 -37.08 9.34 63.89
CA LYS N 320 -36.42 10.58 63.50
C LYS N 320 -35.54 10.40 62.25
N ARG N 321 -34.79 9.31 62.17
CA ARG N 321 -33.90 9.08 61.05
C ARG N 321 -33.62 7.59 60.93
N VAL N 322 -33.50 7.13 59.68
CA VAL N 322 -33.06 5.78 59.38
C VAL N 322 -31.89 5.86 58.40
N GLU N 323 -30.84 5.09 58.66
CA GLU N 323 -29.68 5.01 57.79
C GLU N 323 -29.58 3.60 57.24
N VAL N 324 -29.54 3.48 55.91
CA VAL N 324 -29.49 2.20 55.24
C VAL N 324 -28.14 2.08 54.54
N ALA N 325 -27.31 1.14 55.00
CA ALA N 325 -26.01 0.90 54.41
C ALA N 325 -26.05 -0.37 53.56
N LYS N 326 -24.90 -0.72 53.00
CA LYS N 326 -24.82 -1.92 52.17
C LYS N 326 -25.14 -3.18 52.95
N GLU N 327 -24.65 -3.30 54.18
CA GLU N 327 -24.81 -4.52 54.96
C GLU N 327 -25.77 -4.40 56.13
N HIS N 328 -26.01 -3.19 56.64
CA HIS N 328 -26.85 -3.05 57.82
C HIS N 328 -27.71 -1.79 57.70
N THR N 329 -28.82 -1.80 58.43
CA THR N 329 -29.74 -0.67 58.51
C THR N 329 -30.02 -0.37 59.97
N THR N 330 -29.99 0.92 60.32
CA THR N 330 -30.21 1.35 61.69
C THR N 330 -31.38 2.33 61.75
N ILE N 331 -32.06 2.33 62.89
CA ILE N 331 -33.22 3.19 63.12
C ILE N 331 -32.89 4.08 64.31
N ILE N 332 -33.12 5.39 64.15
CA ILE N 332 -32.77 6.38 65.16
C ILE N 332 -34.05 7.01 65.70
N ASP N 333 -34.21 6.97 67.03
CA ASP N 333 -35.29 7.65 67.74
C ASP N 333 -36.66 7.18 67.23
N GLY N 334 -36.93 5.90 67.48
CA GLY N 334 -38.22 5.35 67.14
C GLY N 334 -39.34 5.95 67.97
N ALA N 335 -40.55 5.94 67.41
CA ALA N 335 -41.70 6.57 68.05
C ALA N 335 -42.25 5.78 69.23
N GLY N 336 -41.80 4.54 69.42
CA GLY N 336 -42.30 3.74 70.52
C GLY N 336 -42.05 4.34 71.88
N ASP N 337 -43.06 4.29 72.75
CA ASP N 337 -42.91 4.84 74.09
C ASP N 337 -41.92 3.99 74.90
N PRO N 338 -41.11 4.62 75.75
CA PRO N 338 -40.13 3.85 76.54
C PRO N 338 -40.76 2.83 77.47
N ALA N 339 -41.99 3.05 77.93
CA ALA N 339 -42.62 2.11 78.85
C ALA N 339 -42.88 0.76 78.17
N LYS N 340 -43.48 0.78 76.99
CA LYS N 340 -43.73 -0.46 76.27
C LYS N 340 -42.43 -1.12 75.84
N ILE N 341 -41.42 -0.32 75.48
CA ILE N 341 -40.13 -0.88 75.11
C ILE N 341 -39.51 -1.61 76.29
N GLN N 342 -39.54 -1.00 77.47
CA GLN N 342 -39.00 -1.64 78.66
C GLN N 342 -39.80 -2.88 79.03
N ALA N 343 -41.12 -2.83 78.87
CA ALA N 343 -41.95 -4.01 79.13
C ALA N 343 -41.58 -5.16 78.20
N ARG N 344 -41.39 -4.87 76.91
CA ARG N 344 -40.97 -5.91 75.97
C ARG N 344 -39.57 -6.40 76.29
N VAL N 345 -38.69 -5.52 76.77
CA VAL N 345 -37.36 -5.94 77.17
C VAL N 345 -37.46 -6.94 78.31
N LYS N 346 -38.30 -6.66 79.31
CA LYS N 346 -38.50 -7.61 80.40
C LYS N 346 -39.11 -8.91 79.89
N GLU N 347 -40.06 -8.81 78.95
CA GLU N 347 -40.67 -10.00 78.37
C GLU N 347 -39.62 -10.89 77.69
N ILE N 348 -38.73 -10.28 76.92
CA ILE N 348 -37.70 -11.05 76.24
C ILE N 348 -36.70 -11.61 77.24
N ARG N 349 -36.38 -10.84 78.27
CA ARG N 349 -35.45 -11.31 79.30
C ARG N 349 -36.01 -12.49 80.08
N VAL N 350 -37.32 -12.52 80.33
CA VAL N 350 -37.90 -13.68 81.00
C VAL N 350 -38.13 -14.84 80.03
N GLN N 351 -38.33 -14.55 78.74
CA GLN N 351 -38.34 -15.61 77.73
C GLN N 351 -36.97 -16.23 77.53
N ILE N 352 -35.91 -15.51 77.92
CA ILE N 352 -34.56 -16.06 77.84
C ILE N 352 -34.46 -17.37 78.61
N GLU N 353 -35.05 -17.41 79.82
CA GLU N 353 -35.09 -18.63 80.61
C GLU N 353 -35.95 -19.72 79.98
N GLU N 354 -36.80 -19.38 79.01
CA GLU N 354 -37.62 -20.34 78.31
C GLU N 354 -36.93 -20.96 77.11
N ALA N 355 -35.68 -20.59 76.85
CA ALA N 355 -34.97 -21.08 75.67
C ALA N 355 -34.75 -22.59 75.76
N THR N 356 -35.01 -23.28 74.66
CA THR N 356 -34.82 -24.72 74.58
C THR N 356 -33.40 -25.11 74.22
N SER N 357 -32.56 -24.17 73.83
CA SER N 357 -31.19 -24.47 73.43
C SER N 357 -30.33 -23.23 73.67
N ASP N 358 -29.01 -23.45 73.67
CA ASP N 358 -28.09 -22.32 73.82
C ASP N 358 -28.18 -21.37 72.64
N TYR N 359 -28.46 -21.89 71.43
CA TYR N 359 -28.66 -21.02 70.28
C TYR N 359 -29.89 -20.15 70.46
N ASP N 360 -30.96 -20.71 71.00
CA ASP N 360 -32.16 -19.92 71.29
C ASP N 360 -31.85 -18.84 72.33
N ARG N 361 -31.12 -19.20 73.37
CA ARG N 361 -30.80 -18.26 74.44
C ARG N 361 -29.93 -17.12 73.92
N GLU N 362 -28.95 -17.44 73.06
CA GLU N 362 -28.08 -16.39 72.54
C GLU N 362 -28.82 -15.47 71.57
N LYS N 363 -29.75 -15.99 70.77
CA LYS N 363 -30.58 -15.13 69.95
C LYS N 363 -31.49 -14.23 70.79
N LEU N 364 -32.05 -14.77 71.87
CA LEU N 364 -32.86 -13.95 72.77
C LEU N 364 -32.01 -12.87 73.43
N GLN N 365 -30.78 -13.20 73.80
CA GLN N 365 -29.86 -12.20 74.37
C GLN N 365 -29.52 -11.14 73.33
N GLU N 366 -29.34 -11.54 72.07
CA GLU N 366 -29.11 -10.57 71.01
C GLU N 366 -30.31 -9.63 70.86
N ARG N 367 -31.52 -10.19 70.96
CA ARG N 367 -32.72 -9.36 70.94
C ARG N 367 -32.71 -8.36 72.08
N VAL N 368 -32.40 -8.83 73.29
CA VAL N 368 -32.36 -7.94 74.45
C VAL N 368 -31.36 -6.81 74.22
N ALA N 369 -30.16 -7.16 73.75
CA ALA N 369 -29.13 -6.16 73.53
C ALA N 369 -29.56 -5.15 72.47
N LYS N 370 -30.01 -5.63 71.31
CA LYS N 370 -30.36 -4.74 70.23
C LYS N 370 -31.55 -3.85 70.57
N LEU N 371 -32.41 -4.30 71.49
CA LEU N 371 -33.57 -3.49 71.83
C LEU N 371 -33.25 -2.50 72.95
N ALA N 372 -32.72 -2.99 74.08
CA ALA N 372 -32.49 -2.14 75.24
C ALA N 372 -31.29 -1.22 75.07
N GLY N 373 -30.30 -1.60 74.26
CA GLY N 373 -29.10 -0.79 74.14
C GLY N 373 -29.32 0.55 73.47
N GLY N 374 -30.37 0.68 72.66
CA GLY N 374 -30.60 1.93 72.00
C GLY N 374 -29.54 2.23 70.96
N VAL N 375 -29.46 3.50 70.58
CA VAL N 375 -28.49 3.97 69.61
C VAL N 375 -27.82 5.22 70.16
N ALA N 376 -26.49 5.23 70.15
CA ALA N 376 -25.74 6.43 70.52
C ALA N 376 -25.63 7.35 69.32
N VAL N 377 -26.02 8.61 69.51
CA VAL N 377 -25.98 9.62 68.45
C VAL N 377 -24.97 10.68 68.85
N ILE N 378 -23.97 10.89 68.00
CA ILE N 378 -22.94 11.90 68.26
C ILE N 378 -23.32 13.16 67.49
N LYS N 379 -23.54 14.25 68.24
CA LYS N 379 -23.87 15.53 67.63
C LYS N 379 -22.57 16.26 67.36
N VAL N 380 -22.02 16.05 66.16
CA VAL N 380 -20.76 16.67 65.79
C VAL N 380 -20.96 18.17 65.66
N GLY N 381 -20.22 18.94 66.46
CA GLY N 381 -20.38 20.37 66.52
C GLY N 381 -19.16 21.12 66.02
N ALA N 382 -19.41 22.21 65.29
CA ALA N 382 -18.34 23.06 64.77
C ALA N 382 -18.94 24.37 64.31
N ALA N 383 -18.07 25.25 63.80
CA ALA N 383 -18.48 26.62 63.49
C ALA N 383 -19.34 26.73 62.23
N THR N 384 -18.97 26.04 61.15
CA THR N 384 -19.58 26.28 59.85
C THR N 384 -20.00 24.97 59.21
N GLU N 385 -20.86 25.10 58.19
CA GLU N 385 -21.28 23.93 57.41
C GLU N 385 -20.12 23.29 56.67
N VAL N 386 -19.21 24.11 56.14
CA VAL N 386 -18.02 23.56 55.50
C VAL N 386 -17.19 22.78 56.52
N GLU N 387 -17.04 23.34 57.73
CA GLU N 387 -16.35 22.61 58.79
C GLU N 387 -17.20 21.43 59.28
N MET N 388 -18.53 21.57 59.24
CA MET N 388 -19.41 20.44 59.54
C MET N 388 -19.09 19.25 58.66
N LYS N 389 -18.97 19.47 57.35
CA LYS N 389 -18.78 18.38 56.41
C LYS N 389 -17.48 17.63 56.70
N GLU N 390 -16.40 18.36 56.97
CA GLU N 390 -15.12 17.72 57.24
C GLU N 390 -15.12 17.02 58.61
N LYS N 391 -15.67 17.69 59.63
CA LYS N 391 -15.64 17.12 60.97
C LYS N 391 -16.49 15.87 61.07
N LYS N 392 -17.63 15.84 60.37
CA LYS N 392 -18.46 14.64 60.39
C LYS N 392 -17.73 13.45 59.78
N ALA N 393 -17.04 13.65 58.66
CA ALA N 393 -16.27 12.58 58.06
C ALA N 393 -15.13 12.13 58.96
N ARG N 394 -14.44 13.10 59.59
CA ARG N 394 -13.36 12.74 60.50
C ARG N 394 -13.88 11.94 61.69
N VAL N 395 -15.02 12.34 62.25
CA VAL N 395 -15.60 11.61 63.37
C VAL N 395 -16.02 10.22 62.95
N GLU N 396 -16.60 10.08 61.75
CA GLU N 396 -17.00 8.76 61.28
C GLU N 396 -15.79 7.85 61.09
N ASP N 397 -14.71 8.39 60.50
CA ASP N 397 -13.50 7.58 60.33
C ASP N 397 -12.90 7.19 61.67
N ALA N 398 -12.86 8.12 62.63
CA ALA N 398 -12.36 7.80 63.95
C ALA N 398 -13.22 6.75 64.64
N LEU N 399 -14.54 6.84 64.48
CA LEU N 399 -15.44 5.85 65.06
C LEU N 399 -15.19 4.47 64.47
N HIS N 400 -15.03 4.40 63.14
CA HIS N 400 -14.74 3.12 62.51
C HIS N 400 -13.42 2.55 62.99
N ALA N 401 -12.39 3.40 63.09
CA ALA N 401 -11.09 2.93 63.55
C ALA N 401 -11.16 2.43 64.99
N THR N 402 -11.87 3.16 65.85
CA THR N 402 -12.01 2.75 67.24
C THR N 402 -12.78 1.44 67.35
N ARG N 403 -13.84 1.29 66.56
CA ARG N 403 -14.61 0.05 66.56
C ARG N 403 -13.72 -1.11 66.14
N ALA N 404 -12.91 -0.92 65.10
CA ALA N 404 -11.96 -1.95 64.70
C ALA N 404 -10.88 -2.14 65.76
N ALA N 405 -10.38 -1.06 66.35
CA ALA N 405 -9.30 -1.15 67.33
C ALA N 405 -9.75 -1.84 68.61
N VAL N 406 -10.95 -1.54 69.10
CA VAL N 406 -11.38 -2.10 70.38
C VAL N 406 -11.62 -3.60 70.26
N GLU N 407 -11.92 -4.09 69.06
CA GLU N 407 -12.20 -5.52 68.88
C GLU N 407 -10.93 -6.35 68.94
N GLU N 408 -9.85 -5.89 68.31
CA GLU N 408 -8.65 -6.71 68.16
C GLU N 408 -7.38 -5.98 68.61
N GLY N 409 -7.49 -4.82 69.23
CA GLY N 409 -6.31 -4.11 69.67
C GLY N 409 -5.66 -3.29 68.57
N ILE N 410 -4.63 -2.56 68.95
CA ILE N 410 -3.89 -1.71 68.02
C ILE N 410 -2.52 -2.35 67.78
N VAL N 411 -1.90 -1.95 66.67
CA VAL N 411 -0.60 -2.48 66.28
C VAL N 411 0.19 -1.41 65.56
N PRO N 412 1.53 -1.41 65.72
CA PRO N 412 2.36 -0.41 65.04
C PRO N 412 2.07 -0.30 63.54
N GLY N 413 1.58 0.87 63.13
CA GLY N 413 1.19 1.08 61.75
C GLY N 413 2.34 1.42 60.82
N GLY N 414 2.01 1.81 59.59
CA GLY N 414 3.04 2.12 58.61
C GLY N 414 3.73 0.90 58.04
N GLY N 415 3.11 -0.27 58.17
CA GLY N 415 3.67 -1.50 57.63
C GLY N 415 4.66 -2.21 58.54
N VAL N 416 5.03 -1.61 59.67
CA VAL N 416 5.97 -2.25 60.58
C VAL N 416 5.33 -3.48 61.23
N ALA N 417 4.01 -3.47 61.39
CA ALA N 417 3.32 -4.58 62.05
C ALA N 417 3.54 -5.88 61.31
N LEU N 418 3.41 -5.85 59.98
CA LEU N 418 3.62 -7.06 59.19
C LEU N 418 5.06 -7.56 59.29
N LEU N 419 6.03 -6.65 59.32
CA LEU N 419 7.41 -7.06 59.48
C LEU N 419 7.65 -7.73 60.83
N ARG N 420 7.11 -7.14 61.90
CA ARG N 420 7.27 -7.74 63.22
C ARG N 420 6.61 -9.11 63.28
N ALA N 421 5.41 -9.23 62.72
CA ALA N 421 4.72 -10.51 62.70
C ALA N 421 5.51 -11.54 61.89
N ARG N 422 6.06 -11.13 60.75
CA ARG N 422 6.84 -12.05 59.91
C ARG N 422 8.08 -12.53 60.65
N GLU N 423 8.79 -11.61 61.30
CA GLU N 423 9.99 -12.01 62.03
C GLU N 423 9.64 -12.95 63.18
N ALA N 424 8.58 -12.64 63.92
CA ALA N 424 8.19 -13.50 65.02
C ALA N 424 7.76 -14.88 64.54
N ALA N 425 7.02 -14.95 63.43
CA ALA N 425 6.61 -16.24 62.87
C ALA N 425 7.79 -17.05 62.38
N VAL N 426 8.74 -16.40 61.71
CA VAL N 426 9.93 -17.10 61.24
C VAL N 426 10.75 -17.63 62.42
N ALA N 427 10.90 -16.81 63.46
CA ALA N 427 11.59 -17.26 64.66
C ALA N 427 10.85 -18.41 65.34
N LYS N 428 9.52 -18.41 65.29
CA LYS N 428 8.75 -19.51 65.84
C LYS N 428 9.05 -20.82 65.11
N GLY N 429 9.39 -20.73 63.83
CA GLY N 429 9.61 -21.91 63.02
C GLY N 429 8.48 -22.15 62.04
N LEU N 430 8.69 -21.75 60.79
CA LEU N 430 7.70 -21.90 59.73
C LEU N 430 8.34 -22.65 58.57
N LYS N 431 7.70 -23.73 58.14
CA LYS N 431 8.26 -24.58 57.10
C LYS N 431 7.13 -25.17 56.26
N GLY N 432 7.48 -25.58 55.05
CA GLY N 432 6.55 -26.22 54.15
C GLY N 432 6.89 -27.69 53.94
N ASP N 433 5.86 -28.48 53.68
CA ASP N 433 6.06 -29.92 53.46
C ASP N 433 6.68 -30.22 52.10
N ASN N 434 6.73 -29.25 51.20
CA ASN N 434 7.29 -29.43 49.87
C ASN N 434 8.16 -28.23 49.55
N PRO N 435 9.11 -28.37 48.62
CA PRO N 435 9.82 -27.19 48.12
C PRO N 435 8.88 -26.16 47.51
N ASP N 436 7.80 -26.61 46.88
CA ASP N 436 6.79 -25.68 46.39
C ASP N 436 6.12 -24.94 47.53
N GLN N 437 5.79 -25.65 48.61
CA GLN N 437 5.26 -24.98 49.79
C GLN N 437 6.29 -24.04 50.40
N GLU N 438 7.58 -24.40 50.33
CA GLU N 438 8.62 -23.49 50.82
C GLU N 438 8.65 -22.21 50.00
N ALA N 439 8.52 -22.31 48.68
CA ALA N 439 8.46 -21.12 47.84
C ALA N 439 7.19 -20.33 48.12
N GLY N 440 6.08 -21.01 48.41
CA GLY N 440 4.87 -20.30 48.80
C GLY N 440 5.07 -19.53 50.08
N ILE N 441 5.78 -20.10 51.05
CA ILE N 441 6.11 -19.38 52.28
C ILE N 441 6.97 -18.17 51.96
N LYS N 442 8.00 -18.35 51.12
CA LYS N 442 8.87 -17.25 50.75
C LYS N 442 8.12 -16.13 50.06
N ILE N 443 7.11 -16.48 49.27
CA ILE N 443 6.31 -15.47 48.57
C ILE N 443 5.68 -14.51 49.56
N VAL N 444 5.01 -15.06 50.58
CA VAL N 444 4.36 -14.21 51.58
C VAL N 444 5.40 -13.46 52.40
N LEU N 445 6.51 -14.13 52.76
CA LEU N 445 7.53 -13.49 53.56
C LEU N 445 8.10 -12.27 52.85
N ARG N 446 8.27 -12.36 51.52
CA ARG N 446 8.74 -11.22 50.76
C ARG N 446 7.64 -10.18 50.55
N ALA N 447 6.39 -10.63 50.40
CA ALA N 447 5.32 -9.70 50.04
C ALA N 447 4.86 -8.85 51.21
N VAL N 448 4.93 -9.38 52.43
CA VAL N 448 4.38 -8.66 53.59
C VAL N 448 5.17 -7.40 53.89
N GLU N 449 6.34 -7.25 53.28
CA GLU N 449 7.12 -6.03 53.46
C GLU N 449 6.81 -4.97 52.40
N GLN N 450 5.96 -5.28 51.42
CA GLN N 450 5.62 -4.36 50.35
C GLN N 450 4.94 -3.08 50.84
N PRO N 451 3.99 -3.14 51.80
CA PRO N 451 3.39 -1.88 52.27
C PRO N 451 4.40 -0.88 52.81
N LEU N 452 5.34 -1.34 53.64
CA LEU N 452 6.37 -0.43 54.15
C LEU N 452 7.27 0.07 53.02
N ARG N 453 7.63 -0.81 52.09
CA ARG N 453 8.47 -0.40 50.98
C ARG N 453 7.81 0.68 50.15
N GLU N 454 6.52 0.54 49.87
CA GLU N 454 5.83 1.56 49.09
C GLU N 454 5.56 2.83 49.87
N ILE N 455 5.29 2.74 51.17
CA ILE N 455 5.17 3.94 51.99
C ILE N 455 6.47 4.73 51.95
N VAL N 456 7.60 4.03 52.09
CA VAL N 456 8.91 4.70 52.03
C VAL N 456 9.15 5.27 50.65
N ALA N 457 8.84 4.52 49.60
CA ALA N 457 9.07 5.00 48.23
C ALA N 457 8.25 6.25 47.93
N ASN N 458 6.99 6.27 48.34
CA ASN N 458 6.19 7.49 48.19
C ASN N 458 6.75 8.62 49.05
N ALA N 459 7.29 8.29 50.22
CA ALA N 459 7.95 9.30 51.04
C ALA N 459 9.23 9.81 50.40
N GLY N 460 9.77 9.10 49.41
CA GLY N 460 10.93 9.54 48.69
C GLY N 460 12.24 8.87 49.08
N GLU N 461 12.29 8.21 50.23
CA GLU N 461 13.51 7.56 50.66
C GLU N 461 13.74 6.27 49.88
N GLU N 462 14.89 5.65 50.11
CA GLU N 462 15.21 4.38 49.48
C GLU N 462 14.57 3.24 50.27
N PRO N 463 13.72 2.41 49.65
CA PRO N 463 12.99 1.40 50.41
C PRO N 463 13.87 0.37 51.12
N SER N 464 14.90 -0.14 50.45
CA SER N 464 15.64 -1.28 50.99
C SER N 464 16.36 -0.93 52.28
N VAL N 465 17.04 0.22 52.33
CA VAL N 465 17.79 0.58 53.53
C VAL N 465 16.84 0.81 54.70
N ILE N 466 15.70 1.46 54.45
CA ILE N 466 14.74 1.71 55.52
C ILE N 466 14.16 0.40 56.04
N VAL N 467 13.83 -0.53 55.13
CA VAL N 467 13.31 -1.82 55.56
C VAL N 467 14.35 -2.58 56.38
N ALA N 468 15.61 -2.54 55.95
CA ALA N 468 16.66 -3.23 56.69
C ALA N 468 16.82 -2.61 58.08
N LYS N 469 16.79 -1.28 58.17
CA LYS N 469 16.93 -0.63 59.47
C LYS N 469 15.75 -0.95 60.38
N VAL N 470 14.54 -1.01 59.81
CA VAL N 470 13.37 -1.38 60.60
C VAL N 470 13.51 -2.81 61.11
N LEU N 471 13.97 -3.71 60.25
CA LEU N 471 14.18 -5.10 60.65
C LEU N 471 15.26 -5.23 61.72
N GLU N 472 16.27 -4.37 61.70
CA GLU N 472 17.29 -4.40 62.74
C GLU N 472 16.74 -3.98 64.10
N GLY N 473 15.67 -3.19 64.12
CA GLY N 473 15.02 -2.85 65.36
C GLY N 473 14.07 -3.92 65.84
N LYS N 474 13.60 -3.77 67.07
CA LYS N 474 12.72 -4.74 67.69
C LYS N 474 11.54 -4.02 68.34
N GLY N 475 10.45 -4.75 68.50
CA GLY N 475 9.27 -4.18 69.14
C GLY N 475 8.57 -3.17 68.25
N ASN N 476 8.12 -2.08 68.85
CA ASN N 476 7.37 -1.05 68.13
C ASN N 476 8.27 -0.15 67.29
N TYR N 477 9.59 -0.33 67.37
CA TYR N 477 10.51 0.48 66.58
C TYR N 477 10.22 0.35 65.09
N GLY N 478 10.19 1.49 64.40
CA GLY N 478 9.87 1.50 62.99
C GLY N 478 10.17 2.85 62.38
N TYR N 479 9.74 3.01 61.13
CA TYR N 479 9.98 4.22 60.36
C TYR N 479 8.70 5.03 60.24
N ASN N 480 8.80 6.33 60.45
CA ASN N 480 7.65 7.25 60.35
C ASN N 480 7.86 8.10 59.10
N ALA N 481 7.08 7.82 58.06
CA ALA N 481 7.21 8.56 56.81
C ALA N 481 6.78 10.01 56.95
N ALA N 482 5.97 10.34 57.95
CA ALA N 482 5.51 11.72 58.11
C ALA N 482 6.67 12.65 58.42
N THR N 483 7.60 12.22 59.28
CA THR N 483 8.74 13.03 59.66
C THR N 483 10.09 12.46 59.23
N GLY N 484 10.13 11.20 58.79
CA GLY N 484 11.39 10.59 58.40
C GLY N 484 12.23 10.07 59.54
N GLU N 485 11.71 10.05 60.76
CA GLU N 485 12.47 9.63 61.92
C GLU N 485 12.22 8.16 62.24
N PHE N 486 13.11 7.59 63.05
CA PHE N 486 12.99 6.22 63.52
C PHE N 486 12.72 6.21 65.02
N GLY N 487 11.79 5.37 65.43
CA GLY N 487 11.49 5.25 66.85
C GLY N 487 10.25 4.42 67.07
N ASP N 488 9.75 4.47 68.30
CA ASP N 488 8.53 3.73 68.66
C ASP N 488 7.36 4.28 67.86
N MET N 489 6.80 3.45 66.98
CA MET N 489 5.70 3.90 66.13
C MET N 489 4.46 4.25 66.94
N ILE N 490 4.21 3.52 68.03
CA ILE N 490 3.05 3.81 68.86
C ILE N 490 3.20 5.15 69.56
N GLU N 491 4.42 5.49 69.99
CA GLU N 491 4.63 6.73 70.74
C GLU N 491 4.37 7.97 69.89
N MET N 492 4.62 7.89 68.58
CA MET N 492 4.30 9.01 67.71
C MET N 492 2.86 8.98 67.21
N GLY N 493 2.05 8.03 67.67
CA GLY N 493 0.67 7.97 67.25
C GLY N 493 0.47 7.61 65.79
N VAL N 494 1.23 6.64 65.28
CA VAL N 494 1.02 6.08 63.96
C VAL N 494 0.57 4.64 64.15
N LEU N 495 -0.74 4.41 64.04
CA LEU N 495 -1.33 3.14 64.42
C LEU N 495 -2.27 2.64 63.33
N ASP N 496 -2.42 1.32 63.28
CA ASP N 496 -3.43 0.64 62.49
C ASP N 496 -4.12 -0.41 63.36
N PRO N 497 -5.44 -0.49 63.32
CA PRO N 497 -6.13 -1.57 64.05
C PRO N 497 -5.68 -2.93 63.53
N THR N 498 -5.55 -3.89 64.45
CA THR N 498 -5.13 -5.23 64.06
C THR N 498 -6.10 -5.84 63.06
N LYS N 499 -7.38 -5.51 63.17
CA LYS N 499 -8.36 -6.00 62.20
C LYS N 499 -8.03 -5.53 60.80
N VAL N 500 -7.62 -4.28 60.63
CA VAL N 500 -7.34 -3.75 59.30
C VAL N 500 -6.22 -4.52 58.63
N THR N 501 -5.08 -4.67 59.33
CA THR N 501 -3.95 -5.38 58.74
C THR N 501 -4.26 -6.85 58.52
N ARG N 502 -4.91 -7.50 59.49
CA ARG N 502 -5.23 -8.91 59.34
C ARG N 502 -6.15 -9.14 58.15
N SER N 503 -7.21 -8.33 58.04
CA SER N 503 -8.15 -8.50 56.93
C SER N 503 -7.49 -8.20 55.60
N ALA N 504 -6.67 -7.15 55.54
CA ALA N 504 -5.97 -6.85 54.29
C ALA N 504 -5.09 -8.01 53.86
N LEU N 505 -4.30 -8.55 54.79
CA LEU N 505 -3.42 -9.66 54.46
C LEU N 505 -4.21 -10.88 54.00
N GLN N 506 -5.26 -11.23 54.74
CA GLN N 506 -6.01 -12.44 54.41
C GLN N 506 -6.73 -12.30 53.07
N ASN N 507 -7.35 -11.14 52.80
CA ASN N 507 -8.04 -10.97 51.52
C ASN N 507 -7.06 -10.91 50.35
N ALA N 508 -5.91 -10.27 50.56
CA ALA N 508 -4.89 -10.28 49.51
C ALA N 508 -4.41 -11.70 49.23
N ALA N 509 -4.21 -12.50 50.29
CA ALA N 509 -3.80 -13.88 50.10
C ALA N 509 -4.87 -14.67 49.35
N SER N 510 -6.14 -14.45 49.70
CA SER N 510 -7.21 -15.17 49.02
C SER N 510 -7.26 -14.85 47.54
N VAL N 511 -7.25 -13.56 47.19
CA VAL N 511 -7.33 -13.18 45.78
C VAL N 511 -6.06 -13.62 45.04
N ALA N 512 -4.90 -13.58 45.71
CA ALA N 512 -3.68 -14.05 45.06
C ALA N 512 -3.74 -15.54 44.79
N GLY N 513 -4.26 -16.32 45.73
CA GLY N 513 -4.45 -17.73 45.47
C GLY N 513 -5.41 -17.99 44.32
N LEU N 514 -6.51 -17.24 44.28
CA LEU N 514 -7.47 -17.43 43.19
C LEU N 514 -6.87 -17.13 41.84
N MET N 515 -6.07 -16.06 41.73
CA MET N 515 -5.48 -15.74 40.43
C MET N 515 -4.13 -16.41 40.19
N LEU N 516 -3.63 -17.18 41.16
CA LEU N 516 -2.49 -18.06 40.87
C LEU N 516 -2.94 -19.43 40.41
N THR N 517 -4.01 -19.96 41.00
CA THR N 517 -4.55 -21.24 40.60
C THR N 517 -5.58 -21.13 39.48
N THR N 518 -5.53 -20.06 38.69
CA THR N 518 -6.46 -19.87 37.58
C THR N 518 -5.83 -20.39 36.29
N GLU N 519 -6.55 -21.28 35.60
CA GLU N 519 -6.05 -21.87 34.36
C GLU N 519 -6.89 -21.50 33.14
N CYS N 520 -8.13 -21.06 33.35
CA CYS N 520 -9.00 -20.71 32.23
C CYS N 520 -9.66 -19.37 32.51
N MET N 521 -9.99 -18.65 31.45
CA MET N 521 -10.53 -17.31 31.52
C MET N 521 -11.52 -17.09 30.39
N ILE N 522 -12.76 -16.78 30.73
CA ILE N 522 -13.84 -16.66 29.76
C ILE N 522 -14.36 -15.23 29.81
N ALA N 523 -14.37 -14.58 28.64
CA ALA N 523 -14.86 -13.21 28.55
C ALA N 523 -15.56 -13.02 27.21
N GLU N 524 -16.38 -11.98 27.13
CA GLU N 524 -17.09 -11.68 25.90
C GLU N 524 -16.11 -11.33 24.79
N ALA N 525 -16.34 -11.91 23.61
CA ALA N 525 -15.47 -11.62 22.47
C ALA N 525 -15.76 -10.21 21.93
N PRO N 526 -14.75 -9.55 21.35
CA PRO N 526 -14.92 -8.21 20.77
C PRO N 526 -16.04 -8.14 19.73
#